data_3GCF
#
_entry.id   3GCF
#
_cell.length_a   280.002
_cell.length_b   161.661
_cell.length_c   194.665
_cell.angle_alpha   90.00
_cell.angle_beta   118.65
_cell.angle_gamma   90.00
#
_symmetry.space_group_name_H-M   'C 1 2 1'
#
loop_
_entity.id
_entity.type
_entity.pdbx_description
1 polymer 'Terminal oxygenase component of carbazole 1,9a-dioxygenase'
2 non-polymer 'FE (II) ION'
3 non-polymer 'FE2/S2 (INORGANIC) CLUSTER'
4 non-polymer 'CHLORIDE ION'
5 water water
#
_entity_poly.entity_id   1
_entity_poly.type   'polypeptide(L)'
_entity_poly.pdbx_seq_one_letter_code
;MSTSQEISDPAQATSSAQVKWPRYLEATLGFDNHWHPAAFDHELAEGEFVAVTMLGEKVLLTRAKGEVKAIADGCAHRGV
PFSKEPLCFKAGTVSCWYHGWTYDLDDGRLVDVLTSPGSPVIGKIGIKVYPVQVAQGVVFVFIGDEEPHALSEDLPPGFL
DEDTHLLGIRRTVQSNWRLGVENGFDTTHIFMHRNSPWVSGNRLAFPYGFVPADRDAMQVYDENWPKGVLDRLSENYMPV
FEATLDGETVLSAELTGEEKKVAAQVSVWLPGVLKVDPFPDPTLIQYEFYVPISETQHEYFQVLQRKVEGPEDVKTFEVE
FEERWRDDALHGFNDDDVWAREAQQEFYGERDGWSKEQLFPPDMCIVKWRTLASERGRGVRAARVEMSHHHHHH
;
_entity_poly.pdbx_strand_id   A,B,C,D,E,F,G,H,I,J,K,L,M,N,O
#
# COMPACT_ATOMS: atom_id res chain seq x y z
N SER A 16 -45.26 49.08 -90.66
CA SER A 16 -44.62 48.13 -89.70
C SER A 16 -43.54 48.82 -88.88
N ALA A 17 -42.77 48.03 -88.16
CA ALA A 17 -41.69 48.56 -87.32
C ALA A 17 -40.60 49.18 -88.19
N GLN A 18 -40.21 48.44 -89.23
CA GLN A 18 -39.16 48.88 -90.14
C GLN A 18 -39.46 50.25 -90.77
N VAL A 19 -40.71 50.68 -90.70
CA VAL A 19 -41.10 51.96 -91.27
C VAL A 19 -41.26 53.05 -90.22
N LYS A 20 -41.61 52.66 -88.99
CA LYS A 20 -41.82 53.64 -87.92
C LYS A 20 -40.53 54.03 -87.19
N TRP A 21 -39.63 53.08 -86.99
CA TRP A 21 -38.36 53.34 -86.31
C TRP A 21 -37.25 52.52 -86.93
N PRO A 22 -37.03 52.69 -88.24
CA PRO A 22 -36.00 51.96 -89.01
C PRO A 22 -34.57 52.06 -88.50
N ARG A 23 -34.12 53.25 -88.15
CA ARG A 23 -32.76 53.42 -87.67
C ARG A 23 -32.53 52.78 -86.30
N TYR A 24 -33.61 52.61 -85.54
CA TYR A 24 -33.52 52.00 -84.23
C TYR A 24 -33.32 50.49 -84.45
N LEU A 25 -34.02 49.95 -85.44
CA LEU A 25 -33.91 48.53 -85.75
C LEU A 25 -32.56 48.22 -86.37
N GLU A 26 -31.97 49.20 -87.02
CA GLU A 26 -30.67 49.04 -87.67
C GLU A 26 -29.52 49.12 -86.68
N ALA A 27 -29.71 49.88 -85.60
CA ALA A 27 -28.68 50.07 -84.59
C ALA A 27 -28.46 48.86 -83.70
N THR A 28 -28.30 47.70 -84.32
CA THR A 28 -28.08 46.46 -83.59
C THR A 28 -26.89 46.59 -82.65
N LEU A 29 -25.87 47.32 -83.08
CA LEU A 29 -24.66 47.47 -82.29
C LEU A 29 -24.60 48.81 -81.57
N GLY A 30 -25.75 49.49 -81.48
CA GLY A 30 -25.82 50.76 -80.77
C GLY A 30 -25.76 52.03 -81.59
N PHE A 31 -25.95 53.16 -80.91
CA PHE A 31 -25.88 54.46 -81.55
C PHE A 31 -24.51 55.05 -81.23
N ASP A 32 -23.71 55.29 -82.26
CA ASP A 32 -22.39 55.85 -82.00
C ASP A 32 -22.44 57.38 -82.21
N ASN A 33 -21.31 58.03 -81.99
CA ASN A 33 -21.22 59.48 -82.04
C ASN A 33 -21.96 59.97 -80.81
N HIS A 34 -21.78 59.22 -79.72
CA HIS A 34 -22.37 59.50 -78.42
C HIS A 34 -21.38 59.05 -77.36
N TRP A 35 -21.48 59.62 -76.17
CA TRP A 35 -20.63 59.22 -75.07
C TRP A 35 -21.30 57.99 -74.46
N HIS A 36 -20.49 57.04 -73.99
CA HIS A 36 -20.99 55.82 -73.36
C HIS A 36 -20.05 55.48 -72.19
N PRO A 37 -20.61 54.99 -71.08
CA PRO A 37 -19.74 54.64 -69.95
C PRO A 37 -18.94 53.39 -70.28
N ALA A 38 -17.70 53.33 -69.79
CA ALA A 38 -16.84 52.18 -70.04
C ALA A 38 -16.50 51.45 -68.74
N ALA A 39 -16.33 52.21 -67.68
CA ALA A 39 -15.97 51.65 -66.40
C ALA A 39 -16.11 52.71 -65.33
N PHE A 40 -15.79 52.33 -64.10
CA PHE A 40 -15.83 53.28 -62.99
C PHE A 40 -14.41 53.76 -62.77
N ASP A 41 -14.29 55.05 -62.44
CA ASP A 41 -12.98 55.65 -62.23
C ASP A 41 -12.11 54.89 -61.22
N HIS A 42 -12.71 54.39 -60.15
CA HIS A 42 -11.95 53.68 -59.14
C HIS A 42 -11.44 52.30 -59.56
N GLU A 43 -11.78 51.87 -60.77
CA GLU A 43 -11.31 50.59 -61.27
C GLU A 43 -9.90 50.78 -61.83
N LEU A 44 -9.50 52.05 -62.00
CA LEU A 44 -8.20 52.36 -62.56
C LEU A 44 -7.25 53.12 -61.65
N ALA A 45 -6.22 52.43 -61.20
CA ALA A 45 -5.20 53.05 -60.38
C ALA A 45 -4.10 53.43 -61.37
N GLU A 46 -3.16 54.28 -60.96
CA GLU A 46 -2.06 54.68 -61.83
C GLU A 46 -1.34 53.47 -62.40
N GLY A 47 -1.18 53.41 -63.72
CA GLY A 47 -0.49 52.30 -64.34
C GLY A 47 -1.28 51.00 -64.49
N GLU A 48 -2.53 51.01 -64.03
CA GLU A 48 -3.36 49.81 -64.11
C GLU A 48 -4.10 49.77 -65.46
N PHE A 49 -4.46 48.56 -65.88
CA PHE A 49 -5.17 48.39 -67.15
C PHE A 49 -6.54 47.74 -67.00
N VAL A 50 -7.49 48.17 -67.83
CA VAL A 50 -8.82 47.61 -67.82
C VAL A 50 -9.27 47.52 -69.27
N ALA A 51 -9.60 46.31 -69.70
CA ALA A 51 -10.03 46.11 -71.07
C ALA A 51 -11.55 46.09 -71.16
N VAL A 52 -12.10 46.82 -72.13
CA VAL A 52 -13.53 46.86 -72.32
C VAL A 52 -13.85 46.72 -73.81
N THR A 53 -15.08 46.32 -74.10
CA THR A 53 -15.54 46.18 -75.47
C THR A 53 -16.79 47.04 -75.55
N MET A 54 -16.77 48.02 -76.45
CA MET A 54 -17.90 48.92 -76.58
C MET A 54 -18.34 49.03 -78.03
N LEU A 55 -19.62 48.78 -78.27
CA LEU A 55 -20.18 48.85 -79.62
C LEU A 55 -19.30 48.12 -80.62
N GLY A 56 -18.87 46.91 -80.27
CA GLY A 56 -18.03 46.11 -81.14
C GLY A 56 -16.55 46.42 -81.11
N GLU A 57 -16.16 47.53 -80.49
CA GLU A 57 -14.75 47.91 -80.43
C GLU A 57 -14.05 47.52 -79.13
N LYS A 58 -12.89 46.89 -79.25
CA LYS A 58 -12.12 46.50 -78.08
C LYS A 58 -11.28 47.72 -77.69
N VAL A 59 -11.47 48.18 -76.47
CA VAL A 59 -10.76 49.35 -75.98
C VAL A 59 -9.93 49.02 -74.76
N LEU A 60 -8.77 49.64 -74.65
CA LEU A 60 -7.89 49.41 -73.51
C LEU A 60 -7.84 50.71 -72.70
N LEU A 61 -8.16 50.62 -71.41
CA LEU A 61 -8.13 51.79 -70.54
C LEU A 61 -6.97 51.70 -69.57
N THR A 62 -6.41 52.84 -69.22
CA THR A 62 -5.32 52.89 -68.25
C THR A 62 -5.28 54.30 -67.68
N ARG A 63 -4.55 54.48 -66.58
CA ARG A 63 -4.39 55.81 -65.99
C ARG A 63 -2.91 56.16 -66.13
N ALA A 64 -2.63 57.23 -66.87
CA ALA A 64 -1.27 57.69 -67.11
C ALA A 64 -1.11 59.12 -66.57
N LYS A 65 -0.22 59.28 -65.61
CA LYS A 65 0.02 60.58 -64.99
C LYS A 65 -1.29 61.14 -64.42
N GLY A 66 -2.08 60.26 -63.80
CA GLY A 66 -3.33 60.68 -63.21
C GLY A 66 -4.54 60.76 -64.13
N GLU A 67 -4.32 60.67 -65.44
CA GLU A 67 -5.42 60.76 -66.37
C GLU A 67 -5.76 59.44 -67.05
N VAL A 68 -7.05 59.15 -67.13
CA VAL A 68 -7.53 57.92 -67.76
C VAL A 68 -7.42 58.10 -69.27
N LYS A 69 -6.79 57.13 -69.93
CA LYS A 69 -6.63 57.18 -71.38
C LYS A 69 -7.31 55.99 -72.01
N ALA A 70 -7.80 56.16 -73.23
CA ALA A 70 -8.45 55.08 -73.95
C ALA A 70 -7.82 54.92 -75.32
N ILE A 71 -7.33 53.71 -75.60
CA ILE A 71 -6.70 53.43 -76.88
C ILE A 71 -7.23 52.10 -77.43
N ALA A 72 -7.21 51.94 -78.74
CA ALA A 72 -7.70 50.71 -79.34
C ALA A 72 -6.90 49.52 -78.81
N ASP A 73 -7.60 48.48 -78.40
CA ASP A 73 -6.97 47.28 -77.86
C ASP A 73 -6.61 46.32 -78.99
N GLY A 74 -5.77 46.80 -79.90
CA GLY A 74 -5.33 46.03 -81.05
C GLY A 74 -4.10 46.67 -81.65
N CYS A 75 -3.02 45.91 -81.74
CA CYS A 75 -1.77 46.41 -82.28
C CYS A 75 -1.88 46.59 -83.79
N ALA A 76 -1.21 47.61 -84.32
CA ALA A 76 -1.24 47.89 -85.75
C ALA A 76 -0.39 46.88 -86.53
N HIS A 77 0.57 46.25 -85.85
CA HIS A 77 1.46 45.28 -86.50
C HIS A 77 0.73 44.02 -86.96
N ARG A 78 0.38 43.15 -86.01
CA ARG A 78 -0.32 41.92 -86.36
C ARG A 78 -1.67 41.78 -85.65
N GLY A 79 -2.26 42.92 -85.31
CA GLY A 79 -3.58 42.95 -84.70
C GLY A 79 -3.86 42.34 -83.33
N VAL A 80 -2.83 41.94 -82.59
CA VAL A 80 -3.10 41.35 -81.28
C VAL A 80 -3.56 42.38 -80.25
N PRO A 81 -4.39 41.96 -79.29
CA PRO A 81 -4.86 42.90 -78.27
C PRO A 81 -3.77 43.05 -77.20
N PHE A 82 -3.54 44.27 -76.76
CA PHE A 82 -2.52 44.53 -75.74
C PHE A 82 -2.96 43.87 -74.43
N SER A 83 -4.28 43.81 -74.23
CA SER A 83 -4.83 43.24 -73.00
C SER A 83 -4.40 41.81 -72.70
N LYS A 84 -3.90 41.09 -73.70
CA LYS A 84 -3.42 39.73 -73.47
C LYS A 84 -2.29 39.80 -72.43
N GLU A 85 -1.50 40.87 -72.50
CA GLU A 85 -0.38 41.09 -71.60
C GLU A 85 0.03 42.56 -71.76
N PRO A 86 -0.75 43.47 -71.15
CA PRO A 86 -0.50 44.91 -71.23
C PRO A 86 0.82 45.34 -70.61
N LEU A 87 1.59 46.13 -71.35
CA LEU A 87 2.89 46.58 -70.87
C LEU A 87 3.04 48.09 -70.94
N CYS A 88 3.73 48.65 -69.96
CA CYS A 88 4.00 50.08 -69.93
C CYS A 88 5.37 50.31 -69.34
N PHE A 89 6.27 50.87 -70.13
CA PHE A 89 7.62 51.13 -69.63
C PHE A 89 7.84 52.62 -69.43
N LYS A 90 6.84 53.41 -69.79
CA LYS A 90 6.89 54.85 -69.64
C LYS A 90 5.46 55.38 -69.59
N ALA A 91 5.08 55.97 -68.46
CA ALA A 91 3.74 56.50 -68.32
C ALA A 91 3.42 57.38 -69.51
N GLY A 92 2.26 57.15 -70.13
CA GLY A 92 1.87 57.93 -71.29
C GLY A 92 2.00 57.11 -72.55
N THR A 93 2.50 55.90 -72.43
CA THR A 93 2.65 55.03 -73.59
C THR A 93 2.20 53.62 -73.22
N VAL A 94 2.05 52.79 -74.24
CA VAL A 94 1.69 51.40 -74.04
C VAL A 94 2.58 50.65 -75.02
N SER A 95 3.12 49.52 -74.57
CA SER A 95 4.00 48.72 -75.43
C SER A 95 3.39 47.36 -75.69
N CYS A 96 3.37 46.95 -76.95
CA CYS A 96 2.81 45.65 -77.32
C CYS A 96 3.72 44.57 -76.78
N TRP A 97 3.12 43.51 -76.22
CA TRP A 97 3.85 42.39 -75.66
C TRP A 97 4.52 41.49 -76.71
N TYR A 98 4.11 41.63 -77.98
CA TYR A 98 4.65 40.76 -79.02
C TYR A 98 6.00 41.15 -79.62
N HIS A 99 6.07 42.33 -80.26
CA HIS A 99 7.34 42.79 -80.85
C HIS A 99 7.76 44.15 -80.29
N GLY A 100 7.12 44.57 -79.21
CA GLY A 100 7.49 45.84 -78.60
C GLY A 100 7.05 47.14 -79.25
N TRP A 101 6.15 47.10 -80.22
CA TRP A 101 5.71 48.36 -80.82
C TRP A 101 5.10 49.19 -79.68
N THR A 102 5.53 50.44 -79.57
CA THR A 102 5.08 51.31 -78.50
C THR A 102 4.32 52.52 -79.00
N TYR A 103 3.18 52.79 -78.39
CA TYR A 103 2.34 53.90 -78.81
C TYR A 103 2.16 55.01 -77.78
N ASP A 104 1.99 56.22 -78.29
CA ASP A 104 1.76 57.41 -77.48
C ASP A 104 0.26 57.43 -77.18
N LEU A 105 -0.12 57.40 -75.92
CA LEU A 105 -1.54 57.39 -75.58
C LEU A 105 -2.30 58.65 -76.00
N ASP A 106 -1.61 59.79 -76.08
CA ASP A 106 -2.29 61.02 -76.44
C ASP A 106 -2.77 61.10 -77.89
N ASP A 107 -2.03 60.49 -78.81
CA ASP A 107 -2.42 60.54 -80.21
C ASP A 107 -2.41 59.18 -80.91
N GLY A 108 -2.09 58.13 -80.17
CA GLY A 108 -2.08 56.79 -80.75
C GLY A 108 -0.99 56.47 -81.75
N ARG A 109 -0.07 57.41 -81.94
CA ARG A 109 1.03 57.22 -82.89
C ARG A 109 2.11 56.26 -82.39
N LEU A 110 2.70 55.51 -83.32
CA LEU A 110 3.78 54.60 -82.99
C LEU A 110 5.02 55.48 -82.76
N VAL A 111 5.55 55.50 -81.54
CA VAL A 111 6.70 56.34 -81.26
C VAL A 111 7.98 55.55 -81.06
N ASP A 112 7.87 54.22 -81.05
CA ASP A 112 9.05 53.41 -80.86
C ASP A 112 8.80 51.93 -81.10
N VAL A 113 9.90 51.19 -81.20
CA VAL A 113 9.86 49.75 -81.38
C VAL A 113 11.03 49.18 -80.58
N LEU A 114 10.70 48.66 -79.40
CA LEU A 114 11.66 48.08 -78.49
C LEU A 114 12.61 47.05 -79.10
N THR A 115 12.13 46.31 -80.10
CA THR A 115 12.94 45.28 -80.74
C THR A 115 13.74 45.78 -81.95
N SER A 116 13.53 47.02 -82.33
CA SER A 116 14.23 47.56 -83.49
C SER A 116 14.30 49.09 -83.39
N PRO A 117 15.18 49.61 -82.53
CA PRO A 117 15.33 51.05 -82.35
C PRO A 117 15.57 51.79 -83.66
N GLY A 118 14.90 52.93 -83.83
CA GLY A 118 15.06 53.72 -85.02
C GLY A 118 14.43 53.11 -86.26
N SER A 119 13.58 52.10 -86.08
CA SER A 119 12.93 51.46 -87.21
C SER A 119 12.20 52.51 -88.04
N PRO A 120 12.31 52.41 -89.37
CA PRO A 120 11.66 53.36 -90.27
C PRO A 120 10.13 53.45 -90.21
N VAL A 121 9.47 52.55 -89.50
CA VAL A 121 8.01 52.64 -89.40
C VAL A 121 7.59 53.60 -88.33
N ILE A 122 8.51 53.93 -87.43
CA ILE A 122 8.23 54.86 -86.33
C ILE A 122 7.76 56.19 -86.91
N GLY A 123 6.66 56.71 -86.37
CA GLY A 123 6.12 57.97 -86.85
C GLY A 123 5.28 57.84 -88.12
N LYS A 124 5.25 56.66 -88.72
CA LYS A 124 4.47 56.44 -89.94
C LYS A 124 3.24 55.60 -89.67
N ILE A 125 3.03 55.22 -88.42
CA ILE A 125 1.91 54.38 -88.06
C ILE A 125 1.21 54.84 -86.79
N GLY A 126 -0.08 54.54 -86.70
CA GLY A 126 -0.82 54.91 -85.51
C GLY A 126 -2.12 54.15 -85.37
N ILE A 127 -2.64 54.10 -84.16
CA ILE A 127 -3.91 53.43 -83.91
C ILE A 127 -4.86 54.42 -83.28
N LYS A 128 -6.13 54.04 -83.21
CA LYS A 128 -7.16 54.90 -82.66
C LYS A 128 -7.10 55.11 -81.14
N VAL A 129 -7.30 56.36 -80.73
CA VAL A 129 -7.37 56.71 -79.31
C VAL A 129 -8.75 57.35 -79.20
N TYR A 130 -9.38 57.26 -78.03
CA TYR A 130 -10.73 57.83 -77.89
C TYR A 130 -10.83 58.96 -76.89
N PRO A 131 -11.74 59.91 -77.14
CA PRO A 131 -11.86 61.01 -76.18
C PRO A 131 -12.42 60.38 -74.91
N VAL A 132 -11.91 60.79 -73.75
CA VAL A 132 -12.36 60.25 -72.48
C VAL A 132 -12.78 61.38 -71.54
N GLN A 133 -13.81 61.16 -70.75
CA GLN A 133 -14.21 62.15 -69.77
C GLN A 133 -14.75 61.44 -68.55
N VAL A 134 -14.17 61.72 -67.40
CA VAL A 134 -14.60 61.12 -66.16
C VAL A 134 -15.56 62.08 -65.45
N ALA A 135 -16.72 61.58 -65.08
CA ALA A 135 -17.71 62.40 -64.40
C ALA A 135 -18.50 61.56 -63.41
N GLN A 136 -18.63 62.07 -62.20
CA GLN A 136 -19.38 61.39 -61.14
C GLN A 136 -18.84 59.99 -60.93
N GLY A 137 -17.52 59.86 -60.98
CA GLY A 137 -16.89 58.56 -60.76
C GLY A 137 -17.04 57.58 -61.91
N VAL A 138 -17.58 58.05 -63.04
CA VAL A 138 -17.76 57.17 -64.18
C VAL A 138 -16.90 57.57 -65.37
N VAL A 139 -16.24 56.58 -65.95
CA VAL A 139 -15.37 56.79 -67.10
C VAL A 139 -16.19 56.70 -68.38
N PHE A 140 -16.35 57.82 -69.06
CA PHE A 140 -17.08 57.87 -70.32
C PHE A 140 -16.11 57.92 -71.48
N VAL A 141 -16.46 57.25 -72.57
CA VAL A 141 -15.64 57.21 -73.77
C VAL A 141 -16.51 57.63 -74.96
N PHE A 142 -15.97 58.46 -75.83
CA PHE A 142 -16.74 58.89 -76.99
C PHE A 142 -16.49 57.93 -78.16
N ILE A 143 -17.53 57.23 -78.57
CA ILE A 143 -17.44 56.27 -79.68
C ILE A 143 -18.04 56.89 -80.93
N GLY A 144 -17.29 56.86 -82.04
CA GLY A 144 -17.79 57.42 -83.28
C GLY A 144 -16.70 58.18 -84.02
N ASP A 145 -16.99 58.59 -85.25
CA ASP A 145 -16.02 59.31 -86.07
C ASP A 145 -16.06 60.82 -85.90
N GLU A 146 -17.19 61.36 -85.43
CA GLU A 146 -17.31 62.80 -85.25
C GLU A 146 -16.51 63.30 -84.07
N GLU A 147 -16.36 64.61 -83.99
CA GLU A 147 -15.65 65.20 -82.86
C GLU A 147 -16.64 65.11 -81.71
N PRO A 148 -16.15 64.91 -80.49
CA PRO A 148 -17.07 64.81 -79.36
C PRO A 148 -17.81 66.10 -79.04
N HIS A 149 -19.06 65.96 -78.60
CA HIS A 149 -19.87 67.10 -78.20
C HIS A 149 -19.90 67.03 -76.67
N ALA A 150 -20.61 67.95 -76.04
CA ALA A 150 -20.70 67.98 -74.58
C ALA A 150 -21.26 66.70 -73.99
N LEU A 151 -20.59 66.18 -72.97
CA LEU A 151 -21.02 64.95 -72.29
C LEU A 151 -22.46 65.05 -71.80
N SER A 152 -22.84 66.22 -71.30
CA SER A 152 -24.18 66.45 -70.76
C SER A 152 -25.29 66.17 -71.76
N GLU A 153 -24.95 66.17 -73.04
CA GLU A 153 -25.94 65.92 -74.07
C GLU A 153 -26.35 64.45 -74.17
N ASP A 154 -25.56 63.57 -73.57
CA ASP A 154 -25.83 62.14 -73.60
C ASP A 154 -26.15 61.55 -72.24
N LEU A 155 -26.60 62.41 -71.33
CA LEU A 155 -26.96 61.97 -69.98
C LEU A 155 -28.31 62.53 -69.58
N PRO A 156 -29.05 61.81 -68.73
CA PRO A 156 -30.36 62.30 -68.29
C PRO A 156 -30.16 63.56 -67.45
N PRO A 157 -31.15 64.46 -67.42
CA PRO A 157 -30.97 65.66 -66.61
C PRO A 157 -30.78 65.25 -65.15
N GLY A 158 -29.95 65.98 -64.43
CA GLY A 158 -29.71 65.68 -63.03
C GLY A 158 -28.51 64.79 -62.74
N PHE A 159 -28.06 64.01 -63.72
CA PHE A 159 -26.93 63.13 -63.50
C PHE A 159 -25.66 63.87 -63.07
N LEU A 160 -25.40 65.02 -63.70
CA LEU A 160 -24.22 65.80 -63.38
C LEU A 160 -24.37 66.77 -62.22
N ASP A 161 -25.44 66.66 -61.44
CA ASP A 161 -25.64 67.57 -60.30
C ASP A 161 -24.41 67.57 -59.39
N GLU A 162 -23.87 68.77 -59.16
CA GLU A 162 -22.68 68.92 -58.33
C GLU A 162 -22.88 68.66 -56.85
N ASP A 163 -24.12 68.78 -56.38
CA ASP A 163 -24.40 68.55 -54.96
C ASP A 163 -24.83 67.11 -54.68
N THR A 164 -24.32 66.18 -55.49
CA THR A 164 -24.65 64.78 -55.33
C THR A 164 -23.39 63.93 -55.46
N HIS A 165 -23.51 62.67 -55.07
CA HIS A 165 -22.42 61.72 -55.20
C HIS A 165 -23.01 60.47 -55.81
N LEU A 166 -22.25 59.78 -56.65
CA LEU A 166 -22.75 58.59 -57.31
C LEU A 166 -21.87 57.38 -57.08
N LEU A 167 -22.51 56.21 -57.01
CA LEU A 167 -21.83 54.94 -56.81
C LEU A 167 -22.58 53.90 -57.62
N GLY A 168 -21.86 53.01 -58.28
CA GLY A 168 -22.53 51.99 -59.06
C GLY A 168 -21.69 50.76 -59.35
N ILE A 169 -22.24 49.87 -60.15
CA ILE A 169 -21.56 48.65 -60.55
C ILE A 169 -21.96 48.40 -62.01
N ARG A 170 -21.26 47.48 -62.65
CA ARG A 170 -21.55 47.13 -64.03
C ARG A 170 -21.38 45.63 -64.15
N ARG A 171 -22.07 45.05 -65.13
CA ARG A 171 -21.98 43.62 -65.35
C ARG A 171 -22.39 43.38 -66.80
N THR A 172 -22.03 42.22 -67.32
CA THR A 172 -22.34 41.81 -68.68
C THR A 172 -23.67 41.08 -68.71
N VAL A 173 -24.50 41.37 -69.71
CA VAL A 173 -25.80 40.72 -69.87
C VAL A 173 -25.85 40.12 -71.28
N GLN A 174 -26.34 38.88 -71.38
CA GLN A 174 -26.39 38.21 -72.67
C GLN A 174 -27.64 38.49 -73.50
N SER A 175 -27.81 39.75 -73.91
CA SER A 175 -28.93 40.12 -74.76
C SER A 175 -28.53 41.39 -75.49
N ASN A 176 -29.21 41.67 -76.59
CA ASN A 176 -28.95 42.88 -77.34
C ASN A 176 -29.22 44.02 -76.36
N TRP A 177 -28.54 45.15 -76.54
CA TRP A 177 -28.70 46.30 -75.66
C TRP A 177 -30.10 46.87 -75.64
N ARG A 178 -30.78 46.84 -76.78
CA ARG A 178 -32.13 47.40 -76.85
C ARG A 178 -33.10 46.66 -75.93
N LEU A 179 -32.86 45.36 -75.71
CA LEU A 179 -33.73 44.60 -74.83
C LEU A 179 -33.47 45.06 -73.39
N GLY A 180 -32.27 45.58 -73.14
CA GLY A 180 -31.96 46.07 -71.80
C GLY A 180 -32.69 47.38 -71.55
N VAL A 181 -32.56 48.32 -72.48
CA VAL A 181 -33.21 49.62 -72.38
C VAL A 181 -34.72 49.46 -72.22
N GLU A 182 -35.32 48.68 -73.10
CA GLU A 182 -36.75 48.44 -73.06
C GLU A 182 -37.23 47.69 -71.83
N ASN A 183 -36.31 47.00 -71.14
CA ASN A 183 -36.65 46.28 -69.92
C ASN A 183 -36.60 47.28 -68.76
N GLY A 184 -35.75 48.28 -68.89
CA GLY A 184 -35.64 49.30 -67.86
C GLY A 184 -36.81 50.27 -67.95
N PHE A 185 -37.14 50.68 -69.17
CA PHE A 185 -38.21 51.64 -69.44
C PHE A 185 -39.53 50.92 -69.76
N ASP A 186 -39.96 50.04 -68.85
CA ASP A 186 -41.18 49.27 -69.04
C ASP A 186 -41.97 49.40 -67.74
N THR A 187 -43.15 50.01 -67.81
CA THR A 187 -43.95 50.25 -66.61
C THR A 187 -44.82 49.11 -66.07
N THR A 188 -44.91 48.00 -66.78
CA THR A 188 -45.70 46.88 -66.28
C THR A 188 -44.88 45.60 -66.06
N HIS A 189 -43.61 45.62 -66.43
CA HIS A 189 -42.78 44.43 -66.23
C HIS A 189 -42.48 44.24 -64.73
N ILE A 190 -42.72 45.29 -63.94
CA ILE A 190 -42.42 45.22 -62.50
C ILE A 190 -43.19 44.12 -61.78
N PHE A 191 -44.14 43.53 -62.49
CA PHE A 191 -44.92 42.42 -61.96
C PHE A 191 -43.93 41.34 -61.50
N MET A 192 -42.93 41.08 -62.34
CA MET A 192 -41.93 40.05 -62.04
C MET A 192 -41.06 40.33 -60.82
N HIS A 193 -41.08 41.56 -60.32
CA HIS A 193 -40.27 41.91 -59.15
C HIS A 193 -41.03 41.82 -57.82
N ARG A 194 -42.32 41.53 -57.89
CA ARG A 194 -43.20 41.47 -56.71
C ARG A 194 -42.67 40.67 -55.52
N ASN A 195 -41.89 39.63 -55.79
CA ASN A 195 -41.36 38.80 -54.71
C ASN A 195 -39.91 39.08 -54.31
N SER A 196 -39.33 40.14 -54.85
CA SER A 196 -37.96 40.49 -54.49
C SER A 196 -37.92 40.84 -53.01
N PRO A 197 -36.92 40.34 -52.28
CA PRO A 197 -36.81 40.62 -50.85
C PRO A 197 -36.66 42.13 -50.56
N TRP A 198 -36.35 42.91 -51.60
CA TRP A 198 -36.18 44.34 -51.42
C TRP A 198 -37.54 45.02 -51.21
N VAL A 199 -38.61 44.43 -51.73
CA VAL A 199 -39.94 45.02 -51.57
C VAL A 199 -40.28 45.15 -50.09
N SER A 200 -40.25 44.05 -49.35
CA SER A 200 -40.54 44.15 -47.93
C SER A 200 -39.26 44.66 -47.24
N GLY A 201 -38.12 44.33 -47.83
CA GLY A 201 -36.85 44.78 -47.27
C GLY A 201 -36.78 46.28 -47.02
N ASN A 202 -37.31 47.07 -47.94
CA ASN A 202 -37.29 48.51 -47.79
C ASN A 202 -38.70 49.09 -47.60
N ARG A 203 -39.61 48.26 -47.12
CA ARG A 203 -41.00 48.66 -46.84
C ARG A 203 -41.63 49.43 -47.98
N LEU A 204 -41.44 48.95 -49.20
CA LEU A 204 -41.99 49.62 -50.37
C LEU A 204 -43.44 49.34 -50.66
N ALA A 205 -44.17 50.37 -51.07
CA ALA A 205 -45.56 50.21 -51.48
C ALA A 205 -45.25 50.04 -52.96
N PHE A 206 -45.19 48.78 -53.41
CA PHE A 206 -44.81 48.53 -54.80
C PHE A 206 -45.91 47.85 -55.60
N PRO A 207 -46.40 48.52 -56.64
CA PRO A 207 -47.48 47.97 -57.47
C PRO A 207 -46.99 46.91 -58.45
N TYR A 208 -47.94 46.18 -59.05
CA TYR A 208 -47.62 45.16 -60.02
C TYR A 208 -47.40 45.79 -61.39
N GLY A 209 -47.81 47.05 -61.52
CA GLY A 209 -47.66 47.76 -62.76
C GLY A 209 -48.24 49.17 -62.74
N PHE A 210 -47.86 49.99 -63.72
CA PHE A 210 -48.37 51.35 -63.84
C PHE A 210 -49.02 51.43 -65.22
N VAL A 211 -50.28 51.85 -65.26
CA VAL A 211 -51.00 51.98 -66.52
C VAL A 211 -51.31 53.45 -66.81
N PRO A 212 -50.95 53.93 -68.02
CA PRO A 212 -51.20 55.32 -68.42
C PRO A 212 -52.66 55.66 -68.15
N ALA A 213 -52.90 56.74 -67.41
CA ALA A 213 -54.26 57.16 -67.06
C ALA A 213 -54.82 58.27 -67.95
N ASP A 214 -53.94 58.96 -68.65
CA ASP A 214 -54.36 60.05 -69.52
C ASP A 214 -53.34 60.32 -70.63
N ARG A 215 -53.65 61.29 -71.47
CA ARG A 215 -52.81 61.66 -72.61
C ARG A 215 -51.47 62.33 -72.26
N ASP A 216 -51.34 62.83 -71.04
CA ASP A 216 -50.08 63.48 -70.64
C ASP A 216 -49.19 62.55 -69.81
N ALA A 217 -49.51 61.25 -69.83
CA ALA A 217 -48.75 60.27 -69.09
C ALA A 217 -47.29 60.25 -69.55
N MET A 218 -47.07 60.42 -70.85
CA MET A 218 -45.73 60.39 -71.43
C MET A 218 -45.38 61.70 -72.13
N GLN A 219 -44.18 62.21 -71.86
CA GLN A 219 -43.75 63.44 -72.50
C GLN A 219 -42.43 63.25 -73.23
N VAL A 220 -42.39 63.69 -74.48
CA VAL A 220 -41.19 63.57 -75.29
C VAL A 220 -40.40 64.88 -75.26
N TYR A 221 -39.13 64.79 -74.89
CA TYR A 221 -38.25 65.95 -74.85
C TYR A 221 -37.37 65.87 -76.07
N ASP A 222 -37.67 66.67 -77.07
CA ASP A 222 -36.91 66.66 -78.31
C ASP A 222 -36.51 68.07 -78.76
N GLU A 223 -36.17 68.90 -77.79
CA GLU A 223 -35.76 70.28 -78.05
C GLU A 223 -34.33 70.42 -77.55
N ASN A 224 -33.36 70.36 -78.45
CA ASN A 224 -31.95 70.45 -78.06
C ASN A 224 -31.61 69.13 -77.35
N TRP A 225 -30.59 69.15 -76.51
CA TRP A 225 -30.18 67.95 -75.80
C TRP A 225 -30.13 68.20 -74.29
N PRO A 226 -30.31 67.15 -73.47
CA PRO A 226 -30.54 65.75 -73.87
C PRO A 226 -31.97 65.50 -74.37
N LYS A 227 -32.15 64.41 -75.12
CA LYS A 227 -33.46 64.06 -75.63
C LYS A 227 -33.91 62.75 -75.01
N GLY A 228 -35.20 62.65 -74.70
CA GLY A 228 -35.72 61.43 -74.12
C GLY A 228 -37.22 61.43 -73.92
N VAL A 229 -37.71 60.38 -73.27
CA VAL A 229 -39.13 60.22 -72.99
C VAL A 229 -39.31 60.09 -71.48
N LEU A 230 -40.29 60.80 -70.94
CA LEU A 230 -40.55 60.75 -69.50
C LEU A 230 -41.95 60.25 -69.17
N ASP A 231 -42.01 59.29 -68.26
CA ASP A 231 -43.28 58.73 -67.80
C ASP A 231 -43.60 59.38 -66.44
N ARG A 232 -44.72 60.09 -66.36
CA ARG A 232 -45.11 60.73 -65.11
C ARG A 232 -45.94 59.76 -64.28
N LEU A 233 -45.27 58.73 -63.76
CA LEU A 233 -45.94 57.68 -62.99
C LEU A 233 -46.79 58.12 -61.81
N SER A 234 -46.30 59.06 -61.01
CA SER A 234 -47.03 59.52 -59.83
C SER A 234 -48.18 60.48 -60.10
N GLU A 235 -48.24 61.05 -61.30
CA GLU A 235 -49.32 61.99 -61.58
C GLU A 235 -50.24 61.58 -62.71
N ASN A 236 -49.72 60.87 -63.69
CA ASN A 236 -50.57 60.52 -64.82
C ASN A 236 -50.72 59.04 -65.13
N TYR A 237 -50.48 58.21 -64.11
CA TYR A 237 -50.61 56.77 -64.26
C TYR A 237 -51.47 56.20 -63.13
N MET A 238 -51.97 55.00 -63.35
CA MET A 238 -52.76 54.31 -62.35
C MET A 238 -51.92 53.12 -61.92
N PRO A 239 -51.55 53.05 -60.63
CA PRO A 239 -50.76 51.90 -60.19
C PRO A 239 -51.71 50.73 -59.91
N VAL A 240 -51.26 49.51 -60.18
CA VAL A 240 -52.08 48.32 -59.95
C VAL A 240 -51.51 47.54 -58.78
N PHE A 241 -52.24 47.51 -57.67
CA PHE A 241 -51.80 46.81 -56.46
C PHE A 241 -52.45 45.46 -56.26
N GLU A 242 -53.40 45.11 -57.12
CA GLU A 242 -54.10 43.83 -57.07
C GLU A 242 -54.06 43.17 -58.44
N ALA A 243 -54.05 41.85 -58.45
CA ALA A 243 -54.06 41.12 -59.70
C ALA A 243 -55.35 40.31 -59.66
N THR A 244 -56.20 40.48 -60.65
CA THR A 244 -57.45 39.74 -60.70
C THR A 244 -57.51 38.88 -61.94
N LEU A 245 -58.13 37.71 -61.80
CA LEU A 245 -58.25 36.79 -62.91
C LEU A 245 -59.67 36.27 -62.91
N ASP A 246 -60.33 36.43 -64.06
CA ASP A 246 -61.72 36.02 -64.25
C ASP A 246 -62.61 36.38 -63.05
N GLY A 247 -62.41 37.58 -62.52
CA GLY A 247 -63.23 38.04 -61.41
C GLY A 247 -62.78 37.80 -59.99
N GLU A 248 -61.64 37.16 -59.79
CA GLU A 248 -61.17 36.92 -58.44
C GLU A 248 -59.77 37.46 -58.23
N THR A 249 -59.56 38.06 -57.07
CA THR A 249 -58.25 38.62 -56.73
C THR A 249 -57.33 37.46 -56.41
N VAL A 250 -56.31 37.25 -57.26
CA VAL A 250 -55.39 36.15 -57.06
C VAL A 250 -54.06 36.60 -56.47
N LEU A 251 -53.85 37.91 -56.41
CA LEU A 251 -52.60 38.45 -55.89
C LEU A 251 -52.82 39.88 -55.43
N SER A 252 -52.21 40.27 -54.31
CA SER A 252 -52.34 41.64 -53.81
C SER A 252 -51.06 42.07 -53.13
N ALA A 253 -50.61 43.27 -53.43
CA ALA A 253 -49.38 43.79 -52.83
C ALA A 253 -49.65 44.16 -51.39
N GLU A 254 -48.59 44.19 -50.58
CA GLU A 254 -48.75 44.53 -49.18
C GLU A 254 -48.77 46.04 -49.01
N LEU A 255 -49.91 46.56 -48.58
CA LEU A 255 -50.10 47.99 -48.33
C LEU A 255 -50.55 48.09 -46.87
N THR A 256 -49.59 48.19 -45.98
CA THR A 256 -49.89 48.26 -44.56
C THR A 256 -49.00 49.27 -43.85
N GLY A 257 -49.60 50.41 -43.51
CA GLY A 257 -48.95 51.50 -42.82
C GLY A 257 -47.87 52.45 -43.30
N GLU A 258 -46.72 52.39 -42.64
CA GLU A 258 -45.57 53.24 -43.01
C GLU A 258 -44.67 52.61 -44.07
N GLU A 259 -45.07 52.71 -45.33
CA GLU A 259 -44.27 52.22 -46.45
C GLU A 259 -43.68 53.37 -47.26
N LYS A 260 -42.60 53.08 -47.98
CA LYS A 260 -41.94 54.08 -48.81
C LYS A 260 -42.47 54.11 -50.23
N LYS A 261 -42.48 55.31 -50.81
CA LYS A 261 -42.95 55.50 -52.17
C LYS A 261 -41.76 55.77 -53.08
N VAL A 262 -41.67 55.02 -54.17
CA VAL A 262 -40.57 55.20 -55.11
C VAL A 262 -41.09 55.25 -56.53
N ALA A 263 -40.19 55.43 -57.48
CA ALA A 263 -40.59 55.49 -58.89
C ALA A 263 -41.75 56.47 -59.16
N ALA A 264 -41.55 57.74 -58.84
CA ALA A 264 -42.56 58.76 -59.08
C ALA A 264 -42.49 59.07 -60.57
N GLN A 265 -41.30 58.90 -61.13
CA GLN A 265 -41.05 59.15 -62.55
C GLN A 265 -39.96 58.23 -63.07
N VAL A 266 -40.09 57.81 -64.33
CA VAL A 266 -39.07 56.98 -64.96
C VAL A 266 -38.90 57.55 -66.36
N SER A 267 -37.65 57.66 -66.80
CA SER A 267 -37.39 58.21 -68.11
C SER A 267 -36.15 57.61 -68.76
N VAL A 268 -36.12 57.67 -70.09
CA VAL A 268 -34.98 57.16 -70.83
C VAL A 268 -34.51 58.27 -71.77
N TRP A 269 -33.20 58.42 -71.89
CA TRP A 269 -32.62 59.46 -72.73
C TRP A 269 -31.56 58.89 -73.68
N LEU A 270 -31.44 59.49 -74.86
CA LEU A 270 -30.46 59.04 -75.83
C LEU A 270 -29.08 59.19 -75.19
N PRO A 271 -28.14 58.29 -75.51
CA PRO A 271 -28.26 57.16 -76.43
C PRO A 271 -28.98 55.93 -75.88
N GLY A 272 -29.49 56.04 -74.66
CA GLY A 272 -30.20 54.93 -74.03
C GLY A 272 -29.84 54.81 -72.57
N VAL A 273 -30.24 55.82 -71.79
CA VAL A 273 -29.93 55.87 -70.36
C VAL A 273 -31.21 56.07 -69.55
N LEU A 274 -31.43 55.17 -68.59
CA LEU A 274 -32.62 55.22 -67.75
C LEU A 274 -32.40 56.06 -66.50
N LYS A 275 -33.51 56.61 -66.00
CA LYS A 275 -33.50 57.40 -64.78
C LYS A 275 -34.78 57.06 -64.02
N VAL A 276 -34.63 56.46 -62.84
CA VAL A 276 -35.76 56.09 -62.00
C VAL A 276 -35.70 57.01 -60.80
N ASP A 277 -36.73 57.83 -60.67
CA ASP A 277 -36.79 58.87 -59.65
C ASP A 277 -38.02 58.82 -58.72
N PRO A 278 -37.83 58.46 -57.45
CA PRO A 278 -36.58 58.04 -56.82
C PRO A 278 -36.53 56.51 -56.75
N PHE A 279 -35.34 55.94 -56.57
CA PHE A 279 -35.21 54.50 -56.51
C PHE A 279 -33.75 54.18 -56.24
N PRO A 280 -33.46 53.07 -55.52
CA PRO A 280 -34.39 52.10 -54.93
C PRO A 280 -34.93 52.54 -53.56
N ASP A 281 -34.68 53.80 -53.22
CA ASP A 281 -35.13 54.37 -51.96
C ASP A 281 -35.52 55.82 -52.22
N PRO A 282 -36.41 56.39 -51.39
CA PRO A 282 -36.80 57.79 -51.60
C PRO A 282 -35.61 58.76 -51.66
N THR A 283 -34.55 58.43 -50.91
CA THR A 283 -33.37 59.28 -50.85
C THR A 283 -32.37 59.05 -51.98
N LEU A 284 -32.77 58.29 -52.99
CA LEU A 284 -31.86 58.00 -54.09
C LEU A 284 -32.50 58.05 -55.47
N ILE A 285 -31.66 58.21 -56.48
CA ILE A 285 -32.10 58.19 -57.87
C ILE A 285 -31.25 57.10 -58.54
N GLN A 286 -31.87 56.27 -59.37
CA GLN A 286 -31.17 55.20 -60.05
C GLN A 286 -31.02 55.43 -61.55
N TYR A 287 -29.80 55.32 -62.04
CA TYR A 287 -29.52 55.49 -63.45
C TYR A 287 -29.06 54.15 -64.00
N GLU A 288 -29.39 53.88 -65.26
CA GLU A 288 -28.98 52.64 -65.89
C GLU A 288 -28.52 52.88 -67.31
N PHE A 289 -27.43 52.22 -67.68
CA PHE A 289 -26.88 52.33 -69.03
C PHE A 289 -26.85 50.91 -69.57
N TYR A 290 -26.99 50.78 -70.89
CA TYR A 290 -27.00 49.46 -71.53
C TYR A 290 -26.10 49.55 -72.76
N VAL A 291 -24.80 49.66 -72.52
CA VAL A 291 -23.83 49.81 -73.60
C VAL A 291 -23.60 48.51 -74.37
N PRO A 292 -23.84 48.55 -75.69
CA PRO A 292 -23.65 47.35 -76.50
C PRO A 292 -22.21 46.84 -76.42
N ILE A 293 -22.05 45.52 -76.32
CA ILE A 293 -20.73 44.91 -76.29
C ILE A 293 -20.59 44.33 -77.68
N SER A 294 -21.58 43.53 -78.07
CA SER A 294 -21.64 42.92 -79.38
C SER A 294 -23.09 43.02 -79.82
N GLU A 295 -23.45 42.27 -80.86
CA GLU A 295 -24.81 42.31 -81.35
C GLU A 295 -25.77 41.60 -80.40
N THR A 296 -25.24 40.73 -79.55
CA THR A 296 -26.07 39.95 -78.63
C THR A 296 -25.73 40.15 -77.14
N GLN A 297 -24.91 41.15 -76.83
CA GLN A 297 -24.51 41.38 -75.45
C GLN A 297 -24.40 42.86 -75.11
N HIS A 298 -24.58 43.19 -73.83
CA HIS A 298 -24.42 44.58 -73.42
C HIS A 298 -23.91 44.66 -72.00
N GLU A 299 -23.36 45.83 -71.66
CA GLU A 299 -22.84 46.06 -70.32
C GLU A 299 -23.89 46.87 -69.58
N TYR A 300 -24.41 46.29 -68.52
CA TYR A 300 -25.44 46.92 -67.70
C TYR A 300 -24.82 47.69 -66.54
N PHE A 301 -24.96 49.00 -66.55
CA PHE A 301 -24.45 49.86 -65.48
C PHE A 301 -25.62 50.28 -64.59
N GLN A 302 -25.42 50.23 -63.29
CA GLN A 302 -26.44 50.67 -62.35
C GLN A 302 -25.72 51.70 -61.49
N VAL A 303 -26.21 52.94 -61.49
CA VAL A 303 -25.56 53.99 -60.70
C VAL A 303 -26.56 54.71 -59.81
N LEU A 304 -26.26 54.74 -58.52
CA LEU A 304 -27.14 55.38 -57.56
C LEU A 304 -26.64 56.78 -57.22
N GLN A 305 -27.55 57.74 -57.19
CA GLN A 305 -27.22 59.13 -56.91
C GLN A 305 -27.84 59.62 -55.61
N ARG A 306 -27.00 60.15 -54.73
CA ARG A 306 -27.43 60.67 -53.45
C ARG A 306 -27.03 62.13 -53.29
N LYS A 307 -27.94 62.96 -52.83
CA LYS A 307 -27.65 64.37 -52.61
C LYS A 307 -26.78 64.44 -51.35
N VAL A 308 -25.70 65.21 -51.40
CA VAL A 308 -24.80 65.34 -50.26
C VAL A 308 -24.45 66.80 -49.98
N GLU A 309 -24.13 67.09 -48.71
CA GLU A 309 -23.78 68.44 -48.31
C GLU A 309 -22.32 68.59 -47.92
N GLY A 310 -21.62 67.46 -47.81
CA GLY A 310 -20.21 67.50 -47.45
C GLY A 310 -19.54 66.14 -47.44
N PRO A 311 -18.24 66.09 -47.16
CA PRO A 311 -17.49 64.83 -47.13
C PRO A 311 -18.10 63.77 -46.21
N GLU A 312 -18.79 64.21 -45.16
CA GLU A 312 -19.40 63.26 -44.25
C GLU A 312 -20.59 62.55 -44.88
N ASP A 313 -21.42 63.28 -45.63
CA ASP A 313 -22.57 62.67 -46.29
C ASP A 313 -22.05 61.67 -47.33
N VAL A 314 -20.96 62.01 -47.99
CA VAL A 314 -20.36 61.14 -49.00
C VAL A 314 -19.97 59.82 -48.33
N LYS A 315 -19.30 59.93 -47.18
CA LYS A 315 -18.88 58.74 -46.45
C LYS A 315 -20.04 57.89 -45.99
N THR A 316 -21.10 58.53 -45.52
CA THR A 316 -22.28 57.81 -45.06
C THR A 316 -22.92 57.06 -46.24
N PHE A 317 -22.94 57.70 -47.41
CA PHE A 317 -23.50 57.07 -48.60
C PHE A 317 -22.64 55.87 -49.01
N GLU A 318 -21.34 56.07 -49.09
CA GLU A 318 -20.44 54.98 -49.47
C GLU A 318 -20.61 53.79 -48.53
N VAL A 319 -20.79 54.05 -47.25
CA VAL A 319 -20.97 52.97 -46.28
C VAL A 319 -22.29 52.23 -46.48
N GLU A 320 -23.39 52.94 -46.67
CA GLU A 320 -24.66 52.24 -46.87
C GLU A 320 -24.71 51.55 -48.23
N PHE A 321 -23.95 52.05 -49.20
CA PHE A 321 -23.92 51.43 -50.51
C PHE A 321 -23.31 50.04 -50.34
N GLU A 322 -22.20 49.97 -49.62
CA GLU A 322 -21.48 48.73 -49.36
C GLU A 322 -22.25 47.75 -48.47
N GLU A 323 -22.90 48.28 -47.45
CA GLU A 323 -23.64 47.46 -46.49
C GLU A 323 -25.09 47.17 -46.88
N ARG A 324 -25.67 47.98 -47.77
CA ARG A 324 -27.07 47.78 -48.10
C ARG A 324 -27.53 47.94 -49.55
N TRP A 325 -27.47 49.17 -50.06
CA TRP A 325 -27.95 49.46 -51.41
C TRP A 325 -27.48 48.50 -52.52
N ARG A 326 -26.17 48.27 -52.59
CA ARG A 326 -25.64 47.42 -53.65
C ARG A 326 -26.18 46.01 -53.71
N ASP A 327 -26.03 45.26 -52.63
CA ASP A 327 -26.50 43.89 -52.64
C ASP A 327 -27.99 43.69 -52.41
N ASP A 328 -28.59 44.52 -51.56
CA ASP A 328 -30.03 44.39 -51.28
C ASP A 328 -30.89 44.89 -52.44
N ALA A 329 -30.41 45.88 -53.18
CA ALA A 329 -31.19 46.42 -54.28
C ALA A 329 -30.60 46.18 -55.68
N LEU A 330 -29.40 46.69 -55.93
CA LEU A 330 -28.81 46.50 -57.26
C LEU A 330 -28.78 45.02 -57.65
N HIS A 331 -28.67 44.14 -56.66
CA HIS A 331 -28.71 42.70 -56.92
C HIS A 331 -30.06 42.15 -56.48
N GLY A 332 -30.38 42.34 -55.21
CA GLY A 332 -31.63 41.82 -54.65
C GLY A 332 -32.90 42.18 -55.40
N PHE A 333 -32.90 43.35 -56.03
CA PHE A 333 -34.08 43.76 -56.79
C PHE A 333 -33.88 43.57 -58.29
N ASN A 334 -32.77 44.09 -58.81
CA ASN A 334 -32.50 44.02 -60.24
C ASN A 334 -31.94 42.74 -60.87
N ASP A 335 -31.40 41.82 -60.09
CA ASP A 335 -30.85 40.61 -60.68
C ASP A 335 -31.81 39.91 -61.64
N ASP A 336 -33.09 39.87 -61.28
CA ASP A 336 -34.08 39.23 -62.15
C ASP A 336 -34.20 39.88 -63.52
N ASP A 337 -33.87 41.17 -63.61
CA ASP A 337 -33.96 41.87 -64.88
C ASP A 337 -32.96 41.28 -65.88
N VAL A 338 -31.88 40.68 -65.37
CA VAL A 338 -30.87 40.09 -66.24
C VAL A 338 -31.42 38.90 -67.05
N TRP A 339 -31.95 37.88 -66.38
CA TRP A 339 -32.47 36.75 -67.16
C TRP A 339 -33.74 37.13 -67.92
N ALA A 340 -34.44 38.16 -67.45
CA ALA A 340 -35.64 38.60 -68.15
C ALA A 340 -35.24 39.11 -69.53
N ARG A 341 -34.16 39.86 -69.59
CA ARG A 341 -33.68 40.38 -70.86
C ARG A 341 -33.22 39.23 -71.76
N GLU A 342 -32.41 38.35 -71.19
CA GLU A 342 -31.87 37.21 -71.93
C GLU A 342 -32.94 36.25 -72.44
N ALA A 343 -34.08 36.21 -71.75
CA ALA A 343 -35.17 35.33 -72.17
C ALA A 343 -35.80 35.86 -73.46
N GLN A 344 -35.49 37.10 -73.82
CA GLN A 344 -36.02 37.74 -75.01
C GLN A 344 -35.06 37.71 -76.20
N GLN A 345 -33.79 37.42 -75.92
CA GLN A 345 -32.75 37.42 -76.94
C GLN A 345 -33.05 36.59 -78.20
N GLU A 346 -33.50 35.35 -78.03
CA GLU A 346 -33.79 34.52 -79.18
C GLU A 346 -34.90 35.09 -80.06
N PHE A 347 -36.02 35.42 -79.44
CA PHE A 347 -37.17 35.96 -80.15
C PHE A 347 -36.79 37.19 -80.98
N TYR A 348 -36.24 38.20 -80.32
CA TYR A 348 -35.86 39.44 -80.98
C TYR A 348 -34.56 39.34 -81.78
N GLY A 349 -33.59 38.60 -81.26
CA GLY A 349 -32.32 38.48 -81.93
C GLY A 349 -32.24 37.51 -83.08
N GLU A 350 -33.01 36.43 -83.02
CA GLU A 350 -32.99 35.41 -84.07
C GLU A 350 -34.31 35.17 -84.79
N ARG A 351 -35.43 35.48 -84.15
CA ARG A 351 -36.70 35.22 -84.79
C ARG A 351 -37.52 36.44 -85.19
N ASP A 352 -36.83 37.51 -85.56
CA ASP A 352 -37.48 38.72 -86.03
C ASP A 352 -38.60 39.21 -85.11
N GLY A 353 -38.35 39.15 -83.80
CA GLY A 353 -39.35 39.59 -82.85
C GLY A 353 -39.77 41.04 -83.03
N TRP A 354 -38.90 41.86 -83.63
CA TRP A 354 -39.22 43.26 -83.83
C TRP A 354 -40.48 43.44 -84.67
N SER A 355 -40.77 42.47 -85.55
CA SER A 355 -41.97 42.59 -86.36
C SER A 355 -43.08 41.65 -85.93
N LYS A 356 -42.79 40.73 -85.02
CA LYS A 356 -43.80 39.78 -84.56
C LYS A 356 -44.40 40.11 -83.19
N GLU A 357 -43.71 40.94 -82.41
CA GLU A 357 -44.19 41.32 -81.09
C GLU A 357 -45.61 41.88 -81.19
N GLN A 358 -46.36 41.76 -80.10
CA GLN A 358 -47.72 42.30 -80.07
C GLN A 358 -47.78 43.11 -78.78
N LEU A 359 -47.67 44.44 -78.92
CA LEU A 359 -47.67 45.34 -77.78
C LEU A 359 -49.05 45.72 -77.29
N PHE A 360 -49.10 46.35 -76.11
CA PHE A 360 -50.36 46.82 -75.55
C PHE A 360 -50.12 48.25 -75.02
N PRO A 361 -51.20 49.00 -74.74
CA PRO A 361 -51.11 50.39 -74.25
C PRO A 361 -49.91 50.86 -73.43
N PRO A 362 -49.55 50.17 -72.34
CA PRO A 362 -48.40 50.64 -71.57
C PRO A 362 -47.09 50.70 -72.36
N ASP A 363 -46.98 49.89 -73.42
CA ASP A 363 -45.75 49.88 -74.23
C ASP A 363 -45.56 51.14 -75.08
N MET A 364 -46.57 52.00 -75.13
CA MET A 364 -46.44 53.22 -75.92
C MET A 364 -45.24 54.07 -75.53
N CYS A 365 -44.84 54.02 -74.26
CA CYS A 365 -43.69 54.82 -73.88
C CYS A 365 -42.45 54.25 -74.58
N ILE A 366 -42.43 52.94 -74.78
CA ILE A 366 -41.30 52.32 -75.46
C ILE A 366 -41.36 52.67 -76.95
N VAL A 367 -42.57 52.74 -77.49
CA VAL A 367 -42.74 53.09 -78.90
C VAL A 367 -42.25 54.52 -79.14
N LYS A 368 -42.55 55.42 -78.20
CA LYS A 368 -42.10 56.81 -78.35
C LYS A 368 -40.58 56.87 -78.29
N TRP A 369 -40.00 56.03 -77.44
CA TRP A 369 -38.55 55.97 -77.29
C TRP A 369 -37.89 55.46 -78.58
N ARG A 370 -38.47 54.43 -79.17
CA ARG A 370 -37.91 53.86 -80.40
C ARG A 370 -37.95 54.89 -81.52
N THR A 371 -39.06 55.61 -81.60
CA THR A 371 -39.28 56.64 -82.61
C THR A 371 -38.28 57.77 -82.44
N LEU A 372 -38.14 58.27 -81.22
CA LEU A 372 -37.22 59.35 -80.95
C LEU A 372 -35.77 58.93 -81.22
N ALA A 373 -35.44 57.70 -80.87
CA ALA A 373 -34.09 57.18 -81.08
C ALA A 373 -33.79 57.00 -82.56
N SER A 374 -34.76 56.49 -83.30
CA SER A 374 -34.60 56.27 -84.73
C SER A 374 -34.37 57.62 -85.43
N GLU A 375 -35.07 58.65 -84.95
CA GLU A 375 -34.95 59.99 -85.55
C GLU A 375 -33.78 60.82 -85.04
N ARG A 376 -33.35 60.59 -83.80
CA ARG A 376 -32.28 61.40 -83.23
C ARG A 376 -30.94 60.73 -82.93
N GLY A 377 -30.87 59.40 -83.01
CA GLY A 377 -29.60 58.75 -82.76
C GLY A 377 -28.59 59.38 -83.68
N ARG A 378 -27.49 59.91 -83.15
CA ARG A 378 -26.49 60.58 -83.99
C ARG A 378 -25.83 59.70 -85.04
N GLY A 379 -25.63 58.42 -84.73
CA GLY A 379 -25.01 57.54 -85.69
C GLY A 379 -25.46 56.11 -85.47
N VAL A 380 -25.64 55.37 -86.57
CA VAL A 380 -26.07 53.99 -86.47
C VAL A 380 -24.92 53.03 -86.73
N ARG A 381 -24.77 52.07 -85.84
CA ARG A 381 -23.73 51.05 -85.98
C ARG A 381 -24.46 49.72 -86.01
N ALA A 382 -24.45 49.08 -87.18
CA ALA A 382 -25.14 47.80 -87.37
C ALA A 382 -24.22 46.60 -87.18
N SER B 16 -30.71 9.13 -107.92
CA SER B 16 -29.98 9.30 -106.62
C SER B 16 -30.95 9.32 -105.44
N ALA B 17 -30.48 9.81 -104.29
CA ALA B 17 -31.29 9.88 -103.09
C ALA B 17 -32.43 10.87 -103.29
N GLN B 18 -32.08 12.09 -103.68
CA GLN B 18 -33.07 13.15 -103.91
C GLN B 18 -34.11 12.77 -104.95
N VAL B 19 -33.96 11.58 -105.55
CA VAL B 19 -34.89 11.14 -106.57
C VAL B 19 -35.91 10.09 -106.10
N LYS B 20 -35.48 9.13 -105.31
CA LYS B 20 -36.40 8.10 -104.85
C LYS B 20 -37.12 8.44 -103.56
N TRP B 21 -36.49 9.24 -102.70
CA TRP B 21 -37.12 9.63 -101.43
C TRP B 21 -36.82 11.09 -101.07
N PRO B 22 -37.16 12.01 -101.99
CA PRO B 22 -36.96 13.46 -101.83
C PRO B 22 -37.62 14.10 -100.60
N ARG B 23 -38.87 13.76 -100.33
CA ARG B 23 -39.56 14.35 -99.20
C ARG B 23 -39.01 13.86 -97.86
N TYR B 24 -38.36 12.70 -97.88
CA TYR B 24 -37.77 12.15 -96.67
C TYR B 24 -36.50 12.95 -96.38
N LEU B 25 -35.76 13.28 -97.43
CA LEU B 25 -34.54 14.06 -97.29
C LEU B 25 -34.85 15.49 -96.89
N GLU B 26 -36.04 15.97 -97.30
CA GLU B 26 -36.45 17.33 -96.99
C GLU B 26 -36.97 17.47 -95.56
N ALA B 27 -37.47 16.38 -95.00
CA ALA B 27 -38.03 16.38 -93.65
C ALA B 27 -36.98 16.38 -92.54
N THR B 28 -36.03 17.29 -92.64
CA THR B 28 -34.97 17.41 -91.67
C THR B 28 -35.54 17.59 -90.27
N LEU B 29 -36.66 18.30 -90.18
CA LEU B 29 -37.28 18.58 -88.90
C LEU B 29 -38.49 17.68 -88.62
N GLY B 30 -38.60 16.59 -89.39
CA GLY B 30 -39.68 15.63 -89.19
C GLY B 30 -40.92 15.78 -90.06
N PHE B 31 -41.83 14.82 -89.92
CA PHE B 31 -43.08 14.82 -90.66
C PHE B 31 -44.14 15.36 -89.72
N ASP B 32 -44.74 16.49 -90.07
CA ASP B 32 -45.80 17.03 -89.21
C ASP B 32 -47.15 16.59 -89.75
N ASN B 33 -48.21 16.94 -89.04
CA ASN B 33 -49.57 16.53 -89.37
C ASN B 33 -49.63 15.05 -88.98
N HIS B 34 -49.00 14.75 -87.84
CA HIS B 34 -48.94 13.42 -87.27
C HIS B 34 -48.89 13.59 -85.75
N TRP B 35 -49.29 12.56 -85.02
CA TRP B 35 -49.20 12.61 -83.57
C TRP B 35 -47.77 12.21 -83.23
N HIS B 36 -47.22 12.81 -82.18
CA HIS B 36 -45.87 12.51 -81.71
C HIS B 36 -45.89 12.53 -80.18
N PRO B 37 -45.18 11.61 -79.52
CA PRO B 37 -45.17 11.60 -78.06
C PRO B 37 -44.36 12.80 -77.54
N ALA B 38 -44.78 13.38 -76.43
CA ALA B 38 -44.09 14.52 -75.84
C ALA B 38 -43.50 14.19 -74.49
N ALA B 39 -44.20 13.36 -73.73
CA ALA B 39 -43.76 13.00 -72.40
C ALA B 39 -44.61 11.85 -71.90
N PHE B 40 -44.34 11.42 -70.68
CA PHE B 40 -45.10 10.35 -70.07
C PHE B 40 -46.12 11.00 -69.14
N ASP B 41 -47.34 10.46 -69.17
CA ASP B 41 -48.42 11.00 -68.37
C ASP B 41 -48.05 11.21 -66.91
N HIS B 42 -47.29 10.27 -66.34
CA HIS B 42 -46.90 10.37 -64.94
C HIS B 42 -45.89 11.48 -64.64
N GLU B 43 -45.44 12.18 -65.67
CA GLU B 43 -44.51 13.28 -65.46
C GLU B 43 -45.29 14.52 -65.06
N LEU B 44 -46.60 14.48 -65.28
CA LEU B 44 -47.46 15.62 -64.99
C LEU B 44 -48.51 15.42 -63.90
N ALA B 45 -48.31 16.11 -62.78
CA ALA B 45 -49.26 16.06 -61.69
C ALA B 45 -50.09 17.32 -61.88
N GLU B 46 -51.25 17.40 -61.23
CA GLU B 46 -52.12 18.56 -61.36
C GLU B 46 -51.35 19.84 -61.07
N GLY B 47 -51.40 20.79 -62.01
CA GLY B 47 -50.70 22.05 -61.80
C GLY B 47 -49.21 22.08 -62.12
N GLU B 48 -48.64 20.94 -62.47
CA GLU B 48 -47.21 20.91 -62.77
C GLU B 48 -46.96 21.26 -64.23
N PHE B 49 -45.74 21.71 -64.52
CA PHE B 49 -45.39 22.10 -65.87
C PHE B 49 -44.22 21.26 -66.41
N VAL B 50 -44.26 20.99 -67.70
CA VAL B 50 -43.20 20.24 -68.37
C VAL B 50 -43.00 20.88 -69.73
N ALA B 51 -41.79 21.37 -69.98
CA ALA B 51 -41.48 22.01 -71.24
C ALA B 51 -40.84 21.02 -72.20
N VAL B 52 -41.31 21.00 -73.44
CA VAL B 52 -40.74 20.11 -74.44
C VAL B 52 -40.58 20.87 -75.76
N THR B 53 -39.72 20.35 -76.63
CA THR B 53 -39.50 20.96 -77.93
C THR B 53 -39.75 19.86 -78.94
N MET B 54 -40.72 20.10 -79.82
CA MET B 54 -41.07 19.09 -80.82
C MET B 54 -41.06 19.69 -82.21
N LEU B 55 -40.32 19.06 -83.11
CA LEU B 55 -40.23 19.53 -84.49
C LEU B 55 -39.97 21.04 -84.57
N GLY B 56 -39.06 21.51 -83.73
CA GLY B 56 -38.70 22.93 -83.72
C GLY B 56 -39.60 23.82 -82.88
N GLU B 57 -40.75 23.31 -82.44
CA GLU B 57 -41.68 24.11 -81.64
C GLU B 57 -41.56 23.88 -80.14
N LYS B 58 -41.47 24.96 -79.38
CA LYS B 58 -41.40 24.85 -77.93
C LYS B 58 -42.84 24.77 -77.42
N VAL B 59 -43.13 23.70 -76.68
CA VAL B 59 -44.46 23.48 -76.15
C VAL B 59 -44.42 23.38 -74.64
N LEU B 60 -45.45 23.90 -73.99
CA LEU B 60 -45.56 23.84 -72.54
C LEU B 60 -46.71 22.90 -72.20
N LEU B 61 -46.43 21.89 -71.38
CA LEU B 61 -47.46 20.95 -70.99
C LEU B 61 -47.80 21.16 -69.53
N THR B 62 -49.06 20.93 -69.20
CA THR B 62 -49.50 21.02 -67.81
C THR B 62 -50.76 20.20 -67.67
N ARG B 63 -51.18 19.96 -66.42
CA ARG B 63 -52.41 19.22 -66.17
C ARG B 63 -53.36 20.20 -65.47
N ALA B 64 -54.48 20.47 -66.13
CA ALA B 64 -55.48 21.39 -65.59
C ALA B 64 -56.80 20.64 -65.39
N LYS B 65 -57.27 20.58 -64.15
CA LYS B 65 -58.51 19.88 -63.83
C LYS B 65 -58.43 18.42 -64.30
N GLY B 66 -57.27 17.81 -64.08
CA GLY B 66 -57.08 16.42 -64.45
C GLY B 66 -56.71 16.17 -65.92
N GLU B 67 -56.75 17.20 -66.75
CA GLU B 67 -56.44 17.02 -68.16
C GLU B 67 -55.14 17.67 -68.61
N VAL B 68 -54.36 16.93 -69.39
CA VAL B 68 -53.09 17.42 -69.89
C VAL B 68 -53.38 18.40 -71.03
N LYS B 69 -52.80 19.59 -70.95
CA LYS B 69 -53.00 20.61 -71.97
C LYS B 69 -51.65 20.97 -72.58
N ALA B 70 -51.66 21.34 -73.85
CA ALA B 70 -50.43 21.74 -74.53
C ALA B 70 -50.64 23.10 -75.19
N ILE B 71 -49.78 24.05 -74.84
CA ILE B 71 -49.87 25.39 -75.40
C ILE B 71 -48.48 25.84 -75.83
N ALA B 72 -48.39 26.73 -76.81
CA ALA B 72 -47.11 27.21 -77.28
C ALA B 72 -46.34 27.83 -76.11
N ASP B 73 -45.06 27.46 -75.98
CA ASP B 73 -44.23 27.98 -74.91
C ASP B 73 -43.57 29.28 -75.34
N GLY B 74 -44.43 30.26 -75.63
CA GLY B 74 -43.97 31.58 -76.06
C GLY B 74 -45.11 32.57 -75.94
N CYS B 75 -44.86 33.65 -75.21
CA CYS B 75 -45.86 34.68 -74.99
C CYS B 75 -46.06 35.52 -76.26
N ALA B 76 -47.29 35.92 -76.52
CA ALA B 76 -47.58 36.74 -77.69
C ALA B 76 -47.05 38.16 -77.54
N HIS B 77 -46.83 38.61 -76.30
CA HIS B 77 -46.36 39.97 -76.05
C HIS B 77 -44.94 40.21 -76.56
N ARG B 78 -43.94 39.73 -75.80
CA ARG B 78 -42.55 39.91 -76.22
C ARG B 78 -41.88 38.56 -76.47
N GLY B 79 -42.69 37.55 -76.76
CA GLY B 79 -42.19 36.22 -77.08
C GLY B 79 -41.41 35.38 -76.10
N VAL B 80 -41.36 35.76 -74.83
CA VAL B 80 -40.62 34.95 -73.87
C VAL B 80 -41.30 33.60 -73.58
N PRO B 81 -40.51 32.58 -73.23
CA PRO B 81 -41.13 31.29 -72.94
C PRO B 81 -41.66 31.28 -71.50
N PHE B 82 -42.84 30.71 -71.29
CA PHE B 82 -43.43 30.65 -69.96
C PHE B 82 -42.57 29.75 -69.07
N SER B 83 -41.96 28.74 -69.69
CA SER B 83 -41.15 27.78 -68.95
C SER B 83 -40.01 28.40 -68.14
N LYS B 84 -39.65 29.65 -68.44
CA LYS B 84 -38.62 30.32 -67.65
C LYS B 84 -39.09 30.43 -66.21
N GLU B 85 -40.41 30.62 -66.04
CA GLU B 85 -41.01 30.76 -64.72
C GLU B 85 -42.51 30.62 -64.96
N PRO B 86 -42.99 29.38 -65.13
CA PRO B 86 -44.40 29.10 -65.39
C PRO B 86 -45.32 29.44 -64.22
N LEU B 87 -46.39 30.17 -64.53
CA LEU B 87 -47.33 30.57 -63.49
C LEU B 87 -48.76 30.18 -63.81
N CYS B 88 -49.50 29.82 -62.77
CA CYS B 88 -50.91 29.48 -62.91
C CYS B 88 -51.65 29.96 -61.67
N PHE B 89 -52.61 30.86 -61.87
CA PHE B 89 -53.39 31.40 -60.76
C PHE B 89 -54.81 30.91 -60.82
N LYS B 90 -55.12 30.12 -61.84
CA LYS B 90 -56.45 29.56 -62.02
C LYS B 90 -56.33 28.37 -62.97
N ALA B 91 -56.66 27.18 -62.48
CA ALA B 91 -56.58 25.99 -63.30
C ALA B 91 -57.29 26.24 -64.63
N GLY B 92 -56.63 25.90 -65.73
CA GLY B 92 -57.21 26.11 -67.04
C GLY B 92 -56.58 27.32 -67.72
N THR B 93 -55.68 28.00 -67.03
CA THR B 93 -55.00 29.15 -67.60
C THR B 93 -53.52 29.11 -67.28
N VAL B 94 -52.75 29.93 -67.99
CA VAL B 94 -51.33 30.05 -67.75
C VAL B 94 -51.08 31.54 -67.80
N SER B 95 -50.25 32.05 -66.89
CA SER B 95 -49.96 33.47 -66.84
C SER B 95 -48.47 33.71 -67.07
N CYS B 96 -48.16 34.63 -67.98
CA CYS B 96 -46.77 34.95 -68.28
C CYS B 96 -46.14 35.62 -67.06
N TRP B 97 -44.91 35.25 -66.76
CA TRP B 97 -44.17 35.79 -65.63
C TRP B 97 -43.69 37.22 -65.84
N TYR B 98 -43.71 37.70 -67.08
CA TYR B 98 -43.18 39.02 -67.37
C TYR B 98 -44.14 40.20 -67.13
N HIS B 99 -45.27 40.24 -67.82
CA HIS B 99 -46.24 41.31 -67.64
C HIS B 99 -47.62 40.77 -67.28
N GLY B 100 -47.67 39.49 -66.91
CA GLY B 100 -48.93 38.89 -66.51
C GLY B 100 -49.99 38.56 -67.56
N TRP B 101 -49.65 38.56 -68.83
CA TRP B 101 -50.63 38.20 -69.85
C TRP B 101 -51.09 36.78 -69.52
N THR B 102 -52.40 36.57 -69.48
CA THR B 102 -52.96 35.27 -69.12
C THR B 102 -53.76 34.63 -70.25
N TYR B 103 -53.49 33.35 -70.51
CA TYR B 103 -54.15 32.65 -71.59
C TYR B 103 -55.01 31.47 -71.15
N ASP B 104 -56.08 31.24 -71.92
CA ASP B 104 -57.00 30.13 -71.69
C ASP B 104 -56.38 28.93 -72.40
N LEU B 105 -56.14 27.85 -71.65
CA LEU B 105 -55.52 26.67 -72.25
C LEU B 105 -56.37 25.97 -73.30
N ASP B 106 -57.69 26.11 -73.23
CA ASP B 106 -58.55 25.44 -74.19
C ASP B 106 -58.48 26.01 -75.60
N ASP B 107 -58.35 27.33 -75.72
CA ASP B 107 -58.29 27.95 -77.05
C ASP B 107 -57.09 28.84 -77.28
N GLY B 108 -56.23 28.98 -76.27
CA GLY B 108 -55.04 29.81 -76.41
C GLY B 108 -55.26 31.31 -76.45
N ARG B 109 -56.49 31.74 -76.22
CA ARG B 109 -56.82 33.16 -76.25
C ARG B 109 -56.36 33.93 -75.00
N LEU B 110 -55.99 35.18 -75.20
CA LEU B 110 -55.59 36.06 -74.10
C LEU B 110 -56.89 36.44 -73.38
N VAL B 111 -57.07 36.01 -72.13
CA VAL B 111 -58.30 36.31 -71.42
C VAL B 111 -58.13 37.35 -70.33
N ASP B 112 -56.90 37.74 -70.07
CA ASP B 112 -56.65 38.74 -69.03
C ASP B 112 -55.21 39.22 -69.03
N VAL B 113 -54.99 40.33 -68.33
CA VAL B 113 -53.66 40.92 -68.16
C VAL B 113 -53.59 41.38 -66.71
N LEU B 114 -52.90 40.60 -65.90
CA LEU B 114 -52.74 40.88 -64.48
C LEU B 114 -52.22 42.27 -64.14
N THR B 115 -51.43 42.86 -65.04
CA THR B 115 -50.86 44.18 -64.80
C THR B 115 -51.71 45.31 -65.38
N SER B 116 -52.78 44.96 -66.09
CA SER B 116 -53.63 45.98 -66.68
C SER B 116 -55.03 45.44 -66.91
N PRO B 117 -55.81 45.30 -65.82
CA PRO B 117 -57.18 44.77 -65.95
C PRO B 117 -58.01 45.57 -66.95
N GLY B 118 -58.76 44.85 -67.78
CA GLY B 118 -59.60 45.50 -68.77
C GLY B 118 -58.85 46.05 -69.97
N SER B 119 -57.57 45.70 -70.09
CA SER B 119 -56.78 46.17 -71.22
C SER B 119 -57.50 45.82 -72.51
N PRO B 120 -57.49 46.75 -73.48
CA PRO B 120 -58.18 46.49 -74.75
C PRO B 120 -57.62 45.37 -75.62
N VAL B 121 -56.45 44.82 -75.26
CA VAL B 121 -55.91 43.72 -76.07
C VAL B 121 -56.55 42.40 -75.70
N ILE B 122 -57.20 42.35 -74.54
CA ILE B 122 -57.87 41.14 -74.07
C ILE B 122 -58.91 40.72 -75.10
N GLY B 123 -58.90 39.44 -75.46
CA GLY B 123 -59.85 38.95 -76.45
C GLY B 123 -59.46 39.22 -77.90
N LYS B 124 -58.38 39.98 -78.11
CA LYS B 124 -57.93 40.30 -79.47
C LYS B 124 -56.64 39.56 -79.82
N ILE B 125 -56.14 38.77 -78.87
CA ILE B 125 -54.89 38.05 -79.08
C ILE B 125 -54.96 36.60 -78.64
N GLY B 126 -54.15 35.76 -79.30
CA GLY B 126 -54.10 34.36 -78.94
C GLY B 126 -52.84 33.67 -79.41
N ILE B 127 -52.51 32.56 -78.76
CA ILE B 127 -51.35 31.77 -79.16
C ILE B 127 -51.86 30.37 -79.45
N LYS B 128 -51.00 29.53 -80.04
CA LYS B 128 -51.43 28.19 -80.38
C LYS B 128 -51.51 27.19 -79.25
N VAL B 129 -52.54 26.36 -79.29
CA VAL B 129 -52.72 25.28 -78.33
C VAL B 129 -52.70 24.05 -79.22
N TYR B 130 -52.27 22.90 -78.69
CA TYR B 130 -52.20 21.70 -79.51
C TYR B 130 -53.14 20.60 -79.06
N PRO B 131 -53.64 19.79 -80.01
CA PRO B 131 -54.55 18.71 -79.60
C PRO B 131 -53.67 17.73 -78.81
N VAL B 132 -54.21 17.20 -77.72
CA VAL B 132 -53.47 16.27 -76.88
C VAL B 132 -54.28 15.00 -76.63
N GLN B 133 -53.61 13.84 -76.65
CA GLN B 133 -54.28 12.59 -76.34
C GLN B 133 -53.32 11.71 -75.57
N VAL B 134 -53.75 11.27 -74.39
CA VAL B 134 -52.94 10.41 -73.55
C VAL B 134 -53.37 8.97 -73.78
N ALA B 135 -52.42 8.10 -74.14
CA ALA B 135 -52.72 6.70 -74.38
C ALA B 135 -51.59 5.83 -73.89
N GLN B 136 -51.93 4.77 -73.16
CA GLN B 136 -50.94 3.85 -72.63
C GLN B 136 -49.89 4.62 -71.82
N GLY B 137 -50.34 5.58 -71.03
CA GLY B 137 -49.43 6.36 -70.20
C GLY B 137 -48.52 7.30 -70.95
N VAL B 138 -48.76 7.49 -72.24
CA VAL B 138 -47.94 8.38 -73.03
C VAL B 138 -48.73 9.59 -73.50
N VAL B 139 -48.12 10.77 -73.37
CA VAL B 139 -48.76 12.00 -73.79
C VAL B 139 -48.41 12.29 -75.24
N PHE B 140 -49.40 12.23 -76.12
CA PHE B 140 -49.17 12.52 -77.53
C PHE B 140 -49.70 13.91 -77.85
N VAL B 141 -49.01 14.60 -78.76
CA VAL B 141 -49.40 15.93 -79.18
C VAL B 141 -49.48 15.95 -80.71
N PHE B 142 -50.50 16.59 -81.26
CA PHE B 142 -50.63 16.66 -82.70
C PHE B 142 -49.92 17.91 -83.22
N ILE B 143 -48.88 17.72 -84.02
CA ILE B 143 -48.11 18.82 -84.57
C ILE B 143 -48.47 18.98 -86.04
N GLY B 144 -48.80 20.21 -86.44
CA GLY B 144 -49.16 20.46 -87.82
C GLY B 144 -50.33 21.41 -87.94
N ASP B 145 -50.62 21.84 -89.16
CA ASP B 145 -51.72 22.78 -89.41
C ASP B 145 -53.06 22.10 -89.66
N GLU B 146 -53.03 20.83 -90.07
CA GLU B 146 -54.28 20.12 -90.34
C GLU B 146 -55.04 19.75 -89.08
N GLU B 147 -56.30 19.38 -89.26
CA GLU B 147 -57.14 18.96 -88.15
C GLU B 147 -56.61 17.55 -87.83
N PRO B 148 -56.51 17.21 -86.53
CA PRO B 148 -56.01 15.89 -86.15
C PRO B 148 -56.86 14.70 -86.60
N HIS B 149 -56.18 13.61 -86.95
CA HIS B 149 -56.84 12.38 -87.35
C HIS B 149 -56.66 11.42 -86.18
N ALA B 150 -57.21 10.22 -86.30
CA ALA B 150 -57.12 9.23 -85.23
C ALA B 150 -55.68 8.92 -84.85
N LEU B 151 -55.41 8.87 -83.54
CA LEU B 151 -54.08 8.58 -83.01
C LEU B 151 -53.53 7.25 -83.53
N SER B 152 -54.41 6.25 -83.61
CA SER B 152 -54.04 4.91 -84.04
C SER B 152 -53.39 4.85 -85.41
N GLU B 153 -53.58 5.90 -86.20
CA GLU B 153 -53.00 5.94 -87.54
C GLU B 153 -51.51 6.25 -87.54
N ASP B 154 -51.01 6.73 -86.39
CA ASP B 154 -49.60 7.08 -86.25
C ASP B 154 -48.86 6.20 -85.26
N LEU B 155 -49.35 4.98 -85.05
CA LEU B 155 -48.73 4.05 -84.13
C LEU B 155 -48.66 2.66 -84.77
N PRO B 156 -47.65 1.87 -84.38
CA PRO B 156 -47.52 0.53 -84.95
C PRO B 156 -48.72 -0.29 -84.46
N PRO B 157 -49.12 -1.32 -85.22
CA PRO B 157 -50.25 -2.10 -84.73
C PRO B 157 -49.89 -2.76 -83.40
N GLY B 158 -50.87 -2.90 -82.52
CA GLY B 158 -50.63 -3.52 -81.23
C GLY B 158 -50.34 -2.57 -80.08
N PHE B 159 -49.81 -1.39 -80.38
CA PHE B 159 -49.48 -0.42 -79.35
C PHE B 159 -50.65 -0.09 -78.44
N LEU B 160 -51.84 0.08 -79.01
CA LEU B 160 -53.01 0.41 -78.23
C LEU B 160 -53.77 -0.77 -77.63
N ASP B 161 -53.18 -1.97 -77.65
CA ASP B 161 -53.83 -3.14 -77.08
C ASP B 161 -54.31 -2.90 -75.65
N GLU B 162 -55.60 -3.12 -75.44
CA GLU B 162 -56.25 -2.91 -74.16
C GLU B 162 -55.82 -3.87 -73.05
N ASP B 163 -55.40 -5.06 -73.43
CA ASP B 163 -54.98 -6.06 -72.46
C ASP B 163 -53.49 -6.02 -72.17
N THR B 164 -52.91 -4.83 -72.26
CA THR B 164 -51.49 -4.65 -72.01
C THR B 164 -51.24 -3.39 -71.19
N HIS B 165 -50.03 -3.27 -70.66
CA HIS B 165 -49.65 -2.11 -69.90
C HIS B 165 -48.31 -1.66 -70.47
N LEU B 166 -48.05 -0.36 -70.48
CA LEU B 166 -46.81 0.15 -71.02
C LEU B 166 -46.03 1.03 -70.06
N LEU B 167 -44.71 0.92 -70.14
CA LEU B 167 -43.82 1.69 -69.28
C LEU B 167 -42.61 2.05 -70.12
N GLY B 168 -42.13 3.29 -69.98
CA GLY B 168 -40.98 3.68 -70.75
C GLY B 168 -40.23 4.87 -70.19
N ILE B 169 -39.26 5.34 -70.97
CA ILE B 169 -38.45 6.49 -70.59
C ILE B 169 -38.13 7.25 -71.86
N ARG B 170 -37.63 8.46 -71.71
CA ARG B 170 -37.26 9.26 -72.86
C ARG B 170 -35.97 9.97 -72.52
N ARG B 171 -35.22 10.33 -73.55
CA ARG B 171 -33.96 11.03 -73.36
C ARG B 171 -33.64 11.76 -74.66
N THR B 172 -32.77 12.75 -74.56
CA THR B 172 -32.35 13.54 -75.71
C THR B 172 -31.12 12.90 -76.36
N VAL B 173 -31.11 12.84 -77.68
CA VAL B 173 -30.00 12.27 -78.43
C VAL B 173 -29.51 13.34 -79.41
N GLN B 174 -28.19 13.53 -79.49
CA GLN B 174 -27.61 14.54 -80.36
C GLN B 174 -27.43 14.14 -81.82
N SER B 175 -28.51 13.82 -82.51
CA SER B 175 -28.45 13.48 -83.93
C SER B 175 -29.81 13.76 -84.54
N ASN B 176 -29.82 13.91 -85.86
CA ASN B 176 -31.07 14.14 -86.56
C ASN B 176 -31.93 12.91 -86.27
N TRP B 177 -33.25 13.10 -86.22
CA TRP B 177 -34.18 12.02 -85.90
C TRP B 177 -34.10 10.83 -86.86
N ARG B 178 -33.86 11.10 -88.14
CA ARG B 178 -33.78 10.02 -89.12
C ARG B 178 -32.65 9.03 -88.82
N LEU B 179 -31.57 9.51 -88.19
CA LEU B 179 -30.46 8.62 -87.86
C LEU B 179 -30.90 7.72 -86.69
N GLY B 180 -31.87 8.19 -85.91
CA GLY B 180 -32.38 7.39 -84.81
C GLY B 180 -33.25 6.28 -85.35
N VAL B 181 -34.19 6.63 -86.23
CA VAL B 181 -35.09 5.66 -86.84
C VAL B 181 -34.32 4.57 -87.58
N GLU B 182 -33.36 4.99 -88.40
CA GLU B 182 -32.55 4.05 -89.18
C GLU B 182 -31.61 3.22 -88.32
N ASN B 183 -31.35 3.67 -87.10
CA ASN B 183 -30.49 2.92 -86.18
C ASN B 183 -31.35 1.87 -85.49
N GLY B 184 -32.64 2.16 -85.36
CA GLY B 184 -33.55 1.22 -84.74
C GLY B 184 -33.95 0.14 -85.75
N PHE B 185 -34.26 0.58 -86.97
CA PHE B 185 -34.69 -0.33 -88.04
C PHE B 185 -33.50 -0.76 -88.91
N ASP B 186 -32.50 -1.35 -88.28
CA ASP B 186 -31.28 -1.78 -88.97
C ASP B 186 -30.98 -3.18 -88.45
N THR B 187 -31.07 -4.18 -89.34
CA THR B 187 -30.88 -5.57 -88.94
C THR B 187 -29.45 -6.10 -88.77
N THR B 188 -28.44 -5.32 -89.12
CA THR B 188 -27.07 -5.80 -88.96
C THR B 188 -26.24 -4.93 -88.00
N HIS B 189 -26.79 -3.83 -87.53
CA HIS B 189 -26.07 -2.97 -86.59
C HIS B 189 -25.96 -3.65 -85.23
N ILE B 190 -26.76 -4.69 -85.00
CA ILE B 190 -26.77 -5.36 -83.71
C ILE B 190 -25.43 -5.95 -83.34
N PHE B 191 -24.53 -5.99 -84.32
CA PHE B 191 -23.18 -6.47 -84.13
C PHE B 191 -22.56 -5.68 -82.97
N MET B 192 -22.82 -4.38 -82.94
CA MET B 192 -22.26 -3.50 -81.90
C MET B 192 -22.79 -3.77 -80.50
N HIS B 193 -23.86 -4.54 -80.38
CA HIS B 193 -24.44 -4.84 -79.06
C HIS B 193 -23.96 -6.19 -78.50
N ARG B 194 -23.16 -6.92 -79.27
CA ARG B 194 -22.70 -8.24 -78.87
C ARG B 194 -22.12 -8.36 -77.47
N ASN B 195 -21.54 -7.28 -76.96
CA ASN B 195 -20.95 -7.33 -75.62
C ASN B 195 -21.78 -6.69 -74.52
N SER B 196 -23.00 -6.31 -74.82
CA SER B 196 -23.87 -5.72 -73.80
C SER B 196 -24.12 -6.76 -72.71
N PRO B 197 -24.04 -6.36 -71.43
CA PRO B 197 -24.26 -7.32 -70.34
C PRO B 197 -25.67 -7.91 -70.38
N TRP B 198 -26.57 -7.31 -71.15
CA TRP B 198 -27.94 -7.82 -71.26
C TRP B 198 -27.98 -9.12 -72.05
N VAL B 199 -27.04 -9.30 -72.97
CA VAL B 199 -27.01 -10.52 -73.78
C VAL B 199 -26.89 -11.74 -72.87
N SER B 200 -25.86 -11.77 -72.02
CA SER B 200 -25.72 -12.91 -71.12
C SER B 200 -26.68 -12.66 -69.95
N GLY B 201 -26.89 -11.39 -69.62
CA GLY B 201 -27.79 -11.07 -68.53
C GLY B 201 -29.16 -11.70 -68.64
N ASN B 202 -29.70 -11.78 -69.86
CA ASN B 202 -31.01 -12.38 -70.04
C ASN B 202 -30.94 -13.66 -70.87
N ARG B 203 -29.77 -14.31 -70.85
CA ARG B 203 -29.54 -15.56 -71.57
C ARG B 203 -30.07 -15.55 -72.99
N LEU B 204 -29.75 -14.50 -73.73
CA LEU B 204 -30.21 -14.37 -75.10
C LEU B 204 -29.35 -15.09 -76.13
N ALA B 205 -30.02 -15.66 -77.11
CA ALA B 205 -29.34 -16.29 -78.23
C ALA B 205 -29.39 -15.08 -79.14
N PHE B 206 -28.33 -14.29 -79.15
CA PHE B 206 -28.32 -13.06 -79.93
C PHE B 206 -27.28 -13.09 -81.04
N PRO B 207 -27.73 -13.00 -82.30
CA PRO B 207 -26.83 -13.02 -83.45
C PRO B 207 -26.11 -11.70 -83.68
N TYR B 208 -25.13 -11.71 -84.58
CA TYR B 208 -24.38 -10.51 -84.92
C TYR B 208 -25.13 -9.72 -85.99
N GLY B 209 -26.13 -10.36 -86.58
CA GLY B 209 -26.91 -9.71 -87.61
C GLY B 209 -27.92 -10.63 -88.27
N PHE B 210 -28.86 -10.03 -89.01
CA PHE B 210 -29.89 -10.78 -89.73
C PHE B 210 -29.77 -10.38 -91.19
N VAL B 211 -29.61 -11.37 -92.07
CA VAL B 211 -29.49 -11.10 -93.48
C VAL B 211 -30.71 -11.65 -94.22
N PRO B 212 -31.37 -10.82 -95.05
CA PRO B 212 -32.56 -11.23 -95.81
C PRO B 212 -32.25 -12.51 -96.57
N ALA B 213 -33.09 -13.54 -96.40
CA ALA B 213 -32.88 -14.83 -97.04
C ALA B 213 -33.71 -15.03 -98.31
N ASP B 214 -34.72 -14.20 -98.51
CA ASP B 214 -35.58 -14.31 -99.70
C ASP B 214 -36.30 -12.99 -99.94
N ARG B 215 -37.10 -12.93 -101.01
CA ARG B 215 -37.81 -11.70 -101.36
C ARG B 215 -39.03 -11.35 -100.52
N ASP B 216 -39.42 -12.22 -99.59
CA ASP B 216 -40.55 -11.95 -98.72
C ASP B 216 -40.07 -11.53 -97.33
N ALA B 217 -38.78 -11.25 -97.22
CA ALA B 217 -38.18 -10.86 -95.95
C ALA B 217 -38.75 -9.55 -95.43
N MET B 218 -39.06 -8.64 -96.35
CA MET B 218 -39.60 -7.33 -95.99
C MET B 218 -40.97 -7.10 -96.61
N GLN B 219 -41.92 -6.64 -95.80
CA GLN B 219 -43.26 -6.37 -96.30
C GLN B 219 -43.66 -4.94 -96.03
N VAL B 220 -44.12 -4.27 -97.08
CA VAL B 220 -44.56 -2.89 -96.97
C VAL B 220 -46.07 -2.82 -96.79
N TYR B 221 -46.51 -2.16 -95.74
CA TYR B 221 -47.93 -1.99 -95.46
C TYR B 221 -48.30 -0.58 -95.86
N ASP B 222 -48.94 -0.45 -97.03
CA ASP B 222 -49.31 0.86 -97.53
C ASP B 222 -50.79 0.90 -97.96
N GLU B 223 -51.63 0.23 -97.20
CA GLU B 223 -53.07 0.19 -97.49
C GLU B 223 -53.79 0.77 -96.27
N ASN B 224 -54.10 2.06 -96.33
CA ASN B 224 -54.76 2.74 -95.21
C ASN B 224 -53.69 2.98 -94.15
N TRP B 225 -54.11 3.19 -92.91
CA TRP B 225 -53.17 3.47 -91.84
C TRP B 225 -53.36 2.47 -90.70
N PRO B 226 -52.28 2.20 -89.93
CA PRO B 226 -50.94 2.77 -90.07
C PRO B 226 -50.16 2.20 -91.26
N LYS B 227 -49.12 2.92 -91.68
CA LYS B 227 -48.29 2.50 -92.80
C LYS B 227 -46.87 2.24 -92.30
N GLY B 228 -46.25 1.16 -92.78
CA GLY B 228 -44.91 0.85 -92.37
C GLY B 228 -44.24 -0.29 -93.13
N VAL B 229 -43.05 -0.67 -92.65
CA VAL B 229 -42.28 -1.76 -93.25
C VAL B 229 -42.00 -2.79 -92.16
N LEU B 230 -42.20 -4.06 -92.50
CA LEU B 230 -41.98 -5.15 -91.55
C LEU B 230 -40.90 -6.11 -92.00
N ASP B 231 -39.97 -6.43 -91.08
CA ASP B 231 -38.90 -7.38 -91.35
C ASP B 231 -39.28 -8.69 -90.67
N ARG B 232 -39.47 -9.75 -91.45
CA ARG B 232 -39.83 -11.04 -90.88
C ARG B 232 -38.56 -11.82 -90.50
N LEU B 233 -37.86 -11.30 -89.51
CA LEU B 233 -36.59 -11.90 -89.07
C LEU B 233 -36.59 -13.40 -88.76
N SER B 234 -37.62 -13.88 -88.07
CA SER B 234 -37.68 -15.29 -87.70
C SER B 234 -38.08 -16.25 -88.82
N GLU B 235 -38.69 -15.75 -89.88
CA GLU B 235 -39.11 -16.63 -90.95
C GLU B 235 -38.39 -16.41 -92.27
N ASN B 236 -38.01 -15.17 -92.57
CA ASN B 236 -37.36 -14.90 -93.84
C ASN B 236 -35.97 -14.31 -93.79
N TYR B 237 -35.28 -14.49 -92.69
CA TYR B 237 -33.91 -13.99 -92.54
C TYR B 237 -33.00 -15.09 -92.02
N MET B 238 -31.71 -14.91 -92.23
CA MET B 238 -30.72 -15.84 -91.73
C MET B 238 -29.92 -15.10 -90.69
N PRO B 239 -29.91 -15.60 -89.45
CA PRO B 239 -29.15 -14.93 -88.39
C PRO B 239 -27.69 -15.36 -88.46
N VAL B 240 -26.78 -14.42 -88.21
CA VAL B 240 -25.35 -14.72 -88.24
C VAL B 240 -24.85 -14.78 -86.80
N PHE B 241 -24.49 -15.98 -86.35
CA PHE B 241 -24.02 -16.19 -84.98
C PHE B 241 -22.52 -16.34 -84.91
N GLU B 242 -21.88 -16.30 -86.07
CA GLU B 242 -20.44 -16.45 -86.16
C GLU B 242 -19.85 -15.38 -87.09
N ALA B 243 -18.73 -14.80 -86.70
CA ALA B 243 -18.08 -13.79 -87.53
C ALA B 243 -16.79 -14.40 -88.07
N THR B 244 -16.61 -14.32 -89.38
CA THR B 244 -15.41 -14.88 -89.99
C THR B 244 -14.66 -13.84 -90.80
N LEU B 245 -13.34 -13.91 -90.78
CA LEU B 245 -12.53 -12.96 -91.51
C LEU B 245 -11.48 -13.74 -92.28
N ASP B 246 -11.49 -13.57 -93.59
CA ASP B 246 -10.56 -14.27 -94.46
C ASP B 246 -10.42 -15.75 -94.11
N GLY B 247 -11.55 -16.43 -93.97
CA GLY B 247 -11.57 -17.85 -93.67
C GLY B 247 -11.40 -18.31 -92.23
N GLU B 248 -11.27 -17.39 -91.30
CA GLU B 248 -11.11 -17.77 -89.90
C GLU B 248 -12.22 -17.21 -89.03
N THR B 249 -12.72 -18.02 -88.12
CA THR B 249 -13.77 -17.60 -87.20
C THR B 249 -13.11 -16.75 -86.12
N VAL B 250 -13.39 -15.45 -86.12
CA VAL B 250 -12.78 -14.57 -85.13
C VAL B 250 -13.72 -14.18 -84.00
N LEU B 251 -14.99 -14.52 -84.16
CA LEU B 251 -15.98 -14.17 -83.15
C LEU B 251 -17.17 -15.13 -83.27
N SER B 252 -17.72 -15.55 -82.14
CA SER B 252 -18.88 -16.43 -82.16
C SER B 252 -19.78 -16.17 -80.96
N ALA B 253 -21.07 -16.07 -81.23
CA ALA B 253 -22.05 -15.81 -80.18
C ALA B 253 -22.15 -17.04 -79.28
N GLU B 254 -22.57 -16.83 -78.05
CA GLU B 254 -22.71 -17.91 -77.10
C GLU B 254 -24.06 -18.61 -77.26
N LEU B 255 -24.03 -19.85 -77.72
CA LEU B 255 -25.26 -20.64 -77.89
C LEU B 255 -25.08 -21.90 -77.07
N THR B 256 -25.60 -21.87 -75.85
CA THR B 256 -25.49 -22.99 -74.93
C THR B 256 -26.62 -22.96 -73.92
N GLY B 257 -27.07 -24.15 -73.53
CA GLY B 257 -28.13 -24.24 -72.55
C GLY B 257 -29.46 -23.68 -73.00
N GLU B 258 -30.24 -23.21 -72.02
CA GLU B 258 -31.56 -22.65 -72.28
C GLU B 258 -31.43 -21.16 -72.53
N GLU B 259 -31.59 -20.75 -73.79
CA GLU B 259 -31.48 -19.35 -74.13
C GLU B 259 -32.80 -18.81 -74.66
N LYS B 260 -33.01 -17.51 -74.47
CA LYS B 260 -34.24 -16.87 -74.92
C LYS B 260 -34.16 -16.36 -76.35
N LYS B 261 -35.29 -16.42 -77.04
CA LYS B 261 -35.39 -15.96 -78.41
C LYS B 261 -36.14 -14.63 -78.44
N VAL B 262 -35.53 -13.61 -79.02
CA VAL B 262 -36.18 -12.32 -79.11
C VAL B 262 -36.07 -11.81 -80.54
N ALA B 263 -36.73 -10.68 -80.81
CA ALA B 263 -36.70 -10.08 -82.14
C ALA B 263 -37.10 -11.05 -83.27
N ALA B 264 -38.33 -11.55 -83.20
CA ALA B 264 -38.84 -12.45 -84.24
C ALA B 264 -39.20 -11.56 -85.43
N GLN B 265 -39.57 -10.32 -85.11
CA GLN B 265 -39.92 -9.33 -86.14
C GLN B 265 -39.59 -7.93 -85.66
N VAL B 266 -39.21 -7.07 -86.59
CA VAL B 266 -38.93 -5.67 -86.28
C VAL B 266 -39.59 -4.88 -87.39
N SER B 267 -40.22 -3.77 -87.03
CA SER B 267 -40.89 -2.96 -88.02
C SER B 267 -40.90 -1.48 -87.65
N VAL B 268 -41.05 -0.64 -88.66
CA VAL B 268 -41.10 0.79 -88.45
C VAL B 268 -42.37 1.32 -89.11
N TRP B 269 -43.03 2.27 -88.46
CA TRP B 269 -44.26 2.83 -88.98
C TRP B 269 -44.25 4.36 -88.96
N LEU B 270 -44.92 4.97 -89.93
CA LEU B 270 -44.98 6.43 -89.99
C LEU B 270 -45.68 6.91 -88.72
N PRO B 271 -45.26 8.07 -88.18
CA PRO B 271 -44.22 8.96 -88.69
C PRO B 271 -42.78 8.57 -88.38
N GLY B 272 -42.59 7.38 -87.83
CA GLY B 272 -41.25 6.90 -87.51
C GLY B 272 -41.22 6.26 -86.13
N VAL B 273 -41.94 5.16 -85.99
CA VAL B 273 -42.04 4.45 -84.71
C VAL B 273 -41.64 2.98 -84.90
N LEU B 274 -40.66 2.54 -84.12
CA LEU B 274 -40.17 1.17 -84.20
C LEU B 274 -40.95 0.21 -83.31
N LYS B 275 -40.98 -1.05 -83.71
CA LYS B 275 -41.65 -2.10 -82.94
C LYS B 275 -40.76 -3.35 -83.04
N VAL B 276 -40.21 -3.77 -81.90
CA VAL B 276 -39.34 -4.95 -81.84
C VAL B 276 -40.14 -5.98 -81.09
N ASP B 277 -40.53 -7.06 -81.75
CA ASP B 277 -41.36 -8.06 -81.09
C ASP B 277 -40.79 -9.46 -81.23
N PRO B 278 -40.43 -10.09 -80.11
CA PRO B 278 -40.52 -9.51 -78.77
C PRO B 278 -39.15 -8.99 -78.35
N PHE B 279 -39.13 -8.07 -77.39
CA PHE B 279 -37.85 -7.51 -76.93
C PHE B 279 -38.13 -6.53 -75.78
N PRO B 280 -37.20 -6.42 -74.81
CA PRO B 280 -35.91 -7.09 -74.64
C PRO B 280 -36.00 -8.48 -74.04
N ASP B 281 -37.23 -8.97 -73.88
CA ASP B 281 -37.49 -10.29 -73.31
C ASP B 281 -38.67 -10.89 -74.10
N PRO B 282 -38.77 -12.23 -74.13
CA PRO B 282 -39.88 -12.86 -74.86
C PRO B 282 -41.25 -12.36 -74.38
N THR B 283 -41.34 -11.97 -73.11
CA THR B 283 -42.60 -11.51 -72.53
C THR B 283 -42.89 -10.04 -72.77
N LEU B 284 -42.08 -9.39 -73.60
CA LEU B 284 -42.27 -7.96 -73.84
C LEU B 284 -42.13 -7.55 -75.31
N ILE B 285 -42.66 -6.38 -75.62
CA ILE B 285 -42.55 -5.80 -76.95
C ILE B 285 -41.96 -4.40 -76.71
N GLN B 286 -40.98 -4.02 -77.53
CA GLN B 286 -40.34 -2.72 -77.38
C GLN B 286 -40.68 -1.75 -78.51
N TYR B 287 -41.13 -0.56 -78.13
CA TYR B 287 -41.48 0.47 -79.10
C TYR B 287 -40.48 1.60 -78.94
N GLU B 288 -40.15 2.27 -80.04
CA GLU B 288 -39.22 3.38 -79.99
C GLU B 288 -39.72 4.48 -80.88
N PHE B 289 -39.61 5.72 -80.38
CA PHE B 289 -39.99 6.90 -81.13
C PHE B 289 -38.74 7.77 -81.20
N TYR B 290 -38.65 8.58 -82.24
CA TYR B 290 -37.49 9.45 -82.42
C TYR B 290 -38.02 10.80 -82.86
N VAL B 291 -38.63 11.51 -81.93
CA VAL B 291 -39.23 12.81 -82.21
C VAL B 291 -38.21 13.91 -82.37
N PRO B 292 -38.23 14.59 -83.53
CA PRO B 292 -37.28 15.67 -83.79
C PRO B 292 -37.42 16.78 -82.75
N ILE B 293 -36.28 17.31 -82.32
CA ILE B 293 -36.26 18.40 -81.36
C ILE B 293 -35.86 19.59 -82.23
N SER B 294 -34.73 19.45 -82.89
CA SER B 294 -34.20 20.47 -83.80
C SER B 294 -33.72 19.70 -85.02
N GLU B 295 -32.92 20.35 -85.87
CA GLU B 295 -32.41 19.68 -87.06
C GLU B 295 -31.31 18.69 -86.72
N THR B 296 -30.71 18.83 -85.54
CA THR B 296 -29.61 17.97 -85.12
C THR B 296 -29.86 17.17 -83.84
N GLN B 297 -31.09 17.19 -83.35
CA GLN B 297 -31.39 16.49 -82.11
C GLN B 297 -32.77 15.85 -82.13
N HIS B 298 -32.94 14.81 -81.31
CA HIS B 298 -34.23 14.16 -81.23
C HIS B 298 -34.46 13.55 -79.85
N GLU B 299 -35.73 13.33 -79.53
CA GLU B 299 -36.09 12.76 -78.25
C GLU B 299 -36.34 11.28 -78.49
N TYR B 300 -35.53 10.45 -77.85
CA TYR B 300 -35.61 9.01 -77.99
C TYR B 300 -36.50 8.41 -76.92
N PHE B 301 -37.65 7.86 -77.32
CA PHE B 301 -38.58 7.22 -76.38
C PHE B 301 -38.44 5.71 -76.47
N GLN B 302 -38.40 5.04 -75.33
CA GLN B 302 -38.33 3.60 -75.29
C GLN B 302 -39.52 3.17 -74.44
N VAL B 303 -40.43 2.40 -75.02
CA VAL B 303 -41.61 1.95 -74.28
C VAL B 303 -41.79 0.44 -74.35
N LEU B 304 -41.90 -0.17 -73.18
CA LEU B 304 -42.06 -1.62 -73.10
C LEU B 304 -43.52 -1.98 -72.85
N GLN B 305 -44.00 -2.97 -73.60
CA GLN B 305 -45.37 -3.42 -73.50
C GLN B 305 -45.46 -4.85 -72.99
N ARG B 306 -46.23 -5.02 -71.92
CA ARG B 306 -46.44 -6.32 -71.30
C ARG B 306 -47.93 -6.66 -71.28
N LYS B 307 -48.27 -7.89 -71.63
CA LYS B 307 -49.66 -8.31 -71.61
C LYS B 307 -50.03 -8.52 -70.15
N VAL B 308 -51.18 -8.00 -69.72
CA VAL B 308 -51.61 -8.15 -68.33
C VAL B 308 -53.05 -8.61 -68.23
N GLU B 309 -53.36 -9.36 -67.18
CA GLU B 309 -54.70 -9.88 -66.97
C GLU B 309 -55.44 -9.13 -65.86
N GLY B 310 -54.73 -8.29 -65.14
CA GLY B 310 -55.35 -7.54 -64.06
C GLY B 310 -54.38 -6.62 -63.33
N PRO B 311 -54.83 -5.97 -62.25
CA PRO B 311 -54.00 -5.07 -61.46
C PRO B 311 -52.72 -5.70 -60.91
N GLU B 312 -52.77 -6.99 -60.59
CA GLU B 312 -51.59 -7.66 -60.08
C GLU B 312 -50.50 -7.77 -61.12
N ASP B 313 -50.87 -8.11 -62.35
CA ASP B 313 -49.87 -8.22 -63.41
C ASP B 313 -49.26 -6.85 -63.66
N VAL B 314 -50.09 -5.80 -63.61
CA VAL B 314 -49.61 -4.44 -63.82
C VAL B 314 -48.56 -4.12 -62.75
N LYS B 315 -48.91 -4.38 -61.50
CA LYS B 315 -48.01 -4.13 -60.38
C LYS B 315 -46.71 -4.93 -60.51
N THR B 316 -46.83 -6.16 -60.97
CA THR B 316 -45.65 -7.02 -61.14
C THR B 316 -44.76 -6.49 -62.25
N PHE B 317 -45.37 -5.96 -63.31
CA PHE B 317 -44.62 -5.39 -64.43
C PHE B 317 -43.88 -4.13 -63.95
N GLU B 318 -44.60 -3.24 -63.28
CA GLU B 318 -44.00 -2.00 -62.78
C GLU B 318 -42.78 -2.29 -61.91
N VAL B 319 -42.87 -3.32 -61.07
CA VAL B 319 -41.76 -3.69 -60.21
C VAL B 319 -40.58 -4.20 -61.04
N GLU B 320 -40.86 -5.09 -62.00
CA GLU B 320 -39.80 -5.62 -62.86
C GLU B 320 -39.11 -4.50 -63.63
N PHE B 321 -39.90 -3.54 -64.10
CA PHE B 321 -39.38 -2.41 -64.86
C PHE B 321 -38.37 -1.65 -64.01
N GLU B 322 -38.76 -1.34 -62.78
CA GLU B 322 -37.92 -0.59 -61.85
C GLU B 322 -36.65 -1.34 -61.42
N GLU B 323 -36.81 -2.63 -61.15
CA GLU B 323 -35.70 -3.46 -60.68
C GLU B 323 -34.85 -4.13 -61.76
N ARG B 324 -35.34 -4.18 -62.99
CA ARG B 324 -34.59 -4.88 -64.03
C ARG B 324 -34.66 -4.33 -65.46
N TRP B 325 -35.82 -4.46 -66.10
CA TRP B 325 -36.01 -4.03 -67.48
C TRP B 325 -35.41 -2.66 -67.83
N ARG B 326 -35.74 -1.63 -67.06
CA ARG B 326 -35.25 -0.29 -67.37
C ARG B 326 -33.74 -0.10 -67.43
N ASP B 327 -33.05 -0.42 -66.35
CA ASP B 327 -31.62 -0.24 -66.33
C ASP B 327 -30.82 -1.35 -67.00
N ASP B 328 -31.28 -2.59 -66.90
CA ASP B 328 -30.56 -3.71 -67.51
C ASP B 328 -30.71 -3.76 -69.03
N ALA B 329 -31.85 -3.30 -69.53
CA ALA B 329 -32.08 -3.32 -70.97
C ALA B 329 -32.17 -1.94 -71.63
N LEU B 330 -33.14 -1.13 -71.22
CA LEU B 330 -33.29 0.18 -71.84
C LEU B 330 -31.99 0.99 -71.79
N HIS B 331 -31.16 0.70 -70.80
CA HIS B 331 -29.86 1.35 -70.69
C HIS B 331 -28.76 0.33 -71.02
N GLY B 332 -28.74 -0.77 -70.26
CA GLY B 332 -27.74 -1.81 -70.46
C GLY B 332 -27.59 -2.30 -71.88
N PHE B 333 -28.69 -2.33 -72.63
CA PHE B 333 -28.62 -2.79 -74.00
C PHE B 333 -28.58 -1.63 -74.99
N ASN B 334 -29.53 -0.72 -74.86
CA ASN B 334 -29.66 0.42 -75.76
C ASN B 334 -28.78 1.66 -75.62
N ASP B 335 -28.08 1.84 -74.50
CA ASP B 335 -27.25 3.04 -74.35
C ASP B 335 -26.28 3.23 -75.51
N ASP B 336 -25.69 2.15 -76.01
CA ASP B 336 -24.75 2.24 -77.13
C ASP B 336 -25.37 2.80 -78.40
N ASP B 337 -26.68 2.63 -78.55
CA ASP B 337 -27.36 3.14 -79.73
C ASP B 337 -27.29 4.67 -79.78
N VAL B 338 -27.17 5.29 -78.60
CA VAL B 338 -27.10 6.74 -78.53
C VAL B 338 -25.83 7.28 -79.19
N TRP B 339 -24.66 6.84 -78.78
CA TRP B 339 -23.44 7.37 -79.42
C TRP B 339 -23.29 6.87 -80.84
N ALA B 340 -23.92 5.74 -81.16
CA ALA B 340 -23.84 5.23 -82.53
C ALA B 340 -24.55 6.19 -83.47
N ARG B 341 -25.68 6.72 -83.02
CA ARG B 341 -26.44 7.67 -83.82
C ARG B 341 -25.66 8.96 -83.97
N GLU B 342 -25.14 9.47 -82.86
CA GLU B 342 -24.38 10.71 -82.85
C GLU B 342 -23.09 10.63 -83.67
N ALA B 343 -22.55 9.41 -83.82
CA ALA B 343 -21.33 9.24 -84.59
C ALA B 343 -21.60 9.45 -86.09
N GLN B 344 -22.88 9.43 -86.47
CA GLN B 344 -23.29 9.60 -87.86
C GLN B 344 -23.71 11.04 -88.17
N GLN B 345 -23.99 11.82 -87.13
CA GLN B 345 -24.47 13.19 -87.29
C GLN B 345 -23.66 14.08 -88.24
N GLU B 346 -22.34 14.11 -88.07
CA GLU B 346 -21.51 14.95 -88.93
C GLU B 346 -21.61 14.51 -90.40
N PHE B 347 -21.45 13.23 -90.65
CA PHE B 347 -21.50 12.70 -92.00
C PHE B 347 -22.80 13.04 -92.72
N TYR B 348 -23.93 12.68 -92.11
CA TYR B 348 -25.23 12.94 -92.72
C TYR B 348 -25.74 14.37 -92.54
N GLY B 349 -25.38 14.98 -91.42
CA GLY B 349 -25.85 16.34 -91.14
C GLY B 349 -25.04 17.46 -91.77
N GLU B 350 -23.75 17.24 -91.96
CA GLU B 350 -22.87 18.26 -92.53
C GLU B 350 -22.23 17.90 -93.86
N ARG B 351 -21.83 16.64 -94.01
CA ARG B 351 -21.17 16.21 -95.24
C ARG B 351 -22.03 15.54 -96.29
N ASP B 352 -23.31 15.88 -96.31
CA ASP B 352 -24.22 15.31 -97.31
C ASP B 352 -24.12 13.79 -97.40
N GLY B 353 -24.06 13.13 -96.25
CA GLY B 353 -23.96 11.69 -96.23
C GLY B 353 -25.09 10.99 -96.96
N TRP B 354 -26.22 11.68 -97.13
CA TRP B 354 -27.36 11.07 -97.82
C TRP B 354 -27.03 10.69 -99.26
N SER B 355 -26.09 11.41 -99.86
CA SER B 355 -25.73 11.09 -101.25
C SER B 355 -24.38 10.39 -101.35
N LYS B 356 -23.68 10.20 -100.24
CA LYS B 356 -22.39 9.54 -100.28
C LYS B 356 -22.34 8.17 -99.63
N GLU B 357 -23.34 7.86 -98.81
CA GLU B 357 -23.42 6.56 -98.15
C GLU B 357 -23.35 5.46 -99.20
N GLN B 358 -22.88 4.29 -98.81
CA GLN B 358 -22.81 3.15 -99.72
C GLN B 358 -23.47 2.01 -98.96
N LEU B 359 -24.71 1.71 -99.32
CA LEU B 359 -25.48 0.68 -98.64
C LEU B 359 -25.23 -0.73 -99.17
N PHE B 360 -25.74 -1.72 -98.44
CA PHE B 360 -25.62 -3.11 -98.86
C PHE B 360 -26.97 -3.80 -98.63
N PRO B 361 -27.19 -4.98 -99.25
CA PRO B 361 -28.45 -5.72 -99.13
C PRO B 361 -29.34 -5.57 -97.89
N PRO B 362 -28.79 -5.79 -96.68
CA PRO B 362 -29.65 -5.65 -95.50
C PRO B 362 -30.29 -4.26 -95.33
N ASP B 363 -29.66 -3.23 -95.89
CA ASP B 363 -30.20 -1.88 -95.77
C ASP B 363 -31.46 -1.65 -96.60
N MET B 364 -31.84 -2.61 -97.43
CA MET B 364 -33.03 -2.42 -98.25
C MET B 364 -34.30 -2.14 -97.44
N CYS B 365 -34.38 -2.68 -96.22
CA CYS B 365 -35.57 -2.41 -95.43
C CYS B 365 -35.60 -0.92 -95.11
N ILE B 366 -34.43 -0.33 -94.91
CA ILE B 366 -34.33 1.09 -94.62
C ILE B 366 -34.70 1.88 -95.87
N VAL B 367 -34.27 1.39 -97.03
CA VAL B 367 -34.60 2.06 -98.28
C VAL B 367 -36.10 2.05 -98.50
N LYS B 368 -36.75 0.93 -98.18
CA LYS B 368 -38.20 0.83 -98.36
C LYS B 368 -38.90 1.82 -97.43
N TRP B 369 -38.36 1.96 -96.23
CA TRP B 369 -38.93 2.88 -95.25
C TRP B 369 -38.81 4.32 -95.73
N ARG B 370 -37.65 4.69 -96.28
CA ARG B 370 -37.43 6.04 -96.74
C ARG B 370 -38.36 6.36 -97.89
N THR B 371 -38.60 5.37 -98.75
CA THR B 371 -39.46 5.52 -99.90
C THR B 371 -40.92 5.69 -99.47
N LEU B 372 -41.36 4.84 -98.54
CA LEU B 372 -42.72 4.90 -98.05
C LEU B 372 -42.95 6.21 -97.29
N ALA B 373 -41.96 6.62 -96.51
CA ALA B 373 -42.05 7.85 -95.74
C ALA B 373 -42.11 9.07 -96.64
N SER B 374 -41.28 9.06 -97.69
CA SER B 374 -41.25 10.17 -98.63
C SER B 374 -42.58 10.28 -99.37
N GLU B 375 -43.20 9.16 -99.66
CA GLU B 375 -44.48 9.15 -100.38
C GLU B 375 -45.70 9.36 -99.50
N ARG B 376 -45.63 8.95 -98.24
CA ARG B 376 -46.80 9.05 -97.36
C ARG B 376 -46.75 10.02 -96.18
N GLY B 377 -45.58 10.56 -95.86
CA GLY B 377 -45.50 11.50 -94.75
C GLY B 377 -46.54 12.59 -95.02
N ARG B 378 -47.45 12.80 -94.09
CA ARG B 378 -48.52 13.79 -94.28
C ARG B 378 -48.06 15.23 -94.45
N GLY B 379 -46.92 15.58 -93.88
CA GLY B 379 -46.44 16.94 -93.99
C GLY B 379 -44.96 17.03 -93.75
N VAL B 380 -44.27 17.82 -94.57
CA VAL B 380 -42.83 17.98 -94.44
C VAL B 380 -42.46 19.27 -93.73
N ARG B 381 -41.58 19.14 -92.74
CA ARG B 381 -41.11 20.30 -92.01
C ARG B 381 -39.59 20.31 -92.18
N ALA B 382 -39.11 21.28 -92.96
CA ALA B 382 -37.68 21.39 -93.24
C ALA B 382 -36.95 22.27 -92.23
N SER C 16 -1.11 44.33 -103.37
CA SER C 16 -1.67 43.91 -102.05
C SER C 16 -1.28 42.47 -101.73
N ALA C 17 -1.94 41.90 -100.73
CA ALA C 17 -1.68 40.53 -100.31
C ALA C 17 -2.07 39.54 -101.40
N GLN C 18 -3.35 39.58 -101.78
CA GLN C 18 -3.90 38.69 -102.81
C GLN C 18 -3.19 38.80 -104.16
N VAL C 19 -2.11 39.58 -104.21
CA VAL C 19 -1.38 39.74 -105.47
C VAL C 19 0.06 39.23 -105.48
N LYS C 20 0.70 39.19 -104.32
CA LYS C 20 2.09 38.72 -104.27
C LYS C 20 2.19 37.28 -103.78
N TRP C 21 1.27 36.86 -102.92
CA TRP C 21 1.27 35.49 -102.41
C TRP C 21 -0.17 34.96 -102.33
N PRO C 22 -0.91 35.05 -103.43
CA PRO C 22 -2.30 34.60 -103.51
C PRO C 22 -2.55 33.13 -103.12
N ARG C 23 -1.70 32.22 -103.57
CA ARG C 23 -1.88 30.82 -103.24
C ARG C 23 -1.60 30.52 -101.77
N TYR C 24 -0.83 31.39 -101.12
CA TYR C 24 -0.53 31.22 -99.71
C TYR C 24 -1.78 31.62 -98.93
N LEU C 25 -2.46 32.65 -99.39
CA LEU C 25 -3.68 33.12 -98.74
C LEU C 25 -4.83 32.14 -98.95
N GLU C 26 -4.80 31.44 -100.08
CA GLU C 26 -5.83 30.46 -100.40
C GLU C 26 -5.66 29.17 -99.61
N ALA C 27 -4.42 28.84 -99.26
CA ALA C 27 -4.11 27.60 -98.55
C ALA C 27 -4.47 27.63 -97.06
N THR C 28 -5.71 28.00 -96.78
CA THR C 28 -6.20 28.07 -95.42
C THR C 28 -6.06 26.72 -94.71
N LEU C 29 -6.27 25.65 -95.46
CA LEU C 29 -6.19 24.30 -94.91
C LEU C 29 -4.85 23.63 -95.19
N GLY C 30 -3.87 24.42 -95.63
CA GLY C 30 -2.55 23.91 -95.89
C GLY C 30 -2.17 23.57 -97.32
N PHE C 31 -0.91 23.21 -97.52
CA PHE C 31 -0.42 22.83 -98.83
C PHE C 31 -0.41 21.31 -98.88
N ASP C 32 -1.17 20.73 -99.79
CA ASP C 32 -1.19 19.27 -99.88
C ASP C 32 -0.25 18.83 -101.00
N ASN C 33 -0.14 17.52 -101.19
CA ASN C 33 0.80 16.94 -102.15
C ASN C 33 2.17 17.18 -101.56
N HIS C 34 2.25 16.99 -100.24
CA HIS C 34 3.47 17.14 -99.46
C HIS C 34 3.39 16.15 -98.29
N TRP C 35 4.53 15.80 -97.73
CA TRP C 35 4.55 14.91 -96.57
C TRP C 35 4.31 15.80 -95.35
N HIS C 36 3.63 15.27 -94.34
CA HIS C 36 3.37 16.00 -93.10
C HIS C 36 3.44 15.03 -91.94
N PRO C 37 4.00 15.44 -90.80
CA PRO C 37 4.08 14.53 -89.65
C PRO C 37 2.70 14.34 -89.05
N ALA C 38 2.39 13.14 -88.58
CA ALA C 38 1.10 12.85 -87.97
C ALA C 38 1.23 12.50 -86.51
N ALA C 39 2.32 11.82 -86.17
CA ALA C 39 2.53 11.39 -84.80
C ALA C 39 3.96 10.89 -84.67
N PHE C 40 4.31 10.44 -83.47
CA PHE C 40 5.63 9.90 -83.24
C PHE C 40 5.51 8.39 -83.28
N ASP C 41 6.52 7.74 -83.86
CA ASP C 41 6.55 6.31 -83.99
C ASP C 41 6.25 5.57 -82.69
N HIS C 42 6.82 6.04 -81.59
CA HIS C 42 6.61 5.39 -80.30
C HIS C 42 5.19 5.47 -79.75
N GLU C 43 4.32 6.22 -80.42
CA GLU C 43 2.93 6.33 -79.97
C GLU C 43 2.15 5.10 -80.43
N LEU C 44 2.73 4.34 -81.34
CA LEU C 44 2.06 3.16 -81.88
C LEU C 44 2.73 1.83 -81.64
N ALA C 45 2.12 1.03 -80.78
CA ALA C 45 2.63 -0.30 -80.50
C ALA C 45 1.82 -1.21 -81.44
N GLU C 46 2.28 -2.43 -81.64
CA GLU C 46 1.58 -3.36 -82.52
C GLU C 46 0.10 -3.45 -82.13
N GLY C 47 -0.79 -3.26 -83.10
CA GLY C 47 -2.21 -3.34 -82.82
C GLY C 47 -2.86 -2.13 -82.17
N GLU C 48 -2.06 -1.13 -81.83
CA GLU C 48 -2.59 0.08 -81.20
C GLU C 48 -3.13 1.06 -82.25
N PHE C 49 -4.08 1.91 -81.85
CA PHE C 49 -4.66 2.88 -82.76
C PHE C 49 -4.44 4.32 -82.30
N VAL C 50 -4.24 5.21 -83.27
CA VAL C 50 -4.05 6.63 -83.00
C VAL C 50 -4.80 7.40 -84.07
N ALA C 51 -5.73 8.24 -83.64
CA ALA C 51 -6.51 9.03 -84.57
C ALA C 51 -5.95 10.44 -84.72
N VAL C 52 -5.82 10.91 -85.96
CA VAL C 52 -5.30 12.24 -86.20
C VAL C 52 -6.13 12.92 -87.29
N THR C 53 -6.07 14.25 -87.33
CA THR C 53 -6.79 15.01 -88.33
C THR C 53 -5.73 15.86 -89.02
N MET C 54 -5.58 15.66 -90.32
CA MET C 54 -4.58 16.39 -91.08
C MET C 54 -5.18 17.09 -92.27
N LEU C 55 -4.96 18.40 -92.36
CA LEU C 55 -5.49 19.18 -93.47
C LEU C 55 -6.97 18.90 -93.73
N GLY C 56 -7.74 18.83 -92.65
CA GLY C 56 -9.17 18.58 -92.75
C GLY C 56 -9.56 17.11 -92.87
N GLU C 57 -8.60 16.22 -93.06
CA GLU C 57 -8.89 14.80 -93.19
C GLU C 57 -8.65 13.99 -91.93
N LYS C 58 -9.64 13.20 -91.53
CA LYS C 58 -9.52 12.37 -90.34
C LYS C 58 -8.80 11.09 -90.79
N VAL C 59 -7.70 10.78 -90.13
CA VAL C 59 -6.91 9.62 -90.46
C VAL C 59 -6.76 8.71 -89.25
N LEU C 60 -6.73 7.40 -89.50
CA LEU C 60 -6.55 6.43 -88.43
C LEU C 60 -5.22 5.73 -88.63
N LEU C 61 -4.37 5.75 -87.62
CA LEU C 61 -3.08 5.11 -87.72
C LEU C 61 -3.04 3.88 -86.83
N THR C 62 -2.29 2.87 -87.26
CA THR C 62 -2.12 1.67 -86.46
C THR C 62 -0.84 0.99 -86.90
N ARG C 63 -0.39 0.00 -86.15
CA ARG C 63 0.80 -0.75 -86.53
C ARG C 63 0.34 -2.18 -86.79
N ALA C 64 0.55 -2.65 -88.01
CA ALA C 64 0.16 -4.01 -88.41
C ALA C 64 1.39 -4.75 -88.93
N LYS C 65 1.75 -5.83 -88.25
CA LYS C 65 2.92 -6.63 -88.61
C LYS C 65 4.17 -5.75 -88.56
N GLY C 66 4.23 -4.88 -87.55
CA GLY C 66 5.37 -4.02 -87.38
C GLY C 66 5.39 -2.75 -88.21
N GLU C 67 4.46 -2.60 -89.15
CA GLU C 67 4.44 -1.40 -89.99
C GLU C 67 3.27 -0.47 -89.71
N VAL C 68 3.55 0.82 -89.68
CA VAL C 68 2.54 1.82 -89.44
C VAL C 68 1.71 2.00 -90.71
N LYS C 69 0.40 1.94 -90.57
CA LYS C 69 -0.49 2.09 -91.71
C LYS C 69 -1.43 3.27 -91.46
N ALA C 70 -1.81 3.95 -92.53
CA ALA C 70 -2.71 5.08 -92.43
C ALA C 70 -3.91 4.87 -93.35
N ILE C 71 -5.10 4.90 -92.77
CA ILE C 71 -6.32 4.71 -93.54
C ILE C 71 -7.34 5.79 -93.14
N ALA C 72 -8.24 6.14 -94.04
CA ALA C 72 -9.25 7.14 -93.73
C ALA C 72 -10.08 6.69 -92.53
N ASP C 73 -10.26 7.59 -91.57
CA ASP C 73 -11.02 7.30 -90.37
C ASP C 73 -12.50 7.58 -90.63
N GLY C 74 -13.05 6.84 -91.58
CA GLY C 74 -14.43 6.98 -91.97
C GLY C 74 -14.87 5.78 -92.78
N CYS C 75 -15.91 5.11 -92.30
CA CYS C 75 -16.43 3.92 -92.98
C CYS C 75 -17.17 4.29 -94.26
N ALA C 76 -17.01 3.48 -95.30
CA ALA C 76 -17.69 3.72 -96.56
C ALA C 76 -19.20 3.51 -96.44
N HIS C 77 -19.61 2.69 -95.47
CA HIS C 77 -21.03 2.38 -95.29
C HIS C 77 -21.87 3.59 -94.88
N ARG C 78 -21.81 3.96 -93.61
CA ARG C 78 -22.59 5.10 -93.14
C ARG C 78 -21.69 6.22 -92.60
N GLY C 79 -20.45 6.23 -93.08
CA GLY C 79 -19.51 7.28 -92.71
C GLY C 79 -18.98 7.45 -91.30
N VAL C 80 -19.31 6.55 -90.37
CA VAL C 80 -18.80 6.71 -89.01
C VAL C 80 -17.29 6.53 -88.93
N PRO C 81 -16.65 7.19 -87.95
CA PRO C 81 -15.20 7.05 -87.82
C PRO C 81 -14.89 5.78 -87.02
N PHE C 82 -13.88 5.04 -87.45
CA PHE C 82 -13.50 3.81 -86.74
C PHE C 82 -12.99 4.16 -85.36
N SER C 83 -12.36 5.32 -85.23
CA SER C 83 -11.79 5.75 -83.97
C SER C 83 -12.79 5.79 -82.81
N LYS C 84 -14.09 5.83 -83.12
CA LYS C 84 -15.09 5.79 -82.05
C LYS C 84 -14.89 4.50 -81.25
N GLU C 85 -14.51 3.43 -81.94
CA GLU C 85 -14.29 2.13 -81.31
C GLU C 85 -13.54 1.28 -82.33
N PRO C 86 -12.24 1.53 -82.49
CA PRO C 86 -11.39 0.82 -83.45
C PRO C 86 -11.27 -0.68 -83.17
N LEU C 87 -11.52 -1.48 -84.19
CA LEU C 87 -11.45 -2.93 -84.05
C LEU C 87 -10.53 -3.58 -85.06
N CYS C 88 -9.81 -4.61 -84.63
CA CYS C 88 -8.92 -5.35 -85.50
C CYS C 88 -9.00 -6.82 -85.11
N PHE C 89 -9.45 -7.66 -86.04
CA PHE C 89 -9.56 -9.08 -85.75
C PHE C 89 -8.51 -9.88 -86.50
N LYS C 90 -7.75 -9.17 -87.35
CA LYS C 90 -6.70 -9.78 -88.13
C LYS C 90 -5.70 -8.67 -88.49
N ALA C 91 -4.46 -8.83 -88.06
CA ALA C 91 -3.44 -7.83 -88.35
C ALA C 91 -3.43 -7.55 -89.85
N GLY C 92 -3.50 -6.27 -90.21
CA GLY C 92 -3.51 -5.90 -91.61
C GLY C 92 -4.89 -5.47 -92.08
N THR C 93 -5.86 -5.52 -91.16
CA THR C 93 -7.21 -5.10 -91.49
C THR C 93 -7.76 -4.26 -90.35
N VAL C 94 -8.87 -3.60 -90.63
CA VAL C 94 -9.56 -2.83 -89.63
C VAL C 94 -11.04 -3.14 -89.86
N SER C 95 -11.78 -3.31 -88.77
CA SER C 95 -13.20 -3.62 -88.88
C SER C 95 -14.04 -2.53 -88.24
N CYS C 96 -15.05 -2.07 -88.97
CA CYS C 96 -15.93 -1.03 -88.44
C CYS C 96 -16.72 -1.60 -87.26
N TRP C 97 -16.89 -0.81 -86.22
CA TRP C 97 -17.62 -1.23 -85.04
C TRP C 97 -19.13 -1.29 -85.22
N TYR C 98 -19.63 -0.69 -86.31
CA TYR C 98 -21.06 -0.64 -86.52
C TYR C 98 -21.70 -1.86 -87.18
N HIS C 99 -21.32 -2.16 -88.43
CA HIS C 99 -21.88 -3.33 -89.11
C HIS C 99 -20.79 -4.32 -89.52
N GLY C 100 -19.59 -4.13 -88.97
CA GLY C 100 -18.50 -5.04 -89.27
C GLY C 100 -17.82 -4.99 -90.62
N TRP C 101 -18.01 -3.92 -91.39
CA TRP C 101 -17.31 -3.83 -92.67
C TRP C 101 -15.82 -3.86 -92.34
N THR C 102 -15.08 -4.71 -93.03
CA THR C 102 -13.65 -4.88 -92.77
C THR C 102 -12.80 -4.49 -93.97
N TYR C 103 -11.77 -3.70 -93.72
CA TYR C 103 -10.91 -3.22 -94.79
C TYR C 103 -9.47 -3.67 -94.72
N ASP C 104 -8.88 -3.86 -95.90
CA ASP C 104 -7.49 -4.26 -96.05
C ASP C 104 -6.69 -2.96 -95.93
N LEU C 105 -5.77 -2.91 -94.97
CA LEU C 105 -4.99 -1.68 -94.79
C LEU C 105 -4.04 -1.35 -95.94
N ASP C 106 -3.59 -2.36 -96.68
CA ASP C 106 -2.67 -2.11 -97.79
C ASP C 106 -3.28 -1.35 -98.96
N ASP C 107 -4.56 -1.61 -99.24
CA ASP C 107 -5.20 -0.93 -100.37
C ASP C 107 -6.54 -0.29 -100.04
N GLY C 108 -6.98 -0.43 -98.79
CA GLY C 108 -8.25 0.18 -98.38
C GLY C 108 -9.52 -0.46 -98.90
N ARG C 109 -9.38 -1.58 -99.59
CA ARG C 109 -10.53 -2.27 -100.15
C ARG C 109 -11.36 -3.03 -99.10
N LEU C 110 -12.67 -3.08 -99.32
CA LEU C 110 -13.57 -3.82 -98.43
C LEU C 110 -13.32 -5.30 -98.74
N VAL C 111 -12.81 -6.06 -97.79
CA VAL C 111 -12.54 -7.48 -98.03
C VAL C 111 -13.47 -8.41 -97.29
N ASP C 112 -14.35 -7.85 -96.47
CA ASP C 112 -15.29 -8.68 -95.73
C ASP C 112 -16.33 -7.88 -94.98
N VAL C 113 -17.36 -8.58 -94.54
CA VAL C 113 -18.44 -7.98 -93.76
C VAL C 113 -18.83 -9.02 -92.72
N LEU C 114 -18.36 -8.79 -91.50
CA LEU C 114 -18.60 -9.69 -90.38
C LEU C 114 -20.05 -10.04 -90.12
N THR C 115 -20.97 -9.14 -90.47
CA THR C 115 -22.40 -9.37 -90.24
C THR C 115 -23.10 -9.96 -91.47
N SER C 116 -22.36 -10.15 -92.55
CA SER C 116 -22.97 -10.69 -93.76
C SER C 116 -21.91 -11.33 -94.64
N PRO C 117 -21.41 -12.51 -94.25
CA PRO C 117 -20.38 -13.19 -95.03
C PRO C 117 -20.77 -13.38 -96.50
N GLY C 118 -19.83 -13.12 -97.40
CA GLY C 118 -20.10 -13.28 -98.81
C GLY C 118 -21.00 -12.21 -99.41
N SER C 119 -21.22 -11.13 -98.67
CA SER C 119 -22.06 -10.05 -99.17
C SER C 119 -21.52 -9.58 -100.52
N PRO C 120 -22.43 -9.29 -101.47
CA PRO C 120 -22.02 -8.85 -102.80
C PRO C 120 -21.29 -7.51 -102.91
N VAL C 121 -21.19 -6.75 -101.82
CA VAL C 121 -20.47 -5.47 -101.89
C VAL C 121 -18.98 -5.68 -101.67
N ILE C 122 -18.62 -6.86 -101.18
CA ILE C 122 -17.21 -7.18 -100.92
C ILE C 122 -16.43 -7.09 -102.22
N GLY C 123 -15.31 -6.39 -102.20
CA GLY C 123 -14.50 -6.24 -103.40
C GLY C 123 -14.99 -5.16 -104.35
N LYS C 124 -16.12 -4.53 -104.04
CA LYS C 124 -16.66 -3.49 -104.90
C LYS C 124 -16.59 -2.11 -104.24
N ILE C 125 -16.02 -2.07 -103.04
CA ILE C 125 -15.92 -0.82 -102.29
C ILE C 125 -14.56 -0.65 -101.64
N GLY C 126 -14.17 0.60 -101.45
CA GLY C 126 -12.89 0.89 -100.82
C GLY C 126 -12.82 2.30 -100.26
N ILE C 127 -11.88 2.52 -99.34
CA ILE C 127 -11.69 3.84 -98.78
C ILE C 127 -10.22 4.19 -98.99
N LYS C 128 -9.87 5.44 -98.75
CA LYS C 128 -8.49 5.84 -98.97
C LYS C 128 -7.48 5.41 -97.91
N VAL C 129 -6.30 5.04 -98.39
CA VAL C 129 -5.18 4.69 -97.52
C VAL C 129 -4.11 5.70 -97.93
N TYR C 130 -3.23 6.05 -97.00
CA TYR C 130 -2.20 7.04 -97.30
C TYR C 130 -0.78 6.50 -97.27
N PRO C 131 0.11 7.04 -98.12
CA PRO C 131 1.48 6.53 -98.08
C PRO C 131 2.05 6.98 -96.73
N VAL C 132 2.81 6.10 -96.08
CA VAL C 132 3.40 6.42 -94.79
C VAL C 132 4.91 6.15 -94.80
N GLN C 133 5.67 7.01 -94.15
CA GLN C 133 7.09 6.79 -94.02
C GLN C 133 7.51 7.27 -92.65
N VAL C 134 8.17 6.40 -91.91
CA VAL C 134 8.64 6.73 -90.58
C VAL C 134 10.12 7.07 -90.69
N ALA C 135 10.50 8.23 -90.19
CA ALA C 135 11.89 8.66 -90.24
C ALA C 135 12.23 9.46 -89.00
N GLN C 136 13.38 9.14 -88.40
CA GLN C 136 13.83 9.83 -87.20
C GLN C 136 12.77 9.78 -86.10
N GLY C 137 12.10 8.64 -85.99
CA GLY C 137 11.08 8.47 -84.96
C GLY C 137 9.77 9.21 -85.21
N VAL C 138 9.64 9.82 -86.39
CA VAL C 138 8.42 10.55 -86.70
C VAL C 138 7.62 9.87 -87.83
N VAL C 139 6.32 9.75 -87.62
CA VAL C 139 5.45 9.14 -88.62
C VAL C 139 4.96 10.23 -89.57
N PHE C 140 5.36 10.11 -90.84
CA PHE C 140 4.96 11.07 -91.87
C PHE C 140 3.90 10.44 -92.76
N VAL C 141 2.92 11.25 -93.17
CA VAL C 141 1.85 10.78 -94.03
C VAL C 141 1.77 11.70 -95.25
N PHE C 142 1.60 11.12 -96.44
CA PHE C 142 1.52 11.91 -97.65
C PHE C 142 0.06 12.27 -97.93
N ILE C 143 -0.24 13.57 -97.90
CA ILE C 143 -1.59 14.08 -98.14
C ILE C 143 -1.68 14.69 -99.54
N GLY C 144 -2.68 14.30 -100.30
CA GLY C 144 -2.84 14.84 -101.64
C GLY C 144 -3.19 13.76 -102.65
N ASP C 145 -3.60 14.16 -103.85
CA ASP C 145 -3.96 13.20 -104.90
C ASP C 145 -2.75 12.67 -105.66
N GLU C 146 -1.68 13.46 -105.72
CA GLU C 146 -0.48 13.04 -106.44
C GLU C 146 0.21 11.84 -105.83
N GLU C 147 1.09 11.23 -106.60
CA GLU C 147 1.86 10.10 -106.11
C GLU C 147 2.94 10.76 -105.25
N PRO C 148 3.32 10.11 -104.15
CA PRO C 148 4.34 10.70 -103.28
C PRO C 148 5.72 10.85 -103.91
N HIS C 149 6.41 11.92 -103.53
CA HIS C 149 7.76 12.17 -103.99
C HIS C 149 8.63 11.85 -102.78
N ALA C 150 9.95 11.99 -102.91
CA ALA C 150 10.86 11.70 -101.82
C ALA C 150 10.57 12.55 -100.58
N LEU C 151 10.53 11.91 -99.42
CA LEU C 151 10.27 12.59 -98.16
C LEU C 151 11.20 13.78 -97.92
N SER C 152 12.48 13.58 -98.24
CA SER C 152 13.50 14.60 -98.05
C SER C 152 13.20 15.94 -98.72
N GLU C 153 12.28 15.94 -99.67
CA GLU C 153 11.95 17.17 -100.36
C GLU C 153 11.05 18.07 -99.52
N ASP C 154 10.46 17.49 -98.47
CA ASP C 154 9.57 18.23 -97.59
C ASP C 154 10.12 18.42 -96.18
N LEU C 155 11.45 18.35 -96.05
CA LEU C 155 12.10 18.52 -94.76
C LEU C 155 13.29 19.46 -94.87
N PRO C 156 13.59 20.19 -93.79
CA PRO C 156 14.73 21.11 -93.84
C PRO C 156 16.00 20.29 -93.99
N PRO C 157 17.06 20.86 -94.57
CA PRO C 157 18.30 20.10 -94.71
C PRO C 157 18.82 19.72 -93.32
N GLY C 158 19.38 18.52 -93.20
CA GLY C 158 19.92 18.08 -91.92
C GLY C 158 18.99 17.25 -91.05
N PHE C 159 17.68 17.35 -91.27
CA PHE C 159 16.72 16.59 -90.48
C PHE C 159 16.97 15.09 -90.54
N LEU C 160 17.27 14.60 -91.73
CA LEU C 160 17.50 13.17 -91.92
C LEU C 160 18.93 12.70 -91.65
N ASP C 161 19.76 13.53 -91.04
CA ASP C 161 21.15 13.14 -90.75
C ASP C 161 21.17 11.82 -89.99
N GLU C 162 21.91 10.88 -90.55
CA GLU C 162 22.04 9.53 -89.98
C GLU C 162 22.82 9.47 -88.68
N ASP C 163 23.68 10.45 -88.44
CA ASP C 163 24.50 10.47 -87.24
C ASP C 163 23.84 11.26 -86.10
N THR C 164 22.52 11.32 -86.13
CA THR C 164 21.78 12.05 -85.09
C THR C 164 20.59 11.23 -84.59
N HIS C 165 19.99 11.69 -83.51
CA HIS C 165 18.82 11.06 -82.94
C HIS C 165 17.85 12.20 -82.64
N LEU C 166 16.56 11.93 -82.81
CA LEU C 166 15.55 12.96 -82.58
C LEU C 166 14.51 12.55 -81.56
N LEU C 167 14.01 13.55 -80.84
CA LEU C 167 12.99 13.35 -79.82
C LEU C 167 12.12 14.60 -79.82
N GLY C 168 10.80 14.41 -79.79
CA GLY C 168 9.92 15.55 -79.79
C GLY C 168 8.56 15.28 -79.19
N ILE C 169 7.68 16.28 -79.29
CA ILE C 169 6.32 16.18 -78.80
C ILE C 169 5.44 16.97 -79.75
N ARG C 170 4.14 16.77 -79.64
CA ARG C 170 3.19 17.49 -80.48
C ARG C 170 2.03 17.91 -79.59
N ARG C 171 1.34 18.97 -79.99
CA ARG C 171 0.18 19.45 -79.24
C ARG C 171 -0.69 20.22 -80.21
N THR C 172 -1.94 20.43 -79.83
CA THR C 172 -2.90 21.16 -80.64
C THR C 172 -2.87 22.64 -80.26
N VAL C 173 -2.92 23.50 -81.27
CA VAL C 173 -2.91 24.95 -81.06
C VAL C 173 -4.13 25.52 -81.78
N GLN C 174 -4.84 26.43 -81.11
CA GLN C 174 -6.05 27.01 -81.67
C GLN C 174 -5.83 28.23 -82.57
N SER C 175 -5.14 28.02 -83.70
CA SER C 175 -4.93 29.10 -84.66
C SER C 175 -4.66 28.45 -86.00
N ASN C 176 -4.85 29.23 -87.06
CA ASN C 176 -4.58 28.73 -88.39
C ASN C 176 -3.08 28.39 -88.39
N TRP C 177 -2.70 27.38 -89.18
CA TRP C 177 -1.31 26.94 -89.23
C TRP C 177 -0.31 28.00 -89.68
N ARG C 178 -0.73 28.89 -90.57
CA ARG C 178 0.17 29.94 -91.06
C ARG C 178 0.61 30.86 -89.92
N LEU C 179 -0.23 31.03 -88.91
CA LEU C 179 0.12 31.87 -87.78
C LEU C 179 1.18 31.16 -86.94
N GLY C 180 1.21 29.84 -87.00
CA GLY C 180 2.21 29.09 -86.27
C GLY C 180 3.56 29.21 -86.97
N VAL C 181 3.56 29.00 -88.28
CA VAL C 181 4.77 29.09 -89.08
C VAL C 181 5.41 30.47 -88.94
N GLU C 182 4.59 31.50 -89.08
CA GLU C 182 5.04 32.88 -89.00
C GLU C 182 5.45 33.31 -87.59
N ASN C 183 5.03 32.56 -86.58
CA ASN C 183 5.39 32.85 -85.20
C ASN C 183 6.74 32.18 -84.93
N GLY C 184 7.01 31.11 -85.68
CA GLY C 184 8.27 30.41 -85.53
C GLY C 184 9.37 31.12 -86.30
N PHE C 185 9.05 31.57 -87.50
CA PHE C 185 10.00 32.25 -88.39
C PHE C 185 9.89 33.76 -88.23
N ASP C 186 9.97 34.25 -87.00
CA ASP C 186 9.85 35.68 -86.71
C ASP C 186 11.04 36.07 -85.84
N THR C 187 11.92 36.92 -86.35
CA THR C 187 13.12 37.28 -85.62
C THR C 187 13.03 38.35 -84.52
N THR C 188 11.88 39.01 -84.39
CA THR C 188 11.74 40.01 -83.35
C THR C 188 10.67 39.67 -82.31
N HIS C 189 9.92 38.59 -82.54
CA HIS C 189 8.89 38.21 -81.58
C HIS C 189 9.53 37.66 -80.30
N ILE C 190 10.81 37.30 -80.38
CA ILE C 190 11.50 36.73 -79.23
C ILE C 190 11.50 37.63 -78.01
N PHE C 191 11.08 38.88 -78.23
CA PHE C 191 10.95 39.86 -77.15
C PHE C 191 10.07 39.25 -76.06
N MET C 192 8.98 38.60 -76.48
CA MET C 192 8.03 38.00 -75.54
C MET C 192 8.55 36.82 -74.72
N HIS C 193 9.73 36.31 -75.07
CA HIS C 193 10.32 35.17 -74.34
C HIS C 193 11.36 35.60 -73.31
N ARG C 194 11.65 36.90 -73.25
CA ARG C 194 12.67 37.43 -72.37
C ARG C 194 12.61 36.98 -70.90
N ASN C 195 11.42 36.68 -70.42
CA ASN C 195 11.25 36.27 -69.03
C ASN C 195 11.10 34.78 -68.82
N SER C 196 11.23 34.00 -69.89
CA SER C 196 11.13 32.55 -69.76
C SER C 196 12.24 32.06 -68.85
N PRO C 197 11.92 31.19 -67.88
CA PRO C 197 12.93 30.65 -66.97
C PRO C 197 14.07 29.93 -67.68
N TRP C 198 13.87 29.57 -68.94
CA TRP C 198 14.89 28.88 -69.72
C TRP C 198 16.04 29.83 -70.06
N VAL C 199 15.76 31.12 -70.18
CA VAL C 199 16.80 32.08 -70.52
C VAL C 199 17.93 32.01 -69.50
N SER C 200 17.61 32.17 -68.22
CA SER C 200 18.66 32.07 -67.21
C SER C 200 18.88 30.60 -66.90
N GLY C 201 17.84 29.80 -67.06
CA GLY C 201 17.95 28.38 -66.80
C GLY C 201 19.08 27.73 -67.57
N ASN C 202 19.31 28.17 -68.81
CA ASN C 202 20.38 27.59 -69.61
C ASN C 202 21.46 28.64 -69.91
N ARG C 203 21.55 29.65 -69.05
CA ARG C 203 22.56 30.70 -69.20
C ARG C 203 22.68 31.25 -70.60
N LEU C 204 21.56 31.56 -71.22
CA LEU C 204 21.58 32.05 -72.59
C LEU C 204 21.83 33.55 -72.71
N ALA C 205 22.58 33.91 -73.75
CA ALA C 205 22.82 35.31 -74.05
C ALA C 205 21.67 35.44 -75.04
N PHE C 206 20.53 35.93 -74.57
CA PHE C 206 19.36 36.00 -75.43
C PHE C 206 18.87 37.41 -75.66
N PRO C 207 18.91 37.88 -76.92
CA PRO C 207 18.48 39.23 -77.26
C PRO C 207 16.97 39.38 -77.32
N TYR C 208 16.51 40.63 -77.42
CA TYR C 208 15.09 40.93 -77.52
C TYR C 208 14.64 40.81 -78.97
N GLY C 209 15.61 40.76 -79.89
CA GLY C 209 15.28 40.64 -81.29
C GLY C 209 16.50 40.67 -82.20
N PHE C 210 16.30 40.28 -83.46
CA PHE C 210 17.37 40.30 -84.45
C PHE C 210 16.90 41.17 -85.60
N VAL C 211 17.66 42.20 -85.92
CA VAL C 211 17.30 43.11 -87.01
C VAL C 211 18.26 42.91 -88.18
N PRO C 212 17.73 42.72 -89.41
CA PRO C 212 18.56 42.53 -90.60
C PRO C 212 19.58 43.67 -90.72
N ALA C 213 20.85 43.32 -90.89
CA ALA C 213 21.90 44.32 -90.98
C ALA C 213 22.38 44.64 -92.39
N ASP C 214 22.05 43.77 -93.35
CA ASP C 214 22.45 43.96 -94.74
C ASP C 214 21.53 43.18 -95.66
N ARG C 215 21.78 43.25 -96.96
CA ARG C 215 20.95 42.57 -97.95
C ARG C 215 21.14 41.05 -98.05
N ASP C 216 22.17 40.50 -97.40
CA ASP C 216 22.39 39.06 -97.43
C ASP C 216 21.89 38.41 -96.16
N ALA C 217 21.10 39.15 -95.39
CA ALA C 217 20.56 38.64 -94.14
C ALA C 217 19.67 37.43 -94.39
N MET C 218 18.92 37.49 -95.48
CA MET C 218 18.00 36.41 -95.84
C MET C 218 18.34 35.82 -97.20
N GLN C 219 18.27 34.49 -97.28
CA GLN C 219 18.56 33.81 -98.53
C GLN C 219 17.44 32.84 -98.88
N VAL C 220 16.95 32.95 -100.11
CA VAL C 220 15.89 32.09 -100.59
C VAL C 220 16.49 30.91 -101.35
N TYR C 221 16.14 29.69 -100.94
CA TYR C 221 16.61 28.49 -101.62
C TYR C 221 15.44 27.99 -102.46
N ASP C 222 15.51 28.25 -103.76
CA ASP C 222 14.43 27.84 -104.66
C ASP C 222 14.97 27.08 -105.87
N GLU C 223 15.93 26.20 -105.63
CA GLU C 223 16.50 25.40 -106.71
C GLU C 223 16.39 23.93 -106.33
N ASN C 224 15.41 23.25 -106.91
CA ASN C 224 15.18 21.84 -106.59
C ASN C 224 14.55 21.85 -105.20
N TRP C 225 14.64 20.72 -104.50
CA TRP C 225 14.07 20.63 -103.17
C TRP C 225 15.11 20.15 -102.17
N PRO C 226 14.96 20.49 -100.89
CA PRO C 226 13.87 21.30 -100.31
C PRO C 226 13.99 22.80 -100.64
N LYS C 227 12.87 23.52 -100.51
CA LYS C 227 12.85 24.94 -100.77
C LYS C 227 12.50 25.70 -99.51
N GLY C 228 13.19 26.81 -99.26
CA GLY C 228 12.91 27.60 -98.08
C GLY C 228 13.64 28.93 -98.01
N VAL C 229 13.55 29.57 -96.84
CA VAL C 229 14.18 30.85 -96.61
C VAL C 229 15.07 30.73 -95.37
N LEU C 230 16.29 31.26 -95.46
CA LEU C 230 17.23 31.20 -94.34
C LEU C 230 17.63 32.57 -93.82
N ASP C 231 17.56 32.76 -92.50
CA ASP C 231 17.97 34.01 -91.87
C ASP C 231 19.34 33.77 -91.25
N ARG C 232 20.36 34.47 -91.73
CA ARG C 232 21.71 34.31 -91.20
C ARG C 232 21.88 35.22 -90.00
N LEU C 233 21.22 34.85 -88.90
CA LEU C 233 21.25 35.65 -87.69
C LEU C 233 22.62 35.98 -87.10
N SER C 234 23.52 35.00 -87.05
CA SER C 234 24.84 35.21 -86.47
C SER C 234 25.82 36.05 -87.27
N GLU C 235 25.57 36.26 -88.56
CA GLU C 235 26.51 37.05 -89.33
C GLU C 235 25.91 38.18 -90.15
N ASN C 236 24.60 38.19 -90.34
CA ASN C 236 24.02 39.27 -91.13
C ASN C 236 22.89 40.01 -90.44
N TYR C 237 22.81 39.84 -89.12
CA TYR C 237 21.79 40.51 -88.32
C TYR C 237 22.41 41.21 -87.13
N MET C 238 21.67 42.15 -86.58
CA MET C 238 22.11 42.88 -85.40
C MET C 238 21.19 42.45 -84.27
N PRO C 239 21.77 41.89 -83.20
CA PRO C 239 20.93 41.47 -82.07
C PRO C 239 20.70 42.66 -81.14
N VAL C 240 19.49 42.77 -80.60
CA VAL C 240 19.16 43.86 -79.69
C VAL C 240 19.07 43.33 -78.25
N PHE C 241 20.04 43.70 -77.41
CA PHE C 241 20.09 43.24 -76.03
C PHE C 241 19.62 44.31 -75.06
N GLU C 242 19.18 45.43 -75.59
CA GLU C 242 18.74 46.55 -74.78
C GLU C 242 17.49 47.18 -75.40
N ALA C 243 16.49 47.46 -74.57
CA ALA C 243 15.27 48.09 -75.07
C ALA C 243 15.25 49.52 -74.56
N THR C 244 15.08 50.48 -75.46
CA THR C 244 15.06 51.88 -75.06
C THR C 244 13.77 52.57 -75.49
N LEU C 245 13.35 53.55 -74.70
CA LEU C 245 12.12 54.27 -74.98
C LEU C 245 12.33 55.74 -74.59
N ASP C 246 12.07 56.65 -75.52
CA ASP C 246 12.25 58.07 -75.26
C ASP C 246 13.66 58.37 -74.75
N GLY C 247 14.64 57.64 -75.28
CA GLY C 247 16.02 57.86 -74.89
C GLY C 247 16.46 57.20 -73.59
N GLU C 248 15.56 56.46 -72.94
CA GLU C 248 15.91 55.80 -71.70
C GLU C 248 15.92 54.29 -71.87
N THR C 249 16.91 53.64 -71.27
CA THR C 249 17.01 52.19 -71.33
C THR C 249 16.01 51.64 -70.31
N VAL C 250 14.96 51.01 -70.79
CA VAL C 250 13.93 50.47 -69.90
C VAL C 250 14.04 48.98 -69.65
N LEU C 251 14.85 48.30 -70.43
CA LEU C 251 15.01 46.86 -70.29
C LEU C 251 16.35 46.45 -70.87
N SER C 252 17.00 45.47 -70.25
CA SER C 252 18.28 45.00 -70.76
C SER C 252 18.49 43.52 -70.41
N ALA C 253 18.94 42.76 -71.40
CA ALA C 253 19.19 41.34 -71.20
C ALA C 253 20.42 41.14 -70.33
N GLU C 254 20.48 40.00 -69.65
CA GLU C 254 21.61 39.72 -68.79
C GLU C 254 22.77 39.14 -69.61
N LEU C 255 23.87 39.87 -69.67
CA LEU C 255 25.07 39.44 -70.38
C LEU C 255 26.17 39.51 -69.34
N THR C 256 26.47 38.37 -68.74
CA THR C 256 27.48 38.30 -67.70
C THR C 256 27.93 36.86 -67.50
N GLY C 257 29.21 36.69 -67.23
CA GLY C 257 29.75 35.36 -67.02
C GLY C 257 29.81 34.52 -68.27
N GLU C 258 29.73 33.21 -68.09
CA GLU C 258 29.77 32.27 -69.20
C GLU C 258 28.35 31.99 -69.69
N GLU C 259 28.00 32.53 -70.85
CA GLU C 259 26.67 32.30 -71.38
C GLU C 259 26.69 31.56 -72.71
N LYS C 260 25.63 30.83 -73.00
CA LYS C 260 25.53 30.06 -74.23
C LYS C 260 24.94 30.87 -75.38
N LYS C 261 25.41 30.57 -76.59
CA LYS C 261 24.92 31.25 -77.77
C LYS C 261 24.06 30.28 -78.57
N VAL C 262 22.85 30.70 -78.91
CA VAL C 262 21.95 29.86 -79.67
C VAL C 262 21.38 30.63 -80.84
N ALA C 263 20.58 29.96 -81.65
CA ALA C 263 19.95 30.59 -82.80
C ALA C 263 20.95 31.37 -83.68
N ALA C 264 21.90 30.66 -84.28
CA ALA C 264 22.88 31.28 -85.16
C ALA C 264 22.18 31.47 -86.50
N GLN C 265 21.23 30.58 -86.80
CA GLN C 265 20.46 30.63 -88.02
C GLN C 265 19.07 30.10 -87.78
N VAL C 266 18.09 30.64 -88.49
CA VAL C 266 16.73 30.14 -88.39
C VAL C 266 16.20 30.12 -89.81
N SER C 267 15.52 29.03 -90.17
CA SER C 267 15.01 28.91 -91.52
C SER C 267 13.69 28.16 -91.57
N VAL C 268 12.92 28.39 -92.63
CA VAL C 268 11.66 27.70 -92.80
C VAL C 268 11.67 27.07 -94.19
N TRP C 269 11.12 25.87 -94.28
CA TRP C 269 11.09 25.15 -95.54
C TRP C 269 9.69 24.61 -95.86
N LEU C 270 9.35 24.56 -97.14
CA LEU C 270 8.05 24.04 -97.54
C LEU C 270 7.97 22.59 -97.08
N PRO C 271 6.78 22.11 -96.71
CA PRO C 271 5.51 22.84 -96.70
C PRO C 271 5.29 23.79 -95.53
N GLY C 272 6.29 23.94 -94.68
CA GLY C 272 6.18 24.83 -93.54
C GLY C 272 6.83 24.25 -92.30
N VAL C 273 8.14 24.04 -92.38
CA VAL C 273 8.91 23.44 -91.30
C VAL C 273 10.06 24.36 -90.89
N LEU C 274 10.13 24.64 -89.59
CA LEU C 274 11.16 25.51 -89.05
C LEU C 274 12.40 24.74 -88.62
N LYS C 275 13.53 25.43 -88.64
CA LYS C 275 14.80 24.85 -88.20
C LYS C 275 15.55 25.95 -87.44
N VAL C 276 15.76 25.76 -86.15
CA VAL C 276 16.47 26.74 -85.32
C VAL C 276 17.79 26.08 -85.00
N ASP C 277 18.87 26.69 -85.47
CA ASP C 277 20.21 26.14 -85.37
C ASP C 277 21.25 27.07 -84.71
N PRO C 278 21.68 26.76 -83.48
CA PRO C 278 21.24 25.63 -82.64
C PRO C 278 20.23 26.12 -81.62
N PHE C 279 19.44 25.22 -81.05
CA PHE C 279 18.44 25.59 -80.07
C PHE C 279 17.74 24.32 -79.59
N PRO C 280 17.29 24.28 -78.32
CA PRO C 280 17.36 25.31 -77.27
C PRO C 280 18.70 25.36 -76.54
N ASP C 281 19.66 24.58 -77.03
CA ASP C 281 21.00 24.50 -76.45
C ASP C 281 22.00 24.42 -77.61
N PRO C 282 23.25 24.82 -77.39
CA PRO C 282 24.24 24.75 -78.48
C PRO C 282 24.39 23.34 -79.05
N THR C 283 24.16 22.33 -78.23
CA THR C 283 24.31 20.93 -78.67
C THR C 283 23.06 20.37 -79.34
N LEU C 284 22.08 21.21 -79.63
CA LEU C 284 20.85 20.73 -80.24
C LEU C 284 20.34 21.60 -81.37
N ILE C 285 19.48 21.02 -82.20
CA ILE C 285 18.84 21.74 -83.29
C ILE C 285 17.35 21.50 -83.07
N GLN C 286 16.54 22.55 -83.19
CA GLN C 286 15.10 22.44 -82.99
C GLN C 286 14.30 22.58 -84.28
N TYR C 287 13.44 21.61 -84.55
CA TYR C 287 12.60 21.65 -85.74
C TYR C 287 11.15 21.83 -85.30
N GLU C 288 10.36 22.54 -86.09
CA GLU C 288 8.96 22.74 -85.76
C GLU C 288 8.12 22.55 -86.98
N PHE C 289 6.98 21.87 -86.80
CA PHE C 289 6.03 21.64 -87.88
C PHE C 289 4.72 22.23 -87.39
N TYR C 290 3.90 22.72 -88.33
CA TYR C 290 2.62 23.32 -87.97
C TYR C 290 1.57 22.77 -88.92
N VAL C 291 1.24 21.50 -88.73
CA VAL C 291 0.29 20.81 -89.60
C VAL C 291 -1.16 21.23 -89.38
N PRO C 292 -1.82 21.69 -90.45
CA PRO C 292 -3.21 22.11 -90.32
C PRO C 292 -4.10 20.96 -89.84
N ILE C 293 -5.04 21.28 -88.96
CA ILE C 293 -5.99 20.30 -88.45
C ILE C 293 -7.28 20.73 -89.15
N SER C 294 -7.61 22.01 -88.99
CA SER C 294 -8.79 22.60 -89.62
C SER C 294 -8.36 23.99 -90.07
N GLU C 295 -9.33 24.82 -90.43
CA GLU C 295 -9.01 26.17 -90.88
C GLU C 295 -8.57 27.06 -89.71
N THR C 296 -8.89 26.65 -88.49
CA THR C 296 -8.55 27.44 -87.30
C THR C 296 -7.65 26.74 -86.28
N GLN C 297 -7.13 25.57 -86.63
CA GLN C 297 -6.30 24.82 -85.70
C GLN C 297 -5.14 24.12 -86.39
N HIS C 298 -4.07 23.85 -85.64
CA HIS C 298 -2.94 23.15 -86.21
C HIS C 298 -2.23 22.33 -85.15
N GLU C 299 -1.51 21.31 -85.60
CA GLU C 299 -0.78 20.45 -84.69
C GLU C 299 0.66 20.93 -84.69
N TYR C 300 1.10 21.38 -83.52
CA TYR C 300 2.44 21.92 -83.33
C TYR C 300 3.43 20.85 -82.89
N PHE C 301 4.38 20.52 -83.76
CA PHE C 301 5.41 19.51 -83.45
C PHE C 301 6.72 20.22 -83.12
N GLN C 302 7.38 19.75 -82.05
CA GLN C 302 8.66 20.29 -81.65
C GLN C 302 9.59 19.09 -81.60
N VAL C 303 10.62 19.08 -82.43
CA VAL C 303 11.56 17.96 -82.48
C VAL C 303 12.99 18.41 -82.28
N LEU C 304 13.66 17.82 -81.29
CA LEU C 304 15.03 18.16 -80.99
C LEU C 304 15.99 17.12 -81.56
N GLN C 305 17.04 17.60 -82.21
CA GLN C 305 18.03 16.74 -82.83
C GLN C 305 19.40 16.87 -82.18
N ARG C 306 19.97 15.72 -81.83
CA ARG C 306 21.27 15.65 -81.19
C ARG C 306 22.20 14.73 -81.99
N LYS C 307 23.44 15.15 -82.17
CA LYS C 307 24.40 14.33 -82.89
C LYS C 307 24.80 13.23 -81.91
N VAL C 308 24.84 11.99 -82.37
CA VAL C 308 25.21 10.87 -81.52
C VAL C 308 26.25 9.98 -82.21
N GLU C 309 27.14 9.40 -81.42
CA GLU C 309 28.18 8.53 -81.96
C GLU C 309 27.89 7.06 -81.71
N GLY C 310 26.89 6.78 -80.88
CA GLY C 310 26.54 5.40 -80.58
C GLY C 310 25.35 5.27 -79.64
N PRO C 311 25.01 4.04 -79.24
CA PRO C 311 23.88 3.77 -78.32
C PRO C 311 23.95 4.54 -77.01
N GLU C 312 25.15 4.68 -76.45
CA GLU C 312 25.30 5.40 -75.20
C GLU C 312 24.84 6.85 -75.35
N ASP C 313 25.25 7.50 -76.44
CA ASP C 313 24.84 8.89 -76.67
C ASP C 313 23.33 8.99 -76.80
N VAL C 314 22.72 8.01 -77.46
CA VAL C 314 21.27 8.00 -77.64
C VAL C 314 20.61 7.98 -76.26
N LYS C 315 21.04 7.05 -75.40
CA LYS C 315 20.48 6.94 -74.06
C LYS C 315 20.66 8.22 -73.26
N THR C 316 21.83 8.83 -73.37
CA THR C 316 22.11 10.06 -72.65
C THR C 316 21.15 11.16 -73.12
N PHE C 317 20.93 11.23 -74.43
CA PHE C 317 20.02 12.22 -74.99
C PHE C 317 18.59 11.98 -74.49
N GLU C 318 18.14 10.73 -74.57
CA GLU C 318 16.80 10.39 -74.13
C GLU C 318 16.59 10.76 -72.66
N VAL C 319 17.63 10.56 -71.84
CA VAL C 319 17.54 10.90 -70.42
C VAL C 319 17.46 12.41 -70.22
N GLU C 320 18.31 13.17 -70.91
CA GLU C 320 18.30 14.63 -70.79
C GLU C 320 16.95 15.17 -71.24
N PHE C 321 16.42 14.59 -72.32
CA PHE C 321 15.14 15.03 -72.85
C PHE C 321 14.05 14.91 -71.79
N GLU C 322 13.97 13.74 -71.16
CA GLU C 322 12.97 13.47 -70.12
C GLU C 322 13.16 14.33 -68.88
N GLU C 323 14.40 14.51 -68.45
CA GLU C 323 14.71 15.27 -67.24
C GLU C 323 14.91 16.75 -67.41
N ARG C 324 15.15 17.21 -68.65
CA ARG C 324 15.42 18.63 -68.85
C ARG C 324 14.86 19.31 -70.10
N TRP C 325 15.37 18.93 -71.26
CA TRP C 325 14.98 19.54 -72.53
C TRP C 325 13.48 19.71 -72.75
N ARG C 326 12.72 18.64 -72.59
CA ARG C 326 11.29 18.71 -72.84
C ARG C 326 10.50 19.72 -72.02
N ASP C 327 10.60 19.63 -70.70
CA ASP C 327 9.83 20.55 -69.87
C ASP C 327 10.47 21.92 -69.64
N ASP C 328 11.79 21.98 -69.55
CA ASP C 328 12.45 23.26 -69.33
C ASP C 328 12.46 24.14 -70.58
N ALA C 329 12.52 23.52 -71.75
CA ALA C 329 12.56 24.28 -72.99
C ALA C 329 11.31 24.13 -73.87
N LEU C 330 10.99 22.92 -74.31
CA LEU C 330 9.83 22.75 -75.18
C LEU C 330 8.57 23.32 -74.54
N HIS C 331 8.50 23.32 -73.22
CA HIS C 331 7.37 23.91 -72.52
C HIS C 331 7.81 25.23 -71.89
N GLY C 332 8.86 25.18 -71.05
CA GLY C 332 9.35 26.35 -70.37
C GLY C 332 9.68 27.55 -71.25
N PHE C 333 10.13 27.28 -72.48
CA PHE C 333 10.45 28.37 -73.39
C PHE C 333 9.33 28.63 -74.39
N ASN C 334 8.89 27.55 -75.07
CA ASN C 334 7.88 27.67 -76.11
C ASN C 334 6.39 27.75 -75.75
N ASP C 335 6.00 27.39 -74.54
CA ASP C 335 4.59 27.44 -74.19
C ASP C 335 3.95 28.79 -74.55
N ASP C 336 4.68 29.88 -74.30
CA ASP C 336 4.16 31.22 -74.60
C ASP C 336 3.82 31.41 -76.07
N ASP C 337 4.49 30.68 -76.96
CA ASP C 337 4.23 30.80 -78.38
C ASP C 337 2.82 30.33 -78.73
N VAL C 338 2.26 29.44 -77.92
CA VAL C 338 0.93 28.93 -78.17
C VAL C 338 -0.13 30.02 -78.06
N TRP C 339 -0.22 30.71 -76.93
CA TRP C 339 -1.22 31.76 -76.82
C TRP C 339 -0.91 32.95 -77.74
N ALA C 340 0.36 33.14 -78.06
CA ALA C 340 0.74 34.22 -78.96
C ALA C 340 0.10 34.00 -80.31
N ARG C 341 0.12 32.75 -80.78
CA ARG C 341 -0.48 32.41 -82.06
C ARG C 341 -1.99 32.58 -82.00
N GLU C 342 -2.60 32.04 -80.94
CA GLU C 342 -4.05 32.11 -80.77
C GLU C 342 -4.56 33.54 -80.61
N ALA C 343 -3.70 34.44 -80.14
CA ALA C 343 -4.08 35.83 -79.95
C ALA C 343 -4.23 36.53 -81.30
N GLN C 344 -3.70 35.91 -82.35
CA GLN C 344 -3.75 36.46 -83.71
C GLN C 344 -4.89 35.86 -84.55
N GLN C 345 -5.47 34.77 -84.05
CA GLN C 345 -6.52 34.06 -84.77
C GLN C 345 -7.72 34.88 -85.24
N GLU C 346 -8.28 35.69 -84.35
CA GLU C 346 -9.44 36.50 -84.73
C GLU C 346 -9.09 37.51 -85.82
N PHE C 347 -8.00 38.24 -85.62
CA PHE C 347 -7.57 39.25 -86.58
C PHE C 347 -7.37 38.67 -87.98
N TYR C 348 -6.51 37.66 -88.08
CA TYR C 348 -6.21 37.02 -89.36
C TYR C 348 -7.31 36.08 -89.85
N GLY C 349 -7.93 35.35 -88.94
CA GLY C 349 -8.96 34.41 -89.33
C GLY C 349 -10.34 34.97 -89.59
N GLU C 350 -10.70 36.04 -88.89
CA GLU C 350 -12.02 36.63 -89.03
C GLU C 350 -12.06 38.07 -89.52
N ARG C 351 -11.02 38.86 -89.21
CA ARG C 351 -11.02 40.26 -89.62
C ARG C 351 -10.13 40.60 -90.80
N ASP C 352 -9.86 39.61 -91.64
CA ASP C 352 -9.04 39.83 -92.81
C ASP C 352 -7.70 40.51 -92.49
N GLY C 353 -7.06 40.06 -91.42
CA GLY C 353 -5.78 40.62 -91.03
C GLY C 353 -4.73 40.53 -92.13
N TRP C 354 -4.88 39.59 -93.05
CA TRP C 354 -3.91 39.44 -94.13
C TRP C 354 -3.79 40.71 -94.96
N SER C 355 -4.86 41.47 -95.08
CA SER C 355 -4.79 42.70 -95.85
C SER C 355 -4.70 43.95 -94.97
N LYS C 356 -4.82 43.79 -93.66
CA LYS C 356 -4.76 44.94 -92.77
C LYS C 356 -3.50 45.06 -91.91
N GLU C 357 -2.73 43.98 -91.85
CA GLU C 357 -1.49 43.98 -91.08
C GLU C 357 -0.57 45.08 -91.59
N GLN C 358 0.31 45.56 -90.73
CA GLN C 358 1.27 46.58 -91.13
C GLN C 358 2.62 46.06 -90.68
N LEU C 359 3.38 45.54 -91.64
CA LEU C 359 4.68 44.94 -91.35
C LEU C 359 5.82 45.96 -91.26
N PHE C 360 6.97 45.51 -90.78
CA PHE C 360 8.15 46.35 -90.73
C PHE C 360 9.34 45.52 -91.20
N PRO C 361 10.48 46.18 -91.53
CA PRO C 361 11.66 45.49 -92.04
C PRO C 361 11.97 44.04 -91.63
N PRO C 362 12.01 43.73 -90.32
CA PRO C 362 12.31 42.35 -89.95
C PRO C 362 11.33 41.30 -90.50
N ASP C 363 10.11 41.71 -90.79
CA ASP C 363 9.10 40.78 -91.33
C ASP C 363 9.38 40.36 -92.77
N MET C 364 10.35 40.98 -93.43
CA MET C 364 10.65 40.63 -94.81
C MET C 364 10.96 39.16 -95.01
N CYS C 365 11.53 38.50 -94.01
CA CYS C 365 11.84 37.08 -94.16
C CYS C 365 10.51 36.32 -94.24
N ILE C 366 9.49 36.80 -93.54
CA ILE C 366 8.18 36.16 -93.59
C ILE C 366 7.56 36.44 -94.96
N VAL C 367 7.79 37.64 -95.48
CA VAL C 367 7.26 38.00 -96.78
C VAL C 367 7.89 37.12 -97.86
N LYS C 368 9.18 36.83 -97.72
CA LYS C 368 9.88 35.99 -98.69
C LYS C 368 9.32 34.58 -98.63
N TRP C 369 9.00 34.12 -97.42
CA TRP C 369 8.44 32.80 -97.22
C TRP C 369 7.05 32.66 -97.83
N ARG C 370 6.21 33.67 -97.65
CA ARG C 370 4.84 33.63 -98.19
C ARG C 370 4.89 33.62 -99.71
N THR C 371 5.85 34.36 -100.26
CA THR C 371 6.02 34.46 -101.71
C THR C 371 6.50 33.12 -102.28
N LEU C 372 7.49 32.53 -101.62
CA LEU C 372 8.03 31.26 -102.05
C LEU C 372 6.97 30.16 -101.94
N ALA C 373 6.22 30.17 -100.83
CA ALA C 373 5.18 29.18 -100.59
C ALA C 373 4.06 29.31 -101.61
N SER C 374 3.67 30.54 -101.91
CA SER C 374 2.60 30.78 -102.87
C SER C 374 3.01 30.29 -104.25
N GLU C 375 4.29 30.43 -104.57
CA GLU C 375 4.79 30.01 -105.87
C GLU C 375 5.18 28.54 -105.96
N ARG C 376 5.57 27.94 -104.86
CA ARG C 376 6.02 26.55 -104.90
C ARG C 376 5.19 25.48 -104.19
N GLY C 377 4.24 25.90 -103.35
CA GLY C 377 3.41 24.91 -102.67
C GLY C 377 2.85 23.98 -103.73
N ARG C 378 3.10 22.68 -103.61
CA ARG C 378 2.64 21.73 -104.61
C ARG C 378 1.14 21.66 -104.81
N GLY C 379 0.38 21.93 -103.75
CA GLY C 379 -1.07 21.89 -103.87
C GLY C 379 -1.74 22.75 -102.85
N VAL C 380 -2.82 23.42 -103.23
CA VAL C 380 -3.55 24.27 -102.31
C VAL C 380 -4.83 23.61 -101.84
N ARG C 381 -5.03 23.62 -100.52
CA ARG C 381 -6.23 23.07 -99.94
C ARG C 381 -6.93 24.20 -99.21
N ALA C 382 -8.01 24.68 -99.80
CA ALA C 382 -8.80 25.78 -99.26
C ALA C 382 -9.72 25.34 -98.13
N SER D 16 -37.15 28.74 -51.97
CA SER D 16 -37.74 30.01 -51.46
C SER D 16 -36.93 30.59 -50.31
N ALA D 17 -36.06 29.76 -49.72
CA ALA D 17 -35.22 30.20 -48.63
C ALA D 17 -34.16 31.13 -49.22
N GLN D 18 -33.61 30.72 -50.36
CA GLN D 18 -32.59 31.51 -51.04
C GLN D 18 -33.24 32.73 -51.67
N VAL D 19 -34.57 32.79 -51.62
CA VAL D 19 -35.32 33.90 -52.18
C VAL D 19 -35.69 34.92 -51.12
N LYS D 20 -35.97 34.45 -49.90
CA LYS D 20 -36.36 35.34 -48.82
C LYS D 20 -35.22 35.81 -47.93
N TRP D 21 -34.21 34.97 -47.73
CA TRP D 21 -33.07 35.34 -46.91
C TRP D 21 -31.74 34.84 -47.46
N PRO D 22 -31.43 35.19 -48.72
CA PRO D 22 -30.20 34.78 -49.40
C PRO D 22 -28.88 35.14 -48.71
N ARG D 23 -28.75 36.38 -48.27
CA ARG D 23 -27.51 36.79 -47.62
C ARG D 23 -27.30 36.10 -46.29
N TYR D 24 -28.40 35.72 -45.63
CA TYR D 24 -28.29 35.00 -44.37
C TYR D 24 -27.74 33.61 -44.68
N LEU D 25 -28.21 33.03 -45.78
CA LEU D 25 -27.77 31.70 -46.21
C LEU D 25 -26.29 31.73 -46.62
N GLU D 26 -25.89 32.82 -47.26
CA GLU D 26 -24.52 32.99 -47.72
C GLU D 26 -23.51 33.24 -46.60
N ALA D 27 -23.96 33.91 -45.53
CA ALA D 27 -23.07 34.25 -44.40
C ALA D 27 -22.70 33.05 -43.53
N THR D 28 -22.19 32.01 -44.15
CA THR D 28 -21.80 30.80 -43.45
C THR D 28 -20.72 31.11 -42.41
N LEU D 29 -19.84 32.04 -42.75
CA LEU D 29 -18.76 32.42 -41.87
C LEU D 29 -19.09 33.67 -41.08
N GLY D 30 -20.37 34.05 -41.11
CA GLY D 30 -20.84 35.20 -40.35
C GLY D 30 -21.00 36.52 -41.06
N PHE D 31 -21.48 37.52 -40.33
CA PHE D 31 -21.65 38.87 -40.86
C PHE D 31 -20.48 39.71 -40.39
N ASP D 32 -19.70 40.25 -41.32
CA ASP D 32 -18.58 41.08 -40.92
C ASP D 32 -18.96 42.57 -41.02
N ASN D 33 -18.03 43.45 -40.68
CA ASN D 33 -18.30 44.89 -40.62
C ASN D 33 -19.22 45.10 -39.41
N HIS D 34 -18.96 44.32 -38.37
CA HIS D 34 -19.71 44.36 -37.12
C HIS D 34 -18.73 44.12 -35.97
N TRP D 35 -19.12 44.54 -34.78
CA TRP D 35 -18.29 44.29 -33.61
C TRP D 35 -18.68 42.89 -33.11
N HIS D 36 -17.71 42.13 -32.66
CA HIS D 36 -17.95 40.79 -32.12
C HIS D 36 -17.10 40.59 -30.87
N PRO D 37 -17.64 39.91 -29.85
CA PRO D 37 -16.84 39.70 -28.65
C PRO D 37 -15.74 38.68 -28.96
N ALA D 38 -14.55 38.89 -28.39
CA ALA D 38 -13.43 37.99 -28.63
C ALA D 38 -13.00 37.27 -27.35
N ALA D 39 -13.15 37.96 -26.23
CA ALA D 39 -12.75 37.40 -24.95
C ALA D 39 -13.19 38.32 -23.82
N PHE D 40 -12.90 37.93 -22.60
CA PHE D 40 -13.25 38.75 -21.46
C PHE D 40 -11.99 39.50 -21.08
N ASP D 41 -12.17 40.76 -20.68
CA ASP D 41 -11.07 41.63 -20.31
C ASP D 41 -10.13 41.00 -19.28
N HIS D 42 -10.69 40.31 -18.29
CA HIS D 42 -9.89 39.68 -17.24
C HIS D 42 -9.00 38.53 -17.69
N GLU D 43 -9.10 38.14 -18.95
CA GLU D 43 -8.27 37.06 -19.48
C GLU D 43 -6.91 37.60 -19.91
N LEU D 44 -6.78 38.92 -19.96
CA LEU D 44 -5.54 39.53 -20.39
C LEU D 44 -4.88 40.47 -19.39
N ALA D 45 -3.70 40.09 -18.94
CA ALA D 45 -2.92 40.92 -18.02
C ALA D 45 -1.90 41.60 -18.91
N GLU D 46 -1.22 42.61 -18.39
CA GLU D 46 -0.21 43.32 -19.17
C GLU D 46 0.80 42.32 -19.73
N GLY D 47 1.13 42.46 -21.02
CA GLY D 47 2.09 41.57 -21.65
C GLY D 47 1.62 40.15 -21.93
N GLU D 48 0.39 39.84 -21.55
CA GLU D 48 -0.15 38.50 -21.77
C GLU D 48 -0.73 38.37 -23.18
N PHE D 49 -0.78 37.14 -23.69
CA PHE D 49 -1.31 36.89 -25.04
C PHE D 49 -2.48 35.92 -25.01
N VAL D 50 -3.43 36.15 -25.92
CA VAL D 50 -4.61 35.29 -26.06
C VAL D 50 -4.90 35.15 -27.55
N ALA D 51 -4.98 33.92 -28.03
CA ALA D 51 -5.26 33.68 -29.43
C ALA D 51 -6.72 33.33 -29.63
N VAL D 52 -7.35 33.95 -30.62
CA VAL D 52 -8.75 33.67 -30.92
C VAL D 52 -8.93 33.60 -32.43
N THR D 53 -9.97 32.90 -32.87
CA THR D 53 -10.27 32.79 -34.29
C THR D 53 -11.69 33.31 -34.45
N MET D 54 -11.82 34.39 -35.24
CA MET D 54 -13.12 35.02 -35.45
C MET D 54 -13.48 35.11 -36.91
N LEU D 55 -14.64 34.59 -37.27
CA LEU D 55 -15.11 34.60 -38.65
C LEU D 55 -14.02 34.12 -39.59
N GLY D 56 -13.28 33.11 -39.16
CA GLY D 56 -12.23 32.55 -39.99
C GLY D 56 -10.88 33.25 -39.91
N GLU D 57 -10.79 34.37 -39.19
CA GLU D 57 -9.53 35.09 -39.07
C GLU D 57 -8.84 34.82 -37.73
N LYS D 58 -7.56 34.45 -37.78
CA LYS D 58 -6.81 34.21 -36.56
C LYS D 58 -6.35 35.56 -36.02
N VAL D 59 -6.74 35.87 -34.79
CA VAL D 59 -6.40 37.14 -34.17
C VAL D 59 -5.60 36.95 -32.88
N LEU D 60 -4.58 37.77 -32.70
CA LEU D 60 -3.75 37.71 -31.51
C LEU D 60 -4.08 38.91 -30.63
N LEU D 61 -4.51 38.64 -29.39
CA LEU D 61 -4.84 39.71 -28.47
C LEU D 61 -3.74 39.84 -27.43
N THR D 62 -3.52 41.06 -26.94
CA THR D 62 -2.52 41.30 -25.91
C THR D 62 -2.79 42.64 -25.26
N ARG D 63 -2.28 42.84 -24.05
CA ARG D 63 -2.46 44.11 -23.36
C ARG D 63 -1.10 44.80 -23.37
N ALA D 64 -1.03 45.97 -23.99
CA ALA D 64 0.21 46.73 -24.06
C ALA D 64 -0.03 48.11 -23.45
N LYS D 65 0.76 48.45 -22.44
CA LYS D 65 0.62 49.74 -21.77
C LYS D 65 -0.81 49.91 -21.24
N GLY D 66 -1.39 48.80 -20.78
CA GLY D 66 -2.74 48.84 -20.24
C GLY D 66 -3.88 48.69 -21.23
N GLU D 67 -3.59 48.84 -22.51
CA GLU D 67 -4.63 48.73 -23.53
C GLU D 67 -4.61 47.42 -24.31
N VAL D 68 -5.80 46.85 -24.50
CA VAL D 68 -5.93 45.59 -25.24
C VAL D 68 -5.77 45.91 -26.73
N LYS D 69 -4.89 45.17 -27.39
CA LYS D 69 -4.63 45.34 -28.81
C LYS D 69 -4.92 44.04 -29.56
N ALA D 70 -5.36 44.16 -30.81
CA ALA D 70 -5.64 42.99 -31.62
C ALA D 70 -4.93 43.14 -32.96
N ILE D 71 -4.17 42.12 -33.32
CA ILE D 71 -3.42 42.12 -34.56
C ILE D 71 -3.58 40.76 -35.24
N ALA D 72 -3.49 40.72 -36.56
CA ALA D 72 -3.63 39.47 -37.29
C ALA D 72 -2.59 38.48 -36.76
N ASP D 73 -3.05 37.29 -36.40
CA ASP D 73 -2.17 36.25 -35.89
C ASP D 73 -1.52 35.50 -37.05
N GLY D 74 -0.74 36.22 -37.84
CA GLY D 74 -0.07 35.63 -38.99
C GLY D 74 1.00 36.57 -39.49
N CYS D 75 2.24 36.09 -39.54
CA CYS D 75 3.36 36.90 -39.99
C CYS D 75 3.29 37.11 -41.49
N ALA D 76 3.71 38.30 -41.94
CA ALA D 76 3.70 38.63 -43.35
C ALA D 76 4.80 37.93 -44.12
N HIS D 77 5.83 37.49 -43.40
CA HIS D 77 6.96 36.80 -44.02
C HIS D 77 6.58 35.42 -44.57
N ARG D 78 6.47 34.42 -43.69
CA ARG D 78 6.11 33.08 -44.11
C ARG D 78 4.78 32.61 -43.53
N GLY D 79 3.93 33.58 -43.20
CA GLY D 79 2.59 33.30 -42.70
C GLY D 79 2.37 32.51 -41.43
N VAL D 80 3.39 32.32 -40.60
CA VAL D 80 3.19 31.56 -39.37
C VAL D 80 2.43 32.35 -38.32
N PRO D 81 1.77 31.66 -37.39
CA PRO D 81 1.01 32.33 -36.33
C PRO D 81 1.98 32.74 -35.23
N PHE D 82 1.84 33.97 -34.74
CA PHE D 82 2.69 34.45 -33.66
C PHE D 82 2.37 33.64 -32.40
N SER D 83 1.10 33.24 -32.26
CA SER D 83 0.65 32.51 -31.09
C SER D 83 1.37 31.20 -30.78
N LYS D 84 2.11 30.66 -31.75
CA LYS D 84 2.86 29.43 -31.51
C LYS D 84 3.90 29.76 -30.43
N GLU D 85 4.41 30.98 -30.48
CA GLU D 85 5.41 31.46 -29.55
C GLU D 85 5.42 32.99 -29.62
N PRO D 86 4.42 33.63 -29.01
CA PRO D 86 4.32 35.10 -29.02
C PRO D 86 5.47 35.76 -28.26
N LEU D 87 6.08 36.74 -28.88
CA LEU D 87 7.20 37.45 -28.27
C LEU D 87 6.99 38.96 -28.30
N CYS D 88 7.47 39.62 -27.25
CA CYS D 88 7.38 41.08 -27.14
C CYS D 88 8.66 41.56 -26.47
N PHE D 89 9.44 42.37 -27.18
CA PHE D 89 10.68 42.90 -26.66
C PHE D 89 10.51 44.38 -26.34
N LYS D 90 9.28 44.87 -26.50
CA LYS D 90 8.95 46.26 -26.25
C LYS D 90 7.45 46.46 -26.31
N ALA D 91 6.87 46.88 -25.19
CA ALA D 91 5.43 47.12 -25.10
C ALA D 91 4.96 47.92 -26.29
N GLY D 92 3.91 47.45 -26.95
CA GLY D 92 3.40 48.16 -28.12
C GLY D 92 3.84 47.51 -29.43
N THR D 93 4.61 46.44 -29.34
CA THR D 93 5.06 45.72 -30.52
C THR D 93 5.00 44.23 -30.26
N VAL D 94 5.14 43.45 -31.34
CA VAL D 94 5.15 42.01 -31.25
C VAL D 94 6.20 41.54 -32.25
N SER D 95 7.00 40.57 -31.84
CA SER D 95 8.04 40.04 -32.71
C SER D 95 7.77 38.59 -33.07
N CYS D 96 7.91 38.27 -34.35
CA CYS D 96 7.69 36.90 -34.80
C CYS D 96 8.80 36.02 -34.25
N TRP D 97 8.44 34.82 -33.81
CA TRP D 97 9.37 33.85 -33.25
C TRP D 97 10.31 33.21 -34.26
N TYR D 98 9.98 33.32 -35.54
CA TYR D 98 10.77 32.66 -36.57
C TYR D 98 11.98 33.45 -37.08
N HIS D 99 11.78 34.65 -37.62
CA HIS D 99 12.90 35.46 -38.10
C HIS D 99 12.96 36.84 -37.45
N GLY D 100 12.24 37.02 -36.35
CA GLY D 100 12.26 38.28 -35.64
C GLY D 100 11.60 39.52 -36.25
N TRP D 101 10.80 39.35 -37.30
CA TRP D 101 10.12 40.51 -37.88
C TRP D 101 9.28 41.09 -36.74
N THR D 102 9.40 42.40 -36.54
CA THR D 102 8.68 43.07 -35.46
C THR D 102 7.69 44.10 -35.96
N TYR D 103 6.47 44.02 -35.45
CA TYR D 103 5.41 44.91 -35.87
C TYR D 103 4.89 45.86 -34.80
N ASP D 104 4.40 47.01 -35.25
CA ASP D 104 3.84 48.02 -34.36
C ASP D 104 2.37 47.62 -34.17
N LEU D 105 1.95 47.46 -32.92
CA LEU D 105 0.57 47.07 -32.64
C LEU D 105 -0.49 48.09 -33.01
N ASP D 106 -0.13 49.36 -33.09
CA ASP D 106 -1.10 50.41 -33.41
C ASP D 106 -1.46 50.52 -34.87
N ASP D 107 -0.56 50.13 -35.77
CA ASP D 107 -0.86 50.21 -37.20
C ASP D 107 -0.51 48.93 -37.96
N GLY D 108 0.04 47.95 -37.26
CA GLY D 108 0.39 46.68 -37.90
C GLY D 108 1.59 46.74 -38.84
N ARG D 109 2.28 47.87 -38.86
CA ARG D 109 3.44 48.05 -39.73
C ARG D 109 4.70 47.34 -39.23
N LEU D 110 5.50 46.88 -40.17
CA LEU D 110 6.76 46.22 -39.85
C LEU D 110 7.74 47.35 -39.53
N VAL D 111 8.13 47.46 -38.27
CA VAL D 111 9.05 48.53 -37.86
C VAL D 111 10.50 48.09 -37.68
N ASP D 112 10.74 46.79 -37.70
CA ASP D 112 12.09 46.29 -37.54
C ASP D 112 12.18 44.79 -37.79
N VAL D 113 13.41 44.32 -37.99
CA VAL D 113 13.69 42.90 -38.20
C VAL D 113 14.91 42.63 -37.34
N LEU D 114 14.68 41.94 -36.21
CA LEU D 114 15.75 41.62 -35.27
C LEU D 114 16.93 40.87 -35.87
N THR D 115 16.66 40.05 -36.88
CA THR D 115 17.71 39.27 -37.52
C THR D 115 18.38 40.04 -38.66
N SER D 116 17.87 41.22 -38.99
CA SER D 116 18.46 41.98 -40.08
C SER D 116 18.18 43.48 -39.97
N PRO D 117 18.82 44.14 -38.99
CA PRO D 117 18.61 45.58 -38.80
C PRO D 117 18.89 46.33 -40.09
N GLY D 118 18.04 47.31 -40.41
CA GLY D 118 18.24 48.08 -41.62
C GLY D 118 17.71 47.41 -42.89
N SER D 119 17.14 46.22 -42.75
CA SER D 119 16.60 45.51 -43.90
C SER D 119 15.67 46.45 -44.68
N PRO D 120 15.79 46.46 -46.01
CA PRO D 120 14.95 47.32 -46.84
C PRO D 120 13.45 47.06 -46.79
N VAL D 121 13.03 45.91 -46.25
CA VAL D 121 11.61 45.63 -46.17
C VAL D 121 10.95 46.43 -45.05
N ILE D 122 11.76 46.92 -44.12
CA ILE D 122 11.25 47.69 -43.00
C ILE D 122 10.50 48.92 -43.49
N GLY D 123 9.25 49.07 -43.04
CA GLY D 123 8.44 50.20 -43.45
C GLY D 123 7.71 50.01 -44.77
N LYS D 124 7.94 48.88 -45.43
CA LYS D 124 7.30 48.60 -46.71
C LYS D 124 6.26 47.49 -46.54
N ILE D 125 6.19 46.93 -45.34
CA ILE D 125 5.27 45.84 -45.07
C ILE D 125 4.43 46.08 -43.82
N GLY D 126 3.24 45.51 -43.82
CA GLY D 126 2.36 45.64 -42.68
C GLY D 126 1.28 44.58 -42.72
N ILE D 127 0.74 44.26 -41.55
CA ILE D 127 -0.34 43.29 -41.45
C ILE D 127 -1.54 43.97 -40.82
N LYS D 128 -2.66 43.27 -40.81
CA LYS D 128 -3.90 43.81 -40.28
C LYS D 128 -3.98 43.92 -38.75
N VAL D 129 -4.49 45.07 -38.28
CA VAL D 129 -4.72 45.29 -36.85
C VAL D 129 -6.20 45.61 -36.77
N TYR D 130 -6.86 45.24 -35.68
CA TYR D 130 -8.30 45.48 -35.56
C TYR D 130 -8.69 46.45 -34.47
N PRO D 131 -9.77 47.21 -34.70
CA PRO D 131 -10.21 48.15 -33.66
C PRO D 131 -10.67 47.30 -32.49
N VAL D 132 -10.38 47.76 -31.28
CA VAL D 132 -10.79 47.04 -30.08
C VAL D 132 -11.51 47.98 -29.14
N GLN D 133 -12.54 47.46 -28.49
CA GLN D 133 -13.26 48.25 -27.52
C GLN D 133 -13.73 47.33 -26.39
N VAL D 134 -13.32 47.66 -25.17
CA VAL D 134 -13.69 46.87 -24.02
C VAL D 134 -14.90 47.52 -23.35
N ALA D 135 -15.93 46.73 -23.09
CA ALA D 135 -17.12 47.25 -22.45
C ALA D 135 -17.77 46.17 -21.60
N GLN D 136 -18.18 46.56 -20.39
CA GLN D 136 -18.82 45.64 -19.47
C GLN D 136 -17.94 44.40 -19.25
N GLY D 137 -16.63 44.61 -19.25
CA GLY D 137 -15.70 43.51 -19.05
C GLY D 137 -15.49 42.58 -20.23
N VAL D 138 -16.10 42.91 -21.37
CA VAL D 138 -15.96 42.09 -22.56
C VAL D 138 -15.07 42.78 -23.59
N VAL D 139 -14.20 42.00 -24.24
CA VAL D 139 -13.32 42.55 -25.27
C VAL D 139 -13.99 42.39 -26.64
N PHE D 140 -14.32 43.50 -27.28
CA PHE D 140 -14.95 43.47 -28.60
C PHE D 140 -13.94 43.83 -29.67
N VAL D 141 -14.02 43.16 -30.81
CA VAL D 141 -13.12 43.42 -31.92
C VAL D 141 -13.95 43.70 -33.17
N PHE D 142 -13.59 44.73 -33.92
CA PHE D 142 -14.34 45.05 -35.12
C PHE D 142 -13.76 44.25 -36.30
N ILE D 143 -14.56 43.33 -36.82
CA ILE D 143 -14.15 42.49 -37.93
C ILE D 143 -14.75 43.02 -39.24
N GLY D 144 -13.89 43.26 -40.22
CA GLY D 144 -14.37 43.77 -41.49
C GLY D 144 -13.41 44.77 -42.08
N ASP D 145 -13.60 45.12 -43.35
CA ASP D 145 -12.73 46.06 -44.03
C ASP D 145 -13.15 47.52 -43.82
N GLU D 146 -14.36 47.74 -43.32
CA GLU D 146 -14.81 49.11 -43.11
C GLU D 146 -14.32 49.69 -41.79
N GLU D 147 -14.51 51.00 -41.65
CA GLU D 147 -14.15 51.71 -40.43
C GLU D 147 -15.19 51.28 -39.40
N PRO D 148 -14.79 51.17 -38.13
CA PRO D 148 -15.80 50.77 -37.14
C PRO D 148 -16.86 51.82 -36.86
N HIS D 149 -18.09 51.36 -36.60
CA HIS D 149 -19.18 52.26 -36.24
C HIS D 149 -19.31 52.09 -34.72
N ALA D 150 -20.30 52.74 -34.11
CA ALA D 150 -20.47 52.65 -32.67
C ALA D 150 -20.79 51.23 -32.19
N LEU D 151 -20.10 50.80 -31.13
CA LEU D 151 -20.30 49.48 -30.55
C LEU D 151 -21.76 49.22 -30.21
N SER D 152 -22.43 50.24 -29.69
CA SER D 152 -23.84 50.15 -29.31
C SER D 152 -24.76 49.64 -30.42
N GLU D 153 -24.40 49.91 -31.67
CA GLU D 153 -25.24 49.48 -32.78
C GLU D 153 -25.21 47.97 -32.99
N ASP D 154 -24.26 47.28 -32.35
CA ASP D 154 -24.13 45.83 -32.46
C ASP D 154 -24.45 45.08 -31.16
N LEU D 155 -25.22 45.73 -30.28
CA LEU D 155 -25.60 45.12 -29.00
C LEU D 155 -27.08 45.34 -28.71
N PRO D 156 -27.70 44.39 -27.99
CA PRO D 156 -29.12 44.53 -27.67
C PRO D 156 -29.28 45.75 -26.76
N PRO D 157 -30.46 46.39 -26.76
CA PRO D 157 -30.64 47.56 -25.89
C PRO D 157 -30.42 47.15 -24.44
N GLY D 158 -29.86 48.06 -23.64
CA GLY D 158 -29.63 47.77 -22.23
C GLY D 158 -28.32 47.10 -21.84
N PHE D 159 -27.60 46.52 -22.81
CA PHE D 159 -26.34 45.85 -22.51
C PHE D 159 -25.29 46.79 -21.93
N LEU D 160 -25.26 48.03 -22.42
CA LEU D 160 -24.30 49.01 -21.96
C LEU D 160 -24.75 49.86 -20.75
N ASP D 161 -25.86 49.49 -20.12
CA ASP D 161 -26.35 50.24 -18.96
C ASP D 161 -25.23 50.40 -17.93
N GLU D 162 -24.90 51.65 -17.63
CA GLU D 162 -23.83 51.94 -16.67
C GLU D 162 -24.14 51.55 -15.23
N ASP D 163 -25.42 51.40 -14.92
CA ASP D 163 -25.80 51.03 -13.55
C ASP D 163 -25.93 49.52 -13.40
N THR D 164 -25.11 48.77 -14.13
CA THR D 164 -25.16 47.32 -14.03
C THR D 164 -23.75 46.76 -14.11
N HIS D 165 -23.62 45.47 -13.83
CA HIS D 165 -22.33 44.80 -13.92
C HIS D 165 -22.59 43.49 -14.64
N LEU D 166 -21.66 43.10 -15.50
CA LEU D 166 -21.84 41.86 -16.25
C LEU D 166 -20.72 40.87 -15.98
N LEU D 167 -21.10 39.60 -15.96
CA LEU D 167 -20.15 38.51 -15.73
C LEU D 167 -20.54 37.37 -16.66
N GLY D 168 -19.56 36.70 -17.24
CA GLY D 168 -19.88 35.61 -18.13
C GLY D 168 -18.75 34.66 -18.47
N ILE D 169 -19.03 33.78 -19.43
CA ILE D 169 -18.07 32.79 -19.89
C ILE D 169 -18.21 32.57 -21.39
N ARG D 170 -17.24 31.85 -21.96
CA ARG D 170 -17.27 31.53 -23.37
C ARG D 170 -16.76 30.11 -23.56
N ARG D 171 -17.24 29.44 -24.60
CA ARG D 171 -16.83 28.09 -24.91
C ARG D 171 -17.02 27.85 -26.40
N THR D 172 -16.37 26.82 -26.92
CA THR D 172 -16.47 26.47 -28.34
C THR D 172 -17.57 25.44 -28.55
N VAL D 173 -18.39 25.65 -29.57
CA VAL D 173 -19.47 24.74 -29.90
C VAL D 173 -19.24 24.25 -31.32
N GLN D 174 -19.39 22.95 -31.54
CA GLN D 174 -19.17 22.37 -32.86
C GLN D 174 -20.38 22.45 -33.78
N SER D 175 -20.81 23.67 -34.09
CA SER D 175 -21.92 23.85 -35.02
C SER D 175 -21.77 25.21 -35.65
N ASN D 176 -22.42 25.40 -36.80
CA ASN D 176 -22.38 26.68 -37.47
C ASN D 176 -23.03 27.69 -36.52
N TRP D 177 -22.54 28.92 -36.54
CA TRP D 177 -23.04 29.99 -35.67
C TRP D 177 -24.54 30.24 -35.77
N ARG D 178 -25.11 30.05 -36.95
CA ARG D 178 -26.54 30.27 -37.14
C ARG D 178 -27.39 29.27 -36.36
N LEU D 179 -26.90 28.05 -36.18
CA LEU D 179 -27.65 27.06 -35.43
C LEU D 179 -27.63 27.47 -33.96
N GLY D 180 -26.62 28.23 -33.57
CA GLY D 180 -26.53 28.69 -32.20
C GLY D 180 -27.57 29.79 -31.98
N VAL D 181 -27.54 30.81 -32.85
CA VAL D 181 -28.48 31.91 -32.75
C VAL D 181 -29.92 31.44 -32.74
N GLU D 182 -30.25 30.50 -33.63
CA GLU D 182 -31.61 29.98 -33.71
C GLU D 182 -31.99 29.05 -32.56
N ASN D 183 -30.99 28.51 -31.86
CA ASN D 183 -31.25 27.65 -30.71
C ASN D 183 -31.59 28.54 -29.53
N GLY D 184 -30.97 29.72 -29.48
CA GLY D 184 -31.25 30.64 -28.39
C GLY D 184 -32.59 31.35 -28.57
N PHE D 185 -32.87 31.79 -29.78
CA PHE D 185 -34.09 32.51 -30.11
C PHE D 185 -35.15 31.53 -30.61
N ASP D 186 -35.48 30.55 -29.77
CA ASP D 186 -36.46 29.51 -30.11
C ASP D 186 -37.39 29.37 -28.90
N THR D 187 -38.67 29.71 -29.08
CA THR D 187 -39.63 29.66 -27.97
C THR D 187 -40.24 28.32 -27.58
N THR D 188 -39.98 27.26 -28.36
CA THR D 188 -40.52 25.95 -27.99
C THR D 188 -39.44 24.90 -27.77
N HIS D 189 -38.18 25.26 -28.01
CA HIS D 189 -37.10 24.32 -27.80
C HIS D 189 -36.91 24.11 -26.30
N ILE D 190 -37.41 25.05 -25.51
CA ILE D 190 -37.28 24.96 -24.06
C ILE D 190 -37.82 23.65 -23.50
N PHE D 191 -38.52 22.90 -24.35
CA PHE D 191 -39.08 21.61 -23.99
C PHE D 191 -37.93 20.69 -23.51
N MET D 192 -36.79 20.79 -24.19
CA MET D 192 -35.62 19.97 -23.87
C MET D 192 -34.96 20.33 -22.53
N HIS D 193 -35.27 21.50 -21.99
CA HIS D 193 -34.67 21.93 -20.72
C HIS D 193 -35.56 21.59 -19.52
N ARG D 194 -36.70 20.94 -19.75
CA ARG D 194 -37.65 20.63 -18.68
C ARG D 194 -37.10 19.85 -17.49
N ASN D 195 -36.05 19.05 -17.71
CA ASN D 195 -35.48 18.26 -16.63
C ASN D 195 -34.17 18.83 -16.08
N SER D 196 -33.83 20.04 -16.49
CA SER D 196 -32.62 20.65 -15.97
C SER D 196 -32.80 20.84 -14.46
N PRO D 197 -31.77 20.50 -13.67
CA PRO D 197 -31.90 20.68 -12.22
C PRO D 197 -32.08 22.14 -11.81
N TRP D 198 -31.90 23.06 -12.76
CA TRP D 198 -32.06 24.48 -12.48
C TRP D 198 -33.53 24.89 -12.37
N VAL D 199 -34.41 24.18 -13.06
CA VAL D 199 -35.83 24.48 -13.03
C VAL D 199 -36.37 24.38 -11.60
N SER D 200 -36.14 23.25 -10.96
CA SER D 200 -36.61 23.07 -9.59
C SER D 200 -35.64 23.77 -8.65
N GLY D 201 -34.37 23.82 -9.06
CA GLY D 201 -33.34 24.46 -8.25
C GLY D 201 -33.57 25.94 -7.97
N ASN D 202 -34.21 26.63 -8.90
CA ASN D 202 -34.49 28.04 -8.71
C ASN D 202 -35.99 28.28 -8.78
N ARG D 203 -36.75 27.24 -8.45
CA ARG D 203 -38.21 27.27 -8.41
C ARG D 203 -38.81 28.09 -9.55
N LEU D 204 -38.33 27.84 -10.77
CA LEU D 204 -38.81 28.59 -11.93
C LEU D 204 -40.18 28.18 -12.42
N ALA D 205 -40.90 29.14 -12.99
CA ALA D 205 -42.19 28.88 -13.60
C ALA D 205 -41.70 28.74 -15.05
N PHE D 206 -41.37 27.51 -15.44
CA PHE D 206 -40.82 27.23 -16.76
C PHE D 206 -41.71 26.29 -17.56
N PRO D 207 -42.37 26.81 -18.61
CA PRO D 207 -43.26 25.99 -19.44
C PRO D 207 -42.51 25.10 -20.45
N TYR D 208 -43.26 24.24 -21.15
CA TYR D 208 -42.66 23.36 -22.14
C TYR D 208 -42.47 24.13 -23.44
N GLY D 209 -43.17 25.25 -23.57
CA GLY D 209 -43.05 26.06 -24.76
C GLY D 209 -43.92 27.31 -24.73
N PHE D 210 -43.63 28.24 -25.62
CA PHE D 210 -44.40 29.47 -25.72
C PHE D 210 -44.94 29.52 -27.14
N VAL D 211 -46.26 29.58 -27.26
CA VAL D 211 -46.91 29.63 -28.56
C VAL D 211 -47.43 31.04 -28.83
N PRO D 212 -47.09 31.61 -30.00
CA PRO D 212 -47.52 32.96 -30.38
C PRO D 212 -49.05 33.04 -30.31
N ALA D 213 -49.57 33.96 -29.51
CA ALA D 213 -51.01 34.09 -29.38
C ALA D 213 -51.58 35.31 -30.09
N ASP D 214 -51.07 36.48 -29.76
CA ASP D 214 -51.54 37.74 -30.32
C ASP D 214 -50.75 38.21 -31.54
N ARG D 215 -51.26 39.23 -32.22
CA ARG D 215 -50.62 39.80 -33.39
C ARG D 215 -49.35 40.56 -33.02
N ASP D 216 -49.25 40.94 -31.74
CA ASP D 216 -48.08 41.67 -31.26
C ASP D 216 -47.12 40.74 -30.53
N ALA D 217 -47.18 39.45 -30.83
CA ALA D 217 -46.31 38.47 -30.20
C ALA D 217 -44.87 38.78 -30.57
N MET D 218 -44.67 39.19 -31.82
CA MET D 218 -43.35 39.49 -32.34
C MET D 218 -43.27 40.90 -32.92
N GLN D 219 -42.18 41.60 -32.66
CA GLN D 219 -41.99 42.93 -33.21
C GLN D 219 -40.60 43.10 -33.79
N VAL D 220 -40.54 43.60 -35.02
CA VAL D 220 -39.28 43.81 -35.69
C VAL D 220 -38.80 45.25 -35.54
N TYR D 221 -37.56 45.42 -35.14
CA TYR D 221 -36.97 46.74 -34.99
C TYR D 221 -35.97 46.91 -36.12
N ASP D 222 -36.40 47.52 -37.21
CA ASP D 222 -35.51 47.71 -38.35
C ASP D 222 -35.24 49.16 -38.72
N GLU D 223 -35.42 50.08 -37.78
CA GLU D 223 -35.15 51.48 -38.06
C GLU D 223 -34.06 51.99 -37.12
N ASN D 224 -32.92 52.36 -37.70
CA ASN D 224 -31.76 52.82 -36.92
C ASN D 224 -31.14 51.59 -36.27
N TRP D 225 -30.19 51.80 -35.38
CA TRP D 225 -29.53 50.68 -34.70
C TRP D 225 -29.66 50.81 -33.19
N PRO D 226 -29.65 49.67 -32.47
CA PRO D 226 -29.53 48.31 -33.01
C PRO D 226 -30.82 47.82 -33.66
N LYS D 227 -30.72 46.76 -34.48
CA LYS D 227 -31.88 46.20 -35.15
C LYS D 227 -32.08 44.76 -34.65
N GLY D 228 -33.33 44.34 -34.49
CA GLY D 228 -33.60 43.00 -34.02
C GLY D 228 -35.05 42.58 -34.02
N VAL D 229 -35.33 41.45 -33.39
CA VAL D 229 -36.68 40.92 -33.31
C VAL D 229 -36.95 40.59 -31.84
N LEU D 230 -38.09 41.06 -31.33
CA LEU D 230 -38.45 40.83 -29.93
C LEU D 230 -39.73 40.02 -29.76
N ASP D 231 -39.66 38.99 -28.92
CA ASP D 231 -40.83 38.15 -28.64
C ASP D 231 -41.38 38.57 -27.28
N ARG D 232 -42.64 38.98 -27.24
CA ARG D 232 -43.28 39.39 -25.98
C ARG D 232 -43.93 38.14 -25.38
N LEU D 233 -43.11 37.28 -24.78
CA LEU D 233 -43.55 36.03 -24.20
C LEU D 233 -44.63 36.13 -23.11
N SER D 234 -44.44 37.00 -22.13
CA SER D 234 -45.43 37.12 -21.05
C SER D 234 -46.73 37.75 -21.54
N GLU D 235 -46.61 38.78 -22.37
CA GLU D 235 -47.78 39.49 -22.88
C GLU D 235 -48.56 38.79 -23.98
N ASN D 236 -47.89 38.48 -25.10
CA ASN D 236 -48.56 37.90 -26.25
C ASN D 236 -48.34 36.44 -26.63
N TYR D 237 -47.95 35.61 -25.68
CA TYR D 237 -47.75 34.19 -25.96
C TYR D 237 -48.52 33.35 -24.97
N MET D 238 -48.91 32.16 -25.41
CA MET D 238 -49.61 31.24 -24.54
C MET D 238 -48.58 30.21 -24.10
N PRO D 239 -48.27 30.16 -22.81
CA PRO D 239 -47.28 29.18 -22.33
C PRO D 239 -47.94 27.81 -22.17
N VAL D 240 -47.19 26.75 -22.47
CA VAL D 240 -47.69 25.39 -22.35
C VAL D 240 -47.12 24.74 -21.07
N PHE D 241 -47.94 24.60 -20.04
CA PHE D 241 -47.49 24.02 -18.78
C PHE D 241 -47.89 22.56 -18.62
N GLU D 242 -48.63 22.06 -19.60
CA GLU D 242 -49.08 20.68 -19.61
C GLU D 242 -49.02 20.16 -21.03
N ALA D 243 -48.51 18.95 -21.20
CA ALA D 243 -48.41 18.34 -22.52
C ALA D 243 -49.37 17.16 -22.59
N THR D 244 -50.19 17.12 -23.63
CA THR D 244 -51.14 16.05 -23.79
C THR D 244 -50.87 15.19 -25.01
N LEU D 245 -51.27 13.93 -24.94
CA LEU D 245 -51.08 12.99 -26.03
C LEU D 245 -52.23 11.99 -26.01
N ASP D 246 -53.02 12.00 -27.08
CA ASP D 246 -54.15 11.09 -27.22
C ASP D 246 -55.08 11.08 -25.99
N GLY D 247 -55.62 12.25 -25.67
CA GLY D 247 -56.55 12.37 -24.55
C GLY D 247 -55.99 12.15 -23.15
N GLU D 248 -54.68 12.16 -23.00
CA GLU D 248 -54.08 11.96 -21.69
C GLU D 248 -53.01 13.01 -21.40
N THR D 249 -52.95 13.47 -20.16
CA THR D 249 -51.93 14.43 -19.79
C THR D 249 -50.67 13.60 -19.61
N VAL D 250 -49.71 13.84 -20.50
CA VAL D 250 -48.47 13.11 -20.50
C VAL D 250 -47.35 13.80 -19.74
N LEU D 251 -47.46 15.12 -19.62
CA LEU D 251 -46.44 15.90 -18.92
C LEU D 251 -47.12 17.09 -18.25
N SER D 252 -46.73 17.39 -17.02
CA SER D 252 -47.33 18.50 -16.31
C SER D 252 -46.36 19.23 -15.38
N ALA D 253 -46.27 20.55 -15.56
CA ALA D 253 -45.41 21.36 -14.73
C ALA D 253 -46.22 21.78 -13.52
N GLU D 254 -46.51 20.82 -12.65
CA GLU D 254 -47.24 21.08 -11.42
C GLU D 254 -46.73 22.37 -10.82
N LEU D 255 -47.54 23.42 -10.95
CA LEU D 255 -47.17 24.76 -10.51
C LEU D 255 -47.73 25.03 -9.14
N THR D 256 -46.84 25.40 -8.22
CA THR D 256 -47.22 25.67 -6.83
C THR D 256 -47.88 27.04 -6.69
N GLY D 257 -47.49 27.99 -7.55
CA GLY D 257 -48.03 29.33 -7.49
C GLY D 257 -47.04 30.25 -6.82
N GLU D 258 -45.92 29.68 -6.36
CA GLU D 258 -44.87 30.44 -5.69
C GLU D 258 -43.59 30.48 -6.52
N GLU D 259 -43.68 30.00 -7.76
CA GLU D 259 -42.53 29.97 -8.68
C GLU D 259 -42.05 31.35 -9.09
N LYS D 260 -40.79 31.41 -9.54
CA LYS D 260 -40.22 32.67 -9.99
C LYS D 260 -40.57 32.85 -11.47
N LYS D 261 -40.86 34.08 -11.86
CA LYS D 261 -41.20 34.36 -13.25
C LYS D 261 -39.97 34.85 -14.01
N VAL D 262 -39.69 34.20 -15.14
CA VAL D 262 -38.55 34.56 -15.97
C VAL D 262 -38.92 34.50 -17.45
N ALA D 263 -38.03 35.01 -18.29
CA ALA D 263 -38.26 35.01 -19.73
C ALA D 263 -39.58 35.69 -20.10
N ALA D 264 -39.74 36.94 -19.69
CA ALA D 264 -40.94 37.69 -20.01
C ALA D 264 -40.77 38.10 -21.47
N GLN D 265 -39.53 38.35 -21.86
CA GLN D 265 -39.20 38.73 -23.22
C GLN D 265 -37.88 38.10 -23.65
N VAL D 266 -37.80 37.77 -24.93
CA VAL D 266 -36.58 37.21 -25.49
C VAL D 266 -36.43 37.89 -26.85
N SER D 267 -35.23 38.37 -27.15
CA SER D 267 -35.00 39.04 -28.41
C SER D 267 -33.61 38.76 -28.96
N VAL D 268 -33.45 38.93 -30.28
CA VAL D 268 -32.17 38.71 -30.93
C VAL D 268 -31.87 39.96 -31.77
N TRP D 269 -30.62 40.40 -31.73
CA TRP D 269 -30.21 41.60 -32.44
C TRP D 269 -28.97 41.38 -33.29
N LEU D 270 -28.88 42.08 -34.42
CA LEU D 270 -27.72 41.93 -35.29
C LEU D 270 -26.47 42.34 -34.54
N PRO D 271 -25.33 41.67 -34.83
CA PRO D 271 -25.17 40.62 -35.82
C PRO D 271 -25.64 39.23 -35.39
N GLY D 272 -26.22 39.13 -34.19
CA GLY D 272 -26.71 37.84 -33.71
C GLY D 272 -26.45 37.69 -32.22
N VAL D 273 -27.14 38.51 -31.43
CA VAL D 273 -26.99 38.51 -29.98
C VAL D 273 -28.34 38.35 -29.33
N LEU D 274 -28.44 37.39 -28.41
CA LEU D 274 -29.68 37.12 -27.72
C LEU D 274 -29.79 37.92 -26.42
N LYS D 275 -31.04 38.18 -26.02
CA LYS D 275 -31.32 38.87 -24.77
C LYS D 275 -32.53 38.19 -24.16
N VAL D 276 -32.33 37.49 -23.05
CA VAL D 276 -33.42 36.80 -22.35
C VAL D 276 -33.68 37.66 -21.11
N ASP D 277 -34.89 38.21 -21.03
CA ASP D 277 -35.24 39.12 -19.95
C ASP D 277 -36.53 38.75 -19.19
N PRO D 278 -36.41 38.36 -17.91
CA PRO D 278 -35.17 38.21 -17.14
C PRO D 278 -34.78 36.74 -17.12
N PHE D 279 -33.50 36.45 -16.90
CA PHE D 279 -33.01 35.06 -16.87
C PHE D 279 -31.52 35.07 -16.50
N PRO D 280 -31.03 34.02 -15.82
CA PRO D 280 -31.72 32.81 -15.34
C PRO D 280 -32.45 33.03 -14.01
N ASP D 281 -32.60 34.30 -13.63
CA ASP D 281 -33.29 34.67 -12.39
C ASP D 281 -33.93 36.03 -12.57
N PRO D 282 -35.03 36.30 -11.84
CA PRO D 282 -35.72 37.59 -11.94
C PRO D 282 -34.79 38.80 -11.83
N THR D 283 -33.71 38.65 -11.09
CA THR D 283 -32.76 39.74 -10.88
C THR D 283 -31.66 39.81 -11.93
N LEU D 284 -31.77 38.99 -12.97
CA LEU D 284 -30.74 38.97 -14.01
C LEU D 284 -31.25 39.00 -15.44
N ILE D 285 -30.35 39.37 -16.34
CA ILE D 285 -30.64 39.39 -17.76
C ILE D 285 -29.49 38.60 -18.40
N GLN D 286 -29.81 37.66 -19.27
CA GLN D 286 -28.80 36.86 -19.93
C GLN D 286 -28.63 37.21 -21.39
N TYR D 287 -27.39 37.53 -21.77
CA TYR D 287 -27.06 37.86 -23.16
C TYR D 287 -26.21 36.72 -23.71
N GLU D 288 -26.43 36.37 -24.98
CA GLU D 288 -25.67 35.30 -25.60
C GLU D 288 -25.14 35.72 -26.97
N PHE D 289 -23.89 35.37 -27.25
CA PHE D 289 -23.29 35.67 -28.54
C PHE D 289 -22.88 34.33 -29.15
N TYR D 290 -22.88 34.25 -30.47
CA TYR D 290 -22.51 33.03 -31.16
C TYR D 290 -21.60 33.44 -32.32
N VAL D 291 -20.37 33.82 -31.97
CA VAL D 291 -19.40 34.28 -32.95
C VAL D 291 -18.79 33.15 -33.77
N PRO D 292 -18.91 33.24 -35.10
CA PRO D 292 -18.35 32.20 -35.97
C PRO D 292 -16.85 32.05 -35.78
N ILE D 293 -16.38 30.81 -35.78
CA ILE D 293 -14.96 30.53 -35.65
C ILE D 293 -14.57 30.08 -37.04
N SER D 294 -15.29 29.07 -37.52
CA SER D 294 -15.09 28.50 -38.84
C SER D 294 -16.51 28.25 -39.38
N GLU D 295 -16.60 27.57 -40.53
CA GLU D 295 -17.90 27.29 -41.13
C GLU D 295 -18.72 26.31 -40.30
N THR D 296 -18.05 25.54 -39.44
CA THR D 296 -18.72 24.53 -38.62
C THR D 296 -18.60 24.73 -37.10
N GLN D 297 -18.05 25.85 -36.65
CA GLN D 297 -17.89 26.07 -35.22
C GLN D 297 -18.13 27.53 -34.83
N HIS D 298 -18.50 27.76 -33.58
CA HIS D 298 -18.70 29.11 -33.10
C HIS D 298 -18.35 29.22 -31.62
N GLU D 299 -18.08 30.45 -31.18
CA GLU D 299 -17.74 30.69 -29.78
C GLU D 299 -19.02 31.18 -29.10
N TYR D 300 -19.51 30.37 -28.17
CA TYR D 300 -20.71 30.68 -27.42
C TYR D 300 -20.40 31.45 -26.14
N PHE D 301 -20.86 32.70 -26.09
CA PHE D 301 -20.67 33.57 -24.92
C PHE D 301 -21.99 33.66 -24.16
N GLN D 302 -21.91 33.63 -22.83
CA GLN D 302 -23.09 33.77 -21.98
C GLN D 302 -22.69 34.84 -20.97
N VAL D 303 -23.35 35.98 -21.02
CA VAL D 303 -23.03 37.08 -20.12
C VAL D 303 -24.25 37.46 -19.29
N LEU D 304 -24.10 37.44 -17.97
CA LEU D 304 -25.19 37.78 -17.07
C LEU D 304 -25.06 39.21 -16.57
N GLN D 305 -26.18 39.93 -16.60
CA GLN D 305 -26.21 41.33 -16.18
C GLN D 305 -27.07 41.54 -14.93
N ARG D 306 -26.52 42.31 -13.99
CA ARG D 306 -27.21 42.61 -12.73
C ARG D 306 -27.14 44.10 -12.40
N LYS D 307 -28.26 44.66 -11.97
CA LYS D 307 -28.29 46.06 -11.59
C LYS D 307 -27.51 46.18 -10.29
N VAL D 308 -26.69 47.22 -10.16
CA VAL D 308 -25.90 47.42 -8.96
C VAL D 308 -25.92 48.90 -8.57
N GLU D 309 -25.86 49.16 -7.27
CA GLU D 309 -25.89 50.53 -6.75
C GLU D 309 -24.49 50.98 -6.33
N GLY D 310 -23.60 50.02 -6.10
CA GLY D 310 -22.26 50.36 -5.69
C GLY D 310 -21.30 49.18 -5.75
N PRO D 311 -20.04 49.36 -5.32
CA PRO D 311 -19.04 48.29 -5.33
C PRO D 311 -19.43 47.12 -4.44
N GLU D 312 -20.42 47.33 -3.57
CA GLU D 312 -20.86 46.28 -2.66
C GLU D 312 -21.75 45.28 -3.41
N ASP D 313 -22.65 45.80 -4.24
CA ASP D 313 -23.54 44.95 -5.00
C ASP D 313 -22.74 44.17 -6.04
N VAL D 314 -21.70 44.79 -6.56
CA VAL D 314 -20.83 44.16 -7.55
C VAL D 314 -20.16 42.94 -6.94
N LYS D 315 -19.56 43.11 -5.77
CA LYS D 315 -18.88 42.02 -5.09
C LYS D 315 -19.87 40.89 -4.78
N THR D 316 -21.10 41.27 -4.43
CA THR D 316 -22.14 40.31 -4.12
C THR D 316 -22.52 39.50 -5.38
N PHE D 317 -22.56 40.18 -6.53
CA PHE D 317 -22.90 39.54 -7.78
C PHE D 317 -21.80 38.57 -8.20
N GLU D 318 -20.55 39.01 -8.07
CA GLU D 318 -19.41 38.19 -8.43
C GLU D 318 -19.38 36.92 -7.59
N VAL D 319 -19.77 37.03 -6.32
CA VAL D 319 -19.79 35.88 -5.43
C VAL D 319 -20.91 34.92 -5.81
N GLU D 320 -22.11 35.44 -6.04
CA GLU D 320 -23.22 34.58 -6.45
C GLU D 320 -22.88 33.89 -7.75
N PHE D 321 -22.24 34.63 -8.65
CA PHE D 321 -21.86 34.10 -9.96
C PHE D 321 -21.00 32.86 -9.78
N GLU D 322 -19.92 33.02 -9.04
CA GLU D 322 -18.96 31.95 -8.77
C GLU D 322 -19.55 30.77 -7.98
N GLU D 323 -20.43 31.07 -7.04
CA GLU D 323 -21.02 30.03 -6.21
C GLU D 323 -22.30 29.39 -6.72
N ARG D 324 -23.03 30.11 -7.58
CA ARG D 324 -24.30 29.57 -8.05
C ARG D 324 -24.64 29.78 -9.52
N TRP D 325 -24.71 31.04 -9.94
CA TRP D 325 -25.08 31.39 -11.30
C TRP D 325 -24.34 30.65 -12.42
N ARG D 326 -23.02 30.78 -12.45
CA ARG D 326 -22.21 30.15 -13.49
C ARG D 326 -22.44 28.65 -13.69
N ASP D 327 -22.26 27.86 -12.64
CA ASP D 327 -22.43 26.42 -12.75
C ASP D 327 -23.85 25.87 -12.67
N ASP D 328 -24.73 26.49 -11.88
CA ASP D 328 -26.10 25.97 -11.79
C ASP D 328 -26.94 26.36 -12.99
N ALA D 329 -26.64 27.51 -13.60
CA ALA D 329 -27.43 27.96 -14.75
C ALA D 329 -26.69 27.95 -16.09
N LEU D 330 -25.58 28.68 -16.19
CA LEU D 330 -24.84 28.71 -17.45
C LEU D 330 -24.43 27.31 -17.88
N HIS D 331 -24.25 26.41 -16.91
CA HIS D 331 -23.92 25.04 -17.24
C HIS D 331 -25.10 24.12 -16.94
N GLY D 332 -25.59 24.17 -15.70
CA GLY D 332 -26.71 23.33 -15.32
C GLY D 332 -27.94 23.48 -16.19
N PHE D 333 -28.13 24.65 -16.77
CA PHE D 333 -29.29 24.88 -17.62
C PHE D 333 -28.93 24.83 -19.11
N ASN D 334 -27.97 25.65 -19.52
CA ASN D 334 -27.57 25.74 -20.91
C ASN D 334 -26.67 24.68 -21.54
N ASP D 335 -25.99 23.87 -20.73
CA ASP D 335 -25.10 22.86 -21.30
C ASP D 335 -25.81 22.04 -22.37
N ASP D 336 -27.07 21.71 -22.17
CA ASP D 336 -27.82 20.92 -23.15
C ASP D 336 -27.99 21.63 -24.48
N ASP D 337 -27.97 22.96 -24.47
CA ASP D 337 -28.12 23.70 -25.72
C ASP D 337 -26.93 23.41 -26.64
N VAL D 338 -25.80 23.05 -26.05
CA VAL D 338 -24.60 22.76 -26.82
C VAL D 338 -24.73 21.54 -27.75
N TRP D 339 -25.14 20.39 -27.21
CA TRP D 339 -25.28 19.23 -28.07
C TRP D 339 -26.53 19.34 -28.93
N ALA D 340 -27.45 20.21 -28.53
CA ALA D 340 -28.68 20.40 -29.30
C ALA D 340 -28.30 21.07 -30.63
N ARG D 341 -27.38 22.02 -30.56
CA ARG D 341 -26.92 22.72 -31.76
C ARG D 341 -26.06 21.78 -32.62
N GLU D 342 -25.13 21.07 -31.98
CA GLU D 342 -24.26 20.16 -32.71
C GLU D 342 -25.03 19.02 -33.38
N ALA D 343 -26.19 18.70 -32.82
CA ALA D 343 -27.04 17.64 -33.36
C ALA D 343 -27.70 18.08 -34.68
N GLN D 344 -27.67 19.38 -34.96
CA GLN D 344 -28.26 19.93 -36.18
C GLN D 344 -27.21 20.23 -37.23
N GLN D 345 -25.94 20.16 -36.85
CA GLN D 345 -24.85 20.48 -37.77
C GLN D 345 -24.84 19.70 -39.08
N GLU D 346 -24.95 18.38 -39.00
CA GLU D 346 -24.94 17.58 -40.22
C GLU D 346 -26.08 17.95 -41.17
N PHE D 347 -27.29 18.02 -40.64
CA PHE D 347 -28.46 18.34 -41.45
C PHE D 347 -28.35 19.67 -42.16
N TYR D 348 -28.08 20.74 -41.42
CA TYR D 348 -27.97 22.06 -42.02
C TYR D 348 -26.65 22.28 -42.76
N GLY D 349 -25.55 21.82 -42.17
CA GLY D 349 -24.26 22.02 -42.79
C GLY D 349 -23.89 21.12 -43.95
N GLU D 350 -24.42 19.90 -43.97
CA GLU D 350 -24.08 18.95 -45.03
C GLU D 350 -25.26 18.49 -45.90
N ARG D 351 -26.45 18.42 -45.31
CA ARG D 351 -27.62 17.95 -46.04
C ARG D 351 -28.58 19.01 -46.56
N ASP D 352 -28.10 20.23 -46.70
CA ASP D 352 -28.94 21.31 -47.21
C ASP D 352 -30.23 21.47 -46.40
N GLY D 353 -30.09 21.43 -45.07
CA GLY D 353 -31.26 21.58 -44.21
C GLY D 353 -32.00 22.89 -44.35
N TRP D 354 -31.33 23.92 -44.86
CA TRP D 354 -31.97 25.22 -45.03
C TRP D 354 -33.17 25.17 -45.96
N SER D 355 -33.19 24.19 -46.85
CA SER D 355 -34.33 24.06 -47.75
C SER D 355 -35.16 22.82 -47.46
N LYS D 356 -34.61 21.90 -46.67
CA LYS D 356 -35.34 20.66 -46.33
C LYS D 356 -36.10 20.74 -45.00
N GLU D 357 -35.75 21.71 -44.16
CA GLU D 357 -36.42 21.88 -42.88
C GLU D 357 -37.91 22.10 -43.07
N GLN D 358 -38.70 21.75 -42.07
CA GLN D 358 -40.15 21.97 -42.15
C GLN D 358 -40.56 22.67 -40.86
N LEU D 359 -40.68 23.99 -40.96
CA LEU D 359 -41.02 24.83 -39.82
C LEU D 359 -42.49 24.83 -39.45
N PHE D 360 -42.78 25.31 -38.25
CA PHE D 360 -44.15 25.43 -37.81
C PHE D 360 -44.31 26.82 -37.20
N PRO D 361 -45.55 27.27 -36.96
CA PRO D 361 -45.84 28.59 -36.40
C PRO D 361 -44.90 29.29 -35.42
N PRO D 362 -44.47 28.61 -34.36
CA PRO D 362 -43.57 29.30 -33.43
C PRO D 362 -42.23 29.75 -34.03
N ASP D 363 -41.76 29.07 -35.07
CA ASP D 363 -40.48 29.42 -35.70
C ASP D 363 -40.54 30.72 -36.48
N MET D 364 -41.73 31.30 -36.58
CA MET D 364 -41.93 32.54 -37.32
C MET D 364 -41.02 33.65 -36.81
N CYS D 365 -40.66 33.61 -35.52
CA CYS D 365 -39.80 34.65 -35.00
C CYS D 365 -38.40 34.46 -35.58
N ILE D 366 -38.03 33.20 -35.81
CA ILE D 366 -36.73 32.89 -36.37
C ILE D 366 -36.73 33.33 -37.83
N VAL D 367 -37.87 33.15 -38.49
CA VAL D 367 -38.02 33.54 -39.89
C VAL D 367 -37.84 35.04 -40.02
N LYS D 368 -38.40 35.81 -39.07
CA LYS D 368 -38.28 37.26 -39.12
C LYS D 368 -36.83 37.67 -38.91
N TRP D 369 -36.14 36.95 -38.03
CA TRP D 369 -34.73 37.24 -37.77
C TRP D 369 -33.90 36.98 -39.02
N ARG D 370 -34.12 35.85 -39.68
CA ARG D 370 -33.36 35.50 -40.88
C ARG D 370 -33.61 36.55 -41.97
N THR D 371 -34.86 36.97 -42.10
CA THR D 371 -35.24 37.96 -43.11
C THR D 371 -34.60 39.32 -42.81
N LEU D 372 -34.57 39.70 -41.54
CA LEU D 372 -33.98 40.95 -41.12
C LEU D 372 -32.45 40.91 -41.28
N ALA D 373 -31.86 39.79 -40.89
CA ALA D 373 -30.42 39.62 -40.99
C ALA D 373 -29.97 39.62 -42.45
N SER D 374 -30.71 38.93 -43.30
CA SER D 374 -30.38 38.87 -44.71
C SER D 374 -30.32 40.29 -45.31
N GLU D 375 -31.25 41.13 -44.90
CA GLU D 375 -31.32 42.50 -45.37
C GLU D 375 -30.34 43.46 -44.70
N ARG D 376 -30.18 43.32 -43.39
CA ARG D 376 -29.33 44.25 -42.66
C ARG D 376 -27.94 43.85 -42.18
N GLY D 377 -27.58 42.57 -42.26
CA GLY D 377 -26.22 42.21 -41.87
C GLY D 377 -25.36 43.15 -42.71
N ARG D 378 -24.32 43.72 -42.14
CA ARG D 378 -23.52 44.68 -42.91
C ARG D 378 -22.52 44.13 -43.91
N GLY D 379 -22.19 42.84 -43.77
CA GLY D 379 -21.25 42.25 -44.70
C GLY D 379 -21.38 40.74 -44.62
N VAL D 380 -21.20 40.07 -45.75
CA VAL D 380 -21.31 38.62 -45.79
C VAL D 380 -19.95 37.95 -45.88
N ARG D 381 -19.67 37.09 -44.91
CA ARG D 381 -18.42 36.36 -44.85
C ARG D 381 -18.80 34.94 -45.24
N ALA D 382 -18.53 34.59 -46.50
CA ALA D 382 -18.86 33.27 -47.05
C ALA D 382 -17.82 32.19 -46.74
N SER E 16 -14.48 -3.90 -69.97
CA SER E 16 -13.82 -4.01 -68.63
C SER E 16 -14.85 -4.21 -67.51
N ALA E 17 -14.48 -3.78 -66.31
CA ALA E 17 -15.35 -3.92 -65.14
C ALA E 17 -16.65 -3.13 -65.33
N GLN E 18 -16.52 -1.88 -65.75
CA GLN E 18 -17.70 -1.03 -65.95
C GLN E 18 -18.58 -1.58 -67.07
N VAL E 19 -18.06 -2.54 -67.82
CA VAL E 19 -18.81 -3.13 -68.91
C VAL E 19 -19.52 -4.41 -68.50
N LYS E 20 -18.90 -5.21 -67.64
CA LYS E 20 -19.50 -6.46 -67.20
C LYS E 20 -20.39 -6.36 -65.98
N TRP E 21 -20.02 -5.50 -65.03
CA TRP E 21 -20.81 -5.35 -63.81
C TRP E 21 -20.93 -3.89 -63.36
N PRO E 22 -21.45 -3.02 -64.25
CA PRO E 22 -21.61 -1.60 -63.94
C PRO E 22 -22.46 -1.27 -62.72
N ARG E 23 -23.62 -1.92 -62.60
CA ARG E 23 -24.49 -1.62 -61.47
C ARG E 23 -23.88 -2.09 -60.15
N TYR E 24 -23.03 -3.12 -60.21
CA TYR E 24 -22.37 -3.60 -59.01
C TYR E 24 -21.36 -2.54 -58.58
N LEU E 25 -20.67 -1.94 -59.56
CA LEU E 25 -19.69 -0.91 -59.25
C LEU E 25 -20.35 0.37 -58.74
N GLU E 26 -21.53 0.67 -59.28
CA GLU E 26 -22.27 1.86 -58.88
C GLU E 26 -22.86 1.74 -57.47
N ALA E 27 -23.19 0.51 -57.07
CA ALA E 27 -23.81 0.28 -55.76
C ALA E 27 -22.84 0.39 -54.58
N THR E 28 -22.13 1.50 -54.50
CA THR E 28 -21.17 1.74 -53.44
C THR E 28 -21.86 1.74 -52.08
N LEU E 29 -23.10 2.22 -52.05
CA LEU E 29 -23.85 2.29 -50.81
C LEU E 29 -24.81 1.11 -50.69
N GLY E 30 -24.62 0.11 -51.56
CA GLY E 30 -25.44 -1.09 -51.50
C GLY E 30 -26.62 -1.22 -52.44
N PHE E 31 -27.25 -2.39 -52.39
CA PHE E 31 -28.43 -2.66 -53.21
C PHE E 31 -29.66 -2.45 -52.33
N ASP E 32 -30.52 -1.50 -52.71
CA ASP E 32 -31.72 -1.27 -51.93
C ASP E 32 -32.91 -2.01 -52.57
N ASN E 33 -34.09 -1.89 -51.97
CA ASN E 33 -35.27 -2.63 -52.40
C ASN E 33 -35.03 -4.10 -52.09
N HIS E 34 -34.37 -4.32 -50.95
CA HIS E 34 -34.05 -5.66 -50.45
C HIS E 34 -34.19 -5.62 -48.94
N TRP E 35 -34.33 -6.80 -48.33
CA TRP E 35 -34.38 -6.88 -46.88
C TRP E 35 -32.93 -6.95 -46.41
N HIS E 36 -32.63 -6.29 -45.30
CA HIS E 36 -31.28 -6.31 -44.74
C HIS E 36 -31.37 -6.42 -43.22
N PRO E 37 -30.50 -7.22 -42.60
CA PRO E 37 -30.56 -7.35 -41.14
C PRO E 37 -30.10 -6.03 -40.49
N ALA E 38 -30.74 -5.66 -39.39
CA ALA E 38 -30.40 -4.42 -38.69
C ALA E 38 -29.88 -4.70 -37.28
N ALA E 39 -30.42 -5.73 -36.66
CA ALA E 39 -30.03 -6.09 -35.31
C ALA E 39 -30.60 -7.44 -34.94
N PHE E 40 -30.28 -7.91 -33.75
CA PHE E 40 -30.81 -9.17 -33.27
C PHE E 40 -31.99 -8.79 -32.39
N ASP E 41 -33.04 -9.60 -32.48
CA ASP E 41 -34.27 -9.38 -31.72
C ASP E 41 -34.03 -9.16 -30.23
N HIS E 42 -33.14 -9.96 -29.64
CA HIS E 42 -32.84 -9.86 -28.21
C HIS E 42 -32.21 -8.55 -27.75
N GLU E 43 -31.87 -7.68 -28.69
CA GLU E 43 -31.26 -6.39 -28.35
C GLU E 43 -32.36 -5.39 -28.00
N LEU E 44 -33.61 -5.76 -28.24
CA LEU E 44 -34.72 -4.86 -27.98
C LEU E 44 -35.79 -5.36 -27.03
N ALA E 45 -35.91 -4.69 -25.89
CA ALA E 45 -36.94 -5.03 -24.92
C ALA E 45 -38.01 -3.97 -25.14
N GLU E 46 -39.19 -4.19 -24.57
CA GLU E 46 -40.29 -3.25 -24.72
C GLU E 46 -39.83 -1.85 -24.30
N GLY E 47 -40.14 -0.86 -25.14
CA GLY E 47 -39.76 0.52 -24.84
C GLY E 47 -38.31 0.89 -25.05
N GLU E 48 -37.47 -0.09 -25.40
CA GLU E 48 -36.05 0.15 -25.61
C GLU E 48 -35.76 0.67 -27.03
N PHE E 49 -34.67 1.42 -27.17
CA PHE E 49 -34.29 1.98 -28.47
C PHE E 49 -32.92 1.50 -28.94
N VAL E 50 -32.79 1.34 -30.26
CA VAL E 50 -31.53 0.93 -30.87
C VAL E 50 -31.37 1.71 -32.17
N ALA E 51 -30.25 2.41 -32.31
CA ALA E 51 -29.98 3.20 -33.50
C ALA E 51 -29.04 2.47 -34.43
N VAL E 52 -29.40 2.42 -35.70
CA VAL E 52 -28.56 1.77 -36.71
C VAL E 52 -28.52 2.62 -37.97
N THR E 53 -27.49 2.43 -38.78
CA THR E 53 -27.34 3.15 -40.02
C THR E 53 -27.22 2.10 -41.13
N MET E 54 -28.20 2.10 -42.03
CA MET E 54 -28.23 1.12 -43.11
C MET E 54 -28.25 1.78 -44.47
N LEU E 55 -27.28 1.43 -45.31
CA LEU E 55 -27.18 1.98 -46.65
C LEU E 55 -27.28 3.50 -46.60
N GLY E 56 -26.62 4.11 -45.62
CA GLY E 56 -26.62 5.55 -45.50
C GLY E 56 -27.81 6.17 -44.78
N GLU E 57 -28.80 5.37 -44.42
CA GLU E 57 -29.97 5.89 -43.72
C GLU E 57 -29.93 5.61 -42.22
N LYS E 58 -30.12 6.65 -41.42
CA LYS E 58 -30.15 6.47 -39.96
C LYS E 58 -31.55 5.97 -39.59
N VAL E 59 -31.59 4.80 -38.96
CA VAL E 59 -32.86 4.20 -38.57
C VAL E 59 -32.94 4.00 -37.07
N LEU E 60 -34.10 4.27 -36.50
CA LEU E 60 -34.31 4.10 -35.07
C LEU E 60 -35.22 2.90 -34.88
N LEU E 61 -34.76 1.92 -34.10
CA LEU E 61 -35.57 0.74 -33.84
C LEU E 61 -36.08 0.78 -32.40
N THR E 62 -37.26 0.22 -32.17
CA THR E 62 -37.84 0.15 -30.84
C THR E 62 -38.90 -0.94 -30.82
N ARG E 63 -39.23 -1.44 -29.64
CA ARG E 63 -40.26 -2.46 -29.52
C ARG E 63 -41.47 -1.79 -28.88
N ALA E 64 -42.58 -1.73 -29.63
CA ALA E 64 -43.81 -1.10 -29.14
C ALA E 64 -44.91 -2.14 -29.11
N LYS E 65 -45.51 -2.33 -27.93
CA LYS E 65 -46.58 -3.31 -27.77
C LYS E 65 -46.10 -4.69 -28.23
N GLY E 66 -44.83 -4.99 -27.96
CA GLY E 66 -44.27 -6.27 -28.33
C GLY E 66 -43.70 -6.39 -29.73
N GLU E 67 -44.00 -5.42 -30.59
CA GLU E 67 -43.52 -5.45 -31.97
C GLU E 67 -42.37 -4.48 -32.25
N VAL E 68 -41.38 -4.97 -33.00
CA VAL E 68 -40.23 -4.16 -33.38
C VAL E 68 -40.65 -3.23 -34.50
N LYS E 69 -40.43 -1.94 -34.30
CA LYS E 69 -40.77 -0.92 -35.28
C LYS E 69 -39.50 -0.19 -35.70
N ALA E 70 -39.48 0.28 -36.95
CA ALA E 70 -38.33 1.01 -37.47
C ALA E 70 -38.84 2.29 -38.12
N ILE E 71 -38.24 3.41 -37.73
CA ILE E 71 -38.63 4.70 -38.26
C ILE E 71 -37.37 5.52 -38.54
N ALA E 72 -37.46 6.44 -39.50
CA ALA E 72 -36.32 7.27 -39.86
C ALA E 72 -35.81 8.00 -38.61
N ASP E 73 -34.52 7.84 -38.33
CA ASP E 73 -33.92 8.48 -37.17
C ASP E 73 -33.59 9.93 -37.51
N GLY E 74 -34.61 10.70 -37.85
CA GLY E 74 -34.43 12.11 -38.21
C GLY E 74 -35.75 12.84 -38.15
N CYS E 75 -35.81 13.90 -37.37
CA CYS E 75 -37.03 14.68 -37.21
C CYS E 75 -37.27 15.54 -38.45
N ALA E 76 -38.53 15.67 -38.84
CA ALA E 76 -38.91 16.45 -40.01
C ALA E 76 -38.78 17.94 -39.77
N HIS E 77 -38.78 18.34 -38.50
CA HIS E 77 -38.68 19.75 -38.13
C HIS E 77 -37.30 20.33 -38.49
N ARG E 78 -36.30 20.05 -37.65
CA ARG E 78 -34.96 20.56 -37.91
C ARG E 78 -33.95 19.43 -38.15
N GLY E 79 -34.45 18.29 -38.58
CA GLY E 79 -33.60 17.16 -38.92
C GLY E 79 -32.73 16.46 -37.89
N VAL E 80 -32.91 16.75 -36.61
CA VAL E 80 -32.08 16.08 -35.60
C VAL E 80 -32.46 14.61 -35.45
N PRO E 81 -31.51 13.79 -35.02
CA PRO E 81 -31.82 12.37 -34.83
C PRO E 81 -32.46 12.15 -33.46
N PHE E 82 -33.51 11.35 -33.41
CA PHE E 82 -34.19 11.05 -32.15
C PHE E 82 -33.26 10.31 -31.20
N SER E 83 -32.36 9.50 -31.77
CA SER E 83 -31.44 8.69 -30.99
C SER E 83 -30.57 9.46 -30.01
N LYS E 84 -30.43 10.77 -30.22
CA LYS E 84 -29.64 11.60 -29.32
C LYS E 84 -30.30 11.52 -27.94
N GLU E 85 -31.63 11.44 -27.94
CA GLU E 85 -32.42 11.36 -26.72
C GLU E 85 -33.81 10.87 -27.10
N PRO E 86 -33.94 9.56 -27.38
CA PRO E 86 -35.22 8.98 -27.77
C PRO E 86 -36.26 9.08 -26.64
N LEU E 87 -37.45 9.51 -27.00
CA LEU E 87 -38.52 9.66 -26.03
C LEU E 87 -39.81 9.00 -26.51
N CYS E 88 -40.54 8.43 -25.56
CA CYS E 88 -41.82 7.78 -25.85
C CYS E 88 -42.75 8.07 -24.67
N PHE E 89 -43.84 8.77 -24.95
CA PHE E 89 -44.82 9.11 -23.92
C PHE E 89 -46.09 8.30 -24.12
N LYS E 90 -46.02 7.36 -25.07
CA LYS E 90 -47.14 6.49 -25.39
C LYS E 90 -46.69 5.42 -26.37
N ALA E 91 -46.82 4.16 -25.97
CA ALA E 91 -46.40 3.04 -26.81
C ALA E 91 -46.98 3.21 -28.21
N GLY E 92 -46.14 3.01 -29.22
CA GLY E 92 -46.60 3.15 -30.59
C GLY E 92 -46.30 4.52 -31.19
N THR E 93 -45.63 5.37 -30.42
CA THR E 93 -45.27 6.70 -30.89
C THR E 93 -43.87 7.04 -30.40
N VAL E 94 -43.30 8.08 -31.00
CA VAL E 94 -41.98 8.55 -30.61
C VAL E 94 -42.05 10.08 -30.65
N SER E 95 -41.45 10.72 -29.66
CA SER E 95 -41.46 12.18 -29.57
C SER E 95 -40.04 12.74 -29.66
N CYS E 96 -39.85 13.76 -30.50
CA CYS E 96 -38.55 14.37 -30.65
C CYS E 96 -38.18 15.10 -29.35
N TRP E 97 -36.92 14.97 -28.96
CA TRP E 97 -36.41 15.59 -27.74
C TRP E 97 -36.27 17.11 -27.81
N TYR E 98 -36.28 17.66 -29.02
CA TYR E 98 -36.08 19.10 -29.21
C TYR E 98 -37.33 19.97 -29.04
N HIS E 99 -38.35 19.76 -29.87
CA HIS E 99 -39.58 20.56 -29.75
C HIS E 99 -40.82 19.71 -29.51
N GLY E 100 -40.63 18.43 -29.20
CA GLY E 100 -41.76 17.56 -28.92
C GLY E 100 -42.63 17.05 -30.04
N TRP E 101 -42.22 17.23 -31.29
CA TRP E 101 -43.02 16.72 -32.40
C TRP E 101 -43.14 15.22 -32.17
N THR E 102 -44.35 14.70 -32.22
CA THR E 102 -44.62 13.29 -31.95
C THR E 102 -45.16 12.56 -33.17
N TYR E 103 -44.55 11.41 -33.47
CA TYR E 103 -44.94 10.63 -34.63
C TYR E 103 -45.54 9.27 -34.32
N ASP E 104 -46.38 8.82 -35.25
CA ASP E 104 -47.03 7.52 -35.15
C ASP E 104 -46.05 6.52 -35.79
N LEU E 105 -45.66 5.50 -35.04
CA LEU E 105 -44.71 4.52 -35.55
C LEU E 105 -45.20 3.66 -36.71
N ASP E 106 -46.51 3.48 -36.81
CA ASP E 106 -47.08 2.65 -37.88
C ASP E 106 -47.13 3.28 -39.25
N ASP E 107 -47.18 4.62 -39.32
CA ASP E 107 -47.22 5.30 -40.61
C ASP E 107 -46.24 6.47 -40.71
N GLY E 108 -45.54 6.76 -39.62
CA GLY E 108 -44.57 7.86 -39.62
C GLY E 108 -45.18 9.26 -39.66
N ARG E 109 -46.49 9.33 -39.48
CA ARG E 109 -47.17 10.62 -39.51
C ARG E 109 -47.04 11.42 -38.22
N LEU E 110 -47.00 12.73 -38.37
CA LEU E 110 -46.92 13.63 -37.23
C LEU E 110 -48.34 13.69 -36.65
N VAL E 111 -48.53 13.14 -35.45
CA VAL E 111 -49.85 13.14 -34.84
C VAL E 111 -50.05 14.18 -33.74
N ASP E 112 -48.97 14.80 -33.29
CA ASP E 112 -49.08 15.82 -32.26
C ASP E 112 -47.76 16.55 -32.03
N VAL E 113 -47.85 17.70 -31.39
CA VAL E 113 -46.70 18.52 -31.05
C VAL E 113 -46.91 18.91 -29.59
N LEU E 114 -46.13 18.30 -28.71
CA LEU E 114 -46.24 18.53 -27.27
C LEU E 114 -46.07 19.98 -26.86
N THR E 115 -45.31 20.74 -27.63
CA THR E 115 -45.07 22.15 -27.33
C THR E 115 -46.09 23.08 -27.96
N SER E 116 -46.97 22.53 -28.79
CA SER E 116 -47.98 23.37 -29.45
C SER E 116 -49.19 22.54 -29.87
N PRO E 117 -50.01 22.15 -28.89
CA PRO E 117 -51.20 21.33 -29.20
C PRO E 117 -52.08 22.05 -30.22
N GLY E 118 -52.64 21.29 -31.14
CA GLY E 118 -53.50 21.87 -32.16
C GLY E 118 -52.74 22.59 -33.26
N SER E 119 -51.41 22.49 -33.24
CA SER E 119 -50.61 23.14 -34.27
C SER E 119 -51.09 22.70 -35.65
N PRO E 120 -51.21 23.64 -36.59
CA PRO E 120 -51.67 23.33 -37.95
C PRO E 120 -50.81 22.35 -38.76
N VAL E 121 -49.59 22.08 -38.31
CA VAL E 121 -48.73 21.15 -39.05
C VAL E 121 -49.12 19.70 -38.76
N ILE E 122 -49.84 19.49 -37.66
CA ILE E 122 -50.27 18.16 -37.28
C ILE E 122 -51.10 17.52 -38.37
N GLY E 123 -50.72 16.31 -38.78
CA GLY E 123 -51.45 15.62 -39.82
C GLY E 123 -51.03 15.97 -41.24
N LYS E 124 -50.21 17.01 -41.39
CA LYS E 124 -49.73 17.42 -42.70
C LYS E 124 -48.26 17.09 -42.91
N ILE E 125 -47.67 16.41 -41.93
CA ILE E 125 -46.27 16.06 -42.01
C ILE E 125 -46.03 14.62 -41.59
N GLY E 126 -45.01 14.01 -42.18
CA GLY E 126 -44.68 12.64 -41.84
C GLY E 126 -43.26 12.29 -42.25
N ILE E 127 -42.69 11.29 -41.60
CA ILE E 127 -41.36 10.83 -41.94
C ILE E 127 -41.45 9.35 -42.32
N LYS E 128 -40.36 8.82 -42.84
CA LYS E 128 -40.29 7.45 -43.29
C LYS E 128 -40.31 6.36 -42.21
N VAL E 129 -41.13 5.33 -42.43
CA VAL E 129 -41.16 4.18 -41.53
C VAL E 129 -40.81 3.01 -42.43
N TYR E 130 -40.14 2.01 -41.88
CA TYR E 130 -39.71 0.86 -42.68
C TYR E 130 -40.36 -0.46 -42.29
N PRO E 131 -40.64 -1.31 -43.28
CA PRO E 131 -41.25 -2.60 -42.96
C PRO E 131 -40.22 -3.39 -42.16
N VAL E 132 -40.68 -4.10 -41.15
CA VAL E 132 -39.79 -4.91 -40.32
C VAL E 132 -40.31 -6.33 -40.26
N GLN E 133 -39.37 -7.28 -40.21
CA GLN E 133 -39.73 -8.68 -40.08
C GLN E 133 -38.65 -9.40 -39.30
N VAL E 134 -39.05 -9.97 -38.17
CA VAL E 134 -38.13 -10.69 -37.32
C VAL E 134 -38.19 -12.16 -37.67
N ALA E 135 -37.03 -12.75 -37.92
CA ALA E 135 -36.96 -14.17 -38.27
C ALA E 135 -35.67 -14.77 -37.75
N GLN E 136 -35.78 -15.97 -37.18
CA GLN E 136 -34.63 -16.67 -36.64
C GLN E 136 -33.86 -15.80 -35.65
N GLY E 137 -34.58 -14.95 -34.91
CA GLY E 137 -33.94 -14.08 -33.93
C GLY E 137 -33.26 -12.85 -34.51
N VAL E 138 -33.36 -12.67 -35.82
CA VAL E 138 -32.74 -11.53 -36.48
C VAL E 138 -33.79 -10.51 -36.90
N VAL E 139 -33.48 -9.24 -36.70
CA VAL E 139 -34.38 -8.16 -37.08
C VAL E 139 -34.03 -7.65 -38.47
N PHE E 140 -34.90 -7.92 -39.45
CA PHE E 140 -34.68 -7.45 -40.81
C PHE E 140 -35.52 -6.22 -41.11
N VAL E 141 -34.96 -5.31 -41.91
CA VAL E 141 -35.66 -4.09 -42.29
C VAL E 141 -35.62 -3.98 -43.81
N PHE E 142 -36.74 -3.59 -44.41
CA PHE E 142 -36.78 -3.45 -45.86
C PHE E 142 -36.36 -2.03 -46.25
N ILE E 143 -35.22 -1.92 -46.92
CA ILE E 143 -34.72 -0.63 -47.34
C ILE E 143 -35.01 -0.37 -48.81
N GLY E 144 -35.67 0.75 -49.11
CA GLY E 144 -35.99 1.05 -50.49
C GLY E 144 -37.33 1.76 -50.62
N ASP E 145 -37.60 2.31 -51.80
CA ASP E 145 -38.86 3.02 -52.04
C ASP E 145 -40.00 2.08 -52.44
N GLU E 146 -39.69 0.84 -52.76
CA GLU E 146 -40.72 -0.12 -53.14
C GLU E 146 -41.38 -0.82 -51.96
N GLU E 147 -42.52 -1.44 -52.25
CA GLU E 147 -43.24 -2.22 -51.26
C GLU E 147 -42.37 -3.46 -51.04
N PRO E 148 -42.34 -4.00 -49.82
CA PRO E 148 -41.50 -5.17 -49.61
C PRO E 148 -42.00 -6.46 -50.26
N HIS E 149 -41.07 -7.30 -50.68
CA HIS E 149 -41.41 -8.60 -51.25
C HIS E 149 -41.13 -9.59 -50.11
N ALA E 150 -41.21 -10.89 -50.39
CA ALA E 150 -40.99 -11.89 -49.35
C ALA E 150 -39.55 -11.93 -48.85
N LEU E 151 -39.39 -12.00 -47.53
CA LEU E 151 -38.08 -12.06 -46.89
C LEU E 151 -37.22 -13.21 -47.45
N SER E 152 -37.85 -14.35 -47.67
CA SER E 152 -37.14 -15.52 -48.18
C SER E 152 -36.37 -15.24 -49.46
N GLU E 153 -36.84 -14.29 -50.25
CA GLU E 153 -36.19 -13.94 -51.49
C GLU E 153 -34.83 -13.26 -51.30
N ASP E 154 -34.54 -12.79 -50.09
CA ASP E 154 -33.29 -12.12 -49.79
C ASP E 154 -32.40 -12.90 -48.83
N LEU E 155 -32.61 -14.21 -48.77
CA LEU E 155 -31.85 -15.08 -47.88
C LEU E 155 -31.41 -16.34 -48.60
N PRO E 156 -30.27 -16.92 -48.19
CA PRO E 156 -29.79 -18.14 -48.83
C PRO E 156 -30.77 -19.27 -48.47
N PRO E 157 -30.86 -20.31 -49.31
CA PRO E 157 -31.79 -21.40 -49.00
C PRO E 157 -31.41 -22.01 -47.66
N GLY E 158 -32.40 -22.46 -46.89
CA GLY E 158 -32.12 -23.09 -45.61
C GLY E 158 -32.11 -22.18 -44.39
N PHE E 159 -31.87 -20.89 -44.60
CA PHE E 159 -31.82 -19.95 -43.49
C PHE E 159 -33.09 -19.99 -42.63
N LEU E 160 -34.24 -20.03 -43.28
CA LEU E 160 -35.52 -20.04 -42.58
C LEU E 160 -36.02 -21.41 -42.11
N ASP E 161 -35.17 -22.44 -42.19
CA ASP E 161 -35.58 -23.78 -41.75
C ASP E 161 -36.15 -23.74 -40.35
N GLU E 162 -37.40 -24.15 -40.21
CA GLU E 162 -38.08 -24.15 -38.92
C GLU E 162 -37.51 -25.15 -37.91
N ASP E 163 -36.80 -26.16 -38.39
CA ASP E 163 -36.24 -27.15 -37.48
C ASP E 163 -34.80 -26.81 -37.09
N THR E 164 -34.52 -25.52 -36.95
CA THR E 164 -33.17 -25.09 -36.56
C THR E 164 -33.27 -23.88 -35.66
N HIS E 165 -32.13 -23.51 -35.07
CA HIS E 165 -32.08 -22.34 -34.22
C HIS E 165 -30.83 -21.58 -34.65
N LEU E 166 -30.91 -20.26 -34.65
CA LEU E 166 -29.76 -19.45 -35.06
C LEU E 166 -29.30 -18.52 -33.95
N LEU E 167 -27.99 -18.34 -33.87
CA LEU E 167 -27.38 -17.46 -32.88
C LEU E 167 -26.23 -16.73 -33.56
N GLY E 168 -26.07 -15.46 -33.26
CA GLY E 168 -24.99 -14.71 -33.88
C GLY E 168 -24.63 -13.39 -33.23
N ILE E 169 -23.78 -12.65 -33.94
CA ILE E 169 -23.33 -11.34 -33.48
C ILE E 169 -23.14 -10.41 -34.68
N ARG E 170 -22.93 -9.14 -34.40
CA ARG E 170 -22.70 -8.16 -35.45
C ARG E 170 -21.63 -7.18 -34.97
N ARG E 171 -20.91 -6.59 -35.91
CA ARG E 171 -19.86 -5.64 -35.58
C ARG E 171 -19.62 -4.74 -36.79
N THR E 172 -19.02 -3.58 -36.58
CA THR E 172 -18.73 -2.66 -37.66
C THR E 172 -17.35 -2.93 -38.26
N VAL E 173 -17.26 -2.88 -39.58
CA VAL E 173 -15.99 -3.11 -40.26
C VAL E 173 -15.71 -1.87 -41.10
N GLN E 174 -14.47 -1.39 -41.05
CA GLN E 174 -14.10 -0.19 -41.78
C GLN E 174 -13.70 -0.46 -43.23
N SER E 175 -14.64 -0.99 -44.02
CA SER E 175 -14.39 -1.24 -45.44
C SER E 175 -15.73 -1.19 -46.16
N ASN E 176 -15.69 -0.99 -47.47
CA ASN E 176 -16.90 -0.98 -48.26
C ASN E 176 -17.49 -2.38 -48.14
N TRP E 177 -18.82 -2.48 -48.16
CA TRP E 177 -19.52 -3.75 -48.02
C TRP E 177 -19.13 -4.81 -49.05
N ARG E 178 -18.82 -4.39 -50.28
CA ARG E 178 -18.44 -5.34 -51.31
C ARG E 178 -17.12 -6.06 -51.02
N LEU E 179 -16.21 -5.40 -50.29
CA LEU E 179 -14.95 -6.04 -49.95
C LEU E 179 -15.24 -7.11 -48.88
N GLY E 180 -16.33 -6.91 -48.14
CA GLY E 180 -16.70 -7.89 -47.14
C GLY E 180 -17.27 -9.12 -47.83
N VAL E 181 -18.22 -8.91 -48.75
CA VAL E 181 -18.83 -10.00 -49.49
C VAL E 181 -17.78 -10.83 -50.23
N GLU E 182 -16.84 -10.16 -50.89
CA GLU E 182 -15.80 -10.85 -51.65
C GLU E 182 -14.74 -11.52 -50.78
N ASN E 183 -14.66 -11.11 -49.52
CA ASN E 183 -13.71 -11.70 -48.57
C ASN E 183 -14.32 -13.01 -48.08
N GLY E 184 -15.64 -13.03 -47.94
CA GLY E 184 -16.31 -14.24 -47.50
C GLY E 184 -16.37 -15.30 -48.59
N PHE E 185 -16.76 -14.88 -49.79
CA PHE E 185 -16.90 -15.77 -50.94
C PHE E 185 -15.59 -15.84 -51.73
N ASP E 186 -14.52 -16.23 -51.05
CA ASP E 186 -13.19 -16.33 -51.64
C ASP E 186 -12.60 -17.67 -51.23
N THR E 187 -12.40 -18.56 -52.20
CA THR E 187 -11.90 -19.91 -51.92
C THR E 187 -10.40 -20.10 -51.68
N THR E 188 -9.59 -19.05 -51.87
CA THR E 188 -8.16 -19.18 -51.62
C THR E 188 -7.62 -18.22 -50.56
N HIS E 189 -8.49 -17.34 -50.06
CA HIS E 189 -8.06 -16.40 -49.03
C HIS E 189 -7.88 -17.14 -47.72
N ILE E 190 -8.48 -18.32 -47.62
CA ILE E 190 -8.39 -19.11 -46.39
C ILE E 190 -6.95 -19.40 -45.98
N PHE E 191 -6.02 -19.07 -46.87
CA PHE E 191 -4.59 -19.23 -46.63
C PHE E 191 -4.21 -18.41 -45.38
N MET E 192 -4.82 -17.23 -45.25
CA MET E 192 -4.55 -16.33 -44.13
C MET E 192 -5.08 -16.84 -42.80
N HIS E 193 -5.95 -17.84 -42.83
CA HIS E 193 -6.53 -18.40 -41.61
C HIS E 193 -5.78 -19.64 -41.13
N ARG E 194 -4.74 -20.05 -41.84
CA ARG E 194 -3.99 -21.26 -41.50
C ARG E 194 -3.45 -21.37 -40.08
N ASN E 195 -3.19 -20.23 -39.46
CA ASN E 195 -2.65 -20.23 -38.10
C ASN E 195 -3.67 -19.88 -37.02
N SER E 196 -4.94 -19.86 -37.39
CA SER E 196 -5.99 -19.56 -36.43
C SER E 196 -6.02 -20.70 -35.42
N PRO E 197 -6.11 -20.38 -34.12
CA PRO E 197 -6.15 -21.44 -33.11
C PRO E 197 -7.39 -22.34 -33.25
N TRP E 198 -8.35 -21.93 -34.07
CA TRP E 198 -9.56 -22.71 -34.28
C TRP E 198 -9.31 -23.94 -35.17
N VAL E 199 -8.33 -23.82 -36.07
CA VAL E 199 -8.01 -24.93 -36.97
C VAL E 199 -7.62 -26.17 -36.18
N SER E 200 -6.63 -26.03 -35.31
CA SER E 200 -6.20 -27.15 -34.49
C SER E 200 -7.21 -27.32 -33.35
N GLY E 201 -7.76 -26.20 -32.91
CA GLY E 201 -8.72 -26.21 -31.82
C GLY E 201 -9.95 -27.06 -32.08
N ASN E 202 -10.32 -27.20 -33.35
CA ASN E 202 -11.48 -28.02 -33.67
C ASN E 202 -11.11 -29.16 -34.62
N ARG E 203 -9.84 -29.53 -34.61
CA ARG E 203 -9.35 -30.65 -35.41
C ARG E 203 -9.84 -30.58 -36.87
N LEU E 204 -9.91 -29.36 -37.42
CA LEU E 204 -10.38 -29.17 -38.78
C LEU E 204 -9.48 -29.64 -39.91
N ALA E 205 -10.11 -30.11 -40.98
CA ALA E 205 -9.39 -30.50 -42.19
C ALA E 205 -9.54 -29.21 -42.99
N PHE E 206 -8.59 -28.30 -42.80
CA PHE E 206 -8.64 -26.98 -43.44
C PHE E 206 -7.45 -26.76 -44.38
N PRO E 207 -7.69 -26.75 -45.70
CA PRO E 207 -6.60 -26.54 -46.66
C PRO E 207 -6.14 -25.08 -46.78
N TYR E 208 -5.10 -24.86 -47.58
CA TYR E 208 -4.58 -23.53 -47.79
C TYR E 208 -5.41 -22.79 -48.84
N GLY E 209 -6.20 -23.57 -49.60
CA GLY E 209 -7.04 -22.99 -50.62
C GLY E 209 -7.79 -24.04 -51.41
N PHE E 210 -8.81 -23.62 -52.16
CA PHE E 210 -9.60 -24.53 -52.99
C PHE E 210 -9.51 -24.01 -54.43
N VAL E 211 -9.03 -24.87 -55.32
CA VAL E 211 -8.90 -24.51 -56.72
C VAL E 211 -9.98 -25.21 -57.53
N PRO E 212 -10.71 -24.46 -58.37
CA PRO E 212 -11.77 -25.01 -59.21
C PRO E 212 -11.23 -26.16 -60.05
N ALA E 213 -11.86 -27.33 -59.97
CA ALA E 213 -11.40 -28.48 -60.72
C ALA E 213 -12.09 -28.69 -62.07
N ASP E 214 -13.40 -28.93 -62.06
CA ASP E 214 -14.14 -29.17 -63.29
C ASP E 214 -15.22 -28.14 -63.61
N ARG E 215 -15.96 -28.40 -64.69
CA ARG E 215 -17.04 -27.53 -65.15
C ARG E 215 -18.08 -27.20 -64.10
N ASP E 216 -18.34 -28.13 -63.18
CA ASP E 216 -19.36 -27.92 -62.16
C ASP E 216 -18.83 -27.34 -60.84
N ALA E 217 -17.66 -26.71 -60.89
CA ALA E 217 -17.09 -26.12 -59.68
C ALA E 217 -18.04 -25.10 -59.09
N MET E 218 -18.63 -24.27 -59.95
CA MET E 218 -19.55 -23.25 -59.48
C MET E 218 -20.83 -23.20 -60.31
N GLN E 219 -21.94 -22.96 -59.64
CA GLN E 219 -23.23 -22.89 -60.31
C GLN E 219 -24.00 -21.62 -59.97
N VAL E 220 -24.52 -20.99 -61.01
CA VAL E 220 -25.28 -19.77 -60.85
C VAL E 220 -26.77 -20.07 -60.79
N TYR E 221 -27.43 -19.55 -59.77
CA TYR E 221 -28.87 -19.74 -59.63
C TYR E 221 -29.51 -18.41 -59.98
N ASP E 222 -29.93 -18.29 -61.24
CA ASP E 222 -30.53 -17.06 -61.73
C ASP E 222 -31.99 -17.20 -62.14
N GLU E 223 -32.70 -18.15 -61.53
CA GLU E 223 -34.10 -18.36 -61.85
C GLU E 223 -34.96 -18.25 -60.60
N ASN E 224 -35.84 -17.25 -60.56
CA ASN E 224 -36.69 -17.02 -59.40
C ASN E 224 -35.78 -16.55 -58.26
N TRP E 225 -36.29 -16.57 -57.04
CA TRP E 225 -35.50 -16.14 -55.88
C TRP E 225 -35.49 -17.24 -54.83
N PRO E 226 -34.44 -17.27 -54.00
CA PRO E 226 -33.30 -16.35 -54.03
C PRO E 226 -32.37 -16.64 -55.20
N LYS E 227 -31.47 -15.69 -55.50
CA LYS E 227 -30.52 -15.86 -56.58
C LYS E 227 -29.11 -15.80 -56.00
N GLY E 228 -28.19 -16.61 -56.53
CA GLY E 228 -26.84 -16.60 -56.01
C GLY E 228 -25.86 -17.46 -56.77
N VAL E 229 -24.68 -17.65 -56.20
CA VAL E 229 -23.64 -18.47 -56.81
C VAL E 229 -23.16 -19.48 -55.77
N LEU E 230 -23.12 -20.75 -56.15
CA LEU E 230 -22.71 -21.82 -55.25
C LEU E 230 -21.42 -22.52 -55.70
N ASP E 231 -20.48 -22.64 -54.77
CA ASP E 231 -19.20 -23.31 -55.05
C ASP E 231 -19.24 -24.70 -54.42
N ARG E 232 -19.06 -25.73 -55.24
CA ARG E 232 -19.06 -27.11 -54.75
C ARG E 232 -17.62 -27.50 -54.44
N LEU E 233 -17.14 -27.03 -53.28
CA LEU E 233 -15.78 -27.27 -52.85
C LEU E 233 -15.36 -28.73 -52.66
N SER E 234 -16.13 -29.49 -51.90
CA SER E 234 -15.79 -30.89 -51.67
C SER E 234 -15.86 -31.70 -52.95
N GLU E 235 -16.94 -31.49 -53.70
CA GLU E 235 -17.20 -32.21 -54.94
C GLU E 235 -16.40 -31.79 -56.18
N ASN E 236 -16.33 -30.50 -56.48
CA ASN E 236 -15.64 -30.06 -57.70
C ASN E 236 -14.40 -29.17 -57.57
N TYR E 237 -13.77 -29.17 -56.40
CA TYR E 237 -12.57 -28.36 -56.21
C TYR E 237 -11.42 -29.23 -55.73
N MET E 238 -10.21 -28.78 -56.01
CA MET E 238 -9.02 -29.48 -55.57
C MET E 238 -8.49 -28.70 -54.38
N PRO E 239 -8.51 -29.30 -53.18
CA PRO E 239 -8.00 -28.59 -52.01
C PRO E 239 -6.47 -28.63 -51.99
N VAL E 240 -5.84 -27.58 -51.50
CA VAL E 240 -4.38 -27.50 -51.44
C VAL E 240 -3.95 -27.68 -49.98
N PHE E 241 -3.45 -28.86 -49.63
CA PHE E 241 -3.02 -29.13 -48.25
C PHE E 241 -1.52 -29.00 -48.05
N GLU E 242 -0.81 -28.70 -49.13
CA GLU E 242 0.63 -28.51 -49.08
C GLU E 242 0.99 -27.39 -50.04
N ALA E 243 1.88 -26.51 -49.61
CA ALA E 243 2.32 -25.40 -50.45
C ALA E 243 3.79 -25.60 -50.78
N THR E 244 4.13 -25.44 -52.06
CA THR E 244 5.50 -25.62 -52.49
C THR E 244 6.09 -24.36 -53.11
N LEU E 245 7.40 -24.22 -52.99
CA LEU E 245 8.13 -23.09 -53.53
C LEU E 245 9.50 -23.56 -54.00
N ASP E 246 9.78 -23.38 -55.28
CA ASP E 246 11.06 -23.77 -55.86
C ASP E 246 11.48 -25.19 -55.47
N GLY E 247 10.62 -26.15 -55.78
CA GLY E 247 10.92 -27.56 -55.49
C GLY E 247 11.04 -27.92 -54.02
N GLU E 248 10.36 -27.18 -53.15
CA GLU E 248 10.43 -27.46 -51.72
C GLU E 248 9.06 -27.25 -51.07
N THR E 249 8.72 -28.12 -50.13
CA THR E 249 7.46 -28.00 -49.42
C THR E 249 7.70 -27.02 -48.28
N VAL E 250 7.12 -25.82 -48.38
CA VAL E 250 7.33 -24.82 -47.34
C VAL E 250 6.18 -24.78 -46.35
N LEU E 251 5.11 -25.49 -46.67
CA LEU E 251 3.94 -25.50 -45.80
C LEU E 251 3.15 -26.79 -46.00
N SER E 252 2.75 -27.41 -44.91
CA SER E 252 1.98 -28.65 -44.98
C SER E 252 1.01 -28.81 -43.82
N ALA E 253 -0.23 -29.21 -44.14
CA ALA E 253 -1.24 -29.40 -43.11
C ALA E 253 -0.99 -30.73 -42.38
N GLU E 254 -1.76 -30.99 -41.34
CA GLU E 254 -1.63 -32.23 -40.57
C GLU E 254 -2.26 -33.42 -41.28
N LEU E 255 -1.45 -34.41 -41.60
CA LEU E 255 -1.95 -35.62 -42.26
C LEU E 255 -2.15 -36.68 -41.18
N THR E 256 -3.40 -36.90 -40.79
CA THR E 256 -3.69 -37.90 -39.77
C THR E 256 -4.98 -38.67 -40.08
N GLY E 257 -5.89 -38.02 -40.81
CA GLY E 257 -7.13 -38.67 -41.19
C GLY E 257 -8.26 -38.69 -40.18
N GLU E 258 -8.13 -37.95 -39.07
CA GLU E 258 -9.19 -37.92 -38.08
C GLU E 258 -9.86 -36.55 -37.99
N GLU E 259 -9.40 -35.62 -38.84
CA GLU E 259 -9.91 -34.25 -38.90
C GLU E 259 -11.40 -34.15 -39.23
N LYS E 260 -12.01 -33.06 -38.77
CA LYS E 260 -13.43 -32.80 -39.04
C LYS E 260 -13.50 -32.18 -40.43
N LYS E 261 -14.55 -32.53 -41.18
CA LYS E 261 -14.73 -31.99 -42.52
C LYS E 261 -15.71 -30.83 -42.52
N VAL E 262 -15.28 -29.68 -43.04
CA VAL E 262 -16.13 -28.50 -43.11
C VAL E 262 -16.03 -27.82 -44.47
N ALA E 263 -16.91 -26.86 -44.70
CA ALA E 263 -16.91 -26.11 -45.95
C ALA E 263 -17.01 -27.01 -47.17
N ALA E 264 -18.05 -27.84 -47.22
CA ALA E 264 -18.25 -28.72 -48.36
C ALA E 264 -18.76 -27.83 -49.48
N GLN E 265 -19.48 -26.78 -49.09
CA GLN E 265 -20.03 -25.82 -50.03
C GLN E 265 -20.03 -24.41 -49.47
N VAL E 266 -19.84 -23.43 -50.34
CA VAL E 266 -19.89 -22.04 -49.94
C VAL E 266 -20.66 -21.33 -51.04
N SER E 267 -21.60 -20.46 -50.67
CA SER E 267 -22.36 -19.74 -51.67
C SER E 267 -22.73 -18.33 -51.20
N VAL E 268 -22.99 -17.45 -52.16
CA VAL E 268 -23.36 -16.09 -51.84
C VAL E 268 -24.66 -15.79 -52.57
N TRP E 269 -25.59 -15.11 -51.89
CA TRP E 269 -26.89 -14.80 -52.47
C TRP E 269 -27.24 -13.32 -52.33
N LEU E 270 -27.99 -12.79 -53.30
CA LEU E 270 -28.38 -11.39 -53.25
C LEU E 270 -29.23 -11.16 -52.01
N PRO E 271 -29.13 -9.97 -51.41
CA PRO E 271 -28.31 -8.84 -51.83
C PRO E 271 -26.82 -8.95 -51.46
N GLY E 272 -26.43 -10.08 -50.87
CA GLY E 272 -25.04 -10.28 -50.49
C GLY E 272 -24.91 -11.01 -49.16
N VAL E 273 -25.35 -12.27 -49.16
CA VAL E 273 -25.33 -13.10 -47.96
C VAL E 273 -24.58 -14.39 -48.23
N LEU E 274 -23.64 -14.70 -47.34
CA LEU E 274 -22.83 -15.90 -47.48
C LEU E 274 -23.42 -17.09 -46.73
N LYS E 275 -23.15 -18.27 -47.25
CA LYS E 275 -23.57 -19.51 -46.62
C LYS E 275 -22.39 -20.48 -46.70
N VAL E 276 -21.81 -20.82 -45.55
CA VAL E 276 -20.69 -21.75 -45.51
C VAL E 276 -21.26 -23.03 -44.90
N ASP E 277 -21.29 -24.10 -45.69
CA ASP E 277 -21.90 -25.36 -45.29
C ASP E 277 -20.99 -26.59 -45.39
N PRO E 278 -20.61 -27.18 -44.24
CA PRO E 278 -20.95 -26.76 -42.87
C PRO E 278 -19.77 -26.01 -42.28
N PHE E 279 -20.02 -25.16 -41.28
CA PHE E 279 -18.96 -24.36 -40.66
C PHE E 279 -19.57 -23.59 -39.48
N PRO E 280 -18.78 -23.32 -38.43
CA PRO E 280 -17.36 -23.66 -38.20
C PRO E 280 -17.17 -25.08 -37.66
N ASP E 281 -18.24 -25.87 -37.71
CA ASP E 281 -18.22 -27.25 -37.24
C ASP E 281 -19.19 -28.06 -38.11
N PRO E 282 -18.96 -29.37 -38.24
CA PRO E 282 -19.84 -30.21 -39.06
C PRO E 282 -21.31 -30.08 -38.67
N THR E 283 -21.56 -29.72 -37.42
CA THR E 283 -22.94 -29.59 -36.94
C THR E 283 -23.52 -28.19 -37.10
N LEU E 284 -22.80 -27.30 -37.77
CA LEU E 284 -23.28 -25.93 -37.94
C LEU E 284 -23.17 -25.39 -39.36
N ILE E 285 -23.97 -24.37 -39.63
CA ILE E 285 -23.94 -23.68 -40.92
C ILE E 285 -23.74 -22.22 -40.55
N GLN E 286 -22.80 -21.55 -41.20
CA GLN E 286 -22.52 -20.15 -40.91
C GLN E 286 -23.01 -19.22 -42.01
N TYR E 287 -23.81 -18.23 -41.63
CA TYR E 287 -24.33 -17.23 -42.56
C TYR E 287 -23.67 -15.89 -42.24
N GLU E 288 -23.32 -15.13 -43.27
CA GLU E 288 -22.70 -13.82 -43.07
C GLU E 288 -23.39 -12.74 -43.88
N PHE E 289 -23.58 -11.59 -43.28
CA PHE E 289 -24.19 -10.46 -43.97
C PHE E 289 -23.18 -9.31 -43.90
N TYR E 290 -23.23 -8.42 -44.89
CA TYR E 290 -22.31 -7.29 -44.95
C TYR E 290 -23.12 -6.08 -45.38
N VAL E 291 -23.96 -5.61 -44.46
CA VAL E 291 -24.84 -4.49 -44.74
C VAL E 291 -24.11 -3.16 -44.74
N PRO E 292 -24.18 -2.44 -45.87
CA PRO E 292 -23.50 -1.14 -46.00
C PRO E 292 -23.99 -0.17 -44.91
N ILE E 293 -23.06 0.58 -44.35
CA ILE E 293 -23.39 1.57 -43.33
C ILE E 293 -23.22 2.89 -44.08
N SER E 294 -22.03 3.05 -44.65
CA SER E 294 -21.69 4.23 -45.44
C SER E 294 -20.91 3.71 -46.64
N GLU E 295 -20.29 4.60 -47.40
CA GLU E 295 -19.52 4.19 -48.56
C GLU E 295 -18.25 3.42 -48.18
N THR E 296 -17.77 3.64 -46.96
CA THR E 296 -16.54 3.01 -46.50
C THR E 296 -16.67 2.08 -45.29
N GLN E 297 -17.89 1.77 -44.87
CA GLN E 297 -18.08 0.90 -43.71
C GLN E 297 -19.27 -0.02 -43.89
N HIS E 298 -19.23 -1.17 -43.21
CA HIS E 298 -20.36 -2.10 -43.27
C HIS E 298 -20.53 -2.83 -41.94
N GLU E 299 -21.72 -3.37 -41.73
CA GLU E 299 -22.02 -4.09 -40.51
C GLU E 299 -21.91 -5.58 -40.85
N TYR E 300 -20.95 -6.23 -40.22
CA TYR E 300 -20.67 -7.64 -40.44
C TYR E 300 -21.45 -8.51 -39.47
N PHE E 301 -22.41 -9.27 -40.00
CA PHE E 301 -23.23 -10.18 -39.20
C PHE E 301 -22.72 -11.60 -39.40
N GLN E 302 -22.66 -12.36 -38.31
CA GLN E 302 -22.24 -13.75 -38.34
C GLN E 302 -23.31 -14.52 -37.58
N VAL E 303 -24.05 -15.37 -38.28
CA VAL E 303 -25.12 -16.13 -37.65
C VAL E 303 -24.90 -17.62 -37.84
N LEU E 304 -24.90 -18.35 -36.73
CA LEU E 304 -24.69 -19.79 -36.78
C LEU E 304 -26.01 -20.54 -36.66
N GLN E 305 -26.19 -21.54 -37.50
CA GLN E 305 -27.42 -22.34 -37.52
C GLN E 305 -27.19 -23.78 -37.10
N ARG E 306 -28.01 -24.26 -36.18
CA ARG E 306 -27.94 -25.62 -35.66
C ARG E 306 -29.30 -26.30 -35.74
N LYS E 307 -29.33 -27.54 -36.20
CA LYS E 307 -30.58 -28.28 -36.29
C LYS E 307 -30.99 -28.69 -34.87
N VAL E 308 -32.25 -28.46 -34.53
CA VAL E 308 -32.73 -28.80 -33.19
C VAL E 308 -34.03 -29.61 -33.24
N GLU E 309 -34.24 -30.42 -32.22
CA GLU E 309 -35.44 -31.25 -32.10
C GLU E 309 -36.41 -30.73 -31.06
N GLY E 310 -35.91 -29.91 -30.14
CA GLY E 310 -36.77 -29.37 -29.09
C GLY E 310 -36.06 -28.33 -28.25
N PRO E 311 -36.76 -27.78 -27.23
CA PRO E 311 -36.18 -26.77 -26.34
C PRO E 311 -34.85 -27.18 -25.72
N GLU E 312 -34.60 -28.48 -25.65
CA GLU E 312 -33.37 -28.97 -25.06
C GLU E 312 -32.16 -28.76 -25.97
N ASP E 313 -32.34 -29.03 -27.26
CA ASP E 313 -31.26 -28.84 -28.22
C ASP E 313 -30.93 -27.35 -28.31
N VAL E 314 -31.96 -26.52 -28.25
CA VAL E 314 -31.78 -25.07 -28.31
C VAL E 314 -30.88 -24.62 -27.16
N LYS E 315 -31.25 -25.00 -25.95
CA LYS E 315 -30.50 -24.65 -24.76
C LYS E 315 -29.04 -25.09 -24.87
N THR E 316 -28.84 -26.29 -25.39
CA THR E 316 -27.50 -26.85 -25.55
C THR E 316 -26.68 -26.02 -26.55
N PHE E 317 -27.33 -25.56 -27.61
CA PHE E 317 -26.69 -24.76 -28.64
C PHE E 317 -26.31 -23.39 -28.08
N GLU E 318 -27.23 -22.78 -27.36
CA GLU E 318 -26.98 -21.47 -26.77
C GLU E 318 -25.80 -21.51 -25.81
N VAL E 319 -25.66 -22.63 -25.10
CA VAL E 319 -24.56 -22.79 -24.16
C VAL E 319 -23.24 -22.98 -24.90
N GLU E 320 -23.24 -23.85 -25.91
CA GLU E 320 -22.03 -24.08 -26.70
C GLU E 320 -21.62 -22.76 -27.33
N PHE E 321 -22.62 -22.01 -27.81
CA PHE E 321 -22.38 -20.73 -28.46
C PHE E 321 -21.61 -19.80 -27.53
N GLU E 322 -22.16 -19.64 -26.33
CA GLU E 322 -21.60 -18.78 -25.30
C GLU E 322 -20.23 -19.24 -24.79
N GLU E 323 -20.05 -20.54 -24.65
CA GLU E 323 -18.79 -21.07 -24.12
C GLU E 323 -17.74 -21.44 -25.16
N ARG E 324 -18.14 -21.58 -26.42
CA ARG E 324 -17.17 -22.00 -27.43
C ARG E 324 -17.28 -21.40 -28.83
N TRP E 325 -18.42 -21.60 -29.48
CA TRP E 325 -18.63 -21.13 -30.86
C TRP E 325 -18.31 -19.64 -31.10
N ARG E 326 -19.00 -18.76 -30.37
CA ARG E 326 -18.82 -17.32 -30.55
C ARG E 326 -17.38 -16.83 -30.50
N ASP E 327 -16.71 -17.04 -29.37
CA ASP E 327 -15.35 -16.57 -29.20
C ASP E 327 -14.23 -17.39 -29.86
N ASP E 328 -14.36 -18.72 -29.90
CA ASP E 328 -13.31 -19.52 -30.54
C ASP E 328 -13.41 -19.51 -32.05
N ALA E 329 -14.61 -19.33 -32.59
CA ALA E 329 -14.78 -19.33 -34.04
C ALA E 329 -15.15 -17.97 -34.65
N LEU E 330 -16.27 -17.40 -34.23
CA LEU E 330 -16.68 -16.11 -34.77
C LEU E 330 -15.59 -15.05 -34.54
N HIS E 331 -14.80 -15.23 -33.48
CA HIS E 331 -13.72 -14.30 -33.22
C HIS E 331 -12.39 -14.97 -33.50
N GLY E 332 -12.14 -16.09 -32.84
CA GLY E 332 -10.88 -16.82 -33.03
C GLY E 332 -10.54 -17.17 -34.46
N PHE E 333 -11.56 -17.35 -35.28
CA PHE E 333 -11.33 -17.69 -36.69
C PHE E 333 -11.51 -16.47 -37.61
N ASN E 334 -12.68 -15.86 -37.54
CA ASN E 334 -13.02 -14.72 -38.39
C ASN E 334 -12.47 -13.33 -38.08
N ASP E 335 -11.94 -13.10 -36.88
CA ASP E 335 -11.42 -11.76 -36.56
C ASP E 335 -10.43 -11.27 -37.61
N ASP E 336 -9.60 -12.16 -38.13
CA ASP E 336 -8.63 -11.76 -39.14
C ASP E 336 -9.28 -11.28 -40.44
N ASP E 337 -10.49 -11.76 -40.73
CA ASP E 337 -11.17 -11.34 -41.95
C ASP E 337 -11.44 -9.83 -41.88
N VAL E 338 -11.60 -9.30 -40.68
CA VAL E 338 -11.88 -7.88 -40.50
C VAL E 338 -10.76 -6.97 -41.02
N TRP E 339 -9.52 -7.17 -40.57
CA TRP E 339 -8.45 -6.31 -41.06
C TRP E 339 -8.07 -6.66 -42.50
N ALA E 340 -8.43 -7.87 -42.94
CA ALA E 340 -8.14 -8.28 -44.30
C ALA E 340 -8.98 -7.41 -45.24
N ARG E 341 -10.23 -7.18 -44.87
CA ARG E 341 -11.11 -6.34 -45.68
C ARG E 341 -10.66 -4.90 -45.62
N GLU E 342 -10.36 -4.41 -44.41
CA GLU E 342 -9.94 -3.02 -44.24
C GLU E 342 -8.62 -2.75 -44.94
N ALA E 343 -7.81 -3.79 -45.13
CA ALA E 343 -6.54 -3.63 -45.80
C ALA E 343 -6.76 -3.37 -47.30
N GLN E 344 -7.96 -3.67 -47.79
CA GLN E 344 -8.30 -3.46 -49.21
C GLN E 344 -9.04 -2.15 -49.48
N GLN E 345 -9.50 -1.50 -48.42
CA GLN E 345 -10.28 -0.26 -48.56
C GLN E 345 -9.61 0.82 -49.39
N GLU E 346 -8.36 1.15 -49.08
CA GLU E 346 -7.61 2.17 -49.81
C GLU E 346 -7.56 1.91 -51.31
N PHE E 347 -7.12 0.70 -51.67
CA PHE E 347 -6.99 0.32 -53.06
C PHE E 347 -8.30 0.38 -53.85
N TYR E 348 -9.34 -0.28 -53.34
CA TYR E 348 -10.62 -0.30 -54.03
C TYR E 348 -11.43 0.98 -53.83
N GLY E 349 -11.37 1.55 -52.63
CA GLY E 349 -12.14 2.74 -52.35
C GLY E 349 -11.56 4.06 -52.84
N GLU E 350 -10.23 4.13 -52.96
CA GLU E 350 -9.58 5.36 -53.38
C GLU E 350 -8.70 5.27 -54.62
N ARG E 351 -8.09 4.12 -54.85
CA ARG E 351 -7.20 3.96 -55.99
C ARG E 351 -7.79 3.24 -57.18
N ASP E 352 -9.11 3.20 -57.27
CA ASP E 352 -9.78 2.56 -58.39
C ASP E 352 -9.36 1.10 -58.59
N GLY E 353 -9.31 0.34 -57.50
CA GLY E 353 -8.92 -1.06 -57.59
C GLY E 353 -9.81 -1.91 -58.48
N TRP E 354 -11.07 -1.52 -58.63
CA TRP E 354 -12.01 -2.28 -59.44
C TRP E 354 -11.50 -2.49 -60.86
N SER E 355 -10.68 -1.56 -61.34
CA SER E 355 -10.13 -1.71 -62.69
C SER E 355 -8.63 -1.99 -62.68
N LYS E 356 -7.99 -1.90 -61.52
CA LYS E 356 -6.55 -2.14 -61.44
C LYS E 356 -6.22 -3.54 -60.92
N GLU E 357 -7.17 -4.15 -60.24
CA GLU E 357 -6.99 -5.49 -59.69
C GLU E 357 -6.60 -6.47 -60.79
N GLN E 358 -5.88 -7.53 -60.43
CA GLN E 358 -5.49 -8.54 -61.40
C GLN E 358 -5.91 -9.88 -60.81
N LEU E 359 -7.04 -10.38 -61.28
CA LEU E 359 -7.60 -11.62 -60.78
C LEU E 359 -6.98 -12.88 -61.36
N PHE E 360 -7.19 -14.00 -60.69
CA PHE E 360 -6.71 -15.28 -61.19
C PHE E 360 -7.86 -16.28 -61.14
N PRO E 361 -7.74 -17.41 -61.83
CA PRO E 361 -8.79 -18.44 -61.89
C PRO E 361 -9.76 -18.67 -60.71
N PRO E 362 -9.25 -18.80 -59.48
CA PRO E 362 -10.18 -19.02 -58.38
C PRO E 362 -11.21 -17.89 -58.16
N ASP E 363 -10.83 -16.65 -58.49
CA ASP E 363 -11.74 -15.51 -58.31
C ASP E 363 -12.93 -15.53 -59.26
N MET E 364 -12.98 -16.49 -60.16
CA MET E 364 -14.07 -16.58 -61.12
C MET E 364 -15.43 -16.67 -60.44
N CYS E 365 -15.48 -17.23 -59.22
CA CYS E 365 -16.75 -17.33 -58.55
C CYS E 365 -17.19 -15.92 -58.12
N ILE E 366 -16.22 -15.08 -57.77
CA ILE E 366 -16.52 -13.72 -57.38
C ILE E 366 -17.00 -12.96 -58.62
N VAL E 367 -16.36 -13.23 -59.76
CA VAL E 367 -16.75 -12.58 -61.00
C VAL E 367 -18.20 -12.91 -61.34
N LYS E 368 -18.58 -14.18 -61.17
CA LYS E 368 -19.95 -14.58 -61.47
C LYS E 368 -20.93 -13.86 -60.53
N TRP E 369 -20.54 -13.72 -59.27
CA TRP E 369 -21.39 -13.04 -58.31
C TRP E 369 -21.55 -11.56 -58.69
N ARG E 370 -20.47 -10.91 -59.09
CA ARG E 370 -20.54 -9.50 -59.45
C ARG E 370 -21.43 -9.33 -60.68
N THR E 371 -21.31 -10.26 -61.63
CA THR E 371 -22.09 -10.22 -62.85
C THR E 371 -23.58 -10.43 -62.55
N LEU E 372 -23.87 -11.35 -61.64
CA LEU E 372 -25.25 -11.64 -61.26
C LEU E 372 -25.84 -10.49 -60.44
N ALA E 373 -25.04 -9.95 -59.54
CA ALA E 373 -25.49 -8.83 -58.70
C ALA E 373 -25.77 -7.62 -59.55
N SER E 374 -24.88 -7.34 -60.50
CA SER E 374 -25.05 -6.20 -61.38
C SER E 374 -26.38 -6.28 -62.14
N GLU E 375 -26.73 -7.48 -62.57
CA GLU E 375 -27.97 -7.70 -63.30
C GLU E 375 -29.19 -7.77 -62.40
N ARG E 376 -29.06 -8.43 -61.26
CA ARG E 376 -30.22 -8.62 -60.38
C ARG E 376 -30.41 -7.85 -59.09
N GLY E 377 -29.42 -7.07 -58.65
CA GLY E 377 -29.65 -6.27 -57.46
C GLY E 377 -30.90 -5.48 -57.83
N ARG E 378 -31.83 -5.29 -56.90
CA ARG E 378 -33.07 -4.60 -57.27
C ARG E 378 -33.04 -3.08 -57.29
N GLY E 379 -32.00 -2.49 -56.72
CA GLY E 379 -31.92 -1.04 -56.70
C GLY E 379 -30.49 -0.65 -56.37
N VAL E 380 -29.99 0.39 -57.02
CA VAL E 380 -28.62 0.83 -56.79
C VAL E 380 -28.59 2.05 -55.88
N ARG E 381 -27.90 1.91 -54.77
CA ARG E 381 -27.75 3.00 -53.80
C ARG E 381 -26.32 3.50 -54.03
N ALA E 382 -26.22 4.64 -54.73
CA ALA E 382 -24.91 5.23 -55.06
C ALA E 382 -24.32 6.09 -53.95
N SER F 16 6.22 36.27 -61.21
CA SER F 16 5.74 35.62 -59.96
C SER F 16 6.44 34.27 -59.71
N ALA F 17 5.87 33.48 -58.81
CA ALA F 17 6.43 32.18 -58.45
C ALA F 17 6.23 31.13 -59.53
N GLN F 18 5.00 31.03 -60.04
CA GLN F 18 4.68 30.05 -61.07
C GLN F 18 5.42 30.33 -62.37
N VAL F 19 6.06 31.49 -62.46
CA VAL F 19 6.80 31.82 -63.67
C VAL F 19 8.30 31.69 -63.46
N LYS F 20 8.74 31.78 -62.21
CA LYS F 20 10.16 31.69 -61.90
C LYS F 20 10.61 30.28 -61.53
N TRP F 21 9.76 29.56 -60.80
CA TRP F 21 10.08 28.21 -60.38
C TRP F 21 8.85 27.30 -60.41
N PRO F 22 8.20 27.17 -61.58
CA PRO F 22 7.01 26.34 -61.77
C PRO F 22 7.15 24.87 -61.41
N ARG F 23 8.21 24.22 -61.88
CA ARG F 23 8.38 22.82 -61.58
C ARG F 23 8.59 22.58 -60.09
N TYR F 24 9.16 23.56 -59.40
CA TYR F 24 9.37 23.43 -57.97
C TYR F 24 8.01 23.48 -57.27
N LEU F 25 7.13 24.36 -57.74
CA LEU F 25 5.80 24.48 -57.14
C LEU F 25 4.96 23.25 -57.46
N GLU F 26 5.18 22.66 -58.62
CA GLU F 26 4.44 21.48 -59.04
C GLU F 26 4.85 20.23 -58.28
N ALA F 27 6.11 20.15 -57.87
CA ALA F 27 6.63 18.98 -57.16
C ALA F 27 6.20 18.85 -55.70
N THR F 28 4.88 18.89 -55.48
CA THR F 28 4.31 18.78 -54.15
C THR F 28 4.72 17.46 -53.53
N LEU F 29 4.79 16.43 -54.35
CA LEU F 29 5.13 15.10 -53.86
C LEU F 29 6.61 14.80 -54.06
N GLY F 30 7.38 15.82 -54.40
CA GLY F 30 8.81 15.67 -54.56
C GLY F 30 9.38 15.49 -55.96
N PHE F 31 10.69 15.40 -56.05
CA PHE F 31 11.38 15.19 -57.32
C PHE F 31 11.75 13.72 -57.43
N ASP F 32 11.22 13.05 -58.46
CA ASP F 32 11.56 11.64 -58.63
C ASP F 32 12.68 11.51 -59.67
N ASN F 33 13.11 10.27 -59.93
CA ASN F 33 14.24 10.00 -60.81
C ASN F 33 15.47 10.51 -60.06
N HIS F 34 15.46 10.29 -58.74
CA HIS F 34 16.55 10.67 -57.85
C HIS F 34 16.66 9.61 -56.77
N TRP F 35 17.81 9.55 -56.13
CA TRP F 35 18.01 8.64 -55.02
C TRP F 35 17.52 9.37 -53.78
N HIS F 36 16.86 8.65 -52.88
CA HIS F 36 16.35 9.23 -51.64
C HIS F 36 16.58 8.23 -50.50
N PRO F 37 16.97 8.72 -49.32
CA PRO F 37 17.19 7.79 -48.21
C PRO F 37 15.84 7.23 -47.75
N ALA F 38 15.81 5.95 -47.39
CA ALA F 38 14.58 5.30 -46.93
C ALA F 38 14.71 4.87 -45.48
N ALA F 39 15.90 4.46 -45.09
CA ALA F 39 16.14 4.00 -43.73
C ALA F 39 17.62 3.87 -43.47
N PHE F 40 17.96 3.47 -42.25
CA PHE F 40 19.35 3.24 -41.90
C PHE F 40 19.57 1.74 -42.00
N ASP F 41 20.74 1.37 -42.51
CA ASP F 41 21.10 -0.04 -42.70
C ASP F 41 20.86 -0.90 -41.45
N HIS F 42 21.25 -0.38 -40.28
CA HIS F 42 21.10 -1.12 -39.03
C HIS F 42 19.67 -1.45 -38.60
N GLU F 43 18.69 -0.92 -39.32
CA GLU F 43 17.29 -1.20 -38.99
C GLU F 43 16.86 -2.52 -39.61
N LEU F 44 17.71 -3.07 -40.46
CA LEU F 44 17.37 -4.31 -41.14
C LEU F 44 18.31 -5.48 -40.92
N ALA F 45 17.79 -6.53 -40.30
CA ALA F 45 18.57 -7.75 -40.08
C ALA F 45 18.06 -8.72 -41.11
N GLU F 46 18.81 -9.79 -41.35
CA GLU F 46 18.40 -10.79 -42.34
C GLU F 46 16.95 -11.21 -42.07
N GLY F 47 16.15 -11.27 -43.12
CA GLY F 47 14.75 -11.68 -42.98
C GLY F 47 13.82 -10.68 -42.30
N GLU F 48 14.34 -9.53 -41.92
CA GLU F 48 13.52 -8.51 -41.26
C GLU F 48 12.84 -7.60 -42.29
N PHE F 49 11.69 -7.04 -41.92
CA PHE F 49 10.95 -6.16 -42.81
C PHE F 49 10.78 -4.76 -42.24
N VAL F 50 10.79 -3.76 -43.12
CA VAL F 50 10.61 -2.36 -42.75
C VAL F 50 9.77 -1.70 -43.84
N ALA F 51 8.67 -1.08 -43.44
CA ALA F 51 7.78 -0.43 -44.38
C ALA F 51 7.99 1.08 -44.38
N VAL F 52 8.17 1.66 -45.55
CA VAL F 52 8.35 3.09 -45.68
C VAL F 52 7.47 3.62 -46.80
N THR F 53 7.20 4.93 -46.78
CA THR F 53 6.39 5.55 -47.83
C THR F 53 7.22 6.70 -48.37
N MET F 54 7.56 6.62 -49.65
CA MET F 54 8.39 7.64 -50.28
C MET F 54 7.73 8.25 -51.49
N LEU F 55 7.59 9.57 -51.48
CA LEU F 55 6.98 10.30 -52.58
C LEU F 55 5.64 9.65 -52.95
N GLY F 56 4.88 9.27 -51.92
CA GLY F 56 3.58 8.68 -52.13
C GLY F 56 3.56 7.19 -52.42
N GLU F 57 4.73 6.57 -52.57
CA GLU F 57 4.78 5.13 -52.85
C GLU F 57 5.11 4.30 -51.62
N LYS F 58 4.28 3.30 -51.35
CA LYS F 58 4.54 2.42 -50.21
C LYS F 58 5.59 1.39 -50.65
N VAL F 59 6.72 1.38 -49.96
CA VAL F 59 7.82 0.47 -50.30
C VAL F 59 8.10 -0.48 -49.14
N LEU F 60 8.38 -1.74 -49.48
CA LEU F 60 8.70 -2.73 -48.46
C LEU F 60 10.19 -3.05 -48.55
N LEU F 61 10.90 -2.89 -47.44
CA LEU F 61 12.33 -3.18 -47.42
C LEU F 61 12.59 -4.45 -46.62
N THR F 62 13.57 -5.22 -47.05
CA THR F 62 13.94 -6.44 -46.33
C THR F 62 15.37 -6.78 -46.71
N ARG F 63 16.04 -7.57 -45.87
CA ARG F 63 17.40 -8.00 -46.17
C ARG F 63 17.33 -9.46 -46.55
N ALA F 64 17.72 -9.77 -47.78
CA ALA F 64 17.70 -11.14 -48.26
C ALA F 64 19.12 -11.55 -48.64
N LYS F 65 19.59 -12.65 -48.06
CA LYS F 65 20.94 -13.14 -48.32
C LYS F 65 21.96 -12.02 -48.12
N GLY F 66 21.74 -11.20 -47.09
CA GLY F 66 22.66 -10.12 -46.80
C GLY F 66 22.41 -8.81 -47.51
N GLU F 67 21.64 -8.84 -48.60
CA GLU F 67 21.37 -7.63 -49.37
C GLU F 67 20.00 -7.00 -49.10
N VAL F 68 19.98 -5.68 -48.96
CA VAL F 68 18.75 -4.95 -48.73
C VAL F 68 18.00 -4.86 -50.06
N LYS F 69 16.74 -5.28 -50.05
CA LYS F 69 15.91 -5.24 -51.25
C LYS F 69 14.69 -4.34 -51.01
N ALA F 70 14.21 -3.72 -52.08
CA ALA F 70 13.05 -2.84 -51.98
C ALA F 70 12.05 -3.23 -53.07
N ILE F 71 10.81 -3.49 -52.66
CA ILE F 71 9.76 -3.88 -53.59
C ILE F 71 8.48 -3.12 -53.23
N ALA F 72 7.64 -2.86 -54.22
CA ALA F 72 6.39 -2.15 -53.99
C ALA F 72 5.59 -2.84 -52.89
N ASP F 73 5.18 -2.09 -51.87
CA ASP F 73 4.40 -2.65 -50.78
C ASP F 73 2.93 -2.73 -51.18
N GLY F 74 2.65 -3.50 -52.21
CA GLY F 74 1.29 -3.66 -52.70
C GLY F 74 1.19 -4.85 -53.63
N CYS F 75 0.29 -5.77 -53.31
CA CYS F 75 0.09 -6.98 -54.10
C CYS F 75 -0.65 -6.66 -55.39
N ALA F 76 -0.23 -7.31 -56.48
CA ALA F 76 -0.85 -7.09 -57.78
C ALA F 76 -2.24 -7.70 -57.86
N HIS F 77 -2.54 -8.61 -56.93
CA HIS F 77 -3.84 -9.27 -56.91
C HIS F 77 -4.97 -8.32 -56.48
N ARG F 78 -5.07 -8.06 -55.18
CA ARG F 78 -6.11 -7.16 -54.70
C ARG F 78 -5.53 -5.93 -54.00
N GLY F 79 -4.31 -5.58 -54.41
CA GLY F 79 -3.64 -4.39 -53.92
C GLY F 79 -3.34 -4.19 -52.44
N VAL F 80 -3.40 -5.24 -51.63
CA VAL F 80 -3.11 -5.07 -50.21
C VAL F 80 -1.62 -4.92 -49.98
N PRO F 81 -1.23 -4.23 -48.89
CA PRO F 81 0.19 -4.07 -48.61
C PRO F 81 0.71 -5.30 -47.86
N PHE F 82 1.86 -5.81 -48.28
CA PHE F 82 2.47 -6.97 -47.63
C PHE F 82 2.80 -6.66 -46.17
N SER F 83 3.13 -5.40 -45.89
CA SER F 83 3.51 -4.97 -44.55
C SER F 83 2.48 -5.25 -43.46
N LYS F 84 1.23 -5.51 -43.84
CA LYS F 84 0.21 -5.83 -42.86
C LYS F 84 0.64 -7.12 -42.18
N GLU F 85 1.28 -7.98 -42.95
CA GLU F 85 1.76 -9.27 -42.46
C GLU F 85 2.75 -9.83 -43.48
N PRO F 86 3.97 -9.27 -43.50
CA PRO F 86 5.00 -9.72 -44.43
C PRO F 86 5.40 -11.16 -44.19
N LEU F 87 5.50 -11.93 -45.27
CA LEU F 87 5.87 -13.34 -45.19
C LEU F 87 6.99 -13.67 -46.16
N CYS F 88 7.86 -14.58 -45.74
CA CYS F 88 8.96 -15.03 -46.57
C CYS F 88 9.16 -16.52 -46.30
N PHE F 89 8.96 -17.34 -47.33
CA PHE F 89 9.12 -18.78 -47.21
C PHE F 89 10.39 -19.23 -47.91
N LYS F 90 11.16 -18.26 -48.39
CA LYS F 90 12.41 -18.51 -49.09
C LYS F 90 13.12 -17.17 -49.34
N ALA F 91 14.35 -17.05 -48.83
CA ALA F 91 15.13 -15.84 -49.00
C ALA F 91 15.16 -15.44 -50.47
N GLY F 92 14.91 -14.17 -50.74
CA GLY F 92 14.90 -13.71 -52.11
C GLY F 92 13.50 -13.57 -52.67
N THR F 93 12.50 -13.91 -51.85
CA THR F 93 11.10 -13.79 -52.27
C THR F 93 10.26 -13.23 -51.13
N VAL F 94 9.01 -12.90 -51.45
CA VAL F 94 8.07 -12.40 -50.49
C VAL F 94 6.71 -12.95 -50.92
N SER F 95 5.93 -13.44 -49.95
CA SER F 95 4.62 -14.00 -50.25
C SER F 95 3.53 -13.14 -49.61
N CYS F 96 2.50 -12.84 -50.40
CA CYS F 96 1.40 -12.05 -49.87
C CYS F 96 0.65 -12.88 -48.82
N TRP F 97 0.25 -12.22 -47.74
CA TRP F 97 -0.45 -12.88 -46.65
C TRP F 97 -1.89 -13.27 -46.98
N TYR F 98 -2.45 -12.70 -48.03
CA TYR F 98 -3.84 -12.95 -48.37
C TYR F 98 -4.11 -14.21 -49.19
N HIS F 99 -3.53 -14.32 -50.39
CA HIS F 99 -3.74 -15.52 -51.21
C HIS F 99 -2.44 -16.22 -51.59
N GLY F 100 -1.35 -15.88 -50.88
CA GLY F 100 -0.08 -16.53 -51.13
C GLY F 100 0.69 -16.23 -52.40
N TRP F 101 0.28 -15.21 -53.16
CA TRP F 101 1.02 -14.86 -54.37
C TRP F 101 2.45 -14.58 -53.93
N THR F 102 3.41 -15.21 -54.59
CA THR F 102 4.81 -15.06 -54.22
C THR F 102 5.63 -14.39 -55.30
N TYR F 103 6.41 -13.38 -54.90
CA TYR F 103 7.21 -12.61 -55.83
C TYR F 103 8.71 -12.73 -55.63
N ASP F 104 9.43 -12.59 -56.75
CA ASP F 104 10.88 -12.62 -56.76
C ASP F 104 11.34 -11.20 -56.44
N LEU F 105 12.16 -11.04 -55.41
CA LEU F 105 12.63 -9.72 -55.03
C LEU F 105 13.55 -9.02 -56.02
N ASP F 106 14.26 -9.78 -56.85
CA ASP F 106 15.18 -9.18 -57.80
C ASP F 106 14.54 -8.57 -59.05
N ASP F 107 13.37 -9.08 -59.44
CA ASP F 107 12.68 -8.52 -60.61
C ASP F 107 11.19 -8.21 -60.36
N GLY F 108 10.71 -8.51 -59.16
CA GLY F 108 9.32 -8.24 -58.83
C GLY F 108 8.29 -9.12 -59.53
N ARG F 109 8.76 -10.14 -60.22
CA ARG F 109 7.89 -11.05 -60.95
C ARG F 109 7.17 -12.06 -60.07
N LEU F 110 5.95 -12.40 -60.45
CA LEU F 110 5.16 -13.39 -59.74
C LEU F 110 5.70 -14.75 -60.17
N VAL F 111 6.38 -15.45 -59.25
CA VAL F 111 6.96 -16.75 -59.57
C VAL F 111 6.15 -17.94 -59.05
N ASP F 112 5.15 -17.68 -58.23
CA ASP F 112 4.34 -18.77 -57.70
C ASP F 112 3.13 -18.27 -56.93
N VAL F 113 2.18 -19.16 -56.69
CA VAL F 113 0.98 -18.88 -55.93
C VAL F 113 0.80 -20.09 -55.01
N LEU F 114 1.07 -19.89 -53.72
CA LEU F 114 0.98 -20.95 -52.73
C LEU F 114 -0.38 -21.63 -52.66
N THR F 115 -1.43 -20.87 -52.97
CA THR F 115 -2.78 -21.41 -52.92
C THR F 115 -3.24 -22.04 -54.23
N SER F 116 -2.42 -21.92 -55.28
CA SER F 116 -2.80 -22.49 -56.57
C SER F 116 -1.57 -22.77 -57.43
N PRO F 117 -0.81 -23.80 -57.06
CA PRO F 117 0.39 -24.15 -57.83
C PRO F 117 0.06 -24.35 -59.30
N GLY F 118 0.94 -23.89 -60.18
CA GLY F 118 0.71 -24.05 -61.61
C GLY F 118 -0.31 -23.07 -62.17
N SER F 119 -0.77 -22.13 -61.35
CA SER F 119 -1.75 -21.15 -61.81
C SER F 119 -1.22 -20.45 -63.07
N PRO F 120 -2.08 -20.28 -64.07
CA PRO F 120 -1.67 -19.63 -65.31
C PRO F 120 -1.21 -18.18 -65.21
N VAL F 121 -1.45 -17.52 -64.08
CA VAL F 121 -1.01 -16.13 -63.94
C VAL F 121 0.47 -16.05 -63.60
N ILE F 122 1.04 -17.18 -63.17
CA ILE F 122 2.45 -17.24 -62.81
C ILE F 122 3.32 -16.88 -64.01
N GLY F 123 4.24 -15.94 -63.82
CA GLY F 123 5.12 -15.53 -64.91
C GLY F 123 4.54 -14.47 -65.82
N LYS F 124 3.26 -14.17 -65.66
CA LYS F 124 2.60 -13.16 -66.49
C LYS F 124 2.27 -11.90 -65.70
N ILE F 125 2.69 -11.86 -64.45
CA ILE F 125 2.42 -10.71 -63.60
C ILE F 125 3.65 -10.32 -62.80
N GLY F 126 3.75 -9.04 -62.49
CA GLY F 126 4.87 -8.56 -61.71
C GLY F 126 4.57 -7.19 -61.14
N ILE F 127 5.28 -6.83 -60.07
CA ILE F 127 5.13 -5.54 -59.44
C ILE F 127 6.48 -4.85 -59.47
N LYS F 128 6.49 -3.58 -59.08
CA LYS F 128 7.70 -2.77 -59.09
C LYS F 128 8.73 -3.09 -58.00
N VAL F 129 10.00 -3.14 -58.41
CA VAL F 129 11.10 -3.34 -57.48
C VAL F 129 11.97 -2.11 -57.69
N TYR F 130 12.63 -1.64 -56.64
CA TYR F 130 13.45 -0.44 -56.74
C TYR F 130 14.93 -0.68 -56.53
N PRO F 131 15.77 0.10 -57.22
CA PRO F 131 17.21 -0.08 -57.05
C PRO F 131 17.54 0.39 -55.63
N VAL F 132 18.45 -0.32 -54.97
CA VAL F 132 18.85 0.04 -53.63
C VAL F 132 20.36 0.15 -53.55
N GLN F 133 20.84 1.11 -52.77
CA GLN F 133 22.28 1.26 -52.58
C GLN F 133 22.51 1.75 -51.16
N VAL F 134 23.27 0.96 -50.40
CA VAL F 134 23.58 1.31 -49.03
C VAL F 134 24.91 2.03 -49.00
N ALA F 135 24.93 3.21 -48.41
CA ALA F 135 26.15 3.99 -48.32
C ALA F 135 26.19 4.73 -47.00
N GLN F 136 27.36 4.73 -46.37
CA GLN F 136 27.56 5.40 -45.09
C GLN F 136 26.49 4.99 -44.09
N GLY F 137 26.11 3.71 -44.13
CA GLY F 137 25.11 3.20 -43.20
C GLY F 137 23.67 3.62 -43.50
N VAL F 138 23.47 4.32 -44.61
CA VAL F 138 22.13 4.75 -44.98
C VAL F 138 21.62 3.95 -46.17
N VAL F 139 20.36 3.55 -46.13
CA VAL F 139 19.74 2.79 -47.22
C VAL F 139 19.09 3.78 -48.19
N PHE F 140 19.61 3.85 -49.42
CA PHE F 140 19.03 4.74 -50.43
C PHE F 140 18.23 3.94 -51.44
N VAL F 141 17.12 4.50 -51.90
CA VAL F 141 16.28 3.83 -52.88
C VAL F 141 16.08 4.76 -54.06
N PHE F 142 16.16 4.23 -55.27
CA PHE F 142 15.97 5.08 -56.45
C PHE F 142 14.49 5.12 -56.83
N ILE F 143 13.88 6.29 -56.67
CA ILE F 143 12.48 6.48 -56.97
C ILE F 143 12.30 7.13 -58.35
N GLY F 144 11.57 6.47 -59.23
CA GLY F 144 11.36 7.01 -60.56
C GLY F 144 11.27 5.94 -61.61
N ASP F 145 10.83 6.30 -62.81
CA ASP F 145 10.70 5.33 -63.89
C ASP F 145 11.99 5.13 -64.68
N GLU F 146 12.97 5.99 -64.47
CA GLU F 146 14.24 5.86 -65.18
C GLU F 146 15.21 4.92 -64.49
N GLU F 147 16.24 4.53 -65.24
CA GLU F 147 17.30 3.68 -64.72
C GLU F 147 18.05 4.57 -63.74
N PRO F 148 18.58 3.99 -62.66
CA PRO F 148 19.31 4.84 -61.71
C PRO F 148 20.64 5.37 -62.23
N HIS F 149 20.99 6.58 -61.81
CA HIS F 149 22.27 7.17 -62.18
C HIS F 149 23.13 6.99 -60.91
N ALA F 150 24.32 7.56 -60.89
CA ALA F 150 25.21 7.42 -59.75
C ALA F 150 24.66 8.09 -58.50
N LEU F 151 24.75 7.39 -57.37
CA LEU F 151 24.27 7.90 -56.08
C LEU F 151 24.90 9.24 -55.72
N SER F 152 26.18 9.39 -56.01
CA SER F 152 26.92 10.60 -55.70
C SER F 152 26.30 11.86 -56.29
N GLU F 153 25.57 11.71 -57.39
CA GLU F 153 24.96 12.88 -58.02
C GLU F 153 23.78 13.44 -57.21
N ASP F 154 23.28 12.65 -56.26
CA ASP F 154 22.16 13.07 -55.41
C ASP F 154 22.56 13.33 -53.96
N LEU F 155 23.84 13.62 -53.75
CA LEU F 155 24.36 13.87 -52.40
C LEU F 155 25.29 15.08 -52.39
N PRO F 156 25.35 15.79 -51.26
CA PRO F 156 26.23 16.96 -51.18
C PRO F 156 27.66 16.47 -51.26
N PRO F 157 28.59 17.32 -51.73
CA PRO F 157 29.99 16.89 -51.81
C PRO F 157 30.48 16.51 -50.42
N GLY F 158 31.34 15.50 -50.33
CA GLY F 158 31.88 15.10 -49.04
C GLY F 158 31.11 14.05 -48.25
N PHE F 159 29.84 13.85 -48.59
CA PHE F 159 29.02 12.86 -47.87
C PHE F 159 29.60 11.45 -47.97
N LEU F 160 30.10 11.10 -49.15
CA LEU F 160 30.68 9.77 -49.38
C LEU F 160 32.15 9.60 -49.00
N ASP F 161 32.75 10.60 -48.37
CA ASP F 161 34.15 10.52 -47.97
C ASP F 161 34.41 9.22 -47.22
N GLU F 162 35.34 8.42 -47.74
CA GLU F 162 35.69 7.14 -47.15
C GLU F 162 36.41 7.23 -45.82
N ASP F 163 37.00 8.38 -45.53
CA ASP F 163 37.72 8.54 -44.27
C ASP F 163 36.83 9.14 -43.19
N THR F 164 35.54 8.82 -43.23
CA THR F 164 34.60 9.33 -42.23
C THR F 164 33.59 8.26 -41.86
N HIS F 165 32.84 8.52 -40.80
CA HIS F 165 31.79 7.60 -40.37
C HIS F 165 30.57 8.47 -40.13
N LEU F 166 29.40 7.94 -40.46
CA LEU F 166 28.16 8.69 -40.28
C LEU F 166 27.17 7.99 -39.37
N LEU F 167 26.48 8.77 -38.56
CA LEU F 167 25.48 8.26 -37.65
C LEU F 167 24.31 9.23 -37.66
N GLY F 168 23.09 8.71 -37.66
CA GLY F 168 21.94 9.59 -37.68
C GLY F 168 20.63 8.98 -37.27
N ILE F 169 19.55 9.75 -37.44
CA ILE F 169 18.21 9.32 -37.13
C ILE F 169 17.22 9.87 -38.14
N ARG F 170 15.98 9.38 -38.07
CA ARG F 170 14.93 9.83 -38.96
C ARG F 170 13.62 9.92 -38.18
N ARG F 171 12.76 10.84 -38.59
CA ARG F 171 11.47 11.01 -37.93
C ARG F 171 10.50 11.62 -38.94
N THR F 172 9.21 11.50 -38.66
CA THR F 172 8.18 12.03 -39.53
C THR F 172 7.80 13.45 -39.10
N VAL F 173 7.63 14.33 -40.08
CA VAL F 173 7.26 15.71 -39.82
C VAL F 173 5.99 16.02 -40.58
N GLN F 174 5.04 16.68 -39.92
CA GLN F 174 3.77 16.99 -40.55
C GLN F 174 3.78 18.28 -41.37
N SER F 175 4.59 18.31 -42.42
CA SER F 175 4.64 19.46 -43.29
C SER F 175 5.13 18.99 -44.65
N ASN F 176 4.87 19.78 -45.68
CA ASN F 176 5.32 19.43 -47.00
C ASN F 176 6.84 19.44 -46.95
N TRP F 177 7.47 18.56 -47.74
CA TRP F 177 8.93 18.44 -47.76
C TRP F 177 9.68 19.74 -48.08
N ARG F 178 9.10 20.58 -48.92
CA ARG F 178 9.75 21.84 -49.29
C ARG F 178 9.88 22.80 -48.11
N LEU F 179 8.95 22.74 -47.16
CA LEU F 179 9.02 23.60 -46.00
C LEU F 179 10.16 23.09 -45.09
N GLY F 180 10.49 21.82 -45.22
CA GLY F 180 11.57 21.27 -44.43
C GLY F 180 12.89 21.75 -45.02
N VAL F 181 13.06 21.59 -46.33
CA VAL F 181 14.27 22.01 -47.02
C VAL F 181 14.55 23.50 -46.80
N GLU F 182 13.51 24.31 -46.91
CA GLU F 182 13.65 25.75 -46.75
C GLU F 182 13.86 26.18 -45.29
N ASN F 183 13.53 25.30 -44.35
CA ASN F 183 13.72 25.58 -42.94
C ASN F 183 15.18 25.32 -42.57
N GLY F 184 15.79 24.37 -43.26
CA GLY F 184 17.18 24.05 -43.00
C GLY F 184 18.14 25.03 -43.67
N PHE F 185 17.81 25.41 -44.90
CA PHE F 185 18.63 26.34 -45.69
C PHE F 185 18.07 27.75 -45.53
N ASP F 186 18.04 28.21 -44.29
CA ASP F 186 17.52 29.53 -43.94
C ASP F 186 18.53 30.14 -42.96
N THR F 187 19.20 31.21 -43.37
CA THR F 187 20.23 31.84 -42.55
C THR F 187 19.80 32.78 -41.42
N THR F 188 18.52 33.11 -41.34
CA THR F 188 18.06 33.99 -40.25
C THR F 188 17.02 33.34 -39.35
N HIS F 189 16.64 32.10 -39.66
CA HIS F 189 15.65 31.42 -38.83
C HIS F 189 16.30 30.97 -37.53
N ILE F 190 17.63 30.91 -37.53
CA ILE F 190 18.37 30.47 -36.35
C ILE F 190 18.03 31.30 -35.11
N PHE F 191 17.30 32.39 -35.33
CA PHE F 191 16.85 33.27 -34.27
C PHE F 191 16.02 32.45 -33.28
N MET F 192 15.20 31.54 -33.83
CA MET F 192 14.32 30.71 -33.01
C MET F 192 15.07 29.67 -32.18
N HIS F 193 16.33 29.44 -32.51
CA HIS F 193 17.14 28.46 -31.76
C HIS F 193 17.99 29.09 -30.66
N ARG F 194 17.91 30.40 -30.50
CA ARG F 194 18.73 31.11 -29.52
C ARG F 194 18.67 30.62 -28.08
N ASN F 195 17.56 29.99 -27.69
CA ASN F 195 17.43 29.50 -26.32
C ASN F 195 17.57 28.00 -26.18
N SER F 196 18.06 27.35 -27.23
CA SER F 196 18.26 25.91 -27.16
C SER F 196 19.36 25.65 -26.13
N PRO F 197 19.19 24.66 -25.25
CA PRO F 197 20.23 24.39 -24.26
C PRO F 197 21.55 23.95 -24.90
N TRP F 198 21.53 23.69 -26.21
CA TRP F 198 22.73 23.25 -26.91
C TRP F 198 23.69 24.42 -27.19
N VAL F 199 23.15 25.63 -27.29
CA VAL F 199 23.96 26.80 -27.56
C VAL F 199 24.98 27.03 -26.45
N SER F 200 24.50 27.13 -25.22
CA SER F 200 25.40 27.33 -24.10
C SER F 200 25.99 25.96 -23.78
N GLY F 201 25.22 24.92 -24.05
CA GLY F 201 25.65 23.56 -23.78
C GLY F 201 26.93 23.17 -24.49
N ASN F 202 27.15 23.72 -25.69
CA ASN F 202 28.37 23.40 -26.41
C ASN F 202 29.19 24.66 -26.66
N ARG F 203 28.99 25.65 -25.79
CA ARG F 203 29.74 26.91 -25.85
C ARG F 203 29.84 27.44 -27.27
N LEU F 204 28.73 27.39 -28.01
CA LEU F 204 28.72 27.85 -29.39
C LEU F 204 28.69 29.35 -29.61
N ALA F 205 29.30 29.78 -30.70
CA ALA F 205 29.27 31.19 -31.10
C ALA F 205 28.12 31.10 -32.11
N PHE F 206 26.91 31.35 -31.63
CA PHE F 206 25.71 31.24 -32.46
C PHE F 206 24.96 32.57 -32.54
N PRO F 207 25.00 33.22 -33.71
CA PRO F 207 24.31 34.51 -33.87
C PRO F 207 22.79 34.39 -34.00
N TYR F 208 22.11 35.52 -34.01
CA TYR F 208 20.66 35.53 -34.16
C TYR F 208 20.31 35.36 -35.64
N GLY F 209 21.29 35.63 -36.51
CA GLY F 209 21.09 35.50 -37.93
C GLY F 209 22.32 35.83 -38.75
N PHE F 210 22.29 35.46 -40.03
CA PHE F 210 23.39 35.74 -40.95
C PHE F 210 22.81 36.52 -42.11
N VAL F 211 23.33 37.73 -42.32
CA VAL F 211 22.86 38.58 -43.40
C VAL F 211 23.90 38.63 -44.51
N PRO F 212 23.48 38.39 -45.77
CA PRO F 212 24.37 38.39 -46.94
C PRO F 212 25.19 39.68 -46.97
N ALA F 213 26.51 39.56 -47.04
CA ALA F 213 27.37 40.74 -47.04
C ALA F 213 27.73 41.24 -48.43
N ASP F 214 28.43 40.42 -49.20
CA ASP F 214 28.86 40.83 -50.53
C ASP F 214 28.40 39.92 -51.68
N ARG F 215 28.95 40.18 -52.86
CA ARG F 215 28.63 39.42 -54.07
C ARG F 215 28.80 37.91 -53.92
N ASP F 216 29.84 37.49 -53.22
CA ASP F 216 30.12 36.07 -53.05
C ASP F 216 29.40 35.39 -51.90
N ALA F 217 28.35 36.02 -51.37
CA ALA F 217 27.59 35.46 -50.26
C ALA F 217 27.11 34.04 -50.61
N MET F 218 26.49 33.92 -51.77
CA MET F 218 25.98 32.62 -52.19
C MET F 218 26.45 32.26 -53.60
N GLN F 219 26.71 30.97 -53.80
CA GLN F 219 27.17 30.50 -55.10
C GLN F 219 26.36 29.31 -55.58
N VAL F 220 25.95 29.36 -56.84
CA VAL F 220 25.16 28.29 -57.42
C VAL F 220 26.06 27.33 -58.18
N TYR F 221 25.86 26.03 -57.96
CA TYR F 221 26.64 25.03 -58.65
C TYR F 221 25.73 24.29 -59.60
N ASP F 222 25.75 24.68 -60.87
CA ASP F 222 24.92 24.04 -61.87
C ASP F 222 25.72 23.48 -63.04
N GLU F 223 26.85 22.86 -62.75
CA GLU F 223 27.67 22.26 -63.80
C GLU F 223 27.94 20.81 -63.42
N ASN F 224 27.30 19.89 -64.13
CA ASN F 224 27.47 18.47 -63.83
C ASN F 224 26.77 18.25 -62.48
N TRP F 225 27.05 17.13 -61.83
CA TRP F 225 26.44 16.82 -60.55
C TRP F 225 27.48 16.56 -59.47
N PRO F 226 27.13 16.78 -58.20
CA PRO F 226 25.82 17.26 -57.75
C PRO F 226 25.62 18.75 -58.01
N LYS F 227 24.38 19.22 -57.91
CA LYS F 227 24.06 20.62 -58.12
C LYS F 227 23.43 21.18 -56.84
N GLY F 228 23.78 22.41 -56.48
CA GLY F 228 23.21 22.99 -55.28
C GLY F 228 23.53 24.46 -55.10
N VAL F 229 23.28 24.96 -53.90
CA VAL F 229 23.55 26.36 -53.58
C VAL F 229 24.34 26.42 -52.27
N LEU F 230 25.43 27.17 -52.26
CA LEU F 230 26.29 27.28 -51.09
C LEU F 230 26.35 28.68 -50.50
N ASP F 231 26.11 28.76 -49.19
CA ASP F 231 26.16 30.04 -48.48
C ASP F 231 27.48 30.10 -47.71
N ARG F 232 28.31 31.10 -48.00
CA ARG F 232 29.60 31.26 -47.33
C ARG F 232 29.37 32.18 -46.13
N LEU F 233 28.80 31.60 -45.07
CA LEU F 233 28.47 32.34 -43.86
C LEU F 233 29.63 33.07 -43.17
N SER F 234 30.73 32.37 -42.91
CA SER F 234 31.86 33.00 -42.24
C SER F 234 32.53 34.07 -43.12
N GLU F 235 32.77 33.71 -44.38
CA GLU F 235 33.42 34.62 -45.32
C GLU F 235 32.59 35.81 -45.78
N ASN F 236 31.45 35.56 -46.42
CA ASN F 236 30.65 36.63 -46.97
C ASN F 236 29.32 37.02 -46.33
N TYR F 237 29.16 36.71 -45.04
CA TYR F 237 27.95 37.08 -44.33
C TYR F 237 28.29 37.87 -43.09
N MET F 238 27.37 38.74 -42.68
CA MET F 238 27.54 39.53 -41.47
C MET F 238 26.67 38.89 -40.38
N PRO F 239 27.29 38.35 -39.34
CA PRO F 239 26.51 37.73 -38.26
C PRO F 239 25.89 38.79 -37.35
N VAL F 240 24.71 38.50 -36.83
CA VAL F 240 24.01 39.42 -35.93
C VAL F 240 24.05 38.86 -34.51
N PHE F 241 24.96 39.38 -33.68
CA PHE F 241 25.08 38.89 -32.30
C PHE F 241 24.34 39.75 -31.29
N GLU F 242 23.73 40.83 -31.77
CA GLU F 242 22.97 41.73 -30.92
C GLU F 242 21.72 42.18 -31.66
N ALA F 243 20.58 42.14 -31.00
CA ALA F 243 19.33 42.57 -31.60
C ALA F 243 18.90 43.88 -30.95
N THR F 244 18.55 44.85 -31.77
CA THR F 244 18.12 46.15 -31.25
C THR F 244 16.70 46.50 -31.68
N LEU F 245 16.02 47.27 -30.82
CA LEU F 245 14.66 47.71 -31.07
C LEU F 245 14.48 49.11 -30.51
N ASP F 246 14.17 50.07 -31.39
CA ASP F 246 13.96 51.46 -30.98
C ASP F 246 15.10 52.01 -30.11
N GLY F 247 16.30 52.00 -30.66
CA GLY F 247 17.46 52.52 -29.95
C GLY F 247 17.81 51.83 -28.65
N GLU F 248 17.56 50.52 -28.58
CA GLU F 248 17.87 49.77 -27.37
C GLU F 248 18.22 48.32 -27.70
N THR F 249 19.21 47.78 -27.01
CA THR F 249 19.62 46.40 -27.23
C THR F 249 18.66 45.53 -26.43
N VAL F 250 17.83 44.76 -27.11
CA VAL F 250 16.88 43.90 -26.43
C VAL F 250 17.34 42.46 -26.35
N LEU F 251 18.42 42.16 -27.06
CA LEU F 251 18.95 40.81 -27.08
C LEU F 251 20.45 40.88 -27.40
N SER F 252 21.24 40.07 -26.70
CA SER F 252 22.67 40.07 -26.93
C SER F 252 23.33 38.75 -26.58
N ALA F 253 24.14 38.23 -27.49
CA ALA F 253 24.85 36.99 -27.25
C ALA F 253 25.99 37.29 -26.28
N GLU F 254 26.38 36.30 -25.50
CA GLU F 254 27.47 36.50 -24.54
C GLU F 254 28.77 36.80 -25.29
N LEU F 255 29.36 35.77 -25.88
CA LEU F 255 30.57 35.95 -26.70
C LEU F 255 31.82 36.36 -25.91
N THR F 256 32.21 35.52 -24.96
CA THR F 256 33.48 35.67 -24.26
C THR F 256 34.79 35.49 -25.01
N GLY F 257 34.68 35.17 -26.30
CA GLY F 257 35.85 34.96 -27.14
C GLY F 257 36.36 33.54 -27.10
N GLU F 258 35.73 32.70 -26.28
CA GLU F 258 36.16 31.30 -26.15
C GLU F 258 35.19 30.32 -26.81
N GLU F 259 34.10 30.83 -27.37
CA GLU F 259 33.09 30.01 -28.02
C GLU F 259 33.62 29.18 -29.20
N LYS F 260 32.89 28.11 -29.52
CA LYS F 260 33.25 27.24 -30.64
C LYS F 260 32.65 27.83 -31.90
N LYS F 261 33.37 27.75 -33.01
CA LYS F 261 32.88 28.27 -34.28
C LYS F 261 32.23 27.15 -35.09
N VAL F 262 31.00 27.39 -35.54
CA VAL F 262 30.28 26.40 -36.35
C VAL F 262 29.51 27.09 -37.46
N ALA F 263 28.99 26.28 -38.38
CA ALA F 263 28.22 26.81 -39.50
C ALA F 263 29.03 27.84 -40.28
N ALA F 264 30.20 27.45 -40.76
CA ALA F 264 31.03 28.35 -41.55
C ALA F 264 30.36 28.42 -42.92
N GLN F 265 29.77 27.29 -43.32
CA GLN F 265 29.07 27.22 -44.60
C GLN F 265 27.84 26.33 -44.47
N VAL F 266 26.81 26.66 -45.25
CA VAL F 266 25.60 25.86 -45.28
C VAL F 266 25.22 25.80 -46.74
N SER F 267 24.83 24.63 -47.22
CA SER F 267 24.45 24.47 -48.61
C SER F 267 23.36 23.43 -48.78
N VAL F 268 22.62 23.52 -49.87
CA VAL F 268 21.55 22.57 -50.16
C VAL F 268 21.79 22.04 -51.58
N TRP F 269 21.60 20.74 -51.76
CA TRP F 269 21.83 20.10 -53.05
C TRP F 269 20.64 19.25 -53.49
N LEU F 270 20.42 19.18 -54.79
CA LEU F 270 19.32 18.38 -55.32
C LEU F 270 19.52 16.93 -54.92
N PRO F 271 18.41 16.20 -54.67
CA PRO F 271 17.02 16.67 -54.77
C PRO F 271 16.52 17.49 -53.57
N GLY F 272 17.41 17.77 -52.62
CA GLY F 272 17.02 18.55 -51.45
C GLY F 272 17.70 18.04 -50.19
N VAL F 273 19.02 18.16 -50.15
CA VAL F 273 19.82 17.70 -49.04
C VAL F 273 20.68 18.84 -48.50
N LEU F 274 20.60 19.06 -47.20
CA LEU F 274 21.35 20.12 -46.56
C LEU F 274 22.72 19.66 -46.06
N LYS F 275 23.65 20.60 -45.99
CA LYS F 275 24.98 20.33 -45.45
C LYS F 275 25.38 21.54 -44.61
N VAL F 276 25.52 21.33 -43.31
CA VAL F 276 25.92 22.42 -42.40
C VAL F 276 27.36 22.09 -42.00
N ASP F 277 28.28 22.98 -42.36
CA ASP F 277 29.70 22.76 -42.13
C ASP F 277 30.43 23.87 -41.36
N PRO F 278 30.87 23.59 -40.13
CA PRO F 278 30.68 22.32 -39.40
C PRO F 278 29.53 22.49 -38.43
N PHE F 279 28.92 21.39 -37.99
CA PHE F 279 27.80 21.43 -37.06
C PHE F 279 27.42 19.98 -36.71
N PRO F 280 26.90 19.73 -35.50
CA PRO F 280 26.59 20.67 -34.40
C PRO F 280 27.83 20.98 -33.56
N ASP F 281 28.99 20.57 -34.06
CA ASP F 281 30.26 20.78 -33.38
C ASP F 281 31.36 20.91 -34.42
N PRO F 282 32.44 21.65 -34.09
CA PRO F 282 33.57 21.85 -35.02
C PRO F 282 34.08 20.56 -35.63
N THR F 283 33.91 19.45 -34.92
CA THR F 283 34.39 18.16 -35.40
C THR F 283 33.36 17.36 -36.18
N LEU F 284 32.22 17.99 -36.48
CA LEU F 284 31.16 17.29 -37.21
C LEU F 284 30.55 18.08 -38.35
N ILE F 285 29.93 17.35 -39.27
CA ILE F 285 29.22 17.94 -40.40
C ILE F 285 27.81 17.33 -40.33
N GLN F 286 26.79 18.17 -40.46
CA GLN F 286 25.42 17.68 -40.39
C GLN F 286 24.70 17.73 -41.73
N TYR F 287 24.19 16.58 -42.16
CA TYR F 287 23.45 16.46 -43.41
C TYR F 287 21.98 16.23 -43.06
N GLU F 288 21.07 16.83 -43.82
CA GLU F 288 19.65 16.65 -43.57
C GLU F 288 18.90 16.33 -44.86
N PHE F 289 17.98 15.37 -44.79
CA PHE F 289 17.18 15.01 -45.95
C PHE F 289 15.73 15.26 -45.54
N TYR F 290 14.88 15.59 -46.51
CA TYR F 290 13.47 15.86 -46.26
C TYR F 290 12.69 15.14 -47.34
N VAL F 291 12.67 13.82 -47.23
CA VAL F 291 12.02 12.98 -48.21
C VAL F 291 10.50 13.01 -48.08
N PRO F 292 9.80 13.40 -49.16
CA PRO F 292 8.35 13.46 -49.14
C PRO F 292 7.75 12.10 -48.82
N ILE F 293 6.68 12.11 -48.03
CA ILE F 293 5.97 10.89 -47.68
C ILE F 293 4.67 11.02 -48.45
N SER F 294 4.00 12.15 -48.22
CA SER F 294 2.75 12.47 -48.88
C SER F 294 2.83 13.96 -49.22
N GLU F 295 1.71 14.54 -49.66
CA GLU F 295 1.69 15.95 -50.00
C GLU F 295 1.89 16.86 -48.78
N THR F 296 1.58 16.35 -47.60
CA THR F 296 1.67 17.14 -46.38
C THR F 296 2.63 16.62 -45.30
N GLN F 297 3.42 15.60 -45.62
CA GLN F 297 4.35 15.04 -44.65
C GLN F 297 5.68 14.67 -45.27
N HIS F 298 6.73 14.64 -44.46
CA HIS F 298 8.05 14.25 -44.96
C HIS F 298 8.87 13.55 -43.88
N GLU F 299 9.85 12.76 -44.33
CA GLU F 299 10.71 12.05 -43.42
C GLU F 299 11.98 12.87 -43.28
N TYR F 300 12.20 13.37 -42.07
CA TYR F 300 13.36 14.21 -41.76
C TYR F 300 14.53 13.36 -41.26
N PHE F 301 15.60 13.30 -42.05
CA PHE F 301 16.81 12.56 -41.69
C PHE F 301 17.89 13.53 -41.22
N GLN F 302 18.58 13.17 -40.15
CA GLN F 302 19.68 13.98 -39.62
C GLN F 302 20.86 13.03 -39.50
N VAL F 303 21.90 13.26 -40.30
CA VAL F 303 23.07 12.39 -40.27
C VAL F 303 24.33 13.18 -39.95
N LEU F 304 25.06 12.73 -38.93
CA LEU F 304 26.28 13.38 -38.52
C LEU F 304 27.49 12.66 -39.05
N GLN F 305 28.43 13.42 -39.60
CA GLN F 305 29.65 12.87 -40.17
C GLN F 305 30.88 13.28 -39.39
N ARG F 306 31.70 12.29 -39.05
CA ARG F 306 32.92 12.51 -38.30
C ARG F 306 34.12 11.88 -39.01
N LYS F 307 35.19 12.63 -39.11
CA LYS F 307 36.41 12.13 -39.74
C LYS F 307 37.02 11.10 -38.79
N VAL F 308 37.39 9.94 -39.33
CA VAL F 308 37.98 8.88 -38.50
C VAL F 308 39.26 8.32 -39.10
N GLU F 309 40.16 7.86 -38.24
CA GLU F 309 41.43 7.29 -38.67
C GLU F 309 41.42 5.77 -38.59
N GLY F 310 40.50 5.21 -37.79
CA GLY F 310 40.43 3.77 -37.66
C GLY F 310 39.24 3.31 -36.84
N PRO F 311 39.19 2.02 -36.48
CA PRO F 311 38.08 1.45 -35.70
C PRO F 311 37.88 2.09 -34.32
N GLU F 312 38.95 2.61 -33.74
CA GLU F 312 38.82 3.23 -32.42
C GLU F 312 38.12 4.59 -32.49
N ASP F 313 38.38 5.34 -33.55
CA ASP F 313 37.72 6.63 -33.73
C ASP F 313 36.23 6.41 -33.93
N VAL F 314 35.89 5.38 -34.68
CA VAL F 314 34.51 5.02 -34.94
C VAL F 314 33.77 4.80 -33.63
N LYS F 315 34.28 3.85 -32.84
CA LYS F 315 33.69 3.53 -31.54
C LYS F 315 33.49 4.78 -30.69
N THR F 316 34.51 5.65 -30.70
CA THR F 316 34.45 6.89 -29.94
C THR F 316 33.29 7.77 -30.43
N PHE F 317 33.11 7.81 -31.75
CA PHE F 317 32.05 8.61 -32.34
C PHE F 317 30.68 8.02 -31.99
N GLU F 318 30.55 6.71 -32.12
CA GLU F 318 29.30 6.05 -31.81
C GLU F 318 28.91 6.28 -30.35
N VAL F 319 29.91 6.31 -29.47
CA VAL F 319 29.67 6.54 -28.05
C VAL F 319 29.23 7.98 -27.79
N GLU F 320 29.94 8.94 -28.38
CA GLU F 320 29.57 10.34 -28.21
C GLU F 320 28.18 10.56 -28.76
N PHE F 321 27.90 9.91 -29.89
CA PHE F 321 26.60 10.04 -30.54
C PHE F 321 25.49 9.65 -29.58
N GLU F 322 25.62 8.44 -29.02
CA GLU F 322 24.66 7.89 -28.09
C GLU F 322 24.52 8.67 -26.78
N GLU F 323 25.64 9.16 -26.26
CA GLU F 323 25.64 9.87 -25.00
C GLU F 323 25.47 11.38 -25.07
N ARG F 324 25.77 11.98 -26.23
CA ARG F 324 25.67 13.43 -26.34
C ARG F 324 25.06 14.00 -27.62
N TRP F 325 25.70 13.77 -28.75
CA TRP F 325 25.26 14.30 -30.04
C TRP F 325 23.76 14.14 -30.36
N ARG F 326 23.31 12.89 -30.44
CA ARG F 326 21.93 12.61 -30.79
C ARG F 326 20.87 13.39 -29.99
N ASP F 327 20.85 13.20 -28.68
CA ASP F 327 19.88 13.87 -27.85
C ASP F 327 20.12 15.34 -27.53
N ASP F 328 21.36 15.75 -27.34
CA ASP F 328 21.63 17.16 -27.03
C ASP F 328 21.55 18.06 -28.25
N ALA F 329 21.86 17.53 -29.43
CA ALA F 329 21.83 18.34 -30.64
C ALA F 329 20.71 17.98 -31.62
N LEU F 330 20.72 16.75 -32.13
CA LEU F 330 19.68 16.35 -33.06
C LEU F 330 18.29 16.56 -32.46
N HIS F 331 18.17 16.48 -31.14
CA HIS F 331 16.89 16.72 -30.49
C HIS F 331 16.94 18.05 -29.73
N GLY F 332 17.94 18.19 -28.87
CA GLY F 332 18.08 19.41 -28.09
C GLY F 332 18.16 20.69 -28.90
N PHE F 333 18.68 20.58 -30.13
CA PHE F 333 18.79 21.76 -30.98
C PHE F 333 17.71 21.79 -32.07
N ASN F 334 17.63 20.73 -32.85
CA ASN F 334 16.69 20.65 -33.97
C ASN F 334 15.22 20.33 -33.71
N ASP F 335 14.87 19.84 -32.51
CA ASP F 335 13.46 19.53 -32.27
C ASP F 335 12.55 20.70 -32.62
N ASP F 336 13.00 21.93 -32.31
CA ASP F 336 12.19 23.10 -32.61
C ASP F 336 11.92 23.30 -34.11
N ASP F 337 12.85 22.84 -34.95
CA ASP F 337 12.66 22.98 -36.39
C ASP F 337 11.41 22.23 -36.85
N VAL F 338 11.05 21.17 -36.12
CA VAL F 338 9.88 20.37 -36.47
C VAL F 338 8.55 21.15 -36.41
N TRP F 339 8.26 21.78 -35.28
CA TRP F 339 7.00 22.53 -35.21
C TRP F 339 7.07 23.82 -36.01
N ALA F 340 8.29 24.28 -36.29
CA ALA F 340 8.48 25.50 -37.07
C ALA F 340 8.01 25.22 -38.50
N ARG F 341 8.33 24.03 -39.00
CA ARG F 341 7.91 23.63 -40.34
C ARG F 341 6.41 23.38 -40.37
N GLU F 342 5.91 22.66 -39.37
CA GLU F 342 4.49 22.35 -39.31
C GLU F 342 3.64 23.60 -39.14
N ALA F 343 4.20 24.65 -38.56
CA ALA F 343 3.49 25.91 -38.36
C ALA F 343 3.28 26.65 -39.70
N GLN F 344 4.01 26.20 -40.73
CA GLN F 344 3.91 26.81 -42.06
C GLN F 344 3.03 26.01 -43.03
N GLN F 345 2.67 24.79 -42.63
CA GLN F 345 1.89 23.90 -43.47
C GLN F 345 0.58 24.50 -43.97
N GLU F 346 -0.22 25.04 -43.05
CA GLU F 346 -1.50 25.64 -43.41
C GLU F 346 -1.35 26.73 -44.47
N PHE F 347 -0.48 27.68 -44.20
CA PHE F 347 -0.26 28.81 -45.10
C PHE F 347 0.19 28.41 -46.51
N TYR F 348 1.23 27.59 -46.60
CA TYR F 348 1.73 27.17 -47.91
C TYR F 348 0.93 26.06 -48.56
N GLY F 349 0.48 25.09 -47.76
CA GLY F 349 -0.26 23.98 -48.31
C GLY F 349 -1.75 24.19 -48.55
N GLU F 350 -2.35 25.16 -47.87
CA GLU F 350 -3.78 25.40 -48.01
C GLU F 350 -4.16 26.82 -48.40
N ARG F 351 -3.31 27.79 -48.08
CA ARG F 351 -3.63 29.18 -48.38
C ARG F 351 -2.80 29.82 -49.49
N ASP F 352 -2.20 28.99 -50.33
CA ASP F 352 -1.41 29.50 -51.45
C ASP F 352 -0.28 30.43 -51.00
N GLY F 353 0.43 30.02 -49.95
CA GLY F 353 1.53 30.83 -49.45
C GLY F 353 2.65 31.05 -50.43
N TRP F 354 2.76 30.18 -51.44
CA TRP F 354 3.82 30.31 -52.44
C TRP F 354 3.71 31.64 -53.17
N SER F 355 2.51 32.19 -53.25
CA SER F 355 2.34 33.46 -53.92
C SER F 355 2.00 34.59 -52.96
N LYS F 356 1.71 34.26 -51.71
CA LYS F 356 1.36 35.29 -50.73
C LYS F 356 2.50 35.69 -49.80
N GLU F 357 3.52 34.84 -49.70
CA GLU F 357 4.67 35.10 -48.86
C GLU F 357 5.33 36.42 -49.26
N GLN F 358 6.03 37.04 -48.32
CA GLN F 358 6.74 38.28 -48.61
C GLN F 358 8.15 38.10 -48.07
N LEU F 359 9.07 37.78 -48.99
CA LEU F 359 10.45 37.51 -48.64
C LEU F 359 11.28 38.77 -48.46
N PHE F 360 12.44 38.60 -47.83
CA PHE F 360 13.36 39.71 -47.65
C PHE F 360 14.74 39.22 -48.09
N PRO F 361 15.70 40.13 -48.27
CA PRO F 361 17.07 39.79 -48.72
C PRO F 361 17.74 38.48 -48.34
N PRO F 362 17.71 38.07 -47.06
CA PRO F 362 18.36 36.80 -46.74
C PRO F 362 17.75 35.57 -47.42
N ASP F 363 16.46 35.62 -47.76
CA ASP F 363 15.81 34.48 -48.39
C ASP F 363 16.26 34.24 -49.84
N MET F 364 17.08 35.14 -50.35
CA MET F 364 17.57 35.04 -51.72
C MET F 364 18.25 33.69 -51.97
N CYS F 365 18.88 33.12 -50.94
CA CYS F 365 19.54 31.84 -51.14
C CYS F 365 18.46 30.78 -51.37
N ILE F 366 17.32 30.93 -50.72
CA ILE F 366 16.23 29.98 -50.91
C ILE F 366 15.68 30.16 -52.32
N VAL F 367 15.61 31.41 -52.76
CA VAL F 367 15.12 31.71 -54.10
C VAL F 367 16.01 31.05 -55.14
N LYS F 368 17.33 31.12 -54.97
CA LYS F 368 18.25 30.51 -55.92
C LYS F 368 18.04 28.99 -55.94
N TRP F 369 17.78 28.41 -54.76
CA TRP F 369 17.54 26.98 -54.68
C TRP F 369 16.26 26.60 -55.41
N ARG F 370 15.19 27.37 -55.21
CA ARG F 370 13.92 27.05 -55.87
C ARG F 370 14.09 27.16 -57.38
N THR F 371 14.85 28.16 -57.82
CA THR F 371 15.08 28.37 -59.24
C THR F 371 15.91 27.23 -59.83
N LEU F 372 16.93 26.81 -59.10
CA LEU F 372 17.80 25.72 -59.53
C LEU F 372 17.03 24.40 -59.55
N ALA F 373 16.26 24.17 -58.50
CA ALA F 373 15.47 22.94 -58.38
C ALA F 373 14.42 22.86 -59.47
N SER F 374 13.76 23.99 -59.75
CA SER F 374 12.73 24.01 -60.77
C SER F 374 13.31 23.59 -62.13
N GLU F 375 14.52 24.06 -62.41
CA GLU F 375 15.20 23.74 -63.65
C GLU F 375 15.83 22.36 -63.68
N ARG F 376 16.43 21.94 -62.57
CA ARG F 376 17.13 20.67 -62.55
C ARG F 376 16.59 19.44 -61.83
N GLY F 377 15.49 19.55 -61.08
CA GLY F 377 14.95 18.36 -60.46
C GLY F 377 14.73 17.45 -61.66
N ARG F 378 15.01 16.16 -61.56
CA ARG F 378 14.87 15.30 -62.73
C ARG F 378 13.48 14.81 -63.09
N GLY F 379 12.54 14.93 -62.16
CA GLY F 379 11.19 14.50 -62.43
C GLY F 379 10.26 15.16 -61.42
N VAL F 380 9.03 15.43 -61.82
CA VAL F 380 8.08 16.08 -60.93
C VAL F 380 6.97 15.12 -60.49
N ARG F 381 6.83 14.96 -59.18
CA ARG F 381 5.77 14.12 -58.60
C ARG F 381 4.73 15.12 -58.10
N ALA F 382 3.64 15.26 -58.84
CA ALA F 382 2.58 16.21 -58.48
C ALA F 382 1.60 15.68 -57.44
N SER G 16 -31.25 10.47 -13.63
CA SER G 16 -30.45 9.64 -12.68
C SER G 16 -29.70 10.52 -11.69
N ALA G 17 -28.63 9.98 -11.12
CA ALA G 17 -27.81 10.70 -10.16
C ALA G 17 -27.07 11.87 -10.80
N GLN G 18 -26.34 11.58 -11.88
CA GLN G 18 -25.56 12.59 -12.58
C GLN G 18 -26.44 13.72 -13.14
N VAL G 19 -27.74 13.49 -13.15
CA VAL G 19 -28.66 14.50 -13.66
C VAL G 19 -29.30 15.34 -12.55
N LYS G 20 -29.56 14.71 -11.40
CA LYS G 20 -30.18 15.41 -10.28
C LYS G 20 -29.20 16.12 -9.37
N TRP G 21 -28.06 15.50 -9.11
CA TRP G 21 -27.06 16.09 -8.21
C TRP G 21 -25.63 15.92 -8.69
N PRO G 22 -25.32 16.42 -9.90
CA PRO G 22 -23.98 16.33 -10.49
C PRO G 22 -22.85 16.97 -9.69
N ARG G 23 -23.08 18.17 -9.16
CA ARG G 23 -22.05 18.84 -8.39
C ARG G 23 -21.74 18.10 -7.09
N TYR G 24 -22.72 17.37 -6.57
CA TYR G 24 -22.53 16.62 -5.34
C TYR G 24 -21.63 15.39 -5.62
N LEU G 25 -21.79 14.82 -6.81
CA LEU G 25 -20.98 13.66 -7.18
C LEU G 25 -19.55 14.11 -7.51
N GLU G 26 -19.41 15.33 -7.99
CA GLU G 26 -18.10 15.87 -8.35
C GLU G 26 -17.30 16.35 -7.13
N ALA G 27 -18.01 16.72 -6.06
CA ALA G 27 -17.35 17.21 -4.84
C ALA G 27 -16.76 16.10 -3.98
N THR G 28 -15.91 15.28 -4.59
CA THR G 28 -15.26 14.17 -3.92
C THR G 28 -14.40 14.65 -2.75
N LEU G 29 -13.80 15.81 -2.92
CA LEU G 29 -12.93 16.38 -1.91
C LEU G 29 -13.66 17.45 -1.10
N GLY G 30 -14.99 17.47 -1.23
CA GLY G 30 -15.80 18.42 -0.48
C GLY G 30 -16.21 19.70 -1.18
N PHE G 31 -16.96 20.52 -0.44
CA PHE G 31 -17.42 21.81 -0.94
C PHE G 31 -16.56 22.90 -0.32
N ASP G 32 -15.85 23.66 -1.14
CA ASP G 32 -15.03 24.76 -0.61
C ASP G 32 -15.79 26.09 -0.65
N ASN G 33 -15.14 27.15 -0.18
CA ASN G 33 -15.77 28.46 -0.07
C ASN G 33 -16.81 28.28 1.04
N HIS G 34 -16.41 27.53 2.07
CA HIS G 34 -17.23 27.24 3.23
C HIS G 34 -16.33 27.16 4.45
N TRP G 35 -16.88 27.43 5.63
CA TRP G 35 -16.13 27.32 6.86
C TRP G 35 -16.17 25.83 7.25
N HIS G 36 -15.04 25.31 7.74
CA HIS G 36 -14.95 23.91 8.17
C HIS G 36 -14.16 23.83 9.47
N PRO G 37 -14.61 22.98 10.41
CA PRO G 37 -13.88 22.86 11.68
C PRO G 37 -12.56 22.13 11.43
N ALA G 38 -11.49 22.58 12.08
CA ALA G 38 -10.17 21.97 11.91
C ALA G 38 -9.70 21.26 13.18
N ALA G 39 -10.08 21.81 14.33
CA ALA G 39 -9.68 21.25 15.62
C ALA G 39 -10.41 21.99 16.74
N PHE G 40 -10.16 21.56 17.98
CA PHE G 40 -10.77 22.20 19.11
C PHE G 40 -9.79 23.23 19.67
N ASP G 41 -10.32 24.37 20.09
CA ASP G 41 -9.50 25.46 20.62
C ASP G 41 -8.51 25.05 21.71
N HIS G 42 -8.93 24.16 22.61
CA HIS G 42 -8.06 23.71 23.69
C HIS G 42 -6.87 22.84 23.28
N GLU G 43 -6.73 22.58 21.98
CA GLU G 43 -5.62 21.77 21.47
C GLU G 43 -4.44 22.69 21.19
N LEU G 44 -4.68 23.99 21.27
CA LEU G 44 -3.64 24.97 20.96
C LEU G 44 -3.31 25.97 22.05
N ALA G 45 -2.14 25.79 22.65
CA ALA G 45 -1.68 26.72 23.68
C ALA G 45 -0.75 27.67 22.92
N GLU G 46 -0.44 28.81 23.52
CA GLU G 46 0.44 29.80 22.90
C GLU G 46 1.73 29.16 22.39
N GLY G 47 2.05 29.40 21.12
CA GLY G 47 3.26 28.86 20.54
C GLY G 47 3.21 27.39 20.16
N GLU G 48 2.05 26.76 20.34
CA GLU G 48 1.88 25.36 20.00
C GLU G 48 1.46 25.21 18.52
N PHE G 49 1.72 24.03 17.96
CA PHE G 49 1.38 23.75 16.57
C PHE G 49 0.51 22.51 16.44
N VAL G 50 -0.42 22.56 15.50
CA VAL G 50 -1.31 21.44 15.20
C VAL G 50 -1.44 21.33 13.69
N ALA G 51 -1.16 20.16 13.14
CA ALA G 51 -1.24 19.95 11.71
C ALA G 51 -2.52 19.21 11.34
N VAL G 52 -3.23 19.73 10.34
CA VAL G 52 -4.47 19.12 9.89
C VAL G 52 -4.52 19.13 8.37
N THR G 53 -5.32 18.24 7.81
CA THR G 53 -5.48 18.16 6.36
C THR G 53 -6.97 18.35 6.08
N MET G 54 -7.30 19.43 5.38
CA MET G 54 -8.68 19.76 5.07
C MET G 54 -8.92 19.90 3.57
N LEU G 55 -9.86 19.11 3.06
CA LEU G 55 -10.20 19.11 1.65
C LEU G 55 -8.96 19.04 0.76
N GLY G 56 -8.03 18.16 1.11
CA GLY G 56 -6.81 17.99 0.33
C GLY G 56 -5.68 18.94 0.64
N GLU G 57 -5.94 20.00 1.40
CA GLU G 57 -4.89 20.97 1.75
C GLU G 57 -4.31 20.75 3.14
N LYS G 58 -2.99 20.72 3.22
CA LYS G 58 -2.32 20.56 4.50
C LYS G 58 -2.27 21.95 5.14
N VAL G 59 -2.80 22.05 6.35
CA VAL G 59 -2.85 23.33 7.06
C VAL G 59 -2.12 23.27 8.39
N LEU G 60 -1.40 24.34 8.72
CA LEU G 60 -0.67 24.42 9.98
C LEU G 60 -1.36 25.41 10.90
N LEU G 61 -1.74 24.95 12.08
CA LEU G 61 -2.39 25.80 13.06
C LEU G 61 -1.43 26.11 14.19
N THR G 62 -1.56 27.32 14.75
CA THR G 62 -0.73 27.73 15.88
C THR G 62 -1.43 28.89 16.56
N ARG G 63 -1.02 29.18 17.79
CA ARG G 63 -1.58 30.29 18.52
C ARG G 63 -0.48 31.33 18.70
N ALA G 64 -0.68 32.50 18.12
CA ALA G 64 0.29 33.57 18.19
C ALA G 64 -0.33 34.77 18.91
N LYS G 65 0.26 35.15 20.03
CA LYS G 65 -0.26 36.27 20.82
C LYS G 65 -1.73 36.06 21.16
N GLY G 66 -2.06 34.85 21.60
CA GLY G 66 -3.42 34.52 21.97
C GLY G 66 -4.37 34.16 20.84
N GLU G 67 -4.01 34.51 19.62
CA GLU G 67 -4.87 34.24 18.46
C GLU G 67 -4.47 33.01 17.66
N VAL G 68 -5.46 32.19 17.32
CA VAL G 68 -5.21 30.99 16.52
C VAL G 68 -5.04 31.42 15.07
N LYS G 69 -3.94 31.01 14.46
CA LYS G 69 -3.65 31.36 13.06
C LYS G 69 -3.54 30.09 12.22
N ALA G 70 -3.85 30.21 10.93
CA ALA G 70 -3.78 29.08 10.02
C ALA G 70 -3.00 29.46 8.77
N ILE G 71 -1.99 28.66 8.43
CA ILE G 71 -1.17 28.92 7.26
C ILE G 71 -0.94 27.61 6.52
N ALA G 72 -0.74 27.69 5.21
CA ALA G 72 -0.51 26.50 4.40
C ALA G 72 0.69 25.75 4.94
N ASP G 73 0.51 24.45 5.19
CA ASP G 73 1.59 23.64 5.72
C ASP G 73 2.49 23.13 4.60
N GLY G 74 3.12 24.08 3.90
CA GLY G 74 4.01 23.75 2.80
C GLY G 74 4.86 24.96 2.45
N CYS G 75 6.18 24.79 2.50
CA CYS G 75 7.08 25.90 2.18
C CYS G 75 7.08 26.21 0.69
N ALA G 76 7.23 27.50 0.36
CA ALA G 76 7.24 27.94 -1.02
C ALA G 76 8.55 27.56 -1.71
N HIS G 77 9.60 27.38 -0.92
CA HIS G 77 10.91 27.05 -1.46
C HIS G 77 10.91 25.68 -2.15
N ARG G 78 11.02 24.61 -1.37
CA ARG G 78 11.03 23.26 -1.93
C ARG G 78 9.82 22.41 -1.54
N GLY G 79 8.74 23.07 -1.12
CA GLY G 79 7.50 22.39 -0.78
C GLY G 79 7.36 21.51 0.46
N VAL G 80 8.32 21.52 1.37
CA VAL G 80 8.23 20.68 2.56
C VAL G 80 7.18 21.18 3.58
N PRO G 81 6.61 20.26 4.37
CA PRO G 81 5.62 20.65 5.37
C PRO G 81 6.34 21.21 6.59
N PHE G 82 5.88 22.34 7.11
CA PHE G 82 6.50 22.93 8.29
C PHE G 82 6.31 21.99 9.49
N SER G 83 5.18 21.28 9.49
CA SER G 83 4.85 20.37 10.59
C SER G 83 5.89 19.28 10.85
N LYS G 84 6.80 19.04 9.92
CA LYS G 84 7.85 18.03 10.13
C LYS G 84 8.66 18.49 11.32
N GLU G 85 8.83 19.81 11.43
CA GLU G 85 9.58 20.42 12.52
C GLU G 85 9.22 21.91 12.53
N PRO G 86 8.04 22.24 13.06
CA PRO G 86 7.59 23.63 13.12
C PRO G 86 8.50 24.49 13.97
N LEU G 87 8.82 25.68 13.46
CA LEU G 87 9.70 26.60 14.17
C LEU G 87 9.12 28.01 14.27
N CYS G 88 9.36 28.67 15.40
CA CYS G 88 8.90 30.03 15.62
C CYS G 88 9.93 30.78 16.44
N PHE G 89 10.60 31.73 15.80
CA PHE G 89 11.62 32.53 16.48
C PHE G 89 11.06 33.91 16.80
N LYS G 90 9.77 34.09 16.53
CA LYS G 90 9.08 35.34 16.80
C LYS G 90 7.58 35.14 16.66
N ALA G 91 6.86 35.20 17.78
CA ALA G 91 5.42 35.03 17.76
C ALA G 91 4.84 35.88 16.65
N GLY G 92 4.00 35.29 15.81
CA GLY G 92 3.43 36.03 14.71
C GLY G 92 4.07 35.63 13.39
N THR G 93 5.08 34.77 13.47
CA THR G 93 5.77 34.28 12.28
C THR G 93 6.04 32.78 12.44
N VAL G 94 6.47 32.16 11.35
CA VAL G 94 6.81 30.75 11.33
C VAL G 94 8.01 30.62 10.41
N SER G 95 8.97 29.79 10.79
CA SER G 95 10.18 29.59 9.99
C SER G 95 10.33 28.14 9.58
N CYS G 96 10.63 27.92 8.30
CA CYS G 96 10.82 26.58 7.78
C CYS G 96 12.07 25.95 8.41
N TRP G 97 12.00 24.66 8.67
CA TRP G 97 13.12 23.94 9.29
C TRP G 97 14.26 23.65 8.31
N TYR G 98 13.98 23.73 7.02
CA TYR G 98 14.98 23.41 6.01
C TYR G 98 16.00 24.52 5.69
N HIS G 99 15.54 25.66 5.18
CA HIS G 99 16.46 26.75 4.85
C HIS G 99 16.14 28.05 5.60
N GLY G 100 15.29 27.97 6.61
CA GLY G 100 14.96 29.14 7.40
C GLY G 100 14.07 30.22 6.78
N TRP G 101 13.34 29.89 5.72
CA TRP G 101 12.44 30.90 5.13
C TRP G 101 11.41 31.21 6.22
N THR G 102 11.24 32.49 6.51
CA THR G 102 10.33 32.92 7.58
C THR G 102 9.13 33.70 7.04
N TYR G 103 7.93 33.26 7.41
CA TYR G 103 6.71 33.91 6.93
C TYR G 103 5.88 34.63 8.00
N ASP G 104 5.15 35.65 7.54
CA ASP G 104 4.28 36.44 8.39
C ASP G 104 2.93 35.72 8.45
N LEU G 105 2.53 35.30 9.64
CA LEU G 105 1.27 34.60 9.81
C LEU G 105 0.04 35.40 9.37
N ASP G 106 0.13 36.72 9.43
CA ASP G 106 -1.01 37.56 9.04
C ASP G 106 -1.32 37.56 7.55
N ASP G 107 -0.29 37.55 6.71
CA ASP G 107 -0.50 37.56 5.27
C ASP G 107 0.22 36.44 4.50
N GLY G 108 0.92 35.57 5.22
CA GLY G 108 1.63 34.47 4.59
C GLY G 108 2.80 34.91 3.73
N ARG G 109 3.20 36.16 3.87
CA ARG G 109 4.31 36.71 3.10
C ARG G 109 5.69 36.38 3.67
N LEU G 110 6.65 36.16 2.77
CA LEU G 110 8.01 35.86 3.18
C LEU G 110 8.60 37.18 3.65
N VAL G 111 8.89 37.27 4.94
CA VAL G 111 9.45 38.50 5.50
C VAL G 111 10.94 38.39 5.80
N ASP G 112 11.49 37.18 5.73
CA ASP G 112 12.92 37.00 5.98
C ASP G 112 13.43 35.60 5.67
N VAL G 113 14.75 35.46 5.62
CA VAL G 113 15.40 34.19 5.38
C VAL G 113 16.60 34.10 6.34
N LEU G 114 16.44 33.33 7.40
CA LEU G 114 17.46 33.16 8.42
C LEU G 114 18.85 32.78 7.89
N THR G 115 18.90 32.03 6.79
CA THR G 115 20.17 31.60 6.22
C THR G 115 20.71 32.55 5.15
N SER G 116 19.98 33.63 4.87
CA SER G 116 20.43 34.57 3.86
C SER G 116 19.77 35.95 4.05
N PRO G 117 20.23 36.71 5.05
CA PRO G 117 19.66 38.04 5.29
C PRO G 117 19.80 38.94 4.06
N GLY G 118 18.75 39.71 3.78
CA GLY G 118 18.78 40.61 2.64
C GLY G 118 18.58 39.91 1.31
N SER G 119 18.26 38.62 1.35
CA SER G 119 18.05 37.87 0.12
C SER G 119 17.01 38.60 -0.72
N PRO G 120 17.26 38.71 -2.04
CA PRO G 120 16.31 39.40 -2.94
C PRO G 120 14.91 38.82 -3.04
N VAL G 121 14.72 37.57 -2.61
CA VAL G 121 13.38 36.97 -2.69
C VAL G 121 12.46 37.44 -1.57
N ILE G 122 13.04 38.03 -0.53
CA ILE G 122 12.25 38.53 0.58
C ILE G 122 11.29 39.60 0.09
N GLY G 123 10.00 39.40 0.35
CA GLY G 123 9.00 40.37 -0.07
C GLY G 123 8.37 40.08 -1.42
N LYS G 124 8.97 39.18 -2.19
CA LYS G 124 8.43 38.83 -3.50
C LYS G 124 7.80 37.44 -3.52
N ILE G 125 7.65 36.84 -2.34
CA ILE G 125 7.08 35.50 -2.24
C ILE G 125 6.11 35.38 -1.06
N GLY G 126 5.15 34.49 -1.21
CA GLY G 126 4.17 34.28 -0.14
C GLY G 126 3.38 33.00 -0.32
N ILE G 127 2.83 32.49 0.77
CA ILE G 127 2.02 31.28 0.72
C ILE G 127 0.66 31.64 1.30
N LYS G 128 -0.31 30.74 1.13
CA LYS G 128 -1.66 31.02 1.62
C LYS G 128 -1.89 30.95 3.12
N VAL G 129 -2.68 31.90 3.62
CA VAL G 129 -3.07 31.94 5.02
C VAL G 129 -4.58 31.84 4.97
N TYR G 130 -5.18 31.22 5.98
CA TYR G 130 -6.62 31.06 5.96
C TYR G 130 -7.34 31.82 7.06
N PRO G 131 -8.55 32.31 6.76
CA PRO G 131 -9.34 33.04 7.76
C PRO G 131 -9.66 32.04 8.87
N VAL G 132 -9.60 32.50 10.11
CA VAL G 132 -9.88 31.62 11.23
C VAL G 132 -10.86 32.26 12.20
N GLN G 133 -11.81 31.47 12.67
CA GLN G 133 -12.77 31.97 13.65
C GLN G 133 -13.03 30.85 14.64
N VAL G 134 -12.82 31.15 15.92
CA VAL G 134 -13.04 30.19 16.97
C VAL G 134 -14.41 30.48 17.58
N ALA G 135 -15.28 29.48 17.60
CA ALA G 135 -16.61 29.65 18.16
C ALA G 135 -17.01 28.38 18.90
N GLN G 136 -17.54 28.55 20.11
CA GLN G 136 -17.98 27.44 20.93
C GLN G 136 -16.87 26.41 21.19
N GLY G 137 -15.63 26.89 21.30
CA GLY G 137 -14.52 25.99 21.54
C GLY G 137 -14.01 25.26 20.31
N VAL G 138 -14.55 25.62 19.15
CA VAL G 138 -14.15 24.98 17.91
C VAL G 138 -13.38 25.95 17.02
N VAL G 139 -12.32 25.47 16.41
CA VAL G 139 -11.53 26.28 15.51
C VAL G 139 -12.03 26.02 14.10
N PHE G 140 -12.61 27.04 13.49
CA PHE G 140 -13.13 26.92 12.13
C PHE G 140 -12.16 27.61 11.17
N VAL G 141 -11.94 26.99 10.03
CA VAL G 141 -11.05 27.56 9.02
C VAL G 141 -11.86 27.69 7.74
N PHE G 142 -11.75 28.83 7.07
CA PHE G 142 -12.47 29.06 5.83
C PHE G 142 -11.61 28.57 4.66
N ILE G 143 -12.06 27.48 4.03
CA ILE G 143 -11.36 26.89 2.89
C ILE G 143 -11.97 27.38 1.58
N GLY G 144 -11.14 27.93 0.70
CA GLY G 144 -11.64 28.40 -0.59
C GLY G 144 -10.91 29.65 -1.07
N ASP G 145 -11.17 30.07 -2.30
CA ASP G 145 -10.51 31.24 -2.87
C ASP G 145 -11.22 32.55 -2.54
N GLU G 146 -12.52 32.48 -2.27
CA GLU G 146 -13.29 33.68 -1.97
C GLU G 146 -13.05 34.20 -0.55
N GLU G 147 -13.49 35.43 -0.30
CA GLU G 147 -13.39 36.03 1.03
C GLU G 147 -14.42 35.29 1.87
N PRO G 148 -14.18 35.19 3.17
CA PRO G 148 -15.16 34.47 4.01
C PRO G 148 -16.47 35.22 4.25
N HIS G 149 -17.53 34.45 4.47
CA HIS G 149 -18.85 35.02 4.78
C HIS G 149 -19.10 34.68 6.25
N ALA G 150 -20.24 35.09 6.80
CA ALA G 150 -20.54 34.82 8.21
C ALA G 150 -20.51 33.33 8.51
N LEU G 151 -19.83 32.97 9.60
CA LEU G 151 -19.70 31.58 10.03
C LEU G 151 -21.04 30.89 10.25
N SER G 152 -22.01 31.64 10.77
CA SER G 152 -23.34 31.09 11.04
C SER G 152 -24.00 30.47 9.80
N GLU G 153 -23.63 30.97 8.62
CA GLU G 153 -24.20 30.46 7.38
C GLU G 153 -23.78 29.03 7.05
N ASP G 154 -22.72 28.55 7.72
CA ASP G 154 -22.20 27.20 7.51
C ASP G 154 -22.42 26.29 8.71
N LEU G 155 -23.37 26.65 9.57
CA LEU G 155 -23.67 25.87 10.76
C LEU G 155 -25.16 25.64 10.93
N PRO G 156 -25.55 24.51 11.55
CA PRO G 156 -26.98 24.26 11.74
C PRO G 156 -27.53 25.33 12.69
N PRO G 157 -28.85 25.57 12.64
CA PRO G 157 -29.42 26.58 13.54
C PRO G 157 -29.20 26.21 15.01
N GLY G 158 -28.94 27.21 15.84
CA GLY G 158 -28.75 26.97 17.27
C GLY G 158 -27.33 26.67 17.73
N PHE G 159 -26.44 26.30 16.80
CA PHE G 159 -25.07 25.98 17.15
C PHE G 159 -24.34 27.12 17.86
N LEU G 160 -24.56 28.35 17.42
CA LEU G 160 -23.90 29.50 18.01
C LEU G 160 -24.63 30.11 19.21
N ASP G 161 -25.72 29.50 19.65
CA ASP G 161 -26.47 30.03 20.80
C ASP G 161 -25.51 30.32 21.97
N GLU G 162 -25.53 31.56 22.43
CA GLU G 162 -24.64 31.98 23.51
C GLU G 162 -25.01 31.48 24.90
N ASP G 163 -26.27 31.10 25.10
CA ASP G 163 -26.72 30.60 26.39
C ASP G 163 -26.48 29.09 26.50
N THR G 164 -25.42 28.62 25.86
CA THR G 164 -25.08 27.19 25.89
C THR G 164 -23.58 26.97 25.91
N HIS G 165 -23.19 25.72 26.10
CA HIS G 165 -21.79 25.36 26.11
C HIS G 165 -21.68 24.10 25.27
N LEU G 166 -20.60 23.99 24.49
CA LEU G 166 -20.39 22.82 23.65
C LEU G 166 -19.06 22.14 23.95
N LEU G 167 -19.09 20.82 23.88
CA LEU G 167 -17.91 20.00 24.12
C LEU G 167 -17.91 18.89 23.07
N GLY G 168 -16.74 18.55 22.54
CA GLY G 168 -16.70 17.51 21.54
C GLY G 168 -15.33 16.91 21.26
N ILE G 169 -15.30 15.94 20.36
CA ILE G 169 -14.07 15.27 19.97
C ILE G 169 -14.06 15.10 18.45
N ARG G 170 -12.91 14.70 17.92
CA ARG G 170 -12.77 14.48 16.49
C ARG G 170 -11.87 13.27 16.28
N ARG G 171 -12.05 12.59 15.15
CA ARG G 171 -11.25 11.43 14.83
C ARG G 171 -11.25 11.25 13.32
N THR G 172 -10.38 10.37 12.83
CA THR G 172 -10.30 10.13 11.39
C THR G 172 -11.12 8.90 11.01
N VAL G 173 -11.75 8.94 9.86
CA VAL G 173 -12.54 7.81 9.37
C VAL G 173 -12.10 7.53 7.93
N GLN G 174 -11.86 6.26 7.64
CA GLN G 174 -11.41 5.85 6.31
C GLN G 174 -12.53 5.69 5.29
N SER G 175 -13.23 6.77 4.99
CA SER G 175 -14.31 6.75 3.99
C SER G 175 -14.49 8.16 3.48
N ASN G 176 -15.00 8.28 2.26
CA ASN G 176 -15.25 9.59 1.68
C ASN G 176 -16.23 10.32 2.60
N TRP G 177 -16.09 11.63 2.73
CA TRP G 177 -16.93 12.44 3.60
C TRP G 177 -18.44 12.29 3.39
N ARG G 178 -18.87 12.09 2.14
CA ARG G 178 -20.29 11.98 1.85
C ARG G 178 -20.94 10.75 2.50
N LEU G 179 -20.16 9.69 2.67
CA LEU G 179 -20.67 8.47 3.28
C LEU G 179 -20.88 8.76 4.77
N GLY G 180 -20.12 9.72 5.28
CA GLY G 180 -20.26 10.10 6.68
C GLY G 180 -21.56 10.86 6.86
N VAL G 181 -21.73 11.91 6.05
CA VAL G 181 -22.95 12.74 6.10
C VAL G 181 -24.20 11.88 5.95
N GLU G 182 -24.18 10.97 4.98
CA GLU G 182 -25.32 10.12 4.72
C GLU G 182 -25.53 9.04 5.77
N ASN G 183 -24.51 8.77 6.56
CA ASN G 183 -24.64 7.79 7.64
C ASN G 183 -25.30 8.50 8.83
N GLY G 184 -25.01 9.79 8.97
CA GLY G 184 -25.60 10.56 10.05
C GLY G 184 -27.04 10.92 9.76
N PHE G 185 -27.31 11.32 8.52
CA PHE G 185 -28.65 11.73 8.09
C PHE G 185 -29.40 10.53 7.49
N ASP G 186 -29.45 9.43 8.24
CA ASP G 186 -30.09 8.19 7.81
C ASP G 186 -31.04 7.77 8.93
N THR G 187 -32.35 7.76 8.67
CA THR G 187 -33.33 7.42 9.71
C THR G 187 -33.61 5.95 9.99
N THR G 188 -33.05 5.05 9.17
CA THR G 188 -33.27 3.63 9.43
C THR G 188 -31.99 2.87 9.73
N HIS G 189 -30.85 3.53 9.63
CA HIS G 189 -29.58 2.86 9.91
C HIS G 189 -29.43 2.58 11.40
N ILE G 190 -30.17 3.32 12.22
CA ILE G 190 -30.09 3.18 13.67
C ILE G 190 -30.32 1.73 14.11
N PHE G 191 -30.85 0.92 13.20
CA PHE G 191 -31.10 -0.49 13.45
C PHE G 191 -29.81 -1.13 13.97
N MET G 192 -28.69 -0.74 13.37
CA MET G 192 -27.38 -1.30 13.72
C MET G 192 -26.92 -0.89 15.12
N HIS G 193 -27.56 0.12 15.71
CA HIS G 193 -27.20 0.57 17.05
C HIS G 193 -28.06 -0.09 18.12
N ARG G 194 -28.97 -0.97 17.73
CA ARG G 194 -29.87 -1.63 18.67
C ARG G 194 -29.20 -2.27 19.89
N ASN G 195 -28.02 -2.84 19.72
CA ASN G 195 -27.34 -3.48 20.84
C ASN G 195 -26.27 -2.63 21.51
N SER G 196 -26.25 -1.33 21.23
CA SER G 196 -25.28 -0.45 21.86
C SER G 196 -25.58 -0.40 23.36
N PRO G 197 -24.55 -0.49 24.21
CA PRO G 197 -24.79 -0.43 25.65
C PRO G 197 -25.41 0.89 26.10
N TRP G 198 -25.35 1.89 25.23
CA TRP G 198 -25.93 3.20 25.57
C TRP G 198 -27.45 3.17 25.54
N VAL G 199 -28.03 2.28 24.72
CA VAL G 199 -29.47 2.19 24.61
C VAL G 199 -30.11 1.84 25.95
N SER G 200 -29.66 0.76 26.58
CA SER G 200 -30.19 0.40 27.88
C SER G 200 -29.46 1.21 28.94
N GLY G 201 -28.20 1.53 28.66
CA GLY G 201 -27.38 2.30 29.59
C GLY G 201 -27.99 3.64 29.96
N ASN G 202 -28.80 4.20 29.08
CA ASN G 202 -29.44 5.48 29.37
C ASN G 202 -30.94 5.39 29.19
N ARG G 203 -31.49 4.20 29.40
CA ARG G 203 -32.92 3.93 29.29
C ARG G 203 -33.56 4.65 28.12
N LEU G 204 -33.02 4.44 26.93
CA LEU G 204 -33.55 5.09 25.74
C LEU G 204 -34.73 4.35 25.12
N ALA G 205 -35.66 5.12 24.57
CA ALA G 205 -36.78 4.56 23.86
C ALA G 205 -36.21 4.67 22.44
N PHE G 206 -35.42 3.67 22.06
CA PHE G 206 -34.77 3.68 20.76
C PHE G 206 -35.33 2.63 19.82
N PRO G 207 -36.01 3.06 18.75
CA PRO G 207 -36.61 2.14 17.78
C PRO G 207 -35.55 1.57 16.83
N TYR G 208 -35.97 0.64 15.97
CA TYR G 208 -35.07 0.03 15.00
C TYR G 208 -34.94 0.92 13.77
N GLY G 209 -35.88 1.86 13.64
CA GLY G 209 -35.87 2.78 12.52
C GLY G 209 -37.06 3.73 12.52
N PHE G 210 -36.95 4.80 11.72
CA PHE G 210 -38.00 5.79 11.58
C PHE G 210 -38.43 5.83 10.11
N VAL G 211 -39.70 5.60 9.85
CA VAL G 211 -40.23 5.61 8.49
C VAL G 211 -41.13 6.84 8.28
N PRO G 212 -40.89 7.59 7.19
CA PRO G 212 -41.71 8.78 6.91
C PRO G 212 -43.19 8.40 6.89
N ALA G 213 -44.00 9.10 7.68
CA ALA G 213 -45.43 8.81 7.78
C ALA G 213 -46.33 9.66 6.88
N ASP G 214 -45.98 10.93 6.68
CA ASP G 214 -46.80 11.80 5.84
C ASP G 214 -45.98 12.75 4.98
N ARG G 215 -46.68 13.55 4.18
CA ARG G 215 -46.05 14.51 3.28
C ARG G 215 -45.21 15.57 3.97
N ASP G 216 -45.43 15.80 5.26
CA ASP G 216 -44.66 16.81 5.99
C ASP G 216 -43.48 16.23 6.77
N ALA G 217 -43.14 14.97 6.49
CA ALA G 217 -42.03 14.31 7.18
C ALA G 217 -40.70 15.01 6.97
N MET G 218 -40.50 15.57 5.78
CA MET G 218 -39.26 16.24 5.44
C MET G 218 -39.47 17.68 4.95
N GLN G 219 -38.56 18.58 5.32
CA GLN G 219 -38.66 19.95 4.88
C GLN G 219 -37.30 20.50 4.47
N VAL G 220 -37.25 21.08 3.27
CA VAL G 220 -36.02 21.65 2.74
C VAL G 220 -35.98 23.15 2.98
N TYR G 221 -34.83 23.64 3.43
CA TYR G 221 -34.66 25.07 3.67
C TYR G 221 -33.60 25.56 2.69
N ASP G 222 -34.06 26.07 1.54
CA ASP G 222 -33.14 26.56 0.52
C ASP G 222 -33.11 28.07 0.34
N GLU G 223 -33.84 28.80 1.18
CA GLU G 223 -33.84 30.25 1.09
C GLU G 223 -33.01 30.87 2.21
N ASN G 224 -32.03 31.69 1.81
CA ASN G 224 -31.12 32.34 2.75
C ASN G 224 -30.28 31.24 3.39
N TRP G 225 -29.49 31.59 4.40
CA TRP G 225 -28.66 30.60 5.07
C TRP G 225 -28.93 30.56 6.57
N PRO G 226 -28.65 29.41 7.22
CA PRO G 226 -28.11 28.19 6.62
C PRO G 226 -29.15 27.43 5.79
N LYS G 227 -28.68 26.53 4.94
CA LYS G 227 -29.57 25.73 4.09
C LYS G 227 -29.42 24.26 4.44
N GLY G 228 -30.55 23.55 4.52
CA GLY G 228 -30.49 22.14 4.87
C GLY G 228 -31.81 21.42 4.73
N VAL G 229 -31.85 20.19 5.24
CA VAL G 229 -33.06 19.38 5.19
C VAL G 229 -33.36 18.91 6.62
N LEU G 230 -34.63 18.87 6.98
CA LEU G 230 -35.05 18.47 8.32
C LEU G 230 -36.03 17.30 8.28
N ASP G 231 -35.77 16.28 9.11
CA ASP G 231 -36.67 15.14 9.21
C ASP G 231 -37.41 15.29 10.53
N ARG G 232 -38.74 15.47 10.46
CA ARG G 232 -39.53 15.61 11.68
C ARG G 232 -39.90 14.22 12.18
N LEU G 233 -38.92 13.57 12.81
CA LEU G 233 -39.08 12.23 13.34
C LEU G 233 -40.23 12.07 14.32
N SER G 234 -40.26 12.92 15.34
CA SER G 234 -41.31 12.82 16.35
C SER G 234 -42.71 13.19 15.85
N GLU G 235 -42.80 14.19 14.98
CA GLU G 235 -44.10 14.63 14.48
C GLU G 235 -44.67 13.91 13.26
N ASN G 236 -43.82 13.53 12.30
CA ASN G 236 -44.33 12.89 11.10
C ASN G 236 -43.69 11.57 10.67
N TYR G 237 -43.02 10.88 11.59
CA TYR G 237 -42.39 9.61 11.28
C TYR G 237 -43.00 8.52 12.15
N MET G 238 -42.95 7.29 11.66
CA MET G 238 -43.47 6.15 12.42
C MET G 238 -42.29 5.37 12.95
N PRO G 239 -42.14 5.30 14.29
CA PRO G 239 -41.01 4.55 14.84
C PRO G 239 -41.31 3.06 14.78
N VAL G 240 -40.30 2.25 14.45
CA VAL G 240 -40.47 0.81 14.38
C VAL G 240 -39.84 0.19 15.62
N PHE G 241 -40.68 -0.11 16.61
CA PHE G 241 -40.19 -0.70 17.87
C PHE G 241 -40.25 -2.22 17.86
N GLU G 242 -40.82 -2.80 16.81
CA GLU G 242 -40.91 -4.24 16.70
C GLU G 242 -40.77 -4.72 15.26
N ALA G 243 -39.69 -5.45 14.99
CA ALA G 243 -39.42 -5.97 13.66
C ALA G 243 -40.06 -7.34 13.48
N THR G 244 -40.72 -7.52 12.34
CA THR G 244 -41.38 -8.79 12.03
C THR G 244 -40.79 -9.45 10.81
N LEU G 245 -40.82 -10.78 10.79
CA LEU G 245 -40.30 -11.55 9.66
C LEU G 245 -41.17 -12.78 9.50
N ASP G 246 -41.88 -12.85 8.38
CA ASP G 246 -42.77 -13.97 8.09
C ASP G 246 -43.79 -14.19 9.20
N GLY G 247 -44.60 -13.17 9.45
CA GLY G 247 -45.62 -13.23 10.49
C GLY G 247 -45.11 -13.58 11.87
N GLU G 248 -43.86 -13.23 12.16
CA GLU G 248 -43.27 -13.53 13.45
C GLU G 248 -42.40 -12.37 13.93
N THR G 249 -42.61 -11.94 15.17
CA THR G 249 -41.81 -10.86 15.73
C THR G 249 -40.47 -11.46 16.13
N VAL G 250 -39.40 -11.00 15.49
CA VAL G 250 -38.06 -11.54 15.78
C VAL G 250 -37.21 -10.56 16.57
N LEU G 251 -37.73 -9.36 16.79
CA LEU G 251 -36.99 -8.34 17.52
C LEU G 251 -37.99 -7.38 18.17
N SER G 252 -37.73 -7.04 19.43
CA SER G 252 -38.62 -6.13 20.14
C SER G 252 -37.87 -5.28 21.14
N ALA G 253 -37.86 -3.97 20.90
CA ALA G 253 -37.18 -3.04 21.79
C ALA G 253 -38.06 -2.87 23.03
N GLU G 254 -37.45 -2.99 24.21
CA GLU G 254 -38.18 -2.86 25.46
C GLU G 254 -38.83 -1.49 25.54
N LEU G 255 -40.11 -1.44 25.19
CA LEU G 255 -40.87 -0.18 25.18
C LEU G 255 -41.90 -0.10 26.30
N THR G 256 -41.78 0.95 27.11
CA THR G 256 -42.72 1.27 28.19
C THR G 256 -42.27 2.57 28.87
N GLY G 257 -43.14 3.18 29.69
CA GLY G 257 -42.79 4.43 30.33
C GLY G 257 -41.44 4.28 31.03
N GLU G 258 -40.96 5.33 31.66
CA GLU G 258 -39.68 5.28 32.37
C GLU G 258 -38.51 5.11 31.39
N GLU G 259 -38.68 5.65 30.18
CA GLU G 259 -37.65 5.59 29.15
C GLU G 259 -37.50 6.95 28.50
N LYS G 260 -36.24 7.37 28.32
CA LYS G 260 -35.95 8.67 27.74
C LYS G 260 -36.24 8.73 26.24
N LYS G 261 -36.78 9.87 25.81
CA LYS G 261 -37.09 10.07 24.40
C LYS G 261 -36.00 10.90 23.72
N VAL G 262 -35.46 10.36 22.64
CA VAL G 262 -34.40 11.05 21.89
C VAL G 262 -34.73 11.04 20.40
N ALA G 263 -33.89 11.69 19.61
CA ALA G 263 -34.08 11.76 18.17
C ALA G 263 -35.51 12.13 17.76
N ALA G 264 -35.91 13.35 18.09
CA ALA G 264 -37.24 13.84 17.74
C ALA G 264 -37.09 14.53 16.38
N GLN G 265 -35.90 15.03 16.12
CA GLN G 265 -35.60 15.72 14.87
C GLN G 265 -34.15 15.46 14.48
N VAL G 266 -33.90 15.41 13.18
CA VAL G 266 -32.56 15.22 12.66
C VAL G 266 -32.50 15.97 11.35
N SER G 267 -31.44 16.75 11.18
CA SER G 267 -31.29 17.54 9.96
C SER G 267 -29.83 17.65 9.56
N VAL G 268 -29.62 18.02 8.30
CA VAL G 268 -28.27 18.22 7.78
C VAL G 268 -28.25 19.58 7.09
N TRP G 269 -27.13 20.28 7.20
CA TRP G 269 -27.02 21.60 6.61
C TRP G 269 -25.68 21.76 5.90
N LEU G 270 -25.68 22.52 4.81
CA LEU G 270 -24.46 22.76 4.06
C LEU G 270 -23.43 23.40 4.99
N PRO G 271 -22.13 23.11 4.78
CA PRO G 271 -21.59 22.24 3.72
C PRO G 271 -21.70 20.75 4.02
N GLY G 272 -22.33 20.39 5.13
CA GLY G 272 -22.47 18.99 5.48
C GLY G 272 -22.35 18.77 6.98
N VAL G 273 -23.22 19.41 7.74
CA VAL G 273 -23.20 19.31 9.19
C VAL G 273 -24.53 18.77 9.71
N LEU G 274 -24.45 17.79 10.59
CA LEU G 274 -25.64 17.16 11.15
C LEU G 274 -26.07 17.76 12.48
N LYS G 275 -27.38 17.71 12.74
CA LYS G 275 -27.93 18.15 14.01
C LYS G 275 -28.97 17.10 14.37
N VAL G 276 -28.83 16.53 15.57
CA VAL G 276 -29.75 15.52 16.06
C VAL G 276 -30.16 15.89 17.47
N ASP G 277 -31.45 15.74 17.78
CA ASP G 277 -31.93 16.09 19.10
C ASP G 277 -33.33 15.57 19.41
N PRO G 278 -33.59 15.25 20.68
CA PRO G 278 -32.57 15.36 21.73
C PRO G 278 -31.58 14.22 21.54
N PHE G 279 -30.29 14.48 21.78
CA PHE G 279 -29.31 13.42 21.62
C PHE G 279 -27.93 13.83 22.12
N PRO G 280 -27.20 12.90 22.78
CA PRO G 280 -27.62 11.51 23.06
C PRO G 280 -28.49 11.39 24.32
N ASP G 281 -28.98 12.54 24.78
CA ASP G 281 -29.80 12.59 25.98
C ASP G 281 -30.81 13.73 25.84
N PRO G 282 -31.93 13.67 26.59
CA PRO G 282 -32.93 14.73 26.50
C PRO G 282 -32.36 16.12 26.81
N THR G 283 -31.29 16.16 27.59
CA THR G 283 -30.65 17.42 27.97
C THR G 283 -29.59 17.89 26.97
N LEU G 284 -29.41 17.16 25.87
CA LEU G 284 -28.39 17.54 24.90
C LEU G 284 -28.82 17.57 23.44
N ILE G 285 -27.96 18.19 22.62
CA ILE G 285 -28.15 18.28 21.17
C ILE G 285 -26.80 17.85 20.60
N GLN G 286 -26.80 17.00 19.59
CA GLN G 286 -25.56 16.53 19.00
C GLN G 286 -25.35 17.01 17.57
N TYR G 287 -24.17 17.58 17.33
CA TYR G 287 -23.79 18.09 16.01
C TYR G 287 -22.66 17.22 15.50
N GLU G 288 -22.67 16.95 14.20
CA GLU G 288 -21.62 16.14 13.60
C GLU G 288 -21.09 16.81 12.35
N PHE G 289 -19.77 16.78 12.17
CA PHE G 289 -19.12 17.36 11.00
C PHE G 289 -18.37 16.21 10.32
N TYR G 290 -18.25 16.28 9.00
CA TYR G 290 -17.56 15.24 8.25
C TYR G 290 -16.65 15.93 7.25
N VAL G 291 -15.65 16.62 7.78
CA VAL G 291 -14.72 17.38 6.96
C VAL G 291 -13.81 16.48 6.15
N PRO G 292 -13.83 16.65 4.83
CA PRO G 292 -13.00 15.86 3.92
C PRO G 292 -11.52 16.03 4.23
N ILE G 293 -10.78 14.92 4.24
CA ILE G 293 -9.35 14.97 4.47
C ILE G 293 -8.77 14.74 3.07
N SER G 294 -9.12 13.59 2.50
CA SER G 294 -8.69 13.23 1.15
C SER G 294 -9.92 12.66 0.46
N GLU G 295 -9.74 12.11 -0.73
CA GLU G 295 -10.86 11.55 -1.47
C GLU G 295 -11.48 10.35 -0.76
N THR G 296 -10.71 9.69 0.11
CA THR G 296 -11.20 8.50 0.79
C THR G 296 -11.25 8.59 2.32
N GLN G 297 -11.07 9.78 2.87
CA GLN G 297 -11.06 9.94 4.32
C GLN G 297 -11.67 11.25 4.79
N HIS G 298 -12.23 11.25 6.00
CA HIS G 298 -12.79 12.48 6.55
C HIS G 298 -12.55 12.56 8.06
N GLU G 299 -12.64 13.77 8.59
CA GLU G 299 -12.46 13.99 10.02
C GLU G 299 -13.85 14.11 10.63
N TYR G 300 -14.20 13.13 11.45
CA TYR G 300 -15.50 13.07 12.10
C TYR G 300 -15.52 13.82 13.42
N PHE G 301 -16.27 14.93 13.44
CA PHE G 301 -16.43 15.76 14.63
C PHE G 301 -17.77 15.47 15.28
N GLN G 302 -17.76 15.35 16.60
CA GLN G 302 -18.97 15.11 17.37
C GLN G 302 -18.97 16.18 18.44
N VAL G 303 -19.98 17.04 18.43
CA VAL G 303 -20.06 18.12 19.41
C VAL G 303 -21.41 18.13 20.12
N LEU G 304 -21.35 18.12 21.44
CA LEU G 304 -22.57 18.12 22.25
C LEU G 304 -22.83 19.50 22.82
N GLN G 305 -24.07 19.95 22.73
CA GLN G 305 -24.46 21.27 23.21
C GLN G 305 -25.39 21.19 24.42
N ARG G 306 -25.03 21.92 25.48
CA ARG G 306 -25.82 21.96 26.69
C ARG G 306 -26.26 23.39 27.01
N LYS G 307 -27.53 23.56 27.31
CA LYS G 307 -28.05 24.88 27.65
C LYS G 307 -27.60 25.17 29.08
N VAL G 308 -26.90 26.28 29.27
CA VAL G 308 -26.41 26.64 30.61
C VAL G 308 -26.95 27.98 31.08
N GLU G 309 -27.06 28.12 32.40
CA GLU G 309 -27.56 29.35 33.00
C GLU G 309 -26.42 30.11 33.66
N GLY G 310 -25.25 29.47 33.76
CA GLY G 310 -24.11 30.11 34.37
C GLY G 310 -22.88 29.23 34.47
N PRO G 311 -21.78 29.74 35.07
CA PRO G 311 -20.53 29.01 35.23
C PRO G 311 -20.68 27.66 35.91
N GLU G 312 -21.67 27.54 36.79
CA GLU G 312 -21.91 26.29 37.50
C GLU G 312 -22.36 25.20 36.54
N ASP G 313 -23.33 25.53 35.69
CA ASP G 313 -23.86 24.58 34.72
C ASP G 313 -22.78 24.13 33.75
N VAL G 314 -21.88 25.06 33.41
CA VAL G 314 -20.78 24.75 32.50
C VAL G 314 -19.89 23.68 33.12
N LYS G 315 -19.44 23.90 34.35
CA LYS G 315 -18.58 22.96 35.05
C LYS G 315 -19.27 21.60 35.17
N THR G 316 -20.55 21.62 35.52
CA THR G 316 -21.31 20.39 35.65
C THR G 316 -21.35 19.62 34.33
N PHE G 317 -21.47 20.37 33.22
CA PHE G 317 -21.52 19.76 31.90
C PHE G 317 -20.16 19.17 31.55
N GLU G 318 -19.10 19.91 31.88
CA GLU G 318 -17.75 19.45 31.60
C GLU G 318 -17.45 18.14 32.33
N VAL G 319 -17.93 18.04 33.57
CA VAL G 319 -17.71 16.83 34.36
C VAL G 319 -18.51 15.64 33.79
N GLU G 320 -19.76 15.89 33.40
CA GLU G 320 -20.58 14.82 32.84
C GLU G 320 -19.97 14.32 31.53
N PHE G 321 -19.45 15.25 30.74
CA PHE G 321 -18.84 14.91 29.45
C PHE G 321 -17.67 13.98 29.69
N GLU G 322 -16.82 14.36 30.62
CA GLU G 322 -15.62 13.59 30.97
C GLU G 322 -15.94 12.21 31.57
N GLU G 323 -16.92 12.17 32.47
CA GLU G 323 -17.27 10.92 33.14
C GLU G 323 -18.34 10.06 32.48
N ARG G 324 -19.11 10.64 31.56
CA ARG G 324 -20.18 9.86 30.95
C ARG G 324 -20.43 10.05 29.45
N TRP G 325 -20.87 11.24 29.07
CA TRP G 325 -21.22 11.54 27.67
C TRP G 325 -20.21 11.12 26.61
N ARG G 326 -18.98 11.58 26.73
CA ARG G 326 -17.95 11.27 25.74
C ARG G 326 -17.76 9.78 25.48
N ASP G 327 -17.43 9.02 26.52
CA ASP G 327 -17.20 7.59 26.34
C ASP G 327 -18.40 6.68 26.24
N ASP G 328 -19.47 6.95 26.99
CA ASP G 328 -20.65 6.08 26.91
C ASP G 328 -21.47 6.33 25.65
N ALA G 329 -21.45 7.56 25.15
CA ALA G 329 -22.23 7.88 23.95
C ALA G 329 -21.39 8.15 22.69
N LEU G 330 -20.57 9.20 22.71
CA LEU G 330 -19.76 9.52 21.52
C LEU G 330 -18.98 8.32 21.02
N HIS G 331 -18.63 7.43 21.96
CA HIS G 331 -17.93 6.20 21.59
C HIS G 331 -18.91 5.05 21.73
N GLY G 332 -19.42 4.87 22.94
CA GLY G 332 -20.36 3.80 23.23
C GLY G 332 -21.49 3.66 22.23
N PHE G 333 -21.97 4.79 21.72
CA PHE G 333 -23.06 4.74 20.77
C PHE G 333 -22.61 4.91 19.31
N ASN G 334 -21.78 5.90 19.03
CA ASN G 334 -21.33 6.18 17.66
C ASN G 334 -20.14 5.42 17.07
N ASP G 335 -19.35 4.74 17.89
CA ASP G 335 -18.20 4.02 17.36
C ASP G 335 -18.55 3.12 16.18
N ASP G 336 -19.70 2.46 16.23
CA ASP G 336 -20.12 1.57 15.14
C ASP G 336 -20.37 2.29 13.82
N ASP G 337 -20.72 3.58 13.88
CA ASP G 337 -20.95 4.35 12.67
C ASP G 337 -19.65 4.46 11.88
N VAL G 338 -18.53 4.35 12.59
CA VAL G 338 -17.23 4.45 11.94
C VAL G 338 -16.98 3.31 10.96
N TRP G 339 -17.14 2.06 11.39
CA TRP G 339 -16.91 0.97 10.47
C TRP G 339 -18.06 0.79 9.47
N ALA G 340 -19.22 1.36 9.81
CA ALA G 340 -20.37 1.29 8.90
C ALA G 340 -20.06 2.10 7.65
N ARG G 341 -19.45 3.27 7.83
CA ARG G 341 -19.09 4.14 6.72
C ARG G 341 -17.98 3.51 5.89
N GLU G 342 -16.95 3.02 6.56
CA GLU G 342 -15.82 2.40 5.89
C GLU G 342 -16.22 1.17 5.09
N ALA G 343 -17.32 0.54 5.50
CA ALA G 343 -17.84 -0.63 4.81
C ALA G 343 -18.52 -0.28 3.49
N GLN G 344 -18.76 1.02 3.26
CA GLN G 344 -19.39 1.50 2.03
C GLN G 344 -18.36 2.10 1.07
N GLN G 345 -17.16 2.33 1.58
CA GLN G 345 -16.09 2.95 0.80
C GLN G 345 -15.76 2.30 -0.54
N GLU G 346 -15.60 0.98 -0.54
CA GLU G 346 -15.27 0.26 -1.77
C GLU G 346 -16.38 0.40 -2.82
N PHE G 347 -17.62 0.17 -2.39
CA PHE G 347 -18.78 0.26 -3.28
C PHE G 347 -18.91 1.63 -3.93
N TYR G 348 -19.05 2.67 -3.11
CA TYR G 348 -19.23 4.03 -3.59
C TYR G 348 -17.96 4.66 -4.17
N GLY G 349 -16.81 4.35 -3.58
CA GLY G 349 -15.58 4.94 -4.04
C GLY G 349 -14.85 4.25 -5.17
N GLU G 350 -15.15 2.97 -5.40
CA GLU G 350 -14.47 2.22 -6.46
C GLU G 350 -15.40 1.50 -7.43
N ARG G 351 -16.48 0.94 -6.91
CA ARG G 351 -17.42 0.19 -7.74
C ARG G 351 -18.61 1.02 -8.22
N ASP G 352 -18.40 2.34 -8.35
CA ASP G 352 -19.46 3.24 -8.80
C ASP G 352 -20.80 3.06 -8.09
N GLY G 353 -20.74 3.03 -6.76
CA GLY G 353 -21.95 2.86 -5.97
C GLY G 353 -22.99 3.96 -6.12
N TRP G 354 -22.56 5.14 -6.57
CA TRP G 354 -23.50 6.24 -6.74
C TRP G 354 -24.52 5.93 -7.83
N SER G 355 -24.15 5.05 -8.76
CA SER G 355 -25.05 4.68 -9.85
C SER G 355 -25.68 3.30 -9.62
N LYS G 356 -25.03 2.45 -8.83
CA LYS G 356 -25.54 1.11 -8.59
C LYS G 356 -26.40 0.93 -7.34
N GLU G 357 -26.41 1.91 -6.45
CA GLU G 357 -27.21 1.83 -5.23
C GLU G 357 -28.70 1.73 -5.56
N GLN G 358 -29.45 1.09 -4.66
CA GLN G 358 -30.89 0.95 -4.83
C GLN G 358 -31.53 1.43 -3.52
N LEU G 359 -32.02 2.66 -3.56
CA LEU G 359 -32.64 3.27 -2.38
C LEU G 359 -34.09 2.90 -2.16
N PHE G 360 -34.60 3.20 -0.98
CA PHE G 360 -36.00 2.97 -0.64
C PHE G 360 -36.52 4.24 0.05
N PRO G 361 -37.85 4.42 0.13
CA PRO G 361 -38.47 5.61 0.74
C PRO G 361 -37.73 6.43 1.80
N PRO G 362 -37.32 5.80 2.92
CA PRO G 362 -36.60 6.56 3.96
C PRO G 362 -35.41 7.38 3.46
N ASP G 363 -34.73 6.88 2.42
CA ASP G 363 -33.57 7.57 1.85
C ASP G 363 -33.92 8.87 1.14
N MET G 364 -35.21 9.15 0.96
CA MET G 364 -35.61 10.36 0.27
C MET G 364 -35.03 11.63 0.91
N CYS G 365 -34.83 11.61 2.22
CA CYS G 365 -34.28 12.78 2.88
C CYS G 365 -32.84 12.96 2.41
N ILE G 366 -32.14 11.85 2.18
CA ILE G 366 -30.78 11.91 1.69
C ILE G 366 -30.82 12.47 0.26
N VAL G 367 -31.79 12.01 -0.51
CA VAL G 367 -31.95 12.48 -1.89
C VAL G 367 -32.17 13.99 -1.94
N LYS G 368 -33.02 14.49 -1.04
CA LYS G 368 -33.29 15.91 -0.99
C LYS G 368 -32.01 16.64 -0.60
N TRP G 369 -31.23 16.05 0.30
CA TRP G 369 -29.97 16.65 0.74
C TRP G 369 -28.98 16.72 -0.43
N ARG G 370 -28.85 15.62 -1.17
CA ARG G 370 -27.93 15.58 -2.30
C ARG G 370 -28.35 16.61 -3.36
N THR G 371 -29.66 16.75 -3.57
CA THR G 371 -30.19 17.70 -4.56
C THR G 371 -29.94 19.14 -4.12
N LEU G 372 -30.17 19.43 -2.84
CA LEU G 372 -29.94 20.77 -2.32
C LEU G 372 -28.45 21.10 -2.34
N ALA G 373 -27.64 20.13 -1.94
CA ALA G 373 -26.19 20.31 -1.88
C ALA G 373 -25.57 20.54 -3.26
N SER G 374 -26.06 19.80 -4.25
CA SER G 374 -25.56 19.92 -5.61
C SER G 374 -25.78 21.34 -6.14
N GLU G 375 -26.91 21.94 -5.77
CA GLU G 375 -27.26 23.28 -6.20
C GLU G 375 -26.61 24.38 -5.36
N ARG G 376 -26.65 24.23 -4.04
CA ARG G 376 -26.13 25.26 -3.15
C ARG G 376 -24.70 25.20 -2.62
N GLY G 377 -24.03 24.06 -2.73
CA GLY G 377 -22.65 23.99 -2.27
C GLY G 377 -21.97 25.19 -2.95
N ARG G 378 -21.19 25.96 -2.21
CA ARG G 378 -20.57 27.14 -2.82
C ARG G 378 -19.39 26.92 -3.75
N GLY G 379 -18.84 25.71 -3.75
CA GLY G 379 -17.72 25.43 -4.61
C GLY G 379 -17.39 23.95 -4.63
N VAL G 380 -17.01 23.45 -5.79
CA VAL G 380 -16.69 22.03 -5.93
C VAL G 380 -15.18 21.77 -5.90
N ARG G 381 -14.76 20.97 -4.93
CA ARG G 381 -13.36 20.60 -4.79
C ARG G 381 -13.34 19.15 -5.25
N ALA G 382 -12.92 18.95 -6.49
CA ALA G 382 -12.87 17.61 -7.10
C ALA G 382 -11.55 16.89 -6.81
N SER H 16 3.53 -15.21 -30.30
CA SER H 16 2.73 -16.45 -30.51
C SER H 16 1.81 -16.71 -29.32
N ALA H 17 2.16 -16.15 -28.17
CA ALA H 17 1.36 -16.32 -26.95
C ALA H 17 -0.06 -15.82 -27.15
N GLN H 18 -0.19 -14.56 -27.56
CA GLN H 18 -1.49 -13.95 -27.78
C GLN H 18 -2.13 -14.48 -29.06
N VAL H 19 -1.52 -15.52 -29.62
CA VAL H 19 -2.02 -16.14 -30.84
C VAL H 19 -2.44 -17.58 -30.60
N LYS H 20 -1.69 -18.28 -29.76
CA LYS H 20 -1.98 -19.67 -29.46
C LYS H 20 -3.00 -19.85 -28.32
N TRP H 21 -2.88 -19.01 -27.30
CA TRP H 21 -3.77 -19.11 -26.15
C TRP H 21 -4.24 -17.75 -25.62
N PRO H 22 -4.87 -16.94 -26.49
CA PRO H 22 -5.38 -15.60 -26.13
C PRO H 22 -6.38 -15.56 -24.98
N ARG H 23 -7.36 -16.46 -24.97
CA ARG H 23 -8.34 -16.47 -23.91
C ARG H 23 -7.74 -16.83 -22.55
N TYR H 24 -6.64 -17.57 -22.57
CA TYR H 24 -5.97 -17.95 -21.33
C TYR H 24 -5.26 -16.72 -20.76
N LEU H 25 -4.71 -15.90 -21.64
CA LEU H 25 -4.02 -14.70 -21.18
C LEU H 25 -5.02 -13.68 -20.66
N GLU H 26 -6.22 -13.67 -21.23
CA GLU H 26 -7.27 -12.74 -20.83
C GLU H 26 -7.97 -13.11 -19.51
N ALA H 27 -8.01 -14.40 -19.21
CA ALA H 27 -8.67 -14.88 -17.98
C ALA H 27 -7.83 -14.64 -16.72
N THR H 28 -7.51 -13.38 -16.47
CA THR H 28 -6.72 -12.97 -15.32
C THR H 28 -7.45 -13.29 -14.02
N LEU H 29 -8.77 -13.19 -14.06
CA LEU H 29 -9.59 -13.45 -12.88
C LEU H 29 -10.21 -14.84 -12.94
N GLY H 30 -9.71 -15.66 -13.86
CA GLY H 30 -10.19 -17.03 -13.99
C GLY H 30 -11.21 -17.34 -15.05
N PHE H 31 -11.59 -18.61 -15.13
CA PHE H 31 -12.59 -19.09 -16.07
C PHE H 31 -13.92 -19.25 -15.34
N ASP H 32 -14.93 -18.48 -15.75
CA ASP H 32 -16.26 -18.58 -15.12
C ASP H 32 -17.12 -19.62 -15.86
N ASN H 33 -18.34 -19.83 -15.37
CA ASN H 33 -19.24 -20.84 -15.92
C ASN H 33 -18.60 -22.19 -15.65
N HIS H 34 -18.04 -22.32 -14.45
CA HIS H 34 -17.38 -23.53 -13.97
C HIS H 34 -17.62 -23.66 -12.47
N TRP H 35 -17.54 -24.88 -11.96
CA TRP H 35 -17.66 -25.11 -10.53
C TRP H 35 -16.28 -24.86 -9.93
N HIS H 36 -16.25 -24.21 -8.77
CA HIS H 36 -15.00 -23.92 -8.08
C HIS H 36 -15.18 -24.17 -6.57
N PRO H 37 -14.18 -24.77 -5.92
CA PRO H 37 -14.30 -25.03 -4.48
C PRO H 37 -14.20 -23.70 -3.72
N ALA H 38 -15.02 -23.54 -2.68
CA ALA H 38 -15.02 -22.32 -1.88
C ALA H 38 -14.51 -22.58 -0.46
N ALA H 39 -14.80 -23.77 0.05
CA ALA H 39 -14.39 -24.12 1.40
C ALA H 39 -14.70 -25.58 1.68
N PHE H 40 -14.34 -26.04 2.87
CA PHE H 40 -14.61 -27.42 3.25
C PHE H 40 -15.92 -27.45 4.04
N ASP H 41 -16.70 -28.49 3.80
CA ASP H 41 -18.00 -28.65 4.45
C ASP H 41 -17.98 -28.52 5.97
N HIS H 42 -16.96 -29.09 6.61
CA HIS H 42 -16.85 -29.04 8.07
C HIS H 42 -16.62 -27.63 8.64
N GLU H 43 -16.45 -26.65 7.75
CA GLU H 43 -16.22 -25.27 8.19
C GLU H 43 -17.55 -24.59 8.48
N LEU H 44 -18.65 -25.24 8.10
CA LEU H 44 -19.97 -24.66 8.27
C LEU H 44 -20.96 -25.46 9.10
N ALA H 45 -21.22 -24.97 10.31
CA ALA H 45 -22.20 -25.60 11.20
C ALA H 45 -23.49 -24.85 10.94
N GLU H 46 -24.61 -25.46 11.29
CA GLU H 46 -25.92 -24.84 11.10
C GLU H 46 -25.93 -23.40 11.63
N GLY H 47 -26.32 -22.45 10.80
CA GLY H 47 -26.38 -21.07 11.20
C GLY H 47 -25.06 -20.32 11.20
N GLU H 48 -23.99 -21.02 10.80
CA GLU H 48 -22.67 -20.41 10.77
C GLU H 48 -22.45 -19.68 9.43
N PHE H 49 -21.53 -18.72 9.41
CA PHE H 49 -21.23 -17.96 8.20
C PHE H 49 -19.75 -18.01 7.85
N VAL H 50 -19.47 -18.10 6.56
CA VAL H 50 -18.10 -18.12 6.05
C VAL H 50 -18.03 -17.20 4.83
N ALA H 51 -17.09 -16.27 4.86
CA ALA H 51 -16.92 -15.33 3.77
C ALA H 51 -15.75 -15.73 2.87
N VAL H 52 -15.98 -15.72 1.57
CA VAL H 52 -14.94 -16.08 0.60
C VAL H 52 -15.03 -15.18 -0.61
N THR H 53 -13.91 -15.05 -1.32
CA THR H 53 -13.87 -14.24 -2.52
C THR H 53 -13.43 -15.14 -3.67
N MET H 54 -14.31 -15.30 -4.65
CA MET H 54 -14.04 -16.18 -5.79
C MET H 54 -14.15 -15.43 -7.11
N LEU H 55 -13.07 -15.49 -7.89
CA LEU H 55 -13.02 -14.82 -9.18
C LEU H 55 -13.52 -13.38 -9.09
N GLY H 56 -13.07 -12.66 -8.06
CA GLY H 56 -13.46 -11.29 -7.87
C GLY H 56 -14.78 -11.04 -7.16
N GLU H 57 -15.59 -12.09 -7.01
CA GLU H 57 -16.89 -11.93 -6.36
C GLU H 57 -16.88 -12.34 -4.88
N LYS H 58 -17.36 -11.44 -4.02
CA LYS H 58 -17.44 -11.74 -2.60
C LYS H 58 -18.69 -12.59 -2.39
N VAL H 59 -18.51 -13.77 -1.83
CA VAL H 59 -19.60 -14.71 -1.61
C VAL H 59 -19.78 -15.03 -0.13
N LEU H 60 -21.04 -15.11 0.29
CA LEU H 60 -21.37 -15.41 1.67
C LEU H 60 -21.93 -16.83 1.76
N LEU H 61 -21.28 -17.67 2.54
CA LEU H 61 -21.73 -19.05 2.71
C LEU H 61 -22.35 -19.23 4.09
N THR H 62 -23.34 -20.09 4.16
CA THR H 62 -23.99 -20.39 5.43
C THR H 62 -24.69 -21.72 5.29
N ARG H 63 -25.08 -22.31 6.42
CA ARG H 63 -25.79 -23.57 6.39
C ARG H 63 -27.18 -23.28 6.93
N ALA H 64 -28.19 -23.53 6.10
CA ALA H 64 -29.57 -23.28 6.49
C ALA H 64 -30.34 -24.59 6.46
N LYS H 65 -30.91 -24.96 7.59
CA LYS H 65 -31.66 -26.20 7.69
C LYS H 65 -30.85 -27.35 7.08
N GLY H 66 -29.58 -27.44 7.48
CA GLY H 66 -28.71 -28.50 6.98
C GLY H 66 -28.05 -28.28 5.63
N GLU H 67 -28.62 -27.40 4.80
CA GLU H 67 -28.08 -27.14 3.47
C GLU H 67 -27.17 -25.92 3.40
N VAL H 68 -26.02 -26.09 2.74
CA VAL H 68 -25.09 -24.98 2.57
C VAL H 68 -25.62 -24.09 1.44
N LYS H 69 -25.74 -22.80 1.70
CA LYS H 69 -26.23 -21.86 0.71
C LYS H 69 -25.16 -20.80 0.42
N ALA H 70 -25.20 -20.23 -0.78
CA ALA H 70 -24.23 -19.21 -1.17
C ALA H 70 -24.99 -18.04 -1.76
N ILE H 71 -24.71 -16.85 -1.25
CA ILE H 71 -25.37 -15.64 -1.73
C ILE H 71 -24.32 -14.54 -1.85
N ALA H 72 -24.55 -13.58 -2.75
CA ALA H 72 -23.61 -12.50 -2.95
C ALA H 72 -23.39 -11.75 -1.63
N ASP H 73 -22.12 -11.59 -1.26
CA ASP H 73 -21.79 -10.89 -0.02
C ASP H 73 -21.79 -9.39 -0.26
N GLY H 74 -22.95 -8.86 -0.64
CA GLY H 74 -23.09 -7.44 -0.91
C GLY H 74 -24.57 -7.06 -0.93
N CYS H 75 -24.96 -6.13 -0.06
CA CYS H 75 -26.34 -5.70 0.01
C CYS H 75 -26.73 -4.89 -1.23
N ALA H 76 -27.99 -5.00 -1.64
CA ALA H 76 -28.49 -4.28 -2.80
C ALA H 76 -28.69 -2.80 -2.49
N HIS H 77 -28.98 -2.51 -1.23
CA HIS H 77 -29.22 -1.13 -0.79
C HIS H 77 -28.00 -0.24 -1.02
N ARG H 78 -27.02 -0.33 -0.12
CA ARG H 78 -25.84 0.52 -0.21
C ARG H 78 -24.55 -0.26 -0.43
N GLY H 79 -24.68 -1.49 -0.92
CA GLY H 79 -23.54 -2.33 -1.24
C GLY H 79 -22.59 -2.86 -0.17
N VAL H 80 -22.95 -2.77 1.10
CA VAL H 80 -22.07 -3.26 2.16
C VAL H 80 -22.03 -4.78 2.22
N PRO H 81 -20.90 -5.35 2.68
CA PRO H 81 -20.76 -6.80 2.80
C PRO H 81 -21.53 -7.29 4.04
N PHE H 82 -22.29 -8.37 3.89
CA PHE H 82 -23.04 -8.90 5.03
C PHE H 82 -22.04 -9.47 6.05
N SER H 83 -20.92 -9.99 5.54
CA SER H 83 -19.89 -10.59 6.38
C SER H 83 -19.34 -9.69 7.49
N LYS H 84 -19.52 -8.37 7.36
CA LYS H 84 -19.05 -7.45 8.39
C LYS H 84 -19.76 -7.83 9.69
N GLU H 85 -21.05 -8.16 9.57
CA GLU H 85 -21.87 -8.57 10.71
C GLU H 85 -23.05 -9.37 10.16
N PRO H 86 -22.81 -10.63 9.79
CA PRO H 86 -23.88 -11.47 9.25
C PRO H 86 -25.00 -11.69 10.26
N LEU H 87 -26.23 -11.54 9.78
CA LEU H 87 -27.40 -11.72 10.63
C LEU H 87 -28.42 -12.68 10.04
N CYS H 88 -29.06 -13.47 10.92
CA CYS H 88 -30.08 -14.41 10.51
C CYS H 88 -31.18 -14.50 11.57
N PHE H 89 -32.36 -14.02 11.22
CA PHE H 89 -33.50 -14.04 12.13
C PHE H 89 -34.48 -15.14 11.75
N LYS H 90 -34.14 -15.88 10.71
CA LYS H 90 -34.96 -16.99 10.24
C LYS H 90 -34.16 -17.87 9.29
N ALA H 91 -33.89 -19.09 9.72
CA ALA H 91 -33.12 -20.02 8.89
C ALA H 91 -33.68 -19.99 7.48
N GLY H 92 -32.81 -19.79 6.50
CA GLY H 92 -33.27 -19.73 5.13
C GLY H 92 -33.23 -18.30 4.59
N THR H 93 -32.92 -17.36 5.48
CA THR H 93 -32.83 -15.96 5.08
C THR H 93 -31.60 -15.31 5.71
N VAL H 94 -31.25 -14.13 5.22
CA VAL H 94 -30.12 -13.38 5.74
C VAL H 94 -30.57 -11.92 5.81
N SER H 95 -30.18 -11.23 6.88
CA SER H 95 -30.54 -9.82 7.06
C SER H 95 -29.30 -8.96 7.16
N CYS H 96 -29.30 -7.86 6.41
CA CYS H 96 -28.18 -6.93 6.42
C CYS H 96 -28.12 -6.23 7.76
N TRP H 97 -26.90 -6.02 8.25
CA TRP H 97 -26.69 -5.37 9.54
C TRP H 97 -26.95 -3.86 9.54
N TYR H 98 -26.97 -3.24 8.36
CA TYR H 98 -27.14 -1.80 8.26
C TYR H 98 -28.59 -1.29 8.37
N HIS H 99 -29.45 -1.65 7.41
CA HIS H 99 -30.84 -1.21 7.46
C HIS H 99 -31.82 -2.37 7.55
N GLY H 100 -31.30 -3.56 7.85
CA GLY H 100 -32.16 -4.72 7.99
C GLY H 100 -32.84 -5.31 6.77
N TRP H 101 -32.32 -5.05 5.57
CA TRP H 101 -32.90 -5.64 4.37
C TRP H 101 -32.70 -7.14 4.50
N THR H 102 -33.79 -7.91 4.38
CA THR H 102 -33.74 -9.36 4.53
C THR H 102 -33.97 -10.11 3.23
N TYR H 103 -33.08 -11.04 2.90
CA TYR H 103 -33.17 -11.80 1.66
C TYR H 103 -33.42 -13.30 1.81
N ASP H 104 -34.09 -13.87 0.82
CA ASP H 104 -34.40 -15.29 0.76
C ASP H 104 -33.18 -15.98 0.14
N LEU H 105 -32.53 -16.85 0.91
CA LEU H 105 -31.33 -17.54 0.42
C LEU H 105 -31.58 -18.39 -0.82
N ASP H 106 -32.81 -18.85 -1.01
CA ASP H 106 -33.12 -19.68 -2.17
C ASP H 106 -33.11 -18.97 -3.52
N ASP H 107 -33.56 -17.71 -3.55
CA ASP H 107 -33.58 -16.96 -4.79
C ASP H 107 -32.96 -15.57 -4.70
N GLY H 108 -32.38 -15.25 -3.54
CA GLY H 108 -31.73 -13.96 -3.36
C GLY H 108 -32.67 -12.77 -3.40
N ARG H 109 -33.97 -13.04 -3.38
CA ARG H 109 -34.99 -11.99 -3.43
C ARG H 109 -35.20 -11.29 -2.09
N LEU H 110 -35.44 -9.98 -2.15
CA LEU H 110 -35.69 -9.20 -0.95
C LEU H 110 -37.11 -9.54 -0.51
N VAL H 111 -37.23 -10.21 0.63
CA VAL H 111 -38.55 -10.60 1.12
C VAL H 111 -39.07 -9.74 2.27
N ASP H 112 -38.23 -8.87 2.81
CA ASP H 112 -38.64 -8.00 3.90
C ASP H 112 -37.59 -6.96 4.25
N VAL H 113 -37.99 -5.99 5.08
CA VAL H 113 -37.12 -4.93 5.55
C VAL H 113 -37.50 -4.67 7.01
N LEU H 114 -36.68 -5.18 7.91
CA LEU H 114 -36.91 -5.05 9.35
C LEU H 114 -37.14 -3.63 9.85
N THR H 115 -36.57 -2.64 9.17
CA THR H 115 -36.73 -1.25 9.60
C THR H 115 -37.90 -0.55 8.91
N SER H 116 -38.55 -1.25 7.99
CA SER H 116 -39.66 -0.65 7.26
C SER H 116 -40.64 -1.71 6.74
N PRO H 117 -41.46 -2.28 7.63
CA PRO H 117 -42.41 -3.31 7.19
C PRO H 117 -43.34 -2.76 6.12
N GLY H 118 -43.63 -3.59 5.11
CA GLY H 118 -44.52 -3.17 4.04
C GLY H 118 -43.89 -2.20 3.06
N SER H 119 -42.57 -2.01 3.15
CA SER H 119 -41.89 -1.09 2.26
C SER H 119 -42.14 -1.53 0.81
N PRO H 120 -42.46 -0.58 -0.07
CA PRO H 120 -42.74 -0.90 -1.47
C PRO H 120 -41.62 -1.57 -2.28
N VAL H 121 -40.37 -1.48 -1.81
CA VAL H 121 -39.27 -2.11 -2.54
C VAL H 121 -39.23 -3.62 -2.36
N ILE H 122 -39.92 -4.11 -1.33
CA ILE H 122 -39.97 -5.54 -1.06
C ILE H 122 -40.56 -6.29 -2.25
N GLY H 123 -39.85 -7.30 -2.72
CA GLY H 123 -40.33 -8.08 -3.85
C GLY H 123 -39.92 -7.54 -5.22
N LYS H 124 -39.39 -6.32 -5.24
CA LYS H 124 -38.97 -5.72 -6.51
C LYS H 124 -37.45 -5.61 -6.60
N ILE H 125 -36.76 -6.26 -5.67
CA ILE H 125 -35.29 -6.23 -5.64
C ILE H 125 -34.71 -7.59 -5.27
N GLY H 126 -33.51 -7.87 -5.77
CA GLY H 126 -32.87 -9.14 -5.47
C GLY H 126 -31.39 -9.13 -5.79
N ILE H 127 -30.64 -10.03 -5.15
CA ILE H 127 -29.21 -10.14 -5.39
C ILE H 127 -28.93 -11.57 -5.84
N LYS H 128 -27.73 -11.81 -6.34
CA LYS H 128 -27.39 -13.14 -6.83
C LYS H 128 -27.13 -14.22 -5.78
N VAL H 129 -27.67 -15.41 -6.05
CA VAL H 129 -27.45 -16.57 -5.21
C VAL H 129 -26.72 -17.53 -6.15
N TYR H 130 -25.82 -18.33 -5.59
CA TYR H 130 -25.05 -19.25 -6.43
C TYR H 130 -25.39 -20.72 -6.18
N PRO H 131 -25.37 -21.53 -7.24
CA PRO H 131 -25.68 -22.95 -7.09
C PRO H 131 -24.57 -23.56 -6.22
N VAL H 132 -24.94 -24.46 -5.32
CA VAL H 132 -23.96 -25.08 -4.45
C VAL H 132 -24.11 -26.59 -4.44
N GLN H 133 -22.97 -27.28 -4.45
CA GLN H 133 -22.98 -28.73 -4.39
C GLN H 133 -21.79 -29.16 -3.55
N VAL H 134 -22.08 -29.92 -2.49
CA VAL H 134 -21.05 -30.42 -1.60
C VAL H 134 -20.73 -31.85 -2.01
N ALA H 135 -19.45 -32.13 -2.23
CA ALA H 135 -19.03 -33.47 -2.62
C ALA H 135 -17.65 -33.76 -2.02
N GLN H 136 -17.51 -34.95 -1.45
CA GLN H 136 -16.25 -35.36 -0.84
C GLN H 136 -15.79 -34.38 0.24
N GLY H 137 -16.75 -33.82 0.97
CA GLY H 137 -16.40 -32.89 2.04
C GLY H 137 -16.00 -31.50 1.56
N VAL H 138 -16.14 -31.25 0.25
CA VAL H 138 -15.78 -29.94 -0.28
C VAL H 138 -17.03 -29.20 -0.74
N VAL H 139 -17.06 -27.89 -0.49
CA VAL H 139 -18.17 -27.06 -0.91
C VAL H 139 -17.82 -26.40 -2.23
N PHE H 140 -18.52 -26.80 -3.30
CA PHE H 140 -18.29 -26.24 -4.61
C PHE H 140 -19.36 -25.21 -4.96
N VAL H 141 -18.95 -24.10 -5.54
CA VAL H 141 -19.89 -23.06 -5.92
C VAL H 141 -19.76 -22.83 -7.42
N PHE H 142 -20.90 -22.75 -8.11
CA PHE H 142 -20.88 -22.53 -9.56
C PHE H 142 -20.86 -21.03 -9.84
N ILE H 143 -19.72 -20.55 -10.34
CA ILE H 143 -19.54 -19.14 -10.66
C ILE H 143 -19.78 -18.91 -12.15
N GLY H 144 -20.67 -17.97 -12.48
CA GLY H 144 -20.95 -17.68 -13.88
C GLY H 144 -22.39 -17.27 -14.13
N ASP H 145 -22.70 -16.88 -15.36
CA ASP H 145 -24.06 -16.46 -15.70
C ASP H 145 -24.97 -17.60 -16.14
N GLU H 146 -24.37 -18.66 -16.67
CA GLU H 146 -25.14 -19.81 -17.13
C GLU H 146 -25.64 -20.72 -16.00
N GLU H 147 -26.57 -21.61 -16.35
CA GLU H 147 -27.09 -22.58 -15.39
C GLU H 147 -25.94 -23.56 -15.19
N PRO H 148 -25.89 -24.22 -14.02
CA PRO H 148 -24.78 -25.15 -13.80
C PRO H 148 -24.88 -26.49 -14.54
N HIS H 149 -23.73 -27.01 -14.97
CA HIS H 149 -23.66 -28.30 -15.63
C HIS H 149 -23.18 -29.29 -14.56
N ALA H 150 -23.03 -30.56 -14.91
CA ALA H 150 -22.60 -31.56 -13.92
C ALA H 150 -21.25 -31.20 -13.30
N LEU H 151 -21.17 -31.35 -11.98
CA LEU H 151 -19.95 -31.05 -11.23
C LEU H 151 -18.74 -31.84 -11.71
N SER H 152 -18.95 -33.12 -12.03
CA SER H 152 -17.87 -34.00 -12.48
C SER H 152 -17.12 -33.45 -13.69
N GLU H 153 -17.78 -32.62 -14.48
CA GLU H 153 -17.14 -32.04 -15.66
C GLU H 153 -16.05 -31.04 -15.33
N ASP H 154 -16.01 -30.59 -14.07
CA ASP H 154 -15.00 -29.62 -13.63
C ASP H 154 -14.01 -30.21 -12.63
N LEU H 155 -13.91 -31.53 -12.60
CA LEU H 155 -13.00 -32.23 -11.69
C LEU H 155 -12.16 -33.26 -12.40
N PRO H 156 -10.96 -33.56 -11.88
CA PRO H 156 -10.13 -34.57 -12.54
C PRO H 156 -10.81 -35.93 -12.38
N PRO H 157 -10.52 -36.88 -13.28
CA PRO H 157 -11.12 -38.20 -13.16
C PRO H 157 -10.78 -38.86 -11.82
N GLY H 158 -11.76 -39.53 -11.22
CA GLY H 158 -11.54 -40.22 -9.97
C GLY H 158 -11.83 -39.43 -8.70
N PHE H 159 -11.96 -38.12 -8.81
CA PHE H 159 -12.21 -37.28 -7.64
C PHE H 159 -13.51 -37.65 -6.92
N LEU H 160 -14.56 -37.90 -7.67
CA LEU H 160 -15.85 -38.22 -7.08
C LEU H 160 -16.04 -39.72 -6.74
N ASP H 161 -14.99 -40.53 -6.90
CA ASP H 161 -15.08 -41.95 -6.59
C ASP H 161 -15.68 -42.15 -5.21
N GLU H 162 -16.77 -42.89 -5.14
CA GLU H 162 -17.47 -43.13 -3.88
C GLU H 162 -16.78 -44.07 -2.90
N ASP H 163 -15.91 -44.94 -3.39
CA ASP H 163 -15.20 -45.89 -2.53
C ASP H 163 -13.90 -45.28 -1.99
N THR H 164 -13.93 -43.98 -1.75
CA THR H 164 -12.75 -43.27 -1.23
C THR H 164 -13.19 -42.17 -0.27
N HIS H 165 -12.21 -41.59 0.42
CA HIS H 165 -12.48 -40.50 1.35
C HIS H 165 -11.43 -39.44 1.08
N LEU H 166 -11.83 -38.18 1.15
CA LEU H 166 -10.91 -37.07 0.90
C LEU H 166 -10.83 -36.12 2.09
N LEU H 167 -9.62 -35.61 2.33
CA LEU H 167 -9.36 -34.68 3.41
C LEU H 167 -8.41 -33.64 2.83
N GLY H 168 -8.60 -32.37 3.18
CA GLY H 168 -7.72 -31.35 2.66
C GLY H 168 -7.77 -30.03 3.39
N ILE H 169 -6.94 -29.09 2.94
CA ILE H 169 -6.86 -27.76 3.52
C ILE H 169 -6.83 -26.72 2.41
N ARG H 170 -6.97 -25.45 2.78
CA ARG H 170 -6.94 -24.37 1.81
C ARG H 170 -6.23 -23.17 2.44
N ARG H 171 -5.54 -22.39 1.63
CA ARG H 171 -4.83 -21.22 2.12
C ARG H 171 -4.78 -20.20 1.00
N THR H 172 -4.35 -18.98 1.33
CA THR H 172 -4.26 -17.92 0.34
C THR H 172 -2.82 -17.79 -0.17
N VAL H 173 -2.69 -17.50 -1.45
CA VAL H 173 -1.37 -17.31 -2.04
C VAL H 173 -1.38 -15.99 -2.80
N GLN H 174 -0.33 -15.19 -2.62
CA GLN H 174 -0.22 -13.90 -3.26
C GLN H 174 0.34 -13.96 -4.67
N SER H 175 -0.38 -14.61 -5.57
CA SER H 175 0.04 -14.70 -6.97
C SER H 175 -1.19 -15.01 -7.80
N ASN H 176 -1.16 -14.64 -9.07
CA ASN H 176 -2.26 -14.91 -9.97
C ASN H 176 -2.46 -16.43 -10.00
N TRP H 177 -3.71 -16.86 -10.12
CA TRP H 177 -4.05 -18.28 -10.13
C TRP H 177 -3.30 -19.14 -11.14
N ARG H 178 -3.03 -18.57 -12.32
CA ARG H 178 -2.33 -19.31 -13.37
C ARG H 178 -0.92 -19.73 -12.98
N LEU H 179 -0.25 -18.92 -12.15
CA LEU H 179 1.10 -19.25 -11.72
C LEU H 179 1.02 -20.41 -10.73
N GLY H 180 -0.15 -20.59 -10.11
CA GLY H 180 -0.33 -21.70 -9.21
C GLY H 180 -0.49 -22.98 -10.01
N VAL H 181 -1.40 -22.95 -10.99
CA VAL H 181 -1.65 -24.10 -11.87
C VAL H 181 -0.36 -24.58 -12.53
N GLU H 182 0.40 -23.64 -13.06
CA GLU H 182 1.64 -23.96 -13.76
C GLU H 182 2.77 -24.39 -12.82
N ASN H 183 2.60 -24.14 -11.53
CA ASN H 183 3.60 -24.54 -10.56
C ASN H 183 3.33 -26.00 -10.20
N GLY H 184 2.05 -26.36 -10.18
CA GLY H 184 1.66 -27.73 -9.88
C GLY H 184 1.91 -28.65 -11.07
N PHE H 185 1.59 -28.17 -12.27
CA PHE H 185 1.76 -28.95 -13.50
C PHE H 185 3.11 -28.62 -14.15
N ASP H 186 4.19 -28.83 -13.39
CA ASP H 186 5.55 -28.54 -13.84
C ASP H 186 6.40 -29.75 -13.43
N THR H 187 6.96 -30.46 -14.42
CA THR H 187 7.73 -31.66 -14.11
C THR H 187 9.19 -31.51 -13.71
N THR H 188 9.72 -30.29 -13.76
CA THR H 188 11.11 -30.10 -13.36
C THR H 188 11.28 -29.14 -12.19
N HIS H 189 10.20 -28.53 -11.74
CA HIS H 189 10.29 -27.59 -10.62
C HIS H 189 10.56 -28.34 -9.32
N ILE H 190 10.25 -29.63 -9.30
CA ILE H 190 10.44 -30.45 -8.11
C ILE H 190 11.88 -30.42 -7.60
N PHE H 191 12.78 -29.91 -8.43
CA PHE H 191 14.18 -29.76 -8.06
C PHE H 191 14.23 -28.96 -6.75
N MET H 192 13.37 -27.96 -6.64
CA MET H 192 13.32 -27.09 -5.47
C MET H 192 12.81 -27.78 -4.20
N HIS H 193 12.25 -28.98 -4.36
CA HIS H 193 11.74 -29.72 -3.21
C HIS H 193 12.74 -30.77 -2.72
N ARG H 194 13.90 -30.84 -3.36
CA ARG H 194 14.93 -31.82 -3.01
C ARG H 194 15.32 -31.90 -1.54
N ASN H 195 15.31 -30.77 -0.85
CA ASN H 195 15.69 -30.75 0.56
C ASN H 195 14.51 -30.75 1.53
N SER H 196 13.31 -31.02 1.01
CA SER H 196 12.13 -31.08 1.86
C SER H 196 12.27 -32.26 2.82
N PRO H 197 12.03 -32.04 4.11
CA PRO H 197 12.15 -33.14 5.08
C PRO H 197 11.24 -34.31 4.76
N TRP H 198 10.25 -34.10 3.90
CA TRP H 198 9.32 -35.16 3.53
C TRP H 198 9.98 -36.19 2.60
N VAL H 199 10.95 -35.74 1.80
CA VAL H 199 11.63 -36.65 0.88
C VAL H 199 12.26 -37.82 1.63
N SER H 200 13.12 -37.52 2.60
CA SER H 200 13.73 -38.58 3.39
C SER H 200 12.72 -39.04 4.45
N GLY H 201 11.93 -38.10 4.94
CA GLY H 201 10.94 -38.40 5.96
C GLY H 201 10.01 -39.54 5.60
N ASN H 202 9.73 -39.71 4.31
CA ASN H 202 8.85 -40.78 3.86
C ASN H 202 9.58 -41.67 2.86
N ARG H 203 10.91 -41.70 2.97
CA ARG H 203 11.79 -42.50 2.12
C ARG H 203 11.35 -42.49 0.66
N LEU H 204 11.19 -41.29 0.10
CA LEU H 204 10.77 -41.16 -1.28
C LEU H 204 11.90 -41.30 -2.30
N ALA H 205 11.55 -41.88 -3.44
CA ALA H 205 12.47 -42.01 -4.55
C ALA H 205 12.09 -40.76 -5.35
N PHE H 206 12.58 -39.61 -4.92
CA PHE H 206 12.24 -38.35 -5.55
C PHE H 206 13.39 -37.78 -6.39
N PRO H 207 13.21 -37.71 -7.71
CA PRO H 207 14.23 -37.19 -8.62
C PRO H 207 14.27 -35.66 -8.62
N TYR H 208 15.26 -35.08 -9.28
CA TYR H 208 15.40 -33.63 -9.36
C TYR H 208 14.49 -33.07 -10.45
N GLY H 209 13.98 -33.96 -11.29
CA GLY H 209 13.09 -33.55 -12.37
C GLY H 209 12.74 -34.70 -13.31
N PHE H 210 11.70 -34.48 -14.12
CA PHE H 210 11.23 -35.47 -15.08
C PHE H 210 11.30 -34.86 -16.48
N VAL H 211 12.04 -35.50 -17.38
CA VAL H 211 12.17 -35.00 -18.75
C VAL H 211 11.42 -35.91 -19.74
N PRO H 212 10.54 -35.33 -20.58
CA PRO H 212 9.79 -36.12 -21.55
C PRO H 212 10.75 -36.99 -22.35
N ALA H 213 10.52 -38.30 -22.35
CA ALA H 213 11.39 -39.23 -23.03
C ALA H 213 10.99 -39.57 -24.47
N ASP H 214 9.68 -39.65 -24.74
CA ASP H 214 9.21 -39.96 -26.09
C ASP H 214 7.97 -39.17 -26.49
N ARG H 215 7.45 -39.47 -27.67
CA ARG H 215 6.27 -38.80 -28.20
C ARG H 215 4.97 -39.06 -27.44
N ASP H 216 4.93 -40.10 -26.62
CA ASP H 216 3.72 -40.42 -25.85
C ASP H 216 3.78 -39.91 -24.41
N ALA H 217 4.77 -39.06 -24.11
CA ALA H 217 4.91 -38.54 -22.76
C ALA H 217 3.69 -37.71 -22.31
N MET H 218 3.07 -37.00 -23.24
CA MET H 218 1.93 -36.16 -22.93
C MET H 218 0.70 -36.51 -23.74
N GLN H 219 -0.47 -36.40 -23.11
CA GLN H 219 -1.72 -36.70 -23.79
C GLN H 219 -2.82 -35.69 -23.43
N VAL H 220 -3.44 -35.13 -24.46
CA VAL H 220 -4.50 -34.14 -24.29
C VAL H 220 -5.86 -34.83 -24.40
N TYR H 221 -6.78 -34.46 -23.51
CA TYR H 221 -8.12 -35.00 -23.52
C TYR H 221 -9.06 -33.82 -23.77
N ASP H 222 -9.39 -33.58 -25.04
CA ASP H 222 -10.26 -32.45 -25.38
C ASP H 222 -11.66 -32.84 -25.88
N GLU H 223 -12.00 -34.11 -25.78
CA GLU H 223 -13.31 -34.57 -26.22
C GLU H 223 -14.17 -34.94 -25.02
N ASN H 224 -15.32 -34.28 -24.90
CA ASN H 224 -16.23 -34.48 -23.78
C ASN H 224 -15.54 -33.95 -22.52
N TRP H 225 -16.16 -34.15 -21.36
CA TRP H 225 -15.58 -33.68 -20.11
C TRP H 225 -15.36 -34.82 -19.13
N PRO H 226 -14.39 -34.66 -18.22
CA PRO H 226 -13.52 -33.49 -18.06
C PRO H 226 -12.43 -33.41 -19.14
N LYS H 227 -11.90 -32.22 -19.35
CA LYS H 227 -10.85 -32.02 -20.34
C LYS H 227 -9.55 -31.63 -19.64
N GLY H 228 -8.43 -32.15 -20.13
CA GLY H 228 -7.16 -31.83 -19.51
C GLY H 228 -5.97 -32.40 -20.21
N VAL H 229 -4.82 -32.33 -19.56
CA VAL H 229 -3.57 -32.85 -20.10
C VAL H 229 -2.94 -33.78 -19.07
N LEU H 230 -2.36 -34.88 -19.52
CA LEU H 230 -1.73 -35.87 -18.65
C LEU H 230 -0.27 -36.12 -18.99
N ASP H 231 0.58 -36.10 -17.96
CA ASP H 231 2.01 -36.38 -18.15
C ASP H 231 2.27 -37.79 -17.63
N ARG H 232 2.68 -38.69 -18.52
CA ARG H 232 2.96 -40.06 -18.10
C ARG H 232 4.40 -40.16 -17.62
N LEU H 233 4.62 -39.67 -16.41
CA LEU H 233 5.93 -39.65 -15.79
C LEU H 233 6.59 -41.02 -15.67
N SER H 234 5.88 -41.99 -15.10
CA SER H 234 6.46 -43.32 -14.94
C SER H 234 6.68 -44.07 -16.25
N GLU H 235 5.77 -43.93 -17.20
CA GLU H 235 5.88 -44.65 -18.46
C GLU H 235 6.73 -44.01 -19.57
N ASN H 236 6.66 -42.69 -19.70
CA ASN H 236 7.40 -42.04 -20.78
C ASN H 236 8.31 -40.86 -20.44
N TYR H 237 8.70 -40.75 -19.18
CA TYR H 237 9.60 -39.67 -18.77
C TYR H 237 10.89 -40.25 -18.19
N MET H 238 11.97 -39.48 -18.28
CA MET H 238 13.24 -39.93 -17.72
C MET H 238 13.49 -39.17 -16.42
N PRO H 239 13.53 -39.88 -15.29
CA PRO H 239 13.78 -39.19 -14.02
C PRO H 239 15.26 -38.80 -13.94
N VAL H 240 15.54 -37.66 -13.32
CA VAL H 240 16.91 -37.19 -13.17
C VAL H 240 17.32 -37.35 -11.70
N PHE H 241 17.99 -38.45 -11.39
CA PHE H 241 18.43 -38.73 -10.02
C PHE H 241 19.85 -38.26 -9.75
N GLU H 242 20.52 -37.79 -10.79
CA GLU H 242 21.89 -37.29 -10.65
C GLU H 242 22.09 -36.01 -11.46
N ALA H 243 22.35 -34.91 -10.77
CA ALA H 243 22.57 -33.63 -11.43
C ALA H 243 24.06 -33.44 -11.68
N THR H 244 24.41 -33.18 -12.94
CA THR H 244 25.80 -32.99 -13.31
C THR H 244 26.06 -31.56 -13.78
N LEU H 245 27.19 -31.01 -13.37
CA LEU H 245 27.56 -29.67 -13.78
C LEU H 245 28.87 -29.76 -14.55
N ASP H 246 28.75 -29.90 -15.87
CA ASP H 246 29.90 -29.94 -16.76
C ASP H 246 31.16 -30.56 -16.17
N GLY H 247 31.14 -31.88 -15.96
CA GLY H 247 32.35 -32.60 -15.62
C GLY H 247 32.05 -33.50 -14.45
N GLU H 248 31.41 -32.97 -13.43
CA GLU H 248 31.13 -33.76 -12.25
C GLU H 248 29.69 -33.67 -11.74
N THR H 249 29.29 -34.70 -10.99
CA THR H 249 27.95 -34.74 -10.42
C THR H 249 27.99 -33.91 -9.14
N VAL H 250 27.16 -32.88 -9.09
CA VAL H 250 27.12 -31.99 -7.92
C VAL H 250 25.95 -32.30 -7.00
N LEU H 251 25.08 -33.19 -7.44
CA LEU H 251 23.91 -33.55 -6.66
C LEU H 251 23.50 -34.98 -6.97
N SER H 252 23.26 -35.77 -5.94
CA SER H 252 22.86 -37.16 -6.12
C SER H 252 21.74 -37.52 -5.15
N ALA H 253 20.56 -37.78 -5.69
CA ALA H 253 19.41 -38.13 -4.86
C ALA H 253 19.57 -39.52 -4.27
N GLU H 254 19.35 -39.62 -2.97
CA GLU H 254 19.46 -40.90 -2.27
C GLU H 254 18.58 -41.93 -2.97
N LEU H 255 19.20 -42.95 -3.55
CA LEU H 255 18.45 -43.98 -4.25
C LEU H 255 18.72 -45.37 -3.66
N THR H 256 17.64 -46.11 -3.42
CA THR H 256 17.73 -47.45 -2.85
C THR H 256 16.57 -48.28 -3.40
N GLY H 257 16.68 -49.60 -3.28
CA GLY H 257 15.63 -50.47 -3.78
C GLY H 257 14.47 -50.60 -2.82
N GLU H 258 14.53 -49.87 -1.71
CA GLU H 258 13.47 -49.91 -0.71
C GLU H 258 12.81 -48.55 -0.47
N GLU H 259 12.90 -47.66 -1.45
CA GLU H 259 12.30 -46.34 -1.32
C GLU H 259 10.94 -46.31 -2.02
N LYS H 260 10.02 -45.52 -1.49
CA LYS H 260 8.68 -45.41 -2.04
C LYS H 260 8.63 -44.68 -3.38
N LYS H 261 7.81 -45.21 -4.29
CA LYS H 261 7.64 -44.61 -5.61
C LYS H 261 6.40 -43.72 -5.65
N VAL H 262 6.58 -42.48 -6.08
CA VAL H 262 5.48 -41.53 -6.18
C VAL H 262 5.53 -40.79 -7.52
N ALA H 263 4.54 -39.93 -7.75
CA ALA H 263 4.48 -39.14 -8.97
C ALA H 263 4.71 -39.98 -10.23
N ALA H 264 3.79 -40.92 -10.48
CA ALA H 264 3.88 -41.76 -11.66
C ALA H 264 3.12 -41.04 -12.76
N GLN H 265 2.18 -40.20 -12.33
CA GLN H 265 1.35 -39.43 -13.26
C GLN H 265 0.98 -38.09 -12.63
N VAL H 266 0.85 -37.08 -13.47
CA VAL H 266 0.43 -35.77 -13.03
C VAL H 266 -0.36 -35.17 -14.18
N SER H 267 -1.51 -34.59 -13.86
CA SER H 267 -2.34 -34.00 -14.89
C SER H 267 -3.08 -32.79 -14.37
N VAL H 268 -3.55 -31.96 -15.30
CA VAL H 268 -4.30 -30.77 -14.95
C VAL H 268 -5.58 -30.80 -15.78
N TRP H 269 -6.69 -30.37 -15.19
CA TRP H 269 -7.97 -30.38 -15.89
C TRP H 269 -8.71 -29.07 -15.71
N LEU H 270 -9.50 -28.69 -16.70
CA LEU H 270 -10.28 -27.46 -16.62
C LEU H 270 -11.24 -27.55 -15.44
N PRO H 271 -11.50 -26.42 -14.77
CA PRO H 271 -10.98 -25.08 -15.04
C PRO H 271 -9.56 -24.80 -14.53
N GLY H 272 -8.92 -25.80 -13.96
CA GLY H 272 -7.57 -25.62 -13.45
C GLY H 272 -7.34 -26.42 -12.18
N VAL H 273 -7.50 -27.74 -12.28
CA VAL H 273 -7.33 -28.61 -11.13
C VAL H 273 -6.26 -29.67 -11.42
N LEU H 274 -5.35 -29.82 -10.46
CA LEU H 274 -4.26 -30.78 -10.60
C LEU H 274 -4.56 -32.13 -9.95
N LYS H 275 -3.98 -33.17 -10.52
CA LYS H 275 -4.09 -34.51 -9.97
C LYS H 275 -2.70 -35.08 -10.06
N VAL H 276 -2.16 -35.53 -8.93
CA VAL H 276 -0.83 -36.11 -8.87
C VAL H 276 -0.93 -37.43 -8.13
N ASP H 277 -0.23 -38.45 -8.62
CA ASP H 277 -0.29 -39.75 -7.99
C ASP H 277 0.80 -40.72 -8.46
N PRO H 278 1.27 -41.58 -7.55
CA PRO H 278 0.79 -41.60 -6.17
C PRO H 278 1.41 -40.39 -5.46
N PHE H 279 0.66 -39.73 -4.58
CA PHE H 279 1.21 -38.58 -3.87
C PHE H 279 0.29 -38.11 -2.75
N PRO H 280 0.87 -37.71 -1.60
CA PRO H 280 2.32 -37.70 -1.32
C PRO H 280 2.83 -39.05 -0.82
N ASP H 281 2.05 -40.09 -1.05
CA ASP H 281 2.40 -41.44 -0.62
C ASP H 281 1.77 -42.45 -1.57
N PRO H 282 2.37 -43.65 -1.69
CA PRO H 282 1.82 -44.68 -2.58
C PRO H 282 0.34 -44.97 -2.32
N THR H 283 -0.11 -44.72 -1.09
CA THR H 283 -1.49 -44.97 -0.70
C THR H 283 -2.42 -43.77 -0.95
N LEU H 284 -1.87 -42.69 -1.48
CA LEU H 284 -2.68 -41.48 -1.70
C LEU H 284 -2.64 -40.88 -3.10
N ILE H 285 -3.59 -39.99 -3.35
CA ILE H 285 -3.70 -39.25 -4.60
C ILE H 285 -3.91 -37.81 -4.14
N GLN H 286 -3.16 -36.87 -4.71
CA GLN H 286 -3.30 -35.47 -4.32
C GLN H 286 -3.90 -34.61 -5.43
N TYR H 287 -4.92 -33.84 -5.06
CA TYR H 287 -5.62 -32.95 -5.97
C TYR H 287 -5.31 -31.53 -5.51
N GLU H 288 -5.16 -30.60 -6.45
CA GLU H 288 -4.89 -29.22 -6.10
C GLU H 288 -5.77 -28.28 -6.90
N PHE H 289 -6.29 -27.25 -6.22
CA PHE H 289 -7.13 -26.25 -6.85
C PHE H 289 -6.47 -24.90 -6.65
N TYR H 290 -6.63 -23.99 -7.60
CA TYR H 290 -6.03 -22.68 -7.53
C TYR H 290 -7.09 -21.66 -7.95
N VAL H 291 -8.13 -21.55 -7.14
CA VAL H 291 -9.24 -20.67 -7.42
C VAL H 291 -8.85 -19.21 -7.29
N PRO H 292 -9.07 -18.43 -8.36
CA PRO H 292 -8.75 -16.99 -8.36
C PRO H 292 -9.52 -16.24 -7.27
N ILE H 293 -8.83 -15.33 -6.59
CA ILE H 293 -9.46 -14.51 -5.57
C ILE H 293 -9.57 -13.14 -6.24
N SER H 294 -8.41 -12.60 -6.60
CA SER H 294 -8.32 -11.33 -7.29
C SER H 294 -7.36 -11.55 -8.46
N GLU H 295 -6.96 -10.48 -9.11
CA GLU H 295 -6.05 -10.61 -10.24
C GLU H 295 -4.66 -11.05 -9.79
N THR H 296 -4.34 -10.82 -8.53
CA THR H 296 -3.02 -11.16 -7.99
C THR H 296 -2.99 -12.20 -6.86
N GLN H 297 -4.12 -12.86 -6.61
CA GLN H 297 -4.18 -13.83 -5.52
C GLN H 297 -5.09 -15.01 -5.84
N HIS H 298 -4.79 -16.16 -5.24
CA HIS H 298 -5.62 -17.34 -5.45
C HIS H 298 -5.70 -18.16 -4.16
N GLU H 299 -6.73 -19.02 -4.08
CA GLU H 299 -6.92 -19.88 -2.92
C GLU H 299 -6.42 -21.26 -3.32
N TYR H 300 -5.33 -21.68 -2.67
CA TYR H 300 -4.70 -22.96 -2.93
C TYR H 300 -5.32 -24.08 -2.10
N PHE H 301 -6.01 -24.99 -2.77
CA PHE H 301 -6.64 -26.15 -2.14
C PHE H 301 -5.81 -27.40 -2.37
N GLN H 302 -5.60 -28.16 -1.31
CA GLN H 302 -4.85 -29.41 -1.37
C GLN H 302 -5.78 -30.47 -0.80
N VAL H 303 -6.15 -31.45 -1.61
CA VAL H 303 -7.05 -32.50 -1.17
C VAL H 303 -6.47 -33.89 -1.42
N LEU H 304 -6.37 -34.68 -0.36
CA LEU H 304 -5.84 -36.03 -0.45
C LEU H 304 -6.94 -37.06 -0.48
N GLN H 305 -6.83 -38.02 -1.40
CA GLN H 305 -7.83 -39.07 -1.55
C GLN H 305 -7.29 -40.45 -1.17
N ARG H 306 -8.05 -41.14 -0.32
CA ARG H 306 -7.68 -42.48 0.14
C ARG H 306 -8.79 -43.47 -0.20
N LYS H 307 -8.40 -44.61 -0.76
CA LYS H 307 -9.37 -45.65 -1.10
C LYS H 307 -9.76 -46.32 0.22
N VAL H 308 -11.04 -46.38 0.51
CA VAL H 308 -11.49 -46.98 1.76
C VAL H 308 -12.44 -48.14 1.51
N GLU H 309 -12.36 -49.15 2.36
CA GLU H 309 -13.19 -50.34 2.26
C GLU H 309 -14.34 -50.30 3.26
N GLY H 310 -14.31 -49.31 4.16
CA GLY H 310 -15.37 -49.19 5.15
C GLY H 310 -15.13 -48.08 6.16
N PRO H 311 -16.06 -47.86 7.11
CA PRO H 311 -15.97 -46.83 8.14
C PRO H 311 -14.66 -46.87 8.92
N GLU H 312 -14.04 -48.05 8.98
CA GLU H 312 -12.79 -48.22 9.70
C GLU H 312 -11.64 -47.50 8.99
N ASP H 313 -11.49 -47.75 7.69
CA ASP H 313 -10.43 -47.14 6.92
C ASP H 313 -10.55 -45.62 6.95
N VAL H 314 -11.78 -45.12 7.01
CA VAL H 314 -12.02 -43.68 7.05
C VAL H 314 -11.39 -43.08 8.31
N LYS H 315 -11.68 -43.69 9.46
CA LYS H 315 -11.13 -43.23 10.73
C LYS H 315 -9.61 -43.25 10.70
N THR H 316 -9.06 -44.33 10.16
CA THR H 316 -7.62 -44.48 10.06
C THR H 316 -7.01 -43.36 9.22
N PHE H 317 -7.67 -43.06 8.10
CA PHE H 317 -7.19 -42.01 7.20
C PHE H 317 -7.27 -40.65 7.88
N GLU H 318 -8.36 -40.41 8.60
CA GLU H 318 -8.55 -39.16 9.31
C GLU H 318 -7.45 -38.95 10.35
N VAL H 319 -7.08 -40.02 11.05
CA VAL H 319 -6.05 -39.93 12.07
C VAL H 319 -4.68 -39.68 11.43
N GLU H 320 -4.38 -40.38 10.33
CA GLU H 320 -3.09 -40.21 9.65
C GLU H 320 -2.98 -38.78 9.13
N PHE H 321 -4.09 -38.24 8.63
CA PHE H 321 -4.10 -36.89 8.09
C PHE H 321 -3.72 -35.90 9.19
N GLU H 322 -4.39 -36.02 10.32
CA GLU H 322 -4.15 -35.15 11.47
C GLU H 322 -2.76 -35.29 12.08
N GLU H 323 -2.25 -36.51 12.14
CA GLU H 323 -0.94 -36.77 12.75
C GLU H 323 0.26 -36.79 11.82
N ARG H 324 0.04 -36.95 10.52
CA ARG H 324 1.18 -37.02 9.60
C ARG H 324 1.04 -36.32 8.24
N TRP H 325 0.12 -36.80 7.41
CA TRP H 325 -0.09 -36.27 6.07
C TRP H 325 -0.18 -34.74 5.93
N ARG H 326 -1.11 -34.13 6.65
CA ARG H 326 -1.30 -32.69 6.55
C ARG H 326 -0.05 -31.86 6.81
N ASP H 327 0.54 -31.99 8.00
CA ASP H 327 1.71 -31.21 8.33
C ASP H 327 3.04 -31.64 7.72
N ASP H 328 3.28 -32.93 7.59
CA ASP H 328 4.55 -33.40 7.02
C ASP H 328 4.60 -33.28 5.51
N ALA H 329 3.44 -33.40 4.85
CA ALA H 329 3.40 -33.31 3.39
C ALA H 329 2.74 -32.04 2.85
N LEU H 330 1.46 -31.84 3.14
CA LEU H 330 0.77 -30.66 2.63
C LEU H 330 1.52 -29.37 2.99
N HIS H 331 2.18 -29.38 4.15
CA HIS H 331 2.97 -28.24 4.57
C HIS H 331 4.45 -28.56 4.36
N GLY H 332 4.90 -29.65 5.00
CA GLY H 332 6.29 -30.08 4.91
C GLY H 332 6.84 -30.18 3.50
N PHE H 333 5.99 -30.55 2.56
CA PHE H 333 6.44 -30.69 1.18
C PHE H 333 6.03 -29.50 0.29
N ASN H 334 4.76 -29.13 0.32
CA ASN H 334 4.23 -28.07 -0.53
C ASN H 334 4.38 -26.61 -0.09
N ASP H 335 4.77 -26.35 1.15
CA ASP H 335 4.92 -24.98 1.60
C ASP H 335 5.82 -24.15 0.69
N ASP H 336 6.91 -24.76 0.20
CA ASP H 336 7.81 -24.04 -0.68
C ASP H 336 7.16 -23.61 -2.00
N ASP H 337 6.12 -24.31 -2.42
CA ASP H 337 5.43 -23.96 -3.67
C ASP H 337 4.74 -22.61 -3.53
N VAL H 338 4.43 -22.23 -2.29
CA VAL H 338 3.76 -20.96 -2.05
C VAL H 338 4.64 -19.78 -2.44
N TRP H 339 5.85 -19.71 -1.90
CA TRP H 339 6.71 -18.58 -2.24
C TRP H 339 7.29 -18.67 -3.65
N ALA H 340 7.27 -19.87 -4.23
CA ALA H 340 7.78 -20.05 -5.58
C ALA H 340 6.83 -19.37 -6.57
N ARG H 341 5.53 -19.47 -6.32
CA ARG H 341 4.52 -18.85 -7.17
C ARG H 341 4.59 -17.34 -7.00
N GLU H 342 4.69 -16.90 -5.75
CA GLU H 342 4.74 -15.48 -5.43
C GLU H 342 6.00 -14.83 -6.02
N ALA H 343 7.05 -15.61 -6.22
CA ALA H 343 8.29 -15.10 -6.80
C ALA H 343 8.15 -14.80 -8.29
N GLN H 344 7.11 -15.35 -8.93
CA GLN H 344 6.86 -15.14 -10.36
C GLN H 344 5.83 -14.04 -10.60
N GLN H 345 5.13 -13.63 -9.54
CA GLN H 345 4.09 -12.63 -9.63
C GLN H 345 4.47 -11.31 -10.29
N GLU H 346 5.62 -10.74 -9.92
CA GLU H 346 6.04 -9.47 -10.49
C GLU H 346 6.34 -9.62 -11.99
N PHE H 347 7.04 -10.68 -12.35
CA PHE H 347 7.41 -10.92 -13.74
C PHE H 347 6.20 -11.10 -14.65
N TYR H 348 5.31 -12.04 -14.29
CA TYR H 348 4.12 -12.31 -15.10
C TYR H 348 2.99 -11.30 -14.93
N GLY H 349 2.82 -10.78 -13.72
CA GLY H 349 1.74 -9.84 -13.48
C GLY H 349 2.03 -8.38 -13.75
N GLU H 350 3.30 -8.00 -13.85
CA GLU H 350 3.66 -6.61 -14.09
C GLU H 350 4.62 -6.37 -15.24
N ARG H 351 5.56 -7.29 -15.43
CA ARG H 351 6.57 -7.13 -16.49
C ARG H 351 6.32 -7.99 -17.72
N ASP H 352 5.04 -8.22 -18.04
CA ASP H 352 4.65 -9.00 -19.20
C ASP H 352 5.43 -10.31 -19.39
N GLY H 353 5.54 -11.07 -18.31
CA GLY H 353 6.25 -12.34 -18.37
C GLY H 353 5.66 -13.34 -19.34
N TRP H 354 4.39 -13.16 -19.70
CA TRP H 354 3.75 -14.09 -20.63
C TRP H 354 4.37 -13.99 -22.03
N SER H 355 5.06 -12.89 -22.29
CA SER H 355 5.71 -12.67 -23.58
C SER H 355 7.23 -12.78 -23.47
N LYS H 356 7.77 -12.49 -22.29
CA LYS H 356 9.22 -12.52 -22.09
C LYS H 356 9.80 -13.84 -21.60
N GLU H 357 8.94 -14.73 -21.07
CA GLU H 357 9.40 -16.02 -20.59
C GLU H 357 10.11 -16.78 -21.71
N GLN H 358 11.05 -17.63 -21.33
CA GLN H 358 11.77 -18.47 -22.30
C GLN H 358 11.65 -19.90 -21.81
N LEU H 359 10.74 -20.65 -22.43
CA LEU H 359 10.49 -22.02 -22.05
C LEU H 359 11.45 -23.02 -22.66
N PHE H 360 11.44 -24.24 -22.12
CA PHE H 360 12.25 -25.33 -22.64
C PHE H 360 11.36 -26.58 -22.69
N PRO H 361 11.77 -27.62 -23.45
CA PRO H 361 11.00 -28.86 -23.61
C PRO H 361 10.01 -29.31 -22.53
N PRO H 362 10.47 -29.54 -21.30
CA PRO H 362 9.53 -29.98 -20.26
C PRO H 362 8.26 -29.12 -20.14
N ASP H 363 8.39 -27.83 -20.42
CA ASP H 363 7.24 -26.90 -20.33
C ASP H 363 6.17 -27.15 -21.39
N MET H 364 6.45 -28.04 -22.34
CA MET H 364 5.46 -28.32 -23.38
C MET H 364 4.11 -28.76 -22.85
N CYS H 365 4.11 -29.47 -21.72
CA CYS H 365 2.84 -29.92 -21.14
C CYS H 365 2.05 -28.69 -20.69
N ILE H 366 2.75 -27.66 -20.22
CA ILE H 366 2.11 -26.43 -19.78
C ILE H 366 1.57 -25.71 -21.02
N VAL H 367 2.34 -25.75 -22.11
CA VAL H 367 1.92 -25.11 -23.36
C VAL H 367 0.64 -25.76 -23.86
N LYS H 368 0.58 -27.09 -23.78
CA LYS H 368 -0.61 -27.80 -24.22
C LYS H 368 -1.80 -27.45 -23.32
N TRP H 369 -1.54 -27.28 -22.03
CA TRP H 369 -2.59 -26.91 -21.09
C TRP H 369 -3.12 -25.52 -21.40
N ARG H 370 -2.22 -24.59 -21.68
CA ARG H 370 -2.62 -23.22 -21.98
C ARG H 370 -3.44 -23.18 -23.28
N THR H 371 -3.03 -24.00 -24.25
CA THR H 371 -3.72 -24.07 -25.54
C THR H 371 -5.11 -24.70 -25.39
N LEU H 372 -5.19 -25.78 -24.62
CA LEU H 372 -6.47 -26.44 -24.39
C LEU H 372 -7.41 -25.54 -23.60
N ALA H 373 -6.87 -24.87 -22.59
CA ALA H 373 -7.66 -23.99 -21.72
C ALA H 373 -8.18 -22.75 -22.45
N SER H 374 -7.34 -22.21 -23.34
CA SER H 374 -7.73 -21.03 -24.10
C SER H 374 -8.95 -21.34 -24.96
N GLU H 375 -9.00 -22.57 -25.46
CA GLU H 375 -10.10 -23.02 -26.31
C GLU H 375 -11.33 -23.49 -25.53
N ARG H 376 -11.10 -24.29 -24.49
CA ARG H 376 -12.20 -24.86 -23.73
C ARG H 376 -12.71 -24.20 -22.45
N GLY H 377 -11.97 -23.23 -21.91
CA GLY H 377 -12.46 -22.55 -20.72
C GLY H 377 -13.85 -22.09 -21.10
N ARG H 378 -14.86 -22.32 -20.26
CA ARG H 378 -16.22 -21.95 -20.62
C ARG H 378 -16.55 -20.47 -20.53
N GLY H 379 -15.66 -19.68 -19.96
CA GLY H 379 -15.92 -18.26 -19.86
C GLY H 379 -14.70 -17.51 -19.37
N VAL H 380 -14.50 -16.31 -19.91
CA VAL H 380 -13.36 -15.49 -19.52
C VAL H 380 -13.75 -14.38 -18.55
N ARG H 381 -13.12 -14.39 -17.39
CA ARG H 381 -13.35 -13.40 -16.35
C ARG H 381 -12.06 -12.59 -16.37
N ALA H 382 -12.10 -11.39 -16.94
CA ALA H 382 -10.92 -10.54 -17.04
C ALA H 382 -10.78 -9.58 -15.86
N SER I 16 12.08 27.90 -18.39
CA SER I 16 11.59 27.01 -17.30
C SER I 16 12.50 25.80 -17.12
N ALA I 17 11.99 24.79 -16.44
CA ALA I 17 12.73 23.55 -16.18
C ALA I 17 12.90 22.67 -17.41
N GLN I 18 11.78 22.34 -18.06
CA GLN I 18 11.82 21.47 -19.24
C GLN I 18 12.58 22.04 -20.42
N VAL I 19 12.93 23.31 -20.36
CA VAL I 19 13.67 23.94 -21.46
C VAL I 19 15.16 24.07 -21.11
N LYS I 20 15.45 24.15 -19.81
CA LYS I 20 16.83 24.30 -19.36
C LYS I 20 17.54 22.98 -19.07
N TRP I 21 16.84 22.06 -18.40
CA TRP I 21 17.43 20.78 -18.05
C TRP I 21 16.44 19.62 -18.20
N PRO I 22 15.90 19.44 -19.42
CA PRO I 22 14.94 18.38 -19.74
C PRO I 22 15.40 16.95 -19.46
N ARG I 23 16.61 16.61 -19.87
CA ARG I 23 17.11 15.27 -19.66
C ARG I 23 17.27 14.94 -18.18
N TYR I 24 17.48 15.97 -17.37
CA TYR I 24 17.62 15.80 -15.93
C TYR I 24 16.25 15.50 -15.30
N LEU I 25 15.21 16.13 -15.83
CA LEU I 25 13.86 15.90 -15.31
C LEU I 25 13.36 14.53 -15.75
N GLU I 26 13.85 14.06 -16.89
CA GLU I 26 13.46 12.76 -17.43
C GLU I 26 14.17 11.58 -16.76
N ALA I 27 15.37 11.82 -16.26
CA ALA I 27 16.16 10.77 -15.61
C ALA I 27 15.65 10.44 -14.21
N THR I 28 14.38 10.05 -14.13
CA THR I 28 13.75 9.71 -12.86
C THR I 28 14.41 8.49 -12.22
N LEU I 29 14.89 7.58 -13.05
CA LEU I 29 15.53 6.36 -12.56
C LEU I 29 17.05 6.48 -12.66
N GLY I 30 17.53 7.71 -12.83
CA GLY I 30 18.97 7.96 -12.90
C GLY I 30 19.61 8.00 -14.28
N PHE I 31 20.91 8.31 -14.29
CA PHE I 31 21.69 8.37 -15.51
C PHE I 31 22.44 7.04 -15.65
N ASP I 32 22.20 6.33 -16.75
CA ASP I 32 22.91 5.07 -16.97
C ASP I 32 24.12 5.28 -17.89
N ASN I 33 24.83 4.20 -18.19
CA ASN I 33 26.06 4.28 -18.98
C ASN I 33 27.05 5.01 -18.06
N HIS I 34 26.95 4.70 -16.78
CA HIS I 34 27.79 5.28 -15.74
C HIS I 34 28.08 4.21 -14.70
N TRP I 35 29.19 4.38 -13.97
CA TRP I 35 29.53 3.46 -12.90
C TRP I 35 28.77 3.94 -11.67
N HIS I 36 28.23 2.99 -10.89
CA HIS I 36 27.51 3.32 -9.67
C HIS I 36 27.89 2.33 -8.57
N PRO I 37 28.08 2.82 -7.34
CA PRO I 37 28.45 1.92 -6.25
C PRO I 37 27.27 1.01 -5.92
N ALA I 38 27.53 -0.27 -5.67
CA ALA I 38 26.48 -1.23 -5.36
C ALA I 38 26.56 -1.71 -3.91
N ALA I 39 27.78 -1.81 -3.39
CA ALA I 39 28.01 -2.28 -2.03
C ALA I 39 29.47 -2.13 -1.66
N PHE I 40 29.80 -2.51 -0.43
CA PHE I 40 31.18 -2.44 0.03
C PHE I 40 31.81 -3.82 -0.14
N ASP I 41 33.06 -3.84 -0.57
CA ASP I 41 33.79 -5.08 -0.81
C ASP I 41 33.71 -6.08 0.36
N HIS I 42 33.83 -5.57 1.58
CA HIS I 42 33.80 -6.41 2.77
C HIS I 42 32.45 -7.06 3.06
N GLU I 43 31.44 -6.79 2.23
CA GLU I 43 30.12 -7.38 2.40
C GLU I 43 30.08 -8.72 1.69
N LEU I 44 31.10 -9.00 0.89
CA LEU I 44 31.14 -10.23 0.11
C LEU I 44 32.33 -11.16 0.35
N ALA I 45 32.06 -12.29 1.01
CA ALA I 45 33.08 -13.30 1.25
C ALA I 45 32.93 -14.29 0.11
N GLU I 46 33.97 -15.08 -0.14
CA GLU I 46 33.93 -16.07 -1.20
C GLU I 46 32.65 -16.92 -1.15
N GLY I 47 31.95 -17.01 -2.29
CA GLY I 47 30.73 -17.79 -2.35
C GLY I 47 29.51 -17.14 -1.72
N GLU I 48 29.65 -15.92 -1.23
CA GLU I 48 28.54 -15.22 -0.61
C GLU I 48 27.72 -14.47 -1.67
N PHE I 49 26.49 -14.12 -1.33
CA PHE I 49 25.62 -13.40 -2.25
C PHE I 49 25.03 -12.13 -1.63
N VAL I 50 24.89 -11.10 -2.45
CA VAL I 50 24.31 -9.83 -2.02
C VAL I 50 23.39 -9.34 -3.13
N ALA I 51 22.14 -9.06 -2.77
CA ALA I 51 21.16 -8.58 -3.74
C ALA I 51 21.01 -7.07 -3.63
N VAL I 52 21.04 -6.40 -4.78
CA VAL I 52 20.90 -4.95 -4.80
C VAL I 52 20.02 -4.56 -5.99
N THR I 53 19.40 -3.38 -5.90
CA THR I 53 18.55 -2.89 -6.97
C THR I 53 19.14 -1.54 -7.40
N MET I 54 19.58 -1.46 -8.65
CA MET I 54 20.20 -0.25 -9.17
C MET I 54 19.49 0.26 -10.42
N LEU I 55 19.07 1.52 -10.36
CA LEU I 55 18.37 2.15 -11.47
C LEU I 55 17.28 1.24 -12.03
N GLY I 56 16.51 0.65 -11.13
CA GLY I 56 15.43 -0.23 -11.54
C GLY I 56 15.79 -1.68 -11.83
N GLU I 57 17.07 -1.99 -11.92
CA GLU I 57 17.50 -3.35 -12.21
C GLU I 57 17.93 -4.13 -10.96
N LYS I 58 17.45 -5.36 -10.83
CA LYS I 58 17.82 -6.20 -9.71
C LYS I 58 19.13 -6.88 -10.09
N VAL I 59 20.16 -6.68 -9.29
CA VAL I 59 21.46 -7.26 -9.57
C VAL I 59 21.89 -8.23 -8.48
N LEU I 60 22.50 -9.34 -8.88
CA LEU I 60 22.98 -10.33 -7.92
C LEU I 60 24.50 -10.27 -7.88
N LEU I 61 25.04 -10.03 -6.69
CA LEU I 61 26.48 -9.97 -6.53
C LEU I 61 26.98 -11.20 -5.78
N THR I 62 28.17 -11.65 -6.13
CA THR I 62 28.77 -12.79 -5.46
C THR I 62 30.28 -12.70 -5.68
N ARG I 63 31.03 -13.49 -4.92
CA ARG I 63 32.48 -13.50 -5.09
C ARG I 63 32.85 -14.89 -5.57
N ALA I 64 33.38 -14.98 -6.79
CA ALA I 64 33.78 -16.25 -7.36
C ALA I 64 35.29 -16.26 -7.54
N LYS I 65 35.94 -17.23 -6.90
CA LYS I 65 37.39 -17.36 -6.99
C LYS I 65 38.07 -16.02 -6.69
N GLY I 66 37.62 -15.38 -5.61
CA GLY I 66 38.20 -14.11 -5.20
C GLY I 66 37.67 -12.87 -5.93
N GLU I 67 37.04 -13.09 -7.08
CA GLU I 67 36.52 -11.98 -7.89
C GLU I 67 35.02 -11.71 -7.67
N VAL I 68 34.68 -10.43 -7.50
CA VAL I 68 33.29 -10.03 -7.33
C VAL I 68 32.63 -9.99 -8.71
N LYS I 69 31.51 -10.69 -8.85
CA LYS I 69 30.79 -10.74 -10.12
C LYS I 69 29.38 -10.19 -9.96
N ALA I 70 28.83 -9.64 -11.03
CA ALA I 70 27.49 -9.08 -11.00
C ALA I 70 26.67 -9.64 -12.17
N ILE I 71 25.50 -10.19 -11.87
CA ILE I 71 24.64 -10.75 -12.89
C ILE I 71 23.19 -10.36 -12.60
N ALA I 72 22.39 -10.22 -13.66
CA ALA I 72 20.99 -9.85 -13.50
C ALA I 72 20.32 -10.80 -12.52
N ASP I 73 19.62 -10.24 -11.54
CA ASP I 73 18.93 -11.07 -10.55
C ASP I 73 17.56 -11.47 -11.05
N GLY I 74 17.54 -12.20 -12.17
CA GLY I 74 16.30 -12.67 -12.77
C GLY I 74 16.59 -13.80 -13.75
N CYS I 75 15.94 -14.94 -13.56
CA CYS I 75 16.14 -16.08 -14.44
C CYS I 75 15.48 -15.85 -15.78
N ALA I 76 16.09 -16.37 -16.84
CA ALA I 76 15.56 -16.23 -18.19
C ALA I 76 14.34 -17.12 -18.40
N HIS I 77 14.28 -18.21 -17.66
CA HIS I 77 13.18 -19.16 -17.78
C HIS I 77 11.79 -18.61 -17.43
N ARG I 78 11.56 -18.34 -16.15
CA ARG I 78 10.27 -17.82 -15.72
C ARG I 78 10.45 -16.51 -14.93
N GLY I 79 11.61 -15.88 -15.11
CA GLY I 79 11.90 -14.60 -14.48
C GLY I 79 12.01 -14.42 -12.98
N VAL I 80 12.18 -15.51 -12.23
CA VAL I 80 12.29 -15.38 -10.77
C VAL I 80 13.67 -14.83 -10.34
N PRO I 81 13.72 -14.17 -9.18
CA PRO I 81 14.98 -13.63 -8.69
C PRO I 81 15.80 -14.76 -8.06
N PHE I 82 17.08 -14.84 -8.41
CA PHE I 82 17.94 -15.89 -7.84
C PHE I 82 18.08 -15.64 -6.34
N SER I 83 18.07 -14.36 -5.94
CA SER I 83 18.23 -13.98 -4.55
C SER I 83 17.23 -14.62 -3.59
N LYS I 84 16.13 -15.13 -4.12
CA LYS I 84 15.13 -15.79 -3.27
C LYS I 84 15.84 -16.96 -2.58
N GLU I 85 16.73 -17.62 -3.33
CA GLU I 85 17.50 -18.75 -2.84
C GLU I 85 18.67 -18.95 -3.80
N PRO I 86 19.71 -18.11 -3.68
CA PRO I 86 20.88 -18.22 -4.55
C PRO I 86 21.59 -19.55 -4.37
N LEU I 87 21.95 -20.16 -5.48
CA LEU I 87 22.64 -21.45 -5.46
C LEU I 87 23.90 -21.45 -6.30
N CYS I 88 24.91 -22.17 -5.81
CA CYS I 88 26.19 -22.28 -6.53
C CYS I 88 26.79 -23.67 -6.33
N PHE I 89 26.83 -24.44 -7.40
CA PHE I 89 27.38 -25.80 -7.36
C PHE I 89 28.75 -25.85 -8.04
N LYS I 90 29.24 -24.67 -8.42
CA LYS I 90 30.55 -24.56 -9.06
C LYS I 90 30.93 -23.08 -9.11
N ALA I 91 32.00 -22.72 -8.39
CA ALA I 91 32.44 -21.33 -8.37
C ALA I 91 32.57 -20.85 -9.81
N GLY I 92 32.01 -19.68 -10.09
CA GLY I 92 32.07 -19.15 -11.44
C GLY I 92 30.74 -19.30 -12.16
N THR I 93 29.77 -19.92 -11.48
CA THR I 93 28.43 -20.12 -12.03
C THR I 93 27.39 -19.90 -10.95
N VAL I 94 26.13 -19.82 -11.37
CA VAL I 94 25.01 -19.64 -10.45
C VAL I 94 23.87 -20.49 -11.01
N SER I 95 23.14 -21.15 -10.13
CA SER I 95 22.03 -22.01 -10.56
C SER I 95 20.72 -21.52 -9.95
N CYS I 96 19.68 -21.43 -10.78
CA CYS I 96 18.38 -21.00 -10.31
C CYS I 96 17.81 -22.04 -9.36
N TRP I 97 17.12 -21.58 -8.33
CA TRP I 97 16.53 -22.47 -7.35
C TRP I 97 15.27 -23.19 -7.83
N TYR I 98 14.67 -22.68 -8.91
CA TYR I 98 13.43 -23.26 -9.42
C TYR I 98 13.56 -24.50 -10.30
N HIS I 99 14.18 -24.36 -11.48
CA HIS I 99 14.36 -25.51 -12.37
C HIS I 99 15.84 -25.80 -12.63
N GLY I 100 16.70 -25.21 -11.80
CA GLY I 100 18.13 -25.45 -11.93
C GLY I 100 18.88 -24.93 -13.15
N TRP I 101 18.35 -23.91 -13.82
CA TRP I 101 19.06 -23.35 -14.98
C TRP I 101 20.35 -22.76 -14.41
N THR I 102 21.48 -23.12 -15.00
CA THR I 102 22.78 -22.67 -14.50
C THR I 102 23.50 -21.75 -15.47
N TYR I 103 23.93 -20.59 -14.98
CA TYR I 103 24.61 -19.62 -15.82
C TYR I 103 26.08 -19.36 -15.49
N ASP I 104 26.83 -19.00 -16.53
CA ASP I 104 28.25 -18.68 -16.43
C ASP I 104 28.32 -17.20 -16.02
N LEU I 105 28.92 -16.92 -14.87
CA LEU I 105 29.02 -15.53 -14.40
C LEU I 105 29.85 -14.62 -15.29
N ASP I 106 30.75 -15.19 -16.09
CA ASP I 106 31.59 -14.38 -16.96
C ASP I 106 30.84 -13.77 -18.15
N ASP I 107 29.89 -14.51 -18.71
CA ASP I 107 29.12 -13.99 -19.84
C ASP I 107 27.60 -14.11 -19.70
N GLY I 108 27.15 -14.59 -18.54
CA GLY I 108 25.72 -14.72 -18.30
C GLY I 108 25.04 -15.75 -19.18
N ARG I 109 25.83 -16.59 -19.84
CA ARG I 109 25.30 -17.63 -20.73
C ARG I 109 24.80 -18.86 -19.98
N LEU I 110 23.71 -19.44 -20.49
CA LEU I 110 23.17 -20.65 -19.89
C LEU I 110 24.09 -21.79 -20.33
N VAL I 111 24.84 -22.35 -19.39
CA VAL I 111 25.77 -23.42 -19.72
C VAL I 111 25.28 -24.81 -19.33
N ASP I 112 24.17 -24.88 -18.60
CA ASP I 112 23.63 -26.17 -18.19
C ASP I 112 22.26 -26.04 -17.54
N VAL I 113 21.58 -27.18 -17.40
CA VAL I 113 20.26 -27.25 -16.76
C VAL I 113 20.29 -28.51 -15.92
N LEU I 114 20.42 -28.32 -14.60
CA LEU I 114 20.48 -29.44 -13.66
C LEU I 114 19.33 -30.44 -13.76
N THR I 115 18.13 -29.97 -14.10
CA THR I 115 16.97 -30.86 -14.20
C THR I 115 16.75 -31.43 -15.60
N SER I 116 17.64 -31.10 -16.53
CA SER I 116 17.50 -31.59 -17.90
C SER I 116 18.83 -31.55 -18.66
N PRO I 117 19.74 -32.46 -18.34
CA PRO I 117 21.04 -32.50 -19.02
C PRO I 117 20.91 -32.65 -20.52
N GLY I 118 21.71 -31.90 -21.28
CA GLY I 118 21.67 -31.98 -22.73
C GLY I 118 20.46 -31.27 -23.32
N SER I 119 19.75 -30.50 -22.51
CA SER I 119 18.58 -29.78 -23.00
C SER I 119 19.00 -28.90 -24.17
N PRO I 120 18.19 -28.89 -25.24
CA PRO I 120 18.52 -28.08 -26.42
C PRO I 120 18.62 -26.56 -26.21
N VAL I 121 18.09 -26.05 -25.10
CA VAL I 121 18.16 -24.61 -24.85
C VAL I 121 19.54 -24.17 -24.35
N ILE I 122 20.33 -25.13 -23.88
CA ILE I 122 21.66 -24.83 -23.38
C ILE I 122 22.51 -24.18 -24.48
N GLY I 123 23.14 -23.06 -24.15
CA GLY I 123 23.97 -22.37 -25.11
C GLY I 123 23.20 -21.45 -26.05
N LYS I 124 21.87 -21.50 -25.98
CA LYS I 124 21.03 -20.67 -26.84
C LYS I 124 20.32 -19.58 -26.05
N ILE I 125 20.65 -19.46 -24.77
CA ILE I 125 20.03 -18.47 -23.90
C ILE I 125 21.06 -17.81 -22.97
N GLY I 126 20.76 -16.57 -22.58
CA GLY I 126 21.66 -15.86 -21.68
C GLY I 126 21.03 -14.63 -21.06
N ILE I 127 21.57 -14.22 -19.92
CA ILE I 127 21.06 -13.03 -19.24
C ILE I 127 22.21 -12.04 -19.11
N LYS I 128 21.92 -10.82 -18.67
CA LYS I 128 22.96 -9.81 -18.56
C LYS I 128 23.90 -9.91 -17.37
N VAL I 129 25.18 -9.67 -17.64
CA VAL I 129 26.20 -9.65 -16.60
C VAL I 129 26.72 -8.22 -16.65
N TYR I 130 27.17 -7.70 -15.53
CA TYR I 130 27.65 -6.33 -15.50
C TYR I 130 29.12 -6.21 -15.16
N PRO I 131 29.80 -5.24 -15.78
CA PRO I 131 31.23 -5.04 -15.51
C PRO I 131 31.34 -4.61 -14.05
N VAL I 132 32.34 -5.13 -13.36
CA VAL I 132 32.53 -4.79 -11.96
C VAL I 132 33.94 -4.34 -11.69
N GLN I 133 34.09 -3.28 -10.90
CA GLN I 133 35.40 -2.81 -10.52
C GLN I 133 35.33 -2.41 -9.05
N VAL I 134 36.22 -3.00 -8.26
CA VAL I 134 36.28 -2.69 -6.84
C VAL I 134 37.41 -1.71 -6.62
N ALA I 135 37.10 -0.57 -6.02
CA ALA I 135 38.10 0.45 -5.75
C ALA I 135 37.85 1.10 -4.40
N GLN I 136 38.90 1.21 -3.59
CA GLN I 136 38.81 1.83 -2.27
C GLN I 136 37.82 1.11 -1.36
N GLY I 137 37.65 -0.20 -1.54
CA GLY I 137 36.73 -0.96 -0.73
C GLY I 137 35.28 -0.83 -1.17
N VAL I 138 35.06 -0.22 -2.33
CA VAL I 138 33.71 -0.06 -2.85
C VAL I 138 33.53 -0.88 -4.12
N VAL I 139 32.39 -1.57 -4.22
CA VAL I 139 32.10 -2.37 -5.39
C VAL I 139 31.27 -1.52 -6.35
N PHE I 140 31.85 -1.22 -7.50
CA PHE I 140 31.17 -0.40 -8.49
C PHE I 140 30.67 -1.28 -9.64
N VAL I 141 29.45 -1.02 -10.09
CA VAL I 141 28.87 -1.78 -11.18
C VAL I 141 28.54 -0.81 -12.30
N PHE I 142 28.92 -1.16 -13.52
CA PHE I 142 28.64 -0.29 -14.65
C PHE I 142 27.24 -0.61 -15.21
N ILE I 143 26.31 0.30 -15.00
CA ILE I 143 24.93 0.14 -15.46
C ILE I 143 24.77 0.85 -16.81
N GLY I 144 24.26 0.13 -17.82
CA GLY I 144 24.06 0.74 -19.12
C GLY I 144 24.25 -0.23 -20.28
N ASP I 145 23.91 0.22 -21.49
CA ASP I 145 24.04 -0.61 -22.69
C ASP I 145 25.46 -0.61 -23.27
N GLU I 146 26.17 0.50 -23.09
CA GLU I 146 27.51 0.62 -23.63
C GLU I 146 28.60 -0.10 -22.85
N GLU I 147 29.77 -0.20 -23.47
CA GLU I 147 30.93 -0.82 -22.83
C GLU I 147 31.36 0.17 -21.76
N PRO I 148 31.99 -0.31 -20.69
CA PRO I 148 32.41 0.62 -19.64
C PRO I 148 33.61 1.51 -19.99
N HIS I 149 33.59 2.73 -19.47
CA HIS I 149 34.70 3.66 -19.67
C HIS I 149 35.46 3.66 -18.33
N ALA I 150 36.52 4.46 -18.23
CA ALA I 150 37.32 4.50 -17.00
C ALA I 150 36.47 4.90 -15.79
N LEU I 151 36.65 4.18 -14.68
CA LEU I 151 35.91 4.44 -13.44
C LEU I 151 36.11 5.85 -12.90
N SER I 152 37.34 6.35 -12.95
CA SER I 152 37.65 7.69 -12.45
C SER I 152 36.77 8.76 -13.09
N GLU I 153 36.29 8.50 -14.31
CA GLU I 153 35.43 9.46 -14.99
C GLU I 153 34.08 9.65 -14.32
N ASP I 154 33.71 8.73 -13.43
CA ASP I 154 32.44 8.79 -12.71
C ASP I 154 32.61 9.05 -11.22
N LEU I 155 33.76 9.57 -10.82
CA LEU I 155 34.05 9.86 -9.43
C LEU I 155 34.62 11.26 -9.24
N PRO I 156 34.38 11.88 -8.07
CA PRO I 156 34.91 13.22 -7.84
C PRO I 156 36.43 13.14 -7.78
N PRO I 157 37.13 14.24 -8.08
CA PRO I 157 38.59 14.23 -8.03
C PRO I 157 39.11 13.85 -6.65
N GLY I 158 40.16 13.03 -6.61
CA GLY I 158 40.75 12.62 -5.35
C GLY I 158 40.25 11.32 -4.74
N PHE I 159 39.08 10.87 -5.15
CA PHE I 159 38.50 9.65 -4.62
C PHE I 159 39.39 8.42 -4.77
N LEU I 160 40.08 8.30 -5.91
CA LEU I 160 40.93 7.15 -6.16
C LEU I 160 42.39 7.32 -5.69
N ASP I 161 42.69 8.42 -5.00
CA ASP I 161 44.05 8.65 -4.52
C ASP I 161 44.61 7.43 -3.77
N GLU I 162 45.75 6.96 -4.24
CA GLU I 162 46.39 5.77 -3.65
C GLU I 162 46.86 5.94 -2.22
N ASP I 163 47.36 7.13 -1.87
CA ASP I 163 47.88 7.39 -0.54
C ASP I 163 46.79 7.72 0.49
N THR I 164 45.64 7.05 0.38
CA THR I 164 44.54 7.27 1.31
C THR I 164 43.77 5.99 1.54
N HIS I 165 42.88 6.01 2.51
CA HIS I 165 42.06 4.85 2.82
C HIS I 165 40.65 5.40 2.98
N LEU I 166 39.66 4.63 2.54
CA LEU I 166 38.27 5.06 2.64
C LEU I 166 37.42 4.03 3.37
N LEU I 167 36.46 4.52 4.14
CA LEU I 167 35.55 3.68 4.90
C LEU I 167 34.17 4.32 4.81
N GLY I 168 33.13 3.50 4.67
CA GLY I 168 31.81 4.07 4.58
C GLY I 168 30.68 3.09 4.81
N ILE I 169 29.45 3.60 4.74
CA ILE I 169 28.25 2.80 4.92
C ILE I 169 27.23 3.19 3.86
N ARG I 170 26.15 2.42 3.77
CA ARG I 170 25.10 2.69 2.81
C ARG I 170 23.77 2.37 3.47
N ARG I 171 22.71 3.04 3.01
CA ARG I 171 21.38 2.82 3.57
C ARG I 171 20.36 3.23 2.51
N THR I 172 19.12 2.82 2.72
CA THR I 172 18.07 3.16 1.77
C THR I 172 17.33 4.42 2.22
N VAL I 173 16.92 5.22 1.25
CA VAL I 173 16.19 6.45 1.54
C VAL I 173 14.94 6.48 0.66
N GLN I 174 13.81 6.79 1.26
CA GLN I 174 12.55 6.83 0.53
C GLN I 174 12.32 8.14 -0.23
N SER I 175 13.20 8.46 -1.17
CA SER I 175 13.03 9.66 -1.98
C SER I 175 13.75 9.45 -3.31
N ASN I 176 13.31 10.17 -4.33
CA ASN I 176 13.95 10.07 -5.63
C ASN I 176 15.41 10.48 -5.44
N TRP I 177 16.31 9.85 -6.18
CA TRP I 177 17.74 10.13 -6.07
C TRP I 177 18.15 11.60 -6.20
N ARG I 178 17.45 12.35 -7.05
CA ARG I 178 17.78 13.76 -7.28
C ARG I 178 17.60 14.62 -6.02
N LEU I 179 16.64 14.24 -5.18
CA LEU I 179 16.39 14.99 -3.96
C LEU I 179 17.55 14.75 -2.99
N GLY I 180 18.21 13.61 -3.17
CA GLY I 180 19.35 13.29 -2.33
C GLY I 180 20.53 14.16 -2.76
N VAL I 181 20.85 14.11 -4.05
CA VAL I 181 21.94 14.90 -4.62
C VAL I 181 21.81 16.38 -4.28
N GLU I 182 20.61 16.92 -4.47
CA GLU I 182 20.35 18.33 -4.20
C GLU I 182 20.31 18.65 -2.71
N ASN I 183 20.17 17.63 -1.88
CA ASN I 183 20.17 17.82 -0.43
C ASN I 183 21.62 17.92 0.01
N GLY I 184 22.50 17.18 -0.67
CA GLY I 184 23.91 17.22 -0.34
C GLY I 184 24.57 18.46 -0.88
N PHE I 185 24.25 18.82 -2.13
CA PHE I 185 24.81 19.99 -2.80
C PHE I 185 23.92 21.21 -2.56
N ASP I 186 23.70 21.53 -1.28
CA ASP I 186 22.85 22.65 -0.88
C ASP I 186 23.60 23.41 0.23
N THR I 187 23.97 24.65 -0.04
CA THR I 187 24.76 25.43 0.92
C THR I 187 24.03 26.14 2.06
N THR I 188 22.70 26.12 2.07
CA THR I 188 21.98 26.78 3.15
C THR I 188 21.10 25.81 3.96
N HIS I 189 20.98 24.57 3.49
CA HIS I 189 20.16 23.61 4.22
C HIS I 189 20.80 23.24 5.56
N ILE I 190 22.11 23.42 5.66
CA ILE I 190 22.85 23.08 6.86
C ILE I 190 22.24 23.72 8.12
N PHE I 191 21.33 24.67 7.90
CA PHE I 191 20.63 25.34 8.98
C PHE I 191 19.96 24.27 9.85
N MET I 192 19.40 23.26 9.21
CA MET I 192 18.70 22.17 9.90
C MET I 192 19.61 21.27 10.74
N HIS I 193 20.92 21.38 10.54
CA HIS I 193 21.87 20.57 11.29
C HIS I 193 22.41 21.34 12.50
N ARG I 194 21.96 22.58 12.68
CA ARG I 194 22.44 23.42 13.78
C ARG I 194 22.46 22.77 15.16
N ASN I 195 21.48 21.92 15.46
CA ASN I 195 21.45 21.29 16.76
C ASN I 195 21.98 19.86 16.79
N SER I 196 22.71 19.47 15.75
CA SER I 196 23.28 18.14 15.71
C SER I 196 24.34 18.05 16.82
N PRO I 197 24.32 16.98 17.62
CA PRO I 197 25.32 16.86 18.69
C PRO I 197 26.75 16.85 18.16
N TRP I 198 26.91 16.63 16.86
CA TRP I 198 28.24 16.60 16.26
C TRP I 198 28.83 18.00 16.16
N VAL I 199 27.96 19.01 16.09
CA VAL I 199 28.43 20.38 15.99
C VAL I 199 29.28 20.78 17.21
N SER I 200 28.74 20.61 18.40
CA SER I 200 29.51 20.92 19.61
C SER I 200 30.38 19.71 19.93
N GLY I 201 29.88 18.53 19.58
CA GLY I 201 30.60 17.30 19.84
C GLY I 201 32.02 17.29 19.26
N ASN I 202 32.20 17.96 18.13
CA ASN I 202 33.52 18.02 17.50
C ASN I 202 33.97 19.48 17.37
N ARG I 203 33.47 20.31 18.29
CA ARG I 203 33.82 21.73 18.34
C ARG I 203 33.91 22.37 16.95
N LEU I 204 32.85 22.20 16.16
CA LEU I 204 32.84 22.76 14.82
C LEU I 204 32.44 24.22 14.76
N ALA I 205 33.02 24.92 13.79
CA ALA I 205 32.68 26.31 13.54
C ALA I 205 31.68 26.09 12.40
N PHE I 206 30.43 25.80 12.77
CA PHE I 206 29.39 25.52 11.78
C PHE I 206 28.36 26.63 11.69
N PRO I 207 28.30 27.33 10.54
CA PRO I 207 27.34 28.41 10.33
C PRO I 207 25.94 27.88 10.01
N TYR I 208 24.96 28.77 9.97
CA TYR I 208 23.58 28.38 9.66
C TYR I 208 23.40 28.28 8.15
N GLY I 209 24.36 28.82 7.41
CA GLY I 209 24.31 28.78 5.96
C GLY I 209 25.48 29.48 5.28
N PHE I 210 25.61 29.23 3.98
CA PHE I 210 26.66 29.82 3.16
C PHE I 210 26.00 30.53 1.97
N VAL I 211 26.25 31.82 1.85
CA VAL I 211 25.68 32.62 0.76
C VAL I 211 26.75 33.04 -0.25
N PRO I 212 26.53 32.78 -1.55
CA PRO I 212 27.51 33.17 -2.56
C PRO I 212 27.85 34.66 -2.39
N ALA I 213 29.15 34.96 -2.24
CA ALA I 213 29.58 36.33 -2.03
C ALA I 213 30.02 37.07 -3.29
N ASP I 214 30.58 36.34 -4.26
CA ASP I 214 31.01 36.98 -5.50
C ASP I 214 30.84 36.10 -6.73
N ARG I 215 31.27 36.63 -7.87
CA ARG I 215 31.17 35.94 -9.15
C ARG I 215 31.97 34.64 -9.26
N ASP I 216 33.00 34.48 -8.42
CA ASP I 216 33.81 33.27 -8.45
C ASP I 216 33.38 32.21 -7.44
N ALA I 217 32.22 32.40 -6.82
CA ALA I 217 31.72 31.45 -5.82
C ALA I 217 31.51 30.05 -6.37
N MET I 218 31.05 29.95 -7.61
CA MET I 218 30.79 28.66 -8.24
C MET I 218 31.58 28.46 -9.53
N GLN I 219 31.99 27.23 -9.78
CA GLN I 219 32.74 26.92 -10.98
C GLN I 219 32.30 25.59 -11.59
N VAL I 220 32.02 25.63 -12.88
CA VAL I 220 31.57 24.44 -13.61
C VAL I 220 32.72 23.81 -14.38
N TYR I 221 32.87 22.50 -14.26
CA TYR I 221 33.90 21.77 -14.98
C TYR I 221 33.18 20.87 -15.98
N ASP I 222 33.07 21.34 -17.22
CA ASP I 222 32.39 20.58 -18.27
C ASP I 222 33.28 20.05 -19.38
N GLU I 223 34.60 20.25 -19.26
CA GLU I 223 35.51 19.74 -20.28
C GLU I 223 36.29 18.53 -19.76
N ASN I 224 36.17 17.42 -20.49
CA ASN I 224 36.81 16.17 -20.11
C ASN I 224 36.09 15.66 -18.86
N TRP I 225 36.58 14.56 -18.29
CA TRP I 225 35.96 13.99 -17.10
C TRP I 225 36.95 13.95 -15.94
N PRO I 226 36.43 13.99 -14.69
CA PRO I 226 35.02 14.07 -14.33
C PRO I 226 34.45 15.47 -14.53
N LYS I 227 33.12 15.56 -14.62
CA LYS I 227 32.44 16.84 -14.81
C LYS I 227 31.58 17.13 -13.58
N GLY I 228 31.55 18.38 -13.16
CA GLY I 228 30.76 18.76 -12.01
C GLY I 228 30.76 20.24 -11.70
N VAL I 229 30.23 20.59 -10.53
CA VAL I 229 30.16 21.98 -10.10
C VAL I 229 30.82 22.08 -8.72
N LEU I 230 31.57 23.15 -8.50
CA LEU I 230 32.27 23.36 -7.23
C LEU I 230 31.84 24.64 -6.55
N ASP I 231 31.55 24.57 -5.27
CA ASP I 231 31.18 25.76 -4.50
C ASP I 231 32.38 26.11 -3.62
N ARG I 232 32.99 27.27 -3.87
CA ARG I 232 34.14 27.69 -3.08
C ARG I 232 33.64 28.39 -1.83
N LEU I 233 33.23 27.59 -0.86
CA LEU I 233 32.69 28.10 0.40
C LEU I 233 33.65 28.97 1.21
N SER I 234 34.86 28.48 1.46
CA SER I 234 35.82 29.23 2.25
C SER I 234 36.36 30.48 1.54
N GLU I 235 36.49 30.43 0.22
CA GLU I 235 37.04 31.57 -0.51
C GLU I 235 36.04 32.60 -1.04
N ASN I 236 34.87 32.18 -1.47
CA ASN I 236 33.91 33.13 -2.03
C ASN I 236 32.49 33.12 -1.51
N TYR I 237 32.28 32.57 -0.32
CA TYR I 237 30.94 32.54 0.27
C TYR I 237 30.99 33.29 1.60
N MET I 238 29.84 33.78 2.03
CA MET I 238 29.75 34.47 3.30
C MET I 238 29.02 33.56 4.28
N PRO I 239 29.71 33.14 5.36
CA PRO I 239 29.05 32.26 6.32
C PRO I 239 28.11 33.09 7.18
N VAL I 240 26.96 32.51 7.54
CA VAL I 240 25.98 33.18 8.38
C VAL I 240 26.02 32.54 9.77
N PHE I 241 26.76 33.17 10.67
CA PHE I 241 26.92 32.67 12.02
C PHE I 241 25.92 33.25 13.00
N GLU I 242 25.09 34.17 12.51
CA GLU I 242 24.06 34.79 13.35
C GLU I 242 22.81 35.07 12.54
N ALA I 243 21.68 34.53 13.00
CA ALA I 243 20.42 34.72 12.32
C ALA I 243 19.65 35.86 12.96
N THR I 244 19.16 36.78 12.14
CA THR I 244 18.42 37.92 12.63
C THR I 244 16.97 37.91 12.15
N LEU I 245 16.08 38.45 12.97
CA LEU I 245 14.67 38.51 12.63
C LEU I 245 14.07 39.77 13.26
N ASP I 246 13.61 40.68 12.40
CA ASP I 246 13.01 41.93 12.85
C ASP I 246 13.86 42.65 13.90
N GLY I 247 15.09 42.99 13.54
CA GLY I 247 15.99 43.70 14.43
C GLY I 247 16.58 42.94 15.59
N GLU I 248 16.23 41.66 15.74
CA GLU I 248 16.75 40.85 16.83
C GLU I 248 17.51 39.63 16.36
N THR I 249 18.60 39.31 17.06
CA THR I 249 19.39 38.13 16.75
C THR I 249 18.69 37.00 17.50
N VAL I 250 18.08 36.08 16.76
CA VAL I 250 17.35 34.98 17.38
C VAL I 250 18.14 33.68 17.42
N LEU I 251 19.30 33.67 16.77
CA LEU I 251 20.12 32.48 16.73
C LEU I 251 21.58 32.88 16.58
N SER I 252 22.45 32.32 17.42
CA SER I 252 23.86 32.64 17.34
C SER I 252 24.73 31.42 17.57
N ALA I 253 25.46 31.02 16.53
CA ALA I 253 26.34 29.87 16.63
C ALA I 253 27.53 30.26 17.50
N GLU I 254 27.65 29.62 18.66
CA GLU I 254 28.72 29.92 19.59
C GLU I 254 30.09 29.81 18.93
N LEU I 255 30.81 30.93 18.91
CA LEU I 255 32.13 30.98 18.31
C LEU I 255 33.24 31.08 19.35
N THR I 256 34.43 30.61 18.99
CA THR I 256 35.60 30.62 19.85
C THR I 256 36.81 30.37 18.97
N GLY I 257 38.01 30.61 19.52
CA GLY I 257 39.22 30.39 18.74
C GLY I 257 39.66 28.94 18.78
N GLU I 258 38.90 28.12 19.51
CA GLU I 258 39.18 26.70 19.65
C GLU I 258 38.19 25.85 18.85
N GLU I 259 37.80 26.30 17.66
CA GLU I 259 36.85 25.56 16.85
C GLU I 259 37.42 25.06 15.53
N LYS I 260 37.00 23.87 15.13
CA LYS I 260 37.47 23.26 13.90
C LYS I 260 36.75 23.78 12.66
N LYS I 261 37.52 24.05 11.61
CA LYS I 261 36.96 24.55 10.36
C LYS I 261 36.66 23.41 9.38
N VAL I 262 35.42 23.35 8.92
CA VAL I 262 34.99 22.32 7.98
C VAL I 262 34.21 22.96 6.83
N ALA I 263 33.92 22.17 5.81
CA ALA I 263 33.16 22.64 4.66
C ALA I 263 33.77 23.87 4.01
N ALA I 264 34.99 23.73 3.49
CA ALA I 264 35.66 24.82 2.81
C ALA I 264 35.23 24.76 1.35
N GLN I 265 34.93 23.54 0.91
CA GLN I 265 34.51 23.30 -0.46
C GLN I 265 33.46 22.19 -0.49
N VAL I 266 32.57 22.26 -1.47
CA VAL I 266 31.56 21.25 -1.66
C VAL I 266 31.27 21.23 -3.14
N SER I 267 31.25 20.04 -3.73
CA SER I 267 31.01 19.93 -5.15
C SER I 267 30.25 18.66 -5.46
N VAL I 268 29.65 18.63 -6.65
CA VAL I 268 28.91 17.45 -7.10
C VAL I 268 29.42 17.10 -8.49
N TRP I 269 29.54 15.81 -8.77
CA TRP I 269 30.04 15.36 -10.05
C TRP I 269 29.17 14.27 -10.65
N LEU I 270 29.03 14.27 -11.97
CA LEU I 270 28.23 13.26 -12.64
C LEU I 270 28.80 11.89 -12.27
N PRO I 271 27.95 10.86 -12.19
CA PRO I 271 26.50 10.90 -12.43
C PRO I 271 25.67 11.46 -11.27
N GLY I 272 26.34 11.88 -10.19
CA GLY I 272 25.63 12.43 -9.05
C GLY I 272 26.31 12.07 -7.75
N VAL I 273 27.57 12.48 -7.62
CA VAL I 273 28.36 12.18 -6.43
C VAL I 273 28.88 13.46 -5.80
N LEU I 274 28.69 13.56 -4.47
CA LEU I 274 29.11 14.72 -3.72
C LEU I 274 30.49 14.57 -3.07
N LYS I 275 31.19 15.69 -2.94
CA LYS I 275 32.48 15.71 -2.28
C LYS I 275 32.44 16.94 -1.38
N VAL I 276 32.68 16.73 -0.09
CA VAL I 276 32.66 17.82 0.88
C VAL I 276 33.93 17.74 1.74
N ASP I 277 34.58 18.88 1.94
CA ASP I 277 35.81 18.91 2.71
C ASP I 277 36.17 20.31 3.22
N PRO I 278 36.80 20.36 4.40
CA PRO I 278 37.09 19.15 5.19
C PRO I 278 35.77 18.72 5.81
N PHE I 279 35.53 17.42 5.91
CA PHE I 279 34.29 16.94 6.52
C PHE I 279 34.32 15.43 6.73
N PRO I 280 33.79 14.95 7.87
CA PRO I 280 33.19 15.75 8.95
C PRO I 280 34.21 16.28 9.96
N ASP I 281 35.48 16.20 9.58
CA ASP I 281 36.57 16.65 10.44
C ASP I 281 37.67 17.21 9.54
N PRO I 282 38.52 18.11 10.09
CA PRO I 282 39.60 18.68 9.28
C PRO I 282 40.51 17.61 8.67
N THR I 283 40.55 16.43 9.28
CA THR I 283 41.39 15.34 8.80
C THR I 283 40.69 14.43 7.79
N LEU I 284 39.45 14.76 7.43
CA LEU I 284 38.70 13.91 6.50
C LEU I 284 38.04 14.61 5.31
N ILE I 285 37.62 13.80 4.35
CA ILE I 285 36.90 14.25 3.16
C ILE I 285 35.70 13.31 3.08
N GLN I 286 34.52 13.86 2.83
CA GLN I 286 33.31 13.03 2.75
C GLN I 286 32.72 13.01 1.34
N TYR I 287 32.49 11.79 0.84
CA TYR I 287 31.91 11.58 -0.47
C TYR I 287 30.52 10.98 -0.25
N GLU I 288 29.57 11.35 -1.10
CA GLU I 288 28.22 10.82 -0.99
C GLU I 288 27.70 10.39 -2.35
N PHE I 289 27.03 9.24 -2.38
CA PHE I 289 26.43 8.72 -3.60
C PHE I 289 24.94 8.58 -3.33
N TYR I 290 24.14 8.77 -4.37
CA TYR I 290 22.69 8.67 -4.24
C TYR I 290 22.20 7.83 -5.42
N VAL I 291 22.57 6.56 -5.42
CA VAL I 291 22.22 5.66 -6.48
C VAL I 291 20.73 5.35 -6.50
N PRO I 292 20.07 5.59 -7.65
CA PRO I 292 18.63 5.34 -7.78
C PRO I 292 18.34 3.85 -7.58
N ILE I 293 17.29 3.56 -6.81
CA ILE I 293 16.86 2.18 -6.59
C ILE I 293 15.63 2.04 -7.47
N SER I 294 14.66 2.91 -7.22
CA SER I 294 13.42 2.95 -8.00
C SER I 294 13.15 4.43 -8.25
N GLU I 295 11.98 4.74 -8.78
CA GLU I 295 11.66 6.14 -9.06
C GLU I 295 11.48 6.96 -7.79
N THR I 296 11.22 6.28 -6.67
CA THR I 296 10.98 6.95 -5.41
C THR I 296 11.97 6.65 -4.28
N GLN I 297 13.02 5.89 -4.59
CA GLN I 297 13.99 5.51 -3.58
C GLN I 297 15.42 5.54 -4.11
N HIS I 298 16.38 5.76 -3.20
CA HIS I 298 17.79 5.75 -3.60
C HIS I 298 18.65 5.16 -2.49
N GLU I 299 19.85 4.74 -2.85
CA GLU I 299 20.78 4.16 -1.88
C GLU I 299 21.82 5.23 -1.56
N TYR I 300 21.76 5.72 -0.33
CA TYR I 300 22.64 6.76 0.16
C TYR I 300 23.94 6.18 0.70
N PHE I 301 25.03 6.47 0.00
CA PHE I 301 26.38 6.02 0.36
C PHE I 301 27.14 7.18 0.97
N GLN I 302 27.84 6.91 2.07
CA GLN I 302 28.65 7.91 2.75
C GLN I 302 30.04 7.30 2.89
N VAL I 303 31.03 7.89 2.23
CA VAL I 303 32.38 7.36 2.29
C VAL I 303 33.36 8.43 2.77
N LEU I 304 34.11 8.10 3.81
CA LEU I 304 35.09 9.02 4.38
C LEU I 304 36.49 8.64 3.92
N GLN I 305 37.26 9.65 3.52
CA GLN I 305 38.62 9.44 3.04
C GLN I 305 39.67 10.05 3.98
N ARG I 306 40.65 9.23 4.34
CA ARG I 306 41.73 9.65 5.22
C ARG I 306 43.08 9.46 4.51
N LYS I 307 43.95 10.46 4.60
CA LYS I 307 45.26 10.35 3.98
C LYS I 307 46.11 9.50 4.91
N VAL I 308 46.74 8.46 4.37
CA VAL I 308 47.58 7.59 5.18
C VAL I 308 49.01 7.50 4.68
N GLU I 309 49.94 7.31 5.62
CA GLU I 309 51.35 7.21 5.29
C GLU I 309 51.79 5.75 5.32
N GLY I 310 50.99 4.91 5.94
CA GLY I 310 51.33 3.49 6.02
C GLY I 310 50.25 2.65 6.68
N PRO I 311 50.50 1.33 6.86
CA PRO I 311 49.57 0.38 7.47
C PRO I 311 49.06 0.80 8.85
N GLU I 312 49.87 1.57 9.58
CA GLU I 312 49.48 2.02 10.91
C GLU I 312 48.37 3.05 10.85
N ASP I 313 48.50 4.01 9.95
CA ASP I 313 47.48 5.05 9.79
C ASP I 313 46.14 4.44 9.41
N VAL I 314 46.19 3.39 8.59
CA VAL I 314 44.97 2.71 8.16
C VAL I 314 44.25 2.15 9.37
N LYS I 315 44.98 1.38 10.16
CA LYS I 315 44.44 0.76 11.37
C LYS I 315 43.84 1.83 12.29
N THR I 316 44.57 2.92 12.47
CA THR I 316 44.11 4.01 13.32
C THR I 316 42.81 4.61 12.78
N PHE I 317 42.72 4.72 11.46
CA PHE I 317 41.53 5.28 10.83
C PHE I 317 40.34 4.35 11.01
N GLU I 318 40.59 3.05 10.84
CA GLU I 318 39.54 2.06 10.99
C GLU I 318 38.98 2.07 12.41
N VAL I 319 39.85 2.23 13.40
CA VAL I 319 39.41 2.26 14.79
C VAL I 319 38.59 3.53 15.08
N GLU I 320 39.03 4.67 14.54
CA GLU I 320 38.31 5.92 14.73
C GLU I 320 36.93 5.84 14.09
N PHE I 321 36.87 5.22 12.92
CA PHE I 321 35.62 5.08 12.19
C PHE I 321 34.61 4.32 13.05
N GLU I 322 35.06 3.18 13.57
CA GLU I 322 34.25 2.32 14.41
C GLU I 322 33.81 2.96 15.74
N GLU I 323 34.73 3.68 16.38
CA GLU I 323 34.46 4.30 17.68
C GLU I 323 33.93 5.72 17.66
N ARG I 324 34.11 6.44 16.55
CA ARG I 324 33.67 7.82 16.51
C ARG I 324 32.99 8.33 15.24
N TRP I 325 33.74 8.36 14.14
CA TRP I 325 33.25 8.88 12.85
C TRP I 325 31.89 8.35 12.37
N ARG I 326 31.77 7.03 12.23
CA ARG I 326 30.53 6.44 11.74
C ARG I 326 29.27 6.85 12.48
N ASP I 327 29.24 6.62 13.79
CA ASP I 327 28.05 6.96 14.57
C ASP I 327 27.88 8.41 14.99
N ASP I 328 28.96 9.09 15.33
CA ASP I 328 28.84 10.50 15.74
C ASP I 328 28.59 11.44 14.56
N ALA I 329 29.13 11.11 13.39
CA ALA I 329 28.95 11.96 12.22
C ALA I 329 28.06 11.39 11.11
N LEU I 330 28.44 10.25 10.53
CA LEU I 330 27.64 9.67 9.46
C LEU I 330 26.19 9.48 9.88
N HIS I 331 25.99 9.23 11.18
CA HIS I 331 24.64 9.09 11.71
C HIS I 331 24.31 10.35 12.50
N GLY I 332 25.13 10.63 13.51
CA GLY I 332 24.93 11.79 14.36
C GLY I 332 24.73 13.11 13.63
N PHE I 333 25.37 13.26 12.49
CA PHE I 333 25.22 14.49 11.74
C PHE I 333 24.26 14.35 10.54
N ASN I 334 24.47 13.33 9.71
CA ASN I 334 23.66 13.13 8.51
C ASN I 334 22.29 12.45 8.61
N ASP I 335 21.97 11.81 9.74
CA ASP I 335 20.69 11.14 9.87
C ASP I 335 19.51 12.04 9.50
N ASP I 336 19.56 13.31 9.90
CA ASP I 336 18.48 14.25 9.59
C ASP I 336 18.31 14.51 8.10
N ASP I 337 19.38 14.36 7.33
CA ASP I 337 19.30 14.57 5.88
C ASP I 337 18.37 13.54 5.27
N VAL I 338 18.21 12.41 5.93
CA VAL I 338 17.35 11.34 5.43
C VAL I 338 15.89 11.77 5.38
N TRP I 339 15.33 12.24 6.49
CA TRP I 339 13.93 12.64 6.48
C TRP I 339 13.70 13.97 5.76
N ALA I 340 14.76 14.74 5.58
CA ALA I 340 14.65 16.01 4.87
C ALA I 340 14.38 15.72 3.40
N ARG I 341 15.03 14.70 2.87
CA ARG I 341 14.85 14.31 1.48
C ARG I 341 13.45 13.72 1.31
N GLU I 342 13.08 12.82 2.20
CA GLU I 342 11.77 12.18 2.14
C GLU I 342 10.63 13.18 2.27
N ALA I 343 10.89 14.29 2.97
CA ALA I 343 9.87 15.33 3.15
C ALA I 343 9.58 16.10 1.85
N GLN I 344 10.45 15.95 0.85
CA GLN I 344 10.31 16.62 -0.44
C GLN I 344 9.73 15.68 -1.50
N GLN I 345 9.70 14.38 -1.18
CA GLN I 345 9.23 13.37 -2.11
C GLN I 345 7.84 13.60 -2.70
N GLU I 346 6.87 13.94 -1.86
CA GLU I 346 5.50 14.16 -2.34
C GLU I 346 5.43 15.35 -3.29
N PHE I 347 6.08 16.44 -2.92
CA PHE I 347 6.08 17.67 -3.72
C PHE I 347 6.68 17.47 -5.10
N TYR I 348 7.92 16.99 -5.16
CA TYR I 348 8.61 16.79 -6.42
C TYR I 348 8.18 15.52 -7.17
N GLY I 349 7.82 14.50 -6.41
CA GLY I 349 7.44 13.23 -7.01
C GLY I 349 6.03 13.09 -7.53
N GLU I 350 5.09 13.88 -7.03
CA GLU I 350 3.71 13.77 -7.49
C GLU I 350 2.92 15.08 -7.49
N ARG I 351 3.56 16.16 -7.08
CA ARG I 351 2.88 17.45 -7.07
C ARG I 351 3.57 18.42 -8.02
N ASP I 352 4.35 17.86 -8.94
CA ASP I 352 5.09 18.64 -9.95
C ASP I 352 5.98 19.72 -9.35
N GLY I 353 6.69 19.37 -8.28
CA GLY I 353 7.57 20.31 -7.61
C GLY I 353 8.68 20.87 -8.47
N TRP I 354 9.04 20.17 -9.56
CA TRP I 354 10.10 20.66 -10.43
C TRP I 354 9.66 21.94 -11.16
N SER I 355 8.35 22.13 -11.27
CA SER I 355 7.81 23.30 -11.93
C SER I 355 7.24 24.32 -10.93
N LYS I 356 6.97 23.88 -9.71
CA LYS I 356 6.39 24.76 -8.71
C LYS I 356 7.35 25.33 -7.66
N GLU I 357 8.53 24.74 -7.55
CA GLU I 357 9.53 25.21 -6.60
C GLU I 357 9.85 26.67 -6.88
N GLN I 358 10.27 27.39 -5.84
CA GLN I 358 10.66 28.79 -5.99
C GLN I 358 12.03 28.90 -5.33
N LEU I 359 13.06 28.90 -6.16
CA LEU I 359 14.44 28.96 -5.69
C LEU I 359 14.91 30.37 -5.36
N PHE I 360 16.04 30.45 -4.67
CA PHE I 360 16.64 31.73 -4.33
C PHE I 360 18.14 31.61 -4.64
N PRO I 361 18.87 32.73 -4.72
CA PRO I 361 20.30 32.74 -5.03
C PRO I 361 21.19 31.54 -4.67
N PRO I 362 21.25 31.14 -3.39
CA PRO I 362 22.09 30.00 -3.04
C PRO I 362 21.87 28.74 -3.88
N ASP I 363 20.64 28.55 -4.36
CA ASP I 363 20.30 27.38 -5.18
C ASP I 363 20.87 27.43 -6.58
N MET I 364 21.56 28.51 -6.92
CA MET I 364 22.13 28.64 -8.26
C MET I 364 23.14 27.53 -8.55
N CYS I 365 23.82 27.03 -7.53
CA CYS I 365 24.78 25.96 -7.75
C CYS I 365 24.02 24.70 -8.16
N ILE I 366 22.82 24.53 -7.61
CA ILE I 366 21.99 23.38 -7.96
C ILE I 366 21.50 23.54 -9.41
N VAL I 367 21.16 24.77 -9.79
CA VAL I 367 20.70 25.03 -11.16
C VAL I 367 21.81 24.70 -12.15
N LYS I 368 23.04 25.07 -11.81
CA LYS I 368 24.18 24.79 -12.67
C LYS I 368 24.37 23.28 -12.79
N TRP I 369 24.22 22.58 -11.68
CA TRP I 369 24.36 21.12 -11.67
C TRP I 369 23.30 20.46 -12.55
N ARG I 370 22.05 20.91 -12.42
CA ARG I 370 20.97 20.33 -13.20
C ARG I 370 21.22 20.59 -14.69
N THR I 371 21.74 21.77 -15.02
CA THR I 371 22.02 22.14 -16.41
C THR I 371 23.17 21.31 -16.98
N LEU I 372 24.24 21.17 -16.20
CA LEU I 372 25.39 20.37 -16.66
C LEU I 372 24.99 18.90 -16.75
N ALA I 373 24.22 18.43 -15.78
CA ALA I 373 23.79 17.03 -15.77
C ALA I 373 22.86 16.70 -16.93
N SER I 374 21.97 17.64 -17.26
CA SER I 374 21.02 17.46 -18.34
C SER I 374 21.76 17.27 -19.66
N GLU I 375 22.84 18.00 -19.82
CA GLU I 375 23.66 17.94 -21.03
C GLU I 375 24.63 16.77 -21.06
N ARG I 376 25.28 16.50 -19.94
CA ARG I 376 26.31 15.47 -19.88
C ARG I 376 26.01 14.07 -19.34
N GLY I 377 24.87 13.88 -18.68
CA GLY I 377 24.54 12.54 -18.20
C GLY I 377 24.69 11.70 -19.45
N ARG I 378 25.36 10.56 -19.37
CA ARG I 378 25.58 9.74 -20.56
C ARG I 378 24.38 8.95 -21.06
N GLY I 379 23.33 8.88 -20.26
CA GLY I 379 22.17 8.13 -20.69
C GLY I 379 21.02 8.37 -19.74
N VAL I 380 19.83 8.53 -20.29
CA VAL I 380 18.64 8.78 -19.49
C VAL I 380 17.80 7.52 -19.28
N ARG I 381 17.47 7.24 -18.03
CA ARG I 381 16.63 6.10 -17.73
C ARG I 381 15.38 6.65 -17.04
N ALA I 382 14.28 6.63 -17.78
CA ALA I 382 12.99 7.14 -17.30
C ALA I 382 12.26 6.11 -16.46
N SER J 16 -21.44 -10.16 23.59
CA SER J 16 -20.33 -10.67 24.44
C SER J 16 -20.10 -9.76 25.66
N ALA J 17 -18.92 -9.87 26.26
CA ALA J 17 -18.58 -9.08 27.43
C ALA J 17 -18.07 -7.70 27.02
N GLN J 18 -17.13 -7.69 26.08
CA GLN J 18 -16.54 -6.43 25.59
C GLN J 18 -17.57 -5.51 24.95
N VAL J 19 -18.78 -6.03 24.72
CA VAL J 19 -19.83 -5.23 24.11
C VAL J 19 -20.87 -4.76 25.13
N LYS J 20 -21.03 -5.51 26.20
CA LYS J 20 -22.03 -5.18 27.22
C LYS J 20 -21.48 -4.37 28.39
N TRP J 21 -20.21 -4.59 28.74
CA TRP J 21 -19.57 -3.86 29.84
C TRP J 21 -18.10 -3.60 29.52
N PRO J 22 -17.82 -2.96 28.36
CA PRO J 22 -16.48 -2.63 27.88
C PRO J 22 -15.58 -1.80 28.80
N ARG J 23 -16.11 -0.73 29.37
CA ARG J 23 -15.29 0.10 30.24
C ARG J 23 -14.92 -0.63 31.54
N TYR J 24 -15.76 -1.57 31.96
CA TYR J 24 -15.47 -2.34 33.16
C TYR J 24 -14.27 -3.25 32.86
N LEU J 25 -14.24 -3.82 31.66
CA LEU J 25 -13.14 -4.70 31.26
C LEU J 25 -11.86 -3.91 31.08
N GLU J 26 -12.00 -2.62 30.74
CA GLU J 26 -10.85 -1.75 30.52
C GLU J 26 -10.26 -1.23 31.84
N ALA J 27 -11.09 -1.15 32.86
CA ALA J 27 -10.67 -0.64 34.17
C ALA J 27 -9.85 -1.64 34.98
N THR J 28 -8.81 -2.19 34.35
CA THR J 28 -7.94 -3.16 35.00
C THR J 28 -7.31 -2.55 36.25
N LEU J 29 -6.99 -1.27 36.17
CA LEU J 29 -6.36 -0.57 37.27
C LEU J 29 -7.36 0.24 38.10
N GLY J 30 -8.65 -0.01 37.86
CA GLY J 30 -9.69 0.66 38.61
C GLY J 30 -10.38 1.85 37.97
N PHE J 31 -11.34 2.44 38.70
CA PHE J 31 -12.07 3.62 38.24
C PHE J 31 -11.54 4.85 38.98
N ASP J 32 -10.99 5.81 38.25
CA ASP J 32 -10.51 7.02 38.90
C ASP J 32 -11.58 8.12 38.86
N ASN J 33 -11.26 9.29 39.42
CA ASN J 33 -12.22 10.38 39.54
C ASN J 33 -13.28 9.88 40.54
N HIS J 34 -12.77 9.24 41.59
CA HIS J 34 -13.56 8.67 42.68
C HIS J 34 -12.74 8.72 43.97
N TRP J 35 -13.42 8.70 45.11
CA TRP J 35 -12.72 8.66 46.38
C TRP J 35 -12.42 7.19 46.66
N HIS J 36 -11.26 6.91 47.23
CA HIS J 36 -10.86 5.54 47.56
C HIS J 36 -10.16 5.56 48.92
N PRO J 37 -10.43 4.54 49.75
CA PRO J 37 -9.79 4.48 51.08
C PRO J 37 -8.29 4.15 50.89
N ALA J 38 -7.44 4.78 51.69
CA ALA J 38 -6.00 4.58 51.59
C ALA J 38 -5.44 3.93 52.84
N ALA J 39 -5.99 4.31 53.99
CA ALA J 39 -5.54 3.79 55.27
C ALA J 39 -6.50 4.19 56.37
N PHE J 40 -6.19 3.79 57.59
CA PHE J 40 -7.03 4.13 58.74
C PHE J 40 -6.38 5.33 59.44
N ASP J 41 -7.23 6.25 59.89
CA ASP J 41 -6.76 7.47 60.55
C ASP J 41 -5.78 7.20 61.68
N HIS J 42 -6.04 6.17 62.47
CA HIS J 42 -5.18 5.83 63.59
C HIS J 42 -3.76 5.43 63.19
N GLU J 43 -3.56 5.16 61.91
CA GLU J 43 -2.23 4.78 61.42
C GLU J 43 -1.28 5.97 61.32
N LEU J 44 -1.82 7.18 61.44
CA LEU J 44 -0.99 8.37 61.33
C LEU J 44 -1.00 9.31 62.52
N ALA J 45 0.17 9.45 63.14
CA ALA J 45 0.32 10.37 64.26
C ALA J 45 1.02 11.57 63.64
N GLU J 46 1.06 12.68 64.37
CA GLU J 46 1.70 13.89 63.88
C GLU J 46 3.14 13.55 63.44
N GLY J 47 3.52 14.01 62.25
CA GLY J 47 4.86 13.76 61.75
C GLY J 47 5.16 12.35 61.26
N GLU J 48 4.16 11.47 61.33
CA GLU J 48 4.35 10.09 60.89
C GLU J 48 4.07 9.97 59.38
N PHE J 49 4.67 8.97 58.75
CA PHE J 49 4.48 8.76 57.32
C PHE J 49 3.94 7.36 57.04
N VAL J 50 3.13 7.25 55.99
CA VAL J 50 2.58 5.96 55.58
C VAL J 50 2.56 5.94 54.05
N ALA J 51 3.22 4.95 53.46
CA ALA J 51 3.28 4.83 52.02
C ALA J 51 2.22 3.86 51.50
N VAL J 52 1.46 4.28 50.50
CA VAL J 52 0.42 3.43 49.91
C VAL J 52 0.47 3.53 48.39
N THR J 53 -0.07 2.52 47.72
CA THR J 53 -0.11 2.52 46.25
C THR J 53 -1.57 2.36 45.87
N MET J 54 -2.10 3.37 45.18
CA MET J 54 -3.50 3.35 44.78
C MET J 54 -3.66 3.51 43.28
N LEU J 55 -4.36 2.55 42.67
CA LEU J 55 -4.60 2.54 41.24
C LEU J 55 -3.33 2.83 40.45
N GLY J 56 -2.23 2.22 40.88
CA GLY J 56 -0.96 2.41 40.20
C GLY J 56 -0.12 3.59 40.62
N GLU J 57 -0.66 4.47 41.48
CA GLU J 57 0.10 5.63 41.92
C GLU J 57 0.65 5.46 43.33
N LYS J 58 1.94 5.73 43.50
CA LYS J 58 2.57 5.64 44.81
C LYS J 58 2.23 6.93 45.54
N VAL J 59 1.54 6.80 46.65
CA VAL J 59 1.11 7.94 47.45
C VAL J 59 1.72 7.94 48.84
N LEU J 60 2.15 9.12 49.28
CA LEU J 60 2.74 9.28 50.60
C LEU J 60 1.77 10.06 51.50
N LEU J 61 1.46 9.49 52.65
CA LEU J 61 0.55 10.14 53.59
C LEU J 61 1.30 10.55 54.85
N THR J 62 0.85 11.64 55.45
CA THR J 62 1.46 12.13 56.68
C THR J 62 0.47 13.05 57.38
N ARG J 63 0.72 13.34 58.65
CA ARG J 63 -0.14 14.24 59.39
C ARG J 63 0.69 15.48 59.69
N ALA J 64 0.24 16.61 59.14
CA ALA J 64 0.91 17.89 59.32
C ALA J 64 -0.05 18.83 60.03
N LYS J 65 0.35 19.30 61.19
CA LYS J 65 -0.50 20.21 61.97
C LYS J 65 -1.87 19.58 62.18
N GLY J 66 -1.88 18.31 62.57
CA GLY J 66 -3.13 17.61 62.82
C GLY J 66 -3.90 17.14 61.61
N GLU J 67 -3.54 17.62 60.42
CA GLU J 67 -4.23 17.22 59.20
C GLU J 67 -3.48 16.21 58.35
N VAL J 68 -4.21 15.20 57.88
CA VAL J 68 -3.64 14.17 57.01
C VAL J 68 -3.46 14.73 55.61
N LYS J 69 -2.26 14.64 55.07
CA LYS J 69 -1.98 15.14 53.74
C LYS J 69 -1.52 13.99 52.84
N ALA J 70 -1.78 14.13 51.55
CA ALA J 70 -1.38 13.11 50.58
C ALA J 70 -0.65 13.79 49.42
N ILE J 71 0.55 13.30 49.14
CA ILE J 71 1.38 13.85 48.07
C ILE J 71 1.97 12.69 47.27
N ALA J 72 2.28 12.93 46.01
CA ALA J 72 2.85 11.89 45.16
C ALA J 72 4.16 11.41 45.79
N ASP J 73 4.29 10.09 45.93
CA ASP J 73 5.49 9.52 46.52
C ASP J 73 6.57 9.34 45.45
N GLY J 74 6.98 10.47 44.88
CA GLY J 74 8.00 10.47 43.84
C GLY J 74 8.54 11.87 43.62
N CYS J 75 9.84 12.03 43.82
CA CYS J 75 10.50 13.32 43.67
C CYS J 75 10.55 13.76 42.19
N ALA J 76 10.38 15.05 41.96
CA ALA J 76 10.40 15.59 40.61
C ALA J 76 11.79 15.62 40.00
N HIS J 77 12.81 15.55 40.87
CA HIS J 77 14.19 15.59 40.43
C HIS J 77 14.61 14.31 39.72
N ARG J 78 14.88 13.26 40.49
CA ARG J 78 15.28 11.98 39.91
C ARG J 78 14.28 10.85 40.19
N GLY J 79 13.02 11.23 40.36
CA GLY J 79 11.94 10.29 40.57
C GLY J 79 11.97 9.25 41.68
N VAL J 80 12.81 9.44 42.70
CA VAL J 80 12.87 8.47 43.79
C VAL J 80 11.69 8.64 44.75
N PRO J 81 11.32 7.57 45.45
CA PRO J 81 10.21 7.61 46.41
C PRO J 81 10.66 8.28 47.70
N PHE J 82 9.84 9.17 48.25
CA PHE J 82 10.19 9.81 49.51
C PHE J 82 10.15 8.74 50.59
N SER J 83 9.22 7.80 50.44
CA SER J 83 9.03 6.72 51.41
C SER J 83 10.28 5.89 51.69
N LYS J 84 11.32 6.04 50.87
CA LYS J 84 12.55 5.30 51.10
C LYS J 84 13.15 5.82 52.41
N GLU J 85 13.01 7.12 52.63
CA GLU J 85 13.50 7.77 53.83
C GLU J 85 12.77 9.11 53.94
N PRO J 86 11.50 9.07 54.41
CA PRO J 86 10.70 10.29 54.55
C PRO J 86 11.28 11.30 55.54
N LEU J 87 11.46 12.52 55.08
CA LEU J 87 12.02 13.57 55.91
C LEU J 87 11.10 14.78 56.01
N CYS J 88 11.10 15.41 57.18
CA CYS J 88 10.30 16.61 57.40
C CYS J 88 11.04 17.56 58.32
N PHE J 89 11.41 18.73 57.81
CA PHE J 89 12.13 19.72 58.59
C PHE J 89 11.25 20.89 59.00
N LYS J 90 9.97 20.78 58.66
CA LYS J 90 8.99 21.81 58.99
C LYS J 90 7.60 21.29 58.62
N ALA J 91 6.75 21.16 59.63
CA ALA J 91 5.39 20.67 59.42
C ALA J 91 4.74 21.43 58.26
N GLY J 92 4.12 20.69 57.36
CA GLY J 92 3.49 21.29 56.21
C GLY J 92 4.30 21.08 54.94
N THR J 93 5.53 20.59 55.11
CA THR J 93 6.42 20.34 53.97
C THR J 93 7.06 18.97 54.08
N VAL J 94 7.66 18.52 52.98
CA VAL J 94 8.37 17.26 52.96
C VAL J 94 9.65 17.46 52.16
N SER J 95 10.73 16.83 52.60
CA SER J 95 12.01 16.96 51.92
C SER J 95 12.50 15.61 51.40
N CYS J 96 12.98 15.60 50.16
CA CYS J 96 13.51 14.38 49.57
C CYS J 96 14.83 14.04 50.24
N TRP J 97 15.05 12.75 50.50
CA TRP J 97 16.25 12.28 51.15
C TRP J 97 17.49 12.34 50.26
N TYR J 98 17.29 12.40 48.95
CA TYR J 98 18.42 12.41 48.01
C TYR J 98 19.14 13.74 47.89
N HIS J 99 18.47 14.79 47.40
CA HIS J 99 19.12 16.10 47.28
C HIS J 99 18.45 17.21 48.07
N GLY J 100 17.56 16.84 48.99
CA GLY J 100 16.91 17.85 49.81
C GLY J 100 15.87 18.76 49.17
N TRP J 101 15.34 18.38 48.01
CA TRP J 101 14.31 19.19 47.38
C TRP J 101 13.12 19.14 48.35
N THR J 102 12.59 20.31 48.70
CA THR J 102 11.49 20.40 49.65
C THR J 102 10.19 20.91 49.03
N TYR J 103 9.08 20.25 49.34
CA TYR J 103 7.80 20.62 48.77
C TYR J 103 6.74 21.02 49.80
N ASP J 104 5.82 21.88 49.37
CA ASP J 104 4.72 22.34 50.20
C ASP J 104 3.64 21.26 50.08
N LEU J 105 3.19 20.73 51.21
CA LEU J 105 2.16 19.68 51.18
C LEU J 105 0.80 20.16 50.69
N ASP J 106 0.53 21.46 50.79
CA ASP J 106 -0.75 21.98 50.35
C ASP J 106 -0.90 22.12 48.83
N ASP J 107 0.20 22.36 48.12
CA ASP J 107 0.11 22.50 46.67
C ASP J 107 1.16 21.71 45.89
N GLY J 108 1.98 20.95 46.60
CA GLY J 108 3.01 20.14 45.96
C GLY J 108 4.11 20.92 45.24
N ARG J 109 4.15 22.22 45.45
CA ARG J 109 5.15 23.07 44.82
C ARG J 109 6.51 22.96 45.48
N LEU J 110 7.57 23.06 44.69
CA LEU J 110 8.93 23.01 45.22
C LEU J 110 9.19 24.38 45.84
N VAL J 111 9.27 24.43 47.17
CA VAL J 111 9.49 25.69 47.86
C VAL J 111 10.95 25.95 48.28
N ASP J 112 11.79 24.92 48.19
CA ASP J 112 13.20 25.09 48.58
C ASP J 112 14.05 23.87 48.23
N VAL J 113 15.36 24.07 48.27
CA VAL J 113 16.33 23.00 48.02
C VAL J 113 17.39 23.17 49.09
N LEU J 114 17.38 22.26 50.07
CA LEU J 114 18.32 22.31 51.18
C LEU J 114 19.79 22.28 50.78
N THR J 115 20.09 21.62 49.66
CA THR J 115 21.46 21.51 49.19
C THR J 115 21.89 22.66 48.27
N SER J 116 20.96 23.54 47.93
CA SER J 116 21.25 24.66 47.04
C SER J 116 20.29 25.83 47.26
N PRO J 117 20.45 26.55 48.38
CA PRO J 117 19.58 27.70 48.68
C PRO J 117 19.54 28.72 47.55
N GLY J 118 18.34 29.16 47.18
CA GLY J 118 18.20 30.14 46.12
C GLY J 118 18.24 29.56 44.72
N SER J 119 18.26 28.25 44.59
CA SER J 119 18.29 27.61 43.28
C SER J 119 17.15 28.15 42.42
N PRO J 120 17.42 28.41 41.12
CA PRO J 120 16.39 28.93 40.21
C PRO J 120 15.22 27.99 39.94
N VAL J 121 15.36 26.72 40.27
CA VAL J 121 14.27 25.78 40.04
C VAL J 121 13.15 25.96 41.06
N ILE J 122 13.45 26.62 42.17
CA ILE J 122 12.46 26.84 43.22
C ILE J 122 11.29 27.68 42.69
N GLY J 123 10.07 27.21 42.94
CA GLY J 123 8.90 27.93 42.48
C GLY J 123 8.52 27.57 41.05
N LYS J 124 9.45 26.95 40.33
CA LYS J 124 9.21 26.56 38.93
C LYS J 124 8.83 25.10 38.76
N ILE J 125 8.83 24.34 39.85
CA ILE J 125 8.50 22.93 39.79
C ILE J 125 7.52 22.52 40.88
N GLY J 126 6.77 21.46 40.62
CA GLY J 126 5.81 20.96 41.58
C GLY J 126 5.39 19.54 41.25
N ILE J 127 4.85 18.84 42.25
CA ILE J 127 4.38 17.47 42.04
C ILE J 127 2.93 17.40 42.51
N LYS J 128 2.26 16.30 42.17
CA LYS J 128 0.87 16.11 42.50
C LYS J 128 0.55 15.90 43.99
N VAL J 129 -0.49 16.58 44.45
CA VAL J 129 -0.98 16.45 45.83
C VAL J 129 -2.42 15.98 45.64
N TYR J 130 -2.94 15.19 46.56
CA TYR J 130 -4.30 14.67 46.42
C TYR J 130 -5.27 15.14 47.49
N PRO J 131 -6.53 15.37 47.10
CA PRO J 131 -7.52 15.82 48.09
C PRO J 131 -7.67 14.67 49.07
N VAL J 132 -7.79 15.00 50.34
CA VAL J 132 -7.95 13.98 51.37
C VAL J 132 -9.14 14.30 52.26
N GLN J 133 -9.84 13.26 52.68
CA GLN J 133 -10.95 13.44 53.60
C GLN J 133 -11.04 12.25 54.54
N VAL J 134 -10.97 12.53 55.83
CA VAL J 134 -11.05 11.49 56.84
C VAL J 134 -12.49 11.42 57.32
N ALA J 135 -13.08 10.23 57.23
CA ALA J 135 -14.46 10.02 57.67
C ALA J 135 -14.58 8.65 58.32
N GLN J 136 -15.24 8.60 59.47
CA GLN J 136 -15.46 7.36 60.20
C GLN J 136 -14.13 6.62 60.44
N GLY J 137 -13.09 7.38 60.74
CA GLY J 137 -11.79 6.78 61.01
C GLY J 137 -11.04 6.27 59.79
N VAL J 138 -11.60 6.52 58.60
CA VAL J 138 -10.98 6.08 57.37
C VAL J 138 -10.41 7.26 56.56
N VAL J 139 -9.19 7.11 56.10
CA VAL J 139 -8.56 8.14 55.29
C VAL J 139 -8.88 7.90 53.82
N PHE J 140 -9.66 8.79 53.23
CA PHE J 140 -10.04 8.69 51.82
C PHE J 140 -9.19 9.65 51.00
N VAL J 141 -8.77 9.20 49.82
CA VAL J 141 -7.96 10.00 48.92
C VAL J 141 -8.67 10.06 47.57
N PHE J 142 -8.79 11.26 47.01
CA PHE J 142 -9.45 11.38 45.71
C PHE J 142 -8.44 11.15 44.60
N ILE J 143 -8.61 10.07 43.85
CA ILE J 143 -7.72 9.72 42.75
C ILE J 143 -8.37 10.11 41.43
N GLY J 144 -7.66 10.89 40.64
CA GLY J 144 -8.18 11.33 39.36
C GLY J 144 -7.75 12.74 39.05
N ASP J 145 -8.00 13.20 37.83
CA ASP J 145 -7.60 14.55 37.43
C ASP J 145 -8.68 15.60 37.67
N GLU J 146 -9.92 15.16 37.86
CA GLU J 146 -11.00 16.09 38.10
C GLU J 146 -11.01 16.60 39.52
N GLU J 147 -11.80 17.64 39.75
CA GLU J 147 -11.93 18.20 41.09
C GLU J 147 -12.78 17.19 41.85
N PRO J 148 -12.59 17.08 43.16
CA PRO J 148 -13.39 16.12 43.93
C PRO J 148 -14.85 16.50 44.17
N HIS J 149 -15.71 15.49 44.20
CA HIS J 149 -17.13 15.66 44.46
C HIS J 149 -17.38 15.14 45.88
N ALA J 150 -18.62 15.19 46.35
CA ALA J 150 -18.93 14.74 47.70
C ALA J 150 -18.55 13.27 47.94
N LEU J 151 -17.84 13.03 49.04
CA LEU J 151 -17.40 11.69 49.41
C LEU J 151 -18.57 10.71 49.48
N SER J 152 -19.72 11.20 49.91
CA SER J 152 -20.91 10.36 50.04
C SER J 152 -21.32 9.68 48.74
N GLU J 153 -20.92 10.25 47.62
CA GLU J 153 -21.29 9.66 46.33
C GLU J 153 -20.49 8.40 46.01
N ASP J 154 -19.38 8.19 46.71
CA ASP J 154 -18.54 7.01 46.49
C ASP J 154 -18.60 6.02 47.64
N LEU J 155 -19.71 6.04 48.36
CA LEU J 155 -19.90 5.14 49.50
C LEU J 155 -21.31 4.57 49.57
N PRO J 156 -21.46 3.35 50.11
CA PRO J 156 -22.79 2.76 50.21
C PRO J 156 -23.59 3.59 51.21
N PRO J 157 -24.92 3.69 51.00
CA PRO J 157 -25.71 4.48 51.94
C PRO J 157 -25.58 3.90 53.36
N GLY J 158 -25.55 4.78 54.36
CA GLY J 158 -25.44 4.34 55.73
C GLY J 158 -24.03 4.36 56.29
N PHE J 159 -23.02 4.35 55.41
CA PHE J 159 -21.63 4.37 55.85
C PHE J 159 -21.29 5.58 56.72
N LEU J 160 -21.78 6.75 56.34
CA LEU J 160 -21.49 7.97 57.07
C LEU J 160 -22.46 8.30 58.22
N ASP J 161 -23.38 7.39 58.52
CA ASP J 161 -24.35 7.62 59.60
C ASP J 161 -23.61 8.12 60.85
N GLU J 162 -24.04 9.26 61.37
CA GLU J 162 -23.39 9.87 62.52
C GLU J 162 -23.53 9.16 63.87
N ASP J 163 -24.61 8.41 64.07
CA ASP J 163 -24.78 7.72 65.35
C ASP J 163 -24.14 6.33 65.36
N THR J 164 -23.02 6.18 64.67
CA THR J 164 -22.32 4.90 64.63
C THR J 164 -20.82 5.10 64.74
N HIS J 165 -20.10 3.99 64.85
CA HIS J 165 -18.66 4.00 64.91
C HIS J 165 -18.18 2.88 64.01
N LEU J 166 -17.06 3.09 63.33
CA LEU J 166 -16.53 2.08 62.43
C LEU J 166 -15.13 1.64 62.82
N LEU J 167 -14.86 0.36 62.64
CA LEU J 167 -13.55 -0.20 62.95
C LEU J 167 -13.21 -1.21 61.85
N GLY J 168 -11.98 -1.18 61.36
CA GLY J 168 -11.61 -2.11 60.32
C GLY J 168 -10.13 -2.34 60.14
N ILE J 169 -9.82 -3.21 59.19
CA ILE J 169 -8.44 -3.54 58.85
C ILE J 169 -8.29 -3.54 57.33
N ARG J 170 -7.05 -3.64 56.87
CA ARG J 170 -6.77 -3.67 55.45
C ARG J 170 -5.60 -4.61 55.21
N ARG J 171 -5.59 -5.24 54.04
CA ARG J 171 -4.54 -6.17 53.69
C ARG J 171 -4.42 -6.22 52.17
N THR J 172 -3.28 -6.70 51.69
CA THR J 172 -3.04 -6.81 50.25
C THR J 172 -3.49 -8.17 49.77
N VAL J 173 -4.17 -8.20 48.63
CA VAL J 173 -4.64 -9.45 48.04
C VAL J 173 -4.03 -9.56 46.64
N GLN J 174 -3.51 -10.74 46.30
CA GLN J 174 -2.87 -10.95 45.01
C GLN J 174 -3.83 -11.30 43.86
N SER J 175 -4.74 -10.38 43.56
CA SER J 175 -5.67 -10.59 42.48
C SER J 175 -6.17 -9.22 42.04
N ASN J 176 -6.63 -9.15 40.79
CA ASN J 176 -7.16 -7.91 40.26
C ASN J 176 -8.33 -7.51 41.17
N TRP J 177 -8.53 -6.21 41.34
CA TRP J 177 -9.58 -5.70 42.22
C TRP J 177 -11.01 -6.14 41.88
N ARG J 178 -11.28 -6.35 40.60
CA ARG J 178 -12.61 -6.76 40.18
C ARG J 178 -12.98 -8.14 40.71
N LEU J 179 -11.99 -9.01 40.87
CA LEU J 179 -12.25 -10.35 41.38
C LEU J 179 -12.59 -10.25 42.87
N GLY J 180 -12.12 -9.17 43.49
CA GLY J 180 -12.42 -8.96 44.90
C GLY J 180 -13.86 -8.52 45.03
N VAL J 181 -14.25 -7.56 44.20
CA VAL J 181 -15.62 -7.03 44.20
C VAL J 181 -16.65 -8.12 43.91
N GLU J 182 -16.40 -8.92 42.88
CA GLU J 182 -17.33 -9.98 42.51
C GLU J 182 -17.33 -11.16 43.48
N ASN J 183 -16.26 -11.30 44.24
CA ASN J 183 -16.18 -12.35 45.26
C ASN J 183 -17.04 -11.91 46.44
N GLY J 184 -17.03 -10.61 46.71
CA GLY J 184 -17.81 -10.08 47.81
C GLY J 184 -19.29 -10.05 47.48
N PHE J 185 -19.62 -9.67 46.25
CA PHE J 185 -21.02 -9.58 45.80
C PHE J 185 -21.41 -10.83 45.03
N ASP J 186 -21.29 -11.98 45.70
CA ASP J 186 -21.60 -13.28 45.10
C ASP J 186 -22.50 -14.01 46.09
N THR J 187 -23.75 -14.26 45.72
CA THR J 187 -24.71 -14.91 46.61
C THR J 187 -24.63 -16.43 46.76
N THR J 188 -23.80 -17.10 45.96
CA THR J 188 -23.71 -18.55 46.11
C THR J 188 -22.30 -19.03 46.51
N HIS J 189 -21.34 -18.12 46.54
CA HIS J 189 -19.96 -18.49 46.91
C HIS J 189 -19.87 -18.83 48.39
N ILE J 190 -20.85 -18.35 49.17
CA ILE J 190 -20.85 -18.59 50.61
C ILE J 190 -20.72 -20.07 50.93
N PHE J 191 -20.91 -20.90 49.91
CA PHE J 191 -20.79 -22.35 50.05
C PHE J 191 -19.39 -22.68 50.60
N MET J 192 -18.39 -21.90 50.18
CA MET J 192 -17.03 -22.14 50.62
C MET J 192 -16.78 -21.73 52.08
N HIS J 193 -17.73 -21.00 52.67
CA HIS J 193 -17.61 -20.56 54.06
C HIS J 193 -18.34 -21.49 55.04
N ARG J 194 -19.00 -22.52 54.51
CA ARG J 194 -19.77 -23.43 55.34
C ARG J 194 -19.04 -23.99 56.56
N ASN J 195 -17.72 -24.17 56.49
CA ASN J 195 -17.00 -24.72 57.63
C ASN J 195 -16.19 -23.71 58.45
N SER J 196 -16.42 -22.42 58.22
CA SER J 196 -15.72 -21.39 59.00
C SER J 196 -16.16 -21.56 60.44
N PRO J 197 -15.22 -21.48 61.39
CA PRO J 197 -15.60 -21.65 62.79
C PRO J 197 -16.53 -20.52 63.27
N TRP J 198 -16.63 -19.47 62.47
CA TRP J 198 -17.50 -18.34 62.83
C TRP J 198 -18.98 -18.69 62.67
N VAL J 199 -19.29 -19.56 61.72
CA VAL J 199 -20.68 -19.96 61.48
C VAL J 199 -21.30 -20.56 62.75
N SER J 200 -20.60 -21.52 63.35
CA SER J 200 -21.09 -22.12 64.59
C SER J 200 -20.69 -21.21 65.74
N GLY J 201 -19.53 -20.56 65.61
CA GLY J 201 -19.05 -19.66 66.64
C GLY J 201 -20.05 -18.60 67.02
N ASN J 202 -20.74 -18.02 66.03
CA ASN J 202 -21.73 -16.99 66.31
C ASN J 202 -23.14 -17.48 65.96
N ARG J 203 -23.35 -18.79 66.10
CA ARG J 203 -24.63 -19.45 65.83
C ARG J 203 -25.40 -18.79 64.68
N LEU J 204 -24.77 -18.71 63.52
CA LEU J 204 -25.42 -18.08 62.37
C LEU J 204 -26.34 -19.00 61.58
N ALA J 205 -27.42 -18.40 61.08
CA ALA J 205 -28.36 -19.10 60.21
C ALA J 205 -27.65 -18.85 58.88
N PHE J 206 -26.76 -19.77 58.50
CA PHE J 206 -25.98 -19.60 57.28
C PHE J 206 -26.21 -20.68 56.24
N PRO J 207 -26.91 -20.34 55.14
CA PRO J 207 -27.19 -21.31 54.08
C PRO J 207 -25.95 -21.55 53.20
N TYR J 208 -26.06 -22.52 52.30
CA TYR J 208 -24.98 -22.86 51.39
C TYR J 208 -24.99 -21.92 50.19
N GLY J 209 -26.10 -21.20 50.03
CA GLY J 209 -26.24 -20.27 48.93
C GLY J 209 -27.61 -19.62 48.87
N PHE J 210 -27.70 -18.51 48.16
CA PHE J 210 -28.95 -17.78 47.99
C PHE J 210 -29.27 -17.71 46.50
N VAL J 211 -30.42 -18.25 46.12
CA VAL J 211 -30.83 -18.26 44.72
C VAL J 211 -31.96 -17.26 44.45
N PRO J 212 -31.79 -16.40 43.44
CA PRO J 212 -32.81 -15.41 43.08
C PRO J 212 -34.08 -16.15 42.68
N ALA J 213 -35.16 -15.91 43.41
CA ALA J 213 -36.43 -16.56 43.12
C ALA J 213 -37.52 -15.51 43.00
N ASP J 214 -37.16 -14.34 42.48
CA ASP J 214 -38.12 -13.26 42.37
C ASP J 214 -37.64 -12.18 41.39
N ARG J 215 -38.59 -11.42 40.85
CA ARG J 215 -38.28 -10.35 39.92
C ARG J 215 -37.66 -9.19 40.71
N ASP J 216 -38.00 -9.11 41.99
CA ASP J 216 -37.46 -8.07 42.84
C ASP J 216 -36.27 -8.55 43.66
N ALA J 217 -35.67 -9.65 43.22
CA ALA J 217 -34.50 -10.21 43.91
C ALA J 217 -33.35 -9.22 43.93
N MET J 218 -33.17 -8.49 42.84
CA MET J 218 -32.10 -7.51 42.77
C MET J 218 -32.57 -6.16 42.24
N GLN J 219 -32.17 -5.11 42.94
CA GLN J 219 -32.55 -3.74 42.60
C GLN J 219 -31.33 -2.91 42.18
N VAL J 220 -31.49 -2.17 41.08
CA VAL J 220 -30.43 -1.33 40.56
C VAL J 220 -30.72 0.13 40.88
N TYR J 221 -29.76 0.81 41.48
CA TYR J 221 -29.91 2.22 41.81
C TYR J 221 -28.99 3.04 40.92
N ASP J 222 -29.56 3.64 39.86
CA ASP J 222 -28.79 4.45 38.94
C ASP J 222 -29.34 5.87 38.85
N GLU J 223 -30.09 6.28 39.88
CA GLU J 223 -30.66 7.61 39.94
C GLU J 223 -29.83 8.42 40.93
N ASN J 224 -29.05 9.37 40.42
CA ASN J 224 -28.20 10.19 41.28
C ASN J 224 -27.16 9.29 41.93
N TRP J 225 -26.48 9.79 42.96
CA TRP J 225 -25.45 9.02 43.65
C TRP J 225 -25.77 8.83 45.13
N PRO J 226 -25.27 7.75 45.75
CA PRO J 226 -24.41 6.72 45.15
C PRO J 226 -25.21 5.77 44.26
N LYS J 227 -24.50 5.04 43.40
CA LYS J 227 -25.16 4.09 42.50
C LYS J 227 -24.66 2.69 42.81
N GLY J 228 -25.53 1.70 42.69
CA GLY J 228 -25.14 0.34 42.96
C GLY J 228 -26.23 -0.69 42.70
N VAL J 229 -25.97 -1.92 43.15
CA VAL J 229 -26.90 -3.03 42.99
C VAL J 229 -27.15 -3.66 44.35
N LEU J 230 -28.42 -3.82 44.70
CA LEU J 230 -28.81 -4.39 46.00
C LEU J 230 -29.57 -5.69 45.84
N ASP J 231 -29.13 -6.71 46.57
CA ASP J 231 -29.79 -8.01 46.54
C ASP J 231 -30.63 -8.17 47.81
N ARG J 232 -31.92 -8.42 47.63
CA ARG J 232 -32.84 -8.60 48.77
C ARG J 232 -32.89 -10.08 49.14
N LEU J 233 -31.80 -10.57 49.73
CA LEU J 233 -31.69 -11.97 50.10
C LEU J 233 -32.82 -12.52 50.97
N SER J 234 -33.14 -11.83 52.06
CA SER J 234 -34.18 -12.28 52.98
C SER J 234 -35.60 -12.23 52.44
N GLU J 235 -35.87 -11.29 51.53
CA GLU J 235 -37.21 -11.12 50.99
C GLU J 235 -37.48 -11.79 49.63
N ASN J 236 -36.49 -11.83 48.76
CA ASN J 236 -36.72 -12.38 47.42
C ASN J 236 -35.74 -13.43 46.90
N TYR J 237 -35.07 -14.14 47.80
CA TYR J 237 -34.14 -15.19 47.41
C TYR J 237 -34.54 -16.48 48.11
N MET J 238 -34.11 -17.60 47.57
CA MET J 238 -34.40 -18.89 48.19
C MET J 238 -33.10 -19.36 48.83
N PRO J 239 -33.07 -19.44 50.17
CA PRO J 239 -31.85 -19.88 50.85
C PRO J 239 -31.74 -21.40 50.76
N VAL J 240 -30.55 -21.90 50.41
CA VAL J 240 -30.36 -23.34 50.31
C VAL J 240 -29.67 -23.86 51.56
N PHE J 241 -30.46 -24.45 52.46
CA PHE J 241 -29.93 -24.98 53.71
C PHE J 241 -29.57 -26.45 53.63
N GLU J 242 -29.91 -27.09 52.52
CA GLU J 242 -29.59 -28.49 52.31
C GLU J 242 -29.15 -28.74 50.88
N ALA J 243 -28.00 -29.39 50.73
CA ALA J 243 -27.45 -29.69 49.42
C ALA J 243 -27.74 -31.15 49.06
N THR J 244 -28.28 -31.36 47.86
CA THR J 244 -28.60 -32.72 47.43
C THR J 244 -27.79 -33.17 46.22
N LEU J 245 -27.52 -34.47 46.15
CA LEU J 245 -26.76 -35.05 45.05
C LEU J 245 -27.28 -36.46 44.75
N ASP J 246 -27.82 -36.63 43.55
CA ASP J 246 -28.36 -37.91 43.12
C ASP J 246 -29.35 -38.53 44.12
N GLY J 247 -30.42 -37.79 44.38
CA GLY J 247 -31.45 -38.26 45.29
C GLY J 247 -31.07 -38.40 46.75
N GLU J 248 -30.08 -37.65 47.19
CA GLU J 248 -29.66 -37.71 48.59
C GLU J 248 -29.07 -36.43 49.15
N THR J 249 -29.29 -36.20 50.44
CA THR J 249 -28.77 -35.03 51.11
C THR J 249 -27.34 -35.31 51.56
N VAL J 250 -26.39 -34.57 51.00
CA VAL J 250 -24.98 -34.77 51.33
C VAL J 250 -24.49 -33.68 52.27
N LEU J 251 -25.26 -32.60 52.37
CA LEU J 251 -24.92 -31.47 53.22
C LEU J 251 -26.18 -30.91 53.86
N SER J 252 -26.10 -30.61 55.15
CA SER J 252 -27.24 -30.04 55.85
C SER J 252 -26.81 -28.95 56.82
N ALA J 253 -27.31 -27.74 56.59
CA ALA J 253 -26.98 -26.62 57.45
C ALA J 253 -28.03 -26.53 58.54
N GLU J 254 -27.60 -26.84 59.76
CA GLU J 254 -28.49 -26.83 60.93
C GLU J 254 -29.31 -25.55 61.04
N LEU J 255 -30.63 -25.71 61.05
CA LEU J 255 -31.53 -24.58 61.17
C LEU J 255 -32.65 -24.96 62.15
N THR J 256 -32.39 -24.76 63.44
CA THR J 256 -33.36 -25.08 64.48
C THR J 256 -34.34 -23.92 64.69
N GLY J 257 -33.81 -22.74 64.99
CA GLY J 257 -34.66 -21.58 65.20
C GLY J 257 -34.10 -20.59 66.20
N GLU J 258 -32.95 -20.92 66.77
CA GLU J 258 -32.30 -20.05 67.74
C GLU J 258 -31.08 -19.36 67.12
N GLU J 259 -30.89 -19.54 65.82
CA GLU J 259 -29.75 -18.94 65.13
C GLU J 259 -29.92 -17.45 64.88
N LYS J 260 -28.79 -16.77 64.75
CA LYS J 260 -28.78 -15.34 64.48
C LYS J 260 -28.99 -15.10 63.00
N LYS J 261 -29.83 -14.12 62.67
CA LYS J 261 -30.12 -13.79 61.28
C LYS J 261 -29.10 -12.77 60.78
N VAL J 262 -28.41 -13.11 59.69
CA VAL J 262 -27.43 -12.21 59.10
C VAL J 262 -27.59 -12.14 57.59
N ALA J 263 -27.00 -11.11 56.99
CA ALA J 263 -27.07 -10.92 55.54
C ALA J 263 -28.51 -10.87 55.01
N ALA J 264 -29.31 -9.94 55.52
CA ALA J 264 -30.68 -9.81 55.04
C ALA J 264 -30.59 -9.21 53.64
N GLN J 265 -29.57 -8.37 53.43
CA GLN J 265 -29.33 -7.72 52.15
C GLN J 265 -27.83 -7.53 51.93
N VAL J 266 -27.40 -7.67 50.66
CA VAL J 266 -26.02 -7.46 50.30
C VAL J 266 -26.02 -6.58 49.06
N SER J 267 -25.18 -5.56 49.04
CA SER J 267 -25.12 -4.66 47.90
C SER J 267 -23.71 -4.16 47.61
N VAL J 268 -23.51 -3.71 46.38
CA VAL J 268 -22.22 -3.17 45.94
C VAL J 268 -22.49 -1.81 45.30
N TRP J 269 -21.63 -0.84 45.61
CA TRP J 269 -21.79 0.51 45.08
C TRP J 269 -20.50 1.02 44.45
N LEU J 270 -20.64 1.85 43.42
CA LEU J 270 -19.47 2.42 42.75
C LEU J 270 -18.68 3.24 43.77
N PRO J 271 -17.35 3.28 43.64
CA PRO J 271 -16.52 2.65 42.59
C PRO J 271 -16.33 1.13 42.78
N GLY J 272 -16.98 0.57 43.79
CA GLY J 272 -16.86 -0.86 44.05
C GLY J 272 -16.76 -1.13 45.54
N VAL J 273 -17.82 -0.79 46.28
CA VAL J 273 -17.87 -0.97 47.72
C VAL J 273 -19.04 -1.86 48.13
N LEU J 274 -18.73 -2.91 48.90
CA LEU J 274 -19.71 -3.88 49.36
C LEU J 274 -20.32 -3.47 50.71
N LYS J 275 -21.56 -3.89 50.94
CA LYS J 275 -22.25 -3.62 52.21
C LYS J 275 -23.09 -4.85 52.55
N VAL J 276 -22.73 -5.55 53.62
CA VAL J 276 -23.47 -6.74 54.04
C VAL J 276 -24.26 -6.33 55.27
N ASP J 277 -25.58 -6.36 55.13
CA ASP J 277 -26.51 -5.92 56.19
C ASP J 277 -27.47 -7.01 56.66
N PRO J 278 -27.28 -7.52 57.90
CA PRO J 278 -26.21 -7.16 58.83
C PRO J 278 -25.16 -8.26 58.78
N PHE J 279 -23.94 -7.96 59.23
CA PHE J 279 -22.86 -8.94 59.22
C PHE J 279 -21.63 -8.29 59.85
N PRO J 280 -20.78 -9.08 60.54
CA PRO J 280 -20.85 -10.53 60.80
C PRO J 280 -21.75 -10.89 61.98
N ASP J 281 -22.50 -9.91 62.47
CA ASP J 281 -23.38 -10.13 63.61
C ASP J 281 -24.62 -9.26 63.40
N PRO J 282 -25.77 -9.68 63.93
CA PRO J 282 -27.00 -8.88 63.76
C PRO J 282 -26.83 -7.41 64.17
N THR J 283 -25.88 -7.14 65.07
CA THR J 283 -25.64 -5.78 65.54
C THR J 283 -24.61 -5.01 64.72
N LEU J 284 -24.11 -5.61 63.66
CA LEU J 284 -23.10 -4.95 62.84
C LEU J 284 -23.42 -4.97 61.35
N ILE J 285 -22.76 -4.07 60.62
CA ILE J 285 -22.89 -4.00 59.17
C ILE J 285 -21.44 -4.05 58.69
N GLN J 286 -21.18 -4.81 57.64
CA GLN J 286 -19.83 -4.94 57.11
C GLN J 286 -19.67 -4.32 55.72
N TYR J 287 -18.68 -3.44 55.59
CA TYR J 287 -18.37 -2.78 54.33
C TYR J 287 -17.02 -3.28 53.87
N GLU J 288 -16.87 -3.49 52.57
CA GLU J 288 -15.59 -3.94 52.06
C GLU J 288 -15.17 -3.10 50.88
N PHE J 289 -13.88 -2.78 50.83
CA PHE J 289 -13.34 -2.01 49.73
C PHE J 289 -12.30 -2.88 49.06
N TYR J 290 -12.13 -2.70 47.76
CA TYR J 290 -11.17 -3.47 46.99
C TYR J 290 -10.45 -2.49 46.08
N VAL J 291 -9.64 -1.63 46.70
CA VAL J 291 -8.89 -0.61 45.98
C VAL J 291 -7.71 -1.21 45.20
N PRO J 292 -7.66 -0.92 43.90
CA PRO J 292 -6.58 -1.43 43.05
C PRO J 292 -5.20 -0.92 43.48
N ILE J 293 -4.21 -1.79 43.42
CA ILE J 293 -2.84 -1.42 43.75
C ILE J 293 -2.13 -1.44 42.40
N SER J 294 -2.22 -2.59 41.74
CA SER J 294 -1.62 -2.78 40.42
C SER J 294 -2.68 -3.53 39.60
N GLU J 295 -2.29 -4.00 38.43
CA GLU J 295 -3.23 -4.73 37.58
C GLU J 295 -3.57 -6.08 38.20
N THR J 296 -2.68 -6.59 39.04
CA THR J 296 -2.88 -7.90 39.65
C THR J 296 -3.01 -7.94 41.17
N GLN J 297 -3.19 -6.78 41.80
CA GLN J 297 -3.31 -6.75 43.26
C GLN J 297 -4.26 -5.65 43.71
N HIS J 298 -4.88 -5.86 44.86
CA HIS J 298 -5.76 -4.84 45.43
C HIS J 298 -5.66 -4.83 46.93
N GLU J 299 -6.05 -3.71 47.53
CA GLU J 299 -6.03 -3.55 48.96
C GLU J 299 -7.46 -3.84 49.44
N TYR J 300 -7.59 -4.89 50.23
CA TYR J 300 -8.87 -5.33 50.77
C TYR J 300 -9.14 -4.72 52.14
N PHE J 301 -10.13 -3.84 52.21
CA PHE J 301 -10.53 -3.19 53.44
C PHE J 301 -11.79 -3.86 53.99
N GLN J 302 -11.81 -4.08 55.30
CA GLN J 302 -12.97 -4.67 55.96
C GLN J 302 -13.31 -3.69 57.08
N VAL J 303 -14.48 -3.08 57.00
CA VAL J 303 -14.87 -2.11 58.03
C VAL J 303 -16.20 -2.48 58.66
N LEU J 304 -16.23 -2.56 59.98
CA LEU J 304 -17.43 -2.91 60.70
C LEU J 304 -18.05 -1.67 61.34
N GLN J 305 -19.37 -1.56 61.20
CA GLN J 305 -20.11 -0.42 61.73
C GLN J 305 -21.08 -0.81 62.83
N ARG J 306 -21.01 -0.09 63.95
CA ARG J 306 -21.87 -0.35 65.10
C ARG J 306 -22.57 0.92 65.58
N LYS J 307 -23.79 0.77 66.10
CA LYS J 307 -24.51 1.92 66.63
C LYS J 307 -23.81 2.23 67.95
N VAL J 308 -23.68 3.52 68.26
CA VAL J 308 -23.05 3.93 69.51
C VAL J 308 -23.74 5.20 69.99
N GLU J 309 -23.97 5.30 71.30
CA GLU J 309 -24.64 6.47 71.85
C GLU J 309 -23.63 7.48 72.40
N GLY J 310 -22.52 6.98 72.93
CA GLY J 310 -21.50 7.86 73.48
C GLY J 310 -20.12 7.22 73.54
N PRO J 311 -19.15 7.90 74.18
CA PRO J 311 -17.76 7.43 74.31
C PRO J 311 -17.63 6.00 74.86
N GLU J 312 -18.54 5.63 75.75
CA GLU J 312 -18.52 4.31 76.36
C GLU J 312 -18.75 3.21 75.33
N ASP J 313 -19.75 3.39 74.48
CA ASP J 313 -20.09 2.41 73.45
C ASP J 313 -18.95 2.26 72.47
N VAL J 314 -18.31 3.38 72.13
CA VAL J 314 -17.18 3.38 71.21
C VAL J 314 -16.09 2.49 71.82
N LYS J 315 -15.87 2.66 73.11
CA LYS J 315 -14.86 1.90 73.83
C LYS J 315 -15.21 0.42 73.83
N THR J 316 -16.48 0.11 74.13
CA THR J 316 -16.93 -1.27 74.15
C THR J 316 -16.74 -1.94 72.80
N PHE J 317 -17.15 -1.26 71.74
CA PHE J 317 -17.02 -1.78 70.37
C PHE J 317 -15.55 -2.03 70.06
N GLU J 318 -14.67 -1.12 70.47
CA GLU J 318 -13.24 -1.29 70.24
C GLU J 318 -12.74 -2.53 70.96
N VAL J 319 -13.25 -2.77 72.16
CA VAL J 319 -12.86 -3.94 72.94
C VAL J 319 -13.34 -5.23 72.27
N GLU J 320 -14.61 -5.27 71.86
CA GLU J 320 -15.15 -6.47 71.20
C GLU J 320 -14.43 -6.72 69.89
N PHE J 321 -14.11 -5.64 69.17
CA PHE J 321 -13.41 -5.73 67.90
C PHE J 321 -12.08 -6.44 68.11
N GLU J 322 -11.30 -5.96 69.09
CA GLU J 322 -10.00 -6.53 69.41
C GLU J 322 -10.04 -7.93 70.01
N GLU J 323 -11.08 -8.23 70.78
CA GLU J 323 -11.19 -9.55 71.41
C GLU J 323 -11.97 -10.58 70.62
N ARG J 324 -12.85 -10.13 69.73
CA ARG J 324 -13.67 -11.07 68.98
C ARG J 324 -13.88 -10.80 67.49
N TRP J 325 -14.59 -9.73 67.17
CA TRP J 325 -14.91 -9.37 65.79
C TRP J 325 -13.80 -9.51 64.76
N ARG J 326 -12.67 -8.84 64.98
CA ARG J 326 -11.56 -8.89 64.03
C ARG J 326 -10.97 -10.26 63.69
N ASP J 327 -10.52 -10.99 64.71
CA ASP J 327 -9.93 -12.30 64.46
C ASP J 327 -10.91 -13.45 64.19
N ASP J 328 -12.06 -13.45 64.86
CA ASP J 328 -13.03 -14.51 64.65
C ASP J 328 -13.81 -14.36 63.36
N ALA J 329 -14.08 -13.12 62.96
CA ALA J 329 -14.85 -12.86 61.76
C ALA J 329 -14.05 -12.34 60.57
N LEU J 330 -13.45 -11.15 60.71
CA LEU J 330 -12.67 -10.56 59.62
C LEU J 330 -11.59 -11.52 59.12
N HIS J 331 -11.08 -12.37 60.00
CA HIS J 331 -10.08 -13.36 59.61
C HIS J 331 -10.75 -14.73 59.60
N GLY J 332 -11.28 -15.13 60.75
CA GLY J 332 -11.93 -16.41 60.89
C GLY J 332 -12.97 -16.72 59.83
N PHE J 333 -13.62 -15.69 59.31
CA PHE J 333 -14.62 -15.91 58.27
C PHE J 333 -14.11 -15.56 56.88
N ASN J 334 -13.58 -14.35 56.72
CA ASN J 334 -13.12 -13.87 55.42
C ASN J 334 -11.74 -14.27 54.90
N ASP J 335 -10.89 -14.85 55.74
CA ASP J 335 -9.57 -15.23 55.27
C ASP J 335 -9.66 -16.06 54.00
N ASP J 336 -10.59 -17.01 53.97
CA ASP J 336 -10.76 -17.87 52.80
C ASP J 336 -11.08 -17.10 51.52
N ASP J 337 -11.73 -15.94 51.64
CA ASP J 337 -12.05 -15.16 50.46
C ASP J 337 -10.79 -14.72 49.73
N VAL J 338 -9.71 -14.52 50.50
CA VAL J 338 -8.44 -14.09 49.93
C VAL J 338 -7.90 -15.07 48.89
N TRP J 339 -7.67 -16.32 49.29
CA TRP J 339 -7.17 -17.29 48.33
C TRP J 339 -8.20 -17.63 47.28
N ALA J 340 -9.47 -17.40 47.58
CA ALA J 340 -10.53 -17.67 46.62
C ALA J 340 -10.37 -16.71 45.45
N ARG J 341 -10.08 -15.45 45.76
CA ARG J 341 -9.90 -14.44 44.72
C ARG J 341 -8.63 -14.70 43.93
N GLU J 342 -7.53 -14.97 44.64
CA GLU J 342 -6.25 -15.24 44.00
C GLU J 342 -6.31 -16.50 43.15
N ALA J 343 -7.23 -17.41 43.48
CA ALA J 343 -7.39 -18.65 42.73
C ALA J 343 -7.96 -18.39 41.33
N GLN J 344 -8.54 -17.19 41.15
CA GLN J 344 -9.14 -16.80 39.88
C GLN J 344 -8.23 -15.88 39.04
N GLN J 345 -7.18 -15.34 39.67
CA GLN J 345 -6.26 -14.42 39.00
C GLN J 345 -5.71 -14.87 37.66
N GLU J 346 -5.23 -16.10 37.58
CA GLU J 346 -4.67 -16.61 36.33
C GLU J 346 -5.74 -16.67 35.24
N PHE J 347 -6.88 -17.24 35.56
CA PHE J 347 -7.98 -17.37 34.60
C PHE J 347 -8.42 -16.04 34.01
N TYR J 348 -8.80 -15.10 34.86
CA TYR J 348 -9.25 -13.80 34.39
C TYR J 348 -8.13 -12.87 33.97
N GLY J 349 -7.04 -12.85 34.73
CA GLY J 349 -5.93 -11.97 34.41
C GLY J 349 -5.03 -12.33 33.25
N GLU J 350 -5.00 -13.61 32.86
CA GLU J 350 -4.12 -14.03 31.77
C GLU J 350 -4.74 -14.93 30.71
N ARG J 351 -5.72 -15.75 31.10
CA ARG J 351 -6.34 -16.66 30.14
C ARG J 351 -7.66 -16.15 29.58
N ASP J 352 -7.87 -14.84 29.65
CA ASP J 352 -9.07 -14.22 29.10
C ASP J 352 -10.37 -14.81 29.69
N GLY J 353 -10.41 -14.94 31.01
CA GLY J 353 -11.58 -15.47 31.67
C GLY J 353 -12.85 -14.65 31.51
N TRP J 354 -12.68 -13.35 31.27
CA TRP J 354 -13.83 -12.47 31.10
C TRP J 354 -14.76 -12.92 29.97
N SER J 355 -14.20 -13.59 28.97
CA SER J 355 -15.01 -14.06 27.86
C SER J 355 -15.13 -15.58 27.83
N LYS J 356 -14.40 -16.25 28.71
CA LYS J 356 -14.45 -17.72 28.76
C LYS J 356 -15.33 -18.25 29.89
N GLU J 357 -15.55 -17.44 30.92
CA GLU J 357 -16.38 -17.84 32.06
C GLU J 357 -17.77 -18.26 31.59
N GLN J 358 -18.42 -19.10 32.38
CA GLN J 358 -19.77 -19.55 32.09
C GLN J 358 -20.59 -19.32 33.34
N LEU J 359 -21.34 -18.23 33.34
CA LEU J 359 -22.15 -17.85 34.49
C LEU J 359 -23.48 -18.59 34.56
N PHE J 360 -24.14 -18.49 35.71
CA PHE J 360 -25.45 -19.09 35.88
C PHE J 360 -26.32 -18.05 36.61
N PRO J 361 -27.65 -18.23 36.63
CA PRO J 361 -28.61 -17.32 37.26
C PRO J 361 -28.20 -16.45 38.45
N PRO J 362 -27.65 -17.06 39.51
CA PRO J 362 -27.26 -16.24 40.67
C PRO J 362 -26.27 -15.13 40.32
N ASP J 363 -25.46 -15.36 39.27
CA ASP J 363 -24.47 -14.37 38.85
C ASP J 363 -25.06 -13.12 38.20
N MET J 364 -26.36 -13.12 38.00
CA MET J 364 -27.01 -11.97 37.38
C MET J 364 -26.77 -10.67 38.14
N CYS J 365 -26.68 -10.73 39.46
CA CYS J 365 -26.44 -9.51 40.22
C CYS J 365 -25.06 -8.95 39.87
N ILE J 366 -24.09 -9.84 39.64
CA ILE J 366 -22.75 -9.42 39.27
C ILE J 366 -22.81 -8.83 37.86
N VAL J 367 -23.64 -9.43 37.02
CA VAL J 367 -23.82 -8.95 35.65
C VAL J 367 -24.34 -7.52 35.68
N LYS J 368 -25.37 -7.28 36.50
CA LYS J 368 -25.97 -5.96 36.63
C LYS J 368 -24.98 -4.94 37.16
N TRP J 369 -24.08 -5.39 38.04
CA TRP J 369 -23.06 -4.51 38.59
C TRP J 369 -22.04 -4.16 37.51
N ARG J 370 -21.61 -5.15 36.74
CA ARG J 370 -20.63 -4.91 35.68
C ARG J 370 -21.20 -3.92 34.67
N THR J 371 -22.48 -4.08 34.33
CA THR J 371 -23.14 -3.20 33.38
C THR J 371 -23.27 -1.77 33.91
N LEU J 372 -23.67 -1.64 35.17
CA LEU J 372 -23.82 -0.32 35.79
C LEU J 372 -22.45 0.37 35.90
N ALA J 373 -21.45 -0.39 36.32
CA ALA J 373 -20.10 0.16 36.48
C ALA J 373 -19.49 0.58 35.14
N SER J 374 -19.73 -0.20 34.10
CA SER J 374 -19.20 0.12 32.78
C SER J 374 -19.75 1.45 32.29
N GLU J 375 -21.00 1.72 32.65
CA GLU J 375 -21.67 2.95 32.27
C GLU J 375 -21.42 4.13 33.21
N ARG J 376 -21.35 3.86 34.50
CA ARG J 376 -21.18 4.95 35.46
C ARG J 376 -19.84 5.23 36.11
N GLY J 377 -18.88 4.32 35.97
CA GLY J 377 -17.57 4.57 36.55
C GLY J 377 -17.18 5.93 35.97
N ARG J 378 -16.61 6.80 36.79
CA ARG J 378 -16.26 8.15 36.31
C ARG J 378 -14.97 8.29 35.53
N GLY J 379 -14.17 7.23 35.51
CA GLY J 379 -12.92 7.28 34.78
C GLY J 379 -12.32 5.90 34.71
N VAL J 380 -11.68 5.58 33.59
CA VAL J 380 -11.06 4.27 33.40
C VAL J 380 -9.56 4.37 33.53
N ARG J 381 -9.01 3.58 34.45
CA ARG J 381 -7.57 3.54 34.66
C ARG J 381 -7.15 2.17 34.13
N ALA J 382 -6.57 2.15 32.92
CA ALA J 382 -6.16 0.90 32.29
C ALA J 382 -4.74 0.46 32.67
N SER K 16 19.06 -25.38 7.75
CA SER K 16 19.24 -25.23 9.22
C SER K 16 18.46 -26.30 9.98
N ALA K 17 18.23 -26.05 11.27
CA ALA K 17 17.49 -26.98 12.11
C ALA K 17 16.00 -26.91 11.78
N GLN K 18 15.51 -25.69 11.60
CA GLN K 18 14.10 -25.45 11.29
C GLN K 18 13.70 -26.11 9.96
N VAL K 19 14.70 -26.54 9.20
CA VAL K 19 14.45 -27.19 7.91
C VAL K 19 14.48 -28.70 8.04
N LYS K 20 15.35 -29.21 8.91
CA LYS K 20 15.50 -30.65 9.11
C LYS K 20 14.51 -31.26 10.10
N TRP K 21 14.19 -30.52 11.16
CA TRP K 21 13.27 -31.01 12.19
C TRP K 21 12.40 -29.88 12.75
N PRO K 22 11.63 -29.22 11.87
CA PRO K 22 10.72 -28.11 12.18
C PRO K 22 9.67 -28.36 13.26
N ARG K 23 9.01 -29.50 13.20
CA ARG K 23 7.96 -29.78 14.18
C ARG K 23 8.54 -30.09 15.56
N TYR K 24 9.77 -30.60 15.59
CA TYR K 24 10.43 -30.91 16.85
C TYR K 24 10.71 -29.56 17.53
N LEU K 25 11.16 -28.58 16.74
CA LEU K 25 11.46 -27.26 17.29
C LEU K 25 10.19 -26.53 17.71
N GLU K 26 9.06 -26.86 17.07
CA GLU K 26 7.79 -26.22 17.38
C GLU K 26 7.11 -26.81 18.61
N ALA K 27 7.41 -28.08 18.90
CA ALA K 27 6.82 -28.79 20.03
C ALA K 27 7.42 -28.40 21.37
N THR K 28 7.48 -27.09 21.63
CA THR K 28 8.04 -26.58 22.88
C THR K 28 7.31 -27.14 24.09
N LEU K 29 6.01 -27.34 23.94
CA LEU K 29 5.19 -27.85 25.02
C LEU K 29 4.91 -29.33 24.90
N GLY K 30 5.67 -30.00 24.02
CA GLY K 30 5.52 -31.44 23.84
C GLY K 30 4.68 -31.91 22.67
N PHE K 31 4.62 -33.24 22.48
CA PHE K 31 3.82 -33.84 21.41
C PHE K 31 2.54 -34.37 22.02
N ASP K 32 1.38 -33.85 21.58
CA ASP K 32 0.13 -34.37 22.10
C ASP K 32 -0.43 -35.47 21.20
N ASN K 33 -1.57 -36.05 21.59
CA ASN K 33 -2.17 -37.17 20.87
C ASN K 33 -1.24 -38.37 21.13
N HIS K 34 -0.79 -38.44 22.38
CA HIS K 34 0.11 -39.49 22.87
C HIS K 34 -0.23 -39.77 24.34
N TRP K 35 0.13 -40.95 24.81
CA TRP K 35 -0.07 -41.27 26.22
C TRP K 35 1.17 -40.72 26.94
N HIS K 36 0.97 -40.18 28.14
CA HIS K 36 2.08 -39.64 28.92
C HIS K 36 1.84 -40.03 30.37
N PRO K 37 2.92 -40.37 31.10
CA PRO K 37 2.75 -40.74 32.51
C PRO K 37 2.45 -39.49 33.32
N ALA K 38 1.51 -39.61 34.26
CA ALA K 38 1.12 -38.50 35.10
C ALA K 38 1.53 -38.69 36.54
N ALA K 39 1.47 -39.94 37.00
CA ALA K 39 1.82 -40.26 38.38
C ALA K 39 1.91 -41.77 38.56
N PHE K 40 2.24 -42.19 39.78
CA PHE K 40 2.34 -43.61 40.09
C PHE K 40 1.03 -44.04 40.76
N ASP K 41 0.53 -45.21 40.35
CA ASP K 41 -0.72 -45.74 40.88
C ASP K 41 -0.82 -45.68 42.40
N HIS K 42 0.29 -45.97 43.07
CA HIS K 42 0.32 -45.98 44.54
C HIS K 42 0.08 -44.60 45.17
N GLU K 43 0.15 -43.56 44.36
CA GLU K 43 -0.07 -42.20 44.88
C GLU K 43 -1.55 -41.91 45.08
N LEU K 44 -2.40 -42.81 44.60
CA LEU K 44 -3.85 -42.60 44.71
C LEU K 44 -4.64 -43.68 45.41
N ALA K 45 -5.21 -43.33 46.56
CA ALA K 45 -6.05 -44.27 47.30
C ALA K 45 -7.46 -43.82 46.96
N GLU K 46 -8.45 -44.65 47.29
CA GLU K 46 -9.84 -44.33 47.01
C GLU K 46 -10.18 -42.94 47.58
N GLY K 47 -10.83 -42.10 46.77
CA GLY K 47 -11.21 -40.78 47.23
C GLY K 47 -10.08 -39.78 47.37
N GLU K 48 -8.86 -40.19 47.07
CA GLU K 48 -7.71 -39.30 47.18
C GLU K 48 -7.56 -38.48 45.88
N PHE K 49 -6.92 -37.32 45.99
CA PHE K 49 -6.72 -36.44 44.83
C PHE K 49 -5.25 -36.15 44.60
N VAL K 50 -4.88 -35.98 43.33
CA VAL K 50 -3.51 -35.65 42.95
C VAL K 50 -3.57 -34.71 41.75
N ALA K 51 -2.96 -33.53 41.90
CA ALA K 51 -2.94 -32.54 40.83
C ALA K 51 -1.65 -32.59 40.04
N VAL K 52 -1.77 -32.61 38.72
CA VAL K 52 -0.59 -32.64 37.86
C VAL K 52 -0.78 -31.68 36.69
N THR K 53 0.32 -31.26 36.09
CA THR K 53 0.26 -30.36 34.94
C THR K 53 1.00 -31.05 33.81
N MET K 54 0.27 -31.34 32.74
CA MET K 54 0.84 -32.05 31.61
C MET K 54 0.70 -31.28 30.31
N LEU K 55 1.83 -30.99 29.68
CA LEU K 55 1.85 -30.25 28.43
C LEU K 55 0.98 -28.99 28.51
N GLY K 56 1.10 -28.28 29.64
CA GLY K 56 0.34 -27.06 29.82
C GLY K 56 -1.06 -27.20 30.39
N GLU K 57 -1.55 -28.43 30.53
CA GLU K 57 -2.90 -28.61 31.07
C GLU K 57 -2.90 -29.08 32.52
N LYS K 58 -3.65 -28.36 33.36
CA LYS K 58 -3.76 -28.72 34.76
C LYS K 58 -4.76 -29.87 34.84
N VAL K 59 -4.28 -31.04 35.26
CA VAL K 59 -5.11 -32.22 35.37
C VAL K 59 -5.31 -32.67 36.81
N LEU K 60 -6.53 -33.09 37.13
CA LEU K 60 -6.85 -33.55 38.47
C LEU K 60 -7.10 -35.05 38.44
N LEU K 61 -6.36 -35.79 39.25
CA LEU K 61 -6.51 -37.24 39.31
C LEU K 61 -7.15 -37.66 40.63
N THR K 62 -7.93 -38.73 40.58
CA THR K 62 -8.56 -39.26 41.78
C THR K 62 -8.95 -40.71 41.52
N ARG K 63 -9.23 -41.45 42.58
CA ARG K 63 -9.64 -42.83 42.43
C ARG K 63 -11.09 -42.93 42.85
N ALA K 64 -11.95 -43.27 41.90
CA ALA K 64 -13.37 -43.39 42.14
C ALA K 64 -13.78 -44.86 41.94
N LYS K 65 -14.32 -45.46 42.99
CA LYS K 65 -14.74 -46.85 42.94
C LYS K 65 -13.62 -47.74 42.42
N GLY K 66 -12.42 -47.51 42.93
CA GLY K 66 -11.27 -48.30 42.52
C GLY K 66 -10.59 -47.88 41.21
N GLU K 67 -11.26 -47.06 40.41
CA GLU K 67 -10.68 -46.63 39.14
C GLU K 67 -10.09 -45.23 39.19
N VAL K 68 -8.93 -45.07 38.58
CA VAL K 68 -8.27 -43.76 38.52
C VAL K 68 -8.94 -42.95 37.41
N LYS K 69 -9.35 -41.73 37.76
CA LYS K 69 -10.00 -40.85 36.80
C LYS K 69 -9.20 -39.57 36.65
N ALA K 70 -9.25 -38.97 35.46
CA ALA K 70 -8.56 -37.73 35.18
C ALA K 70 -9.52 -36.73 34.55
N ILE K 71 -9.65 -35.57 35.18
CA ILE K 71 -10.54 -34.51 34.72
C ILE K 71 -9.78 -33.20 34.72
N ALA K 72 -10.20 -32.26 33.88
CA ALA K 72 -9.55 -30.94 33.81
C ALA K 72 -9.63 -30.26 35.17
N ASP K 73 -8.48 -29.81 35.67
CA ASP K 73 -8.43 -29.14 36.96
C ASP K 73 -8.77 -27.66 36.79
N GLY K 74 -9.99 -27.41 36.34
CA GLY K 74 -10.46 -26.06 36.11
C GLY K 74 -11.97 -26.07 35.94
N CYS K 75 -12.66 -25.38 36.85
CA CYS K 75 -14.11 -25.29 36.84
C CYS K 75 -14.60 -24.49 35.64
N ALA K 76 -15.73 -24.90 35.06
CA ALA K 76 -16.30 -24.21 33.91
C ALA K 76 -16.91 -22.86 34.27
N HIS K 77 -17.24 -22.70 35.54
CA HIS K 77 -17.86 -21.48 36.05
C HIS K 77 -16.90 -20.29 36.03
N ARG K 78 -16.01 -20.21 37.01
CA ARG K 78 -15.06 -19.11 37.08
C ARG K 78 -13.61 -19.57 36.96
N GLY K 79 -13.43 -20.71 36.28
CA GLY K 79 -12.11 -21.25 36.03
C GLY K 79 -11.13 -21.59 37.14
N VAL K 80 -11.62 -21.71 38.37
CA VAL K 80 -10.72 -22.05 39.48
C VAL K 80 -10.31 -23.53 39.48
N PRO K 81 -9.12 -23.84 40.01
CA PRO K 81 -8.63 -25.22 40.07
C PRO K 81 -9.35 -25.96 41.20
N PHE K 82 -9.79 -27.18 40.95
CA PHE K 82 -10.44 -27.96 41.99
C PHE K 82 -9.40 -28.29 43.05
N SER K 83 -8.17 -28.52 42.59
CA SER K 83 -7.07 -28.87 43.47
C SER K 83 -6.85 -27.90 44.63
N LYS K 84 -7.42 -26.71 44.57
CA LYS K 84 -7.27 -25.74 45.66
C LYS K 84 -7.93 -26.34 46.90
N GLU K 85 -9.02 -27.06 46.68
CA GLU K 85 -9.76 -27.73 47.74
C GLU K 85 -10.67 -28.73 47.06
N PRO K 86 -10.11 -29.87 46.65
CA PRO K 86 -10.87 -30.93 45.97
C PRO K 86 -11.95 -31.54 46.87
N LEU K 87 -13.17 -31.55 46.36
CA LEU K 87 -14.29 -32.09 47.12
C LEU K 87 -15.00 -33.20 46.37
N CYS K 88 -15.51 -34.17 47.12
CA CYS K 88 -16.25 -35.28 46.56
C CYS K 88 -17.36 -35.67 47.53
N PHE K 89 -18.61 -35.58 47.08
CA PHE K 89 -19.75 -35.92 47.91
C PHE K 89 -20.43 -37.20 47.42
N LYS K 90 -19.82 -37.82 46.41
CA LYS K 90 -20.32 -39.06 45.84
C LYS K 90 -19.30 -39.60 44.85
N ALA K 91 -18.76 -40.78 45.14
CA ALA K 91 -17.76 -41.40 44.28
C ALA K 91 -18.24 -41.35 42.83
N GLY K 92 -17.34 -40.93 41.93
CA GLY K 92 -17.68 -40.82 40.54
C GLY K 92 -17.91 -39.38 40.12
N THR K 93 -17.95 -38.48 41.10
CA THR K 93 -18.16 -37.07 40.82
C THR K 93 -17.16 -36.21 41.57
N VAL K 94 -17.12 -34.94 41.21
CA VAL K 94 -16.25 -33.98 41.88
C VAL K 94 -17.01 -32.68 41.97
N SER K 95 -16.90 -32.01 43.12
CA SER K 95 -17.58 -30.74 43.32
C SER K 95 -16.59 -29.62 43.51
N CYS K 96 -16.83 -28.49 42.84
CA CYS K 96 -15.97 -27.33 42.97
C CYS K 96 -16.17 -26.72 44.35
N TRP K 97 -15.09 -26.27 44.95
CA TRP K 97 -15.14 -25.69 46.28
C TRP K 97 -15.76 -24.29 46.32
N TYR K 98 -15.82 -23.62 45.17
CA TYR K 98 -16.35 -22.25 45.12
C TYR K 98 -17.87 -22.16 45.16
N HIS K 99 -18.56 -22.68 44.13
CA HIS K 99 -20.02 -22.62 44.13
C HIS K 99 -20.71 -23.97 44.08
N GLY K 100 -19.96 -25.04 44.33
CA GLY K 100 -20.56 -26.36 44.35
C GLY K 100 -20.97 -27.00 43.03
N TRP K 101 -20.49 -26.48 41.91
CA TRP K 101 -20.81 -27.08 40.62
C TRP K 101 -20.23 -28.49 40.69
N THR K 102 -21.05 -29.49 40.38
CA THR K 102 -20.62 -30.89 40.46
C THR K 102 -20.59 -31.58 39.10
N TYR K 103 -19.49 -32.29 38.81
CA TYR K 103 -19.33 -32.95 37.54
C TYR K 103 -19.20 -34.47 37.62
N ASP K 104 -19.60 -35.13 36.54
CA ASP K 104 -19.51 -36.58 36.42
C ASP K 104 -18.11 -36.86 35.89
N LEU K 105 -17.35 -37.69 36.59
CA LEU K 105 -15.98 -38.00 36.17
C LEU K 105 -15.89 -38.81 34.87
N ASP K 106 -16.97 -39.51 34.51
CA ASP K 106 -16.95 -40.31 33.29
C ASP K 106 -17.09 -39.49 32.01
N ASP K 107 -17.80 -38.37 32.07
CA ASP K 107 -17.99 -37.55 30.87
C ASP K 107 -17.72 -36.07 31.06
N GLY K 108 -17.31 -35.69 32.27
CA GLY K 108 -17.03 -34.28 32.54
C GLY K 108 -18.23 -33.35 32.48
N ARG K 109 -19.43 -33.92 32.46
CA ARG K 109 -20.66 -33.13 32.39
C ARG K 109 -21.09 -32.55 33.73
N LEU K 110 -21.68 -31.37 33.69
CA LEU K 110 -22.19 -30.72 34.91
C LEU K 110 -23.49 -31.42 35.24
N VAL K 111 -23.48 -32.24 36.29
CA VAL K 111 -24.67 -32.99 36.68
C VAL K 111 -25.47 -32.35 37.82
N ASP K 112 -24.93 -31.32 38.45
CA ASP K 112 -25.65 -30.67 39.55
C ASP K 112 -24.92 -29.43 40.07
N VAL K 113 -25.65 -28.63 40.84
CA VAL K 113 -25.11 -27.44 41.47
C VAL K 113 -25.64 -27.44 42.89
N LEU K 114 -24.76 -27.75 43.84
CA LEU K 114 -25.13 -27.83 45.25
C LEU K 114 -25.73 -26.54 45.82
N THR K 115 -25.29 -25.39 45.29
CA THR K 115 -25.80 -24.12 45.79
C THR K 115 -27.06 -23.64 45.09
N SER K 116 -27.50 -24.37 44.07
CA SER K 116 -28.69 -24.00 43.31
C SER K 116 -29.32 -25.22 42.64
N PRO K 117 -30.00 -26.07 43.43
CA PRO K 117 -30.63 -27.27 42.86
C PRO K 117 -31.60 -26.93 41.72
N GLY K 118 -31.56 -27.72 40.66
CA GLY K 118 -32.44 -27.49 39.53
C GLY K 118 -32.02 -26.35 38.63
N SER K 119 -30.82 -25.81 38.82
CA SER K 119 -30.34 -24.71 37.99
C SER K 119 -30.42 -25.12 36.51
N PRO K 120 -30.81 -24.19 35.63
CA PRO K 120 -30.93 -24.48 34.20
C PRO K 120 -29.63 -24.79 33.47
N VAL K 121 -28.49 -24.44 34.06
CA VAL K 121 -27.21 -24.73 33.41
C VAL K 121 -26.84 -26.20 33.51
N ILE K 122 -27.49 -26.93 34.41
CA ILE K 122 -27.22 -28.34 34.61
C ILE K 122 -27.52 -29.11 33.32
N GLY K 123 -26.56 -29.93 32.89
CA GLY K 123 -26.72 -30.71 31.68
C GLY K 123 -26.34 -29.95 30.42
N LYS K 124 -26.11 -28.64 30.54
CA LYS K 124 -25.74 -27.82 29.39
C LYS K 124 -24.26 -27.42 29.41
N ILE K 125 -23.56 -27.78 30.48
CA ILE K 125 -22.15 -27.44 30.60
C ILE K 125 -21.33 -28.70 30.81
N GLY K 126 -20.05 -28.64 30.42
CA GLY K 126 -19.18 -29.77 30.59
C GLY K 126 -17.71 -29.37 30.45
N ILE K 127 -16.83 -30.12 31.10
CA ILE K 127 -15.39 -29.85 31.01
C ILE K 127 -14.68 -31.11 30.53
N LYS K 128 -13.44 -30.95 30.12
CA LYS K 128 -12.64 -32.05 29.60
C LYS K 128 -12.28 -33.17 30.60
N VAL K 129 -12.41 -34.41 30.14
CA VAL K 129 -12.04 -35.59 30.93
C VAL K 129 -11.02 -36.30 30.05
N TYR K 130 -10.04 -36.96 30.66
CA TYR K 130 -9.00 -37.63 29.87
C TYR K 130 -8.98 -39.14 30.01
N PRO K 131 -8.70 -39.84 28.90
CA PRO K 131 -8.65 -41.30 28.95
C PRO K 131 -7.49 -41.66 29.85
N VAL K 132 -7.68 -42.64 30.71
CA VAL K 132 -6.63 -43.06 31.63
C VAL K 132 -6.36 -44.55 31.55
N GLN K 133 -5.10 -44.93 31.67
CA GLN K 133 -4.74 -46.32 31.68
C GLN K 133 -3.57 -46.55 32.62
N VAL K 134 -3.77 -47.45 33.59
CA VAL K 134 -2.73 -47.77 34.54
C VAL K 134 -2.05 -49.05 34.05
N ALA K 135 -0.73 -49.00 33.93
CA ALA K 135 0.04 -50.15 33.50
C ALA K 135 1.39 -50.15 34.22
N GLN K 136 1.79 -51.32 34.70
CA GLN K 136 3.05 -51.46 35.42
C GLN K 136 3.15 -50.45 36.57
N GLY K 137 2.04 -50.23 37.26
CA GLY K 137 2.02 -49.30 38.38
C GLY K 137 2.14 -47.82 38.02
N VAL K 138 2.08 -47.52 36.73
CA VAL K 138 2.18 -46.15 36.27
C VAL K 138 0.85 -45.66 35.70
N VAL K 139 0.43 -44.47 36.12
CA VAL K 139 -0.81 -43.89 35.62
C VAL K 139 -0.53 -43.09 34.36
N PHE K 140 -1.06 -43.58 33.23
CA PHE K 140 -0.88 -42.91 31.94
C PHE K 140 -2.16 -42.15 31.58
N VAL K 141 -1.98 -40.96 31.03
CA VAL K 141 -3.10 -40.12 30.63
C VAL K 141 -2.94 -39.75 29.16
N PHE K 142 -4.01 -39.87 28.38
CA PHE K 142 -3.92 -39.53 26.97
C PHE K 142 -4.19 -38.05 26.77
N ILE K 143 -3.17 -37.33 26.32
CA ILE K 143 -3.28 -35.90 26.07
C ILE K 143 -3.44 -35.66 24.59
N GLY K 144 -4.51 -34.97 24.20
CA GLY K 144 -4.77 -34.70 22.80
C GLY K 144 -6.26 -34.66 22.53
N ASP K 145 -6.66 -34.21 21.34
CA ASP K 145 -8.08 -34.13 21.01
C ASP K 145 -8.57 -35.37 20.27
N GLU K 146 -7.65 -36.24 19.89
CA GLU K 146 -8.03 -37.47 19.18
C GLU K 146 -8.38 -38.56 20.17
N GLU K 147 -9.02 -39.62 19.68
CA GLU K 147 -9.35 -40.75 20.54
C GLU K 147 -8.02 -41.44 20.78
N PRO K 148 -7.86 -42.10 21.93
CA PRO K 148 -6.59 -42.77 22.19
C PRO K 148 -6.34 -44.04 21.38
N HIS K 149 -5.06 -44.33 21.13
CA HIS K 149 -4.64 -45.53 20.42
C HIS K 149 -4.03 -46.43 21.50
N ALA K 150 -3.49 -47.57 21.12
CA ALA K 150 -2.90 -48.50 22.08
C ALA K 150 -1.72 -47.88 22.84
N LEU K 151 -1.76 -48.00 24.17
CA LEU K 151 -0.71 -47.46 25.03
C LEU K 151 0.68 -47.95 24.62
N SER K 152 0.75 -49.18 24.15
CA SER K 152 2.02 -49.77 23.74
C SER K 152 2.73 -49.00 22.63
N GLU K 153 1.99 -48.21 21.88
CA GLU K 153 2.61 -47.44 20.79
C GLU K 153 3.42 -46.25 21.32
N ASP K 154 3.18 -45.88 22.57
CA ASP K 154 3.88 -44.76 23.19
C ASP K 154 4.87 -45.19 24.26
N LEU K 155 5.32 -46.44 24.18
CA LEU K 155 6.27 -46.97 25.15
C LEU K 155 7.37 -47.78 24.49
N PRO K 156 8.57 -47.76 25.08
CA PRO K 156 9.68 -48.53 24.51
C PRO K 156 9.34 -50.01 24.60
N PRO K 157 9.85 -50.82 23.66
CA PRO K 157 9.57 -52.25 23.69
C PRO K 157 10.06 -52.85 25.03
N GLY K 158 9.31 -53.79 25.57
CA GLY K 158 9.70 -54.41 26.83
C GLY K 158 9.11 -53.80 28.08
N PHE K 159 8.67 -52.55 27.99
CA PHE K 159 8.09 -51.86 29.14
C PHE K 159 6.89 -52.60 29.74
N LEU K 160 6.05 -53.16 28.87
CA LEU K 160 4.85 -53.87 29.33
C LEU K 160 5.02 -55.37 29.54
N ASP K 161 6.25 -55.87 29.43
CA ASP K 161 6.51 -57.30 29.63
C ASP K 161 5.82 -57.77 30.92
N GLU K 162 4.95 -58.77 30.79
CA GLU K 162 4.19 -59.27 31.92
C GLU K 162 4.96 -59.99 33.03
N ASP K 163 6.13 -60.57 32.72
CA ASP K 163 6.89 -61.27 33.76
C ASP K 163 7.89 -60.35 34.49
N THR K 164 7.50 -59.09 34.67
CA THR K 164 8.37 -58.13 35.36
C THR K 164 7.56 -57.23 36.27
N HIS K 165 8.27 -56.42 37.05
CA HIS K 165 7.65 -55.45 37.94
C HIS K 165 8.45 -54.18 37.79
N LEU K 166 7.77 -53.03 37.85
CA LEU K 166 8.44 -51.75 37.71
C LEU K 166 8.27 -50.88 38.95
N LEU K 167 9.30 -50.12 39.27
CA LEU K 167 9.27 -49.22 40.42
C LEU K 167 9.98 -47.95 40.02
N GLY K 168 9.42 -46.81 40.40
CA GLY K 168 10.05 -45.55 40.03
C GLY K 168 9.61 -44.34 40.81
N ILE K 169 10.22 -43.21 40.47
CA ILE K 169 9.92 -41.93 41.09
C ILE K 169 9.80 -40.84 40.02
N ARG K 170 9.29 -39.68 40.43
CA ARG K 170 9.14 -38.57 39.52
C ARG K 170 9.49 -37.29 40.25
N ARG K 171 9.99 -36.31 39.51
CA ARG K 171 10.38 -35.02 40.09
C ARG K 171 10.30 -33.96 39.00
N THR K 172 10.22 -32.70 39.41
CA THR K 172 10.14 -31.59 38.47
C THR K 172 11.55 -31.13 38.15
N VAL K 173 11.80 -30.85 36.86
CA VAL K 173 13.10 -30.37 36.42
C VAL K 173 12.88 -29.04 35.71
N GLN K 174 13.72 -28.05 36.03
CA GLN K 174 13.60 -26.72 35.46
C GLN K 174 14.24 -26.53 34.09
N SER K 175 13.75 -27.28 33.10
CA SER K 175 14.26 -27.15 31.74
C SER K 175 13.21 -27.67 30.79
N ASN K 176 13.29 -27.24 29.54
CA ASN K 176 12.36 -27.70 28.52
C ASN K 176 12.54 -29.21 28.43
N TRP K 177 11.45 -29.92 28.16
CA TRP K 177 11.45 -31.37 28.08
C TRP K 177 12.42 -31.98 27.07
N ARG K 178 12.68 -31.28 25.98
CA ARG K 178 13.58 -31.79 24.96
C ARG K 178 15.01 -31.90 25.48
N LEU K 179 15.41 -30.98 26.37
CA LEU K 179 16.75 -31.00 26.93
C LEU K 179 16.88 -32.21 27.84
N GLY K 180 15.74 -32.69 28.35
CA GLY K 180 15.75 -33.86 29.20
C GLY K 180 15.96 -35.10 28.34
N VAL K 181 15.22 -35.18 27.25
CA VAL K 181 15.32 -36.32 26.32
C VAL K 181 16.72 -36.46 25.74
N GLU K 182 17.28 -35.34 25.29
CA GLU K 182 18.62 -35.35 24.70
C GLU K 182 19.74 -35.57 25.72
N ASN K 183 19.45 -35.29 26.98
CA ASN K 183 20.42 -35.53 28.05
C ASN K 183 20.38 -37.02 28.37
N GLY K 184 19.20 -37.61 28.27
CA GLY K 184 19.06 -39.04 28.53
C GLY K 184 19.65 -39.86 27.39
N PHE K 185 19.41 -39.43 26.15
CA PHE K 185 19.89 -40.13 24.97
C PHE K 185 21.20 -39.52 24.46
N ASP K 186 22.15 -39.32 25.37
CA ASP K 186 23.43 -38.73 25.03
C ASP K 186 24.55 -39.71 25.35
N THR K 187 25.21 -40.18 24.30
CA THR K 187 26.28 -41.16 24.37
C THR K 187 27.63 -40.74 24.99
N THR K 188 27.91 -39.45 25.04
CA THR K 188 29.17 -38.99 25.62
C THR K 188 29.04 -38.10 26.86
N HIS K 189 27.82 -37.78 27.28
CA HIS K 189 27.62 -36.95 28.45
C HIS K 189 27.96 -37.72 29.72
N ILE K 190 27.93 -39.06 29.63
CA ILE K 190 28.23 -39.90 30.78
C ILE K 190 29.54 -39.51 31.45
N PHE K 191 30.34 -38.74 30.72
CA PHE K 191 31.62 -38.25 31.23
C PHE K 191 31.39 -37.51 32.56
N MET K 192 30.25 -36.83 32.66
CA MET K 192 29.93 -36.07 33.87
C MET K 192 29.54 -36.97 35.05
N HIS K 193 29.27 -38.24 34.78
CA HIS K 193 28.89 -39.18 35.83
C HIS K 193 30.10 -39.98 36.35
N ARG K 194 31.27 -39.71 35.80
CA ARG K 194 32.48 -40.45 36.20
C ARG K 194 32.77 -40.52 37.70
N ASN K 195 32.36 -39.51 38.45
CA ASN K 195 32.63 -39.52 39.89
C ASN K 195 31.43 -39.86 40.78
N SER K 196 30.34 -40.32 40.18
CA SER K 196 29.18 -40.71 40.98
C SER K 196 29.57 -41.89 41.87
N PRO K 197 29.16 -41.86 43.14
CA PRO K 197 29.50 -42.97 44.03
C PRO K 197 28.89 -44.28 43.56
N TRP K 198 27.98 -44.21 42.60
CA TRP K 198 27.34 -45.42 42.10
C TRP K 198 28.26 -46.21 41.18
N VAL K 199 29.18 -45.52 40.49
CA VAL K 199 30.09 -46.20 39.60
C VAL K 199 30.91 -47.24 40.36
N SER K 200 31.60 -46.82 41.41
CA SER K 200 32.39 -47.76 42.21
C SER K 200 31.42 -48.50 43.13
N GLY K 201 30.36 -47.81 43.56
CA GLY K 201 29.38 -48.41 44.45
C GLY K 201 28.86 -49.73 43.91
N ASN K 202 28.57 -49.78 42.61
CA ASN K 202 28.07 -51.01 42.02
C ASN K 202 29.10 -51.61 41.06
N ARG K 203 30.38 -51.31 41.33
CA ARG K 203 31.50 -51.82 40.56
C ARG K 203 31.20 -51.88 39.05
N LEU K 204 30.81 -50.75 38.48
CA LEU K 204 30.47 -50.71 37.07
C LEU K 204 31.62 -50.51 36.09
N ALA K 205 31.47 -51.11 34.92
CA ALA K 205 32.44 -50.95 33.84
C ALA K 205 31.80 -49.72 33.18
N PHE K 206 32.25 -48.54 33.59
CA PHE K 206 31.68 -47.30 33.08
C PHE K 206 32.70 -46.42 32.37
N PRO K 207 32.64 -46.34 31.04
CA PRO K 207 33.58 -45.52 30.27
C PRO K 207 33.23 -44.04 30.39
N TYR K 208 34.11 -43.19 29.87
CA TYR K 208 33.91 -41.75 29.89
C TYR K 208 32.98 -41.34 28.76
N GLY K 209 32.73 -42.28 27.85
CA GLY K 209 31.86 -42.03 26.72
C GLY K 209 31.95 -43.11 25.65
N PHE K 210 30.95 -43.18 24.78
CA PHE K 210 30.95 -44.15 23.69
C PHE K 210 30.98 -43.40 22.37
N VAL K 211 31.74 -43.90 21.40
CA VAL K 211 31.81 -43.25 20.09
C VAL K 211 31.39 -44.22 19.00
N PRO K 212 30.47 -43.80 18.13
CA PRO K 212 30.02 -44.68 17.04
C PRO K 212 31.24 -45.16 16.26
N ALA K 213 31.45 -46.47 16.26
CA ALA K 213 32.60 -47.07 15.58
C ALA K 213 32.34 -47.39 14.12
N ASP K 214 31.12 -47.79 13.80
CA ASP K 214 30.77 -48.13 12.42
C ASP K 214 29.28 -47.88 12.18
N ARG K 215 28.78 -48.32 11.03
CA ARG K 215 27.37 -48.16 10.74
C ARG K 215 26.68 -49.23 11.56
N ASP K 216 25.37 -49.12 11.71
CA ASP K 216 24.60 -50.08 12.51
C ASP K 216 24.76 -49.68 13.97
N ALA K 217 25.59 -48.68 14.22
CA ALA K 217 25.82 -48.19 15.57
C ALA K 217 24.51 -47.53 16.01
N MET K 218 23.76 -47.03 15.03
CA MET K 218 22.48 -46.38 15.28
C MET K 218 21.41 -46.98 14.38
N GLN K 219 20.32 -47.42 15.00
CA GLN K 219 19.23 -48.04 14.26
C GLN K 219 17.93 -47.26 14.46
N VAL K 220 17.30 -46.88 13.36
CA VAL K 220 16.05 -46.14 13.41
C VAL K 220 14.87 -47.08 13.17
N TYR K 221 13.89 -47.06 14.07
CA TYR K 221 12.71 -47.89 13.93
C TYR K 221 11.51 -47.01 13.61
N ASP K 222 11.17 -46.92 12.33
CA ASP K 222 10.04 -46.09 11.91
C ASP K 222 8.96 -46.90 11.19
N GLU K 223 8.98 -48.22 11.37
CA GLU K 223 7.99 -49.11 10.77
C GLU K 223 6.96 -49.44 11.84
N ASN K 224 5.74 -48.95 11.67
CA ASN K 224 4.68 -49.19 12.66
C ASN K 224 5.11 -48.56 13.98
N TRP K 225 4.42 -48.92 15.07
CA TRP K 225 4.73 -48.39 16.39
C TRP K 225 5.12 -49.49 17.37
N PRO K 226 5.93 -49.18 18.39
CA PRO K 226 6.51 -47.84 18.66
C PRO K 226 7.67 -47.49 17.74
N LYS K 227 8.00 -46.20 17.67
CA LYS K 227 9.09 -45.74 16.83
C LYS K 227 10.17 -45.09 17.69
N GLY K 228 11.42 -45.23 17.29
CA GLY K 228 12.51 -44.63 18.06
C GLY K 228 13.87 -44.86 17.45
N VAL K 229 14.90 -44.57 18.22
CA VAL K 229 16.28 -44.74 17.78
C VAL K 229 17.05 -45.55 18.83
N LEU K 230 17.76 -46.57 18.37
CA LEU K 230 18.51 -47.44 19.26
C LEU K 230 20.01 -47.38 18.97
N ASP K 231 20.79 -47.22 20.04
CA ASP K 231 22.24 -47.18 19.93
C ASP K 231 22.79 -48.50 20.46
N ARG K 232 23.62 -49.17 19.66
CA ARG K 232 24.23 -50.44 20.05
C ARG K 232 25.61 -50.18 20.63
N LEU K 233 25.62 -49.61 21.83
CA LEU K 233 26.86 -49.28 22.52
C LEU K 233 27.79 -50.48 22.63
N SER K 234 27.19 -51.63 22.96
CA SER K 234 27.94 -52.86 23.13
C SER K 234 28.57 -53.43 21.86
N GLU K 235 27.83 -53.44 20.77
CA GLU K 235 28.29 -54.00 19.51
C GLU K 235 29.03 -53.07 18.55
N ASN K 236 28.53 -51.85 18.36
CA ASN K 236 29.14 -50.95 17.40
C ASN K 236 29.63 -49.58 17.85
N TYR K 237 30.07 -49.48 19.10
CA TYR K 237 30.59 -48.22 19.63
C TYR K 237 31.96 -48.48 20.26
N MET K 238 32.80 -47.46 20.28
CA MET K 238 34.11 -47.59 20.90
C MET K 238 34.03 -46.92 22.27
N PRO K 239 34.19 -47.71 23.34
CA PRO K 239 34.12 -47.13 24.69
C PRO K 239 35.46 -46.45 25.03
N VAL K 240 35.37 -45.25 25.59
CA VAL K 240 36.57 -44.52 25.97
C VAL K 240 36.82 -44.69 27.46
N PHE K 241 37.75 -45.59 27.80
CA PHE K 241 38.07 -45.86 29.19
C PHE K 241 39.26 -45.04 29.70
N GLU K 242 39.93 -44.35 28.78
CA GLU K 242 41.07 -43.52 29.13
C GLU K 242 41.01 -42.20 28.37
N ALA K 243 41.13 -41.09 29.08
CA ALA K 243 41.10 -39.76 28.47
C ALA K 243 42.53 -39.21 28.38
N THR K 244 42.88 -38.70 27.21
CA THR K 244 44.22 -38.16 27.01
C THR K 244 44.22 -36.68 26.64
N LEU K 245 45.30 -35.99 26.98
CA LEU K 245 45.46 -34.57 26.69
C LEU K 245 46.93 -34.23 26.46
N ASP K 246 47.29 -33.94 25.22
CA ASP K 246 48.68 -33.60 24.88
C ASP K 246 49.67 -34.70 25.24
N GLY K 247 49.41 -35.91 24.74
CA GLY K 247 50.30 -37.03 24.99
C GLY K 247 50.36 -37.53 26.41
N GLU K 248 49.35 -37.23 27.21
CA GLU K 248 49.33 -37.68 28.60
C GLU K 248 47.93 -38.19 28.99
N THR K 249 47.90 -39.24 29.80
CA THR K 249 46.62 -39.80 30.25
C THR K 249 46.26 -39.06 31.53
N VAL K 250 45.22 -38.22 31.45
CA VAL K 250 44.78 -37.45 32.59
C VAL K 250 43.62 -38.11 33.33
N LEU K 251 43.02 -39.09 32.69
CA LEU K 251 41.87 -39.79 33.28
C LEU K 251 41.88 -41.26 32.88
N SER K 252 41.68 -42.14 33.85
CA SER K 252 41.66 -43.57 33.57
C SER K 252 40.55 -44.27 34.36
N ALA K 253 39.64 -44.91 33.66
CA ALA K 253 38.55 -45.62 34.30
C ALA K 253 38.90 -47.09 34.42
N GLU K 254 39.59 -47.43 35.51
CA GLU K 254 40.03 -48.79 35.83
C GLU K 254 39.07 -49.85 35.28
N LEU K 255 39.54 -50.61 34.29
CA LEU K 255 38.71 -51.67 33.72
C LEU K 255 39.30 -53.04 34.01
N THR K 256 38.58 -53.81 34.81
CA THR K 256 38.99 -55.17 35.17
C THR K 256 37.86 -56.11 34.76
N GLY K 257 38.17 -57.40 34.62
CA GLY K 257 37.16 -58.37 34.23
C GLY K 257 36.19 -58.68 35.36
N GLU K 258 36.21 -57.84 36.39
CA GLU K 258 35.34 -58.03 37.55
C GLU K 258 34.14 -57.07 37.57
N GLU K 259 34.20 -56.01 36.77
CA GLU K 259 33.12 -55.03 36.74
C GLU K 259 31.82 -55.53 36.14
N LYS K 260 30.71 -54.93 36.56
CA LYS K 260 29.40 -55.29 36.05
C LYS K 260 29.17 -54.59 34.71
N LYS K 261 28.60 -55.32 33.76
CA LYS K 261 28.32 -54.78 32.44
C LYS K 261 26.95 -54.11 32.41
N VAL K 262 26.92 -52.83 32.04
CA VAL K 262 25.66 -52.10 31.96
C VAL K 262 25.61 -51.27 30.69
N ALA K 263 24.41 -50.84 30.32
CA ALA K 263 24.24 -50.02 29.12
C ALA K 263 24.78 -50.67 27.85
N ALA K 264 24.27 -51.85 27.52
CA ALA K 264 24.69 -52.54 26.31
C ALA K 264 24.01 -51.83 25.14
N GLN K 265 22.83 -51.27 25.43
CA GLN K 265 22.04 -50.53 24.43
C GLN K 265 21.25 -49.42 25.12
N VAL K 266 21.13 -48.28 24.44
CA VAL K 266 20.35 -47.17 24.97
C VAL K 266 19.48 -46.71 23.80
N SER K 267 18.20 -46.49 24.06
CA SER K 267 17.27 -46.07 23.02
C SER K 267 16.22 -45.08 23.52
N VAL K 268 15.67 -44.32 22.58
CA VAL K 268 14.63 -43.34 22.88
C VAL K 268 13.48 -43.59 21.92
N TRP K 269 12.25 -43.55 22.44
CA TRP K 269 11.07 -43.80 21.62
C TRP K 269 10.05 -42.69 21.77
N LEU K 270 9.29 -42.43 20.69
CA LEU K 270 8.26 -41.39 20.74
C LEU K 270 7.23 -41.79 21.80
N PRO K 271 6.61 -40.80 22.47
CA PRO K 271 6.80 -39.36 22.32
C PRO K 271 8.08 -38.81 22.93
N GLY K 272 8.95 -39.71 23.39
CA GLY K 272 10.21 -39.29 24.00
C GLY K 272 10.47 -40.06 25.29
N VAL K 273 10.67 -41.37 25.18
CA VAL K 273 10.91 -42.24 26.33
C VAL K 273 12.26 -42.97 26.17
N LEU K 274 13.10 -42.87 27.20
CA LEU K 274 14.41 -43.49 27.18
C LEU K 274 14.39 -44.91 27.76
N LYS K 275 15.29 -45.77 27.28
CA LYS K 275 15.41 -47.14 27.76
C LYS K 275 16.89 -47.51 27.81
N VAL K 276 17.44 -47.64 29.02
CA VAL K 276 18.84 -48.01 29.19
C VAL K 276 18.85 -49.49 29.55
N ASP K 277 19.44 -50.30 28.68
CA ASP K 277 19.46 -51.75 28.84
C ASP K 277 20.85 -52.38 28.85
N PRO K 278 21.30 -52.88 30.02
CA PRO K 278 20.59 -52.85 31.30
C PRO K 278 21.14 -51.70 32.14
N PHE K 279 20.39 -51.27 33.15
CA PHE K 279 20.82 -50.18 34.02
C PHE K 279 19.76 -50.00 35.10
N PRO K 280 20.17 -49.57 36.31
CA PRO K 280 21.51 -49.24 36.78
C PRO K 280 22.28 -50.46 37.27
N ASP K 281 21.73 -51.64 36.99
CA ASP K 281 22.34 -52.91 37.38
C ASP K 281 22.08 -53.90 36.26
N PRO K 282 22.95 -54.91 36.09
CA PRO K 282 22.73 -55.89 35.03
C PRO K 282 21.36 -56.56 35.10
N THR K 283 20.76 -56.57 36.29
CA THR K 283 19.45 -57.19 36.51
C THR K 283 18.28 -56.23 36.30
N LEU K 284 18.57 -54.99 35.96
CA LEU K 284 17.50 -54.02 35.78
C LEU K 284 17.58 -53.27 34.45
N ILE K 285 16.44 -52.71 34.05
CA ILE K 285 16.36 -51.91 32.84
C ILE K 285 15.79 -50.60 33.35
N GLN K 286 16.30 -49.49 32.83
CA GLN K 286 15.82 -48.18 33.27
C GLN K 286 15.12 -47.40 32.16
N TYR K 287 13.92 -46.94 32.48
CA TYR K 287 13.11 -46.16 31.55
C TYR K 287 12.98 -44.75 32.12
N GLU K 288 13.05 -43.76 31.24
CA GLU K 288 12.91 -42.39 31.71
C GLU K 288 11.92 -41.64 30.84
N PHE K 289 11.07 -40.84 31.48
CA PHE K 289 10.09 -40.04 30.78
C PHE K 289 10.42 -38.59 31.10
N TYR K 290 10.09 -37.69 30.17
CA TYR K 290 10.34 -36.27 30.37
C TYR K 290 9.10 -35.55 29.87
N VAL K 291 8.02 -35.69 30.63
CA VAL K 291 6.74 -35.07 30.27
C VAL K 291 6.73 -33.57 30.50
N PRO K 292 6.43 -32.80 29.44
CA PRO K 292 6.38 -31.34 29.53
C PRO K 292 5.36 -30.87 30.56
N ILE K 293 5.73 -29.86 31.34
CA ILE K 293 4.85 -29.26 32.33
C ILE K 293 4.47 -27.92 31.71
N SER K 294 5.50 -27.14 31.40
CA SER K 294 5.36 -25.83 30.78
C SER K 294 6.42 -25.77 29.69
N GLU K 295 6.66 -24.59 29.14
CA GLU K 295 7.66 -24.45 28.09
C GLU K 295 9.06 -24.60 28.66
N THR K 296 9.21 -24.33 29.95
CA THR K 296 10.52 -24.38 30.60
C THR K 296 10.68 -25.41 31.71
N GLN K 297 9.75 -26.35 31.81
CA GLN K 297 9.82 -27.35 32.86
C GLN K 297 9.28 -28.69 32.39
N HIS K 298 9.77 -29.77 33.00
CA HIS K 298 9.26 -31.10 32.66
C HIS K 298 9.30 -32.02 33.87
N GLU K 299 8.45 -33.04 33.82
CA GLU K 299 8.39 -34.01 34.90
C GLU K 299 9.27 -35.19 34.50
N TYR K 300 10.35 -35.38 35.26
CA TYR K 300 11.31 -36.45 35.02
C TYR K 300 10.93 -37.72 35.78
N PHE K 301 10.56 -38.75 35.03
CA PHE K 301 10.19 -40.04 35.59
C PHE K 301 11.37 -41.02 35.43
N GLN K 302 11.60 -41.81 36.46
CA GLN K 302 12.65 -42.82 36.41
C GLN K 302 11.97 -44.11 36.83
N VAL K 303 11.92 -45.09 35.95
CA VAL K 303 11.27 -46.34 36.27
C VAL K 303 12.19 -47.54 36.05
N LEU K 304 12.35 -48.34 37.09
CA LEU K 304 13.21 -49.51 37.03
C LEU K 304 12.37 -50.77 36.89
N GLN K 305 12.78 -51.64 35.98
CA GLN K 305 12.07 -52.87 35.69
C GLN K 305 12.88 -54.11 36.04
N ARG K 306 12.27 -55.02 36.78
CA ARG K 306 12.93 -56.25 37.20
C ARG K 306 12.11 -57.49 36.89
N LYS K 307 12.79 -58.58 36.56
CA LYS K 307 12.09 -59.83 36.31
C LYS K 307 11.58 -60.30 37.66
N VAL K 308 10.38 -60.84 37.68
CA VAL K 308 9.79 -61.36 38.92
C VAL K 308 8.98 -62.59 38.56
N GLU K 309 9.04 -63.61 39.40
CA GLU K 309 8.31 -64.85 39.15
C GLU K 309 7.01 -64.89 39.94
N GLY K 310 7.02 -64.28 41.12
CA GLY K 310 5.84 -64.26 41.96
C GLY K 310 5.84 -63.13 42.98
N PRO K 311 4.84 -63.10 43.88
CA PRO K 311 4.69 -62.07 44.92
C PRO K 311 5.95 -61.80 45.73
N GLU K 312 6.70 -62.86 46.04
CA GLU K 312 7.91 -62.74 46.83
C GLU K 312 8.97 -61.87 46.14
N ASP K 313 9.16 -62.09 44.84
CA ASP K 313 10.14 -61.33 44.08
C ASP K 313 9.76 -59.85 44.05
N VAL K 314 8.46 -59.58 43.93
CA VAL K 314 7.97 -58.21 43.90
C VAL K 314 8.37 -57.53 45.20
N LYS K 315 8.14 -58.22 46.32
CA LYS K 315 8.47 -57.67 47.63
C LYS K 315 9.98 -57.45 47.75
N THR K 316 10.76 -58.42 47.29
CA THR K 316 12.21 -58.32 47.34
C THR K 316 12.70 -57.11 46.56
N PHE K 317 12.16 -56.92 45.35
CA PHE K 317 12.52 -55.79 44.50
C PHE K 317 12.13 -54.48 45.19
N GLU K 318 10.94 -54.44 45.77
CA GLU K 318 10.47 -53.25 46.46
C GLU K 318 11.42 -52.91 47.61
N VAL K 319 11.92 -53.94 48.28
CA VAL K 319 12.86 -53.76 49.38
C VAL K 319 14.20 -53.23 48.89
N GLU K 320 14.73 -53.80 47.81
CA GLU K 320 16.02 -53.34 47.26
C GLU K 320 15.88 -51.91 46.74
N PHE K 321 14.73 -51.62 46.14
CA PHE K 321 14.47 -50.29 45.60
C PHE K 321 14.56 -49.29 46.75
N GLU K 322 13.87 -49.59 47.83
CA GLU K 322 13.84 -48.73 49.01
C GLU K 322 15.18 -48.61 49.73
N GLU K 323 15.92 -49.72 49.81
CA GLU K 323 17.19 -49.73 50.52
C GLU K 323 18.41 -49.39 49.68
N ARG K 324 18.32 -49.54 48.37
CA ARG K 324 19.48 -49.29 47.52
C ARG K 324 19.24 -48.57 46.19
N TRP K 325 18.56 -49.24 45.26
CA TRP K 325 18.29 -48.70 43.92
C TRP K 325 17.90 -47.22 43.83
N ARG K 326 16.80 -46.85 44.47
CA ARG K 326 16.32 -45.47 44.41
C ARG K 326 17.32 -44.39 44.77
N ASP K 327 17.77 -44.39 46.02
CA ASP K 327 18.72 -43.36 46.48
C ASP K 327 20.15 -43.50 45.97
N ASP K 328 20.64 -44.72 45.82
CA ASP K 328 22.02 -44.91 45.35
C ASP K 328 22.17 -44.68 43.84
N ALA K 329 21.15 -45.06 43.08
CA ALA K 329 21.21 -44.92 41.63
C ALA K 329 20.36 -43.78 41.08
N LEU K 330 19.03 -43.88 41.26
CA LEU K 330 18.13 -42.85 40.75
C LEU K 330 18.53 -41.46 41.24
N HIS K 331 19.09 -41.37 42.44
CA HIS K 331 19.57 -40.09 42.96
C HIS K 331 21.09 -40.05 42.89
N GLY K 332 21.72 -41.04 43.53
CA GLY K 332 23.17 -41.12 43.56
C GLY K 332 23.82 -41.01 42.19
N PHE K 333 23.13 -41.52 41.16
CA PHE K 333 23.69 -41.46 39.82
C PHE K 333 23.08 -40.36 38.96
N ASN K 334 21.75 -40.34 38.87
CA ASN K 334 21.04 -39.37 38.05
C ASN K 334 20.81 -37.93 38.54
N ASP K 335 20.99 -37.68 39.84
CA ASP K 335 20.77 -36.32 40.34
C ASP K 335 21.49 -35.29 39.49
N ASP K 336 22.73 -35.58 39.11
CA ASP K 336 23.52 -34.65 38.32
C ASP K 336 22.89 -34.32 36.97
N ASP K 337 22.13 -35.24 36.40
CA ASP K 337 21.50 -34.96 35.11
C ASP K 337 20.53 -33.80 35.23
N VAL K 338 19.97 -33.61 36.42
CA VAL K 338 19.02 -32.53 36.64
C VAL K 338 19.63 -31.16 36.40
N TRP K 339 20.71 -30.83 37.09
CA TRP K 339 21.33 -29.51 36.88
C TRP K 339 22.00 -29.42 35.52
N ALA K 340 22.37 -30.56 34.95
CA ALA K 340 23.00 -30.55 33.63
C ALA K 340 21.97 -30.06 32.62
N ARG K 341 20.73 -30.51 32.76
CA ARG K 341 19.66 -30.11 31.86
C ARG K 341 19.31 -28.64 32.04
N GLU K 342 19.18 -28.23 33.30
CA GLU K 342 18.84 -26.86 33.65
C GLU K 342 19.96 -25.90 33.23
N ALA K 343 21.19 -26.41 33.16
CA ALA K 343 22.33 -25.60 32.77
C ALA K 343 22.23 -25.21 31.29
N GLN K 344 21.38 -25.91 30.55
CA GLN K 344 21.19 -25.65 29.11
C GLN K 344 19.94 -24.83 28.81
N GLN K 345 19.05 -24.68 29.79
CA GLN K 345 17.80 -23.98 29.60
C GLN K 345 17.90 -22.58 28.98
N GLU K 346 18.83 -21.77 29.49
CA GLU K 346 19.01 -20.42 28.98
C GLU K 346 19.42 -20.43 27.51
N PHE K 347 20.45 -21.20 27.19
CA PHE K 347 20.95 -21.30 25.82
C PHE K 347 19.89 -21.68 24.81
N TYR K 348 19.26 -22.84 25.02
CA TYR K 348 18.24 -23.31 24.10
C TYR K 348 16.89 -22.60 24.24
N GLY K 349 16.49 -22.32 25.47
CA GLY K 349 15.20 -21.69 25.70
C GLY K 349 15.08 -20.20 25.41
N GLU K 350 16.18 -19.46 25.53
CA GLU K 350 16.14 -18.02 25.31
C GLU K 350 17.10 -17.48 24.25
N ARG K 351 18.27 -18.10 24.12
CA ARG K 351 19.26 -17.64 23.14
C ARG K 351 19.24 -18.43 21.85
N ASP K 352 18.17 -19.18 21.62
CA ASP K 352 18.03 -19.96 20.40
C ASP K 352 19.24 -20.87 20.15
N GLY K 353 19.52 -21.73 21.12
CA GLY K 353 20.65 -22.65 20.98
C GLY K 353 20.40 -23.71 19.93
N TRP K 354 19.14 -23.89 19.54
CA TRP K 354 18.81 -24.88 18.54
C TRP K 354 19.53 -24.65 17.23
N SER K 355 19.86 -23.39 16.94
CA SER K 355 20.58 -23.08 15.71
C SER K 355 21.99 -22.60 15.99
N LYS K 356 22.31 -22.34 17.25
CA LYS K 356 23.65 -21.88 17.61
C LYS K 356 24.57 -23.02 18.07
N GLU K 357 23.97 -24.14 18.48
CA GLU K 357 24.74 -25.29 18.94
C GLU K 357 25.68 -25.81 17.85
N GLN K 358 26.75 -26.47 18.29
CA GLN K 358 27.73 -27.04 17.38
C GLN K 358 27.94 -28.49 17.80
N LEU K 359 27.27 -29.40 17.11
CA LEU K 359 27.35 -30.81 17.42
C LEU K 359 28.57 -31.51 16.86
N PHE K 360 28.80 -32.73 17.33
CA PHE K 360 29.90 -33.54 16.84
C PHE K 360 29.36 -34.97 16.65
N PRO K 361 30.09 -35.83 15.92
CA PRO K 361 29.70 -37.21 15.63
C PRO K 361 28.80 -37.99 16.59
N PRO K 362 29.15 -38.07 17.88
CA PRO K 362 28.28 -38.82 18.79
C PRO K 362 26.83 -38.31 18.83
N ASP K 363 26.65 -37.01 18.58
CA ASP K 363 25.32 -36.41 18.62
C ASP K 363 24.40 -36.86 17.49
N MET K 364 24.94 -37.59 16.53
CA MET K 364 24.16 -38.07 15.40
C MET K 364 22.92 -38.84 15.85
N CYS K 365 23.01 -39.57 16.96
CA CYS K 365 21.84 -40.31 17.42
C CYS K 365 20.75 -39.35 17.87
N ILE K 366 21.14 -38.21 18.43
CA ILE K 366 20.17 -37.21 18.87
C ILE K 366 19.56 -36.59 17.60
N VAL K 367 20.40 -36.43 16.58
CA VAL K 367 19.97 -35.88 15.31
C VAL K 367 18.89 -36.78 14.68
N LYS K 368 19.15 -38.08 14.65
CA LYS K 368 18.20 -39.03 14.07
C LYS K 368 16.89 -39.01 14.83
N TRP K 369 16.97 -38.83 16.15
CA TRP K 369 15.76 -38.77 16.98
C TRP K 369 14.98 -37.48 16.69
N ARG K 370 15.66 -36.35 16.60
CA ARG K 370 14.97 -35.08 16.33
C ARG K 370 14.25 -35.17 14.98
N THR K 371 14.92 -35.78 14.00
CA THR K 371 14.35 -35.94 12.67
C THR K 371 13.14 -36.87 12.68
N LEU K 372 13.26 -38.00 13.37
CA LEU K 372 12.17 -38.97 13.46
C LEU K 372 10.98 -38.35 14.20
N ALA K 373 11.26 -37.64 15.28
CA ALA K 373 10.20 -37.03 16.08
C ALA K 373 9.49 -35.90 15.33
N SER K 374 10.23 -35.12 14.56
CA SER K 374 9.64 -34.02 13.81
C SER K 374 8.65 -34.58 12.79
N GLU K 375 8.94 -35.77 12.28
CA GLU K 375 8.10 -36.42 11.29
C GLU K 375 6.95 -37.25 11.90
N ARG K 376 7.22 -37.99 12.97
CA ARG K 376 6.17 -38.85 13.51
C ARG K 376 5.47 -38.43 14.79
N GLY K 377 5.90 -37.32 15.42
CA GLY K 377 5.20 -36.85 16.60
C GLY K 377 3.77 -36.71 16.12
N ARG K 378 2.78 -37.12 16.92
CA ARG K 378 1.40 -37.06 16.47
C ARG K 378 0.68 -35.73 16.63
N GLY K 379 1.32 -34.79 17.31
CA GLY K 379 0.70 -33.50 17.50
C GLY K 379 1.71 -32.55 18.09
N VAL K 380 1.60 -31.27 17.74
CA VAL K 380 2.52 -30.28 18.24
C VAL K 380 1.86 -29.30 19.21
N ARG K 381 2.42 -29.23 20.42
CA ARG K 381 1.94 -28.31 21.45
C ARG K 381 2.98 -27.20 21.46
N ALA K 382 2.66 -26.06 20.85
CA ALA K 382 3.58 -24.94 20.80
C ALA K 382 3.53 -24.10 22.08
N SER L 16 15.80 17.53 23.27
CA SER L 16 15.51 16.62 24.41
C SER L 16 16.77 15.87 24.85
N ALA L 17 16.58 14.70 25.44
CA ALA L 17 17.69 13.89 25.92
C ALA L 17 18.25 13.00 24.80
N GLN L 18 17.35 12.36 24.07
CA GLN L 18 17.74 11.46 22.98
C GLN L 18 18.44 12.22 21.85
N VAL L 19 18.46 13.54 21.94
CA VAL L 19 19.10 14.36 20.91
C VAL L 19 20.46 14.88 21.37
N LYS L 20 20.60 15.13 22.67
CA LYS L 20 21.84 15.65 23.23
C LYS L 20 22.87 14.56 23.56
N TRP L 21 22.39 13.39 23.98
CA TRP L 21 23.27 12.28 24.32
C TRP L 21 22.65 10.93 23.99
N PRO L 22 22.27 10.74 22.71
CA PRO L 22 21.64 9.53 22.18
C PRO L 22 22.37 8.21 22.44
N ARG L 23 23.69 8.20 22.25
CA ARG L 23 24.44 6.98 22.45
C ARG L 23 24.56 6.62 23.92
N TYR L 24 24.51 7.62 24.80
CA TYR L 24 24.58 7.36 26.24
C TYR L 24 23.28 6.64 26.63
N LEU L 25 22.16 7.11 26.07
CA LEU L 25 20.86 6.51 26.36
C LEU L 25 20.76 5.11 25.78
N GLU L 26 21.50 4.85 24.70
CA GLU L 26 21.50 3.55 24.04
C GLU L 26 22.36 2.52 24.76
N ALA L 27 23.43 2.99 25.39
CA ALA L 27 24.38 2.12 26.09
C ALA L 27 23.83 1.55 27.41
N THR L 28 22.66 0.93 27.33
CA THR L 28 22.02 0.35 28.51
C THR L 28 22.90 -0.74 29.13
N LEU L 29 23.62 -1.46 28.28
CA LEU L 29 24.47 -2.55 28.73
C LEU L 29 25.94 -2.11 28.80
N GLY L 30 26.17 -0.79 28.71
CA GLY L 30 27.51 -0.26 28.80
C GLY L 30 28.23 0.09 27.50
N PHE L 31 29.44 0.63 27.64
CA PHE L 31 30.26 0.98 26.47
C PHE L 31 31.32 -0.09 26.29
N ASP L 32 31.34 -0.76 25.14
CA ASP L 32 32.36 -1.77 24.93
C ASP L 32 33.53 -1.20 24.12
N ASN L 33 34.56 -2.02 23.90
CA ASN L 33 35.79 -1.57 23.24
C ASN L 33 36.50 -0.69 24.27
N HIS L 34 36.45 -1.14 25.51
CA HIS L 34 37.05 -0.47 26.67
C HIS L 34 37.51 -1.54 27.66
N TRP L 35 38.46 -1.20 28.51
CA TRP L 35 38.91 -2.10 29.55
C TRP L 35 37.93 -1.92 30.72
N HIS L 36 37.54 -3.02 31.34
CA HIS L 36 36.64 -2.96 32.49
C HIS L 36 37.15 -3.91 33.55
N PRO L 37 37.08 -3.51 34.84
CA PRO L 37 37.57 -4.40 35.89
C PRO L 37 36.58 -5.56 36.06
N ALA L 38 37.12 -6.74 36.31
CA ALA L 38 36.30 -7.94 36.47
C ALA L 38 36.40 -8.49 37.88
N ALA L 39 37.60 -8.36 38.47
CA ALA L 39 37.84 -8.88 39.82
C ALA L 39 39.19 -8.43 40.36
N PHE L 40 39.49 -8.83 41.59
CA PHE L 40 40.76 -8.48 42.21
C PHE L 40 41.73 -9.65 42.03
N ASP L 41 42.97 -9.32 41.71
CA ASP L 41 43.99 -10.32 41.48
C ASP L 41 44.09 -11.38 42.58
N HIS L 42 43.94 -10.95 43.84
CA HIS L 42 44.03 -11.89 44.96
C HIS L 42 42.91 -12.94 44.99
N GLU L 43 41.87 -12.73 44.19
CA GLU L 43 40.76 -13.67 44.14
C GLU L 43 41.13 -14.92 43.34
N LEU L 44 42.26 -14.87 42.65
CA LEU L 44 42.66 -16.01 41.83
C LEU L 44 44.02 -16.60 42.16
N ALA L 45 44.01 -17.86 42.58
CA ALA L 45 45.24 -18.56 42.88
C ALA L 45 45.41 -19.50 41.69
N GLU L 46 46.59 -20.08 41.53
CA GLU L 46 46.84 -21.01 40.43
C GLU L 46 45.76 -22.09 40.38
N GLY L 47 45.22 -22.31 39.18
CA GLY L 47 44.18 -23.32 39.01
C GLY L 47 42.81 -22.99 39.56
N GLU L 48 42.67 -21.79 40.13
CA GLU L 48 41.38 -21.38 40.69
C GLU L 48 40.52 -20.74 39.59
N PHE L 49 39.21 -20.75 39.79
CA PHE L 49 38.28 -20.17 38.82
C PHE L 49 37.39 -19.12 39.46
N VAL L 50 37.01 -18.12 38.67
CA VAL L 50 36.11 -17.06 39.13
C VAL L 50 35.19 -16.69 37.97
N ALA L 51 33.89 -16.80 38.18
CA ALA L 51 32.91 -16.48 37.15
C ALA L 51 32.39 -15.07 37.33
N VAL L 52 32.37 -14.31 36.23
CA VAL L 52 31.88 -12.94 36.28
C VAL L 52 31.03 -12.67 35.05
N THR L 53 30.18 -11.65 35.12
CA THR L 53 29.33 -11.29 34.00
C THR L 53 29.59 -9.82 33.71
N MET L 54 30.13 -9.54 32.53
CA MET L 54 30.46 -8.19 32.15
C MET L 54 29.75 -7.74 30.89
N LEU L 55 29.00 -6.65 30.98
CA LEU L 55 28.25 -6.11 29.86
C LEU L 55 27.44 -7.21 29.15
N GLY L 56 26.82 -8.08 29.93
CA GLY L 56 26.02 -9.15 29.38
C GLY L 56 26.74 -10.43 29.01
N GLU L 57 28.06 -10.44 29.06
CA GLU L 57 28.80 -11.65 28.70
C GLU L 57 29.31 -12.41 29.92
N LYS L 58 29.07 -13.72 29.93
CA LYS L 58 29.54 -14.56 31.03
C LYS L 58 31.01 -14.88 30.75
N VAL L 59 31.87 -14.42 31.65
CA VAL L 59 33.30 -14.61 31.51
C VAL L 59 33.87 -15.50 32.61
N LEU L 60 34.79 -16.38 32.22
CA LEU L 60 35.44 -17.29 33.15
C LEU L 60 36.90 -16.90 33.33
N LEU L 61 37.30 -16.64 34.57
CA LEU L 61 38.68 -16.27 34.86
C LEU L 61 39.37 -17.41 35.59
N THR L 62 40.68 -17.53 35.37
CA THR L 62 41.47 -18.55 36.04
C THR L 62 42.93 -18.14 35.95
N ARG L 63 43.78 -18.78 36.75
CA ARG L 63 45.20 -18.47 36.72
C ARG L 63 45.91 -19.70 36.18
N ALA L 64 46.51 -19.55 35.01
CA ALA L 64 47.23 -20.63 34.36
C ALA L 64 48.70 -20.25 34.26
N LYS L 65 49.55 -21.05 34.88
CA LYS L 65 51.00 -20.79 34.88
C LYS L 65 51.28 -19.39 35.41
N GLY L 66 50.58 -18.99 36.46
CA GLY L 66 50.77 -17.68 37.05
C GLY L 66 50.08 -16.53 36.35
N GLU L 67 49.55 -16.78 35.15
CA GLU L 67 48.88 -15.73 34.39
C GLU L 67 47.36 -15.84 34.43
N VAL L 68 46.70 -14.72 34.70
CA VAL L 68 45.24 -14.69 34.72
C VAL L 68 44.71 -14.72 33.29
N LYS L 69 43.79 -15.64 33.01
CA LYS L 69 43.22 -15.75 31.67
C LYS L 69 41.71 -15.56 31.73
N ALA L 70 41.14 -15.05 30.64
CA ALA L 70 39.70 -14.83 30.56
C ALA L 70 39.19 -15.48 29.27
N ILE L 71 38.19 -16.36 29.43
CA ILE L 71 37.60 -17.06 28.31
C ILE L 71 36.08 -17.04 28.45
N ALA L 72 35.37 -17.11 27.33
CA ALA L 72 33.92 -17.09 27.35
C ALA L 72 33.41 -18.25 28.22
N ASP L 73 32.54 -17.94 29.17
CA ASP L 73 32.00 -18.95 30.06
C ASP L 73 30.79 -19.62 29.40
N GLY L 74 31.04 -20.22 28.24
CA GLY L 74 30.01 -20.90 27.49
C GLY L 74 30.62 -21.84 26.47
N CYS L 75 30.32 -23.12 26.62
CA CYS L 75 30.85 -24.16 25.73
C CYS L 75 30.24 -24.02 24.35
N ALA L 76 31.04 -24.27 23.32
CA ALA L 76 30.57 -24.17 21.93
C ALA L 76 29.63 -25.30 21.54
N HIS L 77 29.70 -26.40 22.29
CA HIS L 77 28.87 -27.57 22.01
C HIS L 77 27.40 -27.31 22.32
N ARG L 78 27.03 -27.37 23.60
CA ARG L 78 25.64 -27.13 23.97
C ARG L 78 25.47 -25.88 24.85
N GLY L 79 26.37 -24.92 24.65
CA GLY L 79 26.31 -23.65 25.36
C GLY L 79 26.25 -23.58 26.88
N VAL L 80 26.58 -24.67 27.57
CA VAL L 80 26.55 -24.64 29.03
C VAL L 80 27.74 -23.86 29.59
N PRO L 81 27.58 -23.30 30.79
CA PRO L 81 28.65 -22.52 31.43
C PRO L 81 29.68 -23.46 32.06
N PHE L 82 30.96 -23.17 31.89
CA PHE L 82 32.00 -23.99 32.49
C PHE L 82 31.90 -23.81 34.02
N SER L 83 31.56 -22.59 34.44
CA SER L 83 31.45 -22.26 35.85
C SER L 83 30.55 -23.18 36.66
N LYS L 84 29.69 -23.95 35.99
CA LYS L 84 28.82 -24.89 36.70
C LYS L 84 29.71 -25.90 37.41
N GLU L 85 30.79 -26.28 36.73
CA GLU L 85 31.76 -27.24 37.27
C GLU L 85 33.03 -27.09 36.44
N PRO L 86 33.83 -26.04 36.73
CA PRO L 86 35.08 -25.78 36.02
C PRO L 86 36.11 -26.88 36.19
N LEU L 87 36.66 -27.34 35.08
CA LEU L 87 37.65 -28.40 35.09
C LEU L 87 38.92 -28.03 34.34
N CYS L 88 40.06 -28.51 34.85
CA CYS L 88 41.35 -28.28 34.22
C CYS L 88 42.22 -29.53 34.39
N PHE L 89 42.61 -30.13 33.27
CA PHE L 89 43.44 -31.32 33.30
C PHE L 89 44.85 -31.03 32.79
N LYS L 90 45.11 -29.75 32.52
CA LYS L 90 46.41 -29.30 32.04
C LYS L 90 46.43 -27.78 32.01
N ALA L 91 47.28 -27.18 32.85
CA ALA L 91 47.40 -25.73 32.92
C ALA L 91 47.46 -25.14 31.52
N GLY L 92 46.63 -24.13 31.27
CA GLY L 92 46.59 -23.50 29.97
C GLY L 92 45.36 -23.91 29.18
N THR L 93 44.63 -24.90 29.68
CA THR L 93 43.41 -25.36 29.03
C THR L 93 42.27 -25.48 30.01
N VAL L 94 41.06 -25.58 29.48
CA VAL L 94 39.88 -25.75 30.30
C VAL L 94 39.03 -26.82 29.62
N SER L 95 38.40 -27.67 30.41
CA SER L 95 37.56 -28.74 29.86
C SER L 95 36.12 -28.59 30.33
N CYS L 96 35.17 -28.72 29.41
CA CYS L 96 33.76 -28.63 29.76
C CYS L 96 33.39 -29.86 30.59
N TRP L 97 32.56 -29.65 31.60
CA TRP L 97 32.13 -30.73 32.48
C TRP L 97 31.13 -31.69 31.84
N TYR L 98 30.48 -31.25 30.76
CA TYR L 98 29.46 -32.06 30.10
C TYR L 98 29.99 -33.16 29.18
N HIS L 99 30.67 -32.80 28.09
CA HIS L 99 31.21 -33.82 27.19
C HIS L 99 32.73 -33.79 27.05
N GLY L 100 33.39 -33.04 27.92
CA GLY L 100 34.85 -32.98 27.88
C GLY L 100 35.53 -32.20 26.78
N TRP L 101 34.81 -31.34 26.07
CA TRP L 101 35.43 -30.52 25.03
C TRP L 101 36.49 -29.68 25.75
N THR L 102 37.72 -29.68 25.24
CA THR L 102 38.81 -28.95 25.87
C THR L 102 39.35 -27.80 25.02
N TYR L 103 39.48 -26.63 25.63
CA TYR L 103 39.95 -25.46 24.92
C TYR L 103 41.27 -24.86 25.41
N ASP L 104 42.00 -24.26 24.47
CA ASP L 104 43.28 -23.62 24.77
C ASP L 104 42.91 -22.22 25.26
N LEU L 105 43.41 -21.83 26.42
CA LEU L 105 43.09 -20.51 26.98
C LEU L 105 43.72 -19.34 26.24
N ASP L 106 44.77 -19.59 25.47
CA ASP L 106 45.43 -18.52 24.73
C ASP L 106 44.66 -18.08 23.49
N ASP L 107 43.98 -19.01 22.83
CA ASP L 107 43.23 -18.67 21.63
C ASP L 107 41.79 -19.19 21.61
N GLY L 108 41.37 -19.80 22.71
CA GLY L 108 40.01 -20.32 22.82
C GLY L 108 39.65 -21.41 21.83
N ARG L 109 40.66 -21.99 21.18
CA ARG L 109 40.43 -23.05 20.20
C ARG L 109 40.15 -24.40 20.85
N LEU L 110 39.30 -25.20 20.21
CA LEU L 110 38.99 -26.54 20.70
C LEU L 110 40.20 -27.39 20.32
N VAL L 111 40.99 -27.78 21.31
CA VAL L 111 42.19 -28.58 21.06
C VAL L 111 42.02 -30.08 21.29
N ASP L 112 40.94 -30.49 21.94
CA ASP L 112 40.70 -31.91 22.19
C ASP L 112 39.30 -32.19 22.72
N VAL L 113 38.93 -33.46 22.72
CA VAL L 113 37.63 -33.91 23.24
C VAL L 113 37.93 -35.19 24.02
N LEU L 114 37.87 -35.07 25.35
CA LEU L 114 38.17 -36.19 26.24
C LEU L 114 37.29 -37.42 26.04
N THR L 115 36.06 -37.21 25.56
CA THR L 115 35.13 -38.32 25.36
C THR L 115 35.19 -38.90 23.95
N SER L 116 35.99 -38.28 23.08
CA SER L 116 36.12 -38.72 21.69
C SER L 116 37.44 -38.29 21.07
N PRO L 117 38.55 -38.92 21.48
CA PRO L 117 39.87 -38.58 20.94
C PRO L 117 39.89 -38.64 19.42
N GLY L 118 40.49 -37.64 18.79
CA GLY L 118 40.57 -37.62 17.35
C GLY L 118 39.31 -37.17 16.65
N SER L 119 38.32 -36.72 17.40
CA SER L 119 37.06 -36.26 16.80
C SER L 119 37.39 -35.23 15.71
N PRO L 120 36.68 -35.30 14.58
CA PRO L 120 36.93 -34.36 13.48
C PRO L 120 36.65 -32.88 13.79
N VAL L 121 35.91 -32.61 14.87
CA VAL L 121 35.62 -31.23 15.22
C VAL L 121 36.81 -30.52 15.86
N ILE L 122 37.79 -31.28 16.32
CA ILE L 122 38.97 -30.69 16.95
C ILE L 122 39.69 -29.80 15.94
N GLY L 123 40.02 -28.59 16.37
CA GLY L 123 40.72 -27.65 15.51
C GLY L 123 39.81 -26.84 14.61
N LYS L 124 38.55 -27.27 14.47
CA LYS L 124 37.60 -26.55 13.61
C LYS L 124 36.61 -25.70 14.39
N ILE L 125 36.76 -25.67 15.71
CA ILE L 125 35.86 -24.89 16.55
C ILE L 125 36.64 -24.06 17.56
N GLY L 126 36.05 -22.96 17.99
CA GLY L 126 36.70 -22.11 18.96
C GLY L 126 35.70 -21.16 19.61
N ILE L 127 36.04 -20.67 20.80
CA ILE L 127 35.18 -19.74 21.51
C ILE L 127 36.01 -18.50 21.84
N LYS L 128 35.34 -17.44 22.25
CA LYS L 128 35.99 -16.17 22.57
C LYS L 128 36.89 -16.16 23.81
N VAL L 129 38.07 -15.56 23.65
CA VAL L 129 39.03 -15.39 24.75
C VAL L 129 39.19 -13.87 24.84
N TYR L 130 39.43 -13.34 26.04
CA TYR L 130 39.55 -11.90 26.20
C TYR L 130 40.91 -11.42 26.66
N PRO L 131 41.33 -10.24 26.17
CA PRO L 131 42.63 -9.70 26.58
C PRO L 131 42.50 -9.35 28.05
N VAL L 132 43.53 -9.68 28.83
CA VAL L 132 43.51 -9.40 30.26
C VAL L 132 44.75 -8.65 30.69
N GLN L 133 44.58 -7.71 31.61
CA GLN L 133 45.72 -6.98 32.14
C GLN L 133 45.50 -6.72 33.62
N VAL L 134 46.45 -7.15 34.43
CA VAL L 134 46.36 -6.94 35.86
C VAL L 134 47.20 -5.71 36.21
N ALA L 135 46.57 -4.74 36.85
CA ALA L 135 47.25 -3.52 37.24
C ALA L 135 46.74 -3.08 38.62
N GLN L 136 47.68 -2.68 39.49
CA GLN L 136 47.33 -2.24 40.84
C GLN L 136 46.46 -3.26 41.55
N GLY L 137 46.75 -4.55 41.34
CA GLY L 137 46.00 -5.61 41.97
C GLY L 137 44.60 -5.84 41.43
N VAL L 138 44.27 -5.16 40.33
CA VAL L 138 42.96 -5.29 39.71
C VAL L 138 43.03 -6.04 38.38
N VAL L 139 42.12 -6.97 38.18
CA VAL L 139 42.08 -7.72 36.92
C VAL L 139 41.18 -6.98 35.95
N PHE L 140 41.77 -6.50 34.85
CA PHE L 140 41.01 -5.79 33.83
C PHE L 140 40.85 -6.70 32.62
N VAL L 141 39.65 -6.67 32.03
CA VAL L 141 39.35 -7.47 30.86
C VAL L 141 38.88 -6.54 29.75
N PHE L 142 39.42 -6.71 28.56
CA PHE L 142 39.01 -5.85 27.45
C PHE L 142 37.77 -6.42 26.80
N ILE L 143 36.66 -5.70 26.91
CA ILE L 143 35.39 -6.13 26.34
C ILE L 143 35.15 -5.39 25.03
N GLY L 144 34.91 -6.15 23.97
CA GLY L 144 34.68 -5.54 22.67
C GLY L 144 35.27 -6.41 21.57
N ASP L 145 34.98 -6.07 20.31
CA ASP L 145 35.50 -6.84 19.19
C ASP L 145 36.81 -6.28 18.66
N GLU L 146 37.11 -5.03 18.99
CA GLU L 146 38.36 -4.42 18.52
C GLU L 146 39.54 -4.93 19.33
N GLU L 147 40.74 -4.68 18.82
CA GLU L 147 41.94 -5.07 19.55
C GLU L 147 42.06 -4.06 20.69
N PRO L 148 42.69 -4.46 21.79
CA PRO L 148 42.83 -3.53 22.92
C PRO L 148 43.81 -2.38 22.74
N HIS L 149 43.51 -1.26 23.40
CA HIS L 149 44.39 -0.09 23.39
C HIS L 149 45.00 -0.02 24.79
N ALA L 150 45.80 1.00 25.07
CA ALA L 150 46.45 1.12 26.38
C ALA L 150 45.43 1.24 27.52
N LEU L 151 45.60 0.40 28.53
CA LEU L 151 44.71 0.39 29.70
C LEU L 151 44.56 1.78 30.31
N SER L 152 45.63 2.57 30.25
CA SER L 152 45.61 3.91 30.81
C SER L 152 44.55 4.81 30.20
N GLU L 153 44.10 4.49 28.99
CA GLU L 153 43.09 5.32 28.35
C GLU L 153 41.70 5.13 28.98
N ASP L 154 41.52 4.03 29.71
CA ASP L 154 40.25 3.74 30.36
C ASP L 154 40.30 3.89 31.87
N LEU L 155 41.23 4.71 32.35
CA LEU L 155 41.39 4.92 33.78
C LEU L 155 41.60 6.40 34.12
N PRO L 156 41.15 6.82 35.31
CA PRO L 156 41.33 8.21 35.70
C PRO L 156 42.82 8.48 35.90
N PRO L 157 43.27 9.71 35.63
CA PRO L 157 44.69 10.01 35.81
C PRO L 157 45.08 9.71 37.26
N GLY L 158 46.27 9.15 37.47
CA GLY L 158 46.73 8.86 38.80
C GLY L 158 46.53 7.43 39.27
N PHE L 159 45.55 6.74 38.69
CA PHE L 159 45.26 5.36 39.06
C PHE L 159 46.48 4.44 39.00
N LEU L 160 47.26 4.58 37.94
CA LEU L 160 48.44 3.74 37.73
C LEU L 160 49.74 4.25 38.36
N ASP L 161 49.67 5.35 39.12
CA ASP L 161 50.88 5.88 39.75
C ASP L 161 51.65 4.75 40.43
N GLU L 162 52.93 4.62 40.08
CA GLU L 162 53.77 3.55 40.61
C GLU L 162 54.15 3.62 42.09
N ASP L 163 54.18 4.82 42.68
CA ASP L 163 54.55 4.92 44.09
C ASP L 163 53.33 4.81 45.03
N THR L 164 52.37 3.98 44.66
CA THR L 164 51.18 3.81 45.47
C THR L 164 50.72 2.36 45.48
N HIS L 165 49.75 2.07 46.34
CA HIS L 165 49.18 0.75 46.45
C HIS L 165 47.66 0.92 46.50
N LEU L 166 46.94 -0.01 45.91
CA LEU L 166 45.48 0.07 45.90
C LEU L 166 44.85 -1.16 46.53
N LEU L 167 43.76 -0.92 47.25
CA LEU L 167 43.01 -1.98 47.90
C LEU L 167 41.53 -1.68 47.70
N GLY L 168 40.76 -2.70 47.35
CA GLY L 168 39.35 -2.46 47.15
C GLY L 168 38.45 -3.68 47.24
N ILE L 169 37.15 -3.43 47.05
CA ILE L 169 36.14 -4.48 47.08
C ILE L 169 35.16 -4.26 45.93
N ARG L 170 34.33 -5.27 45.68
CA ARG L 170 33.34 -5.20 44.63
C ARG L 170 32.07 -5.88 45.12
N ARG L 171 30.93 -5.39 44.65
CA ARG L 171 29.64 -5.95 45.04
C ARG L 171 28.65 -5.72 43.91
N THR L 172 27.57 -6.48 43.90
CA THR L 172 26.54 -6.34 42.88
C THR L 172 25.51 -5.33 43.34
N VAL L 173 25.08 -4.47 42.43
CA VAL L 173 24.07 -3.45 42.75
C VAL L 173 22.91 -3.61 41.78
N GLN L 174 21.69 -3.63 42.31
CA GLN L 174 20.50 -3.82 41.50
C GLN L 174 19.99 -2.57 40.78
N SER L 175 20.82 -2.00 39.90
CA SER L 175 20.41 -0.84 39.13
C SER L 175 21.29 -0.75 37.89
N ASN L 176 20.78 -0.08 36.86
CA ASN L 176 21.55 0.10 35.64
C ASN L 176 22.83 0.83 36.04
N TRP L 177 23.92 0.54 35.32
CA TRP L 177 25.23 1.13 35.60
C TRP L 177 25.32 2.66 35.56
N ARG L 178 24.52 3.27 34.69
CA ARG L 178 24.54 4.72 34.56
C ARG L 178 24.06 5.42 35.84
N LEU L 179 23.12 4.79 36.55
CA LEU L 179 22.62 5.37 37.79
C LEU L 179 23.71 5.31 38.83
N GLY L 180 24.63 4.36 38.68
CA GLY L 180 25.74 4.23 39.60
C GLY L 180 26.72 5.35 39.35
N VAL L 181 27.06 5.56 38.07
CA VAL L 181 27.99 6.61 37.67
C VAL L 181 27.51 8.00 38.08
N GLU L 182 26.23 8.27 37.85
CA GLU L 182 25.65 9.57 38.17
C GLU L 182 25.41 9.78 39.67
N ASN L 183 25.38 8.68 40.41
CA ASN L 183 25.22 8.76 41.86
C ASN L 183 26.58 9.11 42.44
N GLY L 184 27.63 8.54 41.85
CA GLY L 184 28.98 8.80 42.30
C GLY L 184 29.44 10.20 41.93
N PHE L 185 29.08 10.65 40.73
CA PHE L 185 29.48 11.96 40.25
C PHE L 185 28.36 12.98 40.48
N ASP L 186 27.80 12.97 41.68
CA ASP L 186 26.70 13.86 42.04
C ASP L 186 27.16 14.77 43.18
N THR L 187 27.25 16.05 42.86
CA THR L 187 27.72 17.08 43.79
C THR L 187 26.82 17.47 44.97
N THR L 188 25.53 17.17 44.90
CA THR L 188 24.64 17.51 46.00
C THR L 188 23.96 16.32 46.68
N HIS L 189 24.21 15.11 46.18
CA HIS L 189 23.61 13.91 46.77
C HIS L 189 24.21 13.63 48.14
N ILE L 190 25.41 14.15 48.38
CA ILE L 190 26.10 13.92 49.65
C ILE L 190 25.22 14.28 50.84
N PHE L 191 24.13 14.99 50.58
CA PHE L 191 23.17 15.37 51.62
C PHE L 191 22.68 14.10 52.32
N MET L 192 22.56 13.01 51.57
CA MET L 192 22.08 11.75 52.12
C MET L 192 23.12 11.05 53.00
N HIS L 193 24.36 11.53 52.96
CA HIS L 193 25.44 10.94 53.75
C HIS L 193 25.68 11.70 55.05
N ARG L 194 24.94 12.78 55.26
CA ARG L 194 25.11 13.61 56.45
C ARG L 194 25.14 12.89 57.79
N ASN L 195 24.47 11.75 57.90
CA ASN L 195 24.46 11.03 59.17
C ASN L 195 25.29 9.76 59.21
N SER L 196 26.16 9.57 58.22
CA SER L 196 27.02 8.40 58.21
C SER L 196 27.96 8.51 59.41
N PRO L 197 28.15 7.41 60.16
CA PRO L 197 29.05 7.49 61.31
C PRO L 197 30.48 7.83 60.91
N TRP L 198 30.76 7.77 59.61
CA TRP L 198 32.10 8.09 59.12
C TRP L 198 32.37 9.59 59.13
N VAL L 199 31.33 10.40 58.95
CA VAL L 199 31.51 11.84 58.93
C VAL L 199 32.12 12.31 60.24
N SER L 200 31.54 11.90 61.37
CA SER L 200 32.07 12.26 62.67
C SER L 200 33.23 11.32 63.00
N GLY L 201 33.09 10.06 62.57
CA GLY L 201 34.10 9.06 62.81
C GLY L 201 35.49 9.49 62.36
N ASN L 202 35.59 10.19 61.23
CA ASN L 202 36.89 10.65 60.74
C ASN L 202 36.93 12.17 60.68
N ARG L 203 36.21 12.81 61.60
CA ARG L 203 36.14 14.27 61.73
C ARG L 203 36.22 14.99 60.39
N LEU L 204 35.33 14.65 59.48
CA LEU L 204 35.34 15.27 58.15
C LEU L 204 34.61 16.60 58.06
N ALA L 205 35.17 17.50 57.27
CA ALA L 205 34.53 18.79 57.01
C ALA L 205 33.62 18.37 55.86
N PHE L 206 32.41 17.96 56.19
CA PHE L 206 31.48 17.46 55.18
C PHE L 206 30.21 18.29 55.03
N PRO L 207 30.10 19.07 53.94
CA PRO L 207 28.91 19.90 53.72
C PRO L 207 27.72 19.06 53.24
N TYR L 208 26.55 19.70 53.19
CA TYR L 208 25.34 19.04 52.75
C TYR L 208 25.28 18.98 51.22
N GLY L 209 26.21 19.69 50.58
CA GLY L 209 26.28 19.71 49.13
C GLY L 209 27.17 20.83 48.61
N PHE L 210 27.56 20.75 47.34
CA PHE L 210 28.41 21.77 46.74
C PHE L 210 27.67 22.39 45.55
N VAL L 211 27.70 23.71 45.44
CA VAL L 211 27.03 24.37 44.31
C VAL L 211 28.04 25.10 43.43
N PRO L 212 28.02 24.84 42.12
CA PRO L 212 28.95 25.49 41.18
C PRO L 212 28.89 27.01 41.37
N ALA L 213 30.02 27.60 41.75
CA ALA L 213 30.09 29.03 41.99
C ALA L 213 30.35 29.83 40.73
N ASP L 214 31.52 29.61 40.12
CA ASP L 214 31.88 30.32 38.91
C ASP L 214 31.89 29.40 37.68
N ARG L 215 32.37 29.90 36.55
CA ARG L 215 32.39 29.13 35.32
C ARG L 215 33.58 28.18 35.16
N ASP L 216 34.40 28.08 36.20
CA ASP L 216 35.53 27.17 36.16
C ASP L 216 35.23 25.99 37.08
N ALA L 217 34.00 25.94 37.58
CA ALA L 217 33.56 24.88 38.48
C ALA L 217 33.78 23.49 37.88
N MET L 218 33.48 23.33 36.60
CA MET L 218 33.66 22.04 35.95
C MET L 218 34.49 22.14 34.68
N GLN L 219 35.42 21.20 34.55
CA GLN L 219 36.34 21.14 33.41
C GLN L 219 36.15 19.85 32.61
N VAL L 220 36.06 20.00 31.29
CA VAL L 220 35.92 18.84 30.41
C VAL L 220 37.26 18.53 29.77
N TYR L 221 37.66 17.26 29.84
CA TYR L 221 38.91 16.82 29.24
C TYR L 221 38.58 15.89 28.08
N ASP L 222 38.51 16.45 26.87
CA ASP L 222 38.18 15.66 25.70
C ASP L 222 39.27 15.61 24.64
N GLU L 223 40.50 15.91 25.05
CA GLU L 223 41.62 15.86 24.11
C GLU L 223 42.53 14.69 24.48
N ASN L 224 42.62 13.72 23.59
CA ASN L 224 43.42 12.52 23.83
C ASN L 224 42.73 11.74 24.95
N TRP L 225 43.39 10.72 25.48
CA TRP L 225 42.81 9.92 26.55
C TRP L 225 43.69 9.93 27.79
N PRO L 226 43.09 9.71 28.98
CA PRO L 226 41.66 9.45 29.18
C PRO L 226 40.83 10.72 29.02
N LYS L 227 39.51 10.56 28.91
CA LYS L 227 38.61 11.70 28.77
C LYS L 227 37.63 11.68 29.93
N GLY L 228 37.26 12.85 30.42
CA GLY L 228 36.31 12.91 31.52
C GLY L 228 35.92 14.32 31.92
N VAL L 229 35.26 14.42 33.06
CA VAL L 229 34.80 15.70 33.58
C VAL L 229 35.28 15.84 35.03
N LEU L 230 35.90 16.98 35.32
CA LEU L 230 36.44 17.24 36.66
C LEU L 230 35.73 18.41 37.32
N ASP L 231 35.30 18.20 38.57
CA ASP L 231 34.64 19.26 39.33
C ASP L 231 35.63 19.79 40.37
N ARG L 232 35.90 21.10 40.31
CA ARG L 232 36.81 21.74 41.26
C ARG L 232 36.03 22.22 42.47
N LEU L 233 35.63 21.27 43.32
CA LEU L 233 34.85 21.57 44.50
C LEU L 233 35.44 22.58 45.48
N SER L 234 36.67 22.35 45.92
CA SER L 234 37.31 23.23 46.88
C SER L 234 37.69 24.60 46.32
N GLU L 235 37.79 24.70 45.01
CA GLU L 235 38.20 25.94 44.37
C GLU L 235 37.11 26.76 43.68
N ASN L 236 36.10 26.10 43.12
CA ASN L 236 35.05 26.83 42.41
C ASN L 236 33.61 26.48 42.72
N TYR L 237 33.38 25.90 43.89
CA TYR L 237 32.04 25.53 44.33
C TYR L 237 31.77 26.19 45.68
N MET L 238 30.50 26.37 46.00
CA MET L 238 30.12 26.94 47.28
C MET L 238 29.59 25.79 48.13
N PRO L 239 30.30 25.44 49.21
CA PRO L 239 29.84 24.34 50.06
C PRO L 239 28.71 24.82 50.97
N VAL L 240 27.70 23.98 51.14
CA VAL L 240 26.56 24.33 51.99
C VAL L 240 26.68 23.60 53.32
N PHE L 241 27.10 24.33 54.35
CA PHE L 241 27.28 23.77 55.68
C PHE L 241 26.06 23.98 56.58
N GLU L 242 25.14 24.83 56.13
CA GLU L 242 23.92 25.09 56.88
C GLU L 242 22.72 25.08 55.94
N ALA L 243 21.72 24.27 56.28
CA ALA L 243 20.52 24.16 55.48
C ALA L 243 19.43 25.03 56.10
N THR L 244 18.79 25.85 55.27
CA THR L 244 17.73 26.72 55.77
C THR L 244 16.39 26.41 55.13
N LEU L 245 15.32 26.66 55.89
CA LEU L 245 13.96 26.42 55.44
C LEU L 245 13.03 27.45 56.09
N ASP L 246 12.45 28.32 55.27
CA ASP L 246 11.55 29.36 55.77
C ASP L 246 12.18 30.23 56.85
N GLY L 247 13.33 30.83 56.51
CA GLY L 247 14.02 31.69 57.45
C GLY L 247 14.40 31.01 58.75
N GLU L 248 14.91 29.78 58.65
CA GLU L 248 15.30 29.02 59.84
C GLU L 248 16.35 27.98 59.47
N THR L 249 17.35 27.82 60.34
CA THR L 249 18.39 26.83 60.10
C THR L 249 17.93 25.50 60.71
N VAL L 250 17.57 24.56 59.84
CA VAL L 250 17.09 23.27 60.28
C VAL L 250 18.19 22.22 60.33
N LEU L 251 19.33 22.54 59.71
CA LEU L 251 20.45 21.61 59.67
C LEU L 251 21.76 22.38 59.72
N SER L 252 22.70 21.90 60.52
CA SER L 252 24.00 22.56 60.63
C SER L 252 25.14 21.58 60.76
N ALA L 253 26.10 21.67 59.85
CA ALA L 253 27.27 20.80 59.89
C ALA L 253 28.43 21.64 60.40
N GLU L 254 28.42 21.88 61.70
CA GLU L 254 29.45 22.67 62.39
C GLU L 254 30.83 22.54 61.76
N LEU L 255 31.33 23.63 61.19
CA LEU L 255 32.65 23.62 60.57
C LEU L 255 33.68 24.27 61.48
N THR L 256 34.64 23.46 61.93
CA THR L 256 35.72 23.94 62.81
C THR L 256 37.04 23.73 62.07
N GLY L 257 38.06 24.49 62.46
CA GLY L 257 39.36 24.37 61.81
C GLY L 257 40.08 23.08 62.17
N GLU L 258 39.35 22.15 62.79
CA GLU L 258 39.93 20.88 63.20
C GLU L 258 39.61 19.74 62.22
N GLU L 259 38.51 19.87 61.48
CA GLU L 259 38.10 18.85 60.53
C GLU L 259 39.10 18.53 59.43
N LYS L 260 39.04 17.29 58.96
CA LYS L 260 39.90 16.83 57.89
C LYS L 260 39.28 17.28 56.57
N LYS L 261 40.11 17.76 55.65
CA LYS L 261 39.62 18.22 54.35
C LYS L 261 39.58 17.06 53.36
N VAL L 262 38.41 16.82 52.78
CA VAL L 262 38.26 15.76 51.80
C VAL L 262 37.46 16.23 50.59
N ALA L 263 37.58 15.50 49.50
CA ALA L 263 36.87 15.82 48.26
C ALA L 263 37.16 17.22 47.74
N ALA L 264 38.43 17.50 47.46
CA ALA L 264 38.82 18.80 46.92
C ALA L 264 38.40 18.80 45.45
N GLN L 265 38.42 17.62 44.85
CA GLN L 265 38.02 17.43 43.45
C GLN L 265 37.33 16.08 43.28
N VAL L 266 36.36 16.04 42.37
CA VAL L 266 35.66 14.81 42.06
C VAL L 266 35.54 14.78 40.54
N SER L 267 35.89 13.65 39.93
CA SER L 267 35.83 13.53 38.48
C SER L 267 35.42 12.15 38.00
N VAL L 268 34.87 12.10 36.79
CA VAL L 268 34.44 10.85 36.18
C VAL L 268 35.12 10.75 34.82
N TRP L 269 35.59 9.55 34.49
CA TRP L 269 36.29 9.33 33.23
C TRP L 269 35.73 8.13 32.48
N LEU L 270 35.71 8.21 31.15
CA LEU L 270 35.21 7.10 30.35
C LEU L 270 36.08 5.89 30.65
N PRO L 271 35.50 4.67 30.57
CA PRO L 271 34.10 4.38 30.23
C PRO L 271 33.10 4.67 31.34
N GLY L 272 33.57 5.25 32.44
CA GLY L 272 32.69 5.57 33.56
C GLY L 272 33.34 5.22 34.90
N VAL L 273 34.45 5.89 35.20
CA VAL L 273 35.20 5.66 36.43
C VAL L 273 35.31 6.95 37.25
N LEU L 274 34.92 6.85 38.52
CA LEU L 274 34.95 7.99 39.44
C LEU L 274 36.28 8.11 40.18
N LYS L 275 36.63 9.33 40.56
CA LYS L 275 37.84 9.61 41.32
C LYS L 275 37.55 10.73 42.32
N VAL L 276 37.56 10.38 43.61
CA VAL L 276 37.29 11.37 44.66
C VAL L 276 38.65 11.67 45.28
N ASP L 277 39.08 12.93 45.19
CA ASP L 277 40.38 13.35 45.65
C ASP L 277 40.37 14.51 46.64
N PRO L 278 40.70 14.24 47.92
CA PRO L 278 41.04 12.91 48.44
C PRO L 278 39.81 12.34 49.16
N PHE L 279 39.76 11.03 49.33
CA PHE L 279 38.64 10.37 50.00
C PHE L 279 38.98 8.90 50.18
N PRO L 280 38.52 8.27 51.28
CA PRO L 280 37.71 8.81 52.38
C PRO L 280 38.53 9.47 53.48
N ASP L 281 39.81 9.71 53.20
CA ASP L 281 40.72 10.31 54.17
C ASP L 281 41.67 11.19 53.37
N PRO L 282 42.19 12.26 53.98
CA PRO L 282 43.13 13.13 53.27
C PRO L 282 44.29 12.35 52.64
N THR L 283 44.64 11.22 53.24
CA THR L 283 45.76 10.39 52.75
C THR L 283 45.37 9.37 51.69
N LEU L 284 44.11 9.36 51.28
CA LEU L 284 43.66 8.39 50.30
C LEU L 284 42.88 9.02 49.14
N ILE L 285 42.79 8.28 48.05
CA ILE L 285 42.03 8.70 46.88
C ILE L 285 41.10 7.51 46.62
N GLN L 286 39.85 7.79 46.30
CA GLN L 286 38.89 6.73 46.04
C GLN L 286 38.42 6.69 44.59
N TYR L 287 38.54 5.50 43.99
CA TYR L 287 38.11 5.27 42.62
C TYR L 287 36.93 4.31 42.65
N GLU L 288 35.95 4.57 41.82
CA GLU L 288 34.79 3.68 41.78
C GLU L 288 34.50 3.27 40.35
N PHE L 289 34.13 2.01 40.18
CA PHE L 289 33.77 1.50 38.87
C PHE L 289 32.33 1.01 38.96
N TYR L 290 31.61 1.11 37.85
CA TYR L 290 30.23 0.67 37.81
C TYR L 290 30.08 -0.12 36.52
N VAL L 291 30.68 -1.30 36.51
CA VAL L 291 30.65 -2.16 35.33
C VAL L 291 29.32 -2.85 35.15
N PRO L 292 28.70 -2.67 33.98
CA PRO L 292 27.41 -3.29 33.68
C PRO L 292 27.44 -4.82 33.77
N ILE L 293 26.40 -5.39 34.35
CA ILE L 293 26.28 -6.84 34.46
C ILE L 293 25.18 -7.19 33.47
N SER L 294 24.03 -6.55 33.66
CA SER L 294 22.87 -6.74 32.80
C SER L 294 22.30 -5.35 32.60
N GLU L 295 21.11 -5.25 32.01
CA GLU L 295 20.51 -3.94 31.78
C GLU L 295 20.09 -3.30 33.10
N THR L 296 19.89 -4.11 34.13
CA THR L 296 19.44 -3.61 35.42
C THR L 296 20.36 -3.84 36.61
N GLN L 297 21.61 -4.22 36.35
CA GLN L 297 22.54 -4.48 37.44
C GLN L 297 23.96 -4.09 37.04
N HIS L 298 24.77 -3.71 38.02
CA HIS L 298 26.16 -3.38 37.74
C HIS L 298 27.03 -3.81 38.91
N GLU L 299 28.31 -4.01 38.62
CA GLU L 299 29.26 -4.42 39.64
C GLU L 299 29.92 -3.13 40.12
N TYR L 300 29.71 -2.82 41.40
CA TYR L 300 30.26 -1.62 42.02
C TYR L 300 31.61 -1.90 42.66
N PHE L 301 32.66 -1.31 42.10
CA PHE L 301 34.02 -1.47 42.60
C PHE L 301 34.42 -0.22 43.39
N GLN L 302 35.07 -0.42 44.52
CA GLN L 302 35.55 0.69 45.34
C GLN L 302 37.02 0.38 45.57
N VAL L 303 37.89 1.26 45.09
CA VAL L 303 39.31 1.03 45.24
C VAL L 303 40.00 2.23 45.88
N LEU L 304 40.70 2.00 46.98
CA LEU L 304 41.39 3.05 47.69
C LEU L 304 42.88 3.03 47.34
N GLN L 305 43.44 4.21 47.14
CA GLN L 305 44.84 4.36 46.75
C GLN L 305 45.65 5.11 47.80
N ARG L 306 46.76 4.53 48.20
CA ARG L 306 47.62 5.12 49.21
C ARG L 306 49.06 5.23 48.75
N LYS L 307 49.76 6.26 49.23
CA LYS L 307 51.16 6.41 48.89
C LYS L 307 51.88 5.35 49.73
N VAL L 308 52.87 4.70 49.12
CA VAL L 308 53.65 3.68 49.80
C VAL L 308 55.04 3.75 49.20
N GLU L 309 56.06 3.45 49.98
CA GLU L 309 57.40 3.49 49.43
C GLU L 309 58.15 2.18 49.59
N GLY L 310 57.61 1.29 50.42
CA GLY L 310 58.24 0.00 50.64
C GLY L 310 57.23 -1.05 51.09
N PRO L 311 57.66 -2.32 51.20
CA PRO L 311 56.79 -3.42 51.63
C PRO L 311 56.03 -3.15 52.92
N GLU L 312 56.68 -2.46 53.86
CA GLU L 312 56.07 -2.15 55.13
C GLU L 312 54.82 -1.27 55.00
N ASP L 313 54.92 -0.25 54.15
CA ASP L 313 53.80 0.65 53.93
C ASP L 313 52.63 -0.11 53.32
N VAL L 314 52.93 -1.02 52.40
CA VAL L 314 51.90 -1.82 51.76
C VAL L 314 51.24 -2.66 52.85
N LYS L 315 52.05 -3.18 53.77
CA LYS L 315 51.55 -3.99 54.86
C LYS L 315 50.70 -3.17 55.82
N THR L 316 51.17 -2.00 56.21
CA THR L 316 50.42 -1.16 57.12
C THR L 316 49.09 -0.68 56.49
N PHE L 317 49.11 -0.43 55.18
CA PHE L 317 47.91 0.02 54.48
C PHE L 317 46.89 -1.13 54.45
N GLU L 318 47.37 -2.34 54.21
CA GLU L 318 46.49 -3.51 54.18
C GLU L 318 45.87 -3.72 55.55
N VAL L 319 46.60 -3.36 56.59
CA VAL L 319 46.11 -3.50 57.95
C VAL L 319 45.03 -2.45 58.26
N GLU L 320 45.26 -1.21 57.84
CA GLU L 320 44.28 -0.15 58.07
C GLU L 320 43.00 -0.44 57.28
N PHE L 321 43.19 -0.92 56.05
CA PHE L 321 42.06 -1.25 55.18
C PHE L 321 41.18 -2.27 55.88
N GLU L 322 41.80 -3.36 56.33
CA GLU L 322 41.10 -4.43 57.02
C GLU L 322 40.49 -4.02 58.36
N GLU L 323 41.18 -3.16 59.10
CA GLU L 323 40.70 -2.74 60.42
C GLU L 323 39.84 -1.48 60.45
N ARG L 324 39.93 -0.67 59.41
CA ARG L 324 39.19 0.58 59.40
C ARG L 324 38.55 1.05 58.09
N TRP L 325 39.39 1.40 57.12
CA TRP L 325 38.94 1.92 55.82
C TRP L 325 37.77 1.17 55.18
N ARG L 326 37.92 -0.14 54.99
CA ARG L 326 36.87 -0.93 54.33
C ARG L 326 35.49 -0.90 54.99
N ASP L 327 35.41 -1.33 56.23
CA ASP L 327 34.11 -1.36 56.91
C ASP L 327 33.58 -0.01 57.41
N ASP L 328 34.47 0.89 57.82
CA ASP L 328 34.02 2.20 58.31
C ASP L 328 33.68 3.17 57.18
N ALA L 329 34.38 3.05 56.06
CA ALA L 329 34.16 3.95 54.93
C ALA L 329 33.46 3.30 53.74
N LEU L 330 34.12 2.33 53.10
CA LEU L 330 33.54 1.67 51.94
C LEU L 330 32.14 1.14 52.24
N HIS L 331 31.90 0.75 53.48
CA HIS L 331 30.58 0.29 53.87
C HIS L 331 29.90 1.36 54.70
N GLY L 332 30.56 1.74 55.80
CA GLY L 332 30.01 2.76 56.69
C GLY L 332 29.60 4.05 56.02
N PHE L 333 30.24 4.40 54.90
CA PHE L 333 29.89 5.62 54.20
C PHE L 333 29.10 5.36 52.92
N ASN L 334 29.61 4.48 52.06
CA ASN L 334 28.98 4.18 50.77
C ASN L 334 27.82 3.19 50.71
N ASP L 335 27.58 2.42 51.77
CA ASP L 335 26.48 1.46 51.73
C ASP L 335 25.18 2.12 51.28
N ASP L 336 24.93 3.32 51.80
CA ASP L 336 23.72 4.04 51.45
C ASP L 336 23.60 4.34 49.97
N ASP L 337 24.73 4.52 49.28
CA ASP L 337 24.68 4.79 47.85
C ASP L 337 24.02 3.65 47.10
N VAL L 338 24.15 2.44 47.63
CA VAL L 338 23.57 1.26 46.99
C VAL L 338 22.05 1.35 46.86
N TRP L 339 21.34 1.55 47.95
CA TRP L 339 19.88 1.64 47.85
C TRP L 339 19.44 2.94 47.19
N ALA L 340 20.32 3.93 47.18
CA ALA L 340 19.99 5.21 46.54
C ALA L 340 19.89 4.98 45.03
N ARG L 341 20.83 4.18 44.51
CA ARG L 341 20.84 3.86 43.08
C ARG L 341 19.66 2.97 42.71
N GLU L 342 19.42 1.96 43.52
CA GLU L 342 18.31 1.02 43.27
C GLU L 342 16.95 1.71 43.40
N ALA L 343 16.92 2.81 44.16
CA ALA L 343 15.68 3.56 44.35
C ALA L 343 15.29 4.30 43.06
N GLN L 344 16.24 4.42 42.14
CA GLN L 344 16.03 5.12 40.86
C GLN L 344 15.78 4.15 39.70
N GLN L 345 16.07 2.87 39.90
CA GLN L 345 15.92 1.87 38.84
C GLN L 345 14.58 1.85 38.12
N GLU L 346 13.48 1.84 38.89
CA GLU L 346 12.16 1.80 38.31
C GLU L 346 11.92 3.03 37.42
N PHE L 347 12.18 4.21 37.98
CA PHE L 347 11.98 5.48 37.26
C PHE L 347 12.73 5.53 35.94
N TYR L 348 14.05 5.34 35.99
CA TYR L 348 14.85 5.39 34.78
C TYR L 348 14.79 4.13 33.93
N GLY L 349 14.75 2.98 34.58
CA GLY L 349 14.73 1.72 33.86
C GLY L 349 13.42 1.31 33.19
N GLU L 350 12.29 1.78 33.72
CA GLU L 350 11.00 1.40 33.15
C GLU L 350 10.05 2.56 32.84
N ARG L 351 10.12 3.63 33.61
CA ARG L 351 9.23 4.78 33.39
C ARG L 351 9.84 5.86 32.52
N ASP L 352 10.94 5.56 31.85
CA ASP L 352 11.60 6.52 30.97
C ASP L 352 11.95 7.82 31.70
N GLY L 353 12.66 7.69 32.81
CA GLY L 353 13.05 8.86 33.57
C GLY L 353 14.08 9.71 32.85
N TRP L 354 14.75 9.15 31.86
CA TRP L 354 15.76 9.90 31.13
C TRP L 354 15.16 11.14 30.46
N SER L 355 13.87 11.09 30.16
CA SER L 355 13.22 12.23 29.54
C SER L 355 12.19 12.89 30.45
N LYS L 356 11.95 12.31 31.63
CA LYS L 356 10.98 12.88 32.56
C LYS L 356 11.64 13.54 33.78
N GLU L 357 12.93 13.26 33.98
CA GLU L 357 13.66 13.85 35.10
C GLU L 357 13.67 15.37 34.99
N GLN L 358 13.85 16.03 36.11
CA GLN L 358 13.92 17.49 36.13
C GLN L 358 15.17 17.89 36.91
N LEU L 359 16.21 18.22 36.15
CA LEU L 359 17.51 18.59 36.72
C LEU L 359 17.60 20.03 37.17
N PHE L 360 18.63 20.31 37.98
CA PHE L 360 18.87 21.67 38.44
C PHE L 360 20.37 21.94 38.26
N PRO L 361 20.79 23.21 38.33
CA PRO L 361 22.20 23.62 38.16
C PRO L 361 23.35 22.66 38.51
N PRO L 362 23.36 22.11 39.74
CA PRO L 362 24.45 21.21 40.13
C PRO L 362 24.57 19.98 39.21
N ASP L 363 23.46 19.56 38.62
CA ASP L 363 23.46 18.39 37.74
C ASP L 363 24.19 18.64 36.41
N MET L 364 24.65 19.87 36.21
CA MET L 364 25.35 20.23 34.97
C MET L 364 26.58 19.36 34.71
N CYS L 365 27.30 19.01 35.78
CA CYS L 365 28.49 18.17 35.59
C CYS L 365 28.08 16.81 35.05
N ILE L 366 26.91 16.32 35.46
CA ILE L 366 26.41 15.04 34.97
C ILE L 366 26.04 15.21 33.52
N VAL L 367 25.45 16.36 33.19
CA VAL L 367 25.05 16.65 31.81
C VAL L 367 26.28 16.63 30.90
N LYS L 368 27.35 17.29 31.32
CA LYS L 368 28.57 17.34 30.54
C LYS L 368 29.17 15.95 30.34
N TRP L 369 29.03 15.10 31.35
CA TRP L 369 29.53 13.74 31.27
C TRP L 369 28.69 12.92 30.29
N ARG L 370 27.38 13.04 30.37
CA ARG L 370 26.50 12.28 29.48
C ARG L 370 26.77 12.68 28.02
N THR L 371 27.04 13.96 27.81
CA THR L 371 27.32 14.49 26.48
C THR L 371 28.67 14.01 25.96
N LEU L 372 29.67 14.03 26.83
CA LEU L 372 31.02 13.59 26.47
C LEU L 372 31.00 12.09 26.19
N ALA L 373 30.32 11.35 27.06
CA ALA L 373 30.21 9.91 26.93
C ALA L 373 29.46 9.49 25.66
N SER L 374 28.38 10.20 25.34
CA SER L 374 27.60 9.86 24.15
C SER L 374 28.46 10.03 22.90
N GLU L 375 29.37 11.01 22.94
CA GLU L 375 30.27 11.28 21.83
C GLU L 375 31.52 10.41 21.81
N ARG L 376 32.09 10.14 22.99
CA ARG L 376 33.34 9.39 23.03
C ARG L 376 33.35 7.92 23.45
N GLY L 377 32.23 7.41 23.97
CA GLY L 377 32.20 6.00 24.31
C GLY L 377 32.63 5.30 23.05
N ARG L 378 33.50 4.30 23.15
CA ARG L 378 34.00 3.62 21.95
C ARG L 378 33.11 2.57 21.33
N GLY L 379 32.02 2.23 22.00
CA GLY L 379 31.11 1.23 21.47
C GLY L 379 29.85 1.19 22.32
N VAL L 380 28.72 0.93 21.70
CA VAL L 380 27.46 0.86 22.41
C VAL L 380 26.95 -0.56 22.53
N ARG L 381 26.70 -0.97 23.77
CA ARG L 381 26.18 -2.30 24.06
C ARG L 381 24.75 -2.05 24.54
N ALA L 382 23.78 -2.24 23.65
CA ALA L 382 22.38 -2.00 23.98
C ALA L 382 21.69 -3.19 24.62
N SER M 16 -8.23 -29.00 59.40
CA SER M 16 -8.13 -29.90 60.57
C SER M 16 -8.32 -29.11 61.87
N ALA M 17 -7.62 -29.51 62.92
CA ALA M 17 -7.73 -28.82 64.21
C ALA M 17 -7.36 -27.36 63.99
N GLN M 18 -6.54 -27.13 62.96
CA GLN M 18 -6.09 -25.79 62.61
C GLN M 18 -7.25 -24.90 62.18
N VAL M 19 -8.34 -25.52 61.75
CA VAL M 19 -9.50 -24.75 61.30
C VAL M 19 -10.66 -24.88 62.29
N LYS M 20 -10.46 -25.65 63.35
CA LYS M 20 -11.49 -25.86 64.35
C LYS M 20 -11.26 -25.01 65.60
N TRP M 21 -10.01 -24.96 66.06
CA TRP M 21 -9.66 -24.17 67.23
C TRP M 21 -8.28 -23.54 67.07
N PRO M 22 -8.10 -22.76 65.99
CA PRO M 22 -6.83 -22.08 65.68
C PRO M 22 -6.26 -21.13 66.74
N ARG M 23 -7.11 -20.28 67.32
CA ARG M 23 -6.62 -19.34 68.32
C ARG M 23 -6.19 -20.06 69.58
N TYR M 24 -6.81 -21.21 69.84
CA TYR M 24 -6.46 -21.99 71.02
C TYR M 24 -5.06 -22.57 70.76
N LEU M 25 -4.85 -23.05 69.54
CA LEU M 25 -3.56 -23.61 69.17
C LEU M 25 -2.48 -22.53 69.20
N GLU M 26 -2.87 -21.31 68.84
CA GLU M 26 -1.95 -20.18 68.85
C GLU M 26 -1.61 -19.68 70.25
N ALA M 27 -2.54 -19.84 71.18
CA ALA M 27 -2.39 -19.37 72.55
C ALA M 27 -1.41 -20.18 73.39
N THR M 28 -0.21 -20.38 72.87
CA THR M 28 0.82 -21.14 73.55
C THR M 28 1.17 -20.47 74.87
N LEU M 29 1.18 -19.15 74.88
CA LEU M 29 1.53 -18.41 76.07
C LEU M 29 0.30 -17.97 76.86
N GLY M 30 -0.86 -18.49 76.49
CA GLY M 30 -2.09 -18.18 77.19
C GLY M 30 -3.02 -17.16 76.56
N PHE M 31 -4.15 -16.92 77.20
CA PHE M 31 -5.13 -15.95 76.73
C PHE M 31 -5.00 -14.70 77.60
N ASP M 32 -4.65 -13.56 77.00
CA ASP M 32 -4.53 -12.34 77.79
C ASP M 32 -5.79 -11.48 77.69
N ASN M 33 -5.79 -10.33 78.36
CA ASN M 33 -6.98 -9.48 78.45
C ASN M 33 -7.98 -10.29 79.28
N HIS M 34 -7.46 -10.92 80.33
CA HIS M 34 -8.23 -11.75 81.25
C HIS M 34 -7.55 -11.62 82.60
N TRP M 35 -8.31 -11.85 83.66
CA TRP M 35 -7.74 -11.83 85.00
C TRP M 35 -7.12 -13.21 85.25
N HIS M 36 -5.97 -13.23 85.91
CA HIS M 36 -5.28 -14.49 86.23
C HIS M 36 -4.72 -14.35 87.65
N PRO M 37 -4.72 -15.43 88.42
CA PRO M 37 -4.19 -15.36 89.78
C PRO M 37 -2.67 -15.36 89.74
N ALA M 38 -2.06 -14.60 90.66
CA ALA M 38 -0.61 -14.49 90.73
C ALA M 38 -0.07 -15.08 92.02
N ALA M 39 -0.87 -14.95 93.07
CA ALA M 39 -0.45 -15.43 94.38
C ALA M 39 -1.60 -15.31 95.37
N PHE M 40 -1.35 -15.77 96.59
CA PHE M 40 -2.34 -15.68 97.64
C PHE M 40 -2.05 -14.42 98.45
N ASP M 41 -3.12 -13.76 98.86
CA ASP M 41 -3.05 -12.52 99.61
C ASP M 41 -2.12 -12.59 100.81
N HIS M 42 -2.15 -13.70 101.53
CA HIS M 42 -1.32 -13.85 102.73
C HIS M 42 0.17 -13.97 102.49
N GLU M 43 0.58 -14.03 101.22
CA GLU M 43 2.00 -14.12 100.87
C GLU M 43 2.64 -12.74 100.93
N LEU M 44 1.80 -11.71 101.02
CA LEU M 44 2.29 -10.33 101.04
C LEU M 44 1.95 -9.47 102.24
N ALA M 45 2.97 -9.17 103.04
CA ALA M 45 2.78 -8.30 104.20
C ALA M 45 3.17 -6.92 103.67
N GLU M 46 2.90 -5.87 104.45
CA GLU M 46 3.23 -4.51 104.03
C GLU M 46 4.72 -4.42 103.69
N GLY M 47 5.03 -3.78 102.57
CA GLY M 47 6.41 -3.62 102.16
C GLY M 47 7.11 -4.88 101.69
N GLU M 48 6.39 -5.99 101.61
CA GLU M 48 7.00 -7.24 101.17
C GLU M 48 6.93 -7.34 99.64
N PHE M 49 7.80 -8.15 99.06
CA PHE M 49 7.82 -8.32 97.60
C PHE M 49 7.69 -9.78 97.18
N VAL M 50 6.95 -10.03 96.11
CA VAL M 50 6.80 -11.37 95.58
C VAL M 50 6.87 -11.25 94.05
N ALA M 51 7.79 -12.01 93.46
CA ALA M 51 7.98 -11.98 92.01
C ALA M 51 7.26 -13.17 91.37
N VAL M 52 6.62 -12.92 90.25
CA VAL M 52 5.90 -13.98 89.54
C VAL M 52 6.03 -13.73 88.06
N THR M 53 5.86 -14.79 87.28
CA THR M 53 5.93 -14.66 85.82
C THR M 53 4.59 -15.17 85.31
N MET M 54 3.91 -14.33 84.55
CA MET M 54 2.60 -14.66 84.02
C MET M 54 2.52 -14.41 82.52
N LEU M 55 2.09 -15.42 81.79
CA LEU M 55 1.96 -15.33 80.34
C LEU M 55 3.22 -14.73 79.72
N GLY M 56 4.37 -15.12 80.27
CA GLY M 56 5.64 -14.65 79.75
C GLY M 56 6.13 -13.32 80.29
N GLU M 57 5.34 -12.66 81.13
CA GLU M 57 5.75 -11.37 81.69
C GLU M 57 6.18 -11.46 83.14
N LYS M 58 7.35 -10.91 83.45
CA LYS M 58 7.82 -10.91 84.82
C LYS M 58 7.07 -9.78 85.53
N VAL M 59 6.42 -10.11 86.64
CA VAL M 59 5.65 -9.14 87.38
C VAL M 59 6.09 -9.09 88.84
N LEU M 60 6.15 -7.88 89.38
CA LEU M 60 6.55 -7.67 90.76
C LEU M 60 5.33 -7.26 91.57
N LEU M 61 5.14 -7.91 92.71
CA LEU M 61 4.01 -7.60 93.57
C LEU M 61 4.52 -7.10 94.92
N THR M 62 3.76 -6.18 95.51
CA THR M 62 4.10 -5.65 96.82
C THR M 62 2.85 -5.05 97.42
N ARG M 63 2.87 -4.85 98.73
CA ARG M 63 1.75 -4.25 99.42
C ARG M 63 2.20 -2.86 99.87
N ALA M 64 1.52 -1.84 99.35
CA ALA M 64 1.81 -0.44 99.65
C ALA M 64 0.60 0.20 100.31
N LYS M 65 0.75 0.62 101.56
CA LYS M 65 -0.35 1.25 102.28
C LYS M 65 -1.55 0.30 102.35
N GLY M 66 -1.27 -0.97 102.60
CA GLY M 66 -2.33 -1.96 102.71
C GLY M 66 -2.83 -2.55 101.41
N GLU M 67 -2.52 -1.91 100.29
CA GLU M 67 -2.97 -2.38 98.98
C GLU M 67 -1.93 -3.11 98.16
N VAL M 68 -2.32 -4.26 97.60
CA VAL M 68 -1.45 -5.06 96.76
C VAL M 68 -1.30 -4.35 95.42
N LYS M 69 -0.06 -4.20 94.96
CA LYS M 69 0.21 -3.54 93.69
C LYS M 69 1.04 -4.43 92.79
N ALA M 70 0.82 -4.34 91.48
CA ALA M 70 1.57 -5.14 90.52
C ALA M 70 2.21 -4.25 89.48
N ILE M 71 3.52 -4.42 89.27
CA ILE M 71 4.24 -3.63 88.29
C ILE M 71 5.22 -4.52 87.52
N ALA M 72 5.51 -4.16 86.27
CA ALA M 72 6.46 -4.94 85.47
C ALA M 72 7.77 -5.09 86.24
N ASP M 73 8.27 -6.32 86.33
CA ASP M 73 9.52 -6.59 87.04
C ASP M 73 10.67 -6.43 86.04
N GLY M 74 10.81 -5.20 85.54
CA GLY M 74 11.85 -4.87 84.57
C GLY M 74 12.02 -3.35 84.47
N CYS M 75 13.21 -2.86 84.76
CA CYS M 75 13.49 -1.42 84.72
C CYS M 75 13.56 -0.92 83.27
N ALA M 76 13.02 0.26 83.03
CA ALA M 76 13.03 0.84 81.68
C ALA M 76 14.43 1.26 81.23
N HIS M 77 15.31 1.47 82.20
CA HIS M 77 16.67 1.90 81.90
C HIS M 77 17.46 0.84 81.15
N ARG M 78 17.90 -0.19 81.87
CA ARG M 78 18.65 -1.28 81.25
C ARG M 78 17.98 -2.66 81.37
N GLY M 79 16.67 -2.66 81.57
CA GLY M 79 15.91 -3.91 81.64
C GLY M 79 16.10 -4.90 82.78
N VAL M 80 16.82 -4.53 83.84
CA VAL M 80 17.00 -5.48 84.93
C VAL M 80 15.71 -5.69 85.72
N PRO M 81 15.57 -6.86 86.35
CA PRO M 81 14.39 -7.19 87.15
C PRO M 81 14.59 -6.53 88.52
N PHE M 82 13.60 -5.81 89.01
CA PHE M 82 13.74 -5.19 90.33
C PHE M 82 13.89 -6.30 91.37
N SER M 83 13.22 -7.43 91.12
CA SER M 83 13.26 -8.56 92.04
C SER M 83 14.63 -9.12 92.43
N LYS M 84 15.68 -8.73 91.71
CA LYS M 84 17.04 -9.19 92.08
C LYS M 84 17.38 -8.60 93.45
N GLU M 85 16.83 -7.42 93.72
CA GLU M 85 17.06 -6.70 94.97
C GLU M 85 16.04 -5.56 95.00
N PRO M 86 14.77 -5.90 95.22
CA PRO M 86 13.67 -4.93 95.27
C PRO M 86 13.84 -3.88 96.36
N LEU M 87 13.69 -2.62 96.00
CA LEU M 87 13.84 -1.52 96.95
C LEU M 87 12.64 -0.59 97.01
N CYS M 88 12.38 -0.08 98.20
CA CYS M 88 11.29 0.85 98.41
C CYS M 88 11.67 1.84 99.49
N PHE M 89 11.80 3.11 99.12
CA PHE M 89 12.17 4.15 100.07
C PHE M 89 10.97 5.03 100.39
N LYS M 90 9.83 4.68 99.81
CA LYS M 90 8.59 5.42 100.02
C LYS M 90 7.41 4.59 99.52
N ALA M 91 6.56 4.15 100.45
CA ALA M 91 5.39 3.34 100.11
C ALA M 91 4.66 3.95 98.92
N GLY M 92 4.43 3.14 97.89
CA GLY M 92 3.75 3.62 96.70
C GLY M 92 4.68 3.77 95.52
N THR M 93 5.97 3.53 95.78
CA THR M 93 6.98 3.60 94.72
C THR M 93 7.91 2.41 94.86
N VAL M 94 8.70 2.17 93.80
CA VAL M 94 9.66 1.10 93.81
C VAL M 94 10.92 1.71 93.19
N SER M 95 12.09 1.40 93.75
CA SER M 95 13.34 1.93 93.23
C SER M 95 14.25 0.82 92.71
N CYS M 96 14.72 0.99 91.47
CA CYS M 96 15.61 0.00 90.87
C CYS M 96 16.93 -0.02 91.66
N TRP M 97 17.47 -1.21 91.88
CA TRP M 97 18.70 -1.37 92.63
C TRP M 97 19.96 -0.97 91.86
N TYR M 98 19.85 -0.85 90.53
CA TYR M 98 21.00 -0.53 89.71
C TYR M 98 21.38 0.94 89.65
N HIS M 99 20.49 1.81 89.18
CA HIS M 99 20.79 3.25 89.12
C HIS M 99 19.78 4.10 89.90
N GLY M 100 18.93 3.46 90.69
CA GLY M 100 17.96 4.20 91.48
C GLY M 100 16.75 4.79 90.78
N TRP M 101 16.49 4.39 89.53
CA TRP M 101 15.31 4.94 88.86
C TRP M 101 14.12 4.53 89.73
N THR M 102 13.26 5.49 90.05
CA THR M 102 12.11 5.24 90.91
C THR M 102 10.77 5.44 90.20
N TYR M 103 9.86 4.49 90.38
CA TYR M 103 8.57 4.56 89.72
C TYR M 103 7.36 4.61 90.66
N ASP M 104 6.31 5.27 90.18
CA ASP M 104 5.07 5.40 90.92
C ASP M 104 4.28 4.12 90.68
N LEU M 105 3.89 3.43 91.74
CA LEU M 105 3.14 2.19 91.59
C LEU M 105 1.74 2.40 91.00
N ASP M 106 1.18 3.59 91.15
CA ASP M 106 -0.15 3.85 90.62
C ASP M 106 -0.25 4.02 89.11
N ASP M 107 0.81 4.50 88.47
CA ASP M 107 0.79 4.69 87.02
C ASP M 107 2.07 4.22 86.34
N GLY M 108 3.01 3.71 87.13
CA GLY M 108 4.26 3.22 86.59
C GLY M 108 5.22 4.26 86.02
N ARG M 109 4.88 5.54 86.19
CA ARG M 109 5.71 6.63 85.67
C ARG M 109 7.00 6.80 86.46
N LEU M 110 8.05 7.26 85.80
CA LEU M 110 9.34 7.51 86.46
C LEU M 110 9.19 8.87 87.15
N VAL M 111 9.27 8.89 88.47
CA VAL M 111 9.11 10.12 89.22
C VAL M 111 10.36 10.65 89.91
N ASP M 112 11.44 9.87 89.90
CA ASP M 112 12.67 10.27 90.55
C ASP M 112 13.83 9.38 90.08
N VAL M 113 15.04 9.90 90.21
CA VAL M 113 16.25 9.16 89.88
C VAL M 113 17.19 9.46 91.04
N LEU M 114 17.31 8.48 91.94
CA LEU M 114 18.14 8.64 93.12
C LEU M 114 19.59 9.00 92.86
N THR M 115 20.11 8.61 91.70
CA THR M 115 21.51 8.88 91.37
C THR M 115 21.70 10.11 90.50
N SER M 116 20.63 10.81 90.19
CA SER M 116 20.73 11.99 89.35
C SER M 116 19.56 12.96 89.56
N PRO M 117 19.58 13.67 90.69
CA PRO M 117 18.54 14.63 91.08
C PRO M 117 18.11 15.53 89.93
N GLY M 118 16.81 15.61 89.70
CA GLY M 118 16.28 16.45 88.64
C GLY M 118 16.63 16.04 87.23
N SER M 119 17.05 14.80 87.04
CA SER M 119 17.38 14.33 85.70
C SER M 119 16.22 14.64 84.76
N PRO M 120 16.52 15.14 83.56
CA PRO M 120 15.49 15.48 82.58
C PRO M 120 14.63 14.33 82.05
N VAL M 121 15.01 13.08 82.31
CA VAL M 121 14.18 11.97 81.84
C VAL M 121 12.99 11.76 82.77
N ILE M 122 13.07 12.34 83.97
CA ILE M 122 11.99 12.21 84.94
C ILE M 122 10.68 12.72 84.34
N GLY M 123 9.66 11.88 84.38
CA GLY M 123 8.36 12.26 83.84
C GLY M 123 8.21 12.00 82.35
N LYS M 124 9.25 11.46 81.71
CA LYS M 124 9.19 11.17 80.28
C LYS M 124 9.22 9.67 80.04
N ILE M 125 9.32 8.90 81.11
CA ILE M 125 9.40 7.46 81.01
C ILE M 125 8.45 6.77 81.98
N GLY M 126 8.04 5.55 81.64
CA GLY M 126 7.15 4.81 82.51
C GLY M 126 7.13 3.35 82.12
N ILE M 127 6.85 2.48 83.08
CA ILE M 127 6.76 1.06 82.79
C ILE M 127 5.31 0.62 83.04
N LYS M 128 5.02 -0.62 82.70
CA LYS M 128 3.68 -1.18 82.84
C LYS M 128 3.26 -1.52 84.27
N VAL M 129 2.06 -1.07 84.64
CA VAL M 129 1.48 -1.41 85.93
C VAL M 129 0.23 -2.21 85.60
N TYR M 130 -0.11 -3.17 86.44
CA TYR M 130 -1.28 -4.01 86.17
C TYR M 130 -2.39 -3.87 87.18
N PRO M 131 -3.65 -3.88 86.70
CA PRO M 131 -4.79 -3.78 87.61
C PRO M 131 -4.77 -5.01 88.53
N VAL M 132 -5.02 -4.81 89.81
CA VAL M 132 -5.04 -5.92 90.75
C VAL M 132 -6.34 -5.96 91.54
N GLN M 133 -6.87 -7.16 91.74
CA GLN M 133 -8.07 -7.31 92.55
C GLN M 133 -7.90 -8.55 93.42
N VAL M 134 -8.11 -8.37 94.71
CA VAL M 134 -8.00 -9.47 95.65
C VAL M 134 -9.40 -9.96 95.99
N ALA M 135 -9.61 -11.26 95.88
CA ALA M 135 -10.90 -11.85 96.17
C ALA M 135 -10.70 -13.25 96.71
N GLN M 136 -11.42 -13.58 97.77
CA GLN M 136 -11.34 -14.90 98.38
C GLN M 136 -9.90 -15.28 98.74
N GLY M 137 -9.11 -14.29 99.15
CA GLY M 137 -7.73 -14.54 99.55
C GLY M 137 -6.74 -14.75 98.41
N VAL M 138 -7.20 -14.54 97.19
CA VAL M 138 -6.37 -14.73 96.02
C VAL M 138 -6.09 -13.42 95.32
N VAL M 139 -4.82 -13.21 94.97
CA VAL M 139 -4.42 -11.98 94.27
C VAL M 139 -4.57 -12.19 92.78
N PHE M 140 -5.49 -11.45 92.16
CA PHE M 140 -5.68 -11.54 90.72
C PHE M 140 -5.08 -10.29 90.08
N VAL M 141 -4.48 -10.46 88.92
CA VAL M 141 -3.91 -9.35 88.19
C VAL M 141 -4.36 -9.45 86.74
N PHE M 142 -4.74 -8.30 86.17
CA PHE M 142 -5.22 -8.29 84.81
C PHE M 142 -4.05 -8.16 83.85
N ILE M 143 -3.86 -9.19 83.04
CA ILE M 143 -2.78 -9.24 82.05
C ILE M 143 -3.40 -8.89 80.71
N GLY M 144 -2.84 -7.91 80.00
CA GLY M 144 -3.38 -7.52 78.71
C GLY M 144 -3.24 -6.04 78.43
N ASP M 145 -3.45 -5.66 77.17
CA ASP M 145 -3.33 -4.26 76.78
C ASP M 145 -4.61 -3.45 77.02
N GLU M 146 -5.74 -4.14 77.15
CA GLU M 146 -7.00 -3.44 77.36
C GLU M 146 -7.28 -3.09 78.82
N GLU M 147 -8.31 -2.30 79.03
CA GLU M 147 -8.72 -1.92 80.38
C GLU M 147 -9.39 -3.18 80.95
N PRO M 148 -9.32 -3.37 82.27
CA PRO M 148 -9.94 -4.56 82.86
C PRO M 148 -11.47 -4.56 82.91
N HIS M 149 -12.06 -5.74 82.72
CA HIS M 149 -13.51 -5.92 82.80
C HIS M 149 -13.72 -6.55 84.19
N ALA M 150 -14.96 -6.87 84.56
CA ALA M 150 -15.21 -7.44 85.88
C ALA M 150 -14.54 -8.81 86.11
N LEU M 151 -13.94 -8.98 87.29
CA LEU M 151 -13.26 -10.22 87.65
C LEU M 151 -14.15 -11.47 87.57
N SER M 152 -15.44 -11.31 87.88
CA SER M 152 -16.37 -12.43 87.86
C SER M 152 -16.51 -13.05 86.47
N GLU M 153 -16.18 -12.29 85.44
CA GLU M 153 -16.30 -12.81 84.08
C GLU M 153 -15.19 -13.80 83.73
N ASP M 154 -14.17 -13.86 84.58
CA ASP M 154 -13.04 -14.76 84.35
C ASP M 154 -12.96 -15.83 85.42
N LEU M 155 -14.09 -16.11 86.07
CA LEU M 155 -14.12 -17.12 87.11
C LEU M 155 -15.36 -17.97 86.97
N PRO M 156 -15.29 -19.22 87.43
CA PRO M 156 -16.44 -20.12 87.35
C PRO M 156 -17.54 -19.60 88.27
N PRO M 157 -18.80 -19.89 87.96
CA PRO M 157 -19.88 -19.41 88.84
C PRO M 157 -19.67 -19.95 90.25
N GLY M 158 -20.03 -19.16 91.26
CA GLY M 158 -19.89 -19.60 92.63
C GLY M 158 -18.57 -19.29 93.30
N PHE M 159 -17.52 -19.05 92.52
CA PHE M 159 -16.21 -18.76 93.09
C PHE M 159 -16.26 -17.60 94.08
N LEU M 160 -16.95 -16.53 93.71
CA LEU M 160 -17.04 -15.34 94.54
C LEU M 160 -18.15 -15.34 95.59
N ASP M 161 -18.78 -16.47 95.83
CA ASP M 161 -19.85 -16.53 96.83
C ASP M 161 -19.35 -15.97 98.16
N GLU M 162 -20.08 -14.99 98.68
CA GLU M 162 -19.72 -14.32 99.94
C GLU M 162 -19.87 -15.19 101.18
N ASP M 163 -20.78 -16.15 101.13
CA ASP M 163 -21.02 -17.04 102.26
C ASP M 163 -20.07 -18.23 102.28
N THR M 164 -18.87 -18.05 101.73
CA THR M 164 -17.87 -19.12 101.69
C THR M 164 -16.49 -18.56 101.97
N HIS M 165 -15.56 -19.48 102.25
CA HIS M 165 -14.17 -19.13 102.51
C HIS M 165 -13.33 -20.07 101.66
N LEU M 166 -12.27 -19.54 101.08
CA LEU M 166 -11.41 -20.36 100.23
C LEU M 166 -9.97 -20.42 100.73
N LEU M 167 -9.35 -21.58 100.56
CA LEU M 167 -7.97 -21.81 100.97
C LEU M 167 -7.30 -22.64 99.88
N GLY M 168 -6.08 -22.27 99.52
CA GLY M 168 -5.39 -23.01 98.48
C GLY M 168 -3.89 -22.85 98.44
N ILE M 169 -3.27 -23.47 97.44
CA ILE M 169 -1.83 -23.42 97.24
C ILE M 169 -1.56 -23.29 95.75
N ARG M 170 -0.29 -23.09 95.41
CA ARG M 170 0.13 -22.96 94.02
C ARG M 170 1.51 -23.58 93.90
N ARG M 171 1.84 -24.07 92.72
CA ARG M 171 3.14 -24.69 92.48
C ARG M 171 3.41 -24.59 90.98
N THR M 172 4.68 -24.75 90.61
CA THR M 172 5.05 -24.68 89.21
C THR M 172 4.98 -26.09 88.63
N VAL M 173 4.53 -26.20 87.38
CA VAL M 173 4.43 -27.49 86.70
C VAL M 173 5.16 -27.35 85.37
N GLN M 174 6.04 -28.30 85.07
CA GLN M 174 6.83 -28.24 83.84
C GLN M 174 6.10 -28.67 82.57
N SER M 175 5.01 -27.99 82.26
CA SER M 175 4.27 -28.30 81.04
C SER M 175 3.52 -27.06 80.60
N ASN M 176 3.12 -27.05 79.33
CA ASN M 176 2.36 -25.95 78.80
C ASN M 176 1.01 -25.90 79.53
N TRP M 177 0.48 -24.70 79.74
CA TRP M 177 -0.78 -24.52 80.46
C TRP M 177 -1.96 -25.32 79.95
N ARG M 178 -2.12 -25.40 78.63
CA ARG M 178 -3.24 -26.14 78.05
C ARG M 178 -3.24 -27.63 78.44
N LEU M 179 -2.08 -28.19 78.72
CA LEU M 179 -2.03 -29.59 79.09
C LEU M 179 -2.50 -29.74 80.53
N GLY M 180 -2.39 -28.65 81.28
CA GLY M 180 -2.86 -28.66 82.65
C GLY M 180 -4.37 -28.56 82.66
N VAL M 181 -4.91 -27.71 81.79
CA VAL M 181 -6.35 -27.52 81.70
C VAL M 181 -7.03 -28.81 81.25
N GLU M 182 -6.49 -29.41 80.20
CA GLU M 182 -7.06 -30.62 79.66
C GLU M 182 -6.89 -31.82 80.59
N ASN M 183 -5.92 -31.74 81.50
CA ASN M 183 -5.72 -32.81 82.46
C ASN M 183 -6.78 -32.67 83.58
N GLY M 184 -7.19 -31.42 83.83
CA GLY M 184 -8.20 -31.19 84.85
C GLY M 184 -9.59 -31.50 84.31
N PHE M 185 -9.86 -31.05 83.10
CA PHE M 185 -11.15 -31.25 82.45
C PHE M 185 -11.14 -32.52 81.58
N ASP M 186 -10.81 -33.65 82.19
CA ASP M 186 -10.74 -34.93 81.49
C ASP M 186 -11.54 -35.94 82.32
N THR M 187 -12.65 -36.44 81.78
CA THR M 187 -13.48 -37.37 82.55
C THR M 187 -13.01 -38.82 82.65
N THR M 188 -11.96 -39.20 81.92
CA THR M 188 -11.48 -40.58 82.01
C THR M 188 -10.06 -40.73 82.54
N HIS M 189 -9.35 -39.62 82.75
CA HIS M 189 -7.98 -39.72 83.25
C HIS M 189 -7.94 -40.14 84.71
N ILE M 190 -9.07 -40.00 85.40
CA ILE M 190 -9.12 -40.34 86.82
C ILE M 190 -8.73 -41.80 87.08
N PHE M 191 -8.55 -42.56 86.00
CA PHE M 191 -8.12 -43.94 86.12
C PHE M 191 -6.77 -43.95 86.83
N MET M 192 -5.93 -42.97 86.52
CA MET M 192 -4.60 -42.88 87.12
C MET M 192 -4.60 -42.57 88.62
N HIS M 193 -5.71 -42.04 89.13
CA HIS M 193 -5.82 -41.70 90.54
C HIS M 193 -6.37 -42.84 91.38
N ARG M 194 -6.72 -43.95 90.74
CA ARG M 194 -7.32 -45.08 91.43
C ARG M 194 -6.59 -45.60 92.67
N ASN M 195 -5.27 -45.46 92.71
CA ASN M 195 -4.50 -45.94 93.86
C ASN M 195 -4.07 -44.85 94.85
N SER M 196 -4.57 -43.63 94.65
CA SER M 196 -4.23 -42.53 95.55
C SER M 196 -4.72 -42.89 96.94
N PRO M 197 -3.90 -42.62 97.96
CA PRO M 197 -4.32 -42.94 99.33
C PRO M 197 -5.58 -42.17 99.75
N TRP M 198 -5.90 -41.11 99.01
CA TRP M 198 -7.06 -40.31 99.32
C TRP M 198 -8.37 -41.04 99.05
N VAL M 199 -8.37 -41.91 98.04
CA VAL M 199 -9.58 -42.66 97.69
C VAL M 199 -10.12 -43.43 98.89
N SER M 200 -9.30 -44.30 99.46
CA SER M 200 -9.75 -45.07 100.63
C SER M 200 -9.62 -44.18 101.86
N GLY M 201 -8.63 -43.29 101.84
CA GLY M 201 -8.42 -42.39 102.96
C GLY M 201 -9.66 -41.57 103.32
N ASN M 202 -10.39 -41.10 102.30
CA ASN M 202 -11.60 -40.32 102.55
C ASN M 202 -12.84 -41.08 102.11
N ARG M 203 -12.75 -42.41 102.13
CA ARG M 203 -13.84 -43.32 101.78
C ARG M 203 -14.64 -42.90 100.54
N LEU M 204 -13.94 -42.57 99.45
CA LEU M 204 -14.63 -42.14 98.24
C LEU M 204 -15.13 -43.28 97.38
N ALA M 205 -16.27 -43.06 96.73
CA ALA M 205 -16.81 -44.02 95.78
C ALA M 205 -16.21 -43.39 94.52
N PHE M 206 -15.03 -43.85 94.12
CA PHE M 206 -14.36 -43.25 92.97
C PHE M 206 -14.25 -44.21 91.79
N PRO M 207 -14.89 -43.86 90.66
CA PRO M 207 -14.83 -44.73 89.48
C PRO M 207 -13.53 -44.56 88.70
N TYR M 208 -13.36 -45.37 87.66
CA TYR M 208 -12.17 -45.31 86.82
C TYR M 208 -12.37 -44.30 85.69
N GLY M 209 -13.60 -43.83 85.53
CA GLY M 209 -13.89 -42.87 84.48
C GLY M 209 -15.37 -42.62 84.33
N PHE M 210 -15.70 -41.56 83.60
CA PHE M 210 -17.08 -41.19 83.34
C PHE M 210 -17.25 -41.12 81.82
N VAL M 211 -18.18 -41.93 81.29
CA VAL M 211 -18.44 -41.96 79.86
C VAL M 211 -19.75 -41.24 79.56
N PRO M 212 -19.69 -40.21 78.70
CA PRO M 212 -20.91 -39.46 78.34
C PRO M 212 -21.95 -40.36 77.69
N ALA M 213 -23.22 -40.17 78.07
CA ALA M 213 -24.29 -41.00 77.51
C ALA M 213 -24.43 -40.73 76.02
N ASP M 214 -24.20 -39.47 75.64
CA ASP M 214 -24.29 -39.06 74.24
C ASP M 214 -23.47 -37.80 74.01
N ARG M 215 -23.62 -37.20 72.83
CA ARG M 215 -22.88 -36.00 72.47
C ARG M 215 -23.33 -34.72 73.17
N ASP M 216 -24.44 -34.79 73.91
CA ASP M 216 -24.93 -33.61 74.62
C ASP M 216 -24.97 -33.82 76.12
N ALA M 217 -24.08 -34.66 76.63
CA ALA M 217 -23.99 -34.92 78.06
C ALA M 217 -23.26 -33.73 78.66
N MET M 218 -22.79 -32.86 77.78
CA MET M 218 -22.05 -31.67 78.16
C MET M 218 -22.83 -30.44 77.70
N GLN M 219 -22.79 -29.37 78.48
CA GLN M 219 -23.49 -28.16 78.10
C GLN M 219 -22.51 -27.01 77.97
N VAL M 220 -22.62 -26.29 76.86
CA VAL M 220 -21.76 -25.15 76.60
C VAL M 220 -22.46 -23.83 76.94
N TYR M 221 -21.81 -23.00 77.75
CA TYR M 221 -22.35 -21.70 78.11
C TYR M 221 -21.50 -20.67 77.38
N ASP M 222 -22.00 -20.18 76.25
CA ASP M 222 -21.25 -19.20 75.48
C ASP M 222 -21.91 -17.83 75.35
N GLU M 223 -23.02 -17.65 76.08
CA GLU M 223 -23.73 -16.38 76.07
C GLU M 223 -23.42 -15.63 77.35
N ASN M 224 -23.00 -14.38 77.23
CA ASN M 224 -22.64 -13.56 78.39
C ASN M 224 -21.45 -14.22 79.08
N TRP M 225 -21.05 -13.68 80.22
CA TRP M 225 -19.92 -14.24 80.96
C TRP M 225 -20.33 -14.64 82.38
N PRO M 226 -19.63 -15.60 82.98
CA PRO M 226 -18.48 -16.31 82.40
C PRO M 226 -18.88 -17.34 81.35
N LYS M 227 -17.92 -17.79 80.55
CA LYS M 227 -18.20 -18.78 79.51
C LYS M 227 -17.44 -20.08 79.81
N GLY M 228 -18.07 -21.21 79.50
CA GLY M 228 -17.42 -22.48 79.76
C GLY M 228 -18.20 -23.70 79.32
N VAL M 229 -17.69 -24.86 79.71
CA VAL M 229 -18.32 -26.12 79.36
C VAL M 229 -18.59 -26.85 80.66
N LEU M 230 -19.81 -27.35 80.82
CA LEU M 230 -20.23 -28.05 82.02
C LEU M 230 -20.54 -29.52 81.73
N ASP M 231 -19.91 -30.42 82.48
CA ASP M 231 -20.17 -31.84 82.33
C ASP M 231 -21.00 -32.28 83.53
N ARG M 232 -22.26 -32.63 83.31
CA ARG M 232 -23.11 -33.09 84.40
C ARG M 232 -22.86 -34.58 84.59
N LEU M 233 -21.72 -34.90 85.17
CA LEU M 233 -21.31 -36.29 85.39
C LEU M 233 -22.34 -37.15 86.09
N SER M 234 -22.95 -36.62 87.13
CA SER M 234 -23.93 -37.34 87.92
C SER M 234 -25.22 -37.61 87.16
N GLU M 235 -25.50 -36.76 86.17
CA GLU M 235 -26.74 -36.88 85.44
C GLU M 235 -26.68 -37.49 84.04
N ASN M 236 -25.69 -37.11 83.24
CA ASN M 236 -25.61 -37.61 81.87
C ASN M 236 -24.42 -38.47 81.51
N TYR M 237 -23.69 -38.96 82.50
CA TYR M 237 -22.53 -39.81 82.26
C TYR M 237 -22.70 -41.13 82.99
N MET M 238 -21.97 -42.14 82.53
CA MET M 238 -22.01 -43.45 83.16
C MET M 238 -20.65 -43.72 83.79
N PRO M 239 -20.64 -43.93 85.12
CA PRO M 239 -19.41 -44.21 85.88
C PRO M 239 -18.90 -45.61 85.56
N VAL M 240 -17.60 -45.76 85.45
CA VAL M 240 -16.99 -47.04 85.16
C VAL M 240 -16.36 -47.55 86.46
N PHE M 241 -17.02 -48.53 87.09
CA PHE M 241 -16.53 -49.08 88.34
C PHE M 241 -15.79 -50.41 88.17
N GLU M 242 -15.81 -50.95 86.95
CA GLU M 242 -15.11 -52.20 86.68
C GLU M 242 -14.28 -52.10 85.41
N ALA M 243 -12.99 -52.41 85.53
CA ALA M 243 -12.09 -52.38 84.38
C ALA M 243 -12.15 -53.75 83.73
N THR M 244 -12.59 -53.78 82.48
CA THR M 244 -12.72 -55.04 81.77
C THR M 244 -11.75 -55.17 80.60
N LEU M 245 -11.07 -56.30 80.54
CA LEU M 245 -10.11 -56.55 79.47
C LEU M 245 -10.41 -57.91 78.86
N ASP M 246 -10.74 -57.91 77.56
CA ASP M 246 -11.07 -59.15 76.88
C ASP M 246 -12.27 -59.81 77.55
N GLY M 247 -13.27 -59.00 77.88
CA GLY M 247 -14.46 -59.52 78.52
C GLY M 247 -14.27 -60.00 79.95
N GLU M 248 -13.13 -59.72 80.55
CA GLU M 248 -12.86 -60.15 81.92
C GLU M 248 -12.49 -58.98 82.83
N THR M 249 -13.06 -58.97 84.02
CA THR M 249 -12.81 -57.92 85.01
C THR M 249 -11.43 -58.07 85.65
N VAL M 250 -10.56 -57.11 85.39
CA VAL M 250 -9.20 -57.14 85.93
C VAL M 250 -9.04 -56.13 87.05
N LEU M 251 -10.03 -55.27 87.21
CA LEU M 251 -9.98 -54.24 88.24
C LEU M 251 -11.39 -53.81 88.59
N SER M 252 -11.64 -53.56 89.87
CA SER M 252 -12.96 -53.09 90.26
C SER M 252 -12.82 -52.15 91.44
N ALA M 253 -13.44 -50.99 91.32
CA ALA M 253 -13.36 -49.99 92.38
C ALA M 253 -14.32 -50.31 93.52
N GLU M 254 -13.97 -49.81 94.71
CA GLU M 254 -14.78 -50.02 95.89
C GLU M 254 -16.07 -49.23 95.76
N LEU M 255 -17.21 -49.91 95.85
CA LEU M 255 -18.50 -49.25 95.76
C LEU M 255 -19.36 -49.73 96.91
N THR M 256 -19.59 -48.84 97.87
CA THR M 256 -20.40 -49.14 99.05
C THR M 256 -21.35 -47.98 99.32
N GLY M 257 -22.51 -48.30 99.91
CA GLY M 257 -23.50 -47.28 100.20
C GLY M 257 -23.04 -46.16 101.11
N GLU M 258 -22.12 -46.47 102.02
CA GLU M 258 -21.63 -45.48 102.97
C GLU M 258 -20.48 -44.62 102.46
N GLU M 259 -19.93 -44.94 101.30
CA GLU M 259 -18.83 -44.14 100.79
C GLU M 259 -19.29 -42.74 100.40
N LYS M 260 -18.37 -41.79 100.45
CA LYS M 260 -18.68 -40.41 100.11
C LYS M 260 -18.76 -40.28 98.58
N LYS M 261 -19.71 -39.48 98.12
CA LYS M 261 -19.88 -39.27 96.68
C LYS M 261 -19.35 -37.89 96.31
N VAL M 262 -18.49 -37.83 95.30
CA VAL M 262 -17.93 -36.56 94.87
C VAL M 262 -17.99 -36.39 93.36
N ALA M 263 -17.62 -35.20 92.89
CA ALA M 263 -17.62 -34.88 91.46
C ALA M 263 -18.93 -35.12 90.76
N ALA M 264 -19.98 -34.46 91.21
CA ALA M 264 -21.29 -34.61 90.58
C ALA M 264 -21.22 -33.81 89.27
N GLN M 265 -20.37 -32.79 89.27
CA GLN M 265 -20.18 -31.93 88.10
C GLN M 265 -18.75 -31.46 88.02
N VAL M 266 -18.27 -31.26 86.79
CA VAL M 266 -16.94 -30.74 86.57
C VAL M 266 -17.10 -29.80 85.37
N SER M 267 -16.48 -28.63 85.46
CA SER M 267 -16.60 -27.65 84.39
C SER M 267 -15.33 -26.84 84.29
N VAL M 268 -15.13 -26.25 83.12
CA VAL M 268 -13.96 -25.42 82.87
C VAL M 268 -14.50 -24.13 82.27
N TRP M 269 -13.92 -23.01 82.69
CA TRP M 269 -14.37 -21.70 82.23
C TRP M 269 -13.19 -20.86 81.77
N LEU M 270 -13.45 -19.98 80.81
CA LEU M 270 -12.41 -19.10 80.31
C LEU M 270 -11.95 -18.22 81.46
N PRO M 271 -10.66 -17.84 81.48
CA PRO M 271 -9.65 -18.15 80.47
C PRO M 271 -9.07 -19.57 80.59
N GLY M 272 -9.58 -20.35 81.53
CA GLY M 272 -9.10 -21.71 81.73
C GLY M 272 -9.11 -22.10 83.20
N VAL M 273 -10.29 -22.08 83.80
CA VAL M 273 -10.45 -22.40 85.22
C VAL M 273 -11.38 -23.58 85.45
N LEU M 274 -10.90 -24.55 86.23
CA LEU M 274 -11.67 -25.75 86.52
C LEU M 274 -12.51 -25.62 87.79
N LYS M 275 -13.65 -26.30 87.80
CA LYS M 275 -14.53 -26.32 88.97
C LYS M 275 -15.05 -27.74 89.13
N VAL M 276 -14.61 -28.41 90.19
CA VAL M 276 -15.04 -29.78 90.47
C VAL M 276 -15.98 -29.64 91.66
N ASP M 277 -17.22 -30.08 91.46
CA ASP M 277 -18.27 -29.92 92.44
C ASP M 277 -19.05 -31.21 92.73
N PRO M 278 -18.90 -31.79 93.93
CA PRO M 278 -18.02 -31.33 95.02
C PRO M 278 -16.73 -32.15 95.00
N PHE M 279 -15.66 -31.57 95.54
CA PHE M 279 -14.36 -32.23 95.60
C PHE M 279 -13.43 -31.37 96.43
N PRO M 280 -12.48 -31.99 97.16
CA PRO M 280 -12.20 -33.43 97.28
C PRO M 280 -13.03 -34.13 98.34
N ASP M 281 -14.07 -33.44 98.81
CA ASP M 281 -14.96 -33.97 99.82
C ASP M 281 -16.33 -33.38 99.53
N PRO M 282 -17.40 -34.10 99.92
CA PRO M 282 -18.75 -33.60 99.68
C PRO M 282 -18.96 -32.17 100.19
N THR M 283 -18.24 -31.79 101.24
CA THR M 283 -18.37 -30.45 101.81
C THR M 283 -17.48 -29.39 101.17
N LEU M 284 -16.87 -29.71 100.04
CA LEU M 284 -15.98 -28.75 99.39
C LEU M 284 -16.13 -28.70 97.89
N ILE M 285 -15.63 -27.62 97.31
CA ILE M 285 -15.62 -27.44 95.87
C ILE M 285 -14.16 -27.12 95.55
N GLN M 286 -13.63 -27.72 94.50
CA GLN M 286 -12.24 -27.47 94.14
C GLN M 286 -12.12 -26.69 92.83
N TYR M 287 -11.36 -25.61 92.87
CA TYR M 287 -11.12 -24.79 91.70
C TYR M 287 -9.65 -24.95 91.32
N GLU M 288 -9.36 -24.94 90.04
CA GLU M 288 -7.98 -25.08 89.58
C GLU M 288 -7.69 -24.07 88.49
N PHE M 289 -6.54 -23.42 88.59
CA PHE M 289 -6.10 -22.45 87.60
C PHE M 289 -4.78 -22.98 87.04
N TYR M 290 -4.52 -22.72 85.77
CA TYR M 290 -3.28 -23.18 85.15
C TYR M 290 -2.74 -21.98 84.39
N VAL M 291 -2.15 -21.06 85.14
CA VAL M 291 -1.64 -19.82 84.57
C VAL M 291 -0.29 -20.01 83.88
N PRO M 292 -0.23 -19.67 82.59
CA PRO M 292 1.03 -19.81 81.85
C PRO M 292 2.14 -19.02 82.51
N ILE M 293 3.33 -19.59 82.51
CA ILE M 293 4.53 -18.94 83.04
C ILE M 293 5.35 -18.69 81.78
N SER M 294 5.68 -19.78 81.09
CA SER M 294 6.41 -19.72 79.83
C SER M 294 5.65 -20.62 78.88
N GLU M 295 6.21 -20.87 77.71
CA GLU M 295 5.54 -21.73 76.73
C GLU M 295 5.51 -23.19 77.15
N THR M 296 6.39 -23.54 78.10
CA THR M 296 6.50 -24.91 78.57
C THR M 296 6.20 -25.11 80.05
N GLN M 297 5.77 -24.05 80.73
CA GLN M 297 5.48 -24.14 82.15
C GLN M 297 4.22 -23.39 82.55
N HIS M 298 3.63 -23.78 83.66
CA HIS M 298 2.45 -23.08 84.16
C HIS M 298 2.39 -23.16 85.67
N GLU M 299 1.67 -22.21 86.26
CA GLU M 299 1.50 -22.16 87.70
C GLU M 299 0.16 -22.82 87.97
N TYR M 300 0.20 -23.93 88.70
CA TYR M 300 -0.99 -24.69 89.02
C TYR M 300 -1.55 -24.29 90.38
N PHE M 301 -2.72 -23.63 90.35
CA PHE M 301 -3.39 -23.19 91.57
C PHE M 301 -4.51 -24.17 91.91
N GLN M 302 -4.61 -24.53 93.20
CA GLN M 302 -5.64 -25.41 93.70
C GLN M 302 -6.30 -24.65 94.85
N VAL M 303 -7.59 -24.33 94.71
CA VAL M 303 -8.30 -23.58 95.73
C VAL M 303 -9.56 -24.31 96.21
N LEU M 304 -9.63 -24.56 97.52
CA LEU M 304 -10.78 -25.24 98.10
C LEU M 304 -11.76 -24.25 98.71
N GLN M 305 -13.03 -24.44 98.40
CA GLN M 305 -14.10 -23.57 98.88
C GLN M 305 -15.04 -24.28 99.85
N ARG M 306 -15.27 -23.64 100.99
CA ARG M 306 -16.15 -24.19 102.02
C ARG M 306 -17.26 -23.20 102.36
N LYS M 307 -18.50 -23.67 102.40
CA LYS M 307 -19.61 -22.79 102.75
C LYS M 307 -19.48 -22.42 104.22
N VAL M 308 -19.60 -21.13 104.50
CA VAL M 308 -19.48 -20.63 105.87
C VAL M 308 -20.81 -20.11 106.41
N GLU M 309 -21.18 -20.59 107.59
CA GLU M 309 -22.43 -20.15 108.22
C GLU M 309 -22.19 -19.54 109.59
N GLY M 310 -21.08 -19.90 110.21
CA GLY M 310 -20.74 -19.36 111.51
C GLY M 310 -19.31 -18.87 111.51
N PRO M 311 -18.97 -17.90 112.38
CA PRO M 311 -17.61 -17.35 112.46
C PRO M 311 -16.62 -18.42 112.90
N GLU M 312 -17.14 -19.45 113.55
CA GLU M 312 -16.31 -20.53 114.05
C GLU M 312 -15.88 -21.53 112.96
N ASP M 313 -16.76 -21.83 112.02
CA ASP M 313 -16.40 -22.80 110.98
C ASP M 313 -15.42 -22.31 109.93
N VAL M 314 -15.02 -21.04 110.02
CA VAL M 314 -14.03 -20.52 109.11
C VAL M 314 -12.71 -20.99 109.72
N LYS M 315 -12.65 -20.91 111.05
CA LYS M 315 -11.49 -21.32 111.79
C LYS M 315 -11.39 -22.84 111.74
N THR M 316 -12.55 -23.51 111.74
CA THR M 316 -12.60 -24.96 111.67
C THR M 316 -12.07 -25.44 110.32
N PHE M 317 -12.40 -24.71 109.27
CA PHE M 317 -11.95 -25.05 107.92
C PHE M 317 -10.44 -24.89 107.80
N GLU M 318 -9.92 -23.79 108.34
CA GLU M 318 -8.49 -23.54 108.29
C GLU M 318 -7.71 -24.61 109.05
N VAL M 319 -8.31 -25.15 110.09
CA VAL M 319 -7.66 -26.19 110.86
C VAL M 319 -7.68 -27.50 110.08
N GLU M 320 -8.82 -27.81 109.46
CA GLU M 320 -8.93 -29.04 108.68
C GLU M 320 -7.99 -28.97 107.47
N PHE M 321 -7.85 -27.77 106.92
CA PHE M 321 -7.00 -27.57 105.76
C PHE M 321 -5.54 -27.86 106.13
N GLU M 322 -5.08 -27.27 107.21
CA GLU M 322 -3.71 -27.44 107.67
C GLU M 322 -3.40 -28.88 108.09
N GLU M 323 -4.37 -29.54 108.69
CA GLU M 323 -4.18 -30.90 109.17
C GLU M 323 -4.59 -32.00 108.18
N ARG M 324 -5.42 -31.68 107.20
CA ARG M 324 -5.86 -32.73 106.28
C ARG M 324 -6.00 -32.42 104.79
N TRP M 325 -6.91 -31.52 104.44
CA TRP M 325 -7.17 -31.18 103.04
C TRP M 325 -5.95 -30.92 102.16
N ARG M 326 -5.07 -30.02 102.57
CA ARG M 326 -3.90 -29.69 101.76
C ARG M 326 -2.93 -30.83 101.46
N ASP M 327 -2.50 -31.55 102.49
CA ASP M 327 -1.54 -32.63 102.27
C ASP M 327 -2.14 -33.94 101.80
N ASP M 328 -3.21 -34.37 102.44
CA ASP M 328 -3.83 -35.64 102.07
C ASP M 328 -4.58 -35.57 100.73
N ALA M 329 -5.02 -34.39 100.32
CA ALA M 329 -5.75 -34.26 99.06
C ALA M 329 -5.06 -33.44 97.98
N LEU M 330 -4.87 -32.15 98.22
CA LEU M 330 -4.23 -31.30 97.21
C LEU M 330 -2.91 -31.92 96.76
N HIS M 331 -2.28 -32.70 97.64
CA HIS M 331 -1.04 -33.37 97.30
C HIS M 331 -1.31 -34.88 97.16
N GLY M 332 -1.88 -35.46 98.21
CA GLY M 332 -2.17 -36.89 98.20
C GLY M 332 -2.92 -37.37 96.97
N PHE M 333 -3.83 -36.56 96.48
CA PHE M 333 -4.60 -36.95 95.31
C PHE M 333 -4.12 -36.31 94.01
N ASN M 334 -3.85 -35.01 94.04
CA ASN M 334 -3.42 -34.32 92.83
C ASN M 334 -1.94 -34.36 92.44
N ASP M 335 -1.06 -34.74 93.36
CA ASP M 335 0.37 -34.76 93.02
C ASP M 335 0.64 -35.50 91.72
N ASP M 336 -0.06 -36.61 91.49
CA ASP M 336 0.15 -37.40 90.27
C ASP M 336 -0.22 -36.63 89.01
N ASP M 337 -1.19 -35.73 89.09
CA ASP M 337 -1.60 -34.95 87.93
C ASP M 337 -0.41 -34.14 87.40
N VAL M 338 0.53 -33.82 88.29
CA VAL M 338 1.70 -33.04 87.89
C VAL M 338 2.57 -33.79 86.89
N TRP M 339 3.07 -34.97 87.25
CA TRP M 339 3.89 -35.69 86.28
C TRP M 339 3.08 -36.15 85.09
N ALA M 340 1.76 -36.26 85.27
CA ALA M 340 0.88 -36.67 84.18
C ALA M 340 0.91 -35.64 83.05
N ARG M 341 0.82 -34.36 83.42
CA ARG M 341 0.84 -33.27 82.45
C ARG M 341 2.24 -33.15 81.84
N GLU M 342 3.26 -33.25 82.69
CA GLU M 342 4.64 -33.13 82.23
C GLU M 342 4.99 -34.25 81.27
N ALA M 343 4.32 -35.40 81.40
CA ALA M 343 4.58 -36.53 80.52
C ALA M 343 4.04 -36.31 79.10
N GLN M 344 3.22 -35.29 78.92
CA GLN M 344 2.64 -34.96 77.61
C GLN M 344 3.37 -33.81 76.94
N GLN M 345 4.20 -33.10 77.71
CA GLN M 345 4.91 -31.93 77.19
C GLN M 345 5.67 -32.14 75.89
N GLU M 346 6.50 -33.18 75.83
CA GLU M 346 7.28 -33.44 74.63
C GLU M 346 6.37 -33.62 73.42
N PHE M 347 5.40 -34.53 73.56
CA PHE M 347 4.48 -34.83 72.47
C PHE M 347 3.79 -33.59 71.89
N TYR M 348 3.09 -32.84 72.73
CA TYR M 348 2.37 -31.65 72.27
C TYR M 348 3.25 -30.43 72.03
N GLY M 349 4.30 -30.29 72.84
CA GLY M 349 5.16 -29.12 72.71
C GLY M 349 6.29 -29.23 71.71
N GLU M 350 6.78 -30.45 71.47
CA GLU M 350 7.90 -30.62 70.55
C GLU M 350 7.62 -31.56 69.39
N ARG M 351 6.52 -32.31 69.46
CA ARG M 351 6.21 -33.25 68.40
C ARG M 351 4.89 -33.04 67.65
N ASP M 352 4.35 -31.83 67.67
CA ASP M 352 3.12 -31.57 66.93
C ASP M 352 1.95 -32.46 67.39
N GLY M 353 1.93 -32.76 68.69
CA GLY M 353 0.87 -33.58 69.23
C GLY M 353 -0.54 -33.04 69.02
N TRP M 354 -0.66 -31.73 68.81
CA TRP M 354 -1.97 -31.14 68.58
C TRP M 354 -2.64 -31.68 67.34
N SER M 355 -1.86 -32.12 66.36
CA SER M 355 -2.46 -32.67 65.16
C SER M 355 -2.24 -34.17 65.00
N LYS M 356 -1.53 -34.79 65.93
CA LYS M 356 -1.26 -36.23 65.84
C LYS M 356 -1.97 -37.06 66.90
N GLU M 357 -2.54 -36.39 67.89
CA GLU M 357 -3.28 -37.06 68.95
C GLU M 357 -4.46 -37.78 68.31
N GLN M 358 -4.94 -38.83 68.96
CA GLN M 358 -6.09 -39.58 68.46
C GLN M 358 -7.06 -39.64 69.63
N LEU M 359 -8.08 -38.79 69.57
CA LEU M 359 -9.08 -38.67 70.64
C LEU M 359 -10.21 -39.68 70.52
N PHE M 360 -10.96 -39.85 71.60
CA PHE M 360 -12.11 -40.74 71.61
C PHE M 360 -13.29 -40.02 72.27
N PRO M 361 -14.52 -40.53 72.09
CA PRO M 361 -15.75 -39.93 72.64
C PRO M 361 -15.69 -39.11 73.93
N PRO M 362 -15.16 -39.66 75.02
CA PRO M 362 -15.12 -38.84 76.24
C PRO M 362 -14.36 -37.51 76.09
N ASP M 363 -13.42 -37.44 75.15
CA ASP M 363 -12.65 -36.22 74.94
C ASP M 363 -13.47 -35.11 74.30
N MET M 364 -14.69 -35.42 73.91
CA MET M 364 -15.55 -34.43 73.27
C MET M 364 -15.74 -33.16 74.12
N CYS M 365 -15.78 -33.31 75.45
CA CYS M 365 -15.97 -32.12 76.28
C CYS M 365 -14.74 -31.22 76.14
N ILE M 366 -13.57 -31.84 76.01
CA ILE M 366 -12.32 -31.10 75.83
C ILE M 366 -12.37 -30.39 74.49
N VAL M 367 -12.88 -31.09 73.48
CA VAL M 367 -12.99 -30.52 72.15
C VAL M 367 -13.89 -29.28 72.17
N LYS M 368 -14.98 -29.33 72.92
CA LYS M 368 -15.88 -28.19 72.98
C LYS M 368 -15.25 -27.01 73.73
N TRP M 369 -14.39 -27.32 74.71
CA TRP M 369 -13.69 -26.29 75.46
C TRP M 369 -12.73 -25.58 74.50
N ARG M 370 -11.94 -26.37 73.76
CA ARG M 370 -10.98 -25.80 72.80
C ARG M 370 -11.70 -24.97 71.76
N THR M 371 -12.85 -25.44 71.29
CA THR M 371 -13.63 -24.72 70.28
C THR M 371 -14.19 -23.41 70.84
N LEU M 372 -14.69 -23.45 72.07
CA LEU M 372 -15.23 -22.25 72.71
C LEU M 372 -14.11 -21.26 73.04
N ALA M 373 -13.02 -21.77 73.60
CA ALA M 373 -11.88 -20.95 73.96
C ALA M 373 -11.28 -20.26 72.75
N SER M 374 -11.20 -21.00 71.64
CA SER M 374 -10.64 -20.49 70.40
C SER M 374 -11.46 -19.28 69.96
N GLU M 375 -12.77 -19.39 70.12
CA GLU M 375 -13.70 -18.34 69.76
C GLU M 375 -13.77 -17.19 70.75
N ARG M 376 -13.76 -17.50 72.04
CA ARG M 376 -13.91 -16.47 73.04
C ARG M 376 -12.74 -16.00 73.88
N GLY M 377 -11.58 -16.64 73.74
CA GLY M 377 -10.44 -16.16 74.49
C GLY M 377 -10.37 -14.70 74.08
N ARG M 378 -10.10 -13.79 75.01
CA ARG M 378 -10.08 -12.38 74.64
C ARG M 378 -8.82 -11.89 73.93
N GLY M 379 -7.72 -12.62 74.07
CA GLY M 379 -6.49 -12.21 73.43
C GLY M 379 -5.53 -13.36 73.34
N VAL M 380 -4.78 -13.43 72.25
CA VAL M 380 -3.82 -14.51 72.05
C VAL M 380 -2.37 -14.10 72.31
N ARG M 381 -1.74 -14.80 73.24
CA ARG M 381 -0.35 -14.56 73.59
C ARG M 381 0.41 -15.75 72.99
N ALA M 382 1.10 -15.51 71.88
CA ALA M 382 1.87 -16.56 71.19
C ALA M 382 3.26 -16.77 71.75
N SER N 16 33.56 -33.63 47.43
CA SER N 16 34.06 -33.78 48.82
C SER N 16 33.40 -34.96 49.51
N ALA N 17 33.36 -34.93 50.85
CA ALA N 17 32.76 -35.99 51.63
C ALA N 17 31.30 -36.13 51.23
N GLN N 18 30.68 -34.99 50.92
CA GLN N 18 29.28 -34.93 50.52
C GLN N 18 29.08 -35.67 49.19
N VAL N 19 30.19 -36.02 48.54
CA VAL N 19 30.14 -36.71 47.26
C VAL N 19 30.50 -38.19 47.35
N LYS N 20 31.32 -38.55 48.35
CA LYS N 20 31.74 -39.94 48.50
C LYS N 20 30.92 -40.76 49.49
N TRP N 21 30.38 -40.12 50.52
CA TRP N 21 29.58 -40.85 51.50
C TRP N 21 28.42 -40.02 52.05
N PRO N 22 27.60 -39.45 51.15
CA PRO N 22 26.45 -38.61 51.54
C PRO N 22 25.42 -39.25 52.48
N ARG N 23 25.00 -40.48 52.20
CA ARG N 23 24.01 -41.13 53.04
C ARG N 23 24.55 -41.39 54.44
N TYR N 24 25.86 -41.56 54.55
CA TYR N 24 26.49 -41.79 55.85
C TYR N 24 26.42 -40.47 56.62
N LEU N 25 26.71 -39.37 55.94
CA LEU N 25 26.67 -38.05 56.56
C LEU N 25 25.25 -37.71 56.97
N GLU N 26 24.28 -38.17 56.19
CA GLU N 26 22.87 -37.93 56.47
C GLU N 26 22.34 -38.79 57.61
N ALA N 27 22.95 -39.95 57.84
CA ALA N 27 22.50 -40.88 58.88
C ALA N 27 22.87 -40.46 60.29
N THR N 28 22.54 -39.21 60.63
CA THR N 28 22.84 -38.67 61.95
C THR N 28 22.16 -39.52 63.02
N LEU N 29 20.96 -39.99 62.71
CA LEU N 29 20.20 -40.77 63.66
C LEU N 29 20.38 -42.28 63.44
N GLY N 30 21.31 -42.64 62.58
CA GLY N 30 21.58 -44.06 62.34
C GLY N 30 20.98 -44.66 61.08
N PHE N 31 21.32 -45.93 60.84
CA PHE N 31 20.80 -46.66 59.68
C PHE N 31 19.66 -47.56 60.15
N ASP N 32 18.46 -47.35 59.63
CA ASP N 32 17.34 -48.19 60.03
C ASP N 32 17.07 -49.28 58.99
N ASN N 33 16.07 -50.12 59.27
CA ASN N 33 15.77 -51.28 58.42
C ASN N 33 16.95 -52.22 58.66
N HIS N 34 17.38 -52.29 59.91
CA HIS N 34 18.49 -53.13 60.33
C HIS N 34 18.17 -53.58 61.75
N TRP N 35 18.78 -54.68 62.18
CA TRP N 35 18.58 -55.14 63.55
C TRP N 35 19.59 -54.38 64.42
N HIS N 36 19.17 -54.01 65.62
CA HIS N 36 20.04 -53.31 66.57
C HIS N 36 19.73 -53.87 67.96
N PRO N 37 20.77 -54.01 68.81
CA PRO N 37 20.56 -54.52 70.17
C PRO N 37 19.91 -53.46 71.03
N ALA N 38 19.03 -53.88 71.94
CA ALA N 38 18.33 -52.96 72.82
C ALA N 38 18.72 -53.20 74.26
N ALA N 39 18.98 -54.45 74.59
CA ALA N 39 19.33 -54.81 75.95
C ALA N 39 19.74 -56.27 76.02
N PHE N 40 20.10 -56.70 77.21
CA PHE N 40 20.48 -58.09 77.43
C PHE N 40 19.26 -58.85 77.94
N ASP N 41 19.09 -60.05 77.40
CA ASP N 41 17.97 -60.91 77.74
C ASP N 41 17.72 -61.03 79.24
N HIS N 42 18.79 -61.15 80.02
CA HIS N 42 18.66 -61.30 81.46
C HIS N 42 18.15 -60.07 82.20
N GLU N 43 17.95 -58.96 81.46
CA GLU N 43 17.44 -57.73 82.06
C GLU N 43 15.92 -57.82 82.16
N LEU N 44 15.34 -58.83 81.56
CA LEU N 44 13.89 -58.98 81.55
C LEU N 44 13.32 -60.28 82.10
N ALA N 45 12.70 -60.20 83.28
CA ALA N 45 12.06 -61.36 83.87
C ALA N 45 10.62 -61.26 83.35
N GLU N 46 9.84 -62.31 83.54
CA GLU N 46 8.44 -62.30 83.07
C GLU N 46 7.70 -61.12 83.68
N GLY N 47 6.92 -60.43 82.85
CA GLY N 47 6.15 -59.29 83.32
C GLY N 47 6.96 -58.07 83.70
N GLU N 48 8.26 -58.08 83.41
CA GLU N 48 9.11 -56.94 83.73
C GLU N 48 9.17 -55.97 82.54
N PHE N 49 9.51 -54.72 82.80
CA PHE N 49 9.59 -53.72 81.74
C PHE N 49 10.95 -53.04 81.66
N VAL N 50 11.39 -52.75 80.44
CA VAL N 50 12.66 -52.06 80.22
C VAL N 50 12.44 -51.07 79.09
N ALA N 51 12.67 -49.79 79.38
CA ALA N 51 12.49 -48.74 78.38
C ALA N 51 13.83 -48.40 77.73
N VAL N 52 13.82 -48.24 76.41
CA VAL N 52 15.04 -47.90 75.68
C VAL N 52 14.69 -46.97 74.54
N THR N 53 15.68 -46.22 74.07
CA THR N 53 15.48 -45.31 72.97
C THR N 53 16.47 -45.70 71.88
N MET N 54 15.95 -46.01 70.70
CA MET N 54 16.75 -46.46 69.59
C MET N 54 16.48 -45.65 68.34
N LEU N 55 17.54 -45.12 67.74
CA LEU N 55 17.41 -44.32 66.53
C LEU N 55 16.32 -43.27 66.70
N GLY N 56 16.25 -42.70 67.90
CA GLY N 56 15.27 -41.68 68.17
C GLY N 56 13.90 -42.15 68.61
N GLU N 57 13.66 -43.46 68.56
CA GLU N 57 12.35 -43.98 68.96
C GLU N 57 12.34 -44.56 70.37
N LYS N 58 11.35 -44.15 71.17
CA LYS N 58 11.22 -44.69 72.52
C LYS N 58 10.54 -46.05 72.35
N VAL N 59 11.19 -47.09 72.87
CA VAL N 59 10.67 -48.43 72.76
C VAL N 59 10.50 -49.06 74.14
N LEU N 60 9.43 -49.83 74.29
CA LEU N 60 9.15 -50.48 75.55
C LEU N 60 9.34 -51.99 75.37
N LEU N 61 10.07 -52.61 76.28
CA LEU N 61 10.31 -54.04 76.20
C LEU N 61 9.73 -54.72 77.42
N THR N 62 9.18 -55.92 77.21
CA THR N 62 8.63 -56.70 78.29
C THR N 62 8.63 -58.16 77.88
N ARG N 63 8.54 -59.05 78.86
CA ARG N 63 8.50 -60.48 78.58
C ARG N 63 7.08 -60.96 78.87
N ALA N 64 6.41 -61.43 77.82
CA ALA N 64 5.04 -61.92 77.92
C ALA N 64 5.00 -63.40 77.55
N LYS N 65 4.63 -64.24 78.50
CA LYS N 65 4.57 -65.68 78.27
C LYS N 65 5.93 -66.20 77.82
N GLY N 66 6.98 -65.72 78.48
CA GLY N 66 8.33 -66.15 78.16
C GLY N 66 9.00 -65.48 76.98
N GLU N 67 8.22 -64.77 76.15
CA GLU N 67 8.80 -64.11 74.99
C GLU N 67 8.98 -62.61 75.17
N VAL N 68 10.14 -62.12 74.77
CA VAL N 68 10.45 -60.70 74.85
C VAL N 68 9.67 -60.00 73.74
N LYS N 69 8.98 -58.92 74.10
CA LYS N 69 8.19 -58.17 73.13
C LYS N 69 8.59 -56.69 73.14
N ALA N 70 8.54 -56.07 71.97
CA ALA N 70 8.91 -54.66 71.85
C ALA N 70 7.77 -53.87 71.22
N ILE N 71 7.39 -52.77 71.88
CA ILE N 71 6.32 -51.92 71.39
C ILE N 71 6.67 -50.45 71.58
N ALA N 72 6.13 -49.59 70.73
CA ALA N 72 6.39 -48.16 70.84
C ALA N 72 6.03 -47.69 72.25
N ASP N 73 6.95 -46.98 72.90
CA ASP N 73 6.71 -46.46 74.23
C ASP N 73 6.02 -45.11 74.12
N GLY N 74 4.84 -45.12 73.50
CA GLY N 74 4.06 -43.92 73.31
C GLY N 74 2.62 -44.27 72.97
N CYS N 75 1.68 -43.78 73.79
CA CYS N 75 0.26 -44.06 73.58
C CYS N 75 -0.29 -43.27 72.39
N ALA N 76 -1.20 -43.88 71.64
CA ALA N 76 -1.78 -43.23 70.48
C ALA N 76 -2.78 -42.14 70.88
N HIS N 77 -3.30 -42.24 72.10
CA HIS N 77 -4.28 -41.28 72.59
C HIS N 77 -3.66 -39.88 72.70
N ARG N 78 -2.86 -39.66 73.73
CA ARG N 78 -2.22 -38.36 73.93
C ARG N 78 -0.68 -38.42 73.96
N GLY N 79 -0.13 -39.43 73.29
CA GLY N 79 1.31 -39.60 73.19
C GLY N 79 2.21 -39.78 74.40
N VAL N 80 1.66 -40.14 75.55
CA VAL N 80 2.50 -40.34 76.73
C VAL N 80 3.27 -41.65 76.65
N PRO N 81 4.40 -41.74 77.34
CA PRO N 81 5.21 -42.97 77.36
C PRO N 81 4.61 -43.93 78.37
N PHE N 82 4.47 -45.20 77.99
CA PHE N 82 3.93 -46.17 78.93
C PHE N 82 4.92 -46.33 80.08
N SER N 83 6.21 -46.17 79.76
CA SER N 83 7.27 -46.32 80.76
C SER N 83 7.20 -45.42 81.99
N LYS N 84 6.35 -44.39 81.98
CA LYS N 84 6.20 -43.54 83.16
C LYS N 84 5.62 -44.40 84.29
N GLU N 85 4.80 -45.36 83.89
CA GLU N 85 4.13 -46.26 84.84
C GLU N 85 3.51 -47.38 84.01
N PRO N 86 4.36 -48.27 83.47
CA PRO N 86 3.91 -49.40 82.64
C PRO N 86 2.97 -50.35 83.37
N LEU N 87 1.87 -50.69 82.69
CA LEU N 87 0.88 -51.59 83.29
C LEU N 87 0.56 -52.76 82.40
N CYS N 88 0.25 -53.88 83.03
CA CYS N 88 -0.14 -55.09 82.31
C CYS N 88 -1.15 -55.85 83.15
N PHE N 89 -2.37 -55.97 82.63
CA PHE N 89 -3.43 -56.67 83.34
C PHE N 89 -3.71 -58.01 82.69
N LYS N 90 -2.97 -58.30 81.62
CA LYS N 90 -3.11 -59.56 80.88
C LYS N 90 -1.89 -59.77 79.99
N ALA N 91 -1.10 -60.79 80.30
CA ALA N 91 0.11 -61.11 79.54
C ALA N 91 -0.19 -61.06 78.03
N GLY N 92 0.60 -60.28 77.30
CA GLY N 92 0.41 -60.17 75.87
C GLY N 92 -0.20 -58.83 75.51
N THR N 93 -0.47 -58.02 76.53
CA THR N 93 -1.03 -56.69 76.33
C THR N 93 -0.33 -55.72 77.26
N VAL N 94 -0.52 -54.43 76.98
CA VAL N 94 0.02 -53.38 77.82
C VAL N 94 -1.08 -52.33 77.91
N SER N 95 -1.28 -51.77 79.10
CA SER N 95 -2.31 -50.76 79.30
C SER N 95 -1.70 -49.43 79.69
N CYS N 96 -2.10 -48.38 79.00
CA CYS N 96 -1.60 -47.04 79.29
C CYS N 96 -2.09 -46.63 80.67
N TRP N 97 -1.22 -45.99 81.44
CA TRP N 97 -1.55 -45.55 82.80
C TRP N 97 -2.48 -44.35 82.86
N TYR N 98 -2.58 -43.61 81.76
CA TYR N 98 -3.40 -42.41 81.74
C TYR N 98 -4.91 -42.65 81.61
N HIS N 99 -5.37 -43.18 80.47
CA HIS N 99 -6.79 -43.47 80.27
C HIS N 99 -7.08 -44.95 80.05
N GLY N 100 -6.11 -45.80 80.32
CA GLY N 100 -6.31 -47.23 80.19
C GLY N 100 -6.42 -47.84 78.81
N TRP N 101 -6.02 -47.13 77.76
CA TRP N 101 -6.08 -47.73 76.42
C TRP N 101 -5.15 -48.94 76.49
N THR N 102 -5.63 -50.07 75.99
CA THR N 102 -4.86 -51.31 76.03
C THR N 102 -4.55 -51.85 74.64
N TYR N 103 -3.31 -52.28 74.45
CA TYR N 103 -2.89 -52.79 73.13
C TYR N 103 -2.36 -54.22 73.16
N ASP N 104 -2.55 -54.89 72.03
CA ASP N 104 -2.09 -56.26 71.84
C ASP N 104 -0.61 -56.18 71.45
N LEU N 105 0.25 -56.87 72.18
CA LEU N 105 1.67 -56.82 71.88
C LEU N 105 2.03 -57.48 70.54
N ASP N 106 1.21 -58.41 70.07
CA ASP N 106 1.51 -59.08 68.81
C ASP N 106 1.29 -58.23 67.55
N ASP N 107 0.41 -57.24 67.62
CA ASP N 107 0.16 -56.39 66.44
C ASP N 107 -0.03 -54.93 66.80
N GLY N 108 0.14 -54.61 68.08
CA GLY N 108 0.01 -53.23 68.53
C GLY N 108 -1.36 -52.58 68.37
N ARG N 109 -2.39 -53.38 68.08
CA ARG N 109 -3.73 -52.85 67.88
C ARG N 109 -4.40 -52.53 69.22
N LEU N 110 -5.29 -51.55 69.22
CA LEU N 110 -6.03 -51.17 70.43
C LEU N 110 -7.15 -52.20 70.56
N VAL N 111 -7.10 -53.02 71.60
CA VAL N 111 -8.11 -54.04 71.79
C VAL N 111 -9.10 -53.75 72.92
N ASP N 112 -8.80 -52.73 73.72
CA ASP N 112 -9.68 -52.40 74.83
C ASP N 112 -9.36 -51.03 75.43
N VAL N 113 -10.34 -50.48 76.14
CA VAL N 113 -10.19 -49.19 76.81
C VAL N 113 -10.80 -49.38 78.21
N LEU N 114 -9.92 -49.56 79.19
CA LEU N 114 -10.33 -49.79 80.57
C LEU N 114 -11.29 -48.76 81.14
N THR N 115 -11.19 -47.52 80.68
CA THR N 115 -12.05 -46.46 81.20
C THR N 115 -13.29 -46.22 80.37
N SER N 116 -13.49 -47.01 79.32
CA SER N 116 -14.65 -46.83 78.46
C SER N 116 -15.03 -48.11 77.71
N PRO N 117 -15.69 -49.05 78.41
CA PRO N 117 -16.13 -50.33 77.84
C PRO N 117 -16.81 -50.20 76.50
N GLY N 118 -16.35 -50.99 75.54
CA GLY N 118 -16.94 -50.98 74.21
C GLY N 118 -16.78 -49.70 73.42
N SER N 119 -15.84 -48.85 73.82
CA SER N 119 -15.62 -47.61 73.10
C SER N 119 -15.46 -47.91 71.61
N PRO N 120 -16.12 -47.13 70.75
CA PRO N 120 -16.04 -47.34 69.30
C PRO N 120 -14.66 -47.20 68.66
N VAL N 121 -13.68 -46.61 69.36
CA VAL N 121 -12.34 -46.48 68.77
C VAL N 121 -11.61 -47.82 68.82
N ILE N 122 -12.12 -48.74 69.63
CA ILE N 122 -11.51 -50.06 69.76
C ILE N 122 -11.48 -50.74 68.39
N GLY N 123 -10.30 -51.23 68.00
CA GLY N 123 -10.16 -51.89 66.72
C GLY N 123 -9.89 -50.95 65.55
N LYS N 124 -9.92 -49.65 65.79
CA LYS N 124 -9.67 -48.67 64.73
C LYS N 124 -8.35 -47.96 64.92
N ILE N 125 -7.61 -48.34 65.95
CA ILE N 125 -6.34 -47.70 66.28
C ILE N 125 -5.26 -48.73 66.62
N GLY N 126 -4.01 -48.35 66.44
CA GLY N 126 -2.91 -49.24 66.76
C GLY N 126 -1.59 -48.47 66.76
N ILE N 127 -0.62 -48.97 67.50
CA ILE N 127 0.70 -48.34 67.55
C ILE N 127 1.71 -49.33 66.99
N LYS N 128 2.96 -48.91 66.89
CA LYS N 128 3.99 -49.76 66.32
C LYS N 128 4.58 -50.81 67.25
N VAL N 129 4.69 -52.03 66.73
CA VAL N 129 5.33 -53.12 67.46
C VAL N 129 6.55 -53.49 66.63
N TYR N 130 7.63 -53.92 67.27
CA TYR N 130 8.85 -54.24 66.53
C TYR N 130 9.27 -55.69 66.62
N PRO N 131 9.73 -56.24 65.49
CA PRO N 131 10.17 -57.64 65.50
C PRO N 131 11.33 -57.76 66.49
N VAL N 132 11.34 -58.84 67.25
CA VAL N 132 12.40 -59.06 68.22
C VAL N 132 13.01 -60.45 68.07
N GLN N 133 14.34 -60.51 68.18
CA GLN N 133 15.00 -61.80 68.13
C GLN N 133 16.09 -61.79 69.17
N VAL N 134 16.11 -62.82 70.01
CA VAL N 134 17.10 -62.94 71.05
C VAL N 134 18.15 -63.94 70.58
N ALA N 135 19.41 -63.52 70.64
CA ALA N 135 20.51 -64.39 70.22
C ALA N 135 21.71 -64.10 71.09
N GLN N 136 22.35 -65.16 71.56
CA GLN N 136 23.54 -65.02 72.39
C GLN N 136 23.30 -64.13 73.61
N GLY N 137 22.11 -64.21 74.20
CA GLY N 137 21.78 -63.42 75.37
C GLY N 137 21.50 -61.95 75.11
N VAL N 138 21.45 -61.57 73.83
CA VAL N 138 21.21 -60.19 73.46
C VAL N 138 19.86 -60.03 72.81
N VAL N 139 19.13 -59.00 73.22
CA VAL N 139 17.82 -58.71 72.67
C VAL N 139 17.99 -57.80 71.47
N PHE N 140 17.67 -58.29 70.29
CA PHE N 140 17.78 -57.50 69.07
C PHE N 140 16.39 -57.05 68.65
N VAL N 141 16.29 -55.81 68.17
CA VAL N 141 15.04 -55.24 67.73
C VAL N 141 15.22 -54.73 66.31
N PHE N 142 14.27 -55.01 65.44
CA PHE N 142 14.37 -54.55 64.08
C PHE N 142 13.72 -53.18 63.99
N ILE N 143 14.54 -52.16 63.77
CA ILE N 143 14.07 -50.78 63.66
C ILE N 143 13.93 -50.48 62.18
N GLY N 144 12.77 -49.97 61.77
CA GLY N 144 12.56 -49.67 60.38
C GLY N 144 11.13 -49.97 59.98
N ASP N 145 10.71 -49.48 58.81
CA ASP N 145 9.35 -49.72 58.36
C ASP N 145 9.20 -50.92 57.44
N GLU N 146 10.31 -51.56 57.08
CA GLU N 146 10.24 -52.73 56.22
C GLU N 146 10.14 -54.00 57.04
N GLU N 147 9.83 -55.11 56.38
CA GLU N 147 9.76 -56.40 57.05
C GLU N 147 11.20 -56.77 57.41
N PRO N 148 11.40 -57.49 58.51
CA PRO N 148 12.76 -57.86 58.91
C PRO N 148 13.41 -58.94 58.05
N HIS N 149 14.72 -58.82 57.84
CA HIS N 149 15.48 -59.82 57.09
C HIS N 149 16.20 -60.62 58.18
N ALA N 150 17.04 -61.57 57.79
CA ALA N 150 17.76 -62.38 58.78
C ALA N 150 18.73 -61.59 59.67
N LEU N 151 18.68 -61.85 60.97
CA LEU N 151 19.53 -61.17 61.94
C LEU N 151 21.04 -61.30 61.62
N SER N 152 21.42 -62.44 61.06
CA SER N 152 22.83 -62.69 60.73
C SER N 152 23.40 -61.69 59.72
N GLU N 153 22.52 -61.06 58.94
CA GLU N 153 22.96 -60.10 57.94
C GLU N 153 23.39 -58.77 58.55
N ASP N 154 23.09 -58.58 59.83
CA ASP N 154 23.44 -57.35 60.55
C ASP N 154 24.42 -57.60 61.67
N LEU N 155 25.20 -58.67 61.55
CA LEU N 155 26.17 -59.01 62.58
C LEU N 155 27.47 -59.46 61.95
N PRO N 156 28.59 -59.25 62.64
CA PRO N 156 29.87 -59.68 62.09
C PRO N 156 29.88 -61.20 62.00
N PRO N 157 30.63 -61.76 61.05
CA PRO N 157 30.66 -63.23 60.95
C PRO N 157 31.15 -63.80 62.28
N GLY N 158 30.64 -64.97 62.67
CA GLY N 158 31.07 -65.59 63.90
C GLY N 158 30.30 -65.22 65.16
N PHE N 159 29.59 -64.11 65.13
CA PHE N 159 28.83 -63.68 66.30
C PHE N 159 27.84 -64.73 66.77
N LEU N 160 27.17 -65.38 65.83
CA LEU N 160 26.16 -66.38 66.15
C LEU N 160 26.68 -67.82 66.30
N ASP N 161 28.00 -68.01 66.30
CA ASP N 161 28.56 -69.35 66.46
C ASP N 161 27.88 -70.06 67.63
N GLU N 162 27.34 -71.25 67.35
CA GLU N 162 26.63 -72.04 68.36
C GLU N 162 27.53 -72.60 69.46
N ASP N 163 28.79 -72.84 69.14
CA ASP N 163 29.74 -73.40 70.10
C ASP N 163 30.44 -72.34 70.95
N THR N 164 29.75 -71.22 71.20
CA THR N 164 30.32 -70.15 72.01
C THR N 164 29.26 -69.57 72.94
N HIS N 165 29.72 -68.79 73.92
CA HIS N 165 28.84 -68.14 74.87
C HIS N 165 29.28 -66.68 74.93
N LEU N 166 28.33 -65.78 75.01
CA LEU N 166 28.64 -64.35 75.05
C LEU N 166 28.14 -63.66 76.33
N LEU N 167 28.93 -62.70 76.80
CA LEU N 167 28.59 -61.93 77.99
C LEU N 167 29.01 -60.49 77.73
N GLY N 168 28.14 -59.55 78.08
CA GLY N 168 28.48 -58.16 77.86
C GLY N 168 27.72 -57.15 78.71
N ILE N 169 27.97 -55.87 78.46
CA ILE N 169 27.31 -54.78 79.16
C ILE N 169 26.98 -53.70 78.15
N ARG N 170 26.28 -52.67 78.60
CA ARG N 170 25.91 -51.55 77.74
C ARG N 170 25.85 -50.30 78.61
N ARG N 171 26.09 -49.15 78.00
CA ARG N 171 26.09 -47.88 78.71
C ARG N 171 25.79 -46.79 77.71
N THR N 172 25.42 -45.62 78.21
CA THR N 172 25.11 -44.49 77.34
C THR N 172 26.38 -43.67 77.15
N VAL N 173 26.59 -43.17 75.94
CA VAL N 173 27.76 -42.34 75.63
C VAL N 173 27.26 -41.04 75.01
N GLN N 174 27.74 -39.91 75.53
CA GLN N 174 27.29 -38.61 75.05
C GLN N 174 27.94 -38.14 73.75
N SER N 175 27.75 -38.91 72.68
CA SER N 175 28.28 -38.54 71.37
C SER N 175 27.48 -39.23 70.30
N ASN N 176 27.54 -38.70 69.09
CA ASN N 176 26.84 -39.30 67.96
C ASN N 176 27.39 -40.71 67.77
N TRP N 177 26.55 -41.61 67.26
CA TRP N 177 26.94 -43.01 67.07
C TRP N 177 28.14 -43.23 66.13
N ARG N 178 28.20 -42.47 65.04
CA ARG N 178 29.30 -42.61 64.09
C ARG N 178 30.66 -42.35 64.74
N LEU N 179 30.69 -41.49 65.74
CA LEU N 179 31.95 -41.20 66.41
C LEU N 179 32.35 -42.38 67.27
N GLY N 180 31.37 -43.19 67.62
CA GLY N 180 31.66 -44.37 68.42
C GLY N 180 32.22 -45.46 67.51
N VAL N 181 31.62 -45.62 66.34
CA VAL N 181 32.06 -46.63 65.39
C VAL N 181 33.47 -46.32 64.94
N GLU N 182 33.71 -45.07 64.59
CA GLU N 182 35.01 -44.65 64.12
C GLU N 182 36.08 -44.67 65.21
N ASN N 183 35.65 -44.69 66.46
CA ASN N 183 36.59 -44.77 67.57
C ASN N 183 36.98 -46.25 67.74
N GLY N 184 36.03 -47.13 67.47
CA GLY N 184 36.30 -48.56 67.59
C GLY N 184 37.15 -49.06 66.42
N PHE N 185 36.80 -48.62 65.22
CA PHE N 185 37.50 -49.00 64.00
C PHE N 185 38.59 -48.00 63.63
N ASP N 186 39.52 -47.76 64.55
CA ASP N 186 40.61 -46.79 64.35
C ASP N 186 41.89 -47.52 64.73
N THR N 187 42.77 -47.76 63.76
CA THR N 187 44.00 -48.49 64.07
C THR N 187 45.12 -47.72 64.74
N THR N 188 44.98 -46.41 64.90
CA THR N 188 46.05 -45.66 65.57
C THR N 188 45.62 -44.99 66.87
N HIS N 189 44.34 -45.02 67.18
CA HIS N 189 43.86 -44.38 68.41
C HIS N 189 44.33 -45.12 69.66
N ILE N 190 44.67 -46.40 69.50
CA ILE N 190 45.10 -47.21 70.63
C ILE N 190 46.27 -46.60 71.40
N PHE N 191 46.83 -45.52 70.87
CA PHE N 191 47.93 -44.82 71.52
C PHE N 191 47.41 -44.33 72.88
N MET N 192 46.16 -43.88 72.92
CA MET N 192 45.56 -43.37 74.14
C MET N 192 45.35 -44.43 75.23
N HIS N 193 45.36 -45.71 74.83
CA HIS N 193 45.17 -46.80 75.78
C HIS N 193 46.49 -47.30 76.35
N ARG N 194 47.61 -46.74 75.89
CA ARG N 194 48.93 -47.19 76.32
C ARG N 194 49.17 -47.31 77.82
N ASN N 195 48.48 -46.51 78.62
CA ASN N 195 48.66 -46.54 80.08
C ASN N 195 47.53 -47.25 80.83
N SER N 196 46.60 -47.87 80.11
CA SER N 196 45.52 -48.60 80.76
C SER N 196 46.14 -49.69 81.62
N PRO N 197 45.62 -49.85 82.85
CA PRO N 197 46.16 -50.90 83.72
C PRO N 197 45.99 -52.30 83.13
N TRP N 198 45.14 -52.41 82.11
CA TRP N 198 44.90 -53.70 81.47
C TRP N 198 46.09 -54.18 80.64
N VAL N 199 46.84 -53.24 80.06
CA VAL N 199 47.98 -53.61 79.23
C VAL N 199 48.97 -54.46 80.00
N SER N 200 49.45 -53.95 81.14
CA SER N 200 50.38 -54.73 81.95
C SER N 200 49.59 -55.73 82.78
N GLY N 201 48.35 -55.37 83.12
CA GLY N 201 47.51 -56.24 83.90
C GLY N 201 47.31 -57.61 83.27
N ASN N 202 47.17 -57.65 81.94
CA ASN N 202 46.99 -58.92 81.24
C ASN N 202 48.19 -59.23 80.35
N ARG N 203 49.35 -58.71 80.74
CA ARG N 203 50.61 -58.92 80.03
C ARG N 203 50.50 -58.82 78.51
N LEU N 204 49.89 -57.74 78.03
CA LEU N 204 49.71 -57.57 76.59
C LEU N 204 50.90 -56.96 75.87
N ALA N 205 51.13 -57.42 74.65
CA ALA N 205 52.16 -56.85 73.79
C ALA N 205 51.25 -55.87 73.04
N PHE N 206 51.20 -54.63 73.50
CA PHE N 206 50.30 -53.65 72.89
C PHE N 206 51.04 -52.48 72.27
N PRO N 207 50.95 -52.32 70.94
CA PRO N 207 51.63 -51.23 70.25
C PRO N 207 50.87 -49.90 70.40
N TYR N 208 51.46 -48.83 69.89
CA TYR N 208 50.84 -47.51 69.95
C TYR N 208 49.95 -47.28 68.73
N GLY N 209 50.08 -48.17 67.75
CA GLY N 209 49.30 -48.04 66.54
C GLY N 209 49.66 -49.08 65.50
N PHE N 210 48.81 -49.19 64.48
CA PHE N 210 49.01 -50.13 63.38
C PHE N 210 48.94 -49.30 62.09
N VAL N 211 50.02 -49.34 61.31
CA VAL N 211 50.09 -48.60 60.06
C VAL N 211 49.95 -49.56 58.89
N PRO N 212 48.95 -49.33 58.03
CA PRO N 212 48.75 -50.22 56.87
C PRO N 212 49.96 -50.19 55.95
N ALA N 213 50.34 -51.35 55.41
CA ALA N 213 51.49 -51.44 54.52
C ALA N 213 51.20 -50.68 53.23
N ASP N 214 49.93 -50.74 52.81
CA ASP N 214 49.49 -50.05 51.60
C ASP N 214 47.98 -49.89 51.62
N ARG N 215 47.43 -49.34 50.53
CA ARG N 215 46.00 -49.09 50.42
C ARG N 215 45.11 -50.34 50.38
N ASP N 216 45.71 -51.52 50.26
CA ASP N 216 44.93 -52.75 50.22
C ASP N 216 45.22 -53.67 51.41
N ALA N 217 45.61 -53.07 52.52
CA ALA N 217 45.89 -53.81 53.74
C ALA N 217 44.55 -54.11 54.40
N MET N 218 43.51 -53.52 53.82
CA MET N 218 42.15 -53.68 54.30
C MET N 218 41.34 -54.32 53.19
N GLN N 219 40.41 -55.19 53.57
CA GLN N 219 39.58 -55.85 52.57
C GLN N 219 38.12 -55.49 52.79
N VAL N 220 37.45 -55.13 51.71
CA VAL N 220 36.05 -54.77 51.75
C VAL N 220 35.14 -55.92 51.30
N TYR N 221 34.19 -56.30 52.14
CA TYR N 221 33.24 -57.35 51.79
C TYR N 221 31.94 -56.64 51.48
N ASP N 222 31.67 -56.43 50.20
CA ASP N 222 30.46 -55.73 49.79
C ASP N 222 29.47 -56.57 49.00
N GLU N 223 29.75 -57.87 48.89
CA GLU N 223 28.88 -58.78 48.17
C GLU N 223 28.18 -59.70 49.17
N ASN N 224 26.85 -59.76 49.08
CA ASN N 224 26.06 -60.57 50.00
C ASN N 224 26.15 -59.96 51.39
N TRP N 225 25.57 -60.63 52.37
CA TRP N 225 25.61 -60.14 53.75
C TRP N 225 26.21 -61.18 54.69
N PRO N 226 26.84 -60.73 55.78
CA PRO N 226 27.01 -59.32 56.17
C PRO N 226 28.05 -58.56 55.34
N LYS N 227 28.00 -57.23 55.40
CA LYS N 227 28.93 -56.39 54.66
C LYS N 227 29.82 -55.61 55.62
N GLY N 228 31.08 -55.42 55.25
CA GLY N 228 31.98 -54.69 56.12
C GLY N 228 33.40 -54.53 55.60
N VAL N 229 34.25 -54.03 56.47
CA VAL N 229 35.65 -53.80 56.14
C VAL N 229 36.50 -54.54 57.17
N LEU N 230 37.46 -55.33 56.68
CA LEU N 230 38.32 -56.11 57.55
C LEU N 230 39.77 -55.62 57.45
N ASP N 231 40.37 -55.35 58.61
CA ASP N 231 41.77 -54.93 58.63
C ASP N 231 42.57 -56.11 59.15
N ARG N 232 43.42 -56.68 58.30
CA ARG N 232 44.25 -57.80 58.73
C ARG N 232 45.51 -57.21 59.38
N LEU N 233 45.34 -56.70 60.59
CA LEU N 233 46.43 -56.06 61.32
C LEU N 233 47.68 -56.91 61.44
N SER N 234 47.50 -58.18 61.76
CA SER N 234 48.60 -59.09 61.94
C SER N 234 49.37 -59.37 60.66
N GLU N 235 48.66 -59.32 59.53
CA GLU N 235 49.26 -59.63 58.26
C GLU N 235 49.70 -58.47 57.38
N ASN N 236 48.86 -57.45 57.22
CA ASN N 236 49.18 -56.34 56.34
C ASN N 236 49.47 -54.99 56.98
N TYR N 237 49.69 -54.97 58.29
CA TYR N 237 49.97 -53.72 58.99
C TYR N 237 51.29 -53.83 59.74
N MET N 238 51.84 -52.67 60.06
CA MET N 238 53.08 -52.62 60.82
C MET N 238 52.79 -51.98 62.16
N PRO N 239 52.96 -52.73 63.25
CA PRO N 239 52.72 -52.20 64.61
C PRO N 239 53.81 -51.24 65.01
N VAL N 240 53.42 -50.17 65.70
CA VAL N 240 54.36 -49.16 66.16
C VAL N 240 54.63 -49.39 67.64
N PHE N 241 55.84 -49.85 67.94
CA PHE N 241 56.21 -50.14 69.32
C PHE N 241 57.09 -49.05 69.93
N GLU N 242 57.55 -48.12 69.09
CA GLU N 242 58.38 -47.02 69.58
C GLU N 242 57.85 -45.69 69.07
N ALA N 243 57.62 -44.76 70.00
CA ALA N 243 57.14 -43.43 69.63
C ALA N 243 58.39 -42.57 69.47
N THR N 244 58.61 -42.07 68.26
CA THR N 244 59.79 -41.26 68.02
C THR N 244 59.41 -39.83 67.66
N LEU N 245 60.09 -38.88 68.31
CA LEU N 245 59.83 -37.47 68.09
C LEU N 245 61.15 -36.78 67.74
N ASP N 246 61.21 -36.20 66.56
CA ASP N 246 62.42 -35.53 66.12
C ASP N 246 63.57 -36.55 66.07
N GLY N 247 63.27 -37.73 65.55
CA GLY N 247 64.27 -38.77 65.45
C GLY N 247 64.71 -39.36 66.79
N GLU N 248 63.98 -39.05 67.87
CA GLU N 248 64.33 -39.57 69.19
C GLU N 248 63.19 -40.39 69.80
N THR N 249 63.54 -41.50 70.43
CA THR N 249 62.55 -42.37 71.06
C THR N 249 62.12 -41.80 72.42
N VAL N 250 60.89 -41.32 72.49
CA VAL N 250 60.38 -40.74 73.73
C VAL N 250 59.43 -41.68 74.44
N LEU N 251 59.09 -42.78 73.77
CA LEU N 251 58.16 -43.75 74.35
C LEU N 251 58.37 -45.11 73.69
N SER N 252 58.33 -46.17 74.47
CA SER N 252 58.47 -47.50 73.88
C SER N 252 57.61 -48.47 74.66
N ALA N 253 56.82 -49.24 73.94
CA ALA N 253 55.93 -50.21 74.57
C ALA N 253 56.67 -51.49 74.93
N GLU N 254 56.16 -52.16 75.96
CA GLU N 254 56.76 -53.40 76.45
C GLU N 254 56.55 -54.49 75.40
N LEU N 255 57.64 -55.12 74.95
CA LEU N 255 57.54 -56.18 73.96
C LEU N 255 58.41 -57.35 74.41
N THR N 256 57.76 -58.42 74.84
CA THR N 256 58.45 -59.62 75.31
C THR N 256 57.80 -60.86 74.70
N GLY N 257 58.60 -61.91 74.53
CA GLY N 257 58.10 -63.14 73.94
C GLY N 257 56.95 -63.80 74.67
N GLU N 258 56.90 -63.66 75.99
CA GLU N 258 55.84 -64.28 76.79
C GLU N 258 54.58 -63.44 76.90
N GLU N 259 54.57 -62.24 76.34
CA GLU N 259 53.37 -61.42 76.44
C GLU N 259 52.27 -61.97 75.54
N LYS N 260 51.02 -61.66 75.90
CA LYS N 260 49.88 -62.13 75.13
C LYS N 260 49.71 -61.27 73.89
N LYS N 261 49.36 -61.90 72.78
CA LYS N 261 49.18 -61.18 71.52
C LYS N 261 47.68 -61.07 71.24
N VAL N 262 47.21 -59.86 70.96
CA VAL N 262 45.79 -59.66 70.67
C VAL N 262 45.57 -58.80 69.43
N ALA N 263 44.31 -58.69 69.03
CA ALA N 263 43.91 -57.89 67.88
C ALA N 263 44.64 -58.26 66.58
N ALA N 264 44.56 -59.53 66.19
CA ALA N 264 45.18 -59.97 64.96
C ALA N 264 44.39 -59.34 63.81
N GLN N 265 43.10 -59.13 64.06
CA GLN N 265 42.21 -58.53 63.07
C GLN N 265 41.16 -57.67 63.75
N VAL N 266 40.69 -56.66 63.04
CA VAL N 266 39.63 -55.79 63.54
C VAL N 266 38.79 -55.47 62.31
N SER N 267 37.48 -55.53 62.47
CA SER N 267 36.58 -55.27 61.35
C SER N 267 35.32 -54.62 61.85
N VAL N 268 34.62 -53.95 60.94
CA VAL N 268 33.37 -53.29 61.25
C VAL N 268 32.37 -53.72 60.18
N TRP N 269 31.14 -53.99 60.61
CA TRP N 269 30.12 -54.44 59.69
C TRP N 269 28.84 -53.64 59.85
N LEU N 270 28.11 -53.50 58.75
CA LEU N 270 26.85 -52.78 58.77
C LEU N 270 25.92 -53.51 59.73
N PRO N 271 25.04 -52.79 60.43
CA PRO N 271 24.87 -51.33 60.33
C PRO N 271 25.90 -50.52 61.12
N GLY N 272 26.89 -51.20 61.69
CA GLY N 272 27.93 -50.53 62.46
C GLY N 272 28.32 -51.33 63.69
N VAL N 273 28.85 -52.53 63.46
CA VAL N 273 29.25 -53.43 64.55
C VAL N 273 30.73 -53.78 64.44
N LEU N 274 31.46 -53.63 65.54
CA LEU N 274 32.89 -53.91 65.57
C LEU N 274 33.20 -55.33 66.03
N LYS N 275 34.29 -55.88 65.50
CA LYS N 275 34.74 -57.21 65.88
C LYS N 275 36.25 -57.17 66.01
N VAL N 276 36.75 -57.32 67.23
CA VAL N 276 38.19 -57.31 67.51
C VAL N 276 38.53 -58.75 67.83
N ASP N 277 39.46 -59.31 67.05
CA ASP N 277 39.82 -60.70 67.13
C ASP N 277 41.33 -60.98 67.21
N PRO N 278 41.82 -61.43 68.37
CA PRO N 278 41.09 -61.68 69.63
C PRO N 278 41.29 -60.50 70.57
N PHE N 279 40.37 -60.34 71.51
CA PHE N 279 40.44 -59.23 72.47
C PHE N 279 39.29 -59.38 73.46
N PRO N 280 39.50 -58.96 74.71
CA PRO N 280 40.70 -58.36 75.31
C PRO N 280 41.73 -59.38 75.76
N ASP N 281 41.55 -60.61 75.33
CA ASP N 281 42.45 -61.70 75.70
C ASP N 281 42.47 -62.67 74.54
N PRO N 282 43.58 -63.40 74.36
CA PRO N 282 43.68 -64.36 73.26
C PRO N 282 42.50 -65.34 73.21
N THR N 283 41.90 -65.62 74.36
CA THR N 283 40.77 -66.55 74.42
C THR N 283 39.42 -65.91 74.19
N LEU N 284 39.39 -64.65 73.79
CA LEU N 284 38.12 -63.98 73.59
C LEU N 284 38.05 -63.15 72.32
N ILE N 285 36.83 -62.83 71.92
CA ILE N 285 36.58 -61.99 70.77
C ILE N 285 35.67 -60.90 71.33
N GLN N 286 35.95 -59.64 70.98
CA GLN N 286 35.13 -58.55 71.48
C GLN N 286 34.30 -57.90 70.38
N TYR N 287 33.01 -57.78 70.62
CA TYR N 287 32.09 -57.16 69.68
C TYR N 287 31.60 -55.85 70.28
N GLU N 288 31.42 -54.83 69.44
CA GLU N 288 30.94 -53.55 69.94
C GLU N 288 29.84 -53.02 69.05
N PHE N 289 28.78 -52.50 69.68
CA PHE N 289 27.65 -51.91 68.95
C PHE N 289 27.56 -50.46 69.43
N TYR N 290 27.17 -49.57 68.53
CA TYR N 290 27.04 -48.16 68.89
C TYR N 290 25.67 -47.73 68.37
N VAL N 291 24.64 -48.15 69.09
CA VAL N 291 23.27 -47.88 68.70
C VAL N 291 22.83 -46.45 69.01
N PRO N 292 22.42 -45.71 67.97
CA PRO N 292 21.98 -44.33 68.16
C PRO N 292 20.83 -44.26 69.15
N ILE N 293 20.85 -43.24 69.99
CA ILE N 293 19.79 -42.98 70.96
C ILE N 293 19.16 -41.71 70.42
N SER N 294 19.96 -40.65 70.38
CA SER N 294 19.54 -39.36 69.86
C SER N 294 20.62 -38.96 68.86
N GLU N 295 20.54 -37.75 68.34
CA GLU N 295 21.54 -37.28 67.37
C GLU N 295 22.90 -37.06 68.01
N THR N 296 22.90 -36.89 69.33
CA THR N 296 24.13 -36.64 70.07
C THR N 296 24.51 -37.72 71.08
N GLN N 297 23.77 -38.83 71.09
CA GLN N 297 24.06 -39.89 72.03
C GLN N 297 23.90 -41.28 71.42
N HIS N 298 24.61 -42.26 71.97
CA HIS N 298 24.48 -43.62 71.50
C HIS N 298 24.67 -44.60 72.64
N GLU N 299 24.15 -45.82 72.45
CA GLU N 299 24.26 -46.86 73.47
C GLU N 299 25.44 -47.74 73.07
N TYR N 300 26.45 -47.76 73.92
CA TYR N 300 27.66 -48.51 73.68
C TYR N 300 27.59 -49.91 74.28
N PHE N 301 27.47 -50.91 73.41
CA PHE N 301 27.42 -52.31 73.82
C PHE N 301 28.79 -52.95 73.65
N GLN N 302 29.22 -53.71 74.65
CA GLN N 302 30.48 -54.44 74.62
C GLN N 302 30.13 -55.88 74.93
N VAL N 303 30.39 -56.78 73.97
CA VAL N 303 30.05 -58.19 74.15
C VAL N 303 31.25 -59.12 73.93
N LEU N 304 31.56 -59.93 74.94
CA LEU N 304 32.68 -60.84 74.85
C LEU N 304 32.24 -62.25 74.51
N GLN N 305 32.94 -62.85 73.55
CA GLN N 305 32.64 -64.20 73.09
C GLN N 305 33.71 -65.20 73.46
N ARG N 306 33.28 -66.31 74.04
CA ARG N 306 34.19 -67.37 74.47
C ARG N 306 33.76 -68.70 73.86
N LYS N 307 34.71 -69.39 73.22
CA LYS N 307 34.39 -70.68 72.62
C LYS N 307 34.11 -71.66 73.76
N VAL N 308 33.10 -72.50 73.57
CA VAL N 308 32.72 -73.46 74.61
C VAL N 308 32.76 -74.91 74.15
N GLU N 309 33.33 -75.78 74.96
CA GLU N 309 33.37 -77.20 74.64
C GLU N 309 32.58 -77.96 75.69
N GLY N 310 33.09 -77.97 76.91
CA GLY N 310 32.42 -78.67 77.99
C GLY N 310 31.29 -77.87 78.58
N PRO N 311 30.36 -78.54 79.30
CA PRO N 311 29.21 -77.88 79.92
C PRO N 311 29.65 -77.02 81.10
N GLU N 312 30.93 -77.13 81.45
CA GLU N 312 31.50 -76.39 82.57
C GLU N 312 32.14 -75.07 82.10
N ASP N 313 32.50 -75.00 80.82
CA ASP N 313 33.14 -73.80 80.27
C ASP N 313 32.31 -72.54 80.37
N VAL N 314 31.00 -72.68 80.34
CA VAL N 314 30.14 -71.51 80.45
C VAL N 314 30.22 -70.97 81.88
N LYS N 315 30.22 -71.88 82.84
CA LYS N 315 30.30 -71.49 84.25
C LYS N 315 31.62 -70.77 84.49
N THR N 316 32.70 -71.34 83.98
CA THR N 316 34.02 -70.76 84.13
C THR N 316 34.07 -69.35 83.53
N PHE N 317 33.56 -69.22 82.32
CA PHE N 317 33.53 -67.93 81.62
C PHE N 317 32.76 -66.89 82.42
N GLU N 318 31.59 -67.27 82.92
CA GLU N 318 30.77 -66.35 83.69
C GLU N 318 31.45 -65.92 84.99
N VAL N 319 32.26 -66.80 85.56
CA VAL N 319 32.97 -66.46 86.79
C VAL N 319 34.09 -65.47 86.45
N GLU N 320 34.85 -65.77 85.40
CA GLU N 320 35.95 -64.90 84.99
C GLU N 320 35.42 -63.53 84.61
N PHE N 321 34.26 -63.51 83.97
CA PHE N 321 33.64 -62.26 83.54
C PHE N 321 33.35 -61.40 84.77
N GLU N 322 32.65 -61.99 85.74
CA GLU N 322 32.29 -61.29 86.96
C GLU N 322 33.49 -60.84 87.79
N GLU N 323 34.52 -61.66 87.82
CA GLU N 323 35.71 -61.36 88.61
C GLU N 323 36.81 -60.61 87.88
N ARG N 324 36.81 -60.64 86.54
CA ARG N 324 37.89 -59.97 85.82
C ARG N 324 37.58 -59.22 84.52
N TRP N 325 37.16 -59.95 83.49
CA TRP N 325 36.89 -59.36 82.18
C TRP N 325 36.10 -58.05 82.17
N ARG N 326 34.92 -58.05 82.78
CA ARG N 326 34.08 -56.85 82.79
C ARG N 326 34.70 -55.58 83.38
N ASP N 327 35.19 -55.65 84.61
CA ASP N 327 35.76 -54.48 85.25
C ASP N 327 37.19 -54.14 84.84
N ASP N 328 38.04 -55.16 84.81
CA ASP N 328 39.44 -54.94 84.44
C ASP N 328 39.64 -54.62 82.96
N ALA N 329 38.71 -55.04 82.10
CA ALA N 329 38.85 -54.79 80.66
C ALA N 329 37.77 -53.91 80.05
N LEU N 330 36.51 -54.38 80.07
CA LEU N 330 35.43 -53.59 79.48
C LEU N 330 35.40 -52.19 80.07
N HIS N 331 35.95 -52.05 81.27
CA HIS N 331 36.02 -50.77 81.94
C HIS N 331 37.48 -50.34 82.02
N GLY N 332 38.30 -51.21 82.60
CA GLY N 332 39.71 -50.91 82.76
C GLY N 332 40.39 -50.45 81.48
N PHE N 333 40.01 -51.06 80.36
CA PHE N 333 40.61 -50.70 79.09
C PHE N 333 39.75 -49.77 78.24
N ASN N 334 38.45 -50.06 78.12
CA ASN N 334 37.59 -49.22 77.28
C ASN N 334 36.98 -47.96 77.86
N ASP N 335 37.02 -47.79 79.19
CA ASP N 335 36.42 -46.58 79.75
C ASP N 335 36.93 -45.32 79.06
N ASP N 336 38.23 -45.24 78.79
CA ASP N 336 38.78 -44.06 78.14
C ASP N 336 38.18 -43.77 76.77
N ASP N 337 37.74 -44.81 76.07
CA ASP N 337 37.14 -44.62 74.74
C ASP N 337 35.88 -43.76 74.86
N VAL N 338 35.24 -43.78 76.03
CA VAL N 338 34.02 -43.01 76.24
C VAL N 338 34.27 -41.50 76.15
N TRP N 339 35.18 -40.98 76.96
CA TRP N 339 35.43 -39.54 76.88
C TRP N 339 36.12 -39.17 75.58
N ALA N 340 36.79 -40.13 74.95
CA ALA N 340 37.48 -39.88 73.68
C ALA N 340 36.46 -39.54 72.59
N ARG N 341 35.35 -40.28 72.57
CA ARG N 341 34.30 -40.06 71.59
C ARG N 341 33.58 -38.76 71.91
N GLU N 342 33.30 -38.55 73.19
CA GLU N 342 32.60 -37.36 73.65
C GLU N 342 33.42 -36.11 73.37
N ALA N 343 34.75 -36.25 73.32
CA ALA N 343 35.63 -35.12 73.04
C ALA N 343 35.59 -34.68 71.58
N GLN N 344 34.96 -35.49 70.72
CA GLN N 344 34.84 -35.17 69.30
C GLN N 344 33.46 -34.64 68.95
N GLN N 345 32.51 -34.83 69.86
CA GLN N 345 31.12 -34.43 69.61
C GLN N 345 30.91 -33.00 69.12
N GLU N 346 31.48 -32.03 69.81
CA GLU N 346 31.32 -30.64 69.41
C GLU N 346 31.84 -30.40 68.00
N PHE N 347 33.05 -30.88 67.72
CA PHE N 347 33.66 -30.69 66.41
C PHE N 347 32.79 -31.22 65.27
N TYR N 348 32.48 -32.51 65.31
CA TYR N 348 31.67 -33.13 64.27
C TYR N 348 30.18 -32.81 64.37
N GLY N 349 29.69 -32.66 65.59
CA GLY N 349 28.27 -32.37 65.77
C GLY N 349 27.84 -30.93 65.64
N GLU N 350 28.70 -30.00 66.03
CA GLU N 350 28.35 -28.59 65.97
C GLU N 350 29.25 -27.73 65.08
N ARG N 351 30.46 -28.19 64.79
CA ARG N 351 31.38 -27.39 63.98
C ARG N 351 31.68 -27.89 62.58
N ASP N 352 30.82 -28.73 62.03
CA ASP N 352 31.01 -29.24 60.67
C ASP N 352 32.31 -30.04 60.49
N GLY N 353 32.68 -30.78 61.54
CA GLY N 353 33.89 -31.57 61.47
C GLY N 353 33.97 -32.57 60.33
N TRP N 354 32.81 -32.97 59.80
CA TRP N 354 32.78 -33.94 58.72
C TRP N 354 33.51 -33.43 57.48
N SER N 355 33.56 -32.13 57.30
CA SER N 355 34.24 -31.58 56.14
C SER N 355 35.50 -30.79 56.51
N LYS N 356 35.78 -30.65 57.80
CA LYS N 356 36.95 -29.90 58.26
C LYS N 356 38.08 -30.79 58.77
N GLU N 357 37.75 -32.04 59.06
CA GLU N 357 38.73 -33.01 59.56
C GLU N 357 39.86 -33.14 58.53
N GLN N 358 41.04 -33.50 59.00
CA GLN N 358 42.17 -33.71 58.10
C GLN N 358 42.70 -35.09 58.43
N LEU N 359 42.34 -36.06 57.59
CA LEU N 359 42.70 -37.46 57.79
C LEU N 359 44.08 -37.83 57.26
N PHE N 360 44.62 -38.95 57.73
CA PHE N 360 45.91 -39.43 57.26
C PHE N 360 45.77 -40.93 56.89
N PRO N 361 46.72 -41.48 56.10
CA PRO N 361 46.70 -42.88 55.64
C PRO N 361 46.03 -43.97 56.48
N PRO N 362 46.35 -44.08 57.77
CA PRO N 362 45.70 -45.13 58.55
C PRO N 362 44.16 -45.00 58.57
N ASP N 363 43.66 -43.78 58.39
CA ASP N 363 42.21 -43.53 58.39
C ASP N 363 41.50 -44.09 57.17
N MET N 364 42.26 -44.53 56.17
CA MET N 364 41.67 -45.07 54.96
C MET N 364 40.66 -46.20 55.22
N CYS N 365 40.88 -47.01 56.26
CA CYS N 365 39.94 -48.09 56.53
C CYS N 365 38.61 -47.47 56.97
N ILE N 366 38.68 -46.34 57.70
CA ILE N 366 37.47 -45.65 58.14
C ILE N 366 36.78 -45.08 56.91
N VAL N 367 37.58 -44.57 55.98
CA VAL N 367 37.03 -44.01 54.74
C VAL N 367 36.28 -45.06 53.95
N LYS N 368 36.81 -46.28 53.89
CA LYS N 368 36.14 -47.34 53.14
C LYS N 368 34.86 -47.78 53.85
N TRP N 369 34.87 -47.73 55.17
CA TRP N 369 33.69 -48.08 55.96
C TRP N 369 32.60 -47.04 55.62
N ARG N 370 32.95 -45.76 55.70
CA ARG N 370 32.00 -44.69 55.41
C ARG N 370 31.47 -44.82 53.99
N THR N 371 32.34 -45.16 53.04
CA THR N 371 31.94 -45.29 51.64
C THR N 371 31.01 -46.49 51.44
N LEU N 372 31.30 -47.60 52.11
CA LEU N 372 30.48 -48.79 51.99
C LEU N 372 29.13 -48.57 52.69
N ALA N 373 29.18 -47.97 53.88
CA ALA N 373 27.97 -47.71 54.65
C ALA N 373 27.03 -46.77 53.91
N SER N 374 27.60 -45.75 53.27
CA SER N 374 26.80 -44.78 52.52
C SER N 374 26.02 -45.49 51.43
N GLU N 375 26.66 -46.48 50.82
CA GLU N 375 26.07 -47.26 49.74
C GLU N 375 25.12 -48.36 50.23
N ARG N 376 25.49 -49.02 51.32
CA ARG N 376 24.69 -50.14 51.78
C ARG N 376 23.82 -50.02 53.02
N GLY N 377 23.89 -48.90 53.72
CA GLY N 377 23.02 -48.76 54.87
C GLY N 377 21.65 -48.99 54.26
N ARG N 378 20.76 -49.69 54.94
CA ARG N 378 19.46 -49.97 54.35
C ARG N 378 18.45 -48.83 54.44
N GLY N 379 18.67 -47.91 55.35
CA GLY N 379 17.75 -46.80 55.50
C GLY N 379 18.40 -45.69 56.29
N VAL N 380 18.07 -44.44 55.95
CA VAL N 380 18.65 -43.29 56.60
C VAL N 380 17.67 -42.50 57.46
N ARG N 381 18.08 -42.21 58.69
CA ARG N 381 17.29 -41.41 59.60
C ARG N 381 18.09 -40.16 59.89
N ALA N 382 17.59 -39.02 59.43
CA ALA N 382 18.24 -37.73 59.61
C ALA N 382 17.92 -37.12 60.96
N SER O 16 18.96 4.37 63.87
CA SER O 16 18.93 4.13 65.34
C SER O 16 20.31 3.71 65.86
N ALA O 17 20.34 2.78 66.80
CA ALA O 17 21.59 2.30 67.36
C ALA O 17 22.39 1.63 66.25
N GLN O 18 21.67 1.01 65.31
CA GLN O 18 22.28 0.31 64.20
C GLN O 18 23.07 1.25 63.29
N VAL O 19 22.72 2.54 63.32
CA VAL O 19 23.40 3.51 62.47
C VAL O 19 24.44 4.35 63.23
N LYS O 20 24.48 4.21 64.55
CA LYS O 20 25.44 4.97 65.35
C LYS O 20 26.65 4.15 65.79
N TRP O 21 26.41 2.89 66.15
CA TRP O 21 27.51 2.01 66.57
C TRP O 21 27.27 0.57 66.13
N PRO O 22 27.08 0.35 64.82
CA PRO O 22 26.83 -0.98 64.25
C PRO O 22 27.88 -2.06 64.51
N ARG O 23 29.15 -1.73 64.34
CA ARG O 23 30.20 -2.72 64.55
C ARG O 23 30.26 -3.15 66.00
N TYR O 24 29.91 -2.24 66.90
CA TYR O 24 29.91 -2.55 68.32
C TYR O 24 28.79 -3.56 68.56
N LEU O 25 27.63 -3.29 67.97
CA LEU O 25 26.48 -4.17 68.12
C LEU O 25 26.77 -5.54 67.53
N GLU O 26 27.56 -5.56 66.46
CA GLU O 26 27.90 -6.82 65.81
C GLU O 26 29.00 -7.61 66.53
N ALA O 27 29.81 -6.94 67.34
CA ALA O 27 30.90 -7.59 68.06
C ALA O 27 30.44 -8.37 69.28
N THR O 28 29.47 -9.25 69.08
CA THR O 28 28.93 -10.06 70.16
C THR O 28 30.03 -10.91 70.78
N LEU O 29 30.97 -11.36 69.96
CA LEU O 29 32.04 -12.19 70.44
C LEU O 29 33.34 -11.42 70.70
N GLY O 30 33.25 -10.09 70.64
CA GLY O 30 34.41 -9.26 70.92
C GLY O 30 35.11 -8.62 69.73
N PHE O 31 36.14 -7.84 70.01
CA PHE O 31 36.93 -7.19 68.97
C PHE O 31 38.25 -7.93 68.84
N ASP O 32 38.51 -8.54 67.68
CA ASP O 32 39.77 -9.25 67.52
C ASP O 32 40.81 -8.38 66.81
N ASN O 33 42.01 -8.93 66.64
CA ASN O 33 43.14 -8.20 66.09
C ASN O 33 43.50 -7.18 67.18
N HIS O 34 43.48 -7.67 68.42
CA HIS O 34 43.81 -6.87 69.61
C HIS O 34 44.41 -7.84 70.61
N TRP O 35 45.20 -7.31 71.54
CA TRP O 35 45.75 -8.16 72.59
C TRP O 35 44.69 -8.28 73.68
N HIS O 36 44.57 -9.47 74.26
CA HIS O 36 43.62 -9.72 75.33
C HIS O 36 44.33 -10.57 76.37
N PRO O 37 44.03 -10.38 77.66
CA PRO O 37 44.67 -11.18 78.70
C PRO O 37 44.04 -12.57 78.75
N ALA O 38 44.87 -13.59 78.97
CA ALA O 38 44.39 -14.96 79.03
C ALA O 38 44.52 -15.53 80.43
N ALA O 39 45.57 -15.11 81.13
CA ALA O 39 45.82 -15.62 82.47
C ALA O 39 46.98 -14.86 83.09
N PHE O 40 47.30 -15.24 84.32
CA PHE O 40 48.40 -14.62 85.03
C PHE O 40 49.62 -15.53 84.87
N ASP O 41 50.76 -14.88 84.67
CA ASP O 41 52.03 -15.57 84.46
C ASP O 41 52.29 -16.66 85.49
N HIS O 42 51.97 -16.38 86.75
CA HIS O 42 52.24 -17.34 87.80
C HIS O 42 51.37 -18.60 87.78
N GLU O 43 50.42 -18.67 86.85
CA GLU O 43 49.57 -19.84 86.73
C GLU O 43 50.29 -20.91 85.94
N LEU O 44 51.40 -20.54 85.32
CA LEU O 44 52.15 -21.46 84.48
C LEU O 44 53.60 -21.74 84.86
N ALA O 45 53.86 -22.93 85.38
CA ALA O 45 55.22 -23.33 85.71
C ALA O 45 55.70 -24.02 84.44
N GLU O 46 56.99 -24.32 84.35
CA GLU O 46 57.54 -24.99 83.17
C GLU O 46 56.79 -26.30 82.94
N GLY O 47 56.41 -26.56 81.69
CA GLY O 47 55.71 -27.79 81.36
C GLY O 47 54.27 -27.88 81.81
N GLU O 48 53.77 -26.85 82.48
CA GLU O 48 52.39 -26.86 82.95
C GLU O 48 51.44 -26.37 81.85
N PHE O 49 50.17 -26.79 81.92
CA PHE O 49 49.18 -26.40 80.93
C PHE O 49 47.99 -25.64 81.52
N VAL O 50 47.46 -24.69 80.77
CA VAL O 50 46.30 -23.93 81.19
C VAL O 50 45.44 -23.71 79.95
N ALA O 51 44.19 -24.14 80.02
CA ALA O 51 43.28 -23.98 78.89
C ALA O 51 42.37 -22.78 79.12
N VAL O 52 42.15 -21.99 78.08
CA VAL O 52 41.29 -20.83 78.17
C VAL O 52 40.52 -20.68 76.86
N THR O 53 39.42 -19.95 76.90
CA THR O 53 38.61 -19.72 75.72
C THR O 53 38.49 -18.20 75.57
N MET O 54 38.92 -17.70 74.42
CA MET O 54 38.90 -16.28 74.16
C MET O 54 38.24 -15.97 72.82
N LEU O 55 37.27 -15.06 72.86
CA LEU O 55 36.54 -14.66 71.67
C LEU O 55 36.07 -15.90 70.89
N GLY O 56 35.61 -16.90 71.65
CA GLY O 56 35.10 -18.11 71.04
C GLY O 56 36.14 -19.17 70.68
N GLU O 57 37.41 -18.85 70.82
CA GLU O 57 38.47 -19.80 70.48
C GLU O 57 39.09 -20.50 71.69
N LYS O 58 39.17 -21.82 71.63
CA LYS O 58 39.79 -22.57 72.71
C LYS O 58 41.30 -22.46 72.48
N VAL O 59 42.02 -21.99 73.50
CA VAL O 59 43.45 -21.81 73.41
C VAL O 59 44.17 -22.58 74.53
N LEU O 60 45.30 -23.17 74.18
CA LEU O 60 46.09 -23.92 75.13
C LEU O 60 47.36 -23.12 75.42
N LEU O 61 47.67 -22.96 76.70
CA LEU O 61 48.86 -22.24 77.11
C LEU O 61 49.79 -23.18 77.86
N THR O 62 51.09 -22.98 77.67
CA THR O 62 52.08 -23.78 78.37
C THR O 62 53.39 -23.01 78.39
N ARG O 63 54.29 -23.39 79.29
CA ARG O 63 55.59 -22.74 79.36
C ARG O 63 56.63 -23.74 78.85
N ALA O 64 57.28 -23.37 77.76
CA ALA O 64 58.30 -24.20 77.13
C ALA O 64 59.63 -23.47 77.16
N LYS O 65 60.61 -24.03 77.86
CA LYS O 65 61.93 -23.41 77.96
C LYS O 65 61.80 -22.02 78.56
N GLY O 66 60.97 -21.91 79.59
CA GLY O 66 60.78 -20.64 80.27
C GLY O 66 59.83 -19.66 79.59
N GLU O 67 59.50 -19.89 78.33
CA GLU O 67 58.59 -19.00 77.63
C GLU O 67 57.17 -19.50 77.50
N VAL O 68 56.21 -18.62 77.76
CA VAL O 68 54.80 -18.96 77.66
C VAL O 68 54.41 -19.03 76.19
N LYS O 69 53.75 -20.11 75.80
CA LYS O 69 53.32 -20.31 74.43
C LYS O 69 51.82 -20.55 74.35
N ALA O 70 51.20 -20.08 73.26
CA ALA O 70 49.78 -20.25 73.08
C ALA O 70 49.50 -20.90 71.72
N ILE O 71 48.71 -21.97 71.74
CA ILE O 71 48.36 -22.67 70.52
C ILE O 71 46.88 -23.08 70.55
N ALA O 72 46.26 -23.21 69.38
CA ALA O 72 44.86 -23.60 69.32
C ALA O 72 44.66 -24.92 70.06
N ASP O 73 43.70 -24.95 70.97
CA ASP O 73 43.41 -26.17 71.74
C ASP O 73 42.44 -27.04 70.94
N GLY O 74 42.88 -27.44 69.75
CA GLY O 74 42.10 -28.26 68.85
C GLY O 74 42.99 -28.92 67.82
N CYS O 75 43.01 -30.25 67.80
CA CYS O 75 43.84 -31.02 66.87
C CYS O 75 43.30 -30.91 65.45
N ALA O 76 44.20 -30.81 64.47
CA ALA O 76 43.78 -30.69 63.07
C ALA O 76 43.25 -32.01 62.54
N HIS O 77 43.59 -33.11 63.22
CA HIS O 77 43.17 -34.44 62.79
C HIS O 77 41.66 -34.63 62.94
N ARG O 78 41.20 -34.81 64.17
CA ARG O 78 39.77 -34.99 64.41
C ARG O 78 39.16 -33.93 65.34
N GLY O 79 39.81 -32.77 65.41
CA GLY O 79 39.32 -31.64 66.20
C GLY O 79 39.20 -31.72 67.70
N VAL O 80 39.84 -32.70 68.33
CA VAL O 80 39.74 -32.80 69.78
C VAL O 80 40.60 -31.75 70.49
N PRO O 81 40.22 -31.37 71.72
CA PRO O 81 40.98 -30.39 72.49
C PRO O 81 42.16 -31.11 73.13
N PHE O 82 43.36 -30.55 73.01
CA PHE O 82 44.52 -31.16 73.63
C PHE O 82 44.32 -31.16 75.13
N SER O 83 43.64 -30.12 75.64
CA SER O 83 43.40 -29.97 77.08
C SER O 83 42.67 -31.11 77.78
N LYS O 84 42.09 -32.03 77.04
CA LYS O 84 41.43 -33.18 77.67
C LYS O 84 42.50 -34.03 78.35
N GLU O 85 43.70 -34.00 77.79
CA GLU O 85 44.83 -34.76 78.31
C GLU O 85 46.07 -34.24 77.57
N PRO O 86 46.51 -33.02 77.91
CA PRO O 86 47.66 -32.39 77.27
C PRO O 86 48.96 -33.16 77.46
N LEU O 87 49.67 -33.37 76.37
CA LEU O 87 50.93 -34.11 76.43
C LEU O 87 52.10 -33.35 75.81
N CYS O 88 53.28 -33.55 76.39
CA CYS O 88 54.49 -32.94 75.87
C CYS O 88 55.64 -33.90 76.09
N PHE O 89 56.24 -34.35 74.99
CA PHE O 89 57.37 -35.28 75.07
C PHE O 89 58.66 -34.59 74.70
N LYS O 90 58.56 -33.30 74.40
CA LYS O 90 59.72 -32.49 74.04
C LYS O 90 59.35 -31.01 74.12
N ALA O 91 60.00 -30.28 75.03
CA ALA O 91 59.73 -28.85 75.21
C ALA O 91 59.72 -28.15 73.86
N GLY O 92 58.66 -27.38 73.61
CA GLY O 92 58.55 -26.68 72.34
C GLY O 92 57.54 -27.34 71.43
N THR O 93 56.99 -28.46 71.89
CA THR O 93 56.00 -29.19 71.11
C THR O 93 54.86 -29.64 72.01
N VAL O 94 53.77 -30.05 71.38
CA VAL O 94 52.62 -30.57 72.10
C VAL O 94 52.12 -31.75 71.28
N SER O 95 51.80 -32.85 71.96
CA SER O 95 51.32 -34.05 71.28
C SER O 95 49.87 -34.33 71.63
N CYS O 96 49.05 -34.56 70.60
CA CYS O 96 47.65 -34.88 70.81
C CYS O 96 47.55 -36.23 71.51
N TRP O 97 46.64 -36.34 72.47
CA TRP O 97 46.44 -37.57 73.23
C TRP O 97 45.75 -38.69 72.45
N TYR O 98 45.10 -38.34 71.34
CA TYR O 98 44.34 -39.31 70.56
C TYR O 98 45.17 -40.18 69.61
N HIS O 99 45.81 -39.57 68.61
CA HIS O 99 46.64 -40.32 67.68
C HIS O 99 48.11 -39.89 67.68
N GLY O 100 48.48 -39.06 68.65
CA GLY O 100 49.87 -38.63 68.75
C GLY O 100 50.38 -37.60 67.76
N TRP O 101 49.50 -36.91 67.04
CA TRP O 101 49.97 -35.89 66.10
C TRP O 101 50.72 -34.87 66.95
N THR O 102 51.92 -34.50 66.55
CA THR O 102 52.74 -33.57 67.30
C THR O 102 53.03 -32.26 66.56
N TYR O 103 52.84 -31.14 67.27
CA TYR O 103 53.04 -29.84 66.66
C TYR O 103 54.13 -28.99 67.30
N ASP O 104 54.73 -28.13 66.47
CA ASP O 104 55.77 -27.22 66.90
C ASP O 104 55.06 -25.99 67.46
N LEU O 105 55.39 -25.59 68.68
CA LEU O 105 54.73 -24.43 69.27
C LEU O 105 55.12 -23.11 68.60
N ASP O 106 56.28 -23.07 67.95
CA ASP O 106 56.71 -21.83 67.30
C ASP O 106 55.95 -21.46 66.03
N ASP O 107 55.46 -22.46 65.30
CA ASP O 107 54.71 -22.18 64.07
C ASP O 107 53.47 -23.04 63.93
N GLY O 108 53.18 -23.86 64.94
CA GLY O 108 52.00 -24.71 64.89
C GLY O 108 51.97 -25.78 63.82
N ARG O 109 53.10 -26.02 63.16
CA ARG O 109 53.18 -27.03 62.11
C ARG O 109 53.23 -28.44 62.67
N LEU O 110 52.70 -29.40 61.92
CA LEU O 110 52.73 -30.81 62.32
C LEU O 110 54.14 -31.31 61.99
N VAL O 111 54.91 -31.66 63.01
CA VAL O 111 56.26 -32.11 62.77
C VAL O 111 56.47 -33.60 63.01
N ASP O 112 55.43 -34.29 63.46
CA ASP O 112 55.55 -35.73 63.69
C ASP O 112 54.24 -36.38 64.08
N VAL O 113 54.20 -37.69 63.93
CA VAL O 113 53.04 -38.49 64.30
C VAL O 113 53.57 -39.69 65.06
N LEU O 114 53.37 -39.68 66.38
CA LEU O 114 53.86 -40.74 67.24
C LEU O 114 53.35 -42.13 66.87
N THR O 115 52.16 -42.20 66.29
CA THR O 115 51.57 -43.48 65.94
C THR O 115 51.81 -43.90 64.50
N SER O 116 52.53 -43.09 63.73
CA SER O 116 52.79 -43.40 62.33
C SER O 116 54.09 -42.72 61.85
N PRO O 117 55.24 -43.26 62.26
CA PRO O 117 56.56 -42.74 61.89
C PRO O 117 56.68 -42.41 60.42
N GLY O 118 57.14 -41.20 60.13
CA GLY O 118 57.33 -40.79 58.75
C GLY O 118 56.07 -40.61 57.93
N SER O 119 54.92 -40.53 58.59
CA SER O 119 53.67 -40.35 57.86
C SER O 119 53.81 -39.20 56.87
N PRO O 120 53.32 -39.39 55.64
CA PRO O 120 53.40 -38.35 54.62
C PRO O 120 52.66 -37.04 54.91
N VAL O 121 51.76 -37.01 55.89
CA VAL O 121 51.05 -35.78 56.19
C VAL O 121 51.97 -34.83 56.97
N ILE O 122 53.05 -35.37 57.51
CA ILE O 122 54.00 -34.57 58.27
C ILE O 122 54.55 -33.44 57.41
N GLY O 123 54.43 -32.21 57.89
CA GLY O 123 54.90 -31.07 57.13
C GLY O 123 53.89 -30.47 56.16
N LYS O 124 52.70 -31.06 56.07
CA LYS O 124 51.68 -30.55 55.16
C LYS O 124 50.47 -30.03 55.94
N ILE O 125 50.59 -30.02 57.26
CA ILE O 125 49.52 -29.60 58.13
C ILE O 125 50.01 -28.73 59.28
N GLY O 126 49.15 -27.85 59.78
CA GLY O 126 49.52 -27.00 60.88
C GLY O 126 48.30 -26.35 61.49
N ILE O 127 48.38 -26.00 62.76
CA ILE O 127 47.27 -25.34 63.42
C ILE O 127 47.71 -23.95 63.85
N LYS O 128 46.78 -23.20 64.40
CA LYS O 128 47.03 -21.83 64.81
C LYS O 128 47.83 -21.65 66.09
N VAL O 129 48.85 -20.79 66.02
CA VAL O 129 49.63 -20.44 67.20
C VAL O 129 49.41 -18.94 67.37
N TYR O 130 49.38 -18.46 68.61
CA TYR O 130 49.14 -17.05 68.83
C TYR O 130 50.27 -16.30 69.48
N PRO O 131 50.54 -15.07 69.01
CA PRO O 131 51.61 -14.26 69.60
C PRO O 131 51.29 -14.07 71.09
N VAL O 132 52.29 -14.17 71.93
CA VAL O 132 52.10 -14.01 73.36
C VAL O 132 53.09 -12.98 73.92
N GLN O 133 52.62 -12.15 74.85
CA GLN O 133 53.49 -11.20 75.49
C GLN O 133 53.10 -11.09 76.96
N VAL O 134 54.06 -11.30 77.84
CA VAL O 134 53.83 -11.21 79.26
C VAL O 134 54.26 -9.83 79.73
N ALA O 135 53.38 -9.16 80.46
CA ALA O 135 53.69 -7.84 80.97
C ALA O 135 52.98 -7.65 82.29
N GLN O 136 53.70 -7.12 83.27
CA GLN O 136 53.11 -6.87 84.58
C GLN O 136 52.47 -8.13 85.19
N GLY O 137 53.07 -9.29 84.90
CA GLY O 137 52.56 -10.55 85.44
C GLY O 137 51.30 -11.08 84.77
N VAL O 138 50.92 -10.45 83.67
CA VAL O 138 49.73 -10.86 82.94
C VAL O 138 50.10 -11.43 81.59
N VAL O 139 49.52 -12.59 81.26
CA VAL O 139 49.76 -13.23 79.98
C VAL O 139 48.79 -12.67 78.96
N PHE O 140 49.32 -11.99 77.95
CA PHE O 140 48.50 -11.42 76.89
C PHE O 140 48.66 -12.26 75.63
N VAL O 141 47.55 -12.44 74.92
CA VAL O 141 47.54 -13.22 73.69
C VAL O 141 46.91 -12.37 72.61
N PHE O 142 47.51 -12.37 71.42
CA PHE O 142 46.97 -11.60 70.32
C PHE O 142 46.00 -12.49 69.56
N ILE O 143 44.73 -12.13 69.61
CA ILE O 143 43.66 -12.86 68.93
C ILE O 143 43.35 -12.13 67.64
N GLY O 144 43.37 -12.83 66.51
CA GLY O 144 43.11 -12.21 65.23
C GLY O 144 43.99 -12.81 64.14
N ASP O 145 43.63 -12.58 62.89
CA ASP O 145 44.40 -13.13 61.78
C ASP O 145 45.54 -12.23 61.33
N GLU O 146 45.57 -11.00 61.83
CA GLU O 146 46.63 -10.09 61.45
C GLU O 146 47.88 -10.24 62.32
N GLU O 147 48.97 -9.64 61.86
CA GLU O 147 50.22 -9.66 62.62
C GLU O 147 49.96 -8.75 63.81
N PRO O 148 50.57 -9.05 64.96
CA PRO O 148 50.36 -8.22 66.15
C PRO O 148 51.01 -6.84 66.10
N HIS O 149 50.34 -5.85 66.68
CA HIS O 149 50.86 -4.48 66.78
C HIS O 149 51.37 -4.41 68.22
N ALA O 150 51.83 -3.24 68.66
CA ALA O 150 52.36 -3.10 70.02
C ALA O 150 51.30 -3.27 71.11
N LEU O 151 51.63 -4.05 72.14
CA LEU O 151 50.73 -4.32 73.26
C LEU O 151 50.20 -3.05 73.93
N SER O 152 51.04 -2.02 74.04
CA SER O 152 50.66 -0.77 74.68
C SER O 152 49.46 -0.11 74.00
N GLU O 153 49.22 -0.44 72.75
CA GLU O 153 48.10 0.15 72.01
C GLU O 153 46.75 -0.41 72.44
N ASP O 154 46.76 -1.52 73.18
CA ASP O 154 45.55 -2.15 73.66
C ASP O 154 45.43 -2.11 75.17
N LEU O 155 46.09 -1.14 75.79
CA LEU O 155 46.04 -1.01 77.24
C LEU O 155 45.87 0.44 77.61
N PRO O 156 45.25 0.70 78.78
CA PRO O 156 45.05 2.08 79.21
C PRO O 156 46.41 2.70 79.52
N PRO O 157 46.55 4.02 79.36
CA PRO O 157 47.84 4.64 79.65
C PRO O 157 48.25 4.32 81.10
N GLY O 158 49.54 4.17 81.34
CA GLY O 158 50.03 3.91 82.69
C GLY O 158 50.08 2.45 83.10
N PHE O 159 49.35 1.60 82.40
CA PHE O 159 49.34 0.18 82.75
C PHE O 159 50.75 -0.43 82.72
N LEU O 160 51.56 -0.06 81.75
CA LEU O 160 52.91 -0.62 81.63
C LEU O 160 54.02 0.12 82.37
N ASP O 161 53.66 1.10 83.20
CA ASP O 161 54.65 1.85 83.96
C ASP O 161 55.63 0.89 84.64
N GLU O 162 56.92 1.11 84.44
CA GLU O 162 57.96 0.26 85.02
C GLU O 162 58.15 0.41 86.52
N ASP O 163 57.84 1.58 87.05
CA ASP O 163 58.01 1.84 88.48
C ASP O 163 56.79 1.40 89.30
N THR O 164 56.10 0.37 88.83
CA THR O 164 54.92 -0.14 89.54
C THR O 164 54.86 -1.66 89.49
N HIS O 165 54.04 -2.23 90.37
CA HIS O 165 53.85 -3.67 90.43
C HIS O 165 52.34 -3.91 90.37
N LEU O 166 51.93 -4.97 89.70
CA LEU O 166 50.52 -5.29 89.58
C LEU O 166 50.17 -6.69 90.07
N LEU O 167 49.00 -6.80 90.68
CA LEU O 167 48.50 -8.06 91.21
C LEU O 167 47.00 -8.12 90.93
N GLY O 168 46.51 -9.26 90.47
CA GLY O 168 45.10 -9.38 90.18
C GLY O 168 44.56 -10.79 90.13
N ILE O 169 43.28 -10.91 89.81
CA ILE O 169 42.62 -12.20 89.71
C ILE O 169 41.71 -12.18 88.49
N ARG O 170 41.14 -13.33 88.16
CA ARG O 170 40.22 -13.45 87.03
C ARG O 170 39.14 -14.44 87.40
N ARG O 171 37.97 -14.28 86.80
CA ARG O 171 36.85 -15.16 87.07
C ARG O 171 35.91 -15.10 85.86
N THR O 172 35.05 -16.10 85.74
CA THR O 172 34.11 -16.16 84.64
C THR O 172 32.80 -15.46 85.05
N VAL O 173 32.21 -14.71 84.13
CA VAL O 173 30.94 -14.01 84.40
C VAL O 173 29.94 -14.44 83.36
N GLN O 174 28.73 -14.82 83.80
CA GLN O 174 27.71 -15.28 82.86
C GLN O 174 26.95 -14.18 82.11
N SER O 175 27.67 -13.34 81.40
CA SER O 175 27.03 -12.28 80.61
C SER O 175 27.92 -11.94 79.44
N ASN O 176 27.34 -11.30 78.43
CA ASN O 176 28.11 -10.89 77.28
C ASN O 176 29.16 -9.88 77.76
N TRP O 177 30.31 -9.84 77.09
CA TRP O 177 31.41 -8.96 77.48
C TRP O 177 31.06 -7.46 77.52
N ARG O 178 30.25 -7.01 76.57
CA ARG O 178 29.88 -5.60 76.54
C ARG O 178 29.11 -5.16 77.79
N LEU O 179 28.37 -6.08 78.41
CA LEU O 179 27.63 -5.71 79.61
C LEU O 179 28.60 -5.57 80.78
N GLY O 180 29.77 -6.18 80.63
CA GLY O 180 30.78 -6.08 81.67
C GLY O 180 31.46 -4.73 81.55
N VAL O 181 31.81 -4.35 80.33
CA VAL O 181 32.47 -3.08 80.07
C VAL O 181 31.58 -1.92 80.51
N GLU O 182 30.33 -1.96 80.08
CA GLU O 182 29.40 -0.91 80.42
C GLU O 182 29.02 -0.87 81.90
N ASN O 183 29.27 -1.97 82.60
CA ASN O 183 29.00 -2.00 84.03
C ASN O 183 30.20 -1.38 84.75
N GLY O 184 31.37 -1.46 84.11
CA GLY O 184 32.56 -0.88 84.70
C GLY O 184 32.62 0.61 84.43
N PHE O 185 32.29 0.99 83.19
CA PHE O 185 32.31 2.39 82.77
C PHE O 185 30.91 3.01 82.92
N ASP O 186 30.37 2.98 84.14
CA ASP O 186 29.05 3.50 84.43
C ASP O 186 29.17 4.40 85.66
N THR O 187 28.96 5.71 85.48
CA THR O 187 29.13 6.63 86.60
C THR O 187 27.99 6.70 87.62
N THR O 188 26.88 6.03 87.38
CA THR O 188 25.80 6.06 88.35
C THR O 188 25.41 4.70 88.93
N HIS O 189 25.99 3.62 88.40
CA HIS O 189 25.66 2.30 88.91
C HIS O 189 26.21 2.09 90.32
N ILE O 190 27.21 2.87 90.68
CA ILE O 190 27.85 2.73 91.98
C ILE O 190 26.86 2.83 93.14
N PHE O 191 25.61 3.18 92.83
CA PHE O 191 24.56 3.27 93.82
C PHE O 191 24.42 1.88 94.45
N MET O 192 24.53 0.85 93.63
CA MET O 192 24.38 -0.53 94.10
C MET O 192 25.48 -0.98 95.07
N HIS O 193 26.61 -0.27 95.06
CA HIS O 193 27.73 -0.63 95.94
C HIS O 193 27.68 0.10 97.28
N ARG O 194 26.69 0.96 97.46
CA ARG O 194 26.57 1.74 98.69
C ARG O 194 26.66 0.98 100.02
N ASN O 195 26.21 -0.26 100.05
CA ASN O 195 26.28 -1.05 101.28
C ASN O 195 27.42 -2.07 101.34
N SER O 196 28.33 -2.01 100.38
CA SER O 196 29.48 -2.90 100.39
C SER O 196 30.25 -2.64 101.67
N PRO O 197 30.72 -3.70 102.34
CA PRO O 197 31.48 -3.49 103.59
C PRO O 197 32.80 -2.76 103.34
N TRP O 198 33.20 -2.68 102.08
CA TRP O 198 34.45 -1.99 101.73
C TRP O 198 34.32 -0.48 101.91
N VAL O 199 33.11 0.04 101.71
CA VAL O 199 32.89 1.49 101.83
C VAL O 199 33.31 1.98 103.21
N SER O 200 32.76 1.39 104.26
CA SER O 200 33.12 1.80 105.61
C SER O 200 34.42 1.10 106.01
N GLY O 201 34.64 -0.10 105.48
CA GLY O 201 35.85 -0.84 105.79
C GLY O 201 37.11 -0.07 105.46
N ASN O 202 37.11 0.67 104.37
CA ASN O 202 38.28 1.45 103.97
C ASN O 202 37.99 2.96 104.05
N ARG O 203 37.08 3.32 104.96
CA ARG O 203 36.68 4.71 105.20
C ARG O 203 36.56 5.54 103.93
N LEU O 204 35.81 5.05 102.95
CA LEU O 204 35.67 5.79 101.71
C LEU O 204 34.59 6.85 101.72
N ALA O 205 34.86 7.96 101.02
CA ALA O 205 33.87 9.01 100.85
C ALA O 205 33.32 8.54 99.50
N PHE O 206 32.27 7.72 99.55
CA PHE O 206 31.71 7.17 98.32
C PHE O 206 30.30 7.68 98.03
N PRO O 207 30.13 8.36 96.88
CA PRO O 207 28.80 8.89 96.52
C PRO O 207 27.91 7.82 95.89
N TYR O 208 26.65 8.17 95.64
CA TYR O 208 25.69 7.25 95.03
C TYR O 208 25.80 7.33 93.51
N GLY O 209 26.55 8.33 93.03
CA GLY O 209 26.71 8.50 91.61
C GLY O 209 27.41 9.80 91.24
N PHE O 210 27.81 9.90 89.97
CA PHE O 210 28.47 11.09 89.45
C PHE O 210 27.67 11.56 88.24
N VAL O 211 27.22 12.81 88.27
CA VAL O 211 26.46 13.38 87.17
C VAL O 211 27.33 14.39 86.43
N PRO O 212 27.49 14.19 85.11
CA PRO O 212 28.32 15.11 84.31
C PRO O 212 27.73 16.53 84.32
N ALA O 213 28.59 17.53 84.40
CA ALA O 213 28.13 18.92 84.42
C ALA O 213 27.47 19.23 83.08
N ASP O 214 28.03 18.67 82.01
CA ASP O 214 27.50 18.86 80.67
C ASP O 214 27.98 17.74 79.75
N ARG O 215 27.65 17.85 78.47
CA ARG O 215 28.01 16.84 77.48
C ARG O 215 29.51 16.72 77.18
N ASP O 216 30.32 17.62 77.73
CA ASP O 216 31.76 17.57 77.49
C ASP O 216 32.57 17.27 78.75
N ALA O 217 31.90 16.70 79.75
CA ALA O 217 32.56 16.35 81.00
C ALA O 217 33.45 15.14 80.72
N MET O 218 33.27 14.56 79.54
CA MET O 218 34.04 13.40 79.13
C MET O 218 34.91 13.78 77.95
N GLN O 219 36.11 13.22 77.88
CA GLN O 219 37.01 13.51 76.79
C GLN O 219 37.30 12.25 76.00
N VAL O 220 37.18 12.35 74.67
CA VAL O 220 37.44 11.24 73.80
C VAL O 220 38.84 11.30 73.19
N TYR O 221 39.63 10.25 73.40
CA TYR O 221 40.97 10.19 72.81
C TYR O 221 40.85 9.23 71.64
N ASP O 222 40.76 9.77 70.43
CA ASP O 222 40.61 8.93 69.25
C ASP O 222 41.74 9.03 68.23
N GLU O 223 42.77 9.81 68.55
CA GLU O 223 43.92 9.97 67.66
C GLU O 223 45.09 9.18 68.23
N ASN O 224 45.70 8.35 67.38
CA ASN O 224 46.82 7.50 67.80
C ASN O 224 46.29 6.46 68.79
N TRP O 225 47.19 5.70 69.39
CA TRP O 225 46.79 4.68 70.35
C TRP O 225 47.53 4.88 71.67
N PRO O 226 46.92 4.43 72.78
CA PRO O 226 45.61 3.77 72.84
C PRO O 226 44.44 4.73 72.68
N LYS O 227 43.26 4.20 72.39
CA LYS O 227 42.06 5.02 72.22
C LYS O 227 41.05 4.71 73.32
N GLY O 228 40.33 5.75 73.77
CA GLY O 228 39.35 5.56 74.81
C GLY O 228 38.58 6.79 75.21
N VAL O 229 37.79 6.65 76.26
CA VAL O 229 36.98 7.75 76.76
C VAL O 229 37.36 7.97 78.22
N LEU O 230 37.63 9.22 78.57
CA LEU O 230 38.04 9.59 79.93
C LEU O 230 36.99 10.47 80.61
N ASP O 231 36.55 10.08 81.79
CA ASP O 231 35.59 10.87 82.55
C ASP O 231 36.37 11.50 83.71
N ARG O 232 36.50 12.81 83.71
CA ARG O 232 37.20 13.49 84.79
C ARG O 232 36.18 13.73 85.90
N LEU O 233 35.83 12.66 86.60
CA LEU O 233 34.84 12.71 87.66
C LEU O 233 35.03 13.81 88.70
N SER O 234 36.24 13.94 89.23
CA SER O 234 36.51 14.94 90.26
C SER O 234 36.49 16.36 89.71
N GLU O 235 36.72 16.50 88.42
CA GLU O 235 36.77 17.81 87.81
C GLU O 235 35.49 18.28 87.13
N ASN O 236 34.88 17.44 86.31
CA ASN O 236 33.69 17.86 85.58
C ASN O 236 32.38 17.17 85.92
N TYR O 237 32.34 16.47 87.04
CA TYR O 237 31.13 15.77 87.46
C TYR O 237 30.72 16.23 88.84
N MET O 238 29.44 16.02 89.16
CA MET O 238 28.93 16.38 90.47
C MET O 238 28.53 15.11 91.20
N PRO O 239 29.24 14.79 92.29
CA PRO O 239 28.94 13.59 93.08
C PRO O 239 27.62 13.73 93.82
N VAL O 240 26.86 12.65 93.87
CA VAL O 240 25.57 12.63 94.54
C VAL O 240 25.73 11.95 95.89
N PHE O 241 25.63 12.74 96.96
CA PHE O 241 25.79 12.21 98.31
C PHE O 241 24.46 12.04 99.04
N GLU O 242 23.38 12.54 98.46
CA GLU O 242 22.07 12.40 99.08
C GLU O 242 21.05 11.89 98.08
N ALA O 243 20.36 10.81 98.44
CA ALA O 243 19.33 10.24 97.58
C ALA O 243 18.05 10.94 97.98
N THR O 244 17.45 11.65 97.04
CA THR O 244 16.23 12.39 97.32
C THR O 244 15.04 11.81 96.54
N LEU O 245 13.93 11.62 97.25
CA LEU O 245 12.74 11.08 96.63
C LEU O 245 11.53 11.94 97.01
N ASP O 246 10.89 12.51 96.00
CA ASP O 246 9.72 13.36 96.26
C ASP O 246 10.20 14.53 97.11
N GLY O 247 11.33 15.11 96.72
CA GLY O 247 11.88 16.24 97.46
C GLY O 247 12.29 15.92 98.88
N GLU O 248 12.38 14.64 99.22
CA GLU O 248 12.77 14.23 100.57
C GLU O 248 14.01 13.34 100.55
N THR O 249 14.91 13.55 101.51
CA THR O 249 16.14 12.78 101.61
C THR O 249 15.88 11.42 102.27
N VAL O 250 16.01 10.36 101.49
CA VAL O 250 15.77 9.01 102.00
C VAL O 250 17.06 8.25 102.24
N LEU O 251 18.16 8.81 101.76
CA LEU O 251 19.46 8.16 101.90
C LEU O 251 20.55 9.21 101.80
N SER O 252 21.61 9.05 102.58
CA SER O 252 22.73 9.99 102.50
C SER O 252 24.01 9.25 102.84
N ALA O 253 25.02 9.42 101.99
CA ALA O 253 26.29 8.75 102.21
C ALA O 253 27.14 9.48 103.24
N GLU O 254 28.02 8.73 103.89
CA GLU O 254 28.91 9.28 104.89
C GLU O 254 29.92 10.20 104.21
N LEU O 255 30.04 11.44 104.68
CA LEU O 255 30.97 12.38 104.09
C LEU O 255 31.71 13.10 105.22
N THR O 256 32.96 12.72 105.43
CA THR O 256 33.78 13.32 106.47
C THR O 256 35.15 13.69 105.89
N GLY O 257 35.76 14.72 106.47
CA GLY O 257 37.05 15.18 105.98
C GLY O 257 38.17 14.16 106.00
N GLU O 258 38.12 13.23 106.96
CA GLU O 258 39.16 12.22 107.07
C GLU O 258 38.96 10.98 106.20
N GLU O 259 37.82 10.89 105.52
CA GLU O 259 37.60 9.73 104.67
C GLU O 259 38.51 9.75 103.45
N LYS O 260 38.79 8.56 102.91
CA LYS O 260 39.65 8.46 101.74
C LYS O 260 38.86 8.82 100.48
N LYS O 261 39.51 9.53 99.57
CA LYS O 261 38.87 9.94 98.32
C LYS O 261 39.37 9.07 97.18
N VAL O 262 38.45 8.50 96.40
CA VAL O 262 38.85 7.64 95.28
C VAL O 262 38.08 7.96 94.01
N ALA O 263 38.47 7.31 92.92
CA ALA O 263 37.82 7.50 91.64
C ALA O 263 37.80 8.94 91.17
N ALA O 264 38.98 9.56 91.10
CA ALA O 264 39.07 10.93 90.63
C ALA O 264 38.79 10.88 89.13
N GLN O 265 39.18 9.77 88.50
CA GLN O 265 38.97 9.56 87.07
C GLN O 265 38.65 8.11 86.77
N VAL O 266 37.85 7.90 85.73
CA VAL O 266 37.52 6.56 85.28
C VAL O 266 37.54 6.63 83.76
N SER O 267 38.13 5.62 83.13
CA SER O 267 38.21 5.62 81.68
C SER O 267 38.17 4.19 81.15
N VAL O 268 37.82 4.08 79.87
CA VAL O 268 37.74 2.79 79.20
C VAL O 268 38.50 2.95 77.89
N TRP O 269 39.28 1.92 77.54
CA TRP O 269 40.08 1.97 76.32
C TRP O 269 39.88 0.71 75.48
N LEU O 270 40.04 0.85 74.18
CA LEU O 270 39.90 -0.28 73.28
C LEU O 270 41.01 -1.27 73.64
N PRO O 271 40.74 -2.58 73.50
CA PRO O 271 39.48 -3.15 73.00
C PRO O 271 38.35 -3.20 74.03
N GLY O 272 38.59 -2.66 75.22
CA GLY O 272 37.57 -2.66 76.27
C GLY O 272 38.20 -2.87 77.64
N VAL O 273 39.07 -1.95 78.02
CA VAL O 273 39.78 -2.05 79.31
C VAL O 273 39.48 -0.84 80.19
N LEU O 274 39.11 -1.11 81.44
CA LEU O 274 38.76 -0.06 82.39
C LEU O 274 39.95 0.39 83.26
N LYS O 275 39.95 1.67 83.62
CA LYS O 275 40.98 2.21 84.49
C LYS O 275 40.31 3.16 85.50
N VAL O 276 40.29 2.75 86.76
CA VAL O 276 39.71 3.55 87.82
C VAL O 276 40.90 4.09 88.58
N ASP O 277 41.01 5.41 88.64
CA ASP O 277 42.15 6.11 89.23
C ASP O 277 41.74 7.20 90.23
N PRO O 278 41.99 6.98 91.53
CA PRO O 278 42.59 5.79 92.12
C PRO O 278 41.49 4.90 92.71
N PHE O 279 41.75 3.61 92.80
CA PHE O 279 40.79 2.65 93.34
C PHE O 279 41.49 1.31 93.49
N PRO O 280 41.10 0.51 94.49
CA PRO O 280 40.06 0.73 95.51
C PRO O 280 40.58 1.48 96.74
N ASP O 281 41.74 2.11 96.58
CA ASP O 281 42.36 2.85 97.66
C ASP O 281 43.15 3.97 97.00
N PRO O 282 43.35 5.09 97.71
CA PRO O 282 44.11 6.20 97.13
C PRO O 282 45.49 5.75 96.62
N THR O 283 46.06 4.71 97.22
CA THR O 283 47.38 4.22 96.82
C THR O 283 47.36 3.20 95.69
N LEU O 284 46.21 3.03 95.05
CA LEU O 284 46.13 2.04 93.98
C LEU O 284 45.34 2.48 92.77
N ILE O 285 45.56 1.78 91.67
CA ILE O 285 44.81 2.03 90.45
C ILE O 285 44.26 0.66 90.08
N GLN O 286 42.99 0.62 89.69
CA GLN O 286 42.37 -0.64 89.32
C GLN O 286 42.04 -0.73 87.84
N TYR O 287 42.48 -1.83 87.21
CA TYR O 287 42.24 -2.07 85.81
C TYR O 287 41.30 -3.26 85.69
N GLU O 288 40.40 -3.22 84.72
CA GLU O 288 39.47 -4.32 84.52
C GLU O 288 39.40 -4.67 83.05
N PHE O 289 39.42 -5.98 82.77
CA PHE O 289 39.32 -6.49 81.41
C PHE O 289 38.07 -7.37 81.37
N TYR O 290 37.37 -7.37 80.25
CA TYR O 290 36.17 -8.19 80.11
C TYR O 290 36.32 -8.95 78.81
N VAL O 291 37.15 -9.98 78.85
CA VAL O 291 37.45 -10.76 77.67
C VAL O 291 36.36 -11.77 77.33
N PRO O 292 35.81 -11.66 76.11
CA PRO O 292 34.76 -12.56 75.67
C PRO O 292 35.23 -14.01 75.74
N ILE O 293 34.33 -14.89 76.18
CA ILE O 293 34.59 -16.32 76.24
C ILE O 293 33.68 -16.85 75.14
N SER O 294 32.38 -16.66 75.34
CA SER O 294 31.37 -17.05 74.36
C SER O 294 30.50 -15.83 74.17
N GLU O 295 29.40 -15.97 73.43
CA GLU O 295 28.50 -14.86 73.18
C GLU O 295 27.78 -14.40 74.45
N THR O 296 27.71 -15.30 75.44
CA THR O 296 27.00 -15.01 76.68
C THR O 296 27.88 -15.01 77.93
N GLN O 297 29.19 -15.13 77.75
CA GLN O 297 30.09 -15.16 78.90
C GLN O 297 31.36 -14.36 78.64
N HIS O 298 32.00 -13.90 79.72
CA HIS O 298 33.26 -13.19 79.58
C HIS O 298 34.12 -13.47 80.80
N GLU O 299 35.44 -13.30 80.63
CA GLU O 299 36.38 -13.51 81.71
C GLU O 299 36.64 -12.12 82.28
N TYR O 300 36.33 -11.94 83.56
CA TYR O 300 36.49 -10.67 84.24
C TYR O 300 37.82 -10.60 84.99
N PHE O 301 38.73 -9.78 84.48
CA PHE O 301 40.04 -9.58 85.10
C PHE O 301 40.04 -8.31 85.95
N GLN O 302 40.60 -8.41 87.15
CA GLN O 302 40.72 -7.28 88.05
C GLN O 302 42.21 -7.21 88.39
N VAL O 303 42.86 -6.12 88.03
CA VAL O 303 44.30 -5.97 88.28
C VAL O 303 44.62 -4.67 89.03
N LEU O 304 45.27 -4.80 90.17
CA LEU O 304 45.62 -3.64 90.98
C LEU O 304 47.06 -3.23 90.79
N GLN O 305 47.27 -1.94 90.56
CA GLN O 305 48.59 -1.37 90.34
C GLN O 305 49.06 -0.53 91.51
N ARG O 306 50.26 -0.81 91.98
CA ARG O 306 50.86 -0.08 93.10
C ARG O 306 52.20 0.50 92.67
N LYS O 307 52.42 1.78 92.95
CA LYS O 307 53.68 2.41 92.59
C LYS O 307 54.77 1.83 93.51
N VAL O 308 55.91 1.49 92.93
CA VAL O 308 57.02 0.92 93.69
C VAL O 308 58.24 1.82 93.67
N GLU O 309 58.74 2.16 94.85
CA GLU O 309 59.93 3.01 94.94
C GLU O 309 61.05 2.28 95.67
N GLY O 310 60.71 1.20 96.35
CA GLY O 310 61.70 0.45 97.09
C GLY O 310 61.58 -1.04 96.83
N PRO O 311 62.66 -1.80 97.03
CA PRO O 311 62.67 -3.26 96.82
C PRO O 311 61.76 -3.98 97.81
N GLU O 312 61.47 -3.31 98.91
CA GLU O 312 60.63 -3.88 99.96
C GLU O 312 59.13 -3.71 99.77
N ASP O 313 58.71 -2.55 99.26
CA ASP O 313 57.27 -2.31 99.09
C ASP O 313 56.58 -3.17 98.04
N VAL O 314 57.34 -4.00 97.32
CA VAL O 314 56.73 -4.90 96.36
C VAL O 314 56.23 -6.06 97.22
N LYS O 315 57.07 -6.44 98.18
CA LYS O 315 56.74 -7.51 99.11
C LYS O 315 55.60 -7.03 99.99
N THR O 316 55.65 -5.76 100.35
CA THR O 316 54.61 -5.16 101.18
C THR O 316 53.27 -5.19 100.46
N PHE O 317 53.29 -4.89 99.17
CA PHE O 317 52.07 -4.87 98.34
C PHE O 317 51.50 -6.28 98.23
N GLU O 318 52.38 -7.25 98.02
CA GLU O 318 51.94 -8.64 97.89
C GLU O 318 51.30 -9.14 99.19
N VAL O 319 51.83 -8.68 100.32
CA VAL O 319 51.27 -9.08 101.60
C VAL O 319 49.91 -8.41 101.80
N GLU O 320 49.82 -7.12 101.48
CA GLU O 320 48.55 -6.40 101.62
C GLU O 320 47.50 -7.00 100.71
N PHE O 321 47.92 -7.39 99.52
CA PHE O 321 47.02 -7.97 98.53
C PHE O 321 46.43 -9.27 99.07
N GLU O 322 47.29 -10.12 99.62
CA GLU O 322 46.87 -11.41 100.16
C GLU O 322 46.00 -11.28 101.41
N GLU O 323 46.31 -10.30 102.26
CA GLU O 323 45.58 -10.12 103.50
C GLU O 323 44.39 -9.16 103.42
N ARG O 324 44.37 -8.30 102.41
CA ARG O 324 43.29 -7.32 102.33
C ARG O 324 42.67 -6.97 100.98
N TRP O 325 43.47 -6.40 100.08
CA TRP O 325 42.96 -5.97 98.77
C TRP O 325 42.12 -6.97 97.99
N ARG O 326 42.63 -8.19 97.80
CA ARG O 326 41.89 -9.19 97.03
C ARG O 326 40.51 -9.56 97.57
N ASP O 327 40.45 -9.94 98.83
CA ASP O 327 39.16 -10.35 99.40
C ASP O 327 38.24 -9.22 99.83
N ASP O 328 38.78 -8.25 100.55
CA ASP O 328 37.98 -7.15 101.02
C ASP O 328 37.50 -6.20 99.92
N ALA O 329 38.25 -6.11 98.83
CA ALA O 329 37.87 -5.21 97.73
C ALA O 329 37.52 -5.90 96.41
N LEU O 330 38.46 -6.62 95.82
CA LEU O 330 38.18 -7.28 94.55
C LEU O 330 36.94 -8.17 94.65
N HIS O 331 36.66 -8.64 95.85
CA HIS O 331 35.46 -9.46 96.09
C HIS O 331 34.49 -8.63 96.92
N GLY O 332 34.97 -8.15 98.07
CA GLY O 332 34.14 -7.37 98.97
C GLY O 332 33.37 -6.24 98.31
N PHE O 333 33.98 -5.60 97.33
CA PHE O 333 33.33 -4.51 96.65
C PHE O 333 32.78 -4.87 95.29
N ASN O 334 33.58 -5.55 94.47
CA ASN O 334 33.14 -5.90 93.12
C ASN O 334 32.28 -7.15 92.93
N ASP O 335 32.20 -8.03 93.92
CA ASP O 335 31.40 -9.24 93.73
C ASP O 335 30.01 -8.92 93.21
N ASP O 336 29.39 -7.86 93.74
CA ASP O 336 28.05 -7.48 93.31
C ASP O 336 27.97 -7.13 91.83
N ASP O 337 29.05 -6.61 91.26
CA ASP O 337 29.06 -6.25 89.85
C ASP O 337 28.80 -7.49 88.99
N VAL O 338 29.17 -8.67 89.51
CA VAL O 338 28.98 -9.90 88.78
C VAL O 338 27.49 -10.19 88.52
N TRP O 339 26.69 -10.32 89.57
CA TRP O 339 25.28 -10.59 89.33
C TRP O 339 24.59 -9.41 88.67
N ALA O 340 25.15 -8.21 88.82
CA ALA O 340 24.58 -7.02 88.21
C ALA O 340 24.62 -7.16 86.69
N ARG O 341 25.75 -7.61 86.16
CA ARG O 341 25.92 -7.80 84.73
C ARG O 341 25.06 -8.96 84.25
N GLU O 342 25.06 -10.03 85.03
CA GLU O 342 24.30 -11.22 84.69
C GLU O 342 22.79 -10.93 84.68
N ALA O 343 22.38 -9.94 85.46
CA ALA O 343 20.96 -9.57 85.52
C ALA O 343 20.50 -8.85 84.24
N GLN O 344 21.45 -8.44 83.41
CA GLN O 344 21.14 -7.73 82.17
C GLN O 344 21.23 -8.65 80.94
N GLN O 345 21.83 -9.82 81.12
CA GLN O 345 22.02 -10.75 80.00
C GLN O 345 20.78 -11.08 79.18
N GLU O 346 19.69 -11.45 79.83
CA GLU O 346 18.48 -11.79 79.10
C GLU O 346 18.00 -10.62 78.25
N PHE O 347 17.87 -9.45 78.87
CA PHE O 347 17.39 -8.26 78.18
C PHE O 347 18.19 -7.94 76.91
N TYR O 348 19.50 -7.76 77.06
CA TYR O 348 20.36 -7.43 75.93
C TYR O 348 20.69 -8.63 75.03
N GLY O 349 20.85 -9.80 75.64
CA GLY O 349 21.18 -10.98 74.87
C GLY O 349 20.03 -11.68 74.17
N GLU O 350 18.85 -11.69 74.79
CA GLU O 350 17.71 -12.38 74.19
C GLU O 350 16.51 -11.50 73.87
N ARG O 351 16.48 -10.27 74.36
CA ARG O 351 15.32 -9.41 74.10
C ARG O 351 15.58 -8.12 73.33
N ASP O 352 16.68 -8.06 72.59
CA ASP O 352 16.97 -6.88 71.79
C ASP O 352 17.08 -5.62 72.65
N GLY O 353 17.63 -5.76 73.85
CA GLY O 353 17.79 -4.63 74.73
C GLY O 353 18.65 -3.53 74.16
N TRP O 354 19.44 -3.84 73.14
CA TRP O 354 20.30 -2.83 72.52
C TRP O 354 19.47 -1.73 71.87
N SER O 355 18.25 -2.05 71.47
CA SER O 355 17.41 -1.03 70.85
C SER O 355 16.19 -0.71 71.69
N LYS O 356 16.05 -1.36 72.85
CA LYS O 356 14.90 -1.13 73.72
C LYS O 356 15.25 -0.37 74.99
N GLU O 357 16.54 -0.31 75.31
CA GLU O 357 17.03 0.40 76.49
C GLU O 357 16.61 1.86 76.40
N GLN O 358 16.49 2.52 77.54
CA GLN O 358 16.15 3.93 77.57
C GLN O 358 17.21 4.56 78.45
N LEU O 359 18.18 5.20 77.81
CA LEU O 359 19.32 5.82 78.49
C LEU O 359 19.03 7.22 78.99
N PHE O 360 19.88 7.70 79.90
CA PHE O 360 19.75 9.05 80.43
C PHE O 360 21.13 9.71 80.42
N PRO O 361 21.20 11.06 80.53
CA PRO O 361 22.45 11.83 80.51
C PRO O 361 23.77 11.21 80.99
N PRO O 362 23.79 10.65 82.21
CA PRO O 362 25.07 10.07 82.64
C PRO O 362 25.58 8.95 81.71
N ASP O 363 24.67 8.29 80.99
CA ASP O 363 25.07 7.21 80.08
C ASP O 363 25.82 7.72 78.84
N MET O 364 25.85 9.03 78.65
CA MET O 364 26.52 9.60 77.49
C MET O 364 27.98 9.15 77.33
N CYS O 365 28.68 8.91 78.43
CA CYS O 365 30.06 8.48 78.32
C CYS O 365 30.08 7.07 77.71
N ILE O 366 29.09 6.25 78.07
CA ILE O 366 28.99 4.89 77.52
C ILE O 366 28.69 4.99 76.02
N VAL O 367 27.82 5.93 75.66
CA VAL O 367 27.47 6.14 74.27
C VAL O 367 28.70 6.50 73.45
N LYS O 368 29.54 7.39 73.99
CA LYS O 368 30.75 7.79 73.27
C LYS O 368 31.73 6.62 73.13
N TRP O 369 31.76 5.76 74.14
CA TRP O 369 32.63 4.59 74.09
C TRP O 369 32.13 3.68 72.96
N ARG O 370 30.82 3.44 72.90
CA ARG O 370 30.24 2.58 71.87
C ARG O 370 30.47 3.15 70.47
N THR O 371 30.38 4.47 70.34
CA THR O 371 30.58 5.12 69.05
C THR O 371 32.06 5.04 68.62
N LEU O 372 32.96 5.18 69.58
CA LEU O 372 34.39 5.10 69.31
C LEU O 372 34.77 3.65 69.01
N ALA O 373 34.26 2.74 69.84
CA ALA O 373 34.55 1.32 69.68
C ALA O 373 34.08 0.82 68.32
N SER O 374 32.89 1.24 67.92
CA SER O 374 32.31 0.84 66.64
C SER O 374 33.23 1.28 65.50
N GLU O 375 33.77 2.48 65.63
CA GLU O 375 34.67 3.03 64.62
C GLU O 375 36.08 2.46 64.66
N ARG O 376 36.60 2.23 65.86
CA ARG O 376 37.98 1.78 65.99
C ARG O 376 38.33 0.36 66.39
N GLY O 377 37.34 -0.46 66.74
CA GLY O 377 37.66 -1.84 67.07
C GLY O 377 38.39 -2.30 65.81
N ARG O 378 39.46 -3.07 65.95
CA ARG O 378 40.20 -3.48 64.76
C ARG O 378 39.61 -4.67 64.00
N GLY O 379 38.65 -5.36 64.60
CA GLY O 379 38.05 -6.49 63.93
C GLY O 379 36.81 -6.94 64.67
N VAL O 380 35.80 -7.38 63.91
CA VAL O 380 34.55 -7.83 64.50
C VAL O 380 34.42 -9.35 64.52
N ARG O 381 34.25 -9.88 65.72
CA ARG O 381 34.08 -11.31 65.92
C ARG O 381 32.60 -11.45 66.26
N ALA O 382 31.81 -11.90 65.29
CA ALA O 382 30.36 -12.07 65.46
C ALA O 382 29.97 -13.39 66.12
#